data_5O09
#
_entry.id   5O09
#
_cell.length_a   1
_cell.length_b   1
_cell.length_c   1
_cell.angle_alpha   90
_cell.angle_beta   90
_cell.angle_gamma   90
#
_symmetry.space_group_name_H-M   'P 1'
#
loop_
_entity.id
_entity.type
_entity.pdbx_description
1 polymer Tubulin
2 polymer 'Tubulin BtubB'
3 polymer 'Bacterial kinesin light chain'
4 non-polymer "GUANOSINE-5'-DIPHOSPHATE"
#
loop_
_entity_poly.entity_id
_entity_poly.type
_entity_poly.pdbx_seq_one_letter_code
_entity_poly.pdbx_strand_id
1 'polypeptide(L)'
;VNNTIVVSIGQAGNQIAASFWKTVCLEHGIDPLTGQTAPGVAPRGNWSSFFSKLGESSSGSYVPRAIMVDLEPSVIDNVK
ATSGSLFNPANLISRTEGAGGNFAVGYLGAGREVLPEVMSRLDYEIDKCDNVGGIIVLHAIGGGTGSGFGALLIESLKEK
YGEIPVLSCAVLPSPQVSSVVTEPYNTVFALNTLRRSADACLIFDNEALFDLAHRKWNIESPTVDDLNLLITEALAGITA
SMRFSGFLTVEITLRELLTNLVPQPSLHFLMCAFAPLTPPDRSKFEELGIEEMIKSLFDNGSVFAACSPMEGRFLSTAVL
YRGIMEDKPLADAALAAMREKLPLTYWIPTAFKIGYVEQPGISHRKSMVLLANNTEIARVLDRICHNFDKLWQRKAFANW
YLNEGMSEEQINVLRASAQELVQSYQVAEESGA
;
1A,2A,3A,4A,5A,6A,7A,8A
2 'polypeptide(L)'
;VREILSIHVGQCGNQIADSFWRLALREHGLTEAGTLKEGSNAAANSNMEVFFHKVRDGKYVPRAVLVDLEPGVIARIEGG
DMSQLFDESSIVRKIPGAANNWARGYNVEGEKVIDQIMNVIDSAVEKTKGLQGFLMTHSIGGGSGSGLGSLILERLRQAY
PKKRIFTFSVVPSPLISDSAVEPYNAILTLQRILDNADGAVLLDNEALFRIAKAKLNRSPNYMDLNNIIALIVSSVTASL
RFPGKLNTDLSEFVTNLVPFPGNHFLTASFAPMRGAGQEGQVRTNFPDLARETFAQDNFTAAIDWQQGVYLAASALFRGD
VKAKDVDENMATIRKSLNYASYMPASGGLKLGYAETAPEGFASSGLALVNHTGIAAVFERLIAQFDIMFDNHAYTHWYEN
AGVSRDMMAKARNQIATLAQSYRDAS
;
1B,2B,3B,4B,5B,6B,7B,8B
3 'polypeptide(L)'
;DTALERQIASASRSVEEARRLAYHDPIRVGALVEQISVLADLRQKEGDFRKAESLYREALFRAQELRKQDPDLLTGIYSL
LAHLYDRWGRMDKAAEFYELALKISAENGLEESDKVATIKNNLAMIFKQLRKFERAEGYYCEALETFQRLDGEQSARVAS
VYNNLGVLYYSHMDVDRAQVMHERALAIRQNLHEGQMDPADLSQTFINLGAVYKAAGDFQKAEACVDRAKRIRAAMNG
;
1C,2C,3C,4C,5C,6C,7C,8C
#
loop_
_chem_comp.id
_chem_comp.type
_chem_comp.name
_chem_comp.formula
GDP RNA linking GUANOSINE-5'-DIPHOSPHATE 'C10 H15 N5 O11 P2'
#
# COMPACT_ATOMS: atom_id res chain seq x y z
N VAL A 1 -8.66 45.22 25.05
CA VAL A 1 -10.13 45.18 25.19
C VAL A 1 -10.64 46.48 25.77
N ASN A 2 -11.93 46.75 25.63
CA ASN A 2 -12.54 47.94 26.19
C ASN A 2 -12.41 48.02 27.68
N ASN A 3 -11.49 48.85 28.16
CA ASN A 3 -11.31 49.00 29.58
C ASN A 3 -12.47 49.77 30.18
N THR A 4 -12.73 49.57 31.47
CA THR A 4 -13.81 50.26 32.14
C THR A 4 -13.55 50.45 33.61
N ILE A 5 -13.63 51.71 34.01
CA ILE A 5 -13.32 52.16 35.33
C ILE A 5 -14.54 52.13 36.19
N VAL A 6 -14.39 51.62 37.42
CA VAL A 6 -15.47 51.63 38.36
C VAL A 6 -15.12 52.53 39.49
N VAL A 7 -15.60 53.77 39.39
CA VAL A 7 -15.40 54.76 40.45
C VAL A 7 -16.47 54.56 41.53
N SER A 8 -16.08 54.65 42.78
CA SER A 8 -16.92 54.24 43.90
C SER A 8 -17.07 55.34 44.90
N ILE A 9 -18.14 56.06 44.81
CA ILE A 9 -18.27 57.28 45.57
C ILE A 9 -19.29 57.09 46.69
N GLY A 10 -18.99 57.65 47.84
CA GLY A 10 -19.91 57.57 48.91
C GLY A 10 -19.78 56.27 49.67
N GLN A 11 -20.46 56.18 50.83
CA GLN A 11 -20.46 54.92 51.56
C GLN A 11 -21.27 53.89 50.81
N ALA A 12 -22.42 54.31 50.23
CA ALA A 12 -23.28 53.33 49.54
C ALA A 12 -22.67 52.82 48.25
N GLY A 13 -21.87 53.61 47.61
CA GLY A 13 -21.22 53.13 46.42
C GLY A 13 -20.00 52.29 46.73
N ASN A 14 -19.29 52.61 47.81
CA ASN A 14 -18.13 51.85 48.15
C ASN A 14 -18.53 50.48 48.65
N GLN A 15 -19.59 50.40 49.45
CA GLN A 15 -19.93 49.11 50.01
C GLN A 15 -20.56 48.20 48.96
N ILE A 16 -21.12 48.74 47.88
CA ILE A 16 -21.36 47.94 46.70
C ILE A 16 -20.02 47.53 46.09
N ALA A 17 -19.10 48.48 45.90
CA ALA A 17 -17.82 48.20 45.23
C ALA A 17 -16.87 47.40 46.13
N ALA A 18 -17.11 47.40 47.43
CA ALA A 18 -16.39 46.48 48.27
C ALA A 18 -16.81 45.08 47.88
N SER A 19 -18.12 44.88 47.69
CA SER A 19 -18.67 43.59 47.26
C SER A 19 -18.64 43.38 45.78
N PHE A 20 -18.50 44.42 45.00
CA PHE A 20 -18.42 44.27 43.54
C PHE A 20 -17.04 43.70 43.13
N TRP A 21 -15.97 44.23 43.67
CA TRP A 21 -14.66 43.69 43.36
C TRP A 21 -14.36 42.39 44.13
N LYS A 22 -15.14 42.07 45.16
CA LYS A 22 -15.13 40.71 45.68
C LYS A 22 -15.61 39.79 44.60
N THR A 23 -16.70 40.15 43.91
CA THR A 23 -17.31 39.29 42.91
C THR A 23 -16.48 39.18 41.66
N VAL A 24 -16.13 40.32 41.11
CA VAL A 24 -15.44 40.36 39.82
C VAL A 24 -14.09 39.62 39.92
N CYS A 25 -13.35 39.79 41.01
CA CYS A 25 -12.10 39.07 41.19
C CYS A 25 -12.31 37.56 41.33
N LEU A 26 -13.33 37.16 42.09
CA LEU A 26 -13.70 35.77 42.17
C LEU A 26 -14.27 35.28 40.83
N GLU A 27 -14.85 36.17 40.06
CA GLU A 27 -15.37 35.81 38.74
C GLU A 27 -14.26 35.54 37.76
N HIS A 28 -13.14 36.24 37.90
CA HIS A 28 -11.97 36.03 37.05
C HIS A 28 -10.96 35.07 37.64
N GLY A 29 -11.32 34.40 38.75
CA GLY A 29 -10.41 33.45 39.41
C GLY A 29 -9.21 34.12 40.07
N ILE A 30 -9.45 35.30 40.65
CA ILE A 30 -8.42 36.09 41.32
C ILE A 30 -8.81 36.21 42.78
N ASP A 31 -7.82 36.05 43.67
CA ASP A 31 -8.05 36.13 45.10
C ASP A 31 -8.50 37.55 45.45
N PRO A 32 -9.71 37.69 46.03
CA PRO A 32 -10.18 39.02 46.35
C PRO A 32 -9.56 39.66 47.61
N LEU A 33 -8.61 38.99 48.27
CA LEU A 33 -7.94 39.53 49.44
C LEU A 33 -6.47 39.85 49.25
N THR A 34 -5.89 39.43 48.11
CA THR A 34 -4.51 39.76 47.79
C THR A 34 -4.34 40.47 46.46
N GLY A 35 -5.28 40.30 45.53
CA GLY A 35 -5.12 40.82 44.18
C GLY A 35 -4.37 39.89 43.25
N GLN A 36 -3.62 38.92 43.78
CA GLN A 36 -2.88 37.97 42.96
C GLN A 36 -3.80 36.84 42.54
N THR A 37 -3.51 36.31 41.36
CA THR A 37 -4.24 35.16 40.85
C THR A 37 -3.69 33.88 41.44
N ALA A 38 -4.22 32.75 40.96
CA ALA A 38 -3.61 31.45 41.31
C ALA A 38 -2.22 31.37 40.66
N PRO A 39 -1.21 30.84 41.37
CA PRO A 39 0.19 31.00 40.95
C PRO A 39 0.57 30.34 39.63
N GLY A 40 0.99 31.17 38.68
CA GLY A 40 1.45 30.69 37.38
C GLY A 40 0.38 30.67 36.28
N VAL A 41 -0.87 30.43 36.65
CA VAL A 41 -1.95 30.28 35.67
C VAL A 41 -2.60 31.64 35.42
N ALA A 42 -3.07 31.85 34.20
CA ALA A 42 -3.74 33.08 33.80
C ALA A 42 -5.12 33.17 34.46
N PRO A 43 -5.62 34.40 34.67
CA PRO A 43 -7.01 34.53 35.13
C PRO A 43 -8.02 34.14 34.03
N ARG A 44 -9.14 33.57 34.44
CA ARG A 44 -10.16 33.20 33.48
C ARG A 44 -10.83 34.45 32.97
N GLY A 45 -11.37 34.34 31.76
CA GLY A 45 -12.03 35.48 31.11
C GLY A 45 -10.99 36.51 30.69
N ASN A 46 -11.49 37.65 30.24
CA ASN A 46 -10.62 38.75 29.84
C ASN A 46 -10.49 39.73 31.00
N TRP A 47 -9.40 39.59 31.74
CA TRP A 47 -9.15 40.34 32.95
C TRP A 47 -8.99 41.84 32.70
N SER A 48 -8.43 42.21 31.56
CA SER A 48 -7.98 43.57 31.34
C SER A 48 -9.08 44.54 31.09
N SER A 49 -10.34 44.11 31.15
CA SER A 49 -11.44 45.07 31.01
C SER A 49 -11.57 45.91 32.25
N PHE A 50 -11.42 45.27 33.42
CA PHE A 50 -11.50 45.97 34.70
C PHE A 50 -10.16 46.09 35.42
N PHE A 51 -9.18 45.28 35.09
CA PHE A 51 -7.97 45.13 35.88
C PHE A 51 -6.79 45.77 35.19
N SER A 52 -5.62 45.66 35.80
CA SER A 52 -4.38 46.16 35.24
C SER A 52 -3.24 45.24 35.72
N LYS A 53 -2.28 45.03 34.84
CA LYS A 53 -1.16 44.16 35.11
C LYS A 53 -0.18 44.93 36.00
N LEU A 54 -0.08 44.54 37.26
CA LEU A 54 0.88 45.10 38.19
C LEU A 54 1.93 44.03 38.48
N GLY A 55 3.12 44.21 37.91
CA GLY A 55 4.17 43.22 38.02
C GLY A 55 4.03 42.20 36.89
N GLU A 56 5.11 42.00 36.14
CA GLU A 56 5.07 41.17 34.93
C GLU A 56 5.50 39.73 35.20
N SER A 57 5.29 39.24 36.43
CA SER A 57 5.73 37.91 36.81
C SER A 57 4.66 36.84 36.61
N SER A 58 3.47 37.24 36.12
CA SER A 58 2.29 36.37 35.91
C SER A 58 1.68 35.78 37.18
N SER A 59 2.25 36.09 38.35
CA SER A 59 1.68 35.70 39.64
C SER A 59 1.45 36.90 40.56
N GLY A 60 1.81 38.11 40.12
CA GLY A 60 1.61 39.28 40.91
C GLY A 60 0.17 39.74 40.93
N SER A 61 -0.06 40.80 41.69
CA SER A 61 -1.40 41.34 41.88
C SER A 61 -1.91 42.02 40.62
N TYR A 62 -3.22 41.96 40.43
CA TYR A 62 -3.90 42.70 39.38
C TYR A 62 -4.71 43.79 40.02
N VAL A 63 -4.24 45.01 39.87
CA VAL A 63 -4.94 46.15 40.43
C VAL A 63 -6.18 46.44 39.61
N PRO A 64 -7.36 46.50 40.24
CA PRO A 64 -8.55 46.88 39.51
C PRO A 64 -8.59 48.34 39.17
N ARG A 65 -9.20 48.65 38.02
CA ARG A 65 -9.40 50.03 37.61
C ARG A 65 -10.53 50.60 38.42
N ALA A 66 -10.18 51.07 39.62
CA ALA A 66 -11.19 51.50 40.57
C ALA A 66 -10.63 52.50 41.52
N ILE A 67 -11.26 53.67 41.55
CA ILE A 67 -10.99 54.68 42.55
C ILE A 67 -12.13 54.78 43.55
N MET A 68 -11.84 54.61 44.83
CA MET A 68 -12.85 54.67 45.87
C MET A 68 -12.79 56.00 46.62
N VAL A 69 -13.81 56.82 46.47
CA VAL A 69 -13.80 58.14 46.96
C VAL A 69 -14.87 58.34 47.98
N ASP A 70 -14.48 58.73 49.19
CA ASP A 70 -15.48 59.09 50.20
C ASP A 70 -14.83 59.96 51.23
N LEU A 71 -15.61 60.92 51.71
CA LEU A 71 -15.11 61.95 52.55
C LEU A 71 -14.98 61.54 54.01
N GLU A 72 -15.54 60.38 54.35
CA GLU A 72 -15.46 59.72 55.64
C GLU A 72 -14.40 58.60 55.59
N PRO A 73 -13.55 58.51 56.58
CA PRO A 73 -12.44 57.58 56.47
C PRO A 73 -12.79 56.14 56.75
N SER A 74 -13.87 55.92 57.49
CA SER A 74 -14.20 54.62 58.01
C SER A 74 -14.68 53.64 56.97
N VAL A 75 -15.03 54.13 55.78
CA VAL A 75 -15.63 53.28 54.77
C VAL A 75 -14.54 52.59 53.98
N ILE A 76 -13.53 53.36 53.58
CA ILE A 76 -12.44 52.80 52.76
C ILE A 76 -11.44 52.06 53.67
N ASP A 77 -11.31 52.49 54.91
CA ASP A 77 -10.52 51.73 55.88
C ASP A 77 -11.14 50.41 56.21
N ASN A 78 -12.46 50.29 56.05
CA ASN A 78 -13.10 48.98 56.07
C ASN A 78 -12.70 48.19 54.84
N VAL A 79 -12.57 48.85 53.70
CA VAL A 79 -12.19 48.18 52.45
C VAL A 79 -10.72 47.80 52.49
N LYS A 80 -9.87 48.67 53.00
CA LYS A 80 -8.44 48.38 53.12
C LYS A 80 -8.19 47.22 54.09
N ALA A 81 -9.05 47.05 55.09
CA ALA A 81 -8.95 45.89 55.96
C ALA A 81 -9.50 44.63 55.29
N THR A 82 -10.33 44.77 54.26
CA THR A 82 -10.97 43.63 53.62
C THR A 82 -10.62 43.51 52.14
N SER A 83 -9.50 44.07 51.73
CA SER A 83 -8.98 43.85 50.39
C SER A 83 -7.50 43.51 50.36
N GLY A 84 -6.73 43.88 51.37
CA GLY A 84 -5.31 43.58 51.39
C GLY A 84 -4.56 44.42 50.38
N SER A 85 -3.76 43.75 49.56
CA SER A 85 -2.99 44.42 48.51
C SER A 85 -3.67 44.33 47.17
N LEU A 86 -5.00 44.34 47.15
CA LEU A 86 -5.75 44.23 45.89
C LEU A 86 -5.86 45.55 45.17
N PHE A 87 -6.45 46.55 45.83
CA PHE A 87 -6.58 47.85 45.19
C PHE A 87 -5.27 48.59 45.20
N ASN A 88 -5.18 49.59 44.35
CA ASN A 88 -4.08 50.52 44.43
C ASN A 88 -4.38 51.55 45.49
N PRO A 89 -3.63 51.58 46.61
CA PRO A 89 -4.02 52.46 47.70
C PRO A 89 -3.75 53.93 47.45
N ALA A 90 -3.23 54.27 46.28
CA ALA A 90 -3.27 55.65 45.81
C ALA A 90 -4.67 56.03 45.25
N ASN A 91 -5.46 55.03 44.88
CA ASN A 91 -6.83 55.24 44.44
C ASN A 91 -7.83 55.19 45.56
N LEU A 92 -7.45 54.70 46.72
CA LEU A 92 -8.37 54.55 47.85
C LEU A 92 -8.29 55.80 48.67
N ILE A 93 -8.86 56.89 48.14
CA ILE A 93 -8.75 58.22 48.69
C ILE A 93 -9.82 58.35 49.80
N SER A 94 -9.43 58.95 50.92
CA SER A 94 -10.34 59.22 52.01
C SER A 94 -10.02 60.57 52.63
N ARG A 95 -10.99 61.13 53.34
CA ARG A 95 -10.83 62.36 54.10
C ARG A 95 -11.27 62.13 55.53
N THR A 96 -11.42 63.21 56.30
CA THR A 96 -11.68 63.11 57.72
C THR A 96 -13.12 63.48 58.08
N GLU A 97 -13.57 64.63 57.58
CA GLU A 97 -14.78 65.25 58.08
C GLU A 97 -16.05 64.57 57.63
N GLY A 98 -16.09 64.11 56.37
CA GLY A 98 -17.32 63.57 55.80
C GLY A 98 -18.25 64.67 55.32
N ALA A 99 -19.37 64.27 54.76
CA ALA A 99 -20.35 65.21 54.20
C ALA A 99 -21.65 65.29 54.98
N GLY A 100 -22.25 64.13 55.13
CA GLY A 100 -23.35 63.99 56.07
C GLY A 100 -24.62 64.62 55.56
N GLY A 101 -25.14 64.01 54.51
CA GLY A 101 -26.43 64.38 53.94
C GLY A 101 -26.44 65.76 53.35
N ASN A 102 -25.28 66.37 53.21
CA ASN A 102 -25.21 67.74 52.68
C ASN A 102 -24.60 67.62 51.31
N PHE A 103 -25.43 67.84 50.29
CA PHE A 103 -24.99 67.87 48.91
C PHE A 103 -23.87 68.88 48.69
N ALA A 104 -24.00 70.03 49.33
CA ALA A 104 -23.09 71.09 49.12
C ALA A 104 -21.85 70.94 50.00
N VAL A 105 -21.51 69.74 50.45
CA VAL A 105 -20.19 69.41 50.93
C VAL A 105 -19.46 68.50 49.94
N GLY A 106 -20.17 67.50 49.43
CA GLY A 106 -19.60 66.64 48.37
C GLY A 106 -19.43 67.34 47.05
N TYR A 107 -20.30 68.28 46.74
CA TYR A 107 -20.26 68.96 45.45
C TYR A 107 -19.36 70.18 45.51
N LEU A 108 -19.67 71.08 46.44
CA LEU A 108 -18.93 72.31 46.62
C LEU A 108 -18.44 72.43 48.05
N GLY A 109 -17.32 71.78 48.36
CA GLY A 109 -16.87 71.69 49.75
C GLY A 109 -15.70 70.73 49.89
N ALA A 110 -15.85 69.75 50.76
CA ALA A 110 -14.82 68.74 50.97
C ALA A 110 -14.63 67.86 49.74
N GLY A 111 -15.67 67.80 48.88
CA GLY A 111 -15.56 67.07 47.63
C GLY A 111 -14.86 67.88 46.56
N ARG A 112 -14.93 69.20 46.69
CA ARG A 112 -14.17 70.08 45.83
C ARG A 112 -12.68 69.95 46.15
N GLU A 113 -12.35 69.66 47.40
CA GLU A 113 -10.95 69.51 47.80
C GLU A 113 -10.34 68.24 47.19
N VAL A 114 -11.10 67.14 47.19
CA VAL A 114 -10.59 65.89 46.65
C VAL A 114 -10.58 65.83 45.14
N LEU A 115 -11.29 66.75 44.49
CA LEU A 115 -11.42 66.70 43.06
C LEU A 115 -10.10 66.91 42.29
N PRO A 116 -9.15 67.76 42.74
CA PRO A 116 -7.84 67.66 42.07
C PRO A 116 -7.09 66.36 42.34
N GLU A 117 -7.40 65.66 43.42
CA GLU A 117 -6.74 64.39 43.73
C GLU A 117 -7.44 63.21 43.12
N VAL A 118 -8.77 63.25 43.02
CA VAL A 118 -9.52 62.20 42.36
C VAL A 118 -9.27 62.19 40.84
N MET A 119 -9.32 63.36 40.21
CA MET A 119 -9.10 63.44 38.80
C MET A 119 -7.64 63.20 38.40
N SER A 120 -6.73 63.36 39.34
CA SER A 120 -5.35 62.96 39.11
C SER A 120 -5.14 61.47 39.28
N ARG A 121 -6.19 60.73 39.61
CA ARG A 121 -6.12 59.28 39.63
C ARG A 121 -6.98 58.62 38.57
N LEU A 122 -8.04 59.27 38.13
CA LEU A 122 -8.71 58.86 36.89
C LEU A 122 -7.79 59.05 35.67
N ASP A 123 -7.03 60.14 35.67
CA ASP A 123 -6.06 60.34 34.64
C ASP A 123 -4.94 59.30 34.72
N TYR A 124 -4.67 58.80 35.92
CA TYR A 124 -3.74 57.70 36.06
C TYR A 124 -4.34 56.43 35.51
N GLU A 125 -5.63 56.22 35.69
CA GLU A 125 -6.24 54.98 35.20
C GLU A 125 -6.45 55.01 33.69
N ILE A 126 -6.98 56.11 33.19
CA ILE A 126 -7.32 56.23 31.78
C ILE A 126 -6.06 56.18 30.89
N ASP A 127 -4.97 56.80 31.33
CA ASP A 127 -3.72 56.73 30.59
C ASP A 127 -3.15 55.30 30.64
N LYS A 128 -3.45 54.57 31.73
CA LYS A 128 -3.06 53.18 31.86
C LYS A 128 -3.96 52.24 31.04
N CYS A 129 -5.18 52.69 30.69
CA CYS A 129 -6.09 51.91 29.86
C CYS A 129 -5.58 51.79 28.43
N ASP A 130 -6.00 50.71 27.77
CA ASP A 130 -5.73 50.53 26.33
C ASP A 130 -6.56 51.53 25.53
N ASN A 131 -7.89 51.40 25.61
CA ASN A 131 -8.82 52.46 25.20
C ASN A 131 -10.11 52.31 25.94
N VAL A 132 -10.25 53.14 26.98
CA VAL A 132 -11.35 53.06 27.94
C VAL A 132 -12.65 53.50 27.30
N GLY A 133 -13.68 52.69 27.49
CA GLY A 133 -14.96 52.91 26.84
C GLY A 133 -16.10 52.82 27.81
N GLY A 134 -15.87 53.30 29.01
CA GLY A 134 -16.96 53.40 29.98
C GLY A 134 -16.47 53.63 31.37
N ILE A 135 -17.25 54.38 32.14
CA ILE A 135 -16.92 54.67 33.53
C ILE A 135 -18.15 54.43 34.35
N ILE A 136 -18.09 53.43 35.22
CA ILE A 136 -19.23 52.98 35.99
C ILE A 136 -19.09 53.56 37.40
N VAL A 137 -19.74 54.70 37.62
CA VAL A 137 -19.63 55.37 38.90
C VAL A 137 -20.67 54.75 39.81
N LEU A 138 -20.21 54.21 40.92
CA LEU A 138 -21.10 53.60 41.92
C LEU A 138 -21.28 54.54 43.06
N HIS A 139 -22.52 54.97 43.26
CA HIS A 139 -22.82 55.84 44.36
C HIS A 139 -24.24 55.65 44.79
N ALA A 140 -24.72 56.55 45.65
CA ALA A 140 -26.13 56.65 45.94
C ALA A 140 -26.64 57.99 45.49
N ILE A 141 -27.95 58.13 45.40
CA ILE A 141 -28.52 59.41 45.05
C ILE A 141 -29.23 59.91 46.29
N GLY A 142 -28.71 59.56 47.45
CA GLY A 142 -29.33 59.98 48.67
C GLY A 142 -28.51 60.80 49.62
N GLY A 143 -27.21 60.64 49.59
CA GLY A 143 -26.36 61.16 50.64
C GLY A 143 -25.77 62.48 50.28
N GLY A 144 -24.72 62.82 51.03
CA GLY A 144 -23.98 64.04 50.83
C GLY A 144 -22.72 63.83 50.05
N THR A 145 -22.21 62.59 50.05
CA THR A 145 -21.01 62.27 49.36
C THR A 145 -21.28 61.59 48.05
N GLY A 146 -22.02 60.50 48.08
CA GLY A 146 -22.32 59.75 46.86
C GLY A 146 -23.19 60.53 45.92
N SER A 147 -24.17 61.25 46.47
CA SER A 147 -25.01 62.12 45.64
C SER A 147 -24.39 63.52 45.48
N GLY A 148 -23.47 63.88 46.34
CA GLY A 148 -22.79 65.15 46.23
C GLY A 148 -21.58 65.11 45.35
N PHE A 149 -20.61 64.28 45.68
CA PHE A 149 -19.42 64.18 44.89
C PHE A 149 -19.69 63.41 43.61
N GLY A 150 -20.65 62.51 43.64
CA GLY A 150 -21.07 61.82 42.41
C GLY A 150 -21.68 62.75 41.39
N ALA A 151 -22.34 63.78 41.87
CA ALA A 151 -22.79 64.83 40.99
C ALA A 151 -21.63 65.72 40.57
N LEU A 152 -20.62 65.86 41.41
CA LEU A 152 -19.48 66.66 41.08
C LEU A 152 -18.58 65.92 40.09
N LEU A 153 -18.29 64.65 40.37
CA LEU A 153 -17.30 63.91 39.63
C LEU A 153 -17.73 63.65 38.21
N ILE A 154 -18.98 63.28 38.02
CA ILE A 154 -19.49 62.98 36.69
C ILE A 154 -19.53 64.26 35.86
N GLU A 155 -19.90 65.38 36.46
CA GLU A 155 -19.77 66.66 35.77
C GLU A 155 -18.35 67.13 35.67
N SER A 156 -17.40 66.49 36.35
CA SER A 156 -15.99 66.82 36.19
C SER A 156 -15.27 65.87 35.26
N LEU A 157 -15.99 64.90 34.69
CA LEU A 157 -15.39 63.82 33.91
C LEU A 157 -15.88 63.83 32.47
N LYS A 158 -17.19 64.00 32.24
CA LYS A 158 -17.68 64.22 30.89
C LYS A 158 -17.28 65.64 30.42
N GLU A 159 -17.12 66.57 31.33
CA GLU A 159 -16.60 67.89 30.98
C GLU A 159 -15.15 67.81 30.54
N LYS A 160 -14.40 66.85 31.08
CA LYS A 160 -12.99 66.69 30.71
C LYS A 160 -12.82 65.79 29.50
N TYR A 161 -13.50 64.63 29.49
CA TYR A 161 -13.32 63.64 28.43
C TYR A 161 -14.43 63.69 27.40
N GLY A 162 -15.66 63.39 27.84
CA GLY A 162 -16.81 63.56 26.97
C GLY A 162 -17.06 62.51 25.94
N GLU A 163 -16.02 61.81 25.49
CA GLU A 163 -16.17 60.74 24.51
C GLU A 163 -16.20 59.38 25.19
N ILE A 164 -16.86 59.30 26.34
CA ILE A 164 -16.83 58.10 27.15
C ILE A 164 -18.17 57.97 27.89
N PRO A 165 -18.72 56.76 27.95
CA PRO A 165 -19.95 56.58 28.70
C PRO A 165 -19.78 56.63 30.21
N VAL A 166 -20.71 57.28 30.88
CA VAL A 166 -20.74 57.32 32.33
C VAL A 166 -21.99 56.67 32.82
N LEU A 167 -21.92 55.38 33.12
CA LEU A 167 -23.06 54.64 33.70
C LEU A 167 -23.04 54.75 35.20
N SER A 168 -23.80 55.72 35.72
CA SER A 168 -23.86 55.96 37.13
C SER A 168 -24.75 54.93 37.82
N CYS A 169 -24.15 53.80 38.21
CA CYS A 169 -24.89 52.71 38.88
C CYS A 169 -25.17 53.13 40.28
N ALA A 170 -26.37 53.64 40.49
CA ALA A 170 -26.67 54.44 41.67
C ALA A 170 -27.84 53.90 42.42
N VAL A 171 -27.93 54.29 43.68
CA VAL A 171 -28.94 53.72 44.59
C VAL A 171 -29.87 54.83 45.00
N LEU A 172 -31.11 54.73 44.51
CA LEU A 172 -32.12 55.71 44.83
C LEU A 172 -32.56 55.59 46.28
N PRO A 173 -33.16 56.68 46.79
CA PRO A 173 -33.78 56.61 48.11
C PRO A 173 -34.97 55.72 48.15
N SER A 174 -35.02 54.89 49.20
CA SER A 174 -36.16 54.02 49.41
C SER A 174 -37.36 54.88 49.85
N PRO A 175 -38.54 54.64 49.29
CA PRO A 175 -39.68 55.46 49.66
C PRO A 175 -40.39 55.02 50.94
N GLN A 176 -40.04 53.84 51.45
CA GLN A 176 -40.64 53.34 52.67
C GLN A 176 -40.21 54.16 53.91
N VAL A 177 -38.94 54.56 53.91
CA VAL A 177 -38.37 55.39 54.96
C VAL A 177 -37.10 56.00 54.37
N SER A 178 -36.82 57.25 54.73
CA SER A 178 -35.65 57.91 54.22
C SER A 178 -34.47 57.70 55.17
N SER A 179 -33.37 57.19 54.63
CA SER A 179 -32.17 56.99 55.43
C SER A 179 -31.39 58.29 55.73
N VAL A 180 -31.69 59.36 54.99
CA VAL A 180 -31.21 60.68 55.27
C VAL A 180 -32.41 61.62 55.40
N VAL A 181 -32.37 62.58 56.27
CA VAL A 181 -33.47 63.54 56.41
C VAL A 181 -33.50 64.51 55.24
N THR A 182 -32.33 64.80 54.65
CA THR A 182 -32.24 65.67 53.46
C THR A 182 -32.12 64.87 52.19
N GLU A 183 -32.70 63.67 52.17
CA GLU A 183 -32.56 62.72 51.06
C GLU A 183 -33.40 63.03 49.85
N PRO A 184 -34.63 63.58 49.98
CA PRO A 184 -35.25 64.13 48.76
C PRO A 184 -34.69 65.43 48.23
N TYR A 185 -33.92 66.15 49.03
CA TYR A 185 -33.09 67.20 48.50
C TYR A 185 -32.02 66.61 47.65
N ASN A 186 -31.18 65.76 48.25
CA ASN A 186 -29.92 65.35 47.62
C ASN A 186 -30.06 64.58 46.36
N THR A 187 -31.22 63.99 46.12
CA THR A 187 -31.48 63.34 44.87
C THR A 187 -31.66 64.39 43.76
N VAL A 188 -32.51 65.34 43.99
CA VAL A 188 -32.83 66.36 43.00
C VAL A 188 -31.59 67.17 42.68
N PHE A 189 -30.68 67.37 43.62
CA PHE A 189 -29.43 68.03 43.31
C PHE A 189 -28.53 67.13 42.48
N ALA A 190 -28.66 65.81 42.63
CA ALA A 190 -27.91 64.88 41.77
C ALA A 190 -28.67 64.58 40.49
N LEU A 191 -29.96 64.79 40.45
CA LEU A 191 -30.68 64.63 39.19
C LEU A 191 -30.42 65.78 38.21
N ASN A 192 -29.70 66.81 38.62
CA ASN A 192 -29.12 67.72 37.70
C ASN A 192 -28.04 66.92 36.94
N THR A 193 -27.07 66.33 37.66
CA THR A 193 -25.96 65.71 37.02
C THR A 193 -26.37 64.44 36.31
N LEU A 194 -27.09 63.57 37.00
CA LEU A 194 -27.40 62.25 36.47
C LEU A 194 -28.40 62.28 35.33
N ARG A 195 -28.98 63.44 35.04
CA ARG A 195 -29.73 63.67 33.82
C ARG A 195 -28.90 64.34 32.73
N ARG A 196 -28.05 65.29 33.10
CA ARG A 196 -27.43 66.12 32.11
C ARG A 196 -26.06 65.59 31.70
N SER A 197 -25.21 65.25 32.66
CA SER A 197 -23.81 64.94 32.35
C SER A 197 -23.45 63.48 32.56
N ALA A 198 -24.43 62.63 32.80
CA ALA A 198 -24.21 61.19 32.83
C ALA A 198 -24.93 60.58 31.65
N ASP A 199 -24.29 59.65 30.95
CA ASP A 199 -24.92 59.02 29.79
C ASP A 199 -26.02 58.06 30.18
N ALA A 200 -25.95 57.48 31.37
CA ALA A 200 -27.04 56.68 31.95
C ALA A 200 -26.88 56.59 33.43
N CYS A 201 -28.00 56.51 34.15
CA CYS A 201 -27.97 56.34 35.58
C CYS A 201 -28.75 55.09 35.90
N LEU A 202 -28.04 53.98 36.11
CA LEU A 202 -28.67 52.75 36.53
C LEU A 202 -29.09 52.87 37.98
N ILE A 203 -30.41 52.82 38.22
CA ILE A 203 -30.93 53.04 39.56
C ILE A 203 -30.99 51.70 40.32
N PHE A 204 -31.09 51.81 41.64
CA PHE A 204 -31.40 50.69 42.52
C PHE A 204 -32.13 51.31 43.69
N ASP A 205 -33.02 50.54 44.29
CA ASP A 205 -33.85 51.05 45.36
C ASP A 205 -33.83 50.11 46.54
N ASN A 206 -33.59 50.65 47.72
CA ASN A 206 -33.40 49.82 48.89
C ASN A 206 -34.67 49.16 49.38
N GLU A 207 -35.85 49.62 48.96
CA GLU A 207 -37.05 48.90 49.30
C GLU A 207 -37.14 47.60 48.51
N ALA A 208 -36.96 47.69 47.19
CA ALA A 208 -37.08 46.51 46.32
C ALA A 208 -35.95 45.51 46.54
N LEU A 209 -34.80 46.00 46.91
CA LEU A 209 -33.71 45.14 47.21
C LEU A 209 -33.85 44.45 48.58
N PHE A 210 -34.72 44.97 49.43
CA PHE A 210 -35.10 44.22 50.60
C PHE A 210 -36.06 43.12 50.25
N ASP A 211 -37.05 43.41 49.43
CA ASP A 211 -38.05 42.41 49.06
C ASP A 211 -37.51 41.29 48.20
N LEU A 212 -36.50 41.58 47.40
CA LEU A 212 -35.88 40.58 46.55
C LEU A 212 -34.80 39.78 47.23
N ALA A 213 -34.55 40.04 48.51
CA ALA A 213 -33.73 39.18 49.32
C ALA A 213 -34.52 38.53 50.44
N HIS A 214 -35.67 39.09 50.80
CA HIS A 214 -36.54 38.50 51.82
C HIS A 214 -37.47 37.47 51.23
N ARG A 215 -38.18 37.84 50.18
CA ARG A 215 -39.15 36.93 49.56
C ARG A 215 -38.49 35.97 48.58
N LYS A 216 -37.35 36.36 48.01
CA LYS A 216 -36.70 35.60 46.96
C LYS A 216 -35.47 34.86 47.43
N TRP A 217 -34.60 35.51 48.20
CA TRP A 217 -33.47 34.82 48.83
C TRP A 217 -33.78 34.31 50.24
N ASN A 218 -35.08 34.22 50.55
CA ASN A 218 -35.67 33.59 51.73
C ASN A 218 -34.90 33.70 53.04
N ILE A 219 -34.46 34.92 53.35
CA ILE A 219 -33.88 35.22 54.65
C ILE A 219 -34.77 36.22 55.35
N GLU A 220 -34.62 36.30 56.67
CA GLU A 220 -35.49 37.14 57.49
C GLU A 220 -35.13 38.63 57.38
N SER A 221 -33.90 38.96 57.76
CA SER A 221 -33.41 40.33 57.71
C SER A 221 -32.30 40.45 56.65
N PRO A 222 -32.63 41.03 55.49
CA PRO A 222 -31.61 41.27 54.49
C PRO A 222 -30.71 42.44 54.89
N THR A 223 -29.46 42.13 55.23
CA THR A 223 -28.52 43.17 55.58
C THR A 223 -28.00 43.88 54.32
N VAL A 224 -27.16 44.88 54.55
CA VAL A 224 -26.54 45.61 53.46
C VAL A 224 -25.39 44.83 52.89
N ASP A 225 -25.04 43.72 53.51
CA ASP A 225 -24.15 42.76 52.90
C ASP A 225 -24.86 42.04 51.73
N ASP A 226 -26.19 41.91 51.80
CA ASP A 226 -26.97 41.27 50.76
C ASP A 226 -27.73 42.22 49.87
N LEU A 227 -27.89 43.46 50.27
CA LEU A 227 -28.31 44.47 49.29
C LEU A 227 -27.18 44.71 48.29
N ASN A 228 -25.95 44.77 48.77
CA ASN A 228 -24.80 45.00 47.93
C ASN A 228 -24.32 43.72 47.29
N LEU A 229 -25.12 42.68 47.26
CA LEU A 229 -24.88 41.48 46.49
C LEU A 229 -25.97 41.24 45.44
N LEU A 230 -27.20 41.67 45.70
CA LEU A 230 -28.20 41.76 44.66
C LEU A 230 -27.82 42.82 43.61
N ILE A 231 -27.29 43.95 44.06
CA ILE A 231 -26.82 44.98 43.16
C ILE A 231 -25.59 44.44 42.46
N THR A 232 -24.70 43.83 43.22
CA THR A 232 -23.43 43.37 42.68
C THR A 232 -23.64 42.37 41.59
N GLU A 233 -24.43 41.37 41.83
CA GLU A 233 -24.71 40.33 40.86
C GLU A 233 -25.39 40.85 39.61
N ALA A 234 -26.09 41.95 39.73
CA ALA A 234 -26.56 42.69 38.58
C ALA A 234 -25.45 43.53 37.95
N LEU A 235 -24.59 44.15 38.75
CA LEU A 235 -23.49 44.95 38.18
C LEU A 235 -22.39 44.04 37.67
N ALA A 236 -22.26 42.84 38.23
CA ALA A 236 -21.41 41.82 37.64
C ALA A 236 -22.15 41.02 36.58
N GLY A 237 -23.37 41.43 36.24
CA GLY A 237 -24.10 40.83 35.16
C GLY A 237 -24.13 41.71 33.94
N ILE A 238 -24.29 43.01 34.13
CA ILE A 238 -24.25 43.93 32.98
C ILE A 238 -22.85 44.11 32.46
N THR A 239 -21.85 43.73 33.25
CA THR A 239 -20.46 43.84 32.87
C THR A 239 -19.84 42.49 32.52
N ALA A 240 -20.64 41.47 32.36
CA ALA A 240 -20.12 40.22 31.87
C ALA A 240 -19.95 40.24 30.36
N SER A 241 -20.68 41.09 29.67
CA SER A 241 -20.45 41.28 28.23
C SER A 241 -19.22 42.09 27.97
N MET A 242 -18.77 42.86 28.96
CA MET A 242 -17.63 43.74 28.80
C MET A 242 -16.32 43.01 29.08
N ARG A 243 -16.38 41.96 29.90
CA ARG A 243 -15.22 41.32 30.47
C ARG A 243 -14.90 39.95 29.94
N PHE A 244 -15.76 39.40 29.10
CA PHE A 244 -15.66 38.03 28.66
C PHE A 244 -15.67 37.95 27.16
N SER A 245 -14.72 37.21 26.61
CA SER A 245 -14.59 36.98 25.19
C SER A 245 -14.60 35.46 24.98
N GLY A 246 -15.80 34.91 24.91
CA GLY A 246 -15.98 33.47 25.01
C GLY A 246 -16.37 32.79 23.73
N PHE A 247 -17.41 31.97 23.79
CA PHE A 247 -17.86 31.15 22.68
C PHE A 247 -18.66 31.98 21.67
N LEU A 248 -19.80 32.48 22.11
CA LEU A 248 -20.65 33.34 21.27
C LEU A 248 -21.08 34.54 22.09
N THR A 249 -20.12 35.08 22.85
CA THR A 249 -20.40 36.18 23.74
C THR A 249 -20.68 37.44 22.94
N VAL A 250 -21.89 37.96 23.09
CA VAL A 250 -22.25 39.23 22.49
C VAL A 250 -21.59 40.34 23.33
N GLU A 251 -20.45 40.81 22.83
CA GLU A 251 -19.60 41.70 23.60
C GLU A 251 -20.17 43.09 23.57
N ILE A 252 -20.93 43.43 24.60
CA ILE A 252 -21.63 44.70 24.67
C ILE A 252 -20.81 45.67 25.52
N THR A 253 -20.25 46.69 24.89
CA THR A 253 -19.64 47.79 25.58
C THR A 253 -20.68 48.66 26.21
N LEU A 254 -20.26 49.62 27.04
CA LEU A 254 -21.20 50.52 27.66
C LEU A 254 -21.88 51.34 26.57
N ARG A 255 -21.12 51.91 25.62
CA ARG A 255 -21.71 52.65 24.53
C ARG A 255 -22.62 51.78 23.67
N GLU A 256 -22.22 50.51 23.59
CA GLU A 256 -22.99 49.50 22.86
C GLU A 256 -24.23 49.13 23.63
N LEU A 257 -24.21 49.36 24.94
CA LEU A 257 -25.38 49.16 25.78
C LEU A 257 -26.21 50.35 25.82
N LEU A 258 -25.65 51.54 25.73
CA LEU A 258 -26.47 52.73 25.90
C LEU A 258 -27.04 53.28 24.60
N THR A 259 -26.44 52.89 23.47
CA THR A 259 -27.08 53.17 22.18
C THR A 259 -28.37 52.40 22.04
N ASN A 260 -28.44 51.24 22.64
CA ASN A 260 -29.68 50.45 22.67
C ASN A 260 -30.63 50.86 23.77
N LEU A 261 -30.18 51.68 24.73
CA LEU A 261 -30.98 51.92 25.89
C LEU A 261 -31.17 53.37 26.21
N VAL A 262 -30.53 54.29 25.54
CA VAL A 262 -30.86 55.70 25.76
C VAL A 262 -31.49 56.17 24.45
N PRO A 263 -32.82 56.24 24.39
CA PRO A 263 -33.53 56.67 23.18
C PRO A 263 -33.26 58.19 22.80
N GLN A 264 -33.42 59.13 23.72
CA GLN A 264 -33.06 60.54 23.46
C GLN A 264 -32.51 61.14 24.76
N PRO A 265 -31.63 62.17 24.69
CA PRO A 265 -30.72 62.47 25.81
C PRO A 265 -31.27 62.73 27.23
N SER A 266 -32.59 62.68 27.41
CA SER A 266 -33.17 62.88 28.72
C SER A 266 -33.95 61.66 29.21
N LEU A 267 -33.69 60.49 28.60
CA LEU A 267 -34.41 59.26 28.94
C LEU A 267 -33.44 58.12 29.22
N HIS A 268 -32.49 58.37 30.10
CA HIS A 268 -31.46 57.42 30.37
C HIS A 268 -31.35 56.98 31.77
N PHE A 269 -32.48 56.95 32.48
CA PHE A 269 -32.52 56.36 33.81
C PHE A 269 -33.02 54.94 33.64
N LEU A 270 -32.19 53.98 33.95
CA LEU A 270 -32.47 52.58 33.64
C LEU A 270 -32.70 51.88 34.97
N MET A 271 -33.71 51.03 34.98
CA MET A 271 -33.89 50.09 36.07
C MET A 271 -33.04 48.84 35.80
N CYS A 272 -33.21 47.83 36.65
CA CYS A 272 -32.53 46.58 36.45
C CYS A 272 -33.27 45.50 37.13
N ALA A 273 -33.04 44.29 36.68
CA ALA A 273 -33.58 43.08 37.32
C ALA A 273 -32.67 41.91 37.12
N PHE A 274 -32.77 40.92 38.01
CA PHE A 274 -31.91 39.75 37.95
C PHE A 274 -32.74 38.52 38.02
N ALA A 275 -32.30 37.48 37.30
CA ALA A 275 -32.89 36.15 37.37
C ALA A 275 -31.76 35.16 37.27
N PRO A 276 -31.85 34.03 37.98
CA PRO A 276 -32.87 33.64 38.94
C PRO A 276 -32.57 34.25 40.28
N LEU A 277 -33.60 34.56 41.04
CA LEU A 277 -33.41 34.94 42.42
C LEU A 277 -33.52 33.74 43.37
N THR A 278 -33.12 32.57 42.88
CA THR A 278 -33.02 31.37 43.69
C THR A 278 -31.98 31.59 44.80
N PRO A 279 -32.33 31.24 46.05
CA PRO A 279 -31.36 31.40 47.14
C PRO A 279 -30.14 30.48 46.99
N PRO A 280 -29.00 30.83 47.60
CA PRO A 280 -27.79 30.02 47.41
C PRO A 280 -27.74 28.68 48.14
N ASP A 281 -28.88 28.16 48.61
CA ASP A 281 -28.93 26.91 49.36
C ASP A 281 -28.93 25.64 48.48
N ARG A 282 -28.50 25.78 47.22
CA ARG A 282 -28.47 24.70 46.22
C ARG A 282 -29.86 24.09 46.02
N SER A 283 -30.75 24.89 45.46
CA SER A 283 -32.06 24.43 45.02
C SER A 283 -31.92 23.90 43.58
N LYS A 284 -31.27 22.76 43.46
CA LYS A 284 -30.78 22.26 42.16
C LYS A 284 -31.92 21.76 41.27
N PHE A 285 -32.87 21.08 41.86
CA PHE A 285 -34.03 20.61 41.09
C PHE A 285 -35.07 21.71 40.91
N GLU A 286 -34.90 22.83 41.61
CA GLU A 286 -35.73 24.01 41.37
C GLU A 286 -34.99 25.10 40.61
N GLU A 287 -33.90 24.77 39.92
CA GLU A 287 -33.21 25.74 39.06
C GLU A 287 -34.07 26.05 37.84
N LEU A 288 -34.15 27.33 37.49
CA LEU A 288 -35.15 27.79 36.54
C LEU A 288 -34.62 27.75 35.12
N GLY A 289 -35.47 27.26 34.20
CA GLY A 289 -35.18 27.30 32.77
C GLY A 289 -35.39 28.70 32.21
N ILE A 290 -35.00 28.85 30.94
CA ILE A 290 -35.03 30.15 30.29
C ILE A 290 -36.46 30.59 29.97
N GLU A 291 -37.37 29.65 29.86
CA GLU A 291 -38.75 30.03 29.60
C GLU A 291 -39.42 30.63 30.83
N GLU A 292 -38.89 30.34 32.01
CA GLU A 292 -39.48 30.77 33.29
C GLU A 292 -38.64 31.78 34.08
N MET A 293 -37.36 31.94 33.75
CA MET A 293 -36.61 33.05 34.29
C MET A 293 -37.16 34.37 33.76
N ILE A 294 -37.55 34.38 32.48
CA ILE A 294 -38.07 35.57 31.86
C ILE A 294 -39.48 35.86 32.38
N LYS A 295 -40.18 34.83 32.80
CA LYS A 295 -41.41 35.01 33.56
C LYS A 295 -41.15 35.61 34.95
N SER A 296 -39.95 35.38 35.49
CA SER A 296 -39.56 35.96 36.78
C SER A 296 -38.73 37.22 36.65
N LEU A 297 -38.28 37.55 35.44
CA LEU A 297 -37.65 38.84 35.21
C LEU A 297 -38.67 39.94 35.36
N PHE A 298 -39.80 39.78 34.70
CA PHE A 298 -40.72 40.87 34.51
C PHE A 298 -41.88 40.93 35.49
N ASP A 299 -41.71 40.35 36.68
CA ASP A 299 -42.68 40.54 37.74
C ASP A 299 -42.60 41.98 38.26
N ASN A 300 -43.68 42.45 38.83
CA ASN A 300 -43.69 43.78 39.43
C ASN A 300 -42.75 43.87 40.63
N GLY A 301 -42.74 42.82 41.43
CA GLY A 301 -41.75 42.68 42.48
C GLY A 301 -40.64 41.80 41.96
N SER A 302 -39.96 42.24 40.90
CA SER A 302 -38.71 41.61 40.45
C SER A 302 -37.63 42.60 40.02
N VAL A 303 -37.98 43.86 39.79
CA VAL A 303 -36.99 44.84 39.43
C VAL A 303 -36.40 45.45 40.67
N PHE A 304 -35.23 46.05 40.53
CA PHE A 304 -34.55 46.65 41.64
C PHE A 304 -34.97 48.12 41.75
N ALA A 305 -36.27 48.35 41.90
CA ALA A 305 -36.80 49.72 41.85
C ALA A 305 -38.10 49.75 42.64
N ALA A 306 -38.39 50.92 43.19
CA ALA A 306 -39.59 51.10 44.00
C ALA A 306 -40.85 51.02 43.15
N CYS A 307 -40.74 51.41 41.87
CA CYS A 307 -41.90 51.47 41.01
C CYS A 307 -42.37 50.08 40.60
N SER A 308 -43.60 50.04 40.09
CA SER A 308 -44.13 48.82 39.52
C SER A 308 -43.89 48.83 38.02
N PRO A 309 -42.99 47.98 37.51
CA PRO A 309 -42.58 48.06 36.11
C PRO A 309 -43.67 47.72 35.08
N MET A 310 -44.46 46.67 35.29
CA MET A 310 -45.49 46.33 34.33
C MET A 310 -46.71 47.22 34.45
N GLU A 311 -46.78 48.09 35.45
CA GLU A 311 -47.85 49.09 35.49
C GLU A 311 -47.56 50.30 34.62
N GLY A 312 -46.36 50.36 34.04
CA GLY A 312 -46.01 51.42 33.10
C GLY A 312 -45.28 50.88 31.88
N ARG A 313 -44.77 51.78 31.07
CA ARG A 313 -44.33 51.45 29.71
C ARG A 313 -42.84 51.21 29.62
N PHE A 314 -42.44 49.99 29.27
CA PHE A 314 -41.02 49.67 29.00
C PHE A 314 -40.60 50.31 27.69
N LEU A 315 -39.71 51.27 27.80
CA LEU A 315 -39.37 52.05 26.65
C LEU A 315 -38.27 51.41 25.87
N SER A 316 -37.22 51.00 26.56
CA SER A 316 -36.09 50.29 25.93
C SER A 316 -35.67 49.21 26.91
N THR A 317 -35.47 48.01 26.40
CA THR A 317 -35.25 46.84 27.23
C THR A 317 -33.98 46.11 26.77
N ALA A 318 -33.20 45.60 27.69
CA ALA A 318 -31.96 44.90 27.33
C ALA A 318 -31.78 43.75 28.26
N VAL A 319 -32.13 42.57 27.77
CA VAL A 319 -32.10 41.38 28.58
C VAL A 319 -30.77 40.71 28.36
N LEU A 320 -29.93 40.71 29.37
CA LEU A 320 -28.57 40.20 29.27
C LEU A 320 -28.50 38.82 29.87
N TYR A 321 -28.63 37.79 29.02
CA TYR A 321 -28.40 36.42 29.46
C TYR A 321 -26.92 36.24 29.75
N ARG A 322 -26.62 35.38 30.70
CA ARG A 322 -25.27 35.15 31.08
C ARG A 322 -25.15 33.78 31.70
N GLY A 323 -24.51 32.87 30.99
CA GLY A 323 -24.33 31.51 31.45
C GLY A 323 -24.49 30.48 30.38
N ILE A 324 -24.56 29.23 30.82
CA ILE A 324 -24.67 28.10 29.90
C ILE A 324 -26.09 28.03 29.35
N MET A 325 -26.22 28.29 28.05
CA MET A 325 -27.50 28.15 27.37
C MET A 325 -27.44 26.95 26.46
N GLU A 326 -28.46 26.10 26.54
CA GLU A 326 -28.65 25.05 25.53
C GLU A 326 -29.60 25.49 24.42
N ASP A 327 -30.44 26.49 24.69
CA ASP A 327 -31.62 26.77 23.88
C ASP A 327 -31.63 28.20 23.33
N LYS A 328 -31.01 28.41 22.18
CA LYS A 328 -31.10 29.72 21.50
C LYS A 328 -32.49 30.05 20.89
N PRO A 329 -33.20 29.10 20.23
CA PRO A 329 -34.53 29.52 19.75
C PRO A 329 -35.60 29.50 20.83
N LEU A 330 -35.39 28.78 21.93
CA LEU A 330 -36.29 28.93 23.09
C LEU A 330 -36.00 30.23 23.81
N ALA A 331 -34.75 30.68 23.76
CA ALA A 331 -34.44 32.07 24.01
C ALA A 331 -35.06 32.92 22.90
N ASP A 332 -35.35 34.16 23.25
CA ASP A 332 -35.87 35.19 22.33
C ASP A 332 -37.31 34.95 21.89
N ALA A 333 -37.83 33.75 22.11
CA ALA A 333 -39.22 33.40 21.84
C ALA A 333 -40.04 33.47 23.10
N ALA A 334 -39.41 33.28 24.25
CA ALA A 334 -40.02 33.68 25.50
C ALA A 334 -40.18 35.22 25.50
N LEU A 335 -39.20 35.94 24.95
CA LEU A 335 -39.32 37.38 24.82
C LEU A 335 -40.35 37.75 23.75
N ALA A 336 -40.64 36.86 22.83
CA ALA A 336 -41.70 37.11 21.85
C ALA A 336 -43.06 37.11 22.52
N ALA A 337 -43.25 36.27 23.53
CA ALA A 337 -44.41 36.38 24.40
C ALA A 337 -44.31 37.66 25.23
N MET A 338 -43.09 38.00 25.66
CA MET A 338 -42.91 39.21 26.44
C MET A 338 -42.96 40.48 25.59
N ARG A 339 -42.88 40.36 24.28
CA ARG A 339 -43.18 41.51 23.43
C ARG A 339 -44.69 41.80 23.49
N GLU A 340 -45.51 40.75 23.67
CA GLU A 340 -46.95 40.89 23.78
C GLU A 340 -47.43 41.20 25.19
N LYS A 341 -46.84 40.56 26.18
CA LYS A 341 -47.27 40.74 27.56
C LYS A 341 -46.94 42.14 28.12
N LEU A 342 -45.73 42.59 27.86
CA LEU A 342 -45.20 43.76 28.53
C LEU A 342 -45.69 45.02 27.87
N PRO A 343 -45.89 46.09 28.68
CA PRO A 343 -46.24 47.38 28.05
C PRO A 343 -45.05 48.02 27.40
N LEU A 344 -45.00 47.97 26.06
CA LEU A 344 -43.92 48.58 25.31
C LEU A 344 -44.35 49.93 24.80
N THR A 345 -43.43 50.66 24.17
CA THR A 345 -43.74 51.97 23.66
C THR A 345 -43.54 51.99 22.17
N TYR A 346 -44.59 51.80 21.39
CA TYR A 346 -44.55 52.31 19.99
C TYR A 346 -44.48 53.82 20.11
N TRP A 347 -43.62 54.40 19.24
CA TRP A 347 -42.52 55.31 19.59
C TRP A 347 -41.22 54.53 19.51
N ILE A 348 -41.30 53.19 19.64
CA ILE A 348 -40.23 52.21 19.34
C ILE A 348 -40.97 50.94 18.91
N PRO A 349 -40.64 50.42 17.72
CA PRO A 349 -41.24 49.17 17.27
C PRO A 349 -40.81 47.97 18.07
N THR A 350 -39.52 47.84 18.27
CA THR A 350 -39.00 46.73 19.05
C THR A 350 -37.69 47.15 19.68
N ALA A 351 -37.53 46.66 20.93
CA ALA A 351 -36.33 46.93 21.69
C ALA A 351 -36.14 45.85 22.70
N PHE A 352 -35.27 44.90 22.38
CA PHE A 352 -34.76 43.92 23.32
C PHE A 352 -33.31 43.66 22.94
N LYS A 353 -32.36 44.40 23.48
CA LYS A 353 -30.96 44.14 23.21
C LYS A 353 -30.51 42.90 24.03
N ILE A 354 -30.22 41.81 23.34
CA ILE A 354 -30.04 40.54 24.03
C ILE A 354 -28.59 40.14 24.00
N GLY A 355 -27.96 40.19 25.18
CA GLY A 355 -26.59 39.73 25.39
C GLY A 355 -26.59 38.27 25.79
N TYR A 356 -25.67 37.52 25.20
CA TYR A 356 -25.30 36.22 25.70
C TYR A 356 -23.85 36.31 26.18
N VAL A 357 -23.58 35.65 27.29
CA VAL A 357 -22.24 35.45 27.78
C VAL A 357 -22.15 33.97 28.22
N GLU A 358 -21.24 33.23 27.63
CA GLU A 358 -21.13 31.83 27.97
C GLU A 358 -20.48 31.60 29.30
N GLN A 359 -19.73 32.59 29.80
CA GLN A 359 -19.10 32.43 31.11
C GLN A 359 -20.15 32.62 32.19
N PRO A 360 -20.41 31.58 32.99
CA PRO A 360 -21.51 31.66 33.93
C PRO A 360 -21.18 32.51 35.13
N GLY A 361 -22.22 32.86 35.88
CA GLY A 361 -22.04 33.61 37.12
C GLY A 361 -21.43 32.76 38.21
N ILE A 362 -21.07 33.40 39.31
CA ILE A 362 -20.53 32.68 40.44
C ILE A 362 -21.68 31.97 41.16
N SER A 363 -22.70 32.72 41.54
CA SER A 363 -23.82 32.17 42.28
C SER A 363 -24.78 31.35 41.44
N HIS A 364 -24.77 31.56 40.12
CA HIS A 364 -25.77 30.96 39.25
C HIS A 364 -25.13 30.41 38.00
N ARG A 365 -25.76 29.36 37.46
CA ARG A 365 -25.29 28.71 36.26
C ARG A 365 -25.94 29.34 35.04
N LYS A 366 -27.25 29.49 35.08
CA LYS A 366 -28.00 30.19 34.03
C LYS A 366 -28.55 31.45 34.63
N SER A 367 -27.84 32.56 34.48
CA SER A 367 -28.28 33.81 35.09
C SER A 367 -28.72 34.80 34.05
N MET A 368 -29.73 35.58 34.36
CA MET A 368 -30.29 36.54 33.46
C MET A 368 -30.29 37.90 34.13
N VAL A 369 -29.96 38.94 33.39
CA VAL A 369 -29.98 40.31 33.89
C VAL A 369 -30.81 41.14 32.94
N LEU A 370 -31.65 41.97 33.49
CA LEU A 370 -32.49 42.85 32.71
C LEU A 370 -31.97 44.31 32.86
N LEU A 371 -32.16 45.14 31.84
CA LEU A 371 -32.05 46.59 31.96
C LEU A 371 -33.17 47.22 31.24
N ALA A 372 -34.26 47.46 31.91
CA ALA A 372 -35.41 48.05 31.27
C ALA A 372 -35.41 49.57 31.51
N ASN A 373 -35.18 50.35 30.46
CA ASN A 373 -35.40 51.77 30.53
C ASN A 373 -36.93 52.04 30.57
N ASN A 374 -37.47 52.19 31.77
CA ASN A 374 -38.91 52.25 32.01
C ASN A 374 -39.38 53.68 32.06
N THR A 375 -40.65 53.90 31.75
CA THR A 375 -41.31 55.17 32.03
C THR A 375 -41.75 55.30 33.49
N GLU A 376 -41.77 54.19 34.21
CA GLU A 376 -42.11 54.25 35.62
C GLU A 376 -41.01 54.86 36.47
N ILE A 377 -39.85 55.06 35.89
CA ILE A 377 -38.74 55.56 36.65
C ILE A 377 -38.90 57.05 36.88
N ALA A 378 -39.84 57.69 36.20
CA ALA A 378 -40.31 59.00 36.62
C ALA A 378 -41.25 58.92 37.82
N ARG A 379 -41.92 57.80 38.01
CA ARG A 379 -42.82 57.64 39.17
C ARG A 379 -42.06 57.39 40.46
N VAL A 380 -40.83 56.88 40.37
CA VAL A 380 -39.95 56.92 41.53
C VAL A 380 -39.54 58.36 41.79
N LEU A 381 -39.19 59.07 40.73
CA LEU A 381 -38.77 60.45 40.82
C LEU A 381 -39.92 61.45 40.90
N ASP A 382 -41.16 60.99 40.76
CA ASP A 382 -42.32 61.79 41.11
C ASP A 382 -42.45 61.89 42.65
N ARG A 383 -42.10 60.80 43.34
CA ARG A 383 -42.06 60.82 44.78
C ARG A 383 -40.97 61.77 45.28
N ILE A 384 -39.82 61.73 44.62
CA ILE A 384 -38.72 62.56 45.02
C ILE A 384 -39.02 64.03 44.66
N CYS A 385 -39.71 64.25 43.56
CA CYS A 385 -40.11 65.59 43.21
C CYS A 385 -41.18 66.12 44.19
N HIS A 386 -42.05 65.24 44.69
CA HIS A 386 -43.06 65.67 45.63
C HIS A 386 -42.47 65.89 47.03
N ASN A 387 -41.59 64.97 47.46
CA ASN A 387 -40.93 65.12 48.75
C ASN A 387 -39.94 66.27 48.77
N PHE A 388 -39.52 66.75 47.61
CA PHE A 388 -38.75 67.97 47.55
C PHE A 388 -39.62 69.17 47.80
N ASP A 389 -40.83 69.16 47.25
CA ASP A 389 -41.69 70.34 47.31
C ASP A 389 -42.29 70.55 48.71
N LYS A 390 -42.56 69.45 49.40
CA LYS A 390 -42.99 69.57 50.77
C LYS A 390 -41.85 70.14 51.63
N LEU A 391 -40.60 69.84 51.25
CA LEU A 391 -39.43 70.43 51.90
C LEU A 391 -38.90 71.61 51.14
N TRP A 392 -39.74 72.30 50.39
CA TRP A 392 -39.35 73.59 49.82
C TRP A 392 -40.41 74.68 49.95
N GLN A 393 -41.68 74.30 50.12
CA GLN A 393 -42.71 75.24 50.54
C GLN A 393 -42.43 75.81 51.94
N ARG A 394 -41.94 74.97 52.83
CA ARG A 394 -41.46 75.41 54.13
C ARG A 394 -40.10 76.07 54.05
N LYS A 395 -39.40 75.85 52.91
CA LYS A 395 -37.96 76.12 52.74
C LYS A 395 -37.18 75.44 53.83
N ALA A 396 -37.14 74.10 53.70
CA ALA A 396 -36.65 73.21 54.73
C ALA A 396 -35.16 73.39 54.92
N PHE A 397 -34.52 72.37 55.45
CA PHE A 397 -33.76 72.46 56.67
C PHE A 397 -33.37 73.81 57.24
N ALA A 398 -32.43 74.44 56.55
CA ALA A 398 -31.87 75.75 56.94
C ALA A 398 -30.91 76.24 55.81
N ASN A 399 -30.08 77.18 56.23
CA ASN A 399 -28.84 77.60 55.59
C ASN A 399 -27.82 76.52 55.15
N TRP A 400 -28.00 75.25 55.50
CA TRP A 400 -27.05 74.16 55.29
C TRP A 400 -26.60 73.98 53.86
N TYR A 401 -27.54 74.11 52.94
CA TYR A 401 -27.17 74.18 51.52
C TYR A 401 -26.73 75.57 51.10
N LEU A 402 -27.27 76.57 51.75
CA LEU A 402 -27.13 77.92 51.28
C LEU A 402 -25.85 78.57 51.78
N ASN A 403 -25.36 78.15 52.94
CA ASN A 403 -24.12 78.73 53.48
C ASN A 403 -22.87 78.20 52.81
N GLU A 404 -22.97 77.02 52.21
CA GLU A 404 -21.81 76.41 51.55
C GLU A 404 -21.47 77.06 50.21
N GLY A 405 -22.43 77.74 49.59
CA GLY A 405 -22.22 78.42 48.33
C GLY A 405 -23.38 78.34 47.36
N MET A 406 -24.38 77.51 47.65
CA MET A 406 -25.53 77.43 46.78
C MET A 406 -26.48 78.59 47.02
N SER A 407 -27.36 78.79 46.05
CA SER A 407 -28.34 79.88 46.08
C SER A 407 -29.74 79.34 45.92
N GLU A 408 -30.71 80.11 46.38
CA GLU A 408 -32.14 79.76 46.24
C GLU A 408 -32.57 79.81 44.79
N GLU A 409 -31.89 80.61 43.97
CA GLU A 409 -32.15 80.63 42.54
C GLU A 409 -31.66 79.33 41.90
N GLN A 410 -30.52 78.81 42.38
CA GLN A 410 -29.96 77.59 41.82
C GLN A 410 -30.80 76.38 42.18
N ILE A 411 -31.30 76.34 43.40
CA ILE A 411 -32.07 75.19 43.89
C ILE A 411 -33.40 75.08 43.16
N ASN A 412 -34.00 76.22 42.81
CA ASN A 412 -35.22 76.20 42.02
C ASN A 412 -34.96 75.79 40.58
N VAL A 413 -33.76 76.00 40.08
CA VAL A 413 -33.39 75.50 38.76
C VAL A 413 -33.32 73.97 38.77
N LEU A 414 -32.71 73.43 39.82
CA LEU A 414 -32.46 71.98 39.86
C LEU A 414 -33.74 71.22 40.15
N ARG A 415 -34.69 71.85 40.85
CA ARG A 415 -36.04 71.30 40.95
C ARG A 415 -36.74 71.31 39.63
N ALA A 416 -36.57 72.38 38.87
CA ALA A 416 -37.11 72.42 37.50
C ALA A 416 -36.36 71.43 36.60
N SER A 417 -35.06 71.30 36.78
CA SER A 417 -34.30 70.36 36.00
C SER A 417 -34.62 68.91 36.36
N ALA A 418 -35.13 68.68 37.55
CA ALA A 418 -35.74 67.39 37.86
C ALA A 418 -37.22 67.34 37.43
N GLN A 419 -37.88 68.48 37.36
CA GLN A 419 -39.21 68.51 36.76
C GLN A 419 -39.11 68.32 35.26
N GLU A 420 -38.07 68.85 34.63
CA GLU A 420 -37.81 68.57 33.23
C GLU A 420 -37.49 67.10 32.99
N LEU A 421 -36.98 66.42 34.02
CA LEU A 421 -36.68 64.99 33.94
C LEU A 421 -37.95 64.16 34.06
N VAL A 422 -38.79 64.47 35.02
CA VAL A 422 -39.99 63.69 35.28
C VAL A 422 -40.97 63.87 34.13
N GLN A 423 -41.06 65.09 33.58
CA GLN A 423 -41.93 65.30 32.43
C GLN A 423 -41.37 64.65 31.19
N SER A 424 -40.06 64.40 31.16
CA SER A 424 -39.44 63.83 29.98
C SER A 424 -39.82 62.37 29.79
N TYR A 425 -40.23 61.69 30.85
CA TYR A 425 -40.93 60.41 30.70
C TYR A 425 -42.43 60.59 30.55
N GLN A 426 -42.97 61.66 31.11
CA GLN A 426 -44.38 61.97 30.91
C GLN A 426 -44.63 62.45 29.48
N VAL A 427 -43.63 63.06 28.86
CA VAL A 427 -43.64 63.27 27.43
C VAL A 427 -43.63 61.91 26.74
N ALA A 428 -42.77 61.01 27.23
CA ALA A 428 -42.54 59.72 26.56
C ALA A 428 -43.48 58.64 26.99
N GLU A 429 -44.44 58.91 27.85
CA GLU A 429 -45.40 57.88 28.24
C GLU A 429 -46.65 57.95 27.36
N GLU A 430 -47.30 59.10 27.35
CA GLU A 430 -48.52 59.27 26.57
C GLU A 430 -48.24 59.35 25.07
N SER A 431 -47.06 59.83 24.67
CA SER A 431 -46.67 59.74 23.28
C SER A 431 -46.25 58.32 22.91
N GLY A 432 -45.77 57.58 23.89
CA GLY A 432 -45.46 56.17 23.73
C GLY A 432 -46.62 55.23 23.99
N ALA A 433 -47.78 55.79 24.37
CA ALA A 433 -48.96 54.99 24.65
C ALA A 433 -49.60 54.55 23.33
N ARG B 2 -10.01 34.14 -11.63
CA ARG B 2 -11.29 33.73 -10.91
C ARG B 2 -10.97 33.36 -9.49
N GLU B 3 -10.51 34.34 -8.70
CA GLU B 3 -10.03 34.09 -7.35
C GLU B 3 -10.70 35.05 -6.44
N ILE B 4 -11.62 34.58 -5.60
CA ILE B 4 -12.57 35.47 -4.91
C ILE B 4 -12.02 35.89 -3.57
N LEU B 5 -11.91 37.19 -3.38
CA LEU B 5 -11.53 37.76 -2.10
C LEU B 5 -12.74 37.65 -1.17
N SER B 6 -12.47 37.63 0.12
CA SER B 6 -13.54 37.51 1.11
C SER B 6 -13.29 38.55 2.20
N ILE B 7 -14.36 39.11 2.70
CA ILE B 7 -14.27 40.12 3.74
C ILE B 7 -15.27 39.68 4.78
N HIS B 8 -14.87 39.73 6.03
CA HIS B 8 -15.72 39.29 7.11
C HIS B 8 -15.85 40.35 8.17
N VAL B 9 -16.74 41.29 7.97
CA VAL B 9 -16.83 42.41 8.85
C VAL B 9 -17.92 42.21 9.88
N GLY B 10 -17.67 42.65 11.10
CA GLY B 10 -18.67 42.55 12.14
C GLY B 10 -18.61 41.24 12.87
N GLN B 11 -19.19 41.19 14.06
CA GLN B 11 -19.21 39.96 14.86
C GLN B 11 -20.01 38.88 14.16
N CYS B 12 -21.11 39.28 13.48
CA CYS B 12 -21.90 38.32 12.70
C CYS B 12 -21.12 37.73 11.51
N GLY B 13 -20.31 38.55 10.85
CA GLY B 13 -19.57 38.06 9.73
C GLY B 13 -18.38 37.23 10.11
N ASN B 14 -17.69 37.64 11.18
CA ASN B 14 -16.52 36.90 11.59
C ASN B 14 -16.92 35.57 12.21
N GLN B 15 -18.11 35.47 12.81
CA GLN B 15 -18.56 34.21 13.31
C GLN B 15 -18.95 33.29 12.17
N ILE B 16 -19.36 33.85 11.04
CA ILE B 16 -19.52 33.04 9.84
C ILE B 16 -18.14 32.64 9.31
N ALA B 17 -17.15 33.49 9.45
CA ALA B 17 -15.80 33.18 8.99
C ALA B 17 -15.19 32.01 9.74
N ASP B 18 -15.56 31.85 10.99
CA ASP B 18 -15.16 30.65 11.70
C ASP B 18 -15.88 29.44 11.13
N SER B 19 -17.12 29.62 10.67
CA SER B 19 -17.86 28.52 10.01
C SER B 19 -17.49 28.33 8.57
N PHE B 20 -17.21 29.41 7.88
CA PHE B 20 -16.93 29.33 6.45
C PHE B 20 -15.51 28.81 6.19
N TRP B 21 -14.54 29.34 6.88
CA TRP B 21 -13.18 28.86 6.63
C TRP B 21 -12.86 27.55 7.36
N ARG B 22 -13.79 27.01 8.12
CA ARG B 22 -13.73 25.63 8.52
C ARG B 22 -14.51 24.75 7.57
N LEU B 23 -15.34 25.30 6.69
CA LEU B 23 -15.97 24.53 5.61
C LEU B 23 -15.30 24.69 4.28
N ALA B 24 -14.60 25.80 4.09
CA ALA B 24 -13.81 25.96 2.87
C ALA B 24 -12.56 25.06 2.96
N LEU B 25 -12.02 24.83 4.16
CA LEU B 25 -10.89 23.93 4.30
C LEU B 25 -11.32 22.49 4.16
N ARG B 26 -12.57 22.18 4.46
CA ARG B 26 -13.03 20.80 4.34
C ARG B 26 -13.35 20.46 2.90
N GLU B 27 -13.99 21.38 2.17
CA GLU B 27 -14.36 21.11 0.79
C GLU B 27 -13.13 21.06 -0.11
N HIS B 28 -12.15 21.92 0.15
CA HIS B 28 -10.86 21.80 -0.54
C HIS B 28 -9.95 20.75 0.07
N GLY B 29 -10.33 20.17 1.21
CA GLY B 29 -9.55 19.11 1.82
C GLY B 29 -8.23 19.60 2.38
N LEU B 30 -8.26 20.66 3.19
CA LEU B 30 -7.08 21.12 3.90
C LEU B 30 -7.27 20.97 5.39
N THR B 31 -6.14 20.92 6.11
CA THR B 31 -6.20 20.90 7.55
C THR B 31 -6.41 22.32 8.08
N GLU B 32 -6.61 22.42 9.38
CA GLU B 32 -6.96 23.68 10.02
C GLU B 32 -5.79 24.65 10.08
N ALA B 33 -4.56 24.14 9.98
CA ALA B 33 -3.39 25.01 10.03
C ALA B 33 -3.17 25.76 8.72
N GLY B 34 -3.74 25.27 7.62
CA GLY B 34 -3.57 25.92 6.34
C GLY B 34 -2.83 25.12 5.31
N THR B 35 -2.31 23.96 5.69
CA THR B 35 -1.54 23.12 4.76
C THR B 35 -2.40 22.03 4.18
N LEU B 36 -1.86 21.36 3.17
CA LEU B 36 -2.61 20.36 2.44
C LEU B 36 -2.72 19.10 3.28
N LYS B 37 -3.90 18.50 3.31
CA LYS B 37 -4.14 17.31 4.12
C LYS B 37 -3.53 16.10 3.41
N SER B 46 -9.81 20.17 -8.18
CA SER B 46 -10.18 21.26 -7.26
C SER B 46 -9.35 22.52 -7.52
N ASN B 47 -10.02 23.67 -7.63
CA ASN B 47 -9.36 24.92 -7.86
C ASN B 47 -9.19 25.58 -6.49
N MET B 48 -8.05 25.34 -5.87
CA MET B 48 -7.78 25.90 -4.54
C MET B 48 -7.37 27.37 -4.57
N GLU B 49 -7.16 27.90 -5.77
CA GLU B 49 -6.71 29.26 -5.93
C GLU B 49 -7.77 30.28 -5.65
N VAL B 50 -9.04 29.86 -5.60
CA VAL B 50 -10.16 30.79 -5.45
C VAL B 50 -10.22 31.46 -4.10
N PHE B 51 -10.29 30.66 -3.08
CA PHE B 51 -10.33 31.14 -1.72
C PHE B 51 -8.97 31.33 -1.07
N PHE B 52 -7.98 30.56 -1.51
CA PHE B 52 -6.74 30.45 -0.81
C PHE B 52 -5.60 31.03 -1.64
N HIS B 53 -4.79 31.89 -1.01
CA HIS B 53 -3.54 32.35 -1.59
C HIS B 53 -2.42 31.35 -1.31
N LYS B 54 -1.84 30.83 -2.37
CA LYS B 54 -0.73 29.93 -2.25
C LYS B 54 0.53 30.66 -1.83
N VAL B 55 0.83 30.63 -0.53
CA VAL B 55 2.03 31.26 -0.01
C VAL B 55 3.26 30.38 -0.28
N ARG B 56 3.18 29.13 0.15
CA ARG B 56 4.25 28.16 -0.07
C ARG B 56 3.67 26.95 -0.77
N ASP B 57 4.50 25.93 -0.93
CA ASP B 57 4.09 24.71 -1.59
C ASP B 57 2.97 23.94 -0.87
N GLY B 58 2.99 23.98 0.46
CA GLY B 58 1.99 23.26 1.23
C GLY B 58 0.92 24.16 1.82
N LYS B 59 1.33 25.28 2.40
CA LYS B 59 0.42 26.11 3.17
C LYS B 59 -0.38 27.04 2.28
N TYR B 60 -1.69 27.05 2.48
CA TYR B 60 -2.62 27.90 1.75
C TYR B 60 -3.28 28.86 2.72
N VAL B 61 -2.87 30.12 2.64
CA VAL B 61 -3.47 31.16 3.43
C VAL B 61 -4.71 31.66 2.69
N PRO B 62 -5.87 31.74 3.37
CA PRO B 62 -7.08 32.20 2.70
C PRO B 62 -7.09 33.65 2.33
N ARG B 63 -7.89 34.00 1.34
CA ARG B 63 -8.07 35.38 0.91
C ARG B 63 -9.22 36.03 1.69
N ALA B 64 -9.05 36.09 3.01
CA ALA B 64 -10.02 36.70 3.90
C ALA B 64 -9.40 37.81 4.66
N VAL B 65 -10.08 38.95 4.76
CA VAL B 65 -9.81 39.95 5.81
C VAL B 65 -10.74 39.67 6.97
N LEU B 66 -10.25 39.54 8.16
CA LEU B 66 -11.11 39.40 9.31
C LEU B 66 -11.25 40.77 9.94
N VAL B 67 -11.84 41.68 9.21
CA VAL B 67 -12.04 43.04 9.68
C VAL B 67 -13.09 43.08 10.77
N ASP B 68 -12.75 43.70 11.90
CA ASP B 68 -13.56 43.60 13.10
C ASP B 68 -13.24 44.70 14.08
N LEU B 69 -14.28 45.21 14.70
CA LEU B 69 -14.18 45.96 15.94
C LEU B 69 -14.79 45.07 17.03
N GLU B 70 -14.55 45.39 18.31
CA GLU B 70 -14.68 44.46 19.43
C GLU B 70 -13.81 43.22 19.22
N PRO B 71 -12.51 43.35 19.37
CA PRO B 71 -11.59 42.28 19.02
C PRO B 71 -11.56 41.10 19.97
N GLY B 72 -12.70 40.50 20.24
CA GLY B 72 -12.74 39.29 21.01
C GLY B 72 -13.27 38.15 20.19
N VAL B 73 -13.81 38.47 19.01
CA VAL B 73 -14.36 37.46 18.12
C VAL B 73 -13.22 36.69 17.48
N ILE B 74 -12.19 37.41 17.06
CA ILE B 74 -11.03 36.78 16.43
C ILE B 74 -10.14 36.17 17.53
N ALA B 75 -10.26 36.68 18.74
CA ALA B 75 -9.57 36.06 19.89
C ALA B 75 -10.13 34.67 20.15
N ARG B 76 -11.38 34.44 19.82
CA ARG B 76 -11.89 33.09 19.76
C ARG B 76 -11.29 32.35 18.55
N ILE B 77 -11.17 33.02 17.42
CA ILE B 77 -10.68 32.38 16.19
C ILE B 77 -9.20 32.11 16.30
N GLU B 78 -8.43 33.16 16.48
CA GLU B 78 -6.97 33.05 16.56
C GLU B 78 -6.42 32.75 17.94
N GLY B 79 -7.25 32.22 18.83
CA GLY B 79 -6.77 31.72 20.12
C GLY B 79 -6.73 30.21 20.20
N GLY B 80 -7.82 29.58 19.80
CA GLY B 80 -8.02 28.15 20.04
C GLY B 80 -7.33 27.20 19.08
N ASP B 81 -7.78 27.20 17.83
CA ASP B 81 -7.39 26.16 16.88
C ASP B 81 -7.10 26.69 15.48
N MET B 82 -7.12 27.99 15.28
CA MET B 82 -7.14 28.53 13.93
C MET B 82 -6.26 29.76 13.81
N SER B 83 -5.28 29.89 14.71
CA SER B 83 -4.36 31.02 14.71
C SER B 83 -3.33 30.89 13.59
N GLN B 84 -2.96 29.66 13.25
CA GLN B 84 -1.97 29.39 12.23
C GLN B 84 -2.54 29.57 10.82
N LEU B 85 -3.86 29.53 10.69
CA LEU B 85 -4.53 29.60 9.39
C LEU B 85 -4.53 30.99 8.78
N PHE B 86 -5.13 31.93 9.47
CA PHE B 86 -5.27 33.28 8.94
C PHE B 86 -3.95 34.01 9.03
N ASP B 87 -3.69 34.86 8.04
CA ASP B 87 -2.54 35.75 8.10
C ASP B 87 -2.90 36.98 8.92
N GLU B 88 -1.99 37.42 9.78
CA GLU B 88 -2.32 38.53 10.65
C GLU B 88 -2.04 39.89 9.97
N SER B 89 -1.51 39.89 8.75
CA SER B 89 -1.63 41.07 7.89
C SER B 89 -2.86 40.99 7.00
N SER B 90 -3.80 40.11 7.34
CA SER B 90 -5.12 40.05 6.69
C SER B 90 -6.23 40.20 7.75
N ILE B 91 -6.13 41.23 8.59
CA ILE B 91 -7.02 41.36 9.76
C ILE B 91 -7.08 42.83 10.14
N VAL B 92 -8.04 43.22 10.95
CA VAL B 92 -7.93 44.41 11.78
C VAL B 92 -8.70 44.20 13.08
N ARG B 93 -8.09 44.58 14.19
CA ARG B 93 -8.68 44.47 15.52
C ARG B 93 -8.49 45.83 16.17
N LYS B 94 -9.61 46.49 16.49
CA LYS B 94 -9.53 47.76 17.16
C LYS B 94 -10.67 47.98 18.13
N ILE B 95 -10.33 48.45 19.31
CA ILE B 95 -11.29 48.96 20.29
C ILE B 95 -11.40 50.50 20.07
N PRO B 96 -12.60 51.11 20.27
CA PRO B 96 -13.92 50.55 20.65
C PRO B 96 -14.57 49.78 19.55
N GLY B 97 -15.82 49.40 19.77
CA GLY B 97 -16.37 48.31 18.99
C GLY B 97 -17.53 48.59 18.07
N ALA B 98 -17.60 49.80 17.49
CA ALA B 98 -18.70 50.21 16.56
C ALA B 98 -20.04 49.89 17.20
N ALA B 99 -20.32 50.70 18.20
CA ALA B 99 -21.09 50.38 19.33
C ALA B 99 -22.55 50.03 19.06
N ASN B 100 -22.81 49.02 18.22
CA ASN B 100 -24.12 48.79 17.59
C ASN B 100 -24.70 50.06 17.18
N ASN B 101 -23.98 50.75 16.33
CA ASN B 101 -24.27 52.15 16.01
C ASN B 101 -23.61 52.35 14.67
N TRP B 102 -24.42 52.60 13.67
CA TRP B 102 -23.95 52.75 12.29
C TRP B 102 -22.95 53.89 12.17
N ALA B 103 -23.21 55.00 12.84
CA ALA B 103 -22.36 56.11 12.76
C ALA B 103 -21.01 55.90 13.44
N ARG B 104 -20.92 54.98 14.40
CA ARG B 104 -19.64 54.58 14.91
C ARG B 104 -18.91 53.73 13.86
N GLY B 105 -19.61 52.76 13.30
CA GLY B 105 -19.02 51.85 12.31
C GLY B 105 -18.72 52.43 10.96
N TYR B 106 -19.50 53.41 10.53
CA TYR B 106 -19.28 54.05 9.23
C TYR B 106 -18.38 55.27 9.32
N ASN B 107 -18.49 56.04 10.40
CA ASN B 107 -17.87 57.33 10.48
C ASN B 107 -16.85 57.43 11.59
N VAL B 108 -17.19 57.03 12.82
CA VAL B 108 -16.30 57.31 13.95
C VAL B 108 -15.17 56.30 14.02
N GLU B 109 -15.51 55.04 14.25
CA GLU B 109 -14.51 53.98 14.30
C GLU B 109 -14.35 53.27 12.97
N GLY B 110 -15.01 53.77 11.94
CA GLY B 110 -14.86 53.24 10.59
C GLY B 110 -13.75 53.91 9.83
N GLU B 111 -13.67 55.23 9.93
CA GLU B 111 -12.62 55.97 9.28
C GLU B 111 -11.24 55.75 9.91
N LYS B 112 -11.20 55.20 11.12
CA LYS B 112 -9.95 54.81 11.74
C LYS B 112 -9.36 53.57 11.07
N VAL B 113 -10.21 52.65 10.64
CA VAL B 113 -9.76 51.39 10.12
C VAL B 113 -9.82 51.25 8.61
N ILE B 114 -10.55 52.13 7.94
CA ILE B 114 -10.82 51.92 6.52
C ILE B 114 -9.57 52.13 5.67
N ASP B 115 -8.62 52.92 6.13
CA ASP B 115 -7.34 52.98 5.44
C ASP B 115 -6.56 51.68 5.63
N GLN B 116 -6.74 51.02 6.77
CA GLN B 116 -6.10 49.74 7.00
C GLN B 116 -6.85 48.62 6.32
N ILE B 117 -8.18 48.72 6.21
CA ILE B 117 -8.96 47.69 5.54
C ILE B 117 -8.59 47.63 4.06
N MET B 118 -8.63 48.78 3.41
CA MET B 118 -8.38 48.83 1.98
C MET B 118 -6.94 48.45 1.63
N ASN B 119 -5.98 48.87 2.42
CA ASN B 119 -4.59 48.53 2.15
C ASN B 119 -4.24 47.11 2.56
N VAL B 120 -5.18 46.37 3.13
CA VAL B 120 -5.02 44.95 3.39
C VAL B 120 -5.75 44.18 2.31
N ILE B 121 -6.88 44.73 1.85
CA ILE B 121 -7.52 44.22 0.64
C ILE B 121 -6.56 44.41 -0.56
N ASP B 122 -5.97 45.59 -0.69
CA ASP B 122 -5.09 45.86 -1.82
C ASP B 122 -3.80 45.04 -1.76
N SER B 123 -3.37 44.66 -0.57
CA SER B 123 -2.25 43.74 -0.44
C SER B 123 -2.67 42.30 -0.65
N ALA B 124 -3.98 42.03 -0.73
CA ALA B 124 -4.50 40.70 -1.00
C ALA B 124 -5.03 40.53 -2.41
N VAL B 125 -5.22 41.60 -3.15
CA VAL B 125 -5.72 41.52 -4.52
C VAL B 125 -4.64 41.86 -5.51
N GLU B 126 -3.53 42.44 -5.04
CA GLU B 126 -2.33 42.53 -5.87
C GLU B 126 -1.52 41.24 -5.86
N LYS B 127 -1.92 40.28 -5.02
CA LYS B 127 -1.46 38.91 -5.11
C LYS B 127 -2.35 38.07 -6.06
N THR B 128 -3.08 38.73 -6.96
CA THR B 128 -4.12 38.10 -7.76
C THR B 128 -4.12 38.89 -9.08
N LYS B 129 -3.71 38.33 -10.25
CA LYS B 129 -3.86 36.93 -10.77
C LYS B 129 -5.28 36.43 -10.76
N GLY B 130 -6.18 37.19 -11.39
CA GLY B 130 -7.57 36.76 -11.61
C GLY B 130 -8.54 37.01 -10.47
N LEU B 131 -8.69 38.28 -10.08
CA LEU B 131 -9.67 38.65 -9.06
C LEU B 131 -11.01 38.83 -9.74
N GLN B 132 -12.02 38.22 -9.14
CA GLN B 132 -13.34 38.31 -9.70
C GLN B 132 -14.37 38.87 -8.75
N GLY B 133 -14.32 38.48 -7.49
CA GLY B 133 -15.44 38.81 -6.62
C GLY B 133 -15.05 39.14 -5.21
N PHE B 134 -16.07 39.49 -4.42
CA PHE B 134 -15.92 39.75 -2.99
C PHE B 134 -17.03 39.08 -2.27
N LEU B 135 -16.77 38.02 -1.51
CA LEU B 135 -17.79 37.42 -0.69
C LEU B 135 -17.68 38.12 0.63
N MET B 136 -18.32 39.28 0.71
CA MET B 136 -18.26 40.09 1.90
C MET B 136 -19.38 39.67 2.81
N THR B 137 -18.99 39.17 3.98
CA THR B 137 -19.92 38.49 4.88
C THR B 137 -20.16 39.29 6.12
N HIS B 138 -21.41 39.67 6.36
CA HIS B 138 -21.74 40.43 7.54
C HIS B 138 -23.18 40.29 7.87
N SER B 139 -23.66 41.17 8.75
CA SER B 139 -25.09 41.37 8.97
C SER B 139 -25.46 42.79 8.64
N ILE B 140 -26.75 43.03 8.45
CA ILE B 140 -27.23 44.39 8.31
C ILE B 140 -27.86 44.79 9.62
N GLY B 141 -27.46 44.15 10.71
CA GLY B 141 -28.12 44.47 11.93
C GLY B 141 -27.33 45.33 12.90
N GLY B 142 -26.04 45.07 13.02
CA GLY B 142 -25.30 45.67 14.10
C GLY B 142 -24.73 47.03 13.77
N GLY B 143 -23.55 47.30 14.27
CA GLY B 143 -22.86 48.55 14.01
C GLY B 143 -21.52 48.37 13.37
N SER B 144 -20.98 47.18 13.48
CA SER B 144 -19.73 46.83 12.86
C SER B 144 -19.98 46.12 11.54
N GLY B 145 -20.89 45.17 11.53
CA GLY B 145 -21.20 44.48 10.28
C GLY B 145 -22.01 45.29 9.33
N SER B 146 -22.82 46.18 9.88
CA SER B 146 -23.68 47.00 9.07
C SER B 146 -23.14 48.42 8.91
N GLY B 147 -22.39 48.90 9.87
CA GLY B 147 -21.81 50.21 9.75
C GLY B 147 -20.53 50.18 8.94
N LEU B 148 -19.54 49.42 9.37
CA LEU B 148 -18.33 49.31 8.64
C LEU B 148 -18.53 48.46 7.42
N GLY B 149 -19.52 47.59 7.42
CA GLY B 149 -19.91 46.89 6.20
C GLY B 149 -20.48 47.81 5.16
N SER B 150 -21.16 48.83 5.57
CA SER B 150 -21.61 49.85 4.64
C SER B 150 -20.45 50.72 4.14
N LEU B 151 -19.39 50.86 4.90
CA LEU B 151 -18.28 51.71 4.53
C LEU B 151 -17.37 50.99 3.57
N ILE B 152 -17.11 49.70 3.80
CA ILE B 152 -16.25 48.89 2.93
C ILE B 152 -16.89 48.78 1.55
N LEU B 153 -18.19 48.57 1.48
CA LEU B 153 -18.90 48.50 0.20
C LEU B 153 -18.77 49.78 -0.61
N GLU B 154 -18.68 50.93 0.04
CA GLU B 154 -18.44 52.15 -0.68
C GLU B 154 -17.03 52.16 -1.20
N ARG B 155 -16.07 51.94 -0.31
CA ARG B 155 -14.66 52.12 -0.67
C ARG B 155 -14.17 51.04 -1.61
N LEU B 156 -14.78 49.87 -1.57
CA LEU B 156 -14.40 48.78 -2.47
C LEU B 156 -14.98 48.96 -3.86
N ARG B 157 -16.20 49.48 -3.98
CA ARG B 157 -16.75 49.82 -5.28
C ARG B 157 -16.07 51.07 -5.88
N GLN B 158 -15.67 52.02 -5.03
CA GLN B 158 -14.93 53.16 -5.51
C GLN B 158 -13.52 52.78 -5.95
N ALA B 159 -13.00 51.66 -5.44
CA ALA B 159 -11.69 51.16 -5.87
C ALA B 159 -11.78 50.12 -6.99
N TYR B 160 -12.83 49.32 -7.00
CA TYR B 160 -12.99 48.25 -8.01
C TYR B 160 -14.39 48.30 -8.60
N PRO B 161 -14.63 49.24 -9.52
CA PRO B 161 -16.00 49.45 -9.99
C PRO B 161 -16.43 48.43 -11.04
N LYS B 162 -15.52 47.52 -11.43
CA LYS B 162 -15.83 46.54 -12.45
C LYS B 162 -15.67 45.13 -11.93
N LYS B 163 -15.85 44.93 -10.62
CA LYS B 163 -15.77 43.62 -10.00
C LYS B 163 -17.00 43.37 -9.14
N ARG B 164 -17.48 42.15 -9.17
CA ARG B 164 -18.74 41.80 -8.52
C ARG B 164 -18.60 41.73 -7.02
N ILE B 165 -19.39 42.49 -6.30
CA ILE B 165 -19.30 42.51 -4.86
C ILE B 165 -20.51 41.85 -4.22
N PHE B 166 -20.38 40.59 -3.81
CA PHE B 166 -21.51 39.88 -3.23
C PHE B 166 -21.53 39.98 -1.72
N THR B 167 -22.62 40.54 -1.23
CA THR B 167 -22.80 40.78 0.18
C THR B 167 -23.62 39.67 0.76
N PHE B 168 -23.10 39.03 1.81
CA PHE B 168 -23.84 37.90 2.43
C PHE B 168 -24.34 38.36 3.77
N SER B 169 -25.47 39.04 3.75
CA SER B 169 -25.97 39.74 4.94
C SER B 169 -26.73 38.80 5.80
N VAL B 170 -27.02 39.25 7.02
CA VAL B 170 -27.92 38.55 7.91
C VAL B 170 -28.89 39.61 8.40
N VAL B 171 -30.15 39.46 8.00
CA VAL B 171 -31.18 40.45 8.28
C VAL B 171 -31.50 40.39 9.77
N PRO B 172 -31.92 41.53 10.38
CA PRO B 172 -32.57 41.45 11.67
C PRO B 172 -33.78 40.57 11.67
N SER B 173 -34.00 39.89 12.79
CA SER B 173 -35.05 38.92 12.88
C SER B 173 -36.41 39.65 12.91
N PRO B 174 -37.43 39.05 12.28
CA PRO B 174 -38.77 39.60 12.37
C PRO B 174 -39.41 39.22 13.71
N LEU B 175 -38.79 38.27 14.39
CA LEU B 175 -39.32 37.64 15.60
C LEU B 175 -39.24 38.61 16.76
N ILE B 176 -38.02 38.99 17.14
CA ILE B 176 -37.82 40.18 17.98
C ILE B 176 -36.61 40.92 17.44
N SER B 177 -36.23 41.99 18.14
CA SER B 177 -35.14 42.83 17.73
C SER B 177 -33.78 42.13 17.70
N ASP B 178 -33.26 41.78 18.88
CA ASP B 178 -31.83 41.44 19.16
C ASP B 178 -30.87 42.64 19.21
N SER B 179 -31.38 43.80 18.80
CA SER B 179 -30.75 45.10 19.00
C SER B 179 -31.79 46.19 18.86
N ALA B 180 -31.65 47.24 19.64
CA ALA B 180 -32.70 48.23 19.80
C ALA B 180 -32.83 49.15 18.56
N VAL B 181 -31.65 49.50 18.03
CA VAL B 181 -31.49 50.52 17.01
C VAL B 181 -31.28 49.77 15.70
N GLU B 182 -31.65 48.51 15.68
CA GLU B 182 -31.37 47.62 14.54
C GLU B 182 -32.12 47.90 13.23
N PRO B 183 -33.42 48.30 13.28
CA PRO B 183 -34.02 48.80 12.03
C PRO B 183 -33.47 50.10 11.45
N TYR B 184 -32.74 50.86 12.24
CA TYR B 184 -31.98 51.94 11.69
C TYR B 184 -30.79 51.41 10.94
N ASN B 185 -30.14 50.38 11.50
CA ASN B 185 -28.86 49.97 10.96
C ASN B 185 -28.97 49.18 9.68
N ALA B 186 -30.17 48.66 9.38
CA ALA B 186 -30.40 47.97 8.12
C ALA B 186 -30.54 48.99 6.99
N ILE B 187 -31.38 49.97 7.18
CA ILE B 187 -31.72 50.91 6.11
C ILE B 187 -30.54 51.79 5.82
N LEU B 188 -29.70 52.09 6.80
CA LEU B 188 -28.45 52.77 6.55
C LEU B 188 -27.44 51.88 5.80
N THR B 189 -27.61 50.55 5.87
CA THR B 189 -26.75 49.60 5.19
C THR B 189 -27.34 49.12 3.89
N LEU B 190 -28.64 48.82 3.88
CA LEU B 190 -29.31 48.40 2.67
C LEU B 190 -29.35 49.49 1.61
N GLN B 191 -29.10 50.73 1.98
CA GLN B 191 -28.85 51.75 1.01
C GLN B 191 -27.57 51.42 0.31
N ARG B 192 -26.49 51.28 1.06
CA ARG B 192 -25.17 51.16 0.45
C ARG B 192 -24.94 49.81 -0.20
N ILE B 193 -25.71 48.80 0.18
CA ILE B 193 -25.70 47.54 -0.55
C ILE B 193 -26.39 47.73 -1.91
N LEU B 194 -27.52 48.43 -1.90
CA LEU B 194 -28.26 48.74 -3.12
C LEU B 194 -27.48 49.64 -4.09
N ASP B 195 -26.60 50.48 -3.54
CA ASP B 195 -25.81 51.38 -4.35
C ASP B 195 -24.53 50.78 -4.88
N ASN B 196 -23.94 49.84 -4.14
CA ASN B 196 -22.60 49.35 -4.49
C ASN B 196 -22.55 47.88 -4.84
N ALA B 197 -23.15 47.01 -4.02
CA ALA B 197 -23.04 45.57 -4.22
C ALA B 197 -23.87 45.11 -5.40
N ASP B 198 -23.31 44.20 -6.20
CA ASP B 198 -23.97 43.71 -7.38
C ASP B 198 -25.03 42.67 -7.13
N GLY B 199 -24.95 42.02 -5.98
CA GLY B 199 -26.02 41.10 -5.57
C GLY B 199 -25.85 40.70 -4.13
N ALA B 200 -26.90 40.84 -3.31
CA ALA B 200 -26.81 40.49 -1.91
C ALA B 200 -27.62 39.22 -1.61
N VAL B 201 -27.11 38.42 -0.71
CA VAL B 201 -27.90 37.29 -0.19
C VAL B 201 -28.39 37.67 1.19
N LEU B 202 -29.69 37.91 1.31
CA LEU B 202 -30.26 38.23 2.59
C LEU B 202 -30.62 36.95 3.32
N LEU B 203 -30.06 36.77 4.51
CA LEU B 203 -30.34 35.62 5.36
C LEU B 203 -30.98 36.13 6.65
N ASP B 204 -31.70 35.26 7.31
CA ASP B 204 -32.53 35.63 8.41
C ASP B 204 -32.39 34.62 9.56
N ASN B 205 -32.06 35.14 10.74
CA ASN B 205 -31.88 34.28 11.88
C ASN B 205 -33.15 33.64 12.40
N GLU B 206 -34.32 34.13 12.01
CA GLU B 206 -35.54 33.39 12.32
C GLU B 206 -35.63 32.09 11.48
N ALA B 207 -35.37 32.21 10.19
CA ALA B 207 -35.32 31.03 9.32
C ALA B 207 -34.08 30.18 9.62
N LEU B 208 -32.98 30.80 9.98
CA LEU B 208 -31.80 30.03 10.32
C LEU B 208 -31.99 29.28 11.65
N PHE B 209 -32.85 29.77 12.54
CA PHE B 209 -33.20 29.00 13.70
C PHE B 209 -34.06 27.84 13.34
N ARG B 210 -35.11 28.06 12.55
CA ARG B 210 -36.09 27.01 12.24
C ARG B 210 -35.52 25.84 11.40
N ILE B 211 -34.75 26.17 10.38
CA ILE B 211 -34.24 25.16 9.47
C ILE B 211 -33.14 24.35 10.14
N ALA B 212 -32.39 24.97 11.02
CA ALA B 212 -31.42 24.27 11.85
C ALA B 212 -32.11 23.49 12.95
N LYS B 213 -33.29 23.92 13.38
CA LYS B 213 -34.05 23.19 14.38
C LYS B 213 -34.58 21.89 13.78
N ALA B 214 -34.99 21.95 12.52
CA ALA B 214 -35.40 20.73 11.81
C ALA B 214 -34.19 19.92 11.33
N LYS B 215 -33.02 20.53 11.23
CA LYS B 215 -31.81 19.80 10.85
C LYS B 215 -31.32 18.97 12.01
N LEU B 216 -30.96 19.62 13.09
CA LEU B 216 -30.32 18.95 14.21
C LEU B 216 -31.35 18.46 15.20
N ASN B 217 -31.03 17.37 15.90
CA ASN B 217 -31.80 16.94 17.06
C ASN B 217 -31.14 17.55 18.31
N ARG B 218 -31.04 18.87 18.27
CA ARG B 218 -30.26 19.66 19.22
C ARG B 218 -30.63 21.12 18.97
N SER B 219 -30.82 21.87 20.04
CA SER B 219 -31.20 23.27 19.91
C SER B 219 -29.99 24.08 19.43
N PRO B 220 -30.15 24.85 18.34
CA PRO B 220 -29.00 25.42 17.66
C PRO B 220 -28.35 26.57 18.41
N ASN B 221 -27.17 26.92 17.93
CA ASN B 221 -26.50 28.16 18.34
C ASN B 221 -25.91 28.80 17.10
N TYR B 222 -25.40 30.01 17.25
CA TYR B 222 -24.92 30.73 16.09
C TYR B 222 -23.68 30.13 15.49
N MET B 223 -23.09 29.06 16.02
CA MET B 223 -22.17 28.28 15.24
C MET B 223 -22.91 27.30 14.35
N ASP B 224 -23.99 26.71 14.85
CA ASP B 224 -24.77 25.78 14.04
C ASP B 224 -25.61 26.46 13.00
N LEU B 225 -26.04 27.67 13.27
CA LEU B 225 -26.79 28.47 12.26
C LEU B 225 -25.90 28.86 11.09
N ASN B 226 -24.62 29.15 11.36
CA ASN B 226 -23.76 29.65 10.33
C ASN B 226 -23.35 28.57 9.37
N ASN B 227 -23.40 27.30 9.78
CA ASN B 227 -23.10 26.22 8.85
C ASN B 227 -24.16 26.09 7.77
N ILE B 228 -25.37 26.60 7.98
CA ILE B 228 -26.30 26.75 6.87
C ILE B 228 -25.80 27.89 5.96
N ILE B 229 -25.34 28.98 6.55
CA ILE B 229 -24.86 30.11 5.79
C ILE B 229 -23.56 29.69 5.11
N ALA B 230 -22.64 29.08 5.84
CA ALA B 230 -21.33 28.79 5.33
C ALA B 230 -21.38 27.82 4.19
N LEU B 231 -22.43 27.03 4.06
CA LEU B 231 -22.63 26.23 2.84
C LEU B 231 -23.18 27.06 1.72
N ILE B 232 -24.12 27.92 2.02
CA ILE B 232 -24.65 28.85 1.03
C ILE B 232 -23.52 29.81 0.54
N VAL B 233 -22.67 30.33 1.42
CA VAL B 233 -21.54 31.13 1.03
C VAL B 233 -20.62 30.33 0.13
N SER B 234 -20.47 29.02 0.41
CA SER B 234 -19.64 28.14 -0.42
C SER B 234 -20.34 27.66 -1.68
N SER B 235 -21.62 27.34 -1.63
CA SER B 235 -22.32 26.77 -2.77
C SER B 235 -22.55 27.74 -3.89
N VAL B 236 -22.63 29.03 -3.55
CA VAL B 236 -22.71 30.08 -4.56
C VAL B 236 -21.44 30.07 -5.38
N THR B 237 -20.30 29.90 -4.73
CA THR B 237 -19.01 29.98 -5.38
C THR B 237 -18.31 28.65 -5.36
N ALA B 238 -19.05 27.59 -5.62
CA ALA B 238 -18.48 26.28 -5.85
C ALA B 238 -18.71 25.75 -7.22
N SER B 239 -19.49 26.44 -8.02
CA SER B 239 -19.41 26.21 -9.48
C SER B 239 -18.29 27.04 -10.10
N LEU B 240 -17.65 27.86 -9.30
CA LEU B 240 -16.53 28.70 -9.68
C LEU B 240 -15.20 27.98 -9.36
N ARG B 241 -15.19 27.06 -8.41
CA ARG B 241 -14.01 26.36 -7.99
C ARG B 241 -14.07 24.85 -8.09
N PHE B 242 -15.26 24.26 -8.10
CA PHE B 242 -15.46 22.84 -8.44
C PHE B 242 -16.28 22.86 -9.72
N PRO B 243 -15.61 22.88 -10.88
CA PRO B 243 -16.26 23.35 -12.11
C PRO B 243 -17.46 22.53 -12.58
N GLY B 244 -17.26 21.26 -12.87
CA GLY B 244 -18.36 20.43 -13.35
C GLY B 244 -18.91 20.90 -14.67
N LYS B 245 -20.22 20.74 -14.85
CA LYS B 245 -20.87 21.21 -16.08
C LYS B 245 -21.78 22.38 -15.72
N LEU B 246 -22.14 23.18 -16.73
CA LEU B 246 -22.85 24.47 -16.55
C LEU B 246 -22.12 25.37 -15.55
N ASN B 247 -20.94 25.80 -15.96
CA ASN B 247 -20.08 26.57 -15.10
C ASN B 247 -20.73 27.94 -14.86
N THR B 248 -21.17 28.16 -13.64
CA THR B 248 -21.75 29.41 -13.22
C THR B 248 -20.77 30.19 -12.39
N ASP B 249 -20.21 31.24 -12.97
CA ASP B 249 -19.34 32.14 -12.25
C ASP B 249 -20.13 33.20 -11.49
N LEU B 250 -19.42 34.11 -10.87
CA LEU B 250 -20.07 35.17 -10.12
C LEU B 250 -20.68 36.22 -11.04
N SER B 251 -20.22 36.30 -12.28
CA SER B 251 -20.80 37.24 -13.23
C SER B 251 -22.20 36.81 -13.70
N GLU B 252 -22.52 35.54 -13.54
CA GLU B 252 -23.84 35.02 -13.92
C GLU B 252 -24.83 35.03 -12.79
N PHE B 253 -24.47 35.52 -11.62
CA PHE B 253 -25.47 35.72 -10.58
C PHE B 253 -25.98 37.14 -10.60
N VAL B 254 -25.46 37.98 -11.50
CA VAL B 254 -25.94 39.35 -11.68
C VAL B 254 -26.74 39.47 -12.97
N THR B 255 -26.26 38.83 -14.04
CA THR B 255 -26.96 38.91 -15.30
C THR B 255 -28.20 38.07 -15.27
N ASN B 256 -28.14 36.90 -14.63
CA ASN B 256 -29.31 35.99 -14.65
C ASN B 256 -30.36 36.26 -13.58
N LEU B 257 -29.92 36.62 -12.39
CA LEU B 257 -30.82 36.70 -11.24
C LEU B 257 -31.24 38.09 -10.93
N VAL B 258 -30.67 39.12 -11.54
CA VAL B 258 -31.00 40.50 -11.20
C VAL B 258 -31.59 41.16 -12.41
N PRO B 259 -32.93 41.14 -12.55
CA PRO B 259 -33.56 41.72 -13.74
C PRO B 259 -33.48 43.25 -13.84
N PHE B 260 -33.94 43.92 -12.82
CA PHE B 260 -33.93 45.40 -12.76
C PHE B 260 -32.70 45.87 -12.00
N PRO B 261 -32.27 47.11 -12.19
CA PRO B 261 -31.07 47.56 -11.46
C PRO B 261 -31.20 47.73 -9.95
N GLY B 262 -32.34 47.40 -9.35
CA GLY B 262 -32.46 47.43 -7.89
C GLY B 262 -32.67 46.08 -7.25
N ASN B 263 -33.25 45.13 -7.98
CA ASN B 263 -33.69 43.87 -7.39
C ASN B 263 -32.55 42.85 -7.33
N HIS B 264 -31.64 43.05 -6.38
CA HIS B 264 -30.51 42.20 -6.22
C HIS B 264 -30.32 41.72 -4.80
N PHE B 265 -31.42 41.33 -4.16
CA PHE B 265 -31.39 40.81 -2.79
C PHE B 265 -31.97 39.40 -2.85
N LEU B 266 -31.11 38.40 -2.70
CA LEU B 266 -31.40 37.02 -3.03
C LEU B 266 -31.67 36.18 -1.79
N THR B 267 -32.62 35.28 -1.91
CA THR B 267 -33.02 34.43 -0.80
C THR B 267 -32.56 33.00 -1.08
N ALA B 268 -31.54 32.56 -0.36
CA ALA B 268 -30.87 31.30 -0.68
C ALA B 268 -31.20 30.21 0.23
N SER B 269 -31.57 29.06 -0.32
CA SER B 269 -31.79 27.83 0.45
C SER B 269 -30.68 26.86 0.29
N PHE B 270 -30.64 25.88 1.19
CA PHE B 270 -29.75 24.77 1.02
C PHE B 270 -30.52 23.51 1.24
N ALA B 271 -30.10 22.47 0.53
CA ALA B 271 -30.61 21.10 0.67
C ALA B 271 -29.47 20.16 0.38
N PRO B 272 -29.39 19.02 1.05
CA PRO B 272 -30.28 18.38 1.99
C PRO B 272 -30.25 18.89 3.44
N MET B 273 -31.41 19.20 3.98
CA MET B 273 -31.56 19.54 5.39
C MET B 273 -32.77 18.85 6.01
N GLN B 281 -22.09 10.30 5.36
CA GLN B 281 -22.25 11.20 4.23
C GLN B 281 -23.69 11.17 3.73
N VAL B 282 -24.37 12.31 3.79
CA VAL B 282 -25.81 12.37 3.54
C VAL B 282 -26.08 12.27 2.05
N ARG B 283 -26.76 11.20 1.67
CA ARG B 283 -27.20 11.01 0.28
C ARG B 283 -28.67 11.35 0.16
N THR B 284 -29.05 11.80 -1.03
CA THR B 284 -30.45 12.11 -1.32
C THR B 284 -30.74 11.74 -2.77
N ASN B 285 -31.81 10.99 -2.98
CA ASN B 285 -32.07 10.36 -4.26
C ASN B 285 -32.40 11.34 -5.39
N PHE B 286 -32.76 12.57 -5.05
CA PHE B 286 -32.97 13.67 -6.00
C PHE B 286 -34.13 13.50 -6.99
N PRO B 287 -35.33 13.20 -6.51
CA PRO B 287 -36.49 13.91 -7.05
C PRO B 287 -37.09 14.77 -5.98
N ASP B 288 -36.60 14.55 -4.76
CA ASP B 288 -37.11 15.16 -3.54
C ASP B 288 -36.18 16.25 -3.03
N LEU B 289 -34.92 16.25 -3.45
CA LEU B 289 -34.00 17.34 -3.14
C LEU B 289 -34.45 18.58 -3.84
N ALA B 290 -34.92 18.47 -5.08
CA ALA B 290 -35.50 19.65 -5.76
C ALA B 290 -36.78 20.12 -5.10
N ARG B 291 -37.53 19.22 -4.48
CA ARG B 291 -38.66 19.59 -3.64
C ARG B 291 -38.23 20.09 -2.27
N GLU B 292 -37.01 19.75 -1.87
CA GLU B 292 -36.43 20.25 -0.61
C GLU B 292 -35.70 21.56 -0.82
N THR B 293 -35.07 21.72 -1.98
CA THR B 293 -34.38 22.92 -2.34
C THR B 293 -35.36 24.06 -2.48
N PHE B 294 -36.44 23.85 -3.23
CA PHE B 294 -37.45 24.90 -3.41
C PHE B 294 -38.65 24.68 -2.51
N ALA B 295 -38.41 24.17 -1.30
CA ALA B 295 -39.41 24.24 -0.23
C ALA B 295 -39.53 25.70 0.20
N GLN B 296 -40.74 26.15 0.48
CA GLN B 296 -40.93 27.52 0.93
C GLN B 296 -40.39 27.71 2.33
N ASP B 297 -40.38 26.65 3.13
CA ASP B 297 -39.83 26.69 4.48
C ASP B 297 -38.34 26.47 4.53
N ASN B 298 -37.74 26.06 3.42
CA ASN B 298 -36.28 25.91 3.38
C ASN B 298 -35.53 27.17 2.92
N PHE B 299 -36.24 28.16 2.39
CA PHE B 299 -35.60 29.40 2.05
C PHE B 299 -35.28 30.16 3.31
N THR B 300 -34.11 30.76 3.31
CA THR B 300 -33.55 31.30 4.49
C THR B 300 -33.83 32.79 4.53
N ALA B 301 -35.11 33.10 4.62
CA ALA B 301 -35.63 34.49 4.89
C ALA B 301 -37.12 34.37 5.17
N ALA B 302 -37.66 35.31 5.93
CA ALA B 302 -39.10 35.36 6.17
C ALA B 302 -39.82 36.15 5.07
N ILE B 303 -39.58 35.74 3.83
CA ILE B 303 -40.17 36.38 2.67
C ILE B 303 -41.67 36.09 2.59
N ASP B 304 -42.37 36.92 1.84
CA ASP B 304 -43.79 36.78 1.65
C ASP B 304 -44.09 35.72 0.61
N TRP B 305 -45.18 35.00 0.80
CA TRP B 305 -45.55 33.90 -0.09
C TRP B 305 -46.97 34.00 -0.64
N GLN B 306 -47.92 34.43 0.17
CA GLN B 306 -49.29 34.56 -0.28
C GLN B 306 -49.46 35.80 -1.15
N GLN B 307 -48.50 36.72 -1.12
CA GLN B 307 -48.49 37.89 -2.01
C GLN B 307 -47.11 38.05 -2.62
N GLY B 308 -46.60 36.95 -3.15
CA GLY B 308 -45.23 36.93 -3.65
C GLY B 308 -45.03 36.00 -4.82
N VAL B 309 -44.60 36.57 -5.94
CA VAL B 309 -44.22 35.79 -7.12
C VAL B 309 -42.77 36.07 -7.40
N TYR B 310 -42.07 35.04 -7.89
CA TYR B 310 -40.61 35.14 -8.00
C TYR B 310 -40.29 36.08 -9.16
N LEU B 311 -39.01 36.37 -9.29
CA LEU B 311 -38.53 37.04 -10.48
C LEU B 311 -37.63 35.97 -11.19
N ALA B 312 -36.59 35.48 -10.52
CA ALA B 312 -35.56 34.68 -11.16
C ALA B 312 -34.95 33.79 -10.10
N ALA B 313 -35.17 32.49 -10.19
CA ALA B 313 -34.60 31.55 -9.27
C ALA B 313 -33.38 30.93 -9.88
N SER B 314 -32.54 30.35 -9.02
CA SER B 314 -31.32 29.67 -9.47
C SER B 314 -31.34 28.31 -8.82
N ALA B 315 -30.47 27.43 -9.28
CA ALA B 315 -30.37 26.12 -8.73
C ALA B 315 -28.99 25.55 -8.98
N LEU B 316 -28.15 25.62 -7.95
CA LEU B 316 -26.80 25.09 -8.04
C LEU B 316 -26.75 23.76 -7.31
N PHE B 317 -26.81 22.68 -8.08
CA PHE B 317 -26.85 21.34 -7.55
C PHE B 317 -25.49 20.72 -7.63
N ARG B 318 -24.88 20.45 -6.48
CA ARG B 318 -23.52 20.03 -6.42
C ARG B 318 -23.38 18.58 -6.06
N GLY B 319 -22.31 17.96 -6.49
CA GLY B 319 -22.03 16.59 -6.11
C GLY B 319 -22.49 15.58 -7.14
N ASP B 320 -23.14 14.51 -6.68
CA ASP B 320 -23.60 13.44 -7.57
C ASP B 320 -25.02 13.78 -7.99
N VAL B 321 -25.12 14.82 -8.80
CA VAL B 321 -26.37 15.26 -9.41
C VAL B 321 -26.10 15.30 -10.90
N LYS B 322 -26.78 14.39 -11.61
CA LYS B 322 -26.63 14.32 -13.06
C LYS B 322 -27.75 15.08 -13.73
N ALA B 323 -27.43 15.71 -14.86
CA ALA B 323 -28.24 16.81 -15.42
C ALA B 323 -29.50 16.32 -16.12
N LYS B 324 -29.65 15.02 -16.29
CA LYS B 324 -30.85 14.50 -16.93
C LYS B 324 -32.06 14.65 -16.01
N ASP B 325 -31.84 14.68 -14.70
CA ASP B 325 -32.93 14.65 -13.76
C ASP B 325 -33.67 15.97 -13.71
N VAL B 326 -33.00 17.08 -14.00
CA VAL B 326 -33.63 18.39 -13.88
C VAL B 326 -34.63 18.67 -15.03
N ASP B 327 -34.54 17.92 -16.12
CA ASP B 327 -35.55 17.97 -17.14
C ASP B 327 -36.87 17.40 -16.66
N GLU B 328 -36.82 16.53 -15.65
CA GLU B 328 -38.02 15.95 -15.06
C GLU B 328 -38.30 16.55 -13.70
N ASN B 329 -37.27 16.92 -12.95
CA ASN B 329 -37.48 17.45 -11.60
C ASN B 329 -37.70 18.93 -11.64
N MET B 330 -36.76 19.65 -12.25
CA MET B 330 -36.79 21.10 -12.14
C MET B 330 -37.86 21.71 -13.03
N ALA B 331 -38.19 21.05 -14.13
CA ALA B 331 -39.35 21.49 -14.91
C ALA B 331 -40.65 21.25 -14.15
N THR B 332 -40.66 20.25 -13.27
CA THR B 332 -41.81 20.04 -12.39
C THR B 332 -41.81 21.07 -11.27
N ILE B 333 -40.64 21.46 -10.78
CA ILE B 333 -40.56 22.43 -9.73
C ILE B 333 -41.02 23.78 -10.21
N ARG B 334 -40.54 24.24 -11.36
CA ARG B 334 -40.89 25.55 -11.91
C ARG B 334 -42.37 25.71 -12.29
N LYS B 335 -43.06 24.62 -12.55
CA LYS B 335 -44.52 24.67 -12.63
C LYS B 335 -45.15 24.88 -11.25
N SER B 336 -44.52 24.35 -10.21
CA SER B 336 -45.03 24.53 -8.86
C SER B 336 -44.72 25.93 -8.30
N LEU B 337 -43.70 26.58 -8.86
CA LEU B 337 -43.32 27.90 -8.41
C LEU B 337 -44.24 28.95 -8.94
N ASN B 338 -44.09 30.16 -8.44
CA ASN B 338 -44.92 31.31 -8.86
C ASN B 338 -43.97 32.38 -9.37
N TYR B 339 -43.92 32.59 -10.68
CA TYR B 339 -43.08 33.64 -11.19
C TYR B 339 -43.89 34.86 -11.55
N ALA B 340 -43.19 35.92 -11.94
CA ALA B 340 -43.88 37.10 -12.41
C ALA B 340 -44.52 36.80 -13.76
N SER B 341 -45.43 37.65 -14.20
CA SER B 341 -46.12 37.44 -15.47
C SER B 341 -45.17 37.61 -16.67
N TYR B 342 -44.12 38.42 -16.49
CA TYR B 342 -43.17 38.68 -17.54
C TYR B 342 -41.99 37.71 -17.56
N MET B 343 -42.14 36.54 -16.97
CA MET B 343 -41.16 35.46 -17.08
C MET B 343 -41.78 34.31 -17.86
N PRO B 344 -41.00 33.66 -18.73
CA PRO B 344 -41.55 32.63 -19.60
C PRO B 344 -41.99 31.34 -18.89
N ALA B 345 -42.62 30.47 -19.66
CA ALA B 345 -43.34 29.31 -19.15
C ALA B 345 -42.49 28.28 -18.44
N SER B 346 -41.47 27.78 -19.12
CA SER B 346 -40.53 26.86 -18.49
C SER B 346 -39.22 27.55 -18.12
N GLY B 347 -39.02 28.77 -18.62
CA GLY B 347 -37.84 29.53 -18.30
C GLY B 347 -37.97 30.29 -17.00
N GLY B 348 -36.94 31.07 -16.73
CA GLY B 348 -36.85 31.89 -15.56
C GLY B 348 -36.03 31.28 -14.45
N LEU B 349 -35.56 30.02 -14.59
CA LEU B 349 -34.76 29.38 -13.59
C LEU B 349 -33.46 28.95 -14.19
N LYS B 350 -32.34 29.61 -13.83
CA LYS B 350 -30.98 29.20 -14.28
C LYS B 350 -30.53 28.02 -13.44
N LEU B 351 -29.57 27.26 -13.98
CA LEU B 351 -29.08 26.09 -13.26
C LEU B 351 -27.59 26.04 -13.27
N GLY B 352 -27.04 25.14 -12.46
CA GLY B 352 -25.60 24.91 -12.47
C GLY B 352 -25.25 23.63 -11.79
N TYR B 353 -24.01 23.20 -11.88
CA TYR B 353 -23.55 21.97 -11.22
C TYR B 353 -22.12 22.15 -10.73
N ALA B 354 -21.75 21.35 -9.75
CA ALA B 354 -20.38 21.16 -9.39
C ALA B 354 -20.10 19.66 -9.40
N GLU B 355 -18.86 19.32 -9.63
CA GLU B 355 -18.43 17.95 -9.68
C GLU B 355 -17.98 17.43 -8.30
N THR B 356 -18.16 18.21 -7.25
CA THR B 356 -17.77 17.80 -5.91
C THR B 356 -18.72 18.39 -4.89
N ALA B 357 -19.31 17.52 -4.10
CA ALA B 357 -20.22 17.88 -3.03
C ALA B 357 -19.40 18.47 -1.88
N PRO B 358 -20.07 19.16 -0.95
CA PRO B 358 -19.40 19.51 0.30
C PRO B 358 -19.07 18.30 1.14
N GLU B 359 -18.01 18.36 1.94
CA GLU B 359 -17.61 17.25 2.78
C GLU B 359 -18.67 17.05 3.87
N GLY B 360 -19.12 15.80 4.00
CA GLY B 360 -20.27 15.49 4.85
C GLY B 360 -21.54 15.22 4.07
N PHE B 361 -21.61 15.75 2.84
CA PHE B 361 -22.76 15.54 1.96
C PHE B 361 -22.32 14.87 0.69
N ALA B 362 -23.28 14.27 -0.01
CA ALA B 362 -22.97 13.59 -1.29
C ALA B 362 -23.67 14.19 -2.48
N SER B 363 -24.74 14.94 -2.24
CA SER B 363 -25.39 15.69 -3.31
C SER B 363 -26.10 16.86 -2.67
N SER B 364 -25.62 18.08 -2.91
CA SER B 364 -26.22 19.25 -2.31
C SER B 364 -26.97 20.07 -3.31
N GLY B 365 -27.65 21.08 -2.83
CA GLY B 365 -28.39 22.02 -3.62
C GLY B 365 -28.47 23.41 -3.05
N LEU B 366 -28.54 24.40 -3.93
CA LEU B 366 -28.61 25.82 -3.51
C LEU B 366 -29.66 26.45 -4.38
N ALA B 367 -30.26 27.51 -3.92
CA ALA B 367 -31.24 28.21 -4.72
C ALA B 367 -31.29 29.68 -4.42
N LEU B 368 -30.54 30.46 -5.17
CA LEU B 368 -30.65 31.90 -5.08
C LEU B 368 -31.94 32.27 -5.77
N VAL B 369 -32.89 32.80 -5.03
CA VAL B 369 -34.17 33.15 -5.53
C VAL B 369 -34.38 34.65 -5.37
N ASN B 370 -34.45 35.37 -6.48
CA ASN B 370 -34.86 36.77 -6.47
C ASN B 370 -36.39 36.83 -6.57
N HIS B 371 -37.00 37.40 -5.53
CA HIS B 371 -38.43 37.23 -5.26
C HIS B 371 -38.96 38.56 -4.71
N THR B 372 -40.21 38.84 -5.03
CA THR B 372 -40.91 39.96 -4.45
C THR B 372 -41.13 39.81 -2.93
N GLY B 373 -40.99 38.61 -2.40
CA GLY B 373 -41.13 38.46 -1.00
C GLY B 373 -40.06 39.14 -0.14
N ILE B 374 -38.90 39.40 -0.72
CA ILE B 374 -37.85 40.03 0.01
C ILE B 374 -38.15 41.52 0.22
N ALA B 375 -39.13 42.03 -0.51
CA ALA B 375 -39.62 43.36 -0.18
C ALA B 375 -40.44 43.39 1.12
N ALA B 376 -40.99 42.26 1.53
CA ALA B 376 -41.66 42.19 2.82
C ALA B 376 -40.66 42.25 3.98
N VAL B 377 -39.46 41.75 3.75
CA VAL B 377 -38.33 42.04 4.63
C VAL B 377 -38.03 43.52 4.60
N PHE B 378 -38.03 44.13 3.41
CA PHE B 378 -37.83 45.58 3.28
C PHE B 378 -38.99 46.39 3.87
N GLU B 379 -40.22 45.94 3.65
CA GLU B 379 -41.38 46.63 4.17
C GLU B 379 -41.43 46.54 5.69
N ARG B 380 -40.96 45.44 6.28
CA ARG B 380 -40.84 45.35 7.74
C ARG B 380 -39.80 46.36 8.26
N LEU B 381 -38.67 46.41 7.60
CA LEU B 381 -37.61 47.27 8.02
C LEU B 381 -37.87 48.74 7.69
N ILE B 382 -38.94 49.04 6.98
CA ILE B 382 -39.36 50.42 6.77
C ILE B 382 -40.49 50.76 7.74
N ALA B 383 -41.38 49.80 7.98
CA ALA B 383 -42.46 50.00 8.94
C ALA B 383 -41.90 50.11 10.36
N GLN B 384 -40.78 49.44 10.63
CA GLN B 384 -40.05 49.71 11.87
C GLN B 384 -39.33 51.04 11.80
N PHE B 385 -38.84 51.39 10.64
CA PHE B 385 -38.17 52.67 10.48
C PHE B 385 -39.15 53.83 10.51
N ASP B 386 -40.39 53.59 10.12
CA ASP B 386 -41.38 54.65 9.99
C ASP B 386 -41.73 55.29 11.34
N ILE B 387 -41.98 54.46 12.34
CA ILE B 387 -42.31 54.96 13.65
C ILE B 387 -41.05 55.46 14.33
N MET B 388 -39.97 54.70 14.20
CA MET B 388 -38.77 54.89 14.99
C MET B 388 -37.98 56.11 14.53
N PHE B 389 -38.07 56.50 13.27
CA PHE B 389 -37.31 57.67 12.80
C PHE B 389 -38.02 59.00 13.06
N ASP B 390 -39.33 59.02 12.89
CA ASP B 390 -40.07 60.27 13.04
C ASP B 390 -40.18 60.74 14.49
N ASN B 391 -40.02 59.82 15.43
CA ASN B 391 -40.08 60.12 16.85
C ASN B 391 -38.70 60.20 17.47
N HIS B 392 -37.64 60.25 16.63
CA HIS B 392 -36.22 60.46 17.03
C HIS B 392 -35.76 59.38 17.99
N ALA B 393 -36.22 58.14 17.75
CA ALA B 393 -36.31 57.17 18.81
C ALA B 393 -35.02 56.53 19.16
N TYR B 394 -34.03 56.58 18.29
CA TYR B 394 -32.62 56.39 18.70
C TYR B 394 -31.70 57.27 17.87
N THR B 395 -32.20 58.37 17.35
CA THR B 395 -31.55 59.04 16.28
C THR B 395 -30.36 59.86 16.76
N HIS B 396 -30.38 60.30 18.01
CA HIS B 396 -29.33 61.18 18.48
C HIS B 396 -27.98 60.49 18.62
N TRP B 397 -27.95 59.17 18.67
CA TRP B 397 -26.70 58.41 18.63
C TRP B 397 -26.04 58.47 17.25
N TYR B 398 -26.82 58.73 16.22
CA TYR B 398 -26.26 59.00 14.87
C TYR B 398 -25.92 60.45 14.69
N GLU B 399 -26.77 61.33 15.22
CA GLU B 399 -26.58 62.75 15.05
C GLU B 399 -25.35 63.22 15.80
N ASN B 400 -25.14 62.71 17.02
CA ASN B 400 -23.97 63.04 17.80
C ASN B 400 -22.76 62.18 17.45
N ALA B 401 -22.79 61.48 16.33
CA ALA B 401 -21.64 60.72 15.83
C ALA B 401 -21.47 60.85 14.31
N GLY B 402 -22.02 61.90 13.72
CA GLY B 402 -21.70 62.26 12.33
C GLY B 402 -22.87 62.26 11.36
N VAL B 403 -23.86 61.38 11.59
CA VAL B 403 -24.88 61.09 10.60
C VAL B 403 -26.19 61.79 10.94
N SER B 404 -26.60 62.74 10.10
CA SER B 404 -27.80 63.53 10.36
C SER B 404 -29.06 62.82 9.89
N ARG B 405 -30.20 63.43 10.19
CA ARG B 405 -31.50 62.92 9.75
C ARG B 405 -31.72 63.09 8.26
N ASP B 406 -31.02 64.03 7.64
CA ASP B 406 -31.08 64.19 6.20
C ASP B 406 -30.43 62.99 5.51
N MET B 407 -29.31 62.54 6.08
CA MET B 407 -28.56 61.40 5.58
C MET B 407 -29.30 60.09 5.85
N MET B 408 -30.21 60.09 6.83
CA MET B 408 -30.93 58.89 7.24
C MET B 408 -32.30 58.77 6.61
N ALA B 409 -32.98 59.87 6.36
CA ALA B 409 -34.23 59.83 5.61
C ALA B 409 -33.96 59.52 4.15
N LYS B 410 -32.83 59.99 3.62
CA LYS B 410 -32.41 59.67 2.26
C LYS B 410 -32.10 58.19 2.11
N ALA B 411 -31.65 57.55 3.19
CA ALA B 411 -31.50 56.10 3.22
C ALA B 411 -32.85 55.41 3.14
N ARG B 412 -33.90 56.03 3.71
CA ARG B 412 -35.23 55.45 3.66
C ARG B 412 -35.84 55.58 2.30
N ASN B 413 -35.60 56.72 1.65
CA ASN B 413 -36.26 56.98 0.38
C ASN B 413 -35.73 56.11 -0.74
N GLN B 414 -34.59 55.46 -0.55
CA GLN B 414 -34.13 54.46 -1.50
C GLN B 414 -34.71 53.11 -1.21
N ILE B 415 -34.84 52.77 0.06
CA ILE B 415 -35.39 51.46 0.43
C ILE B 415 -36.91 51.46 0.28
N ALA B 416 -37.56 52.59 0.51
CA ALA B 416 -38.98 52.70 0.18
C ALA B 416 -39.19 52.65 -1.33
N THR B 417 -38.21 53.13 -2.10
CA THR B 417 -38.20 52.90 -3.54
C THR B 417 -37.93 51.41 -3.84
N LEU B 418 -37.01 50.82 -3.08
CA LEU B 418 -36.65 49.43 -3.30
C LEU B 418 -37.78 48.48 -2.91
N ALA B 419 -38.50 48.79 -1.85
CA ALA B 419 -39.66 48.00 -1.48
C ALA B 419 -40.79 48.17 -2.49
N GLN B 420 -40.79 49.29 -3.21
CA GLN B 420 -41.72 49.49 -4.30
C GLN B 420 -41.22 48.84 -5.58
N SER B 421 -39.91 48.74 -5.75
CA SER B 421 -39.33 48.17 -6.97
C SER B 421 -39.60 46.69 -7.12
N TYR B 422 -39.86 45.97 -6.04
CA TYR B 422 -40.38 44.60 -6.16
C TYR B 422 -41.89 44.58 -6.41
N ARG B 423 -42.62 45.53 -5.82
CA ARG B 423 -44.04 45.63 -6.11
C ARG B 423 -44.30 46.15 -7.51
N ASP B 424 -43.34 46.86 -8.09
CA ASP B 424 -43.37 47.17 -9.52
C ASP B 424 -42.93 45.99 -10.37
N ALA B 425 -42.33 44.98 -9.74
CA ALA B 425 -41.82 43.80 -10.44
C ALA B 425 -42.74 42.59 -10.26
N SER B 426 -44.04 42.81 -10.24
CA SER B 426 -45.00 41.71 -10.15
C SER B 426 -45.89 41.61 -11.38
N ASP C 1 7.14 42.17 -15.33
CA ASP C 1 8.56 41.90 -15.70
C ASP C 1 9.37 43.21 -15.65
N THR C 2 8.69 44.33 -15.93
CA THR C 2 9.21 45.74 -15.87
C THR C 2 9.92 46.12 -14.54
N ALA C 3 10.90 47.02 -14.60
CA ALA C 3 11.76 47.35 -13.41
C ALA C 3 10.95 47.91 -12.24
N LEU C 4 9.96 48.72 -12.57
CA LEU C 4 9.08 49.33 -11.60
C LEU C 4 8.19 48.30 -10.92
N GLU C 5 7.64 47.35 -11.68
CA GLU C 5 6.87 46.23 -11.11
C GLU C 5 7.68 45.37 -10.12
N ARG C 6 8.98 45.26 -10.38
CA ARG C 6 9.94 44.52 -9.52
C ARG C 6 10.17 45.27 -8.22
N GLN C 7 10.42 46.57 -8.33
CA GLN C 7 10.54 47.46 -7.16
C GLN C 7 9.26 47.43 -6.29
N ILE C 8 8.10 47.33 -6.90
CA ILE C 8 6.84 47.30 -6.20
C ILE C 8 6.69 45.99 -5.45
N ALA C 9 7.06 44.86 -6.08
CA ALA C 9 6.90 43.52 -5.47
C ALA C 9 7.75 43.45 -4.19
N SER C 10 8.97 43.95 -4.31
CA SER C 10 9.94 43.97 -3.24
C SER C 10 9.46 44.85 -2.08
N ALA C 11 9.02 46.08 -2.43
CA ALA C 11 8.51 47.06 -1.47
C ALA C 11 7.23 46.58 -0.81
N SER C 12 6.35 45.91 -1.56
CA SER C 12 5.14 45.30 -0.98
C SER C 12 5.47 44.22 0.02
N ARG C 13 6.39 43.30 -0.30
CA ARG C 13 6.77 42.22 0.63
C ARG C 13 7.29 42.83 1.89
N SER C 14 8.19 43.79 1.74
CA SER C 14 8.81 44.46 2.85
C SER C 14 7.76 45.16 3.75
N VAL C 15 6.71 45.73 3.12
CA VAL C 15 5.60 46.37 3.87
C VAL C 15 4.79 45.31 4.60
N GLU C 16 4.40 44.26 3.90
CA GLU C 16 3.66 43.10 4.46
C GLU C 16 4.39 42.48 5.63
N GLU C 17 5.70 42.36 5.53
CA GLU C 17 6.54 41.94 6.66
C GLU C 17 6.42 42.87 7.82
N ALA C 18 6.62 44.17 7.61
CA ALA C 18 6.42 45.15 8.70
C ALA C 18 4.98 45.19 9.28
N ARG C 19 3.97 44.92 8.45
CA ARG C 19 2.57 44.82 8.91
C ARG C 19 2.43 43.66 9.89
N ARG C 20 2.90 42.46 9.51
CA ARG C 20 2.86 41.22 10.32
C ARG C 20 3.62 41.40 11.59
N LEU C 21 4.82 41.93 11.49
CA LEU C 21 5.60 42.31 12.68
C LEU C 21 4.79 43.17 13.65
N ALA C 22 4.00 44.12 13.15
CA ALA C 22 3.25 45.04 13.99
C ALA C 22 1.94 44.37 14.45
N TYR C 23 1.52 43.31 13.78
CA TYR C 23 0.47 42.41 14.29
C TYR C 23 0.97 41.66 15.54
N HIS C 24 2.13 40.99 15.43
CA HIS C 24 2.75 40.28 16.57
C HIS C 24 3.19 41.25 17.71
N ASP C 25 3.67 42.41 17.34
CA ASP C 25 4.12 43.39 18.31
C ASP C 25 3.60 44.81 17.94
N PRO C 26 2.39 45.19 18.48
CA PRO C 26 1.75 46.47 18.02
C PRO C 26 2.58 47.75 18.20
N ILE C 27 3.60 47.73 19.06
CA ILE C 27 4.47 48.88 19.27
C ILE C 27 5.39 49.32 18.07
N ARG C 28 5.67 48.41 17.11
CA ARG C 28 6.75 48.64 16.06
C ARG C 28 6.34 49.55 14.85
N VAL C 29 5.63 50.62 15.17
CA VAL C 29 4.88 51.41 14.18
C VAL C 29 5.84 52.22 13.31
N GLY C 30 6.88 52.76 13.95
CA GLY C 30 7.89 53.55 13.25
C GLY C 30 8.46 52.80 12.03
N ALA C 31 8.79 51.52 12.18
CA ALA C 31 9.38 50.75 11.08
C ALA C 31 8.36 50.52 9.94
N LEU C 32 7.08 50.36 10.31
CA LEU C 32 6.04 50.20 9.31
C LEU C 32 5.97 51.45 8.42
N VAL C 33 6.08 52.62 9.05
CA VAL C 33 6.04 53.92 8.37
C VAL C 33 7.17 53.99 7.33
N GLU C 34 8.38 53.64 7.75
CA GLU C 34 9.52 53.64 6.84
C GLU C 34 9.35 52.79 5.61
N GLN C 35 8.87 51.57 5.81
CA GLN C 35 8.62 50.65 4.72
C GLN C 35 7.51 51.19 3.82
N ILE C 36 6.48 51.74 4.45
CA ILE C 36 5.37 52.35 3.72
C ILE C 36 5.88 53.52 2.84
N SER C 37 6.79 54.36 3.36
CA SER C 37 7.24 55.50 2.58
C SER C 37 7.84 55.09 1.23
N VAL C 38 8.54 53.94 1.21
CA VAL C 38 9.18 53.46 0.00
C VAL C 38 8.13 52.96 -1.00
N LEU C 39 7.17 52.17 -0.53
CA LEU C 39 6.12 51.66 -1.37
C LEU C 39 5.23 52.85 -1.87
N ALA C 40 4.90 53.79 -0.99
CA ALA C 40 4.06 54.95 -1.33
C ALA C 40 4.75 55.76 -2.42
N ASP C 41 6.06 56.00 -2.27
CA ASP C 41 6.86 56.59 -3.37
C ASP C 41 6.66 55.92 -4.73
N LEU C 42 6.60 54.60 -4.74
CA LEU C 42 6.54 53.87 -5.98
C LEU C 42 5.16 54.00 -6.57
N ARG C 43 4.14 54.00 -5.70
CA ARG C 43 2.77 54.13 -6.13
C ARG C 43 2.55 55.52 -6.72
N GLN C 44 3.22 56.53 -6.16
CA GLN C 44 3.17 57.87 -6.73
C GLN C 44 3.80 57.92 -8.10
N LYS C 45 4.94 57.24 -8.25
CA LYS C 45 5.66 57.24 -9.51
C LYS C 45 4.76 56.63 -10.58
N GLU C 46 4.00 55.59 -10.25
CA GLU C 46 3.07 55.03 -11.24
C GLU C 46 1.71 55.77 -11.32
N GLY C 47 1.58 56.84 -10.54
CA GLY C 47 0.35 57.60 -10.52
C GLY C 47 -0.80 57.08 -9.69
N ASP C 48 -0.67 55.91 -9.04
CA ASP C 48 -1.69 55.47 -8.08
C ASP C 48 -1.65 56.23 -6.72
N PHE C 49 -2.09 57.50 -6.71
CA PHE C 49 -2.05 58.33 -5.52
C PHE C 49 -3.00 57.89 -4.41
N ARG C 50 -4.18 57.34 -4.76
CA ARG C 50 -5.11 56.81 -3.77
C ARG C 50 -4.51 55.61 -3.03
N LYS C 51 -3.68 54.80 -3.68
CA LYS C 51 -3.02 53.71 -2.98
C LYS C 51 -2.01 54.24 -2.03
N ALA C 52 -1.23 55.22 -2.46
CA ALA C 52 -0.26 55.84 -1.60
C ALA C 52 -0.94 56.47 -0.38
N GLU C 53 -2.07 57.15 -0.59
CA GLU C 53 -2.81 57.77 0.48
C GLU C 53 -3.31 56.72 1.48
N SER C 54 -3.80 55.61 0.97
CA SER C 54 -4.28 54.54 1.84
C SER C 54 -3.18 54.00 2.75
N LEU C 55 -1.96 53.85 2.22
CA LEU C 55 -0.83 53.37 2.99
C LEU C 55 -0.53 54.29 4.15
N TYR C 56 -0.54 55.60 3.88
CA TYR C 56 -0.22 56.55 4.93
C TYR C 56 -1.31 56.69 5.94
N ARG C 57 -2.53 56.51 5.51
CA ARG C 57 -3.66 56.51 6.44
C ARG C 57 -3.57 55.30 7.35
N GLU C 58 -3.13 54.17 6.80
CA GLU C 58 -2.96 52.98 7.60
C GLU C 58 -1.89 53.21 8.67
N ALA C 59 -0.75 53.76 8.24
CA ALA C 59 0.31 54.13 9.18
C ALA C 59 -0.22 55.04 10.30
N LEU C 60 -1.05 55.99 9.89
CA LEU C 60 -1.61 56.96 10.81
C LEU C 60 -2.52 56.27 11.82
N PHE C 61 -3.40 55.36 11.37
CA PHE C 61 -4.31 54.66 12.27
C PHE C 61 -3.53 53.83 13.30
N ARG C 62 -2.48 53.11 12.85
CA ARG C 62 -1.63 52.42 13.80
C ARG C 62 -0.99 53.35 14.85
N ALA C 63 -0.53 54.50 14.41
CA ALA C 63 0.06 55.47 15.33
C ALA C 63 -0.98 56.00 16.32
N GLN C 64 -2.18 56.23 15.82
CA GLN C 64 -3.25 56.68 16.65
C GLN C 64 -3.68 55.67 17.72
N GLU C 65 -3.52 54.39 17.46
CA GLU C 65 -3.92 53.35 18.39
C GLU C 65 -2.86 53.05 19.48
N LEU C 66 -1.66 53.60 19.38
CA LEU C 66 -0.67 53.41 20.46
C LEU C 66 -1.21 53.79 21.83
N ARG C 67 -0.96 52.96 22.85
CA ARG C 67 -1.37 53.32 24.21
C ARG C 67 -0.60 54.48 24.77
N LYS C 68 0.69 54.58 24.44
CA LYS C 68 1.43 55.81 24.69
C LYS C 68 1.49 56.61 23.38
N GLN C 69 0.78 57.75 23.37
CA GLN C 69 0.73 58.61 22.20
C GLN C 69 2.09 59.12 21.82
N ASP C 70 2.46 58.98 20.53
CA ASP C 70 3.74 59.47 20.03
C ASP C 70 3.50 60.65 19.07
N PRO C 71 3.43 61.86 19.61
CA PRO C 71 3.15 62.99 18.75
C PRO C 71 4.20 63.21 17.63
N ASP C 72 5.46 62.95 17.92
CA ASP C 72 6.49 63.10 16.92
C ASP C 72 6.23 62.19 15.69
N LEU C 73 5.76 60.98 15.95
CA LEU C 73 5.47 60.04 14.89
C LEU C 73 4.28 60.55 14.03
N LEU C 74 3.24 61.08 14.70
CA LEU C 74 2.06 61.58 14.05
C LEU C 74 2.40 62.79 13.19
N THR C 75 3.18 63.71 13.74
CA THR C 75 3.72 64.86 13.02
C THR C 75 4.36 64.41 11.69
N GLY C 76 5.22 63.39 11.76
CA GLY C 76 5.92 62.90 10.58
C GLY C 76 4.98 62.26 9.57
N ILE C 77 4.00 61.49 10.08
CA ILE C 77 3.05 60.84 9.21
C ILE C 77 2.19 61.89 8.45
N TYR C 78 1.69 62.88 9.17
CA TYR C 78 0.94 63.97 8.56
C TYR C 78 1.78 64.69 7.51
N SER C 79 3.08 64.84 7.75
CA SER C 79 3.93 65.53 6.79
C SER C 79 4.14 64.67 5.56
N LEU C 80 4.17 63.34 5.71
CA LEU C 80 4.24 62.48 4.54
C LEU C 80 2.95 62.58 3.68
N LEU C 81 1.80 62.71 4.32
CA LEU C 81 0.53 62.86 3.60
C LEU C 81 0.53 64.23 2.91
N ALA C 82 1.02 65.24 3.61
CA ALA C 82 1.10 66.59 3.07
C ALA C 82 1.94 66.57 1.78
N HIS C 83 3.11 65.95 1.84
CA HIS C 83 3.99 65.86 0.68
C HIS C 83 3.34 65.06 -0.46
N LEU C 84 2.63 64.00 -0.09
CA LEU C 84 1.86 63.23 -1.07
C LEU C 84 0.85 64.16 -1.80
N TYR C 85 0.04 64.91 -1.04
CA TYR C 85 -0.88 65.87 -1.61
C TYR C 85 -0.20 66.93 -2.50
N ASP C 86 0.96 67.39 -2.06
CA ASP C 86 1.73 68.31 -2.86
C ASP C 86 2.12 67.70 -4.22
N ARG C 87 2.69 66.50 -4.23
CA ARG C 87 3.07 65.89 -5.51
C ARG C 87 1.85 65.55 -6.36
N TRP C 88 0.72 65.31 -5.72
CA TRP C 88 -0.51 64.97 -6.40
C TRP C 88 -1.06 66.24 -7.07
N GLY C 89 -0.70 67.44 -6.61
CA GLY C 89 -1.20 68.70 -7.20
C GLY C 89 -2.40 69.21 -6.42
N ARG C 90 -2.61 68.68 -5.20
CA ARG C 90 -3.69 69.11 -4.32
C ARG C 90 -3.13 70.10 -3.30
N MET C 91 -2.84 71.29 -3.78
CA MET C 91 -2.05 72.28 -3.04
C MET C 91 -2.70 72.72 -1.76
N ASP C 92 -4.03 72.84 -1.75
CA ASP C 92 -4.67 73.27 -0.48
C ASP C 92 -4.56 72.22 0.60
N LYS C 93 -4.63 70.96 0.19
CA LYS C 93 -4.67 69.86 1.10
C LYS C 93 -3.26 69.67 1.69
N ALA C 94 -2.24 69.88 0.87
CA ALA C 94 -0.86 69.81 1.33
C ALA C 94 -0.63 70.82 2.44
N ALA C 95 -1.13 72.05 2.27
CA ALA C 95 -0.99 73.09 3.30
C ALA C 95 -1.76 72.69 4.55
N GLU C 96 -2.92 72.08 4.36
CA GLU C 96 -3.77 71.71 5.49
C GLU C 96 -3.11 70.62 6.36
N PHE C 97 -2.41 69.71 5.70
CA PHE C 97 -1.83 68.56 6.37
C PHE C 97 -0.50 68.89 7.06
N TYR C 98 0.31 69.78 6.45
CA TYR C 98 1.46 70.35 7.12
C TYR C 98 0.99 71.13 8.35
N GLU C 99 -0.11 71.85 8.25
CA GLU C 99 -0.61 72.63 9.36
C GLU C 99 -1.08 71.73 10.52
N LEU C 100 -1.69 70.59 10.17
CA LEU C 100 -2.05 69.60 11.15
C LEU C 100 -0.83 69.06 11.84
N ALA C 101 0.23 68.74 11.09
CA ALA C 101 1.48 68.28 11.67
C ALA C 101 2.00 69.28 12.66
N LEU C 102 1.98 70.58 12.31
CA LEU C 102 2.53 71.59 13.16
C LEU C 102 1.72 71.76 14.41
N LYS C 103 0.40 71.58 14.31
CA LYS C 103 -0.46 71.76 15.44
C LYS C 103 -0.22 70.64 16.49
N ILE C 104 0.01 69.41 16.05
CA ILE C 104 0.32 68.32 16.95
C ILE C 104 1.63 68.58 17.71
N SER C 105 2.67 68.93 16.97
CA SER C 105 3.90 69.34 17.61
C SER C 105 3.80 70.55 18.56
N ALA C 106 3.05 71.58 18.20
CA ALA C 106 2.90 72.76 19.05
C ALA C 106 2.20 72.38 20.36
N GLU C 107 1.25 71.47 20.32
CA GLU C 107 0.54 71.06 21.54
C GLU C 107 1.34 70.16 22.47
N ASN C 108 2.36 69.50 21.96
CA ASN C 108 3.21 68.65 22.78
C ASN C 108 4.54 69.40 22.92
N GLY C 109 5.68 68.74 23.04
CA GLY C 109 6.89 69.56 23.24
C GLY C 109 7.57 70.16 22.00
N LEU C 110 7.10 69.86 20.79
CA LEU C 110 8.06 69.62 19.73
C LEU C 110 8.31 70.76 18.77
N GLU C 111 7.81 71.93 19.15
CA GLU C 111 8.16 73.24 18.61
C GLU C 111 9.54 73.34 17.94
N GLU C 112 10.59 72.94 18.64
CA GLU C 112 11.95 73.15 18.11
C GLU C 112 12.59 71.84 17.65
N SER C 113 11.87 71.10 16.83
CA SER C 113 12.40 69.82 16.35
C SER C 113 12.87 69.85 14.90
N ASP C 114 13.57 68.81 14.51
CA ASP C 114 14.03 68.59 13.17
C ASP C 114 12.85 68.57 12.16
N LYS C 115 11.90 67.67 12.41
CA LYS C 115 10.66 67.57 11.65
C LYS C 115 9.94 68.90 11.52
N VAL C 116 9.80 69.61 12.62
CA VAL C 116 9.02 70.84 12.60
C VAL C 116 9.63 71.93 11.73
N ALA C 117 10.95 72.07 11.78
CA ALA C 117 11.63 73.05 10.96
C ALA C 117 11.45 72.68 9.48
N THR C 118 11.54 71.36 9.19
CA THR C 118 11.34 70.86 7.82
C THR C 118 9.92 71.17 7.32
N ILE C 119 8.93 70.86 8.16
CA ILE C 119 7.57 71.12 7.84
C ILE C 119 7.35 72.62 7.55
N LYS C 120 7.90 73.48 8.37
CA LYS C 120 7.68 74.92 8.20
C LYS C 120 8.27 75.43 6.90
N ASN C 121 9.45 74.89 6.54
CA ASN C 121 10.04 75.17 5.25
C ASN C 121 9.09 74.73 4.14
N ASN C 122 8.70 73.45 4.14
CA ASN C 122 7.84 72.92 3.08
C ASN C 122 6.49 73.66 3.01
N LEU C 123 5.92 73.98 4.17
CA LEU C 123 4.70 74.75 4.22
C LEU C 123 4.87 76.14 3.65
N ALA C 124 5.98 76.80 4.01
CA ALA C 124 6.27 78.12 3.45
C ALA C 124 6.27 78.08 1.91
N MET C 125 6.81 77.00 1.35
CA MET C 125 6.88 76.88 -0.08
C MET C 125 5.46 76.76 -0.72
N ILE C 126 4.55 76.07 -0.03
CA ILE C 126 3.19 75.95 -0.50
C ILE C 126 2.52 77.34 -0.44
N PHE C 127 2.72 78.07 0.66
CA PHE C 127 2.23 79.41 0.75
C PHE C 127 2.74 80.35 -0.36
N LYS C 128 4.02 80.21 -0.74
CA LYS C 128 4.50 80.90 -1.91
C LYS C 128 3.62 80.58 -3.13
N GLN C 129 3.32 79.32 -3.38
CA GLN C 129 2.49 78.92 -4.50
C GLN C 129 1.07 79.45 -4.37
N LEU C 130 0.56 79.50 -3.13
CA LEU C 130 -0.75 80.12 -2.84
C LEU C 130 -0.73 81.62 -2.94
N ARG C 131 0.43 82.19 -3.26
CA ARG C 131 0.63 83.63 -3.34
C ARG C 131 0.28 84.30 -2.02
N LYS C 132 0.71 83.73 -0.91
CA LYS C 132 0.62 84.38 0.39
C LYS C 132 1.99 84.64 0.94
N PHE C 133 2.57 85.74 0.50
CA PHE C 133 4.00 86.02 0.72
C PHE C 133 4.36 86.15 2.20
N GLU C 134 3.55 86.90 2.95
CA GLU C 134 3.81 87.20 4.36
C GLU C 134 3.81 85.91 5.17
N ARG C 135 2.83 85.04 4.92
CA ARG C 135 2.79 83.74 5.61
C ARG C 135 3.98 82.88 5.25
N ALA C 136 4.37 82.90 3.97
CA ALA C 136 5.59 82.17 3.51
C ALA C 136 6.84 82.69 4.20
N GLU C 137 7.02 84.00 4.19
CA GLU C 137 8.18 84.57 4.88
C GLU C 137 8.27 84.17 6.36
N GLY C 138 7.15 84.30 7.10
CA GLY C 138 7.06 83.91 8.48
C GLY C 138 7.54 82.49 8.71
N TYR C 139 6.99 81.53 8.01
CA TYR C 139 7.39 80.15 8.21
C TYR C 139 8.81 79.89 7.81
N TYR C 140 9.28 80.52 6.71
CA TYR C 140 10.68 80.30 6.33
C TYR C 140 11.61 80.78 7.45
N CYS C 141 11.33 81.95 8.04
CA CYS C 141 12.15 82.52 9.11
C CYS C 141 12.17 81.62 10.31
N GLU C 142 11.01 81.08 10.68
CA GLU C 142 10.97 80.10 11.75
C GLU C 142 11.77 78.86 11.46
N ALA C 143 11.66 78.32 10.25
CA ALA C 143 12.46 77.14 9.87
C ALA C 143 13.95 77.47 9.96
N LEU C 144 14.31 78.65 9.45
CA LEU C 144 15.68 79.17 9.50
C LEU C 144 16.28 79.26 10.93
N GLU C 145 15.63 79.98 11.84
CA GLU C 145 16.02 80.01 13.27
C GLU C 145 16.13 78.61 13.87
N THR C 146 15.16 77.74 13.65
CA THR C 146 15.24 76.41 14.25
C THR C 146 16.43 75.62 13.74
N PHE C 147 16.67 75.65 12.44
CA PHE C 147 17.84 74.96 11.90
C PHE C 147 19.16 75.60 12.39
N GLN C 148 19.16 76.92 12.55
CA GLN C 148 20.30 77.59 13.13
C GLN C 148 20.60 77.06 14.54
N ARG C 149 19.59 76.96 15.39
CA ARG C 149 19.76 76.43 16.73
C ARG C 149 20.05 74.94 16.78
N LEU C 150 19.63 74.18 15.78
CA LEU C 150 19.80 72.72 15.82
C LEU C 150 21.09 72.30 15.21
N ASP C 151 21.40 72.82 14.02
CA ASP C 151 22.63 72.53 13.28
C ASP C 151 23.45 73.79 13.48
N GLY C 152 24.71 73.84 13.07
CA GLY C 152 25.41 75.14 13.13
C GLY C 152 24.78 76.11 12.12
N GLU C 153 25.19 77.38 12.13
CA GLU C 153 24.99 78.20 10.92
C GLU C 153 25.62 77.53 9.70
N GLN C 154 26.71 76.79 9.91
CA GLN C 154 27.36 76.14 8.82
C GLN C 154 26.74 74.78 8.59
N SER C 155 25.57 74.73 7.94
CA SER C 155 24.93 73.44 7.60
C SER C 155 24.12 73.52 6.33
N ALA C 156 23.93 72.36 5.70
CA ALA C 156 23.20 72.25 4.46
C ALA C 156 21.74 72.76 4.60
N ARG C 157 21.10 72.40 5.71
CA ARG C 157 19.72 72.76 5.97
C ARG C 157 19.50 74.26 6.16
N VAL C 158 20.45 74.91 6.85
CA VAL C 158 20.41 76.36 6.95
C VAL C 158 20.56 77.02 5.58
N ALA C 159 21.50 76.52 4.78
CA ALA C 159 21.72 77.12 3.47
C ALA C 159 20.48 76.90 2.57
N SER C 160 19.86 75.73 2.69
CA SER C 160 18.63 75.47 1.93
C SER C 160 17.48 76.47 2.26
N VAL C 161 17.30 76.78 3.54
CA VAL C 161 16.27 77.73 3.88
C VAL C 161 16.65 79.13 3.40
N TYR C 162 17.93 79.48 3.52
CA TYR C 162 18.41 80.73 2.94
C TYR C 162 18.09 80.82 1.45
N ASN C 163 18.46 79.79 0.70
CA ASN C 163 18.10 79.68 -0.69
C ASN C 163 16.58 79.90 -0.96
N ASN C 164 15.74 79.18 -0.21
CA ASN C 164 14.28 79.24 -0.37
C ASN C 164 13.74 80.62 -0.08
N LEU C 165 14.25 81.26 0.97
CA LEU C 165 13.91 82.67 1.20
C LEU C 165 14.36 83.58 0.07
N GLY C 166 15.55 83.29 -0.48
CA GLY C 166 16.11 84.05 -1.56
C GLY C 166 15.14 84.05 -2.73
N VAL C 167 14.68 82.86 -3.12
CA VAL C 167 13.77 82.73 -4.25
C VAL C 167 12.43 83.41 -3.94
N LEU C 168 12.01 83.37 -2.67
CA LEU C 168 10.78 84.01 -2.29
C LEU C 168 10.90 85.51 -2.47
N TYR C 169 11.98 86.10 -1.94
CA TYR C 169 12.18 87.54 -2.05
C TYR C 169 12.36 87.92 -3.48
N TYR C 170 13.13 87.13 -4.23
CA TYR C 170 13.33 87.41 -5.65
C TYR C 170 12.00 87.42 -6.42
N SER C 171 11.15 86.43 -6.19
CA SER C 171 9.87 86.34 -6.87
C SER C 171 8.93 87.50 -6.53
N HIS C 172 9.01 88.09 -5.33
CA HIS C 172 8.24 89.31 -5.02
C HIS C 172 9.00 90.58 -5.30
N MET C 173 10.03 90.46 -6.13
CA MET C 173 10.95 91.54 -6.49
C MET C 173 11.56 92.41 -5.32
N ASP C 174 11.69 91.82 -4.13
CA ASP C 174 12.59 92.37 -3.11
C ASP C 174 14.02 91.91 -3.39
N VAL C 175 14.68 92.61 -4.31
CA VAL C 175 15.99 92.23 -4.82
C VAL C 175 17.08 92.31 -3.74
N ASP C 176 17.04 93.36 -2.93
CA ASP C 176 18.03 93.48 -1.86
C ASP C 176 18.07 92.32 -0.91
N ARG C 177 16.90 91.92 -0.41
CA ARG C 177 16.86 90.83 0.56
C ARG C 177 17.15 89.51 -0.10
N ALA C 178 16.75 89.36 -1.37
CA ALA C 178 17.10 88.16 -2.17
C ALA C 178 18.60 87.98 -2.22
N GLN C 179 19.29 89.07 -2.49
CA GLN C 179 20.73 89.05 -2.52
C GLN C 179 21.38 88.57 -1.21
N VAL C 180 20.94 89.18 -0.09
CA VAL C 180 21.49 88.81 1.22
C VAL C 180 21.35 87.29 1.46
N MET C 181 20.12 86.82 1.28
CA MET C 181 19.78 85.41 1.42
C MET C 181 20.64 84.51 0.57
N HIS C 182 20.75 84.80 -0.73
CA HIS C 182 21.55 83.91 -1.60
C HIS C 182 23.05 83.94 -1.33
N GLU C 183 23.55 85.10 -0.86
CA GLU C 183 24.96 85.21 -0.49
C GLU C 183 25.23 84.43 0.76
N ARG C 184 24.40 84.61 1.79
CA ARG C 184 24.49 83.74 3.00
C ARG C 184 24.45 82.25 2.66
N ALA C 185 23.62 81.87 1.68
CA ALA C 185 23.54 80.50 1.19
C ALA C 185 24.85 80.11 0.53
N LEU C 186 25.36 80.99 -0.35
CA LEU C 186 26.67 80.78 -1.01
C LEU C 186 27.83 80.58 -0.03
N ALA C 187 27.98 81.53 0.89
CA ALA C 187 28.96 81.45 1.99
C ALA C 187 28.99 80.07 2.66
N ILE C 188 27.81 79.57 3.06
CA ILE C 188 27.72 78.27 3.72
C ILE C 188 28.07 77.15 2.74
N ARG C 189 27.50 77.21 1.54
CA ARG C 189 27.60 76.08 0.64
C ARG C 189 29.01 75.78 0.10
N GLN C 190 29.82 76.84 0.01
CA GLN C 190 31.24 76.72 -0.33
C GLN C 190 32.04 75.92 0.68
N ASN C 191 31.75 76.11 1.96
CA ASN C 191 32.49 75.50 3.08
C ASN C 191 32.12 74.04 3.41
N LEU C 192 31.37 73.38 2.53
CA LEU C 192 30.78 72.09 2.80
C LEU C 192 30.88 71.23 1.54
N HIS C 193 31.96 70.44 1.44
CA HIS C 193 32.37 69.80 0.17
C HIS C 193 31.88 68.33 -0.04
N GLU C 194 32.10 67.47 0.95
CA GLU C 194 31.72 66.07 0.91
C GLU C 194 30.23 65.78 0.64
N GLY C 195 29.93 64.48 0.63
CA GLY C 195 28.57 63.92 0.59
C GLY C 195 27.52 64.49 1.54
N GLN C 196 27.90 65.46 2.38
CA GLN C 196 26.95 66.26 3.16
C GLN C 196 26.25 67.38 2.33
N MET C 197 26.71 67.55 1.09
CA MET C 197 26.07 68.40 0.10
C MET C 197 26.58 68.06 -1.30
N ASP C 198 25.63 67.83 -2.21
CA ASP C 198 25.99 67.59 -3.61
C ASP C 198 26.33 68.95 -4.28
N PRO C 199 27.18 68.91 -5.33
CA PRO C 199 27.53 70.17 -5.97
C PRO C 199 26.40 70.84 -6.80
N ALA C 200 25.41 70.08 -7.25
CA ALA C 200 24.27 70.68 -7.99
C ALA C 200 23.52 71.78 -7.20
N ASP C 201 23.45 71.67 -5.86
CA ASP C 201 22.90 72.76 -5.02
C ASP C 201 23.73 74.03 -5.08
N LEU C 202 25.05 73.85 -5.16
CA LEU C 202 25.95 74.99 -5.27
C LEU C 202 25.74 75.75 -6.60
N SER C 203 25.50 74.99 -7.67
CA SER C 203 25.21 75.56 -8.98
C SER C 203 23.89 76.33 -8.98
N GLN C 204 22.88 75.83 -8.26
CA GLN C 204 21.59 76.53 -8.14
C GLN C 204 21.79 77.88 -7.47
N THR C 205 22.65 77.93 -6.45
CA THR C 205 22.90 79.18 -5.77
C THR C 205 23.50 80.23 -6.73
N PHE C 206 24.46 79.81 -7.56
CA PHE C 206 25.04 80.73 -8.55
C PHE C 206 24.02 81.17 -9.58
N ILE C 207 23.29 80.19 -10.12
CA ILE C 207 22.14 80.46 -10.98
C ILE C 207 21.21 81.52 -10.35
N ASN C 208 20.84 81.33 -9.07
CA ASN C 208 19.92 82.25 -8.40
C ASN C 208 20.55 83.62 -8.14
N LEU C 209 21.81 83.62 -7.70
CA LEU C 209 22.60 84.85 -7.59
C LEU C 209 22.67 85.60 -8.93
N GLY C 210 22.85 84.85 -10.02
CA GLY C 210 22.86 85.41 -11.35
C GLY C 210 21.61 86.21 -11.64
N ALA C 211 20.44 85.60 -11.44
CA ALA C 211 19.17 86.33 -11.67
C ALA C 211 19.00 87.53 -10.73
N VAL C 212 19.56 87.44 -9.52
CA VAL C 212 19.44 88.52 -8.54
C VAL C 212 20.34 89.69 -8.94
N TYR C 213 21.61 89.37 -9.22
CA TYR C 213 22.53 90.41 -9.68
C TYR C 213 22.03 91.10 -10.97
N LYS C 214 21.48 90.32 -11.89
CA LYS C 214 20.95 90.86 -13.14
C LYS C 214 19.79 91.82 -12.85
N ALA C 215 18.88 91.42 -11.97
CA ALA C 215 17.79 92.29 -11.47
C ALA C 215 18.32 93.53 -10.74
N ALA C 216 19.47 93.42 -10.09
CA ALA C 216 20.09 94.55 -9.42
C ALA C 216 20.83 95.53 -10.37
N GLY C 217 20.91 95.20 -11.67
CA GLY C 217 21.73 95.97 -12.63
C GLY C 217 23.25 95.76 -12.55
N ASP C 218 23.70 94.66 -11.96
CA ASP C 218 25.11 94.30 -11.94
C ASP C 218 25.36 93.08 -12.86
N PHE C 219 25.35 93.37 -14.16
CA PHE C 219 25.32 92.35 -15.21
C PHE C 219 26.62 91.58 -15.31
N GLN C 220 27.68 92.24 -14.83
CA GLN C 220 29.05 91.72 -14.69
C GLN C 220 29.03 90.52 -13.72
N LYS C 221 28.56 90.76 -12.48
CA LYS C 221 28.60 89.77 -11.41
C LYS C 221 27.60 88.70 -11.74
N ALA C 222 26.53 89.12 -12.42
CA ALA C 222 25.53 88.18 -12.96
C ALA C 222 26.15 87.14 -13.87
N GLU C 223 26.84 87.59 -14.92
CA GLU C 223 27.50 86.63 -15.84
C GLU C 223 28.56 85.79 -15.16
N ALA C 224 29.35 86.39 -14.23
CA ALA C 224 30.34 85.65 -13.45
C ALA C 224 29.70 84.46 -12.70
N CYS C 225 28.51 84.69 -12.15
CA CYS C 225 27.74 83.63 -11.44
C CYS C 225 27.25 82.57 -12.40
N VAL C 226 26.58 82.99 -13.46
CA VAL C 226 26.08 82.09 -14.51
C VAL C 226 27.23 81.25 -15.12
N ASP C 227 28.41 81.85 -15.26
CA ASP C 227 29.61 81.14 -15.65
C ASP C 227 30.00 80.06 -14.65
N ARG C 228 30.11 80.43 -13.36
CA ARG C 228 30.55 79.44 -12.37
C ARG C 228 29.59 78.29 -12.19
N ALA C 229 28.30 78.51 -12.50
CA ALA C 229 27.29 77.45 -12.45
C ALA C 229 27.49 76.50 -13.60
N LYS C 230 27.81 77.06 -14.77
CA LYS C 230 28.08 76.28 -15.97
C LYS C 230 29.32 75.42 -15.78
N ARG C 231 30.38 76.00 -15.20
CA ARG C 231 31.62 75.27 -14.85
C ARG C 231 31.34 74.07 -13.94
N ILE C 232 30.47 74.27 -12.94
CA ILE C 232 30.10 73.22 -11.99
C ILE C 232 29.32 72.08 -12.66
N ARG C 233 28.25 72.43 -13.36
CA ARG C 233 27.41 71.46 -14.10
C ARG C 233 28.20 70.68 -15.14
N ALA C 234 29.18 71.34 -15.77
CA ALA C 234 30.13 70.68 -16.66
C ALA C 234 31.07 69.74 -15.91
N ALA C 235 31.64 70.20 -14.78
CA ALA C 235 32.62 69.43 -13.99
C ALA C 235 32.09 68.17 -13.29
N MET C 236 30.77 67.97 -13.32
CA MET C 236 30.18 66.75 -12.74
C MET C 236 29.91 65.65 -13.77
N ASN C 237 30.32 65.90 -15.01
CA ASN C 237 30.59 64.80 -15.95
C ASN C 237 31.95 64.06 -15.83
N GLY C 238 33.00 64.73 -15.36
CA GLY C 238 34.30 64.11 -15.16
C GLY C 238 35.03 63.86 -16.46
N VAL D 1 31.52 24.00 47.53
CA VAL D 1 31.42 25.44 47.22
C VAL D 1 32.37 26.23 48.09
N ASN D 2 32.69 27.46 47.71
CA ASN D 2 33.57 28.32 48.47
C ASN D 2 33.03 28.60 49.84
N ASN D 3 33.59 27.95 50.86
CA ASN D 3 33.15 28.17 52.20
C ASN D 3 33.61 29.52 52.69
N THR D 4 32.93 30.09 53.67
CA THR D 4 33.29 31.38 54.21
C THR D 4 32.88 31.54 55.65
N ILE D 5 33.86 31.87 56.47
CA ILE D 5 33.74 31.96 57.89
C ILE D 5 33.37 33.37 58.27
N VAL D 6 32.41 33.49 59.19
CA VAL D 6 32.04 34.77 59.72
C VAL D 6 32.41 34.84 61.15
N VAL D 7 33.60 35.41 61.41
CA VAL D 7 34.07 35.62 62.77
C VAL D 7 33.45 36.90 63.33
N SER D 8 33.03 36.87 64.59
CA SER D 8 32.21 37.92 65.17
C SER D 8 32.81 38.46 66.42
N ILE D 9 33.52 39.54 66.31
CA ILE D 9 34.33 40.02 67.41
C ILE D 9 33.70 41.26 68.03
N GLY D 10 33.75 41.34 69.33
CA GLY D 10 33.24 42.49 69.98
C GLY D 10 31.76 42.43 70.18
N GLN D 11 31.21 43.37 70.96
CA GLN D 11 29.77 43.43 71.12
C GLN D 11 29.13 43.88 69.82
N ALA D 12 29.75 44.88 69.15
CA ALA D 12 29.13 45.41 67.91
C ALA D 12 29.18 44.43 66.76
N GLY D 13 30.16 43.58 66.75
CA GLY D 13 30.20 42.59 65.70
C GLY D 13 29.30 41.40 65.99
N ASN D 14 29.15 41.05 67.27
CA ASN D 14 28.31 39.94 67.61
C ASN D 14 26.85 40.30 67.40
N GLN D 15 26.47 41.52 67.76
CA GLN D 15 25.07 41.86 67.66
C GLN D 15 24.65 42.08 66.20
N ILE D 16 25.59 42.38 65.32
CA ILE D 16 25.34 42.20 63.89
C ILE D 16 25.19 40.72 63.59
N ALA D 17 26.13 39.90 64.06
CA ALA D 17 26.15 38.46 63.73
C ALA D 17 25.04 37.70 64.48
N ALA D 18 24.52 38.27 65.55
CA ALA D 18 23.35 37.70 66.13
C ALA D 18 22.23 37.85 65.14
N SER D 19 22.12 39.03 64.51
CA SER D 19 21.13 39.30 63.49
C SER D 19 21.52 38.86 62.11
N PHE D 20 22.78 38.63 61.87
CA PHE D 20 23.23 38.14 60.56
C PHE D 20 22.88 36.65 60.37
N TRP D 21 23.14 35.83 61.36
CA TRP D 21 22.76 34.44 61.26
C TRP D 21 21.26 34.21 61.51
N LYS D 22 20.55 35.19 62.07
CA LYS D 22 19.11 35.16 62.00
C LYS D 22 18.69 35.23 60.57
N THR D 23 19.31 36.13 59.79
CA THR D 23 18.93 36.35 58.40
C THR D 23 19.32 35.22 57.50
N VAL D 24 20.58 34.86 57.56
CA VAL D 24 21.14 33.87 56.65
C VAL D 24 20.42 32.52 56.84
N CYS D 25 20.13 32.12 58.06
CA CYS D 25 19.39 30.88 58.31
C CYS D 25 17.95 30.96 57.78
N LEU D 26 17.30 32.09 58.01
CA LEU D 26 15.99 32.31 57.43
C LEU D 26 16.08 32.43 55.91
N GLU D 27 17.21 32.89 55.40
CA GLU D 27 17.41 33.00 53.96
C GLU D 27 17.56 31.64 53.31
N HIS D 28 18.14 30.69 54.03
CA HIS D 28 18.27 29.32 53.54
C HIS D 28 17.16 28.41 53.99
N GLY D 29 16.11 28.96 54.60
CA GLY D 29 14.96 28.16 55.06
C GLY D 29 15.30 27.27 56.24
N ILE D 30 16.16 27.78 57.13
CA ILE D 30 16.60 27.06 58.32
C ILE D 30 16.11 27.83 59.54
N ASP D 31 15.62 27.10 60.54
CA ASP D 31 15.12 27.72 61.77
C ASP D 31 16.27 28.40 62.49
N PRO D 32 16.18 29.73 62.70
CA PRO D 32 17.27 30.41 63.37
C PRO D 32 17.35 30.22 64.89
N LEU D 33 16.46 29.41 65.47
CA LEU D 33 16.47 29.14 66.92
C LEU D 33 16.84 27.72 67.29
N THR D 34 16.91 26.82 66.31
CA THR D 34 17.34 25.44 66.55
C THR D 34 18.52 25.01 65.70
N GLY D 35 18.74 25.64 64.55
CA GLY D 35 19.77 25.19 63.62
C GLY D 35 19.29 24.12 62.65
N GLN D 36 18.18 23.44 62.96
CA GLN D 36 17.65 22.40 62.09
C GLN D 36 16.78 23.03 61.02
N THR D 37 16.76 22.40 59.87
CA THR D 37 15.93 22.83 58.76
C THR D 37 14.51 22.31 58.94
N ALA D 38 13.66 22.56 57.94
CA ALA D 38 12.35 21.94 57.92
C ALA D 38 12.53 20.42 57.71
N PRO D 39 11.74 19.58 58.43
CA PRO D 39 12.06 18.15 58.52
C PRO D 39 11.98 17.35 57.22
N GLY D 40 13.12 16.79 56.82
CA GLY D 40 13.21 15.96 55.63
C GLY D 40 13.63 16.68 54.36
N VAL D 41 13.27 17.95 54.22
CA VAL D 41 13.53 18.71 53.00
C VAL D 41 14.89 19.42 53.12
N ALA D 42 15.56 19.57 52.00
CA ALA D 42 16.86 20.23 51.93
C ALA D 42 16.67 21.75 52.14
N PRO D 43 17.72 22.42 52.66
CA PRO D 43 17.66 23.90 52.71
C PRO D 43 17.76 24.53 51.31
N ARG D 44 17.07 25.63 51.13
CA ARG D 44 17.12 26.32 49.85
C ARG D 44 18.48 26.96 49.69
N GLY D 45 18.87 27.15 48.43
CA GLY D 45 20.17 27.74 48.12
C GLY D 45 21.27 26.75 48.44
N ASN D 46 22.51 27.23 48.34
CA ASN D 46 23.66 26.42 48.66
C ASN D 46 24.10 26.72 50.10
N TRP D 47 23.67 25.85 51.01
CA TRP D 47 23.86 26.02 52.43
C TRP D 47 25.34 25.97 52.84
N SER D 48 26.13 25.17 52.15
CA SER D 48 27.46 24.83 52.61
C SER D 48 28.46 25.93 52.44
N SER D 49 28.05 27.10 51.96
CA SER D 49 28.98 28.23 51.90
C SER D 49 29.25 28.79 53.28
N PHE D 50 28.20 28.87 54.08
CA PHE D 50 28.32 29.37 55.46
C PHE D 50 28.13 28.30 56.53
N PHE D 51 27.52 27.17 56.20
CA PHE D 51 27.07 26.21 57.19
C PHE D 51 27.93 24.96 57.18
N SER D 52 27.58 23.99 58.00
CA SER D 52 28.24 22.71 58.06
C SER D 52 27.21 21.64 58.46
N LYS D 53 27.37 20.47 57.88
CA LYS D 53 26.46 19.37 58.11
C LYS D 53 26.81 18.74 59.47
N LEU D 54 25.93 18.95 60.44
CA LEU D 54 26.07 18.34 61.75
C LEU D 54 24.98 17.29 61.89
N GLY D 55 25.36 16.02 61.81
CA GLY D 55 24.41 14.92 61.83
C GLY D 55 23.92 14.65 60.40
N GLU D 56 24.04 13.40 59.97
CA GLU D 56 23.77 13.03 58.58
C GLU D 56 22.34 12.51 58.39
N SER D 57 21.40 12.99 59.21
CA SER D 57 20.03 12.52 59.16
C SER D 57 19.12 13.37 58.26
N SER D 58 19.70 14.43 57.65
CA SER D 58 19.00 15.40 56.79
C SER D 58 17.94 16.25 57.50
N SER D 59 17.75 16.06 58.81
CA SER D 59 16.88 16.89 59.62
C SER D 59 17.61 17.50 60.82
N GLY D 60 18.88 17.18 61.01
CA GLY D 60 19.65 17.71 62.09
C GLY D 60 20.06 19.14 61.87
N SER D 61 20.73 19.68 62.89
CA SER D 61 21.15 21.07 62.87
C SER D 61 22.28 21.30 61.89
N TYR D 62 22.32 22.51 61.31
CA TYR D 62 23.42 22.96 60.48
C TYR D 62 24.15 24.03 61.24
N VAL D 63 25.33 23.68 61.72
CA VAL D 63 26.15 24.61 62.44
C VAL D 63 26.76 25.63 61.47
N PRO D 64 26.56 26.93 61.71
CA PRO D 64 27.21 27.92 60.88
C PRO D 64 28.68 28.03 61.12
N ARG D 65 29.44 28.34 60.08
CA ARG D 65 30.86 28.58 60.19
C ARG D 65 31.06 29.94 60.79
N ALA D 66 31.02 29.98 62.12
CA ALA D 66 31.02 31.24 62.84
C ALA D 66 31.54 31.07 64.22
N ILE D 67 32.61 31.83 64.52
CA ILE D 67 33.14 31.93 65.86
C ILE D 67 32.83 33.30 66.45
N MET D 68 32.15 33.36 67.57
CA MET D 68 31.80 34.60 68.22
C MET D 68 32.70 34.90 69.41
N VAL D 69 33.52 35.92 69.30
CA VAL D 69 34.54 36.19 70.24
C VAL D 69 34.31 37.50 70.92
N ASP D 70 34.18 37.50 72.24
CA ASP D 70 34.10 38.77 72.97
C ASP D 70 34.49 38.52 74.40
N LEU D 71 35.17 39.49 74.96
CA LEU D 71 35.77 39.36 76.24
C LEU D 71 34.81 39.57 77.40
N GLU D 72 33.62 40.06 77.08
CA GLU D 72 32.49 40.26 77.99
C GLU D 72 31.48 39.11 77.81
N PRO D 73 31.00 38.54 78.90
CA PRO D 73 30.19 37.34 78.75
C PRO D 73 28.75 37.59 78.34
N SER D 74 28.27 38.80 78.60
CA SER D 74 26.86 39.11 78.45
C SER D 74 26.40 39.18 77.02
N VAL D 75 27.32 39.27 76.07
CA VAL D 75 26.94 39.46 74.69
C VAL D 75 26.63 38.14 74.04
N ILE D 76 27.49 37.15 74.27
CA ILE D 76 27.31 35.83 73.66
C ILE D 76 26.26 35.03 74.45
N ASP D 77 26.15 35.28 75.75
CA ASP D 77 25.07 34.70 76.53
C ASP D 77 23.72 35.23 76.12
N ASN D 78 23.68 36.43 75.56
CA ASN D 78 22.48 36.90 74.89
C ASN D 78 22.25 36.11 73.61
N VAL D 79 23.31 35.76 72.91
CA VAL D 79 23.18 34.99 71.67
C VAL D 79 22.82 33.55 71.98
N LYS D 80 23.42 32.96 73.01
CA LYS D 80 23.10 31.60 73.41
C LYS D 80 21.64 31.48 73.88
N ALA D 81 21.09 32.55 74.45
CA ALA D 81 19.68 32.56 74.79
C ALA D 81 18.79 32.77 73.56
N THR D 82 19.35 33.30 72.47
CA THR D 82 18.57 33.61 71.29
C THR D 82 19.05 32.87 70.04
N SER D 83 19.72 31.75 70.23
CA SER D 83 20.06 30.87 69.12
C SER D 83 19.76 29.41 69.39
N GLY D 84 19.68 28.99 70.64
CA GLY D 84 19.38 27.60 70.95
C GLY D 84 20.56 26.71 70.60
N SER D 85 20.28 25.65 69.85
CA SER D 85 21.31 24.71 69.42
C SER D 85 21.77 24.99 68.01
N LEU D 86 21.79 26.26 67.61
CA LEU D 86 22.20 26.64 66.26
C LEU D 86 23.69 26.69 66.10
N PHE D 87 24.35 27.54 66.90
CA PHE D 87 25.80 27.65 66.80
C PHE D 87 26.46 26.48 67.47
N ASN D 88 27.73 26.28 67.13
CA ASN D 88 28.54 25.34 67.88
C ASN D 88 29.05 26.04 69.13
N PRO D 89 28.62 25.62 70.33
CA PRO D 89 28.99 26.37 71.51
C PRO D 89 30.44 26.23 71.93
N ALA D 90 31.23 25.45 71.20
CA ALA D 90 32.68 25.53 71.31
C ALA D 90 33.26 26.75 70.57
N ASN D 91 32.50 27.30 69.63
CA ASN D 91 32.87 28.52 68.92
C ASN D 91 32.37 29.77 69.60
N LEU D 92 31.45 29.66 70.54
CA LEU D 92 30.87 30.81 71.21
C LEU D 92 31.68 31.10 72.44
N ILE D 93 32.90 31.62 72.21
CA ILE D 93 33.89 31.83 73.25
C ILE D 93 33.57 33.15 73.96
N SER D 94 33.67 33.14 75.29
CA SER D 94 33.48 34.34 76.08
C SER D 94 34.46 34.35 77.25
N ARG D 95 34.69 35.54 77.80
CA ARG D 95 35.50 35.71 78.99
C ARG D 95 34.73 36.51 80.04
N THR D 96 35.41 36.96 81.07
CA THR D 96 34.74 37.58 82.20
C THR D 96 34.94 39.09 82.24
N GLU D 97 36.19 39.53 82.12
CA GLU D 97 36.57 40.89 82.46
C GLU D 97 36.13 41.90 81.42
N GLY D 98 36.21 41.55 80.15
CA GLY D 98 35.96 42.51 79.08
C GLY D 98 37.16 43.40 78.81
N ALA D 99 37.03 44.29 77.84
CA ALA D 99 38.13 45.18 77.45
C ALA D 99 37.88 46.63 77.77
N GLY D 100 36.76 47.13 77.28
CA GLY D 100 36.26 48.41 77.74
C GLY D 100 37.04 49.56 77.17
N GLY D 101 36.91 49.71 75.86
CA GLY D 101 37.48 50.84 75.13
C GLY D 101 38.98 50.84 75.15
N ASN D 102 39.60 49.77 75.59
CA ASN D 102 41.06 49.71 75.68
C ASN D 102 41.50 48.75 74.61
N PHE D 103 42.11 49.31 73.57
CA PHE D 103 42.71 48.51 72.50
C PHE D 103 43.71 47.51 73.01
N ALA D 104 44.50 47.93 73.98
CA ALA D 104 45.56 47.12 74.47
C ALA D 104 45.06 46.14 75.55
N VAL D 105 43.77 45.81 75.57
CA VAL D 105 43.28 44.63 76.24
C VAL D 105 42.84 43.56 75.23
N GLY D 106 42.13 44.00 74.19
CA GLY D 106 41.78 43.07 73.11
C GLY D 106 42.94 42.64 72.26
N TYR D 107 43.92 43.50 72.10
CA TYR D 107 45.07 43.19 71.24
C TYR D 107 46.16 42.49 72.03
N LEU D 108 46.60 43.13 73.10
CA LEU D 108 47.66 42.61 73.94
C LEU D 108 47.19 42.53 75.40
N GLY D 109 46.48 41.46 75.73
CA GLY D 109 45.82 41.40 77.04
C GLY D 109 44.89 40.20 77.14
N ALA D 110 43.64 40.47 77.47
CA ALA D 110 42.63 39.42 77.57
C ALA D 110 42.32 38.82 76.21
N GLY D 111 42.61 39.57 75.13
CA GLY D 111 42.45 39.05 73.79
C GLY D 111 43.62 38.20 73.37
N ARG D 112 44.77 38.45 73.96
CA ARG D 112 45.91 37.59 73.76
C ARG D 112 45.67 36.23 74.43
N GLU D 113 44.88 36.20 75.50
CA GLU D 113 44.59 34.96 76.20
C GLU D 113 43.68 34.07 75.35
N VAL D 114 42.68 34.67 74.70
CA VAL D 114 41.74 33.89 73.91
C VAL D 114 42.29 33.49 72.55
N LEU D 115 43.39 34.11 72.13
CA LEU D 115 43.94 33.84 70.82
C LEU D 115 44.42 32.39 70.60
N PRO D 116 45.02 31.69 71.61
CA PRO D 116 45.20 30.26 71.37
C PRO D 116 43.89 29.46 71.32
N GLU D 117 42.81 29.97 71.91
CA GLU D 117 41.53 29.27 71.87
C GLU D 117 40.69 29.66 70.67
N VAL D 118 40.78 30.90 70.22
CA VAL D 118 40.09 31.32 69.02
C VAL D 118 40.70 30.68 67.76
N MET D 119 42.01 30.70 67.65
CA MET D 119 42.66 30.12 66.49
C MET D 119 42.59 28.59 66.49
N SER D 120 42.34 27.98 67.63
CA SER D 120 42.07 26.56 67.67
C SER D 120 40.64 26.24 67.31
N ARG D 121 39.83 27.24 67.01
CA ARG D 121 38.50 27.03 66.48
C ARG D 121 38.33 27.49 65.05
N LEU D 122 39.10 28.46 64.61
CA LEU D 122 39.23 28.73 63.17
C LEU D 122 39.89 27.55 62.44
N ASP D 123 40.87 26.94 63.08
CA ASP D 123 41.48 25.75 62.53
C ASP D 123 40.49 24.59 62.53
N TYR D 124 39.55 24.59 63.46
CA TYR D 124 38.48 23.62 63.42
C TYR D 124 37.54 23.90 62.29
N GLU D 125 37.28 25.15 61.98
CA GLU D 125 36.35 25.49 60.90
C GLU D 125 36.99 25.28 59.53
N ILE D 126 38.19 25.78 59.36
CA ILE D 126 38.87 25.74 58.08
C ILE D 126 39.18 24.29 57.65
N ASP D 127 39.58 23.43 58.58
CA ASP D 127 39.79 22.03 58.26
C ASP D 127 38.46 21.34 57.93
N LYS D 128 37.37 21.84 58.51
CA LYS D 128 36.03 21.34 58.20
C LYS D 128 35.51 21.88 56.85
N CYS D 129 36.06 23.00 56.37
CA CYS D 129 35.69 23.56 55.08
C CYS D 129 36.15 22.69 53.92
N ASP D 130 35.43 22.79 52.81
CA ASP D 130 35.84 22.13 51.56
C ASP D 130 37.09 22.82 51.01
N ASN D 131 36.94 24.11 50.64
CA ASN D 131 38.08 25.00 50.42
C ASN D 131 37.65 26.43 50.64
N VAL D 132 37.98 26.93 51.82
CA VAL D 132 37.53 28.22 52.32
C VAL D 132 38.19 29.34 51.56
N GLY D 133 37.39 30.30 51.11
CA GLY D 133 37.87 31.38 50.27
C GLY D 133 37.39 32.71 50.75
N GLY D 134 37.34 32.86 52.05
CA GLY D 134 37.05 34.18 52.63
C GLY D 134 36.69 34.11 54.08
N ILE D 135 37.07 35.14 54.82
CA ILE D 135 36.78 35.22 56.24
C ILE D 135 36.24 36.59 56.52
N ILE D 136 34.97 36.66 56.90
CA ILE D 136 34.26 37.89 57.09
C ILE D 136 34.21 38.21 58.58
N VAL D 137 35.16 39.01 59.02
CA VAL D 137 35.27 39.33 60.43
C VAL D 137 34.35 40.49 60.69
N LEU D 138 33.39 40.28 61.59
CA LEU D 138 32.44 41.33 61.98
C LEU D 138 32.84 41.91 63.28
N HIS D 139 33.15 43.19 63.27
CA HIS D 139 33.51 43.89 64.47
C HIS D 139 33.17 45.34 64.37
N ALA D 140 33.65 46.12 65.32
CA ALA D 140 33.63 47.56 65.22
C ALA D 140 35.05 48.09 65.20
N ILE D 141 35.21 49.32 64.80
CA ILE D 141 36.53 49.93 64.83
C ILE D 141 36.48 50.98 65.90
N GLY D 142 35.69 50.75 66.94
CA GLY D 142 35.59 51.72 67.97
C GLY D 142 35.96 51.28 69.36
N GLY D 143 35.81 50.00 69.65
CA GLY D 143 35.87 49.54 71.02
C GLY D 143 37.22 49.02 71.39
N GLY D 144 37.22 48.25 72.48
CA GLY D 144 38.42 47.63 73.00
C GLY D 144 38.53 46.18 72.58
N THR D 145 37.40 45.57 72.25
CA THR D 145 37.38 44.19 71.87
C THR D 145 37.27 44.03 70.38
N GLY D 146 36.28 44.62 69.78
CA GLY D 146 36.07 44.50 68.32
C GLY D 146 37.18 45.18 67.56
N SER D 147 37.62 46.34 68.03
CA SER D 147 38.76 47.02 67.40
C SER D 147 40.10 46.54 67.97
N GLY D 148 40.08 45.92 69.14
CA GLY D 148 41.28 45.39 69.73
C GLY D 148 41.59 43.99 69.29
N PHE D 149 40.69 43.06 69.53
CA PHE D 149 40.92 41.70 69.15
C PHE D 149 40.73 41.53 67.65
N GLY D 150 39.91 42.36 67.06
CA GLY D 150 39.76 42.35 65.60
C GLY D 150 41.02 42.78 64.89
N ALA D 151 41.78 43.65 65.51
CA ALA D 151 43.10 43.96 65.01
C ALA D 151 44.08 42.84 65.33
N LEU D 152 43.86 42.12 66.41
CA LEU D 152 44.73 41.02 66.75
C LEU D 152 44.44 39.82 65.86
N LEU D 153 43.17 39.47 65.69
CA LEU D 153 42.78 38.25 65.05
C LEU D 153 43.12 38.25 63.58
N ILE D 154 42.86 39.37 62.91
CA ILE D 154 43.11 39.46 61.49
C ILE D 154 44.62 39.42 61.24
N GLU D 155 45.42 40.06 62.09
CA GLU D 155 46.86 39.90 62.02
C GLU D 155 47.32 38.56 62.53
N SER D 156 46.47 37.76 63.14
CA SER D 156 46.83 36.41 63.53
C SER D 156 46.33 35.35 62.56
N LEU D 157 45.68 35.80 61.48
CA LEU D 157 44.99 34.89 60.56
C LEU D 157 45.58 34.97 59.15
N LYS D 158 45.83 36.19 58.65
CA LYS D 158 46.59 36.33 57.41
C LYS D 158 48.08 35.97 57.65
N GLU D 159 48.56 36.17 58.86
CA GLU D 159 49.90 35.73 59.22
C GLU D 159 50.00 34.21 59.21
N LYS D 160 48.91 33.53 59.53
CA LYS D 160 48.90 32.07 59.55
C LYS D 160 48.57 31.48 58.19
N TYR D 161 47.51 32.00 57.55
CA TYR D 161 47.03 31.44 56.28
C TYR D 161 47.49 32.23 55.07
N GLY D 162 47.05 33.48 54.99
CA GLY D 162 47.55 34.39 53.97
C GLY D 162 47.02 34.23 52.58
N GLU D 163 46.56 33.03 52.21
CA GLU D 163 45.97 32.79 50.90
C GLU D 163 44.44 32.86 50.96
N ILE D 164 43.91 33.77 51.75
CA ILE D 164 42.49 33.83 52.01
C ILE D 164 42.07 35.28 52.22
N PRO D 165 40.94 35.70 51.65
CA PRO D 165 40.49 37.06 51.87
C PRO D 165 39.92 37.30 53.26
N VAL D 166 40.25 38.45 53.84
CA VAL D 166 39.70 38.86 55.11
C VAL D 166 38.91 40.12 54.93
N LEU D 167 37.62 39.98 54.71
CA LEU D 167 36.71 41.13 54.60
C LEU D 167 36.20 41.54 55.97
N SER D 168 36.89 42.51 56.57
CA SER D 168 36.54 42.97 57.90
C SER D 168 35.32 43.88 57.84
N CYS D 169 34.12 43.29 57.92
CA CYS D 169 32.87 44.05 57.88
C CYS D 169 32.68 44.75 59.17
N ALA D 170 33.06 46.01 59.21
CA ALA D 170 33.33 46.70 60.47
C ALA D 170 32.54 47.94 60.59
N VAL D 171 32.40 48.42 61.83
CA VAL D 171 31.50 49.55 62.10
C VAL D 171 32.36 50.68 62.62
N LEU D 172 32.47 51.73 61.79
CA LEU D 172 33.24 52.90 62.15
C LEU D 172 32.55 53.68 63.26
N PRO D 173 33.35 54.52 63.96
CA PRO D 173 32.76 55.45 64.90
C PRO D 173 31.92 56.51 64.25
N SER D 174 30.74 56.74 64.84
CA SER D 174 29.87 57.79 64.35
C SER D 174 30.49 59.14 64.74
N PRO D 175 30.49 60.10 63.81
CA PRO D 175 31.10 61.39 64.12
C PRO D 175 30.19 62.35 64.86
N GLN D 176 28.89 62.02 64.96
CA GLN D 176 27.95 62.87 65.65
C GLN D 176 28.19 62.87 67.18
N VAL D 177 28.56 61.70 67.71
CA VAL D 177 28.90 61.52 69.10
C VAL D 177 29.69 60.24 69.20
N SER D 178 30.68 60.19 70.07
CA SER D 178 31.49 59.01 70.23
C SER D 178 30.90 58.12 71.30
N SER D 179 30.65 56.86 70.96
CA SER D 179 30.14 55.89 71.92
C SER D 179 31.21 55.38 72.92
N VAL D 180 32.49 55.59 72.60
CA VAL D 180 33.58 55.35 73.49
C VAL D 180 34.40 56.64 73.62
N VAL D 181 34.92 56.93 74.77
CA VAL D 181 35.75 58.13 74.94
C VAL D 181 37.11 57.96 74.28
N THR D 182 37.62 56.72 74.22
CA THR D 182 38.88 56.41 73.53
C THR D 182 38.66 55.88 72.15
N GLU D 183 37.57 56.29 71.50
CA GLU D 183 37.15 55.76 70.21
C GLU D 183 37.92 56.28 69.02
N PRO D 184 38.38 57.55 68.99
CA PRO D 184 39.38 57.88 67.95
C PRO D 184 40.78 57.35 68.17
N TYR D 185 41.11 56.90 69.36
CA TYR D 185 42.29 56.10 69.55
C TYR D 185 42.08 54.77 68.88
N ASN D 186 41.07 54.03 69.31
CA ASN D 186 40.93 52.61 68.98
C ASN D 186 40.74 52.32 67.52
N THR D 187 40.29 53.31 66.76
CA THR D 187 40.21 53.15 65.34
C THR D 187 41.61 53.15 64.71
N VAL D 188 42.41 54.13 65.05
CA VAL D 188 43.72 54.29 64.48
C VAL D 188 44.59 53.10 64.86
N PHE D 189 44.40 52.50 66.03
CA PHE D 189 45.12 51.30 66.38
C PHE D 189 44.63 50.12 65.56
N ALA D 190 43.36 50.13 65.13
CA ALA D 190 42.86 49.09 64.25
C ALA D 190 43.10 49.43 62.79
N LEU D 191 43.30 50.69 62.45
CA LEU D 191 43.67 51.03 61.08
C LEU D 191 45.12 50.64 60.75
N ASN D 192 45.90 50.18 61.71
CA ASN D 192 47.09 49.47 61.43
C ASN D 192 46.66 48.15 60.76
N THR D 193 45.84 47.35 61.44
CA THR D 193 45.52 46.06 60.96
C THR D 193 44.64 46.10 59.72
N LEU D 194 43.57 46.88 59.80
CA LEU D 194 42.57 46.89 58.73
C LEU D 194 43.07 47.55 57.46
N ARG D 195 44.25 48.16 57.48
CA ARG D 195 44.95 48.58 56.28
C ARG D 195 45.99 47.57 55.82
N ARG D 196 46.73 46.97 56.76
CA ARG D 196 47.87 46.20 56.40
C ARG D 196 47.54 44.71 56.22
N SER D 197 46.84 44.12 57.18
CA SER D 197 46.67 42.67 57.20
C SER D 197 45.27 42.21 56.92
N ALA D 198 44.39 43.12 56.52
CA ALA D 198 43.05 42.76 56.05
C ALA D 198 42.98 43.06 54.57
N ASP D 199 42.40 42.16 53.79
CA ASP D 199 42.29 42.38 52.35
C ASP D 199 41.26 43.44 52.00
N ALA D 200 40.25 43.61 52.83
CA ALA D 200 39.30 44.72 52.72
C ALA D 200 38.62 44.95 54.03
N CYS D 201 38.26 46.21 54.29
CA CYS D 201 37.52 46.54 55.49
C CYS D 201 36.26 47.24 55.07
N LEU D 202 35.16 46.48 55.03
CA LEU D 202 33.86 47.04 54.74
C LEU D 202 33.38 47.86 55.92
N ILE D 203 33.24 49.18 55.75
CA ILE D 203 32.90 50.06 56.86
C ILE D 203 31.38 50.16 56.99
N PHE D 204 30.95 50.63 58.16
CA PHE D 204 29.57 51.02 58.42
C PHE D 204 29.67 52.11 59.46
N ASP D 205 28.73 53.03 59.43
CA ASP D 205 28.77 54.16 60.32
C ASP D 205 27.43 54.35 61.00
N ASN D 206 27.46 54.50 62.31
CA ASN D 206 26.23 54.53 63.07
C ASN D 206 25.42 55.80 62.88
N GLU D 207 26.01 56.88 62.35
CA GLU D 207 25.23 58.03 62.03
C GLU D 207 24.37 57.77 60.80
N ALA D 208 24.98 57.26 59.73
CA ALA D 208 24.25 57.00 58.48
C ALA D 208 23.23 55.87 58.61
N LEU D 209 23.53 54.92 59.46
CA LEU D 209 22.61 53.85 59.70
C LEU D 209 21.44 54.28 60.59
N PHE D 210 21.55 55.40 61.29
CA PHE D 210 20.41 55.99 61.91
C PHE D 210 19.54 56.69 60.90
N ASP D 211 20.16 57.45 60.01
CA ASP D 211 19.39 58.20 59.01
C ASP D 211 18.71 57.32 57.99
N LEU D 212 19.28 56.18 57.69
CA LEU D 212 18.71 55.25 56.73
C LEU D 212 17.71 54.30 57.33
N ALA D 213 17.43 54.43 58.62
CA ALA D 213 16.30 53.77 59.23
C ALA D 213 15.26 54.75 59.75
N HIS D 214 15.64 56.01 59.94
CA HIS D 214 14.69 57.04 60.36
C HIS D 214 13.98 57.66 59.17
N ARG D 215 14.75 58.11 58.19
CA ARG D 215 14.17 58.77 57.01
C ARG D 215 13.69 57.77 55.97
N LYS D 216 14.28 56.57 55.96
CA LYS D 216 14.00 55.58 54.93
C LYS D 216 13.12 54.44 55.41
N TRP D 217 13.40 53.89 56.59
CA TRP D 217 12.51 52.89 57.20
C TRP D 217 11.49 53.51 58.15
N ASN D 218 11.27 54.83 58.02
CA ASN D 218 10.22 55.64 58.64
C ASN D 218 9.79 55.26 60.04
N ILE D 219 10.79 55.05 60.91
CA ILE D 219 10.54 54.87 62.33
C ILE D 219 11.17 56.04 63.09
N GLU D 220 10.73 56.24 64.31
CA GLU D 220 11.16 57.40 65.10
C GLU D 220 12.56 57.18 65.68
N SER D 221 12.71 56.14 66.50
CA SER D 221 13.98 55.81 67.13
C SER D 221 14.51 54.49 66.55
N PRO D 222 15.50 54.56 65.68
CA PRO D 222 16.13 53.34 65.19
C PRO D 222 17.03 52.72 66.25
N THR D 223 16.61 51.58 66.78
CA THR D 223 17.41 50.89 67.77
C THR D 223 18.58 50.14 67.08
N VAL D 224 19.39 49.50 67.91
CA VAL D 224 20.50 48.71 67.42
C VAL D 224 20.01 47.36 66.95
N ASP D 225 18.74 47.07 67.17
CA ASP D 225 18.10 45.95 66.52
C ASP D 225 17.93 46.24 65.01
N ASP D 226 17.79 47.51 64.64
CA ASP D 226 17.61 47.92 63.26
C ASP D 226 18.85 48.51 62.63
N LEU D 227 19.83 48.91 63.42
CA LEU D 227 21.15 49.17 62.82
C LEU D 227 21.76 47.83 62.36
N ASN D 228 21.62 46.79 63.17
CA ASN D 228 22.16 45.49 62.85
C ASN D 228 21.25 44.72 61.92
N LEU D 229 20.30 45.37 61.27
CA LEU D 229 19.51 44.80 60.19
C LEU D 229 19.72 45.54 58.88
N LEU D 230 20.02 46.83 58.91
CA LEU D 230 20.53 47.53 57.75
C LEU D 230 21.91 46.99 57.35
N ILE D 231 22.78 46.75 58.34
CA ILE D 231 24.06 46.17 58.07
C ILE D 231 23.86 44.75 57.61
N THR D 232 22.98 44.02 58.28
CA THR D 232 22.78 42.62 58.02
C THR D 232 22.31 42.41 56.61
N GLU D 233 21.29 43.12 56.21
CA GLU D 233 20.73 43.02 54.88
C GLU D 233 21.72 43.39 53.78
N ALA D 234 22.67 44.21 54.12
CA ALA D 234 23.82 44.45 53.26
C ALA D 234 24.84 43.31 53.35
N LEU D 235 25.08 42.78 54.54
CA LEU D 235 26.04 41.65 54.66
C LEU D 235 25.40 40.36 54.17
N ALA D 236 24.09 40.25 54.25
CA ALA D 236 23.37 39.16 53.58
C ALA D 236 23.08 39.51 52.13
N GLY D 237 23.59 40.62 51.63
CA GLY D 237 23.48 40.97 50.26
C GLY D 237 24.78 40.78 49.51
N ILE D 238 25.89 41.13 50.13
CA ILE D 238 27.19 40.89 49.50
C ILE D 238 27.56 39.43 49.51
N THR D 239 26.90 38.64 50.35
CA THR D 239 27.15 37.22 50.45
C THR D 239 26.05 36.38 49.81
N ALA D 240 25.19 36.99 49.04
CA ALA D 240 24.24 36.23 48.27
C ALA D 240 24.85 35.65 47.01
N SER D 241 25.93 36.27 46.52
CA SER D 241 26.66 35.69 45.41
C SER D 241 27.51 34.54 45.85
N MET D 242 27.82 34.46 47.13
CA MET D 242 28.68 33.41 47.68
C MET D 242 27.89 32.16 48.00
N ARG D 243 26.60 32.32 48.30
CA ARG D 243 25.78 31.28 48.89
C ARG D 243 24.74 30.68 47.99
N PHE D 244 24.59 31.22 46.79
CA PHE D 244 23.51 30.85 45.91
C PHE D 244 24.04 30.46 44.55
N SER D 245 23.58 29.32 44.07
CA SER D 245 23.94 28.79 42.76
C SER D 245 22.63 28.57 42.00
N GLY D 246 22.16 29.64 41.37
CA GLY D 246 20.81 29.68 40.86
C GLY D 246 20.70 29.63 39.34
N PHE D 247 19.92 30.56 38.79
CA PHE D 247 19.63 30.60 37.37
C PHE D 247 20.79 31.19 36.58
N LEU D 248 21.08 32.45 36.82
CA LEU D 248 22.20 33.14 36.19
C LEU D 248 22.98 33.91 37.24
N THR D 249 23.16 33.25 38.38
CA THR D 249 23.81 33.88 39.51
C THR D 249 25.28 34.08 39.21
N VAL D 250 25.71 35.34 39.20
CA VAL D 250 27.11 35.66 39.07
C VAL D 250 27.78 35.37 40.42
N GLU D 251 28.41 34.20 40.49
CA GLU D 251 28.92 33.70 41.76
C GLU D 251 30.20 34.39 42.09
N ILE D 252 30.09 35.43 42.92
CA ILE D 252 31.24 36.26 43.27
C ILE D 252 31.79 35.82 44.63
N THR D 253 32.97 35.22 44.62
CA THR D 253 33.70 34.94 45.82
C THR D 253 34.25 36.22 46.42
N LEU D 254 34.78 36.14 47.64
CA LEU D 254 35.36 37.30 48.26
C LEU D 254 36.56 37.76 47.43
N ARG D 255 37.45 36.82 47.04
CA ARG D 255 38.58 37.19 46.20
C ARG D 255 38.13 37.74 44.85
N GLU D 256 37.00 37.20 44.40
CA GLU D 256 36.37 37.63 43.15
C GLU D 256 35.72 38.98 43.32
N LEU D 257 35.40 39.32 44.56
CA LEU D 257 34.89 40.63 44.89
C LEU D 257 35.96 41.59 45.14
N LEU D 258 37.09 41.15 45.69
CA LEU D 258 38.12 42.12 46.06
C LEU D 258 39.14 42.39 44.96
N THR D 259 39.24 41.48 43.99
CA THR D 259 40.03 41.77 42.79
C THR D 259 39.38 42.88 42.01
N ASN D 260 38.07 42.98 42.05
CA ASN D 260 37.34 44.09 41.42
C ASN D 260 37.27 45.33 42.27
N LEU D 261 37.64 45.25 43.55
CA LEU D 261 37.39 46.35 44.44
C LEU D 261 38.59 46.78 45.22
N VAL D 262 39.70 46.08 45.17
CA VAL D 262 40.91 46.63 45.80
C VAL D 262 41.86 46.94 44.67
N PRO D 263 41.97 48.20 44.25
CA PRO D 263 42.84 48.61 43.17
C PRO D 263 44.39 48.42 43.49
N GLN D 264 44.88 48.92 44.62
CA GLN D 264 46.27 48.68 45.04
C GLN D 264 46.29 48.55 46.57
N PRO D 265 47.26 47.82 47.16
CA PRO D 265 47.09 47.26 48.52
C PRO D 265 46.75 48.19 49.71
N SER D 266 46.63 49.51 49.46
CA SER D 266 46.30 50.43 50.52
C SER D 266 44.99 51.17 50.24
N LEU D 267 44.17 50.63 49.35
CA LEU D 267 42.89 51.27 48.96
C LEU D 267 41.74 50.29 49.03
N HIS D 268 41.61 49.64 50.19
CA HIS D 268 40.63 48.62 50.34
C HIS D 268 39.66 48.84 51.45
N PHE D 269 39.35 50.10 51.72
CA PHE D 269 38.28 50.42 52.65
C PHE D 269 37.05 50.70 51.80
N LEU D 270 36.03 49.87 51.94
CA LEU D 270 34.89 49.91 51.05
C LEU D 270 33.71 50.40 51.87
N MET D 271 32.93 51.28 51.26
CA MET D 271 31.63 51.63 51.80
C MET D 271 30.60 50.61 51.33
N CYS D 272 29.34 50.88 51.63
CA CYS D 272 28.27 50.04 51.17
C CYS D 272 27.00 50.81 51.14
N ALA D 273 26.07 50.32 50.35
CA ALA D 273 24.71 50.87 50.29
C ALA D 273 23.72 49.82 49.92
N PHE D 274 22.46 50.04 50.28
CA PHE D 274 21.41 49.08 50.03
C PHE D 274 20.25 49.74 49.37
N ALA D 275 19.59 49.01 48.47
CA ALA D 275 18.34 49.45 47.84
C ALA D 275 17.47 48.22 47.71
N PRO D 276 16.16 48.38 47.85
CA PRO D 276 15.41 49.57 48.24
C PRO D 276 15.43 49.70 49.76
N LEU D 277 15.41 50.93 50.23
CA LEU D 277 15.21 51.15 51.64
C LEU D 277 13.73 51.38 51.98
N THR D 278 12.84 50.74 51.22
CA THR D 278 11.43 50.71 51.50
C THR D 278 11.17 50.04 52.84
N PRO D 279 10.35 50.66 53.70
CA PRO D 279 10.06 50.04 55.00
C PRO D 279 9.27 48.73 54.86
N PRO D 280 9.34 47.85 55.86
CA PRO D 280 8.67 46.54 55.73
C PRO D 280 7.14 46.53 55.88
N ASP D 281 6.49 47.68 55.75
CA ASP D 281 5.04 47.80 55.91
C ASP D 281 4.24 47.42 54.65
N ARG D 282 4.87 46.68 53.72
CA ARG D 282 4.27 46.27 52.44
C ARG D 282 3.81 47.48 51.62
N SER D 283 4.78 48.28 51.19
CA SER D 283 4.53 49.36 50.24
C SER D 283 4.63 48.79 48.83
N LYS D 284 3.63 48.00 48.47
CA LYS D 284 3.70 47.14 47.27
C LYS D 284 3.61 47.93 45.97
N PHE D 285 2.74 48.93 45.95
CA PHE D 285 2.62 49.78 44.76
C PHE D 285 3.70 50.85 44.73
N GLU D 286 4.46 51.01 45.82
CA GLU D 286 5.64 51.88 45.83
C GLU D 286 6.95 51.07 45.80
N GLU D 287 6.91 49.81 45.38
CA GLU D 287 8.14 49.03 45.21
C GLU D 287 8.92 49.57 44.00
N LEU D 288 10.22 49.70 44.17
CA LEU D 288 11.05 50.45 43.23
C LEU D 288 11.56 49.56 42.12
N GLY D 289 11.50 50.07 40.89
CA GLY D 289 12.11 49.42 39.74
C GLY D 289 13.61 49.63 39.72
N ILE D 290 14.26 48.94 38.79
CA ILE D 290 15.71 48.95 38.70
C ILE D 290 16.26 50.28 38.19
N GLU D 291 15.44 51.02 37.45
CA GLU D 291 15.89 52.31 36.97
C GLU D 291 15.96 53.35 38.09
N GLU D 292 15.20 53.11 39.17
CA GLU D 292 15.09 54.07 40.28
C GLU D 292 15.69 53.59 41.61
N MET D 293 15.97 52.30 41.75
CA MET D 293 16.77 51.85 42.87
C MET D 293 18.18 52.39 42.76
N ILE D 294 18.72 52.42 41.54
CA ILE D 294 20.06 52.89 41.30
C ILE D 294 20.11 54.40 41.46
N LYS D 295 19.00 55.07 41.23
CA LYS D 295 18.87 56.47 41.60
C LYS D 295 18.86 56.65 43.13
N SER D 296 18.42 55.62 43.86
CA SER D 296 18.43 55.67 45.33
C SER D 296 19.64 54.98 45.94
N LEU D 297 20.42 54.26 45.14
CA LEU D 297 21.70 53.73 45.62
C LEU D 297 22.65 54.88 45.88
N PHE D 298 22.77 55.76 44.91
CA PHE D 298 23.85 56.72 44.90
C PHE D 298 23.51 58.10 45.45
N ASP D 299 22.51 58.18 46.31
CA ASP D 299 22.26 59.43 47.03
C ASP D 299 23.35 59.64 48.08
N ASN D 300 23.56 60.88 48.46
CA ASN D 300 24.55 61.21 49.49
C ASN D 300 24.15 60.63 50.84
N GLY D 301 22.86 60.72 51.14
CA GLY D 301 22.29 60.02 52.29
C GLY D 301 21.69 58.73 51.82
N SER D 302 22.53 57.84 51.25
CA SER D 302 22.13 56.46 50.98
C SER D 302 23.20 55.41 51.28
N VAL D 303 24.45 55.83 51.47
CA VAL D 303 25.49 54.90 51.83
C VAL D 303 25.54 54.74 53.32
N PHE D 304 26.14 53.64 53.76
CA PHE D 304 26.25 53.35 55.17
C PHE D 304 27.55 53.95 55.71
N ALA D 305 27.71 55.26 55.56
CA ALA D 305 28.97 55.91 55.89
C ALA D 305 28.70 57.37 56.21
N ALA D 306 29.54 57.93 57.07
CA ALA D 306 29.38 59.31 57.50
C ALA D 306 29.66 60.28 56.36
N CYS D 307 30.53 59.88 55.43
CA CYS D 307 30.93 60.76 54.35
C CYS D 307 29.83 60.95 53.33
N SER D 308 30.01 61.98 52.51
CA SER D 308 29.11 62.21 51.38
C SER D 308 29.73 61.58 50.14
N PRO D 309 29.16 60.48 49.63
CA PRO D 309 29.79 59.74 48.55
C PRO D 309 29.90 60.46 47.20
N MET D 310 28.85 61.16 46.76
CA MET D 310 28.94 61.85 45.49
C MET D 310 29.71 63.16 45.58
N GLU D 311 30.10 63.59 46.78
CA GLU D 311 31.00 64.73 46.89
C GLU D 311 32.46 64.35 46.68
N GLY D 312 32.74 63.06 46.54
CA GLY D 312 34.11 62.59 46.23
C GLY D 312 34.09 61.52 45.16
N ARG D 313 35.24 60.91 44.94
CA ARG D 313 35.48 60.10 43.75
C ARG D 313 35.30 58.62 44.02
N PHE D 314 34.32 58.00 43.34
CA PHE D 314 34.12 56.54 43.39
C PHE D 314 35.23 55.86 42.62
N LEU D 315 36.07 55.15 43.34
CA LEU D 315 37.24 54.61 42.72
C LEU D 315 36.96 53.26 42.12
N SER D 316 36.31 52.40 42.87
CA SER D 316 35.91 51.08 42.37
C SER D 316 34.52 50.80 42.93
N THR D 317 33.63 50.35 42.07
CA THR D 317 32.22 50.22 42.42
C THR D 317 31.74 48.81 42.09
N ALA D 318 30.90 48.24 42.93
CA ALA D 318 30.40 46.88 42.69
C ALA D 318 28.97 46.82 43.12
N VAL D 319 28.08 46.89 42.14
CA VAL D 319 26.67 46.95 42.38
C VAL D 319 26.14 45.55 42.32
N LEU D 320 25.73 45.00 43.45
CA LEU D 320 25.31 43.62 43.56
C LEU D 320 23.79 43.55 43.56
N TYR D 321 23.18 43.34 42.40
CA TYR D 321 21.76 43.09 42.31
C TYR D 321 21.47 41.73 42.92
N ARG D 322 20.30 41.58 43.51
CA ARG D 322 19.93 40.36 44.15
C ARG D 322 18.42 40.26 44.19
N GLY D 323 17.88 39.37 43.39
CA GLY D 323 16.45 39.15 43.33
C GLY D 323 15.94 38.92 41.95
N ILE D 324 14.62 38.95 41.83
CA ILE D 324 13.95 38.69 40.55
C ILE D 324 14.12 39.89 39.64
N MET D 325 14.87 39.71 38.56
CA MET D 325 15.04 40.73 37.54
C MET D 325 14.29 40.30 36.30
N GLU D 326 13.49 41.20 35.74
CA GLU D 326 12.93 41.01 34.40
C GLU D 326 13.79 41.66 33.32
N ASP D 327 14.59 42.66 33.70
CA ASP D 327 15.19 43.60 32.76
C ASP D 327 16.71 43.63 32.83
N LYS D 328 17.38 42.74 32.08
CA LYS D 328 18.84 42.82 31.97
C LYS D 328 19.40 44.01 31.16
N PRO D 329 18.80 44.40 30.01
CA PRO D 329 19.39 45.61 29.37
C PRO D 329 18.93 46.91 30.00
N LEU D 330 17.82 46.92 30.75
CA LEU D 330 17.49 48.11 31.56
C LEU D 330 18.40 48.16 32.78
N ALA D 331 18.82 47.01 33.26
CA ALA D 331 20.00 46.93 34.11
C ALA D 331 21.22 47.32 33.29
N ASP D 332 22.23 47.84 34.00
CA ASP D 332 23.53 48.20 33.43
C ASP D 332 23.49 49.44 32.54
N ALA D 333 22.31 49.86 32.12
CA ALA D 333 22.10 51.08 31.35
C ALA D 333 21.66 52.22 32.24
N ALA D 334 21.02 51.89 33.36
CA ALA D 334 20.90 52.85 34.43
C ALA D 334 22.30 53.17 34.98
N LEU D 335 23.17 52.17 35.06
CA LEU D 335 24.55 52.42 35.46
C LEU D 335 25.33 53.16 34.38
N ALA D 336 24.89 53.09 33.14
CA ALA D 336 25.51 53.87 32.08
C ALA D 336 25.25 55.36 32.28
N ALA D 337 24.07 55.71 32.78
CA ALA D 337 23.82 57.06 33.25
C ALA D 337 24.67 57.34 34.50
N MET D 338 24.80 56.33 35.35
CA MET D 338 25.59 56.48 36.56
C MET D 338 27.09 56.46 36.29
N ARG D 339 27.51 56.02 35.12
CA ARG D 339 28.91 56.22 34.74
C ARG D 339 29.15 57.71 34.46
N GLU D 340 28.13 58.41 33.99
CA GLU D 340 28.21 59.84 33.71
C GLU D 340 27.93 60.71 34.93
N LYS D 341 26.94 60.34 35.73
CA LYS D 341 26.56 61.14 36.88
C LYS D 341 27.61 61.12 38.01
N LEU D 342 28.11 59.95 38.30
CA LEU D 342 28.92 59.75 39.49
C LEU D 342 30.34 60.19 39.27
N PRO D 343 30.99 60.71 40.32
CA PRO D 343 32.42 61.03 40.17
C PRO D 343 33.28 59.78 40.19
N LEU D 344 33.77 59.38 39.02
CA LEU D 344 34.63 58.21 38.91
C LEU D 344 36.07 58.65 38.86
N THR D 345 36.98 57.67 38.85
CA THR D 345 38.40 57.99 38.82
C THR D 345 39.01 57.40 37.59
N TYR D 346 39.15 58.17 36.52
CA TYR D 346 40.18 57.82 35.50
C TYR D 346 41.52 57.95 36.21
N TRP D 347 42.39 56.97 35.92
CA TRP D 347 43.08 56.11 36.90
C TRP D 347 42.39 54.76 36.91
N ILE D 348 41.12 54.72 36.47
CA ILE D 348 40.34 53.51 36.14
C ILE D 348 39.36 53.95 35.06
N PRO D 349 39.36 53.26 33.91
CA PRO D 349 38.39 53.58 32.86
C PRO D 349 36.96 53.25 33.21
N THR D 350 36.76 52.05 33.72
CA THR D 350 35.43 51.63 34.13
C THR D 350 35.55 50.59 35.22
N ALA D 351 34.61 50.71 36.16
CA ALA D 351 34.54 49.80 37.28
C ALA D 351 33.15 49.77 37.80
N PHE D 352 32.40 48.74 37.40
CA PHE D 352 31.12 48.39 38.00
C PHE D 352 31.03 46.87 37.98
N LYS D 353 31.49 46.19 39.02
CA LYS D 353 31.35 44.75 39.09
C LYS D 353 29.89 44.40 39.45
N ILE D 354 29.15 43.81 38.51
CA ILE D 354 27.72 43.68 38.67
C ILE D 354 27.37 42.24 38.90
N GLY D 355 26.92 41.95 40.15
CA GLY D 355 26.42 40.65 40.55
C GLY D 355 24.93 40.57 40.33
N TYR D 356 24.48 39.46 39.79
CA TYR D 356 23.08 39.09 39.83
C TYR D 356 22.96 37.84 40.71
N VAL D 357 21.91 37.81 41.50
CA VAL D 357 21.52 36.63 42.24
C VAL D 357 20.00 36.50 42.07
N GLU D 358 19.55 35.38 41.54
CA GLU D 358 18.13 35.21 41.32
C GLU D 358 17.38 34.92 42.59
N GLN D 359 18.07 34.44 43.62
CA GLN D 359 17.41 34.16 44.89
C GLN D 359 17.14 35.49 45.61
N PRO D 360 15.88 35.83 45.84
CA PRO D 360 15.57 37.14 46.37
C PRO D 360 15.87 37.24 47.84
N GLY D 361 15.89 38.47 48.34
CA GLY D 361 16.09 38.71 49.76
C GLY D 361 14.86 38.31 50.57
N ILE D 362 14.99 38.35 51.89
CA ILE D 362 13.88 38.05 52.75
C ILE D 362 12.93 39.26 52.78
N SER D 363 13.48 40.42 53.10
CA SER D 363 12.68 41.62 53.22
C SER D 363 12.28 42.22 51.88
N HIS D 364 13.01 41.89 50.82
CA HIS D 364 12.80 42.55 49.53
C HIS D 364 12.80 41.55 48.40
N ARG D 365 12.06 41.89 47.36
CA ARG D 365 11.95 41.04 46.18
C ARG D 365 13.01 41.41 45.17
N LYS D 366 13.15 42.69 44.89
CA LYS D 366 14.22 43.21 44.01
C LYS D 366 15.13 44.04 44.88
N SER D 367 16.20 43.45 45.37
CA SER D 367 17.09 44.18 46.27
C SER D 367 18.43 44.42 45.61
N MET D 368 19.02 45.56 45.89
CA MET D 368 20.28 45.96 45.32
C MET D 368 21.24 46.30 46.44
N VAL D 369 22.49 45.90 46.28
CA VAL D 369 23.54 46.21 47.24
C VAL D 369 24.69 46.84 46.48
N LEU D 370 25.23 47.89 47.05
CA LEU D 370 26.36 48.58 46.47
C LEU D 370 27.62 48.30 47.31
N LEU D 371 28.80 48.30 46.68
CA LEU D 371 30.07 48.38 47.38
C LEU D 371 30.95 49.34 46.67
N ALA D 372 30.90 50.60 47.03
CA ALA D 372 31.71 51.59 46.38
C ALA D 372 33.00 51.82 47.17
N ASN D 373 34.13 51.41 46.62
CA ASN D 373 35.41 51.80 47.17
C ASN D 373 35.64 53.31 46.87
N ASN D 374 35.29 54.16 47.82
CA ASN D 374 35.27 55.60 47.63
C ASN D 374 36.56 56.24 48.10
N THR D 375 36.88 57.39 47.55
CA THR D 375 37.94 58.24 48.09
C THR D 375 37.47 59.06 49.30
N GLU D 376 36.17 59.15 49.49
CA GLU D 376 35.66 59.85 50.64
C GLU D 376 35.87 59.08 51.94
N ILE D 377 36.27 57.85 51.85
CA ILE D 377 36.43 57.04 53.03
C ILE D 377 37.71 57.42 53.76
N ALA D 378 38.56 58.23 53.14
CA ALA D 378 39.59 58.93 53.88
C ALA D 378 39.04 60.13 54.64
N ARG D 379 37.94 60.70 54.18
CA ARG D 379 37.34 61.85 54.87
C ARG D 379 36.57 61.44 56.12
N VAL D 380 36.14 60.19 56.20
CA VAL D 380 35.71 59.64 57.48
C VAL D 380 36.93 59.49 58.39
N LEU D 381 38.00 58.96 57.83
CA LEU D 381 39.23 58.73 58.57
C LEU D 381 40.10 59.96 58.70
N ASP D 382 39.74 61.06 58.03
CA ASP D 382 40.34 62.35 58.32
C ASP D 382 39.81 62.90 59.65
N ARG D 383 38.54 62.62 59.95
CA ARG D 383 37.97 62.98 61.24
C ARG D 383 38.64 62.17 62.35
N ILE D 384 38.87 60.90 62.08
CA ILE D 384 39.46 60.04 63.08
C ILE D 384 40.96 60.40 63.25
N CYS D 385 41.60 60.78 62.15
CA CYS D 385 42.98 61.23 62.27
C CYS D 385 43.06 62.57 63.01
N HIS D 386 42.07 63.44 62.87
CA HIS D 386 42.09 64.70 63.56
C HIS D 386 41.72 64.54 65.04
N ASN D 387 40.70 63.71 65.31
CA ASN D 387 40.31 63.43 66.70
C ASN D 387 41.35 62.62 67.44
N PHE D 388 42.26 61.96 66.73
CA PHE D 388 43.39 61.34 67.37
C PHE D 388 44.40 62.38 67.81
N ASP D 389 44.62 63.39 66.97
CA ASP D 389 45.67 64.35 67.23
C ASP D 389 45.30 65.33 68.36
N LYS D 390 44.02 65.65 68.46
CA LYS D 390 43.58 66.44 69.58
C LYS D 390 43.74 65.64 70.89
N LEU D 391 43.63 64.31 70.81
CA LEU D 391 43.90 63.43 71.93
C LEU D 391 45.28 62.85 71.89
N TRP D 392 46.22 63.53 71.25
CA TRP D 392 47.62 63.15 71.37
C TRP D 392 48.58 64.32 71.60
N GLN D 393 48.16 65.54 71.24
CA GLN D 393 48.86 66.75 71.67
C GLN D 393 48.82 66.92 73.19
N ARG D 394 47.69 66.59 73.79
CA ARG D 394 47.56 66.52 75.23
C ARG D 394 48.20 65.27 75.81
N LYS D 395 48.45 64.27 74.93
CA LYS D 395 48.77 62.87 75.30
C LYS D 395 47.69 62.35 76.21
N ALA D 396 46.52 62.12 75.60
CA ALA D 396 45.29 61.82 76.30
C ALA D 396 45.37 60.47 76.97
N PHE D 397 44.22 59.88 77.22
CA PHE D 397 43.82 59.50 78.53
C PHE D 397 44.81 59.42 79.68
N ALA D 398 45.66 58.41 79.58
CA ALA D 398 46.71 58.12 80.58
C ALA D 398 47.61 56.95 80.07
N ASN D 399 48.29 56.38 81.03
CA ASN D 399 48.93 55.07 81.00
C ASN D 399 48.12 53.85 80.49
N TRP D 400 46.81 53.98 80.26
CA TRP D 400 45.89 52.89 79.92
C TRP D 400 46.31 52.07 78.72
N TYR D 401 46.79 52.73 77.71
CA TYR D 401 47.44 52.01 76.58
C TYR D 401 48.86 51.64 76.88
N LEU D 402 49.53 52.44 77.69
CA LEU D 402 50.96 52.33 77.84
C LEU D 402 51.34 51.31 78.89
N ASN D 403 50.49 51.10 79.89
CA ASN D 403 50.80 50.13 80.94
C ASN D 403 50.57 48.69 80.52
N GLU D 404 49.74 48.48 79.50
CA GLU D 404 49.44 47.14 79.03
C GLU D 404 50.57 46.52 78.20
N GLY D 405 51.45 47.36 77.65
CA GLY D 405 52.58 46.90 76.86
C GLY D 405 52.90 47.74 75.64
N MET D 406 52.02 48.68 75.30
CA MET D 406 52.31 49.55 74.17
C MET D 406 53.27 50.65 74.55
N SER D 407 53.86 51.26 73.53
CA SER D 407 54.84 52.33 73.70
C SER D 407 54.43 53.56 72.93
N GLU D 408 54.95 54.71 73.35
CA GLU D 408 54.69 55.99 72.70
C GLU D 408 55.32 56.03 71.32
N GLU D 409 56.38 55.25 71.11
CA GLU D 409 56.97 55.12 69.78
C GLU D 409 56.03 54.33 68.86
N GLN D 410 55.37 53.31 69.41
CA GLN D 410 54.48 52.49 68.61
C GLN D 410 53.22 53.26 68.22
N ILE D 411 52.68 54.05 69.13
CA ILE D 411 51.45 54.79 68.89
C ILE D 411 51.65 55.86 67.82
N ASN D 412 52.83 56.46 67.78
CA ASN D 412 53.14 57.43 66.73
C ASN D 412 53.35 56.76 65.38
N VAL D 413 53.74 55.48 65.37
CA VAL D 413 53.80 54.72 64.13
C VAL D 413 52.41 54.48 63.57
N LEU D 414 51.48 54.12 64.45
CA LEU D 414 50.14 53.73 64.01
C LEU D 414 49.33 54.94 63.60
N ARG D 415 49.63 56.11 64.18
CA ARG D 415 49.08 57.37 63.66
C ARG D 415 49.64 57.69 62.31
N ALA D 416 50.92 57.45 62.10
CA ALA D 416 51.50 57.60 60.78
C ALA D 416 50.96 56.54 59.81
N SER D 417 50.77 55.33 60.29
CA SER D 417 50.21 54.28 59.47
C SER D 417 48.74 54.53 59.12
N ALA D 418 48.06 55.30 59.94
CA ALA D 418 46.75 55.82 59.53
C ALA D 418 46.89 57.12 58.71
N GLN D 419 47.96 57.86 58.89
CA GLN D 419 48.24 58.98 58.01
C GLN D 419 48.66 58.48 56.64
N GLU D 420 49.40 57.36 56.59
CA GLU D 420 49.71 56.72 55.33
C GLU D 420 48.45 56.18 54.65
N LEU D 421 47.42 55.90 55.43
CA LEU D 421 46.15 55.41 54.89
C LEU D 421 45.34 56.57 54.31
N VAL D 422 45.23 57.67 55.04
CA VAL D 422 44.42 58.79 54.62
C VAL D 422 45.06 59.44 53.40
N GLN D 423 46.39 59.53 53.36
CA GLN D 423 47.06 60.08 52.18
C GLN D 423 46.95 59.14 51.01
N SER D 424 46.73 57.85 51.25
CA SER D 424 46.67 56.88 50.18
C SER D 424 45.42 57.03 49.34
N TYR D 425 44.38 57.63 49.89
CA TYR D 425 43.27 58.12 49.06
C TYR D 425 43.50 59.53 48.57
N GLN D 426 44.26 60.31 49.33
CA GLN D 426 44.62 61.64 48.86
C GLN D 426 45.64 61.55 47.72
N VAL D 427 46.45 60.50 47.70
CA VAL D 427 47.22 60.16 46.51
C VAL D 427 46.24 59.81 45.40
N ALA D 428 45.22 59.01 45.71
CA ALA D 428 44.32 58.47 44.70
C ALA D 428 43.15 59.37 44.39
N GLU D 429 43.06 60.54 44.97
CA GLU D 429 41.97 61.45 44.64
C GLU D 429 42.39 62.42 43.54
N GLU D 430 43.45 63.17 43.78
CA GLU D 430 43.92 64.15 42.81
C GLU D 430 44.59 63.49 41.61
N SER D 431 45.19 62.32 41.79
CA SER D 431 45.67 61.56 40.64
C SER D 431 44.52 60.91 39.89
N GLY D 432 43.43 60.62 40.61
CA GLY D 432 42.21 60.12 40.01
C GLY D 432 41.25 61.20 39.55
N ALA D 433 41.62 62.46 39.76
CA ALA D 433 40.78 63.58 39.35
C ALA D 433 40.90 63.80 37.84
N ARG E 2 36.15 14.31 10.74
CA ARG E 2 35.49 15.68 10.84
C ARG E 2 34.58 15.71 12.03
N GLU E 3 35.15 15.59 13.23
CA GLU E 3 34.37 15.47 14.46
C GLU E 3 34.89 16.45 15.44
N ILE E 4 34.13 17.49 15.72
CA ILE E 4 34.67 18.70 16.39
C ILE E 4 34.51 18.58 17.89
N LEU E 5 35.62 18.67 18.59
CA LEU E 5 35.63 18.71 20.04
C LEU E 5 35.16 20.10 20.47
N SER E 6 34.61 20.18 21.66
CA SER E 6 34.12 21.44 22.18
C SER E 6 34.62 21.62 23.61
N ILE E 7 34.95 22.84 23.96
CA ILE E 7 35.44 23.14 25.28
C ILE E 7 34.63 24.34 25.74
N HIS E 8 34.18 24.29 26.96
CA HIS E 8 33.34 25.33 27.50
C HIS E 8 33.87 25.86 28.80
N VAL E 9 34.82 26.77 28.74
CA VAL E 9 35.50 27.20 29.90
C VAL E 9 34.90 28.50 30.41
N GLY E 10 34.82 28.63 31.72
CA GLY E 10 34.31 29.86 32.31
C GLY E 10 32.81 29.85 32.46
N GLN E 11 32.29 30.71 33.32
CA GLN E 11 30.83 30.80 33.53
C GLN E 11 30.15 31.26 32.28
N CYS E 12 30.77 32.18 31.52
CA CYS E 12 30.22 32.63 30.23
C CYS E 12 30.16 31.50 29.18
N GLY E 13 31.16 30.65 29.16
CA GLY E 13 31.16 29.58 28.20
C GLY E 13 30.25 28.45 28.57
N ASN E 14 30.19 28.11 29.85
CA ASN E 14 29.35 27.02 30.26
C ASN E 14 27.87 27.41 30.17
N GLN E 15 27.55 28.70 30.32
CA GLN E 15 26.20 29.12 30.14
C GLN E 15 25.82 29.10 28.68
N ILE E 16 26.79 29.25 27.78
CA ILE E 16 26.53 28.99 26.37
C ILE E 16 26.38 27.48 26.15
N ALA E 17 27.10 26.67 26.90
CA ALA E 17 26.99 25.22 26.75
C ALA E 17 25.62 24.71 27.13
N ASP E 18 24.96 25.38 28.06
CA ASP E 18 23.58 25.05 28.35
C ASP E 18 22.70 25.45 27.17
N SER E 19 23.06 26.53 26.48
CA SER E 19 22.32 26.94 25.27
C SER E 19 22.72 26.17 24.02
N PHE E 20 23.99 25.85 23.92
CA PHE E 20 24.49 25.19 22.72
C PHE E 20 24.12 23.71 22.70
N TRP E 21 24.32 23.01 23.79
CA TRP E 21 23.97 21.59 23.77
C TRP E 21 22.48 21.34 24.00
N ARG E 22 21.68 22.38 24.19
CA ARG E 22 20.25 22.26 24.01
C ARG E 22 19.83 22.66 22.62
N LEU E 23 20.69 23.28 21.83
CA LEU E 23 20.43 23.51 20.40
C LEU E 23 21.10 22.54 19.50
N ALA E 24 22.20 21.94 19.95
CA ALA E 24 22.83 20.88 19.18
C ALA E 24 21.97 19.60 19.27
N LEU E 25 21.27 19.38 20.38
CA LEU E 25 20.39 18.24 20.48
C LEU E 25 19.12 18.44 19.68
N ARG E 26 18.72 19.68 19.46
CA ARG E 26 17.52 19.94 18.70
C ARG E 26 17.79 19.83 17.21
N GLU E 27 18.92 20.35 16.74
CA GLU E 27 19.23 20.31 15.32
C GLU E 27 19.55 18.89 14.86
N HIS E 28 20.22 18.11 15.71
CA HIS E 28 20.39 16.68 15.43
C HIS E 28 19.19 15.85 15.81
N GLY E 29 18.20 16.46 16.48
CA GLY E 29 16.98 15.75 16.82
C GLY E 29 17.20 14.69 17.89
N LEU E 30 17.83 15.05 19.01
CA LEU E 30 17.96 14.16 20.15
C LEU E 30 17.22 14.72 21.35
N THR E 31 16.89 13.83 22.27
CA THR E 31 16.29 14.26 23.52
C THR E 31 17.38 14.75 24.46
N GLU E 32 16.94 15.32 25.59
CA GLU E 32 17.84 15.95 26.53
C GLU E 32 18.69 14.96 27.30
N ALA E 33 18.27 13.71 27.37
CA ALA E 33 19.04 12.69 28.08
C ALA E 33 20.26 12.22 27.28
N GLY E 34 20.24 12.43 25.98
CA GLY E 34 21.36 11.99 25.15
C GLY E 34 21.04 10.92 24.15
N THR E 35 19.82 10.39 24.18
CA THR E 35 19.43 9.31 23.28
C THR E 35 18.67 9.86 22.09
N LEU E 36 18.45 9.01 21.11
CA LEU E 36 17.84 9.41 19.86
C LEU E 36 16.34 9.59 20.08
N LYS E 37 15.79 10.67 19.53
CA LYS E 37 14.38 10.98 19.71
C LYS E 37 13.55 10.07 18.80
N SER E 46 21.97 13.47 8.42
CA SER E 46 22.60 14.18 9.53
C SER E 46 23.86 13.47 10.03
N ASN E 47 24.94 14.20 10.18
CA ASN E 47 26.19 13.66 10.66
C ASN E 47 26.24 13.93 12.16
N MET E 48 25.77 12.97 12.93
CA MET E 48 25.74 13.14 14.40
C MET E 48 27.10 12.90 15.06
N GLU E 49 28.06 12.43 14.28
CA GLU E 49 29.38 12.12 14.79
C GLU E 49 30.19 13.33 15.13
N VAL E 50 29.79 14.50 14.64
CA VAL E 50 30.60 15.72 14.81
C VAL E 50 30.67 16.22 16.23
N PHE E 51 29.52 16.45 16.80
CA PHE E 51 29.42 16.92 18.17
C PHE E 51 29.32 15.80 19.19
N PHE E 52 28.79 14.64 18.79
CA PHE E 52 28.40 13.63 19.72
C PHE E 52 29.26 12.38 19.56
N HIS E 53 29.78 11.88 20.68
CA HIS E 53 30.44 10.58 20.70
C HIS E 53 29.41 9.48 20.88
N LYS E 54 29.35 8.57 19.93
CA LYS E 54 28.48 7.44 19.99
C LYS E 54 28.98 6.43 21.01
N VAL E 55 28.43 6.49 22.22
CA VAL E 55 28.77 5.54 23.27
C VAL E 55 28.08 4.20 23.04
N ARG E 56 26.76 4.24 22.92
CA ARG E 56 25.96 3.05 22.67
C ARG E 56 25.14 3.29 21.42
N ASP E 57 24.27 2.33 21.12
CA ASP E 57 23.43 2.41 19.94
C ASP E 57 22.44 3.59 19.96
N GLY E 58 21.92 3.93 21.13
CA GLY E 58 20.96 5.02 21.26
C GLY E 58 21.55 6.29 21.81
N LYS E 59 22.34 6.18 22.87
CA LYS E 59 22.79 7.35 23.61
C LYS E 59 24.01 7.99 22.95
N TYR E 60 23.93 9.30 22.75
CA TYR E 60 25.01 10.08 22.18
C TYR E 60 25.51 11.09 23.20
N VAL E 61 26.70 10.81 23.74
CA VAL E 61 27.32 11.72 24.66
C VAL E 61 28.08 12.75 23.85
N PRO E 62 27.89 14.06 24.14
CA PRO E 62 28.58 15.09 23.38
C PRO E 62 30.06 15.16 23.62
N ARG E 63 30.78 15.71 22.66
CA ARG E 63 32.22 15.92 22.75
C ARG E 63 32.51 17.30 23.35
N ALA E 64 32.03 17.50 24.58
CA ALA E 64 32.23 18.74 25.32
C ALA E 64 32.95 18.46 26.60
N VAL E 65 33.95 19.27 26.93
CA VAL E 65 34.45 19.40 28.31
C VAL E 65 33.72 20.58 28.95
N LEU E 66 33.13 20.41 30.09
CA LEU E 66 32.53 21.51 30.79
C LEU E 66 33.53 21.97 31.83
N VAL E 67 34.67 22.45 31.38
CA VAL E 67 35.72 22.91 32.25
C VAL E 67 35.32 24.21 32.93
N ASP E 68 35.42 24.26 34.25
CA ASP E 68 34.86 25.33 35.02
C ASP E 68 35.48 25.42 36.40
N LEU E 69 35.69 26.64 36.85
CA LEU E 69 35.88 26.96 38.26
C LEU E 69 34.63 27.73 38.70
N GLU E 70 34.40 27.87 39.99
CA GLU E 70 33.10 28.20 40.58
C GLU E 70 32.05 27.15 40.17
N PRO E 71 32.10 25.97 40.74
CA PRO E 71 31.26 24.88 40.27
C PRO E 71 29.79 24.96 40.66
N GLY E 72 29.15 26.06 40.33
CA GLY E 72 27.72 26.18 40.53
C GLY E 72 27.01 26.33 39.22
N VAL E 73 27.79 26.56 38.16
CA VAL E 73 27.22 26.75 36.83
C VAL E 73 26.77 25.39 36.29
N ILE E 74 27.60 24.37 36.50
CA ILE E 74 27.26 23.04 36.05
C ILE E 74 26.27 22.40 37.02
N ALA E 75 26.24 22.89 38.25
CA ALA E 75 25.22 22.47 39.21
C ALA E 75 23.84 22.92 38.76
N ARG E 76 23.76 24.00 38.00
CA ARG E 76 22.55 24.33 37.28
C ARG E 76 22.35 23.35 36.11
N ILE E 77 23.43 23.02 35.40
CA ILE E 77 23.33 22.15 34.23
C ILE E 77 23.03 20.72 34.65
N GLU E 78 23.93 20.14 35.44
CA GLU E 78 23.79 18.76 35.88
C GLU E 78 22.95 18.57 37.14
N GLY E 79 22.10 19.53 37.47
CA GLY E 79 21.13 19.37 38.55
C GLY E 79 19.72 19.17 38.04
N GLY E 80 19.30 20.05 37.14
CA GLY E 80 17.90 20.14 36.73
C GLY E 80 17.42 19.11 35.73
N ASP E 81 17.92 19.21 34.50
CA ASP E 81 17.35 18.48 33.38
C ASP E 81 18.39 17.88 32.44
N MET E 82 19.68 18.00 32.76
CA MET E 82 20.69 17.72 31.79
C MET E 82 21.88 16.99 32.41
N SER E 83 21.62 16.30 33.53
CA SER E 83 22.65 15.55 34.22
C SER E 83 22.99 14.24 33.50
N GLN E 84 22.00 13.66 32.82
CA GLN E 84 22.16 12.40 32.11
C GLN E 84 22.89 12.61 30.79
N LEU E 85 22.92 13.83 30.27
CA LEU E 85 23.49 14.13 28.97
C LEU E 85 25.03 14.13 28.97
N PHE E 86 25.61 15.00 29.77
CA PHE E 86 27.06 15.14 29.79
C PHE E 86 27.68 13.98 30.53
N ASP E 87 28.85 13.56 30.06
CA ASP E 87 29.65 12.58 30.79
C ASP E 87 30.44 13.28 31.88
N GLU E 88 30.50 12.69 33.07
CA GLU E 88 31.16 13.35 34.17
C GLU E 88 32.69 13.06 34.18
N SER E 89 33.17 12.24 33.25
CA SER E 89 34.59 12.25 32.93
C SER E 89 34.90 13.18 31.77
N SER E 90 33.95 14.07 31.45
CA SER E 90 34.15 15.16 30.49
C SER E 90 33.87 16.52 31.14
N ILE E 91 34.47 16.76 32.30
CA ILE E 91 34.13 17.94 33.12
C ILE E 91 35.33 18.27 34.00
N VAL E 92 35.35 19.44 34.60
CA VAL E 92 36.10 19.69 35.80
C VAL E 92 35.41 20.74 36.65
N ARG E 93 35.29 20.50 37.94
CA ARG E 93 34.66 21.40 38.89
C ARG E 93 35.65 21.56 40.05
N LYS E 94 36.13 22.78 40.26
CA LYS E 94 37.02 23.03 41.35
C LYS E 94 36.83 24.40 41.96
N ILE E 95 36.80 24.44 43.29
CA ILE E 95 36.87 25.68 44.05
C ILE E 95 38.36 25.90 44.42
N PRO E 96 38.83 27.16 44.50
CA PRO E 96 38.18 28.46 44.24
C PRO E 96 37.92 28.72 42.78
N GLY E 97 37.49 29.93 42.47
CA GLY E 97 36.81 30.13 41.20
C GLY E 97 37.44 31.01 40.17
N ALA E 98 38.78 31.07 40.11
CA ALA E 98 39.53 31.92 39.14
C ALA E 98 38.99 33.34 39.18
N ALA E 99 39.33 33.96 40.30
CA ALA E 99 38.58 34.97 40.95
C ALA E 99 38.38 36.25 40.15
N ASN E 100 37.80 36.18 38.95
CA ASN E 100 37.85 37.23 37.92
C ASN E 100 39.18 37.81 37.90
N ASN E 101 40.15 36.97 37.63
CA ASN E 101 41.55 37.33 37.80
C ASN E 101 42.28 36.36 36.89
N TRP E 102 42.92 36.90 35.88
CA TRP E 102 43.61 36.11 34.87
C TRP E 102 44.70 35.24 35.49
N ALA E 103 45.43 35.80 36.43
CA ALA E 103 46.49 35.08 37.04
C ALA E 103 46.00 33.95 37.94
N ARG E 104 44.79 34.02 38.46
CA ARG E 104 44.20 32.87 39.11
C ARG E 104 43.85 31.81 38.07
N GLY E 105 43.19 32.22 37.00
CA GLY E 105 42.75 31.28 35.96
C GLY E 105 43.83 30.71 35.09
N TYR E 106 44.90 31.45 34.86
CA TYR E 106 46.00 30.96 34.03
C TYR E 106 47.08 30.26 34.85
N ASN E 107 47.34 30.74 36.07
CA ASN E 107 48.50 30.31 36.80
C ASN E 107 48.14 29.65 38.12
N VAL E 108 47.28 30.25 38.93
CA VAL E 108 47.08 29.74 40.28
C VAL E 108 46.12 28.56 40.29
N GLU E 109 44.87 28.80 39.89
CA GLU E 109 43.88 27.73 39.82
C GLU E 109 43.77 27.15 38.44
N GLY E 110 44.64 27.56 37.53
CA GLY E 110 44.71 27.00 36.18
C GLY E 110 45.62 25.81 36.10
N GLU E 111 46.78 25.92 36.72
CA GLU E 111 47.72 24.81 36.74
C GLU E 111 47.26 23.65 37.61
N LYS E 112 46.27 23.87 38.47
CA LYS E 112 45.66 22.78 39.22
C LYS E 112 44.79 21.90 38.32
N VAL E 113 44.12 22.49 37.34
CA VAL E 113 43.17 21.78 36.52
C VAL E 113 43.66 21.44 35.12
N ILE E 114 44.73 22.06 34.67
CA ILE E 114 45.11 21.90 33.28
C ILE E 114 45.65 20.51 32.97
N ASP E 115 46.17 19.81 33.96
CA ASP E 115 46.51 18.41 33.74
C ASP E 115 45.24 17.56 33.63
N GLN E 116 44.18 17.97 34.32
CA GLN E 116 42.91 17.27 34.21
C GLN E 116 42.16 17.68 32.97
N ILE E 117 42.30 18.94 32.54
CA ILE E 117 41.63 19.39 31.32
C ILE E 117 42.17 18.64 30.11
N MET E 118 43.49 18.63 29.97
CA MET E 118 44.10 18.02 28.81
C MET E 118 43.89 16.51 28.76
N ASN E 119 43.97 15.84 29.89
CA ASN E 119 43.75 14.40 29.93
C ASN E 119 42.29 14.01 29.83
N VAL E 120 41.38 14.98 29.79
CA VAL E 120 39.97 14.73 29.51
C VAL E 120 39.71 15.07 28.06
N ILE E 121 40.39 16.08 27.55
CA ILE E 121 40.42 16.31 26.09
C ILE E 121 41.07 15.11 25.39
N ASP E 122 42.20 14.63 25.91
CA ASP E 122 42.91 13.53 25.28
C ASP E 122 42.12 12.21 25.39
N SER E 123 41.29 12.08 26.41
CA SER E 123 40.39 10.93 26.47
C SER E 123 39.15 11.12 25.62
N ALA E 124 38.95 12.32 25.06
CA ALA E 124 37.84 12.60 24.17
C ALA E 124 38.26 12.71 22.71
N VAL E 125 39.55 12.82 22.43
CA VAL E 125 40.02 12.92 21.06
C VAL E 125 40.73 11.67 20.63
N GLU E 126 41.05 10.79 21.58
CA GLU E 126 41.47 9.43 21.24
C GLU E 126 40.29 8.51 20.98
N LYS E 127 39.07 9.02 21.23
CA LYS E 127 37.85 8.40 20.75
C LYS E 127 37.47 8.90 19.34
N THR E 128 38.44 9.43 18.60
CA THR E 128 38.19 10.15 17.36
C THR E 128 39.44 9.88 16.49
N LYS E 129 39.40 9.13 15.38
CA LYS E 129 38.33 8.96 14.34
C LYS E 129 37.88 10.27 13.75
N GLY E 130 38.83 11.05 13.23
CA GLY E 130 38.52 12.27 12.47
C GLY E 130 38.29 13.54 13.29
N LEU E 131 39.31 13.93 14.06
CA LEU E 131 39.24 15.18 14.81
C LEU E 131 39.68 16.30 13.92
N GLN E 132 38.89 17.36 13.92
CA GLN E 132 39.20 18.49 13.07
C GLN E 132 39.33 19.78 13.83
N GLY E 133 38.47 20.04 14.80
CA GLY E 133 38.42 21.37 15.36
C GLY E 133 38.16 21.40 16.83
N PHE E 134 38.16 22.63 17.37
CA PHE E 134 37.83 22.90 18.76
C PHE E 134 36.93 24.08 18.82
N LEU E 135 35.65 23.91 19.15
CA LEU E 135 34.78 25.04 19.34
C LEU E 135 34.88 25.36 20.80
N MET E 136 35.92 26.12 21.13
CA MET E 136 36.18 26.47 22.50
C MET E 136 35.42 27.74 22.82
N THR E 137 34.50 27.63 23.77
CA THR E 137 33.52 28.67 24.03
C THR E 137 33.75 29.31 25.34
N HIS E 138 34.00 30.62 25.35
CA HIS E 138 34.23 31.33 26.58
C HIS E 138 33.98 32.79 26.40
N SER E 139 34.43 33.59 27.38
CA SER E 139 34.53 35.03 27.23
C SER E 139 35.96 35.46 27.38
N ILE E 140 36.26 36.66 26.94
CA ILE E 140 37.57 37.26 27.20
C ILE E 140 37.41 38.25 28.33
N GLY E 141 36.39 38.08 29.14
CA GLY E 141 36.19 39.06 30.15
C GLY E 141 36.58 38.67 31.55
N GLY E 142 36.30 37.44 31.93
CA GLY E 142 36.39 37.08 33.33
C GLY E 142 37.77 36.60 33.72
N GLY E 143 37.82 35.62 34.61
CA GLY E 143 39.06 35.06 35.06
C GLY E 143 39.15 33.58 34.82
N SER E 144 38.01 32.94 34.61
CA SER E 144 37.94 31.55 34.29
C SER E 144 37.82 31.36 32.78
N GLY E 145 36.97 32.12 32.15
CA GLY E 145 36.83 32.02 30.70
C GLY E 145 37.96 32.62 29.95
N SER E 146 38.56 33.65 30.54
CA SER E 146 39.64 34.34 29.90
C SER E 146 41.00 33.94 30.46
N GLY E 147 41.04 33.54 31.70
CA GLY E 147 42.30 33.10 32.28
C GLY E 147 42.59 31.65 31.94
N LEU E 148 41.71 30.73 32.29
CA LEU E 148 41.90 29.36 31.97
C LEU E 148 41.63 29.14 30.51
N GLY E 149 40.82 29.99 29.89
CA GLY E 149 40.68 29.95 28.43
C GLY E 149 41.93 30.33 27.70
N SER E 150 42.71 31.20 28.26
CA SER E 150 44.02 31.51 27.71
C SER E 150 45.02 30.36 27.95
N LEU E 151 44.82 29.56 28.98
CA LEU E 151 45.76 28.50 29.30
C LEU E 151 45.48 27.28 28.45
N ILE E 152 44.21 26.96 28.21
CA ILE E 152 43.81 25.81 27.38
C ILE E 152 44.26 26.04 25.96
N LEU E 153 44.11 27.25 25.44
CA LEU E 153 44.57 27.58 24.09
C LEU E 153 46.06 27.38 23.91
N GLU E 154 46.86 27.60 24.95
CA GLU E 154 48.26 27.31 24.85
C GLU E 154 48.46 25.84 24.82
N ARG E 155 47.90 25.13 25.78
CA ARG E 155 48.21 23.70 25.95
C ARG E 155 47.59 22.85 24.84
N LEU E 156 46.51 23.32 24.25
CA LEU E 156 45.88 22.60 23.15
C LEU E 156 46.61 22.81 21.84
N ARG E 157 47.13 23.99 21.59
CA ARG E 157 47.96 24.22 20.42
C ARG E 157 49.35 23.55 20.56
N GLN E 158 49.88 23.50 21.79
CA GLN E 158 51.11 22.78 22.03
C GLN E 158 50.93 21.29 21.90
N ALA E 159 49.70 20.79 22.06
CA ALA E 159 49.41 19.37 21.87
C ALA E 159 48.92 19.04 20.48
N TYR E 160 48.19 19.95 19.84
CA TYR E 160 47.61 19.71 18.50
C TYR E 160 47.91 20.90 17.60
N PRO E 161 49.13 21.00 17.09
CA PRO E 161 49.52 22.21 16.36
C PRO E 161 49.01 22.22 14.94
N LYS E 162 48.34 21.15 14.49
CA LYS E 162 47.85 21.07 13.13
C LYS E 162 46.34 20.88 13.10
N LYS E 163 45.64 21.39 14.11
CA LYS E 163 44.19 21.33 14.16
C LYS E 163 43.62 22.70 14.47
N ARG E 164 42.52 23.01 13.83
CA ARG E 164 41.94 24.36 13.90
C ARG E 164 41.28 24.61 15.22
N ILE E 165 41.69 25.66 15.93
CA ILE E 165 41.12 25.95 17.23
C ILE E 165 40.26 27.20 17.18
N PHE E 166 38.95 27.05 17.09
CA PHE E 166 38.06 28.20 17.00
C PHE E 166 37.55 28.64 18.35
N THR E 167 37.87 29.86 18.69
CA THR E 167 37.52 30.43 19.96
C THR E 167 36.27 31.25 19.80
N PHE E 168 35.26 30.96 20.61
CA PHE E 168 33.98 31.71 20.52
C PHE E 168 33.86 32.60 21.73
N SER E 169 34.50 33.76 21.65
CA SER E 169 34.68 34.62 22.81
C SER E 169 33.46 35.47 22.98
N VAL E 170 33.38 36.13 24.15
CA VAL E 170 32.38 37.15 24.39
C VAL E 170 33.16 38.33 24.94
N VAL E 171 33.20 39.40 24.18
CA VAL E 171 33.99 40.57 24.51
C VAL E 171 33.33 41.27 25.70
N PRO E 172 34.14 41.97 26.55
CA PRO E 172 33.55 42.93 27.48
C PRO E 172 32.75 43.98 26.77
N SER E 173 31.68 44.41 27.43
CA SER E 173 30.76 45.33 26.84
C SER E 173 31.41 46.73 26.75
N PRO E 174 31.12 47.46 25.68
CA PRO E 174 31.60 48.84 25.58
C PRO E 174 30.72 49.77 26.43
N LEU E 175 29.56 49.24 26.84
CA LEU E 175 28.50 50.00 27.49
C LEU E 175 28.93 50.34 28.91
N ILE E 176 29.11 49.32 29.75
CA ILE E 176 29.87 49.47 31.00
C ILE E 176 30.76 48.26 31.15
N SER E 177 31.45 48.20 32.29
CA SER E 177 32.38 47.15 32.57
C SER E 177 31.75 45.76 32.66
N ASP E 178 30.95 45.52 33.70
CA ASP E 178 30.51 44.20 34.24
C ASP E 178 31.60 43.42 35.02
N SER E 179 32.82 43.93 34.97
CA SER E 179 33.92 43.54 35.83
C SER E 179 34.99 44.61 35.83
N ALA E 180 35.64 44.81 36.96
CA ALA E 180 36.48 45.97 37.18
C ALA E 180 37.82 45.86 36.41
N VAL E 181 38.35 44.64 36.42
CA VAL E 181 39.69 44.33 35.96
C VAL E 181 39.54 43.69 34.59
N GLU E 182 38.40 43.90 33.97
CA GLU E 182 38.03 43.23 32.71
C GLU E 182 38.81 43.63 31.46
N PRO E 183 39.18 44.93 31.29
CA PRO E 183 40.13 45.23 30.20
C PRO E 183 41.55 44.70 30.37
N TYR E 184 41.94 44.29 31.56
CA TYR E 184 43.15 43.55 31.72
C TYR E 184 42.94 42.14 31.20
N ASN E 185 41.77 41.55 31.48
CA ASN E 185 41.61 40.14 31.21
C ASN E 185 41.40 39.82 29.75
N ALA E 186 41.06 40.82 28.94
CA ALA E 186 40.93 40.64 27.52
C ALA E 186 42.32 40.59 26.87
N ILE E 187 43.14 41.55 27.18
CA ILE E 187 44.43 41.70 26.50
C ILE E 187 45.36 40.58 26.94
N LEU E 188 45.22 40.08 28.14
CA LEU E 188 45.96 38.89 28.56
C LEU E 188 45.43 37.63 27.84
N THR E 189 44.19 37.66 27.33
CA THR E 189 43.60 36.54 26.62
C THR E 189 43.67 36.71 25.13
N LEU E 190 43.41 37.92 24.64
CA LEU E 190 43.52 38.20 23.22
C LEU E 190 44.93 38.07 22.69
N GLN E 191 45.93 38.08 23.57
CA GLN E 191 47.25 37.68 23.19
C GLN E 191 47.23 36.24 22.81
N ARG E 192 46.79 35.40 23.74
CA ARG E 192 46.93 33.95 23.53
C ARG E 192 45.95 33.41 22.50
N ILE E 193 44.87 34.12 22.22
CA ILE E 193 44.02 33.79 21.09
C ILE E 193 44.74 34.10 19.78
N LEU E 194 45.38 35.27 19.74
CA LEU E 194 46.16 35.70 18.57
C LEU E 194 47.38 34.79 18.31
N ASP E 195 47.91 34.19 19.35
CA ASP E 195 49.06 33.32 19.22
C ASP E 195 48.70 31.88 18.90
N ASN E 196 47.55 31.41 19.35
CA ASN E 196 47.25 29.98 19.25
C ASN E 196 46.03 29.66 18.37
N ALA E 197 44.91 30.36 18.59
CA ALA E 197 43.68 30.04 17.89
C ALA E 197 43.73 30.48 16.44
N ASP E 198 43.22 29.62 15.55
CA ASP E 198 43.26 29.88 14.13
C ASP E 198 42.21 30.85 13.64
N GLY E 199 41.14 31.02 14.42
CA GLY E 199 40.14 32.04 14.12
C GLY E 199 39.19 32.21 15.27
N ALA E 200 38.99 33.44 15.73
CA ALA E 200 38.11 33.69 16.86
C ALA E 200 36.84 34.41 16.41
N VAL E 201 35.72 34.07 17.03
CA VAL E 201 34.51 34.83 16.81
C VAL E 201 34.29 35.71 18.04
N LEU E 202 34.47 37.01 17.85
CA LEU E 202 34.24 37.94 18.94
C LEU E 202 32.78 38.33 18.98
N LEU E 203 32.14 38.09 20.11
CA LEU E 203 30.74 38.46 20.32
C LEU E 203 30.70 39.46 21.48
N ASP E 204 29.63 40.24 21.50
CA ASP E 204 29.53 41.36 22.38
C ASP E 204 28.14 41.42 23.03
N ASN E 205 28.14 41.48 24.37
CA ASN E 205 26.89 41.51 25.08
C ASN E 205 26.10 42.79 24.93
N GLU E 206 26.71 43.87 24.43
CA GLU E 206 25.92 45.03 24.07
C GLU E 206 25.08 44.75 22.80
N ALA E 207 25.69 44.18 21.79
CA ALA E 207 24.96 43.76 20.59
C ALA E 207 24.07 42.54 20.87
N LEU E 208 24.48 41.66 21.75
CA LEU E 208 23.63 40.54 22.10
C LEU E 208 22.42 40.98 22.91
N PHE E 209 22.51 42.10 23.64
CA PHE E 209 21.33 42.66 24.26
C PHE E 209 20.42 43.26 23.24
N ARG E 210 20.94 44.08 22.33
CA ARG E 210 20.11 44.81 21.37
C ARG E 210 19.37 43.92 20.35
N ILE E 211 20.09 42.95 19.80
CA ILE E 211 19.53 42.10 18.76
C ILE E 211 18.51 41.13 19.35
N ALA E 212 18.73 40.73 20.58
CA ALA E 212 17.74 39.93 21.32
C ALA E 212 16.58 40.80 21.79
N LYS E 213 16.81 42.09 21.99
CA LYS E 213 15.74 43.01 22.35
C LYS E 213 14.81 43.21 21.19
N ALA E 214 15.36 43.26 19.97
CA ALA E 214 14.53 43.33 18.76
C ALA E 214 13.99 41.96 18.38
N LYS E 215 14.58 40.87 18.87
CA LYS E 215 14.06 39.54 18.59
C LYS E 215 12.82 39.29 19.43
N LEU E 216 12.98 39.30 20.74
CA LEU E 216 11.91 38.91 21.64
C LEU E 216 11.07 40.11 22.03
N ASN E 217 9.80 39.86 22.30
CA ASN E 217 8.94 40.84 22.93
C ASN E 217 8.98 40.62 24.46
N ARG E 218 10.21 40.66 24.97
CA ARG E 218 10.54 40.26 26.32
C ARG E 218 11.99 40.70 26.56
N SER E 219 12.25 41.27 27.73
CA SER E 219 13.58 41.75 28.06
C SER E 219 14.51 40.56 28.30
N PRO E 220 15.66 40.51 27.58
CA PRO E 220 16.45 39.29 27.56
C PRO E 220 17.19 38.99 28.83
N ASN E 221 17.71 37.77 28.89
CA ASN E 221 18.67 37.39 29.92
C ASN E 221 19.76 36.55 29.25
N TYR E 222 20.80 36.25 30.00
CA TYR E 222 21.92 35.56 29.40
C TYR E 222 21.61 34.14 29.00
N MET E 223 20.42 33.61 29.23
CA MET E 223 20.00 32.42 28.50
C MET E 223 19.47 32.79 27.13
N ASP E 224 18.74 33.90 27.03
CA ASP E 224 18.22 34.31 25.73
C ASP E 224 19.25 34.93 24.84
N LEU E 225 20.26 35.55 25.42
CA LEU E 225 21.40 36.08 24.63
C LEU E 225 22.23 34.96 24.02
N ASN E 226 22.37 33.84 24.73
CA ASN E 226 23.25 32.80 24.27
C ASN E 226 22.64 32.03 23.13
N ASN E 227 21.33 32.04 22.99
CA ASN E 227 20.70 31.39 21.84
C ASN E 227 21.03 32.10 20.54
N ILE E 228 21.40 33.38 20.57
CA ILE E 228 22.00 33.99 19.39
C ILE E 228 23.41 33.40 19.17
N ILE E 229 24.17 33.23 20.24
CA ILE E 229 25.51 32.70 20.16
C ILE E 229 25.39 31.23 19.76
N ALA E 230 24.54 30.47 20.44
CA ALA E 230 24.47 29.05 20.26
C ALA E 230 24.04 28.69 18.88
N LEU E 231 23.37 29.57 18.15
CA LEU E 231 23.13 29.35 16.71
C LEU E 231 24.35 29.67 15.90
N ILE E 232 25.02 30.75 16.22
CA ILE E 232 26.27 31.10 15.55
C ILE E 232 27.34 30.00 15.82
N VAL E 233 27.46 29.47 17.04
CA VAL E 233 28.34 28.37 17.34
C VAL E 233 27.97 27.17 16.50
N SER E 234 26.65 26.94 16.29
CA SER E 234 26.19 25.83 15.46
C SER E 234 26.25 26.11 13.96
N SER E 235 25.94 27.32 13.52
CA SER E 235 25.88 27.62 12.10
C SER E 235 27.23 27.65 11.43
N VAL E 236 28.26 27.97 12.20
CA VAL E 236 29.63 27.90 11.70
C VAL E 236 29.96 26.46 11.34
N THR E 237 29.53 25.52 12.18
CA THR E 237 29.85 24.12 12.01
C THR E 237 28.63 23.30 11.72
N ALA E 238 27.77 23.82 10.85
CA ALA E 238 26.66 23.06 10.32
C ALA E 238 26.73 22.87 8.85
N SER E 239 27.69 23.49 8.18
CA SER E 239 28.06 22.99 6.84
C SER E 239 29.07 21.85 6.93
N LEU E 240 29.50 21.54 8.14
CA LEU E 240 30.40 20.46 8.45
C LEU E 240 29.62 19.20 8.84
N ARG E 241 28.39 19.34 9.32
CA ARG E 241 27.58 18.22 9.76
C ARG E 241 26.23 18.09 9.06
N PHE E 242 25.71 19.17 8.49
CA PHE E 242 24.55 19.10 7.59
C PHE E 242 25.08 19.55 6.24
N PRO E 243 25.56 18.61 5.42
CA PRO E 243 26.48 18.95 4.34
C PRO E 243 25.94 19.88 3.27
N GLY E 244 24.89 19.48 2.57
CA GLY E 244 24.32 20.31 1.52
C GLY E 244 25.29 20.54 0.39
N LYS E 245 25.22 21.72 -0.21
CA LYS E 245 26.14 22.09 -1.29
C LYS E 245 27.08 23.17 -0.79
N LEU E 246 28.22 23.35 -1.48
CA LEU E 246 29.33 24.21 -1.01
C LEU E 246 29.75 23.89 0.42
N ASN E 247 30.30 22.70 0.57
CA ASN E 247 30.66 22.18 1.86
C ASN E 247 31.81 23.02 2.41
N THR E 248 31.52 23.79 3.45
CA THR E 248 32.50 24.61 4.12
C THR E 248 32.88 23.97 5.45
N ASP E 249 34.07 23.40 5.50
CA ASP E 249 34.60 22.86 6.73
C ASP E 249 35.26 23.93 7.57
N LEU E 250 35.85 23.53 8.68
CA LEU E 250 36.52 24.46 9.55
C LEU E 250 37.86 24.91 8.98
N SER E 251 38.43 24.16 8.06
CA SER E 251 39.67 24.57 7.42
C SER E 251 39.48 25.74 6.44
N GLU E 252 38.25 25.95 5.99
CA GLU E 252 37.93 27.05 5.08
C GLU E 252 37.49 28.30 5.79
N PHE E 253 37.46 28.32 7.11
CA PHE E 253 37.23 29.58 7.81
C PHE E 253 38.55 30.22 8.20
N VAL E 254 39.67 29.58 7.87
CA VAL E 254 41.00 30.14 8.11
C VAL E 254 41.63 30.58 6.79
N THR E 255 41.48 29.76 5.75
CA THR E 255 42.06 30.11 4.48
C THR E 255 41.27 31.20 3.83
N ASN E 256 39.96 31.19 3.94
CA ASN E 256 39.14 32.19 3.24
C ASN E 256 38.96 33.51 3.97
N LEU E 257 38.80 33.46 5.29
CA LEU E 257 38.42 34.63 6.06
C LEU E 257 39.56 35.28 6.75
N VAL E 258 40.75 34.69 6.78
CA VAL E 258 41.88 35.25 7.53
C VAL E 258 42.99 35.56 6.54
N PRO E 259 43.02 36.81 6.03
CA PRO E 259 44.03 37.15 5.04
C PRO E 259 45.48 37.22 5.55
N PHE E 260 45.67 38.02 6.57
CA PHE E 260 47.01 38.19 7.20
C PHE E 260 47.12 37.27 8.41
N PRO E 261 48.34 36.94 8.84
CA PRO E 261 48.45 36.04 9.99
C PRO E 261 47.99 36.58 11.36
N GLY E 262 47.46 37.80 11.43
CA GLY E 262 46.89 38.31 12.67
C GLY E 262 45.40 38.51 12.66
N ASN E 263 44.83 38.78 11.49
CA ASN E 263 43.44 39.20 11.39
C ASN E 263 42.48 38.02 11.37
N HIS E 264 42.28 37.42 12.55
CA HIS E 264 41.42 36.29 12.69
C HIS E 264 40.42 36.43 13.79
N PHE E 265 39.80 37.60 13.89
CA PHE E 265 38.78 37.88 14.90
C PHE E 265 37.51 38.26 14.13
N LEU E 266 36.53 37.37 14.12
CA LEU E 266 35.41 37.41 13.22
C LEU E 266 34.14 37.89 13.91
N THR E 267 33.37 38.66 13.17
CA THR E 267 32.14 39.25 13.70
C THR E 267 30.95 38.58 13.03
N ALA E 268 30.25 37.74 13.79
CA ALA E 268 29.23 36.88 13.22
C ALA E 268 27.86 37.31 13.50
N SER E 269 27.02 37.39 12.46
CA SER E 269 25.60 37.65 12.59
C SER E 269 24.77 36.45 12.41
N PHE E 270 23.51 36.55 12.82
CA PHE E 270 22.55 35.52 12.51
C PHE E 270 21.31 36.17 11.98
N ALA E 271 20.64 35.46 11.09
CA ALA E 271 19.34 35.83 10.53
C ALA E 271 18.59 34.55 10.24
N PRO E 272 17.27 34.53 10.41
CA PRO E 272 16.32 35.56 10.73
C PRO E 272 16.20 35.98 12.19
N MET E 273 16.28 37.27 12.47
CA MET E 273 16.02 37.82 13.79
C MET E 273 15.13 39.06 13.71
N GLN E 281 7.54 27.71 12.92
CA GLN E 281 8.82 27.66 12.23
C GLN E 281 8.99 28.91 11.36
N VAL E 282 10.02 29.70 11.66
CA VAL E 282 10.18 31.02 11.05
C VAL E 282 10.69 30.88 9.63
N ARG E 283 9.86 31.30 8.69
CA ARG E 283 10.25 31.34 7.27
C ARG E 283 10.62 32.74 6.87
N THR E 284 11.50 32.84 5.88
CA THR E 284 11.91 34.15 5.36
C THR E 284 12.16 33.99 3.87
N ASN E 285 11.57 34.88 3.08
CA ASN E 285 11.51 34.72 1.64
C ASN E 285 12.85 34.85 0.93
N PHE E 286 13.84 35.43 1.60
CA PHE E 286 15.24 35.48 1.14
C PHE E 286 15.48 36.32 -0.14
N PRO E 287 15.02 37.56 -0.18
CA PRO E 287 15.89 38.61 -0.71
C PRO E 287 16.25 39.57 0.39
N ASP E 288 15.55 39.40 1.51
CA ASP E 288 15.63 40.28 2.67
C ASP E 288 16.42 39.65 3.81
N LEU E 289 16.57 38.32 3.80
CA LEU E 289 17.44 37.64 4.75
C LEU E 289 18.86 38.03 4.49
N ALA E 290 19.27 38.14 3.24
CA ALA E 290 20.62 38.64 2.92
C ALA E 290 20.79 40.10 3.31
N ARG E 291 19.72 40.89 3.30
CA ARG E 291 19.73 42.23 3.84
C ARG E 291 19.64 42.24 5.37
N GLU E 292 19.15 41.14 5.95
CA GLU E 292 19.10 40.98 7.40
C GLU E 292 20.38 40.36 7.93
N THR E 293 20.99 39.47 7.16
CA THR E 293 22.24 38.85 7.51
C THR E 293 23.34 39.89 7.54
N PHE E 294 23.45 40.69 6.51
CA PHE E 294 24.49 41.73 6.45
C PHE E 294 23.93 43.09 6.81
N ALA E 295 22.97 43.13 7.75
CA ALA E 295 22.61 44.38 8.41
C ALA E 295 23.78 44.77 9.33
N GLN E 296 24.07 46.06 9.40
CA GLN E 296 25.15 46.51 10.26
C GLN E 296 24.76 46.37 11.73
N ASP E 297 23.47 46.46 12.01
CA ASP E 297 22.97 46.31 13.37
C ASP E 297 22.74 44.87 13.75
N ASN E 298 22.80 43.95 12.81
CA ASN E 298 22.67 42.52 13.13
C ASN E 298 24.00 41.83 13.42
N PHE E 299 25.13 42.48 13.14
CA PHE E 299 26.41 41.91 13.51
C PHE E 299 26.59 42.02 14.99
N THR E 300 27.13 40.97 15.57
CA THR E 300 27.15 40.80 16.98
C THR E 300 28.50 41.25 17.51
N ALA E 301 28.76 42.55 17.34
CA ALA E 301 29.91 43.26 17.96
C ALA E 301 29.70 44.76 17.72
N ALA E 302 30.26 45.58 18.61
CA ALA E 302 30.21 47.03 18.41
C ALA E 302 31.38 47.51 17.55
N ILE E 303 31.50 46.92 16.38
CA ILE E 303 32.56 47.24 15.44
C ILE E 303 32.33 48.63 14.83
N ASP E 304 33.39 49.19 14.28
CA ASP E 304 33.35 50.48 13.65
C ASP E 304 32.80 50.37 12.24
N TRP E 305 32.07 51.39 11.82
CA TRP E 305 31.42 51.39 10.51
C TRP E 305 31.73 52.60 9.66
N GLN E 306 31.81 53.77 10.25
CA GLN E 306 32.12 54.99 9.51
C GLN E 306 33.60 55.06 9.18
N GLN E 307 34.43 54.24 9.86
CA GLN E 307 35.86 54.14 9.53
C GLN E 307 36.24 52.67 9.45
N GLY E 308 35.44 51.91 8.71
CA GLY E 308 35.63 50.46 8.66
C GLY E 308 35.25 49.86 7.33
N VAL E 309 36.22 49.22 6.68
CA VAL E 309 35.98 48.45 5.47
C VAL E 309 36.34 47.02 5.75
N TYR E 310 35.59 46.10 5.13
CA TYR E 310 35.73 44.69 5.48
C TYR E 310 37.05 44.19 4.93
N LEU E 311 37.37 42.95 5.28
CA LEU E 311 38.44 42.26 4.65
C LEU E 311 37.76 41.09 3.86
N ALA E 312 37.03 40.21 4.56
CA ALA E 312 36.55 38.97 3.99
C ALA E 312 35.31 38.56 4.75
N ALA E 313 34.16 38.60 4.11
CA ALA E 313 32.93 38.19 4.72
C ALA E 313 32.60 36.79 4.29
N SER E 314 31.72 36.15 5.05
CA SER E 314 31.28 34.79 4.76
C SER E 314 29.76 34.82 4.80
N ALA E 315 29.14 33.77 4.29
CA ALA E 315 27.71 33.68 4.31
C ALA E 315 27.30 32.22 4.27
N LEU E 316 26.94 31.70 5.44
CA LEU E 316 26.48 30.32 5.54
C LEU E 316 24.98 30.32 5.67
N PHE E 317 24.30 30.06 4.56
CA PHE E 317 22.86 30.09 4.51
C PHE E 317 22.31 28.69 4.58
N ARG E 318 21.60 28.38 5.66
CA ARG E 318 21.20 27.04 5.94
C ARG E 318 19.71 26.85 5.74
N GLY E 319 19.32 25.63 5.43
CA GLY E 319 17.91 25.32 5.32
C GLY E 319 17.40 25.37 3.89
N ASP E 320 16.23 25.98 3.69
CA ASP E 320 15.62 26.08 2.38
C ASP E 320 16.10 27.36 1.72
N VAL E 321 17.38 27.37 1.39
CA VAL E 321 18.03 28.43 0.66
C VAL E 321 18.67 27.80 -0.56
N LYS E 322 18.13 28.14 -1.72
CA LYS E 322 18.65 27.62 -2.98
C LYS E 322 19.62 28.59 -3.59
N ALA E 323 20.65 28.06 -4.25
CA ALA E 323 21.89 28.81 -4.55
C ALA E 323 21.73 29.78 -5.71
N LYS E 324 20.61 29.73 -6.41
CA LYS E 324 20.38 30.66 -7.51
C LYS E 324 20.16 32.07 -6.99
N ASP E 325 19.66 32.21 -5.77
CA ASP E 325 19.26 33.51 -5.27
C ASP E 325 20.45 34.37 -4.93
N VAL E 326 21.58 33.78 -4.57
CA VAL E 326 22.73 34.56 -4.14
C VAL E 326 23.46 35.24 -5.32
N ASP E 327 23.20 34.78 -6.53
CA ASP E 327 23.67 35.49 -7.70
C ASP E 327 22.96 36.82 -7.89
N GLU E 328 21.76 36.94 -7.32
CA GLU E 328 20.99 38.18 -7.38
C GLU E 328 20.98 38.88 -6.04
N ASN E 329 21.02 38.13 -4.94
CA ASN E 329 20.96 38.75 -3.62
C ASN E 329 22.34 39.10 -3.14
N MET E 330 23.24 38.14 -3.11
CA MET E 330 24.51 38.35 -2.48
C MET E 330 25.44 39.21 -3.33
N ALA E 331 25.29 39.16 -4.64
CA ALA E 331 26.01 40.12 -5.49
C ALA E 331 25.49 41.53 -5.29
N THR E 332 24.22 41.66 -4.92
CA THR E 332 23.67 42.97 -4.56
C THR E 332 24.16 43.39 -3.17
N ILE E 333 24.32 42.44 -2.26
CA ILE E 333 24.79 42.76 -0.93
C ILE E 333 26.22 43.22 -0.97
N ARG E 334 27.10 42.50 -1.66
CA ARG E 334 28.52 42.84 -1.73
C ARG E 334 28.83 44.18 -2.43
N LYS E 335 27.93 44.65 -3.27
CA LYS E 335 28.02 46.04 -3.74
C LYS E 335 27.66 47.03 -2.63
N SER E 336 26.75 46.64 -1.76
CA SER E 336 26.37 47.50 -0.65
C SER E 336 27.43 47.52 0.47
N LEU E 337 28.24 46.46 0.52
CA LEU E 337 29.28 46.36 1.54
C LEU E 337 30.45 47.22 1.21
N ASN E 338 31.36 47.34 2.17
CA ASN E 338 32.59 48.15 2.01
C ASN E 338 33.76 47.23 2.25
N TYR E 339 34.48 46.86 1.19
CA TYR E 339 35.65 46.04 1.39
C TYR E 339 36.90 46.86 1.33
N ALA E 340 38.02 46.21 1.60
CA ALA E 340 39.31 46.88 1.43
C ALA E 340 39.57 47.09 -0.05
N SER E 341 40.54 47.94 -0.37
CA SER E 341 40.86 48.24 -1.77
C SER E 341 41.50 47.04 -2.48
N TYR E 342 42.16 46.16 -1.71
CA TYR E 342 42.81 45.01 -2.26
C TYR E 342 41.95 43.77 -2.30
N MET E 343 40.62 43.93 -2.27
CA MET E 343 39.68 42.84 -2.51
C MET E 343 38.93 43.10 -3.81
N PRO E 344 38.69 42.05 -4.60
CA PRO E 344 38.10 42.24 -5.92
C PRO E 344 36.64 42.69 -5.91
N ALA E 345 36.15 42.99 -7.12
CA ALA E 345 34.89 43.70 -7.32
C ALA E 345 33.65 42.94 -6.87
N SER E 346 33.46 41.73 -7.36
CA SER E 346 32.36 40.89 -6.88
C SER E 346 32.85 39.82 -5.92
N GLY E 347 34.16 39.64 -5.83
CA GLY E 347 34.73 38.68 -4.92
C GLY E 347 34.90 39.24 -3.52
N GLY E 348 35.50 38.40 -2.69
CA GLY E 348 35.77 38.72 -1.31
C GLY E 348 34.77 38.15 -0.34
N LEU E 349 33.67 37.54 -0.83
CA LEU E 349 32.68 36.94 0.04
C LEU E 349 32.52 35.50 -0.27
N LYS E 350 32.98 34.60 0.62
CA LYS E 350 32.77 33.14 0.46
C LYS E 350 31.36 32.79 0.86
N LEU E 351 30.87 31.65 0.38
CA LEU E 351 29.51 31.24 0.70
C LEU E 351 29.46 29.80 1.09
N GLY E 352 28.31 29.38 1.61
CA GLY E 352 28.10 27.97 1.95
C GLY E 352 26.65 27.68 2.14
N TYR E 353 26.29 26.42 2.25
CA TYR E 353 24.89 26.02 2.48
C TYR E 353 24.86 24.79 3.39
N ALA E 354 23.74 24.62 4.06
CA ALA E 354 23.40 23.37 4.70
C ALA E 354 22.04 22.93 4.18
N GLU E 355 21.82 21.65 4.20
CA GLU E 355 20.57 21.06 3.75
C GLU E 355 19.54 20.95 4.88
N THR E 356 19.83 21.49 6.07
CA THR E 356 18.93 21.42 7.19
C THR E 356 19.06 22.67 8.04
N ALA E 357 17.94 23.34 8.22
CA ALA E 357 17.84 24.54 9.04
C ALA E 357 17.92 24.13 10.52
N PRO E 358 18.17 25.09 11.40
CA PRO E 358 17.99 24.82 12.82
C PRO E 358 16.53 24.60 13.18
N GLU E 359 16.27 23.81 14.22
CA GLU E 359 14.92 23.52 14.63
C GLU E 359 14.29 24.79 15.20
N GLY E 360 13.10 25.11 14.71
CA GLY E 360 12.49 26.40 14.99
C GLY E 360 12.56 27.38 13.84
N PHE E 361 13.53 27.20 12.96
CA PHE E 361 13.70 28.04 11.77
C PHE E 361 13.60 27.21 10.52
N ALA E 362 13.34 27.86 9.40
CA ALA E 362 13.23 27.16 8.11
C ALA E 362 14.26 27.58 7.11
N SER E 363 14.84 28.75 7.29
CA SER E 363 15.97 29.17 6.46
C SER E 363 16.79 30.15 7.27
N SER E 364 18.00 29.77 7.66
CA SER E 364 18.83 30.63 8.46
C SER E 364 19.99 31.18 7.69
N GLY E 365 20.72 32.07 8.32
CA GLY E 365 21.90 32.67 7.77
C GLY E 365 22.95 33.06 8.77
N LEU E 366 24.21 33.01 8.37
CA LEU E 366 25.33 33.35 9.25
C LEU E 366 26.27 34.19 8.45
N ALA E 367 27.06 35.00 9.08
CA ALA E 367 28.01 35.81 8.37
C ALA E 367 29.25 36.10 9.20
N LEU E 368 30.26 35.27 9.05
CA LEU E 368 31.54 35.56 9.66
C LEU E 368 32.17 36.65 8.82
N VAL E 369 32.35 37.83 9.40
CA VAL E 369 32.89 38.95 8.72
C VAL E 369 34.19 39.38 9.38
N ASN E 370 35.29 39.22 8.67
CA ASN E 370 36.58 39.76 9.11
C ASN E 370 36.68 41.21 8.62
N HIS E 371 36.78 42.14 9.55
CA HIS E 371 36.53 43.56 9.32
C HIS E 371 37.52 44.37 10.16
N THR E 372 37.91 45.51 9.63
CA THR E 372 38.70 46.46 10.37
C THR E 372 37.95 47.06 11.58
N GLY E 373 36.65 46.93 11.62
CA GLY E 373 35.94 47.42 12.75
C GLY E 373 36.21 46.70 14.07
N ILE E 374 36.69 45.47 14.00
CA ILE E 374 36.96 44.73 15.19
C ILE E 374 38.23 45.23 15.86
N ALA E 375 39.01 46.04 15.14
CA ALA E 375 40.09 46.75 15.80
C ALA E 375 39.61 47.87 16.71
N ALA E 376 38.40 48.38 16.47
CA ALA E 376 37.83 49.36 17.38
C ALA E 376 37.41 48.72 18.72
N VAL E 377 37.03 47.45 18.66
CA VAL E 377 36.94 46.64 19.87
C VAL E 377 38.32 46.51 20.50
N PHE E 378 39.35 46.27 19.70
CA PHE E 378 40.72 46.19 20.21
C PHE E 378 41.23 47.56 20.71
N GLU E 379 40.92 48.62 19.97
CA GLU E 379 41.34 49.94 20.37
C GLU E 379 40.64 50.40 21.65
N ARG E 380 39.40 49.97 21.87
CA ARG E 380 38.73 50.23 23.15
C ARG E 380 39.44 49.50 24.30
N LEU E 381 39.75 48.25 24.06
CA LEU E 381 40.35 47.44 25.07
C LEU E 381 41.85 47.76 25.28
N ILE E 382 42.42 48.62 24.46
CA ILE E 382 43.76 49.13 24.69
C ILE E 382 43.68 50.52 25.35
N ALA E 383 42.71 51.32 24.92
CA ALA E 383 42.51 52.63 25.53
C ALA E 383 42.03 52.50 26.98
N GLN E 384 41.31 51.41 27.29
CA GLN E 384 41.05 51.07 28.69
C GLN E 384 42.29 50.51 29.34
N PHE E 385 43.08 49.76 28.61
CA PHE E 385 44.32 49.23 29.15
C PHE E 385 45.37 50.31 29.33
N ASP E 386 45.31 51.37 28.55
CA ASP E 386 46.34 52.39 28.56
C ASP E 386 46.38 53.17 29.89
N ILE E 387 45.22 53.57 30.37
CA ILE E 387 45.16 54.29 31.62
C ILE E 387 45.34 53.33 32.79
N MET E 388 44.68 52.16 32.67
CA MET E 388 44.54 51.26 33.79
C MET E 388 45.84 50.52 34.09
N PHE E 389 46.71 50.31 33.11
CA PHE E 389 47.96 49.60 33.37
C PHE E 389 49.07 50.48 33.90
N ASP E 390 49.17 51.70 33.39
CA ASP E 390 50.25 52.59 33.79
C ASP E 390 50.10 53.12 35.21
N ASN E 391 48.87 53.12 35.72
CA ASN E 391 48.58 53.58 37.07
C ASN E 391 48.39 52.43 38.03
N HIS E 392 48.78 51.21 37.62
CA HIS E 392 48.79 49.99 38.46
C HIS E 392 47.42 49.66 39.02
N ALA E 393 46.40 49.91 38.20
CA ALA E 393 45.07 50.17 38.73
C ALA E 393 44.34 48.94 39.15
N TYR E 394 44.74 47.77 38.69
CA TYR E 394 44.39 46.51 39.39
C TYR E 394 45.52 45.51 39.27
N THR E 395 46.74 45.98 39.10
CA THR E 395 47.79 45.15 38.61
C THR E 395 48.33 44.23 39.69
N HIS E 396 48.24 44.63 40.95
CA HIS E 396 48.85 43.84 42.00
C HIS E 396 48.15 42.51 42.24
N TRP E 397 46.92 42.35 41.78
CA TRP E 397 46.25 41.05 41.82
C TRP E 397 46.85 40.06 40.83
N TYR E 398 47.51 40.57 39.79
CA TYR E 398 48.29 39.71 38.88
C TYR E 398 49.69 39.49 39.38
N GLU E 399 50.29 40.55 39.94
CA GLU E 399 51.65 40.48 40.40
C GLU E 399 51.77 39.55 41.59
N ASN E 400 50.82 39.62 42.51
CA ASN E 400 50.81 38.74 43.67
C ASN E 400 50.15 37.40 43.38
N ALA E 401 49.96 37.04 42.12
CA ALA E 401 49.47 35.73 41.72
C ALA E 401 50.19 35.17 40.48
N GLY E 402 51.39 35.66 40.21
CA GLY E 402 52.28 35.04 39.23
C GLY E 402 52.68 35.90 38.04
N VAL E 403 51.79 36.81 37.62
CA VAL E 403 51.93 37.49 36.34
C VAL E 403 52.43 38.90 36.53
N SER E 404 53.64 39.18 36.06
CA SER E 404 54.27 40.49 36.23
C SER E 404 53.81 41.49 35.19
N ARG E 405 54.25 42.73 35.35
CA ARG E 405 53.96 43.79 34.40
C ARG E 405 54.72 43.63 33.10
N ASP E 406 55.83 42.91 33.12
CA ASP E 406 56.55 42.60 31.90
C ASP E 406 55.73 41.66 31.02
N MET E 407 55.08 40.68 31.66
CA MET E 407 54.24 39.71 31.00
C MET E 407 52.94 40.35 30.52
N MET E 408 52.55 41.47 31.11
CA MET E 408 51.28 42.14 30.81
C MET E 408 51.44 43.27 29.81
N ALA E 409 52.56 43.98 29.82
CA ALA E 409 52.81 44.97 28.79
C ALA E 409 53.11 44.29 27.46
N LYS E 410 53.76 43.12 27.51
CA LYS E 410 54.01 42.32 26.32
C LYS E 410 52.71 41.82 25.71
N ALA E 411 51.69 41.61 26.53
CA ALA E 411 50.36 41.30 26.04
C ALA E 411 49.76 42.50 25.32
N ARG E 412 50.10 43.72 25.75
CA ARG E 412 49.59 44.92 25.11
C ARG E 412 50.27 45.15 23.79
N ASN E 413 51.57 44.88 23.73
CA ASN E 413 52.32 45.21 22.54
C ASN E 413 51.97 44.30 21.36
N GLN E 414 51.30 43.19 21.59
CA GLN E 414 50.77 42.38 20.51
C GLN E 414 49.41 42.87 20.08
N ILE E 415 48.59 43.29 21.03
CA ILE E 415 47.24 43.77 20.69
C ILE E 415 47.31 45.18 20.11
N ALA E 416 48.26 46.00 20.56
CA ALA E 416 48.49 47.28 19.91
C ALA E 416 49.06 47.07 18.51
N THR E 417 49.80 45.99 18.30
CA THR E 417 50.16 45.56 16.95
C THR E 417 48.93 45.06 16.20
N LEU E 418 48.08 44.32 16.89
CA LEU E 418 46.90 43.76 16.26
C LEU E 418 45.87 44.83 15.92
N ALA E 419 45.73 45.84 16.76
CA ALA E 419 44.86 46.96 16.44
C ALA E 419 45.43 47.79 15.30
N GLN E 420 46.74 47.73 15.10
CA GLN E 420 47.36 48.35 13.95
C GLN E 420 47.29 47.46 12.72
N SER E 421 47.27 46.15 12.91
CA SER E 421 47.24 45.20 11.79
C SER E 421 45.94 45.25 11.01
N TYR E 422 44.85 45.71 11.61
CA TYR E 422 43.65 46.03 10.82
C TYR E 422 43.73 47.40 10.16
N ARG E 423 44.36 48.36 10.83
CA ARG E 423 44.57 49.65 10.20
C ARG E 423 45.62 49.60 9.10
N ASP E 424 46.49 48.60 9.15
CA ASP E 424 47.36 48.29 8.01
C ASP E 424 46.62 47.50 6.93
N ALA E 425 45.43 46.99 7.27
CA ALA E 425 44.65 46.18 6.34
C ALA E 425 43.46 46.97 5.77
N SER E 426 43.66 48.25 5.49
CA SER E 426 42.61 49.07 4.88
C SER E 426 43.03 49.58 3.50
N ASP F 1 44.27 -1.73 15.77
CA ASP F 1 44.14 -3.21 15.76
C ASP F 1 45.31 -3.85 16.52
N THR F 2 46.46 -3.17 16.50
CA THR F 2 47.72 -3.51 17.25
C THR F 2 47.55 -3.79 18.75
N ALA F 3 48.38 -4.66 19.34
CA ALA F 3 48.21 -5.13 20.75
C ALA F 3 48.27 -3.98 21.76
N LEU F 4 49.17 -3.05 21.49
CA LEU F 4 49.37 -1.87 22.33
C LEU F 4 48.15 -0.95 22.29
N GLU F 5 47.60 -0.72 21.09
CA GLU F 5 46.36 0.07 20.94
C GLU F 5 45.17 -0.54 21.73
N ARG F 6 45.15 -1.87 21.84
CA ARG F 6 44.12 -2.62 22.58
C ARG F 6 44.29 -2.41 24.07
N GLN F 7 45.52 -2.56 24.55
CA GLN F 7 45.88 -2.26 25.94
C GLN F 7 45.53 -0.81 26.34
N ILE F 8 45.71 0.13 25.42
CA ILE F 8 45.42 1.52 25.67
C ILE F 8 43.93 1.74 25.79
N ALA F 9 43.13 1.11 24.91
CA ALA F 9 41.66 1.30 24.90
C ALA F 9 41.08 0.82 26.24
N SER F 10 41.56 -0.34 26.67
CA SER F 10 41.15 -0.97 27.90
C SER F 10 41.52 -0.12 29.12
N ALA F 11 42.79 0.33 29.15
CA ALA F 11 43.33 1.17 30.22
C ALA F 11 42.64 2.53 30.25
N SER F 12 42.34 3.11 29.08
CA SER F 12 41.57 4.36 29.02
C SER F 12 40.18 4.21 29.58
N ARG F 13 39.44 3.15 29.21
CA ARG F 13 38.08 2.94 29.72
C ARG F 13 38.14 2.85 31.22
N SER F 14 39.07 2.03 31.71
CA SER F 14 39.24 1.80 33.12
C SER F 14 39.55 3.11 33.88
N VAL F 15 40.34 4.01 33.24
CA VAL F 15 40.66 5.34 33.83
C VAL F 15 39.40 6.21 33.83
N GLU F 16 38.72 6.29 32.70
CA GLU F 16 37.45 7.03 32.54
C GLU F 16 36.41 6.59 33.56
N GLU F 17 36.31 5.29 33.80
CA GLU F 17 35.47 4.76 34.86
C GLU F 17 35.87 5.28 36.21
N ALA F 18 37.15 5.16 36.57
CA ALA F 18 37.63 5.74 37.85
C ALA F 18 37.46 7.29 37.95
N ARG F 19 37.56 8.00 36.84
CA ARG F 19 37.31 9.45 36.80
C ARG F 19 35.86 9.74 37.18
N ARG F 20 34.89 9.07 36.53
CA ARG F 20 33.44 9.21 36.76
C ARG F 20 33.10 8.85 38.17
N LEU F 21 33.61 7.71 38.63
CA LEU F 21 33.47 7.32 40.04
C LEU F 21 33.90 8.44 40.98
N ALA F 22 34.99 9.15 40.67
CA ALA F 22 35.52 10.20 41.55
C ALA F 22 34.75 11.50 41.33
N TYR F 23 34.03 11.63 40.21
CA TYR F 23 33.02 12.68 40.02
C TYR F 23 31.84 12.48 40.98
N HIS F 24 31.24 11.26 40.97
CA HIS F 24 30.13 10.91 41.88
C HIS F 24 30.56 10.89 43.37
N ASP F 25 31.78 10.44 43.62
CA ASP F 25 32.30 10.37 44.97
C ASP F 25 33.75 10.90 45.03
N PRO F 26 33.92 12.24 45.31
CA PRO F 26 35.27 12.85 45.21
C PRO F 26 36.37 12.23 46.08
N ILE F 27 36.00 11.49 47.12
CA ILE F 27 36.96 10.82 48.01
C ILE F 27 37.81 9.66 47.38
N ARG F 28 37.36 9.04 46.27
CA ARG F 28 37.95 7.75 45.74
C ARG F 28 39.27 7.90 44.90
N VAL F 29 40.15 8.77 45.38
CA VAL F 29 41.27 9.30 44.60
C VAL F 29 42.34 8.23 44.41
N GLY F 30 42.57 7.45 45.49
CA GLY F 30 43.55 6.37 45.45
C GLY F 30 43.34 5.43 44.26
N ALA F 31 42.10 5.02 44.00
CA ALA F 31 41.81 4.09 42.91
C ALA F 31 42.05 4.73 41.52
N LEU F 32 41.79 6.04 41.43
CA LEU F 32 42.06 6.76 40.19
C LEU F 32 43.54 6.70 39.85
N VAL F 33 44.38 6.90 40.89
CA VAL F 33 45.84 6.86 40.77
C VAL F 33 46.28 5.51 40.21
N GLU F 34 45.77 4.42 40.79
CA GLU F 34 46.12 3.10 40.32
C GLU F 34 45.81 2.84 38.86
N GLN F 35 44.62 3.22 38.44
CA GLN F 35 44.22 3.09 37.05
C GLN F 35 45.07 3.96 36.15
N ILE F 36 45.36 5.18 36.62
CA ILE F 36 46.22 6.10 35.90
C ILE F 36 47.63 5.48 35.71
N SER F 37 48.18 4.84 36.75
CA SER F 37 49.54 4.31 36.62
C SER F 37 49.67 3.33 35.44
N VAL F 38 48.62 2.54 35.19
CA VAL F 38 48.63 1.56 34.13
C VAL F 38 48.58 2.23 32.76
N LEU F 39 47.69 3.21 32.61
CA LEU F 39 47.56 3.94 31.37
C LEU F 39 48.87 4.78 31.12
N ALA F 40 49.40 5.41 32.16
CA ALA F 40 50.61 6.23 32.06
C ALA F 40 51.77 5.37 31.60
N ASP F 41 51.90 4.17 32.20
CA ASP F 41 52.87 3.18 31.68
C ASP F 41 52.79 2.93 30.17
N LEU F 42 51.58 2.85 29.65
CA LEU F 42 51.39 2.51 28.26
C LEU F 42 51.76 3.69 27.40
N ARG F 43 51.44 4.89 27.88
CA ARG F 43 51.75 6.10 27.16
C ARG F 43 53.26 6.28 27.10
N GLN F 44 53.97 5.90 28.17
CA GLN F 44 55.42 5.91 28.16
C GLN F 44 56.00 4.95 27.15
N LYS F 45 55.41 3.76 27.09
CA LYS F 45 55.88 2.72 26.19
C LYS F 45 55.75 3.23 24.76
N GLU F 46 54.68 3.95 24.43
CA GLU F 46 54.58 4.52 23.09
C GLU F 46 55.30 5.87 22.91
N GLY F 47 55.99 6.32 23.96
CA GLY F 47 56.71 7.57 23.92
C GLY F 47 55.91 8.84 24.12
N ASP F 48 54.58 8.78 24.28
CA ASP F 48 53.82 9.97 24.66
C ASP F 48 53.99 10.38 26.17
N PHE F 49 55.17 10.93 26.53
CA PHE F 49 55.45 11.29 27.90
C PHE F 49 54.64 12.47 28.43
N ARG F 50 54.30 13.44 27.59
CA ARG F 50 53.42 14.55 27.99
C ARG F 50 52.03 14.06 28.36
N LYS F 51 51.53 13.00 27.71
CA LYS F 51 50.23 12.46 28.11
C LYS F 51 50.33 11.81 29.45
N ALA F 52 51.38 11.03 29.66
CA ALA F 52 51.61 10.40 30.92
C ALA F 52 51.71 11.44 32.04
N GLU F 53 52.45 12.53 31.79
CA GLU F 53 52.61 13.59 32.74
C GLU F 53 51.27 14.23 33.10
N SER F 54 50.45 14.45 32.08
CA SER F 54 49.14 15.05 32.31
C SER F 54 48.27 14.18 33.21
N LEU F 55 48.32 12.86 33.04
CA LEU F 55 47.55 11.94 33.86
C LEU F 55 47.94 12.06 35.32
N TYR F 56 49.25 12.11 35.58
CA TYR F 56 49.71 12.18 36.96
C TYR F 56 49.46 13.52 37.58
N ARG F 57 49.48 14.56 36.78
CA ARG F 57 49.13 15.88 37.28
C ARG F 57 47.67 15.93 37.65
N GLU F 58 46.85 15.25 36.86
CA GLU F 58 45.43 15.18 37.16
C GLU F 58 45.20 14.47 38.49
N ALA F 59 45.85 13.31 38.66
CA ALA F 59 45.81 12.58 39.93
C ALA F 59 46.22 13.49 41.10
N LEU F 60 47.27 14.26 40.86
CA LEU F 60 47.80 15.15 41.87
C LEU F 60 46.80 16.22 42.25
N PHE F 61 46.15 16.86 41.25
CA PHE F 61 45.16 17.91 41.51
C PHE F 61 43.99 17.35 42.33
N ARG F 62 43.48 16.16 41.96
CA ARG F 62 42.46 15.53 42.78
C ARG F 62 42.90 15.29 44.24
N ALA F 63 44.12 14.84 44.43
CA ALA F 63 44.64 14.63 45.77
C ALA F 63 44.76 15.94 46.54
N GLN F 64 45.19 16.97 45.84
CA GLN F 64 45.30 18.26 46.45
C GLN F 64 43.95 18.88 46.88
N GLU F 65 42.88 18.52 46.21
CA GLU F 65 41.55 19.05 46.53
C GLU F 65 40.84 18.31 47.67
N LEU F 66 41.37 17.18 48.14
CA LEU F 66 40.76 16.50 49.29
C LEU F 66 40.58 17.43 50.49
N ARG F 67 39.42 17.39 51.14
CA ARG F 67 39.22 18.19 52.36
C ARG F 67 40.06 17.71 53.52
N LYS F 68 40.26 16.40 53.63
CA LYS F 68 41.28 15.87 54.53
C LYS F 68 42.52 15.54 53.70
N GLN F 69 43.59 16.32 53.92
CA GLN F 69 44.83 16.14 53.19
C GLN F 69 45.43 14.78 53.45
N ASP F 70 45.80 14.07 52.36
CA ASP F 70 46.43 12.76 52.47
C ASP F 70 47.88 12.85 52.00
N PRO F 71 48.80 13.17 52.92
CA PRO F 71 50.17 13.31 52.52
C PRO F 71 50.79 12.03 51.92
N ASP F 72 50.42 10.88 52.44
CA ASP F 72 50.93 9.63 51.89
C ASP F 72 50.58 9.46 50.40
N LEU F 73 49.38 9.85 50.04
CA LEU F 73 48.93 9.77 48.67
C LEU F 73 49.75 10.72 47.76
N LEU F 74 50.00 11.95 48.26
CA LEU F 74 50.73 12.96 47.54
C LEU F 74 52.17 12.51 47.33
N THR F 75 52.79 12.00 48.40
CA THR F 75 54.12 11.40 48.34
C THR F 75 54.21 10.38 47.18
N GLY F 76 53.24 9.48 47.10
CA GLY F 76 53.23 8.45 46.09
C GLY F 76 53.06 9.01 44.68
N ILE F 77 52.17 10.00 44.56
CA ILE F 77 51.92 10.62 43.27
C ILE F 77 53.21 11.34 42.77
N TYR F 78 53.84 12.12 43.63
CA TYR F 78 55.10 12.77 43.29
C TYR F 78 56.15 11.75 42.87
N SER F 79 56.18 10.59 43.51
CA SER F 79 57.18 9.59 43.18
C SER F 79 56.86 8.97 41.83
N LEU F 80 55.58 8.85 41.47
CA LEU F 80 55.23 8.38 40.13
C LEU F 80 55.68 9.40 39.04
N LEU F 81 55.57 10.69 39.32
CA LEU F 81 56.02 11.72 38.38
C LEU F 81 57.56 11.67 38.29
N ALA F 82 58.20 11.48 39.44
CA ALA F 82 59.65 11.38 39.50
C ALA F 82 60.12 10.24 38.59
N HIS F 83 59.51 9.07 38.75
CA HIS F 83 59.86 7.91 37.94
C HIS F 83 59.59 8.15 36.45
N LEU F 84 58.47 8.83 36.17
CA LEU F 84 58.16 9.23 34.80
C LEU F 84 59.33 10.08 34.22
N TYR F 85 59.73 11.14 34.94
CA TYR F 85 60.86 11.96 34.55
C TYR F 85 62.15 11.16 34.35
N ASP F 86 62.40 10.21 35.24
CA ASP F 86 63.54 9.35 35.11
C ASP F 86 63.50 8.56 33.79
N ARG F 87 62.40 7.89 33.48
CA ARG F 87 62.32 7.13 32.24
C ARG F 87 62.36 8.03 31.02
N TRP F 88 61.91 9.26 31.17
CA TRP F 88 61.90 10.23 30.08
C TRP F 88 63.33 10.69 29.82
N GLY F 89 64.24 10.59 30.79
CA GLY F 89 65.64 11.03 30.61
C GLY F 89 65.83 12.44 31.13
N ARG F 90 64.88 12.92 31.94
CA ARG F 90 64.94 14.22 32.58
C ARG F 90 65.44 14.07 34.01
N MET F 91 66.73 13.77 34.12
CA MET F 91 67.33 13.31 35.38
C MET F 91 67.24 14.33 36.48
N ASP F 92 67.37 15.60 36.16
CA ASP F 92 67.28 16.61 37.24
C ASP F 92 65.89 16.70 37.83
N LYS F 93 64.90 16.54 36.97
CA LYS F 93 63.53 16.71 37.35
C LYS F 93 63.10 15.50 38.19
N ALA F 94 63.60 14.32 37.85
CA ALA F 94 63.33 13.12 38.62
C ALA F 94 63.83 13.30 40.05
N ALA F 95 65.03 13.84 40.23
CA ALA F 95 65.57 14.09 41.56
C ALA F 95 64.74 15.12 42.29
N GLU F 96 64.27 16.13 41.56
CA GLU F 96 63.50 17.20 42.16
C GLU F 96 62.15 16.70 42.71
N PHE F 97 61.55 15.77 41.99
CA PHE F 97 60.23 15.28 42.31
C PHE F 97 60.24 14.23 43.42
N TYR F 98 61.28 13.38 43.44
CA TYR F 98 61.52 12.50 44.59
C TYR F 98 61.77 13.36 45.84
N GLU F 99 62.49 14.46 45.69
CA GLU F 99 62.78 15.31 46.83
C GLU F 99 61.50 15.99 47.38
N LEU F 100 60.61 16.37 46.46
CA LEU F 100 59.31 16.88 46.85
C LEU F 100 58.52 15.85 47.60
N ALA F 101 58.51 14.60 47.11
CA ALA F 101 57.84 13.51 47.80
C ALA F 101 58.36 13.39 49.22
N LEU F 102 59.69 13.43 49.39
CA LEU F 102 60.29 13.22 50.68
C LEU F 102 59.97 14.37 51.61
N LYS F 103 59.86 15.58 51.07
CA LYS F 103 59.60 16.73 51.89
C LYS F 103 58.17 16.67 52.46
N ILE F 104 57.20 16.23 51.67
CA ILE F 104 55.83 16.06 52.14
C ILE F 104 55.74 15.04 53.28
N SER F 105 56.35 13.88 53.07
CA SER F 105 56.45 12.91 54.13
C SER F 105 57.18 13.38 55.40
N ALA F 106 58.30 14.09 55.26
CA ALA F 106 59.05 14.58 56.41
C ALA F 106 58.20 15.56 57.22
N GLU F 107 57.38 16.38 56.56
CA GLU F 107 56.57 17.35 57.29
C GLU F 107 55.34 16.75 57.99
N ASN F 108 54.93 15.57 57.57
CA ASN F 108 53.81 14.90 58.22
C ASN F 108 54.42 13.73 59.01
N GLY F 109 53.75 12.61 59.19
CA GLY F 109 54.40 11.59 60.03
C GLY F 109 55.43 10.66 59.35
N LEU F 110 55.63 10.76 58.04
CA LEU F 110 55.81 9.52 57.28
C LEU F 110 57.23 9.13 56.95
N GLU F 111 58.17 9.83 57.58
CA GLU F 111 59.57 9.47 57.71
C GLU F 111 59.90 7.98 57.55
N GLU F 112 59.25 7.12 58.32
CA GLU F 112 59.62 5.70 58.33
C GLU F 112 58.59 4.83 57.60
N SER F 113 58.24 5.22 56.40
CA SER F 113 57.23 4.47 55.65
C SER F 113 57.83 3.63 54.51
N ASP F 114 57.01 2.75 53.98
CA ASP F 114 57.33 1.92 52.84
C ASP F 114 57.72 2.77 51.61
N LYS F 115 56.81 3.67 51.22
CA LYS F 115 57.03 4.65 50.16
C LYS F 115 58.32 5.43 50.34
N VAL F 116 58.55 5.94 51.54
CA VAL F 116 59.71 6.79 51.76
C VAL F 116 61.04 6.08 51.58
N ALA F 117 61.12 4.84 52.07
CA ALA F 117 62.34 4.07 51.90
C ALA F 117 62.57 3.79 50.41
N THR F 118 61.48 3.50 49.68
CA THR F 118 61.56 3.28 48.23
C THR F 118 62.06 4.53 47.50
N ILE F 119 61.45 5.67 47.83
CA ILE F 119 61.85 6.92 47.26
C ILE F 119 63.34 7.20 47.51
N LYS F 120 63.80 6.98 48.72
CA LYS F 120 65.20 7.28 49.05
C LYS F 120 66.17 6.41 48.27
N ASN F 121 65.79 5.14 48.08
CA ASN F 121 66.54 4.25 47.22
C ASN F 121 66.59 4.81 45.80
N ASN F 122 65.41 5.07 45.21
CA ASN F 122 65.36 5.55 43.84
C ASN F 122 66.09 6.89 43.67
N LEU F 123 65.94 7.80 44.65
CA LEU F 123 66.65 9.05 44.62
C LEU F 123 68.15 8.86 44.71
N ALA F 124 68.60 7.97 45.59
CA ALA F 124 70.02 7.67 45.68
C ALA F 124 70.60 7.24 44.32
N MET F 125 69.81 6.47 43.56
CA MET F 125 70.26 6.02 42.27
C MET F 125 70.42 7.18 41.27
N ILE F 126 69.52 8.17 41.36
CA ILE F 126 69.63 9.33 40.50
C ILE F 126 70.89 10.14 40.89
N PHE F 127 71.13 10.31 42.20
CA PHE F 127 72.34 10.93 42.63
C PHE F 127 73.62 10.23 42.16
N LYS F 128 73.63 8.88 42.14
CA LYS F 128 74.71 8.18 41.51
C LYS F 128 74.91 8.66 40.06
N GLN F 129 73.84 8.76 39.28
CA GLN F 129 73.93 9.22 37.90
C GLN F 129 74.39 10.67 37.81
N LEU F 130 73.96 11.49 38.79
CA LEU F 130 74.44 12.89 38.89
C LEU F 130 75.87 12.99 39.38
N ARG F 131 76.50 11.84 39.65
CA ARG F 131 77.84 11.76 40.17
C ARG F 131 77.95 12.53 41.49
N LYS F 132 76.97 12.35 42.38
CA LYS F 132 77.07 12.85 43.74
C LYS F 132 77.08 11.71 44.72
N PHE F 133 78.26 11.14 44.91
CA PHE F 133 78.40 9.87 45.62
C PHE F 133 77.93 9.93 47.07
N GLU F 134 78.34 10.98 47.79
CA GLU F 134 78.07 11.15 49.22
C GLU F 134 76.56 11.24 49.45
N ARG F 135 75.88 12.03 48.60
CA ARG F 135 74.41 12.13 48.72
C ARG F 135 73.74 10.81 48.42
N ALA F 136 74.24 10.08 47.40
CA ALA F 136 73.74 8.73 47.07
C ALA F 136 73.93 7.75 48.23
N GLU F 137 75.14 7.72 48.77
CA GLU F 137 75.37 6.85 49.93
C GLU F 137 74.41 7.12 51.10
N GLY F 138 74.27 8.41 51.49
CA GLY F 138 73.36 8.83 52.53
C GLY F 138 71.97 8.28 52.34
N TYR F 139 71.37 8.54 51.19
CA TYR F 139 70.01 8.07 50.96
C TYR F 139 69.91 6.57 50.92
N TYR F 140 70.91 5.89 50.32
CA TYR F 140 70.82 4.43 50.30
C TYR F 140 70.82 3.88 51.75
N CYS F 141 71.67 4.43 52.62
CA CYS F 141 71.76 3.99 54.00
C CYS F 141 70.46 4.20 54.73
N GLU F 142 69.85 5.36 54.52
CA GLU F 142 68.53 5.59 55.09
C GLU F 142 67.48 4.62 54.58
N ALA F 143 67.46 4.36 53.28
CA ALA F 143 66.51 3.37 52.73
C ALA F 143 66.75 2.00 53.35
N LEU F 144 68.04 1.63 53.46
CA LEU F 144 68.47 0.38 54.10
C LEU F 144 67.98 0.21 55.55
N GLU F 145 68.31 1.14 56.45
CA GLU F 145 67.76 1.16 57.83
C GLU F 145 66.24 1.07 57.86
N THR F 146 65.54 1.86 57.06
CA THR F 146 64.07 1.82 57.10
C THR F 146 63.53 0.46 56.69
N PHE F 147 64.06 -0.11 55.63
CA PHE F 147 63.62 -1.44 55.24
C PHE F 147 63.99 -2.51 56.28
N GLN F 148 65.14 -2.34 56.93
CA GLN F 148 65.52 -3.21 58.02
C GLN F 148 64.47 -3.19 59.14
N ARG F 149 64.06 -1.98 59.56
CA ARG F 149 63.04 -1.84 60.59
C ARG F 149 61.65 -2.24 60.14
N LEU F 150 61.35 -2.19 58.86
CA LEU F 150 60.00 -2.49 58.39
C LEU F 150 59.81 -3.92 58.07
N ASP F 151 60.75 -4.49 57.31
CA ASP F 151 60.76 -5.90 56.89
C ASP F 151 61.83 -6.50 57.79
N GLY F 152 62.02 -7.83 57.81
CA GLY F 152 63.18 -8.36 58.55
C GLY F 152 64.47 -7.94 57.85
N GLU F 153 65.63 -8.20 58.45
CA GLU F 153 66.86 -8.25 57.64
C GLU F 153 66.72 -9.25 56.49
N GLN F 154 65.93 -10.30 56.72
CA GLN F 154 65.74 -11.29 55.69
C GLN F 154 64.59 -10.88 54.80
N SER F 155 64.83 -9.94 53.88
CA SER F 155 63.78 -9.54 52.90
C SER F 155 64.36 -9.11 51.58
N ALA F 156 63.55 -9.21 50.54
CA ALA F 156 63.95 -8.85 49.20
C ALA F 156 64.39 -7.36 49.09
N ARG F 157 63.62 -6.48 49.74
CA ARG F 157 63.88 -5.07 49.71
C ARG F 157 65.19 -4.66 50.39
N VAL F 158 65.50 -5.31 51.51
CA VAL F 158 66.80 -5.11 52.15
C VAL F 158 67.94 -5.55 51.24
N ALA F 159 67.77 -6.72 50.60
CA ALA F 159 68.84 -7.23 49.74
C ALA F 159 69.00 -6.31 48.53
N SER F 160 67.89 -5.80 48.00
CA SER F 160 67.97 -4.84 46.88
C SER F 160 68.78 -3.56 47.21
N VAL F 161 68.57 -3.02 48.41
CA VAL F 161 69.34 -1.84 48.77
C VAL F 161 70.80 -2.21 48.99
N TYR F 162 71.05 -3.36 49.60
CA TYR F 162 72.42 -3.85 49.69
C TYR F 162 73.09 -3.93 48.33
N ASN F 163 72.43 -4.59 47.38
CA ASN F 163 72.88 -4.64 46.02
C ASN F 163 73.21 -3.24 45.43
N ASN F 164 72.26 -2.30 45.58
CA ASN F 164 72.41 -0.93 45.04
C ASN F 164 73.58 -0.19 45.66
N LEU F 165 73.75 -0.34 46.98
CA LEU F 165 74.96 0.18 47.62
C LEU F 165 76.24 -0.48 47.08
N GLY F 166 76.15 -1.79 46.84
CA GLY F 166 77.27 -2.53 46.34
C GLY F 166 77.75 -1.93 45.04
N VAL F 167 76.82 -1.71 44.10
CA VAL F 167 77.15 -1.16 42.80
C VAL F 167 77.68 0.28 42.95
N LEU F 168 77.15 1.02 43.93
CA LEU F 168 77.62 2.37 44.16
C LEU F 168 79.06 2.34 44.60
N TYR F 169 79.38 1.50 45.60
CA TYR F 169 80.73 1.43 46.10
C TYR F 169 81.66 0.91 45.04
N TYR F 170 81.20 -0.11 44.30
CA TYR F 170 82.00 -0.66 43.22
C TYR F 170 82.35 0.41 42.17
N SER F 171 81.35 1.19 41.75
CA SER F 171 81.56 2.23 40.75
C SER F 171 82.51 3.33 41.22
N HIS F 172 82.58 3.63 42.52
CA HIS F 172 83.60 4.58 43.03
C HIS F 172 84.85 3.89 43.49
N MET F 173 85.07 2.66 43.01
CA MET F 173 86.19 1.79 43.36
C MET F 173 86.51 1.61 44.89
N ASP F 174 85.49 1.76 45.75
CA ASP F 174 85.60 1.22 47.12
C ASP F 174 85.26 -0.27 47.11
N VAL F 175 86.24 -1.09 46.75
CA VAL F 175 86.07 -2.52 46.53
C VAL F 175 85.71 -3.26 47.83
N ASP F 176 86.36 -2.91 48.93
CA ASP F 176 86.03 -3.55 50.20
C ASP F 176 84.59 -3.44 50.60
N ARG F 177 84.06 -2.23 50.56
CA ARG F 177 82.68 -2.03 50.99
C ARG F 177 81.70 -2.62 49.99
N ALA F 178 82.08 -2.60 48.70
CA ALA F 178 81.27 -3.26 47.65
C ALA F 178 81.10 -4.72 47.96
N GLN F 179 82.20 -5.36 48.34
CA GLN F 179 82.17 -6.75 48.72
C GLN F 179 81.21 -7.06 49.87
N VAL F 180 81.33 -6.28 50.96
CA VAL F 180 80.48 -6.49 52.12
C VAL F 180 78.99 -6.43 51.72
N MET F 181 78.64 -5.35 51.04
CA MET F 181 77.30 -5.12 50.54
C MET F 181 76.78 -6.27 49.69
N HIS F 182 77.56 -6.69 48.69
CA HIS F 182 77.07 -7.78 47.82
C HIS F 182 76.97 -9.14 48.49
N GLU F 183 77.84 -9.38 49.47
CA GLU F 183 77.78 -10.62 50.25
C GLU F 183 76.57 -10.62 51.13
N ARG F 184 76.34 -9.52 51.88
CA ARG F 184 75.07 -9.37 52.64
C ARG F 184 73.82 -9.57 51.76
N ALA F 185 73.87 -9.07 50.52
CA ALA F 185 72.80 -9.27 49.55
C ALA F 185 72.69 -10.73 49.18
N LEU F 186 73.83 -11.38 48.89
CA LEU F 186 73.87 -12.84 48.60
C LEU F 186 73.28 -13.69 49.72
N ALA F 187 73.79 -13.50 50.94
CA ALA F 187 73.28 -14.14 52.16
C ALA F 187 71.74 -14.13 52.23
N ILE F 188 71.15 -12.94 52.07
CA ILE F 188 69.69 -12.80 52.12
C ILE F 188 69.05 -13.51 50.94
N ARG F 189 69.57 -13.28 49.74
CA ARG F 189 68.87 -13.73 48.54
C ARG F 189 68.79 -15.25 48.36
N GLN F 190 69.79 -15.95 48.91
CA GLN F 190 69.79 -17.42 48.97
C GLN F 190 68.64 -18.00 49.78
N ASN F 191 68.32 -17.34 50.91
CA ASN F 191 67.31 -17.81 51.87
C ASN F 191 65.85 -17.50 51.50
N LEU F 192 65.59 -17.10 50.26
CA LEU F 192 64.31 -16.58 49.84
C LEU F 192 64.01 -17.09 48.44
N HIS F 193 63.31 -18.23 48.35
CA HIS F 193 63.20 -19.04 47.12
C HIS F 193 61.95 -18.76 46.23
N GLU F 194 60.77 -18.79 46.84
CA GLU F 194 59.49 -18.57 46.16
C GLU F 194 59.37 -17.25 45.39
N GLY F 195 58.17 -17.09 44.81
CA GLY F 195 57.70 -15.85 44.17
C GLY F 195 57.86 -14.53 44.93
N GLN F 196 58.42 -14.58 46.14
CA GLN F 196 58.88 -13.37 46.85
C GLN F 196 60.23 -12.82 46.34
N MET F 197 60.87 -13.58 45.45
CA MET F 197 62.05 -13.15 44.72
C MET F 197 62.28 -14.05 43.50
N ASP F 198 62.44 -13.42 42.34
CA ASP F 198 62.76 -14.15 41.13
C ASP F 198 64.26 -14.52 41.14
N PRO F 199 64.62 -15.63 40.46
CA PRO F 199 66.04 -16.02 40.47
C PRO F 199 66.98 -15.10 39.67
N ALA F 200 66.49 -14.34 38.69
CA ALA F 200 67.35 -13.40 37.95
C ALA F 200 68.06 -12.36 38.85
N ASP F 201 67.44 -11.93 39.96
CA ASP F 201 68.12 -11.07 40.96
C ASP F 201 69.30 -11.76 41.63
N LEU F 202 69.14 -13.06 41.86
CA LEU F 202 70.22 -13.85 42.46
C LEU F 202 71.44 -13.93 41.51
N SER F 203 71.17 -14.07 40.21
CA SER F 203 72.20 -14.08 39.20
C SER F 203 72.93 -12.75 39.10
N GLN F 204 72.21 -11.64 39.27
CA GLN F 204 72.82 -10.31 39.28
C GLN F 204 73.81 -10.17 40.43
N THR F 205 73.44 -10.73 41.58
CA THR F 205 74.32 -10.66 42.73
C THR F 205 75.65 -11.39 42.46
N PHE F 206 75.58 -12.58 41.84
CA PHE F 206 76.80 -13.32 41.48
C PHE F 206 77.61 -12.57 40.46
N ILE F 207 76.94 -12.11 39.40
CA ILE F 207 77.55 -11.22 38.42
C ILE F 207 78.29 -10.05 39.10
N ASN F 208 77.62 -9.37 40.05
CA ASN F 208 78.21 -8.22 40.73
C ASN F 208 79.38 -8.62 41.65
N LEU F 209 79.19 -9.71 42.40
CA LEU F 209 80.27 -10.31 43.18
C LEU F 209 81.47 -10.66 42.32
N GLY F 210 81.20 -11.21 41.13
CA GLY F 210 82.24 -11.51 40.17
C GLY F 210 83.11 -10.32 39.87
N ALA F 211 82.49 -9.21 39.47
CA ALA F 211 83.27 -7.98 39.19
C ALA F 211 84.02 -7.45 40.41
N VAL F 212 83.45 -7.67 41.61
CA VAL F 212 84.07 -7.18 42.85
C VAL F 212 85.27 -8.05 43.19
N TYR F 213 85.07 -9.37 43.19
CA TYR F 213 86.19 -10.26 43.44
C TYR F 213 87.34 -10.07 42.42
N LYS F 214 86.99 -9.87 41.15
CA LYS F 214 87.99 -9.65 40.11
C LYS F 214 88.78 -8.36 40.40
N ALA F 215 88.08 -7.29 40.76
CA ALA F 215 88.70 -6.04 41.23
C ALA F 215 89.56 -6.22 42.49
N ALA F 216 89.16 -7.16 43.34
CA ALA F 216 89.93 -7.45 44.55
C ALA F 216 91.20 -8.32 44.28
N GLY F 217 91.40 -8.78 43.04
CA GLY F 217 92.47 -9.76 42.72
C GLY F 217 92.23 -11.21 43.15
N ASP F 218 90.97 -11.59 43.39
CA ASP F 218 90.61 -12.97 43.67
C ASP F 218 89.85 -13.58 42.47
N PHE F 219 90.62 -13.89 41.43
CA PHE F 219 90.09 -14.25 40.11
C PHE F 219 89.40 -15.59 40.10
N GLN F 220 89.80 -16.41 41.07
CA GLN F 220 89.25 -17.73 41.39
C GLN F 220 87.77 -17.57 41.79
N LYS F 221 87.51 -16.76 42.84
CA LYS F 221 86.18 -16.61 43.42
C LYS F 221 85.33 -15.84 42.43
N ALA F 222 86.01 -14.97 41.68
CA ALA F 222 85.38 -14.24 40.57
C ALA F 222 84.76 -15.20 39.55
N GLU F 223 85.56 -16.09 38.99
CA GLU F 223 85.04 -17.06 38.01
C GLU F 223 83.98 -17.98 38.61
N ALA F 224 84.16 -18.42 39.86
CA ALA F 224 83.15 -19.23 40.57
C ALA F 224 81.77 -18.54 40.59
N CYS F 225 81.78 -17.20 40.81
CA CYS F 225 80.55 -16.40 40.81
C CYS F 225 79.95 -16.28 39.43
N VAL F 226 80.77 -15.88 38.46
CA VAL F 226 80.36 -15.78 37.05
C VAL F 226 79.80 -17.13 36.53
N ASP F 227 80.40 -18.23 36.96
CA ASP F 227 79.88 -19.57 36.70
C ASP F 227 78.48 -19.76 37.28
N ARG F 228 78.31 -19.49 38.59
CA ARG F 228 77.02 -19.74 39.21
C ARG F 228 75.89 -18.87 38.65
N ALA F 229 76.25 -17.71 38.09
CA ALA F 229 75.27 -16.83 37.46
C ALA F 229 74.85 -17.43 36.14
N LYS F 230 75.81 -18.00 35.42
CA LYS F 230 75.55 -18.65 34.14
C LYS F 230 74.66 -19.89 34.34
N ARG F 231 74.96 -20.68 35.37
CA ARG F 231 74.13 -21.84 35.75
C ARG F 231 72.66 -21.44 36.02
N ILE F 232 72.48 -20.32 36.73
CA ILE F 232 71.14 -19.81 37.07
C ILE F 232 70.36 -19.35 35.82
N ARG F 233 70.98 -18.48 35.02
CA ARG F 233 70.40 -17.97 33.77
C ARG F 233 70.07 -19.09 32.78
N ALA F 234 70.92 -20.13 32.76
CA ALA F 234 70.64 -21.35 31.99
C ALA F 234 69.46 -22.13 32.58
N ALA F 235 69.43 -22.33 33.90
CA ALA F 235 68.40 -23.13 34.59
C ALA F 235 66.97 -22.56 34.58
N MET F 236 66.81 -21.32 34.09
CA MET F 236 65.47 -20.71 33.98
C MET F 236 64.88 -20.85 32.58
N ASN F 237 65.59 -21.55 31.70
CA ASN F 237 64.94 -22.17 30.53
C ASN F 237 64.18 -23.51 30.74
N GLY F 238 64.60 -24.32 31.71
CA GLY F 238 63.93 -25.57 32.02
C GLY F 238 64.20 -26.65 30.98
N VAL G 1 2.37 -11.21 70.33
CA VAL G 1 3.81 -11.03 70.59
C VAL G 1 4.19 -11.62 71.93
N ASN G 2 5.47 -11.87 72.15
CA ASN G 2 5.96 -12.39 73.42
C ASN G 2 5.65 -11.48 74.56
N ASN G 3 4.66 -11.84 75.37
CA ASN G 3 4.30 -11.04 76.51
C ASN G 3 5.34 -11.19 77.59
N THR G 4 5.47 -10.20 78.46
CA THR G 4 6.43 -10.24 79.54
C THR G 4 5.99 -9.46 80.74
N ILE G 5 5.97 -10.14 81.87
CA ILE G 5 5.49 -9.63 83.11
C ILE G 5 6.60 -9.01 83.89
N VAL G 6 6.34 -7.83 84.47
CA VAL G 6 7.30 -7.18 85.31
C VAL G 6 6.79 -7.15 86.71
N VAL G 7 7.21 -8.15 87.49
CA VAL G 7 6.85 -8.22 88.90
C VAL G 7 7.79 -7.32 89.70
N SER G 8 7.25 -6.60 90.67
CA SER G 8 7.99 -5.53 91.34
C SER G 8 7.96 -5.70 92.82
N ILE G 9 9.00 -6.27 93.35
CA ILE G 9 8.99 -6.70 94.73
C ILE G 9 9.89 -5.78 95.57
N GLY G 10 9.43 -5.48 96.75
CA GLY G 10 10.22 -4.68 97.62
C GLY G 10 10.07 -3.21 97.33
N GLN G 11 10.62 -2.37 98.22
CA GLN G 11 10.60 -0.94 97.96
C GLN G 11 11.54 -0.61 96.82
N ALA G 12 12.72 -1.25 96.79
CA ALA G 12 13.70 -0.94 95.74
C ALA G 12 13.26 -1.40 94.36
N GLY G 13 12.51 -2.45 94.31
CA GLY G 13 12.01 -2.88 93.02
C GLY G 13 10.81 -2.10 92.57
N ASN G 14 9.97 -1.65 93.50
CA ASN G 14 8.82 -0.89 93.12
C ASN G 14 9.22 0.48 92.66
N GLN G 15 10.19 1.11 93.34
CA GLN G 15 10.52 2.45 92.97
C GLN G 15 11.31 2.49 91.65
N ILE G 16 11.96 1.39 91.27
CA ILE G 16 12.37 1.25 89.89
C ILE G 16 11.13 1.12 89.00
N ALA G 17 10.21 0.24 89.36
CA ALA G 17 9.02 -0.03 88.53
C ALA G 17 8.01 1.13 88.57
N ALA G 18 8.10 1.98 89.58
CA ALA G 18 7.33 3.19 89.53
C ALA G 18 7.86 4.01 88.38
N SER G 19 9.20 4.09 88.26
CA SER G 19 9.85 4.81 87.18
C SER G 19 10.00 4.02 85.92
N PHE G 20 9.91 2.72 85.99
CA PHE G 20 9.99 1.88 84.78
C PHE G 20 8.69 1.99 83.94
N TRP G 21 7.55 1.90 84.56
CA TRP G 21 6.31 2.06 83.83
C TRP G 21 6.00 3.54 83.52
N LYS G 22 6.66 4.48 84.19
CA LYS G 22 6.66 5.85 83.70
C LYS G 22 7.30 5.87 82.35
N THR G 23 8.44 5.18 82.19
CA THR G 23 9.20 5.21 80.95
C THR G 23 8.53 4.45 79.84
N VAL G 24 8.18 3.22 80.12
CA VAL G 24 7.65 2.34 79.10
C VAL G 24 6.33 2.90 78.54
N CYS G 25 5.47 3.46 79.38
CA CYS G 25 4.24 4.07 78.89
C CYS G 25 4.50 5.32 78.05
N LEU G 26 5.46 6.15 78.49
CA LEU G 26 5.89 7.27 77.69
C LEU G 26 6.60 6.80 76.43
N GLU G 27 7.24 5.64 76.49
CA GLU G 27 7.93 5.08 75.33
C GLU G 27 6.94 4.61 74.28
N HIS G 28 5.78 4.12 74.71
CA HIS G 28 4.73 3.69 73.79
C HIS G 28 3.71 4.76 73.50
N GLY G 29 3.96 6.00 73.95
CA GLY G 29 3.04 7.12 73.71
C GLY G 29 1.73 6.99 74.51
N ILE G 30 1.85 6.47 75.74
CA ILE G 30 0.71 6.28 76.63
C ILE G 30 0.92 7.16 77.85
N ASP G 31 -0.14 7.81 78.30
CA ASP G 31 -0.09 8.69 79.45
C ASP G 31 0.25 7.86 80.70
N PRO G 32 1.38 8.16 81.37
CA PRO G 32 1.74 7.38 82.53
C PRO G 32 0.95 7.69 83.81
N LEU G 33 -0.02 8.59 83.75
CA LEU G 33 -0.85 8.91 84.92
C LEU G 33 -2.31 8.50 84.80
N THR G 34 -2.72 8.05 83.61
CA THR G 34 -4.08 7.54 83.42
C THR G 34 -4.13 6.13 82.86
N GLY G 35 -3.08 5.69 82.16
CA GLY G 35 -3.11 4.41 81.46
C GLY G 35 -3.71 4.49 80.06
N GLN G 36 -4.45 5.54 79.75
CA GLN G 36 -5.06 5.70 78.43
C GLN G 36 -4.05 6.32 77.49
N THR G 37 -4.16 5.96 76.23
CA THR G 37 -3.33 6.52 75.18
C THR G 37 -3.88 7.86 74.73
N ALA G 38 -3.26 8.43 73.70
CA ALA G 38 -3.83 9.62 73.05
C ALA G 38 -5.13 9.20 72.34
N PRO G 39 -6.19 10.04 72.42
CA PRO G 39 -7.54 9.59 72.04
C PRO G 39 -7.74 9.22 70.58
N GLY G 40 -8.07 7.95 70.34
CA GLY G 40 -8.37 7.45 69.00
C GLY G 40 -7.19 6.80 68.29
N VAL G 41 -5.97 7.27 68.56
CA VAL G 41 -4.78 6.79 67.85
C VAL G 41 -4.17 5.61 68.63
N ALA G 42 -3.57 4.68 67.89
CA ALA G 42 -2.94 3.51 68.47
C ALA G 42 -1.65 3.92 69.19
N PRO G 43 -1.22 3.15 70.20
CA PRO G 43 0.11 3.40 70.79
C PRO G 43 1.24 3.02 69.85
N ARG G 44 2.33 3.77 69.91
CA ARG G 44 3.48 3.46 69.07
C ARG G 44 4.13 2.20 69.57
N GLY G 45 4.81 1.52 68.65
CA GLY G 45 5.48 0.25 68.99
C GLY G 45 4.46 -0.84 69.21
N ASN G 46 4.95 -1.98 69.67
CA ASN G 46 4.08 -3.10 69.98
C ASN G 46 3.77 -3.11 71.46
N TRP G 47 2.60 -2.56 71.81
CA TRP G 47 2.19 -2.35 73.18
C TRP G 47 1.99 -3.66 73.94
N SER G 48 1.55 -4.70 73.26
CA SER G 48 1.05 -5.89 73.92
C SER G 48 2.13 -6.77 74.48
N SER G 49 3.40 -6.35 74.40
CA SER G 49 4.46 -7.12 75.06
C SER G 49 4.41 -6.94 76.55
N PHE G 50 4.16 -5.71 76.99
CA PHE G 50 4.06 -5.40 78.42
C PHE G 50 2.64 -5.08 78.89
N PHE G 51 1.74 -4.72 77.98
CA PHE G 51 0.47 -4.14 78.34
C PHE G 51 -0.67 -5.12 78.11
N SER G 52 -1.89 -4.68 78.35
CA SER G 52 -3.07 -5.46 78.11
C SER G 52 -4.23 -4.51 77.74
N LYS G 53 -5.07 -4.96 76.83
CA LYS G 53 -6.17 -4.16 76.34
C LYS G 53 -7.29 -4.21 77.39
N LEU G 54 -7.50 -3.09 78.06
CA LEU G 54 -8.59 -2.95 79.02
C LEU G 54 -9.61 -1.99 78.42
N GLY G 55 -10.74 -2.53 77.98
CA GLY G 55 -11.75 -1.76 77.29
C GLY G 55 -11.43 -1.70 75.80
N GLU G 56 -12.40 -2.08 74.97
CA GLU G 56 -12.19 -2.23 73.53
C GLU G 56 -12.58 -0.98 72.75
N SER G 57 -12.49 0.19 73.38
CA SER G 57 -12.90 1.43 72.75
C SER G 57 -11.76 2.17 72.04
N SER G 58 -10.55 1.59 72.07
CA SER G 58 -9.31 2.15 71.49
C SER G 58 -8.82 3.46 72.13
N SER G 59 -9.53 3.95 73.14
CA SER G 59 -9.10 5.10 73.93
C SER G 59 -9.03 4.80 75.42
N GLY G 60 -9.40 3.59 75.83
CA GLY G 60 -9.34 3.21 77.22
C GLY G 60 -7.94 2.93 77.70
N SER G 61 -7.85 2.62 78.98
CA SER G 61 -6.58 2.39 79.63
C SER G 61 -5.96 1.07 79.19
N TYR G 62 -4.62 1.05 79.16
CA TYR G 62 -3.86 -0.18 78.92
C TYR G 62 -3.18 -0.55 80.21
N VAL G 63 -3.69 -1.60 80.84
CA VAL G 63 -3.12 -2.08 82.07
C VAL G 63 -1.81 -2.80 81.79
N PRO G 64 -0.71 -2.37 82.45
CA PRO G 64 0.53 -3.10 82.28
C PRO G 64 0.54 -4.42 82.97
N ARG G 65 1.25 -5.38 82.39
CA ARG G 65 1.44 -6.68 82.99
C ARG G 65 2.44 -6.55 84.11
N ALA G 66 1.93 -6.15 85.27
CA ALA G 66 2.81 -5.82 86.39
C ALA G 66 2.09 -5.98 87.67
N ILE G 67 2.66 -6.82 88.54
CA ILE G 67 2.23 -6.96 89.91
C ILE G 67 3.24 -6.34 90.87
N MET G 68 2.83 -5.39 91.68
CA MET G 68 3.70 -4.72 92.62
C MET G 68 3.50 -5.24 94.04
N VAL G 69 4.48 -5.93 94.57
CA VAL G 69 4.35 -6.62 95.80
C VAL G 69 5.29 -6.06 96.84
N ASP G 70 4.74 -5.59 97.94
CA ASP G 70 5.61 -5.16 99.06
C ASP G 70 4.81 -5.19 100.32
N LEU G 71 5.48 -5.58 101.38
CA LEU G 71 4.84 -5.83 102.63
C LEU G 71 4.55 -4.58 103.45
N GLU G 72 5.13 -3.47 103.01
CA GLU G 72 4.94 -2.13 103.55
C GLU G 72 3.95 -1.35 102.66
N PRO G 73 2.99 -0.67 103.25
CA PRO G 73 1.95 -0.08 102.43
C PRO G 73 2.33 1.22 101.74
N SER G 74 3.32 1.90 102.30
CA SER G 74 3.66 3.24 101.88
C SER G 74 4.30 3.33 100.52
N VAL G 75 4.77 2.20 99.99
CA VAL G 75 5.52 2.21 98.74
C VAL G 75 4.56 2.18 97.58
N ILE G 76 3.56 1.30 97.65
CA ILE G 76 2.60 1.16 96.55
C ILE G 76 1.54 2.27 96.63
N ASP G 77 1.26 2.74 97.83
CA ASP G 77 0.39 3.91 97.97
C ASP G 77 1.04 5.17 97.43
N ASN G 78 2.37 5.19 97.40
CA ASN G 78 3.06 6.23 96.64
C ASN G 78 2.85 6.01 95.15
N VAL G 79 2.82 4.76 94.70
CA VAL G 79 2.61 4.47 93.29
C VAL G 79 1.17 4.72 92.90
N LYS G 80 0.22 4.34 93.75
CA LYS G 80 -1.19 4.59 93.48
C LYS G 80 -1.50 6.10 93.42
N ALA G 81 -0.75 6.91 94.17
CA ALA G 81 -0.89 8.35 94.07
C ALA G 81 -0.21 8.90 92.81
N THR G 82 0.72 8.15 92.23
CA THR G 82 1.48 8.62 91.07
C THR G 82 1.32 7.74 89.84
N SER G 83 0.22 7.01 89.76
CA SER G 83 -0.13 6.29 88.56
C SER G 83 -1.59 6.47 88.14
N GLY G 84 -2.49 6.82 89.05
CA GLY G 84 -3.88 7.01 88.70
C GLY G 84 -4.54 5.68 88.39
N SER G 85 -5.21 5.62 87.25
CA SER G 85 -5.89 4.40 86.81
C SER G 85 -5.06 3.63 85.82
N LEU G 86 -3.74 3.66 85.96
CA LEU G 86 -2.85 2.96 85.04
C LEU G 86 -2.71 1.49 85.36
N PHE G 87 -2.26 1.18 86.57
CA PHE G 87 -2.12 -0.21 86.95
C PHE G 87 -3.45 -0.82 87.28
N ASN G 88 -3.49 -2.14 87.28
CA ASN G 88 -4.64 -2.83 87.80
C ASN G 88 -4.51 -2.91 89.32
N PRO G 89 -5.38 -2.24 90.08
CA PRO G 89 -5.17 -2.18 91.52
C PRO G 89 -5.47 -3.49 92.25
N ALA G 90 -5.88 -4.53 91.53
CA ALA G 90 -5.84 -5.88 92.09
C ALA G 90 -4.42 -6.47 92.08
N ASN G 91 -3.54 -5.93 91.24
CA ASN G 91 -2.13 -6.31 91.20
C ASN G 91 -1.26 -5.50 92.14
N LEU G 92 -1.76 -4.40 92.65
CA LEU G 92 -0.97 -3.51 93.50
C LEU G 92 -1.20 -3.94 94.93
N ILE G 93 -0.63 -5.09 95.29
CA ILE G 93 -0.85 -5.75 96.57
C ILE G 93 0.07 -5.08 97.60
N SER G 94 -0.47 -4.84 98.79
CA SER G 94 0.30 -4.30 99.89
C SER G 94 -0.16 -4.93 101.20
N ARG G 95 0.70 -4.86 102.20
CA ARG G 95 0.39 -5.31 103.56
C ARG G 95 0.69 -4.18 104.55
N THR G 96 0.68 -4.50 105.83
CA THR G 96 0.79 -3.50 106.87
C THR G 96 2.16 -3.49 107.55
N GLU G 97 2.61 -4.67 107.97
CA GLU G 97 3.72 -4.76 108.90
C GLU G 97 5.07 -4.50 108.26
N GLY G 98 5.26 -4.96 107.02
CA GLY G 98 6.58 -4.88 106.39
C GLY G 98 7.50 -5.99 106.84
N ALA G 99 8.71 -6.01 106.29
CA ALA G 99 9.69 -7.05 106.61
C ALA G 99 10.89 -6.55 107.39
N GLY G 100 11.52 -5.55 106.82
CA GLY G 100 12.51 -4.80 107.57
C GLY G 100 13.80 -5.55 107.74
N GLY G 101 14.46 -5.75 106.61
CA GLY G 101 15.80 -6.35 106.58
C GLY G 101 15.80 -7.79 107.03
N ASN G 102 14.64 -8.38 107.18
CA ASN G 102 14.56 -9.77 107.67
C ASN G 102 14.12 -10.60 106.48
N PHE G 103 15.05 -11.38 105.97
CA PHE G 103 14.76 -12.33 104.89
C PHE G 103 13.63 -13.28 105.26
N ALA G 104 13.64 -13.73 106.49
CA ALA G 104 12.70 -14.71 106.91
C ALA G 104 11.38 -14.07 107.34
N VAL G 105 11.05 -12.87 106.84
CA VAL G 105 9.70 -12.37 106.84
C VAL G 105 9.14 -12.35 105.41
N GLY G 106 9.95 -11.89 104.47
CA GLY G 106 9.54 -11.95 103.06
C GLY G 106 9.49 -13.34 102.49
N TYR G 107 10.34 -14.22 102.97
CA TYR G 107 10.41 -15.57 102.43
C TYR G 107 9.47 -16.49 103.16
N LEU G 108 9.62 -16.56 104.48
CA LEU G 108 8.80 -17.41 105.33
C LEU G 108 8.15 -16.59 106.43
N GLY G 109 7.02 -15.95 106.11
CA GLY G 109 6.43 -14.99 107.03
C GLY G 109 5.30 -14.21 106.39
N ALA G 110 5.40 -12.89 106.43
CA ALA G 110 4.39 -12.04 105.81
C ALA G 110 4.40 -12.17 104.29
N GLY G 111 5.52 -12.64 103.73
CA GLY G 111 5.59 -12.90 102.30
C GLY G 111 4.99 -14.24 101.95
N ARG G 112 4.97 -15.16 102.90
CA ARG G 112 4.28 -16.40 102.72
C ARG G 112 2.77 -16.17 102.71
N GLU G 113 2.30 -15.13 103.42
CA GLU G 113 0.89 -14.82 103.45
C GLU G 113 0.41 -14.27 102.11
N VAL G 114 1.21 -13.42 101.48
CA VAL G 114 0.82 -12.84 100.21
C VAL G 114 1.00 -13.76 99.04
N LEU G 115 1.74 -14.85 99.22
CA LEU G 115 2.03 -15.74 98.13
C LEU G 115 0.79 -16.44 97.52
N PRO G 116 -0.24 -16.84 98.31
CA PRO G 116 -1.46 -17.25 97.59
C PRO G 116 -2.18 -16.12 96.87
N GLU G 117 -1.95 -14.86 97.26
CA GLU G 117 -2.59 -13.74 96.60
C GLU G 117 -1.76 -13.20 95.44
N VAL G 118 -0.44 -13.25 95.56
CA VAL G 118 0.43 -12.85 94.46
C VAL G 118 0.36 -13.84 93.29
N MET G 119 0.43 -15.13 93.58
CA MET G 119 0.36 -16.12 92.54
C MET G 119 -1.02 -16.25 91.92
N SER G 120 -2.05 -15.79 92.61
CA SER G 120 -3.37 -15.69 92.02
C SER G 120 -3.53 -14.46 91.17
N ARG G 121 -2.48 -13.64 91.06
CA ARG G 121 -2.48 -12.53 90.13
C ARG G 121 -1.48 -12.69 89.00
N LEU G 122 -0.41 -13.42 89.21
CA LEU G 122 0.42 -13.90 88.10
C LEU G 122 -0.37 -14.86 87.20
N ASP G 123 -1.18 -15.71 87.80
CA ASP G 123 -2.04 -16.57 87.04
C ASP G 123 -3.09 -15.77 86.31
N TYR G 124 -3.49 -14.63 86.84
CA TYR G 124 -4.37 -13.73 86.13
C TYR G 124 -3.65 -13.10 84.97
N GLU G 125 -2.38 -12.79 85.11
CA GLU G 125 -1.65 -12.13 84.02
C GLU G 125 -1.28 -13.12 82.92
N ILE G 126 -0.75 -14.27 83.32
CA ILE G 126 -0.26 -15.25 82.37
C ILE G 126 -1.41 -15.84 81.53
N ASP G 127 -2.56 -16.08 82.14
CA ASP G 127 -3.71 -16.54 81.37
C ASP G 127 -4.22 -15.45 80.43
N LYS G 128 -4.02 -14.18 80.81
CA LYS G 128 -4.35 -13.05 79.96
C LYS G 128 -3.31 -12.84 78.84
N CYS G 129 -2.10 -13.36 79.01
CA CYS G 129 -1.06 -13.27 77.98
C CYS G 129 -1.38 -14.13 76.78
N ASP G 130 -0.84 -13.72 75.62
CA ASP G 130 -0.94 -14.51 74.40
C ASP G 130 -0.08 -15.77 74.54
N ASN G 131 1.24 -15.57 74.67
CA ASN G 131 2.16 -16.61 75.15
C ASN G 131 3.37 -15.95 75.78
N VAL G 132 3.35 -15.91 77.11
CA VAL G 132 4.33 -15.20 77.90
C VAL G 132 5.67 -15.89 77.86
N GLY G 133 6.72 -15.12 77.61
CA GLY G 133 8.05 -15.66 77.41
C GLY G 133 9.07 -14.91 78.20
N GLY G 134 8.69 -14.51 79.40
CA GLY G 134 9.65 -13.91 80.33
C GLY G 134 9.00 -13.20 81.46
N ILE G 135 9.64 -13.23 82.63
CA ILE G 135 9.15 -12.58 83.82
C ILE G 135 10.28 -11.81 84.43
N ILE G 136 10.18 -10.50 84.41
CA ILE G 136 11.23 -9.60 84.85
C ILE G 136 10.91 -9.14 86.27
N VAL G 137 11.48 -9.83 87.24
CA VAL G 137 11.19 -9.52 88.63
C VAL G 137 12.15 -8.43 89.04
N LEU G 138 11.59 -7.31 89.47
CA LEU G 138 12.38 -6.17 89.93
C LEU G 138 12.39 -6.13 91.42
N HIS G 139 13.58 -6.28 91.99
CA HIS G 139 13.71 -6.22 93.41
C HIS G 139 15.09 -5.74 93.78
N ALA G 140 15.41 -5.85 95.06
CA ALA G 140 16.79 -5.68 95.52
C ALA G 140 17.28 -6.98 96.11
N ILE G 141 18.57 -7.08 96.28
CA ILE G 141 19.12 -8.26 96.92
C ILE G 141 19.66 -7.81 98.26
N GLY G 142 19.02 -6.82 98.85
CA GLY G 142 19.48 -6.33 100.10
C GLY G 142 18.52 -6.36 101.26
N GLY G 143 17.23 -6.30 100.97
CA GLY G 143 16.26 -6.06 102.01
C GLY G 143 15.65 -7.32 102.52
N GLY G 144 14.51 -7.12 103.19
CA GLY G 144 13.73 -8.21 103.74
C GLY G 144 12.57 -8.59 102.86
N THR G 145 12.14 -7.68 102.00
CA THR G 145 11.03 -7.93 101.13
C THR G 145 11.49 -8.25 99.73
N GLY G 146 12.27 -7.38 99.14
CA GLY G 146 12.75 -7.59 97.77
C GLY G 146 13.68 -8.75 97.68
N SER G 147 14.55 -8.91 98.66
CA SER G 147 15.44 -10.08 98.71
C SER G 147 14.77 -11.27 99.42
N GLY G 148 13.74 -11.02 100.19
CA GLY G 148 13.02 -12.08 100.85
C GLY G 148 11.92 -12.66 100.02
N PHE G 149 10.97 -11.86 99.61
CA PHE G 149 9.87 -12.34 98.83
C PHE G 149 10.33 -12.58 97.38
N GLY G 150 11.31 -11.84 96.94
CA GLY G 150 11.91 -12.09 95.61
C GLY G 150 12.58 -13.43 95.53
N ALA G 151 13.14 -13.89 96.63
CA ALA G 151 13.64 -15.25 96.69
C ALA G 151 12.48 -16.24 96.83
N LEU G 152 11.38 -15.83 97.43
CA LEU G 152 10.24 -16.70 97.56
C LEU G 152 9.51 -16.81 96.24
N LEU G 153 9.25 -15.68 95.59
CA LEU G 153 8.38 -15.62 94.44
C LEU G 153 8.99 -16.33 93.25
N ILE G 154 10.27 -16.12 93.02
CA ILE G 154 10.94 -16.73 91.87
C ILE G 154 11.02 -18.25 92.08
N GLU G 155 11.26 -18.71 93.32
CA GLU G 155 11.15 -20.13 93.60
C GLU G 155 9.72 -20.60 93.67
N SER G 156 8.73 -19.72 93.66
CA SER G 156 7.34 -20.13 93.58
C SER G 156 6.77 -20.03 92.18
N LEU G 157 7.60 -19.64 91.21
CA LEU G 157 7.14 -19.34 89.86
C LEU G 157 7.79 -20.27 88.83
N LYS G 158 9.10 -20.48 88.93
CA LYS G 158 9.74 -21.51 88.12
C LYS G 158 9.33 -22.92 88.62
N GLU G 159 9.02 -23.04 89.90
CA GLU G 159 8.49 -24.28 90.43
C GLU G 159 7.10 -24.56 89.87
N LYS G 160 6.33 -23.52 89.57
CA LYS G 160 5.00 -23.69 89.02
C LYS G 160 5.01 -23.80 87.50
N TYR G 161 5.73 -22.90 86.83
CA TYR G 161 5.73 -22.84 85.37
C TYR G 161 6.95 -23.50 84.76
N GLY G 162 8.13 -22.94 85.04
CA GLY G 162 9.36 -23.58 84.63
C GLY G 162 9.78 -23.46 83.20
N GLU G 163 8.83 -23.25 82.29
CA GLU G 163 9.14 -23.08 80.87
C GLU G 163 9.16 -21.59 80.50
N ILE G 164 9.69 -20.75 81.40
CA ILE G 164 9.61 -19.32 81.23
C ILE G 164 10.86 -18.69 81.86
N PRO G 165 11.47 -17.71 81.18
CA PRO G 165 12.62 -17.05 81.77
C PRO G 165 12.27 -16.11 82.92
N VAL G 166 13.09 -16.14 83.96
CA VAL G 166 12.95 -15.23 85.08
C VAL G 166 14.16 -14.36 85.18
N LEU G 167 14.12 -13.19 84.55
CA LEU G 167 15.21 -12.22 84.65
C LEU G 167 15.03 -11.32 85.85
N SER G 168 15.68 -11.69 86.95
CA SER G 168 15.56 -10.96 88.18
C SER G 168 16.41 -9.70 88.13
N CYS G 169 15.83 -8.61 87.61
CA CYS G 169 16.54 -7.32 87.51
C CYS G 169 16.65 -6.71 88.86
N ALA G 170 17.79 -6.92 89.49
CA ALA G 170 17.91 -6.76 90.93
C ALA G 170 19.00 -5.82 91.30
N VAL G 171 18.94 -5.29 92.51
CA VAL G 171 19.85 -4.23 92.93
C VAL G 171 20.68 -4.77 94.07
N LEU G 172 21.98 -4.97 93.78
CA LEU G 172 22.90 -5.46 94.77
C LEU G 172 23.17 -4.41 95.84
N PRO G 173 23.65 -4.89 97.02
CA PRO G 173 24.12 -3.97 98.03
C PRO G 173 25.34 -3.20 97.62
N SER G 174 25.32 -1.89 97.87
CA SER G 174 26.46 -1.05 97.60
C SER G 174 27.55 -1.38 98.63
N PRO G 175 28.80 -1.52 98.20
CA PRO G 175 29.86 -1.85 99.14
C PRO G 175 30.43 -0.67 99.91
N GLN G 176 30.08 0.55 99.48
CA GLN G 176 30.57 1.75 100.14
C GLN G 176 29.96 1.91 101.56
N VAL G 177 28.68 1.56 101.67
CA VAL G 177 27.95 1.59 102.93
C VAL G 177 26.74 0.70 102.74
N SER G 178 26.35 -0.02 103.77
CA SER G 178 25.22 -0.91 103.69
C SER G 178 23.96 -0.18 104.12
N SER G 179 22.95 -0.18 103.27
CA SER G 179 21.67 0.45 103.59
C SER G 179 20.81 -0.39 104.57
N VAL G 180 21.14 -1.66 104.73
CA VAL G 180 20.57 -2.50 105.75
C VAL G 180 21.70 -3.09 106.59
N VAL G 181 21.50 -3.24 107.87
CA VAL G 181 22.54 -3.84 108.72
C VAL G 181 22.66 -5.34 108.47
N THR G 182 21.55 -5.99 108.09
CA THR G 182 21.55 -7.43 107.73
C THR G 182 21.61 -7.65 106.25
N GLU G 183 22.25 -6.73 105.52
CA GLU G 183 22.29 -6.73 104.06
C GLU G 183 23.24 -7.72 103.45
N PRO G 184 24.43 -8.01 104.05
CA PRO G 184 25.15 -9.19 103.55
C PRO G 184 24.58 -10.55 103.95
N TYR G 185 23.69 -10.61 104.91
CA TYR G 185 22.88 -11.78 105.10
C TYR G 185 21.95 -11.92 103.95
N ASN G 186 21.09 -10.93 103.75
CA ASN G 186 19.93 -11.06 102.87
C ASN G 186 20.25 -11.30 101.44
N THR G 187 21.46 -10.94 101.01
CA THR G 187 21.89 -11.26 99.68
C THR G 187 22.14 -12.76 99.54
N VAL G 188 22.91 -13.31 100.45
CA VAL G 188 23.30 -14.71 100.39
C VAL G 188 22.06 -15.58 100.53
N PHE G 189 21.04 -15.16 101.26
CA PHE G 189 19.80 -15.91 101.30
C PHE G 189 19.06 -15.80 99.99
N ALA G 190 19.22 -14.70 99.26
CA ALA G 190 18.63 -14.58 97.93
C ALA G 190 19.54 -15.16 96.85
N LEU G 191 20.82 -15.28 97.11
CA LEU G 191 21.69 -15.96 96.15
C LEU G 191 21.48 -17.47 96.13
N ASN G 192 20.67 -18.02 97.02
CA ASN G 192 20.15 -19.33 96.85
C ASN G 192 19.20 -19.25 95.63
N THR G 193 18.19 -18.38 95.67
CA THR G 193 17.20 -18.37 94.66
C THR G 193 17.73 -17.84 93.34
N LEU G 194 18.42 -16.71 93.39
CA LEU G 194 18.85 -16.03 92.17
C LEU G 194 19.97 -16.76 91.46
N ARG G 195 20.52 -17.81 92.05
CA ARG G 195 21.40 -18.75 91.36
C ARG G 195 20.66 -19.99 90.88
N ARG G 196 19.74 -20.51 91.69
CA ARG G 196 19.19 -21.80 91.40
C ARG G 196 17.91 -21.72 90.58
N SER G 197 16.96 -20.87 90.98
CA SER G 197 15.63 -20.88 90.39
C SER G 197 15.31 -19.67 89.57
N ALA G 198 16.30 -18.82 89.30
CA ALA G 198 16.15 -17.71 88.37
C ALA G 198 17.02 -17.99 87.17
N ASP G 199 16.52 -17.75 85.98
CA ASP G 199 17.30 -18.00 84.76
C ASP G 199 18.40 -16.97 84.56
N ALA G 200 18.22 -15.77 85.07
CA ALA G 200 19.27 -14.75 85.12
C ALA G 200 18.95 -13.72 86.16
N CYS G 201 19.98 -13.15 86.77
CA CYS G 201 19.80 -12.10 87.74
C CYS G 201 20.60 -10.92 87.27
N LEU G 202 19.92 -9.97 86.62
CA LEU G 202 20.55 -8.73 86.21
C LEU G 202 20.81 -7.86 87.42
N ILE G 203 22.09 -7.62 87.73
CA ILE G 203 22.44 -6.88 88.95
C ILE G 203 22.48 -5.38 88.65
N PHE G 204 22.43 -4.61 89.73
CA PHE G 204 22.67 -3.18 89.71
C PHE G 204 23.24 -2.85 91.08
N ASP G 205 24.09 -1.84 91.13
CA ASP G 205 24.78 -1.51 92.36
C ASP G 205 24.66 -0.03 92.64
N ASN G 206 24.27 0.31 93.85
CA ASN G 206 23.98 1.69 94.17
C ASN G 206 25.22 2.56 94.25
N GLU G 207 26.42 1.99 94.38
CA GLU G 207 27.60 2.80 94.31
C GLU G 207 27.85 3.27 92.88
N ALA G 208 27.82 2.34 91.93
CA ALA G 208 28.09 2.68 90.52
C ALA G 208 26.99 3.55 89.91
N LEU G 209 25.78 3.37 90.37
CA LEU G 209 24.70 4.18 89.90
C LEU G 209 24.72 5.59 90.51
N PHE G 210 25.46 5.79 91.59
CA PHE G 210 25.74 7.14 92.02
C PHE G 210 26.79 7.77 91.16
N ASP G 211 27.86 7.05 90.84
CA ASP G 211 28.94 7.61 90.04
C ASP G 211 28.54 7.89 88.60
N LEU G 212 27.63 7.12 88.07
CA LEU G 212 27.15 7.30 86.71
C LEU G 212 26.05 8.30 86.58
N ALA G 213 25.64 8.92 87.68
CA ALA G 213 24.78 10.08 87.63
C ALA G 213 25.46 11.33 88.15
N HIS G 214 26.54 11.19 88.91
CA HIS G 214 27.31 12.32 89.41
C HIS G 214 28.34 12.76 88.39
N ARG G 215 29.16 11.82 87.93
CA ARG G 215 30.23 12.16 86.99
C ARG G 215 29.73 12.20 85.55
N LYS G 216 28.65 11.51 85.25
CA LYS G 216 28.16 11.38 83.89
C LYS G 216 26.91 12.21 83.62
N TRP G 217 25.93 12.18 84.52
CA TRP G 217 24.78 13.06 84.41
C TRP G 217 24.95 14.37 85.17
N ASN G 218 26.21 14.70 85.51
CA ASN G 218 26.68 15.97 86.06
C ASN G 218 25.77 16.70 87.02
N ILE G 219 25.23 15.96 87.98
CA ILE G 219 24.51 16.55 89.10
C ILE G 219 25.26 16.28 90.38
N GLU G 220 24.95 17.06 91.40
CA GLU G 220 25.69 16.99 92.67
C GLU G 220 25.27 15.78 93.50
N SER G 221 23.99 15.72 93.86
CA SER G 221 23.44 14.64 94.66
C SER G 221 22.46 13.81 93.80
N PRO G 222 22.89 12.63 93.34
CA PRO G 222 21.97 11.77 92.63
C PRO G 222 20.99 11.10 93.59
N THR G 223 19.73 11.51 93.49
CA THR G 223 18.70 10.91 94.32
C THR G 223 18.29 9.53 93.76
N VAL G 224 17.38 8.89 94.49
CA VAL G 224 16.86 7.61 94.07
C VAL G 224 15.82 7.78 92.99
N ASP G 225 15.45 9.02 92.71
CA ASP G 225 14.69 9.32 91.52
C ASP G 225 15.56 9.13 90.26
N ASP G 226 16.87 9.32 90.39
CA ASP G 226 17.80 9.17 89.28
C ASP G 226 18.61 7.89 89.32
N LEU G 227 18.66 7.22 90.44
CA LEU G 227 19.14 5.83 90.40
C LEU G 227 18.12 4.95 89.67
N ASN G 228 16.85 5.17 89.93
CA ASN G 228 15.78 4.42 89.31
C ASN G 228 15.44 4.95 87.94
N LEU G 229 16.30 5.76 87.34
CA LEU G 229 16.21 6.16 85.95
C LEU G 229 17.42 5.70 85.15
N LEU G 230 18.58 5.59 85.75
CA LEU G 230 19.70 4.87 85.15
C LEU G 230 19.38 3.39 85.00
N ILE G 231 18.75 2.79 86.02
CA ILE G 231 18.34 1.42 85.94
C ILE G 231 17.23 1.32 84.93
N THR G 232 16.28 2.25 84.99
CA THR G 232 15.11 2.20 84.15
C THR G 232 15.48 2.25 82.69
N GLU G 233 16.29 3.20 82.33
CA GLU G 233 16.73 3.38 80.95
C GLU G 233 17.52 2.20 80.43
N ALA G 234 18.15 1.46 81.31
CA ALA G 234 18.71 0.16 80.98
C ALA G 234 17.64 -0.92 80.92
N LEU G 235 16.67 -0.91 81.83
CA LEU G 235 15.60 -1.92 81.78
C LEU G 235 14.62 -1.60 80.68
N ALA G 236 14.48 -0.34 80.31
CA ALA G 236 13.75 0.02 79.11
C ALA G 236 14.65 -0.03 77.88
N GLY G 237 15.87 -0.51 78.02
CA GLY G 237 16.74 -0.73 76.93
C GLY G 237 16.88 -2.19 76.58
N ILE G 238 16.96 -3.05 77.58
CA ILE G 238 17.00 -4.49 77.31
C ILE G 238 15.66 -5.02 76.86
N THR G 239 14.59 -4.25 77.10
CA THR G 239 13.25 -4.64 76.72
C THR G 239 12.75 -3.86 75.51
N ALA G 240 13.61 -3.17 74.82
CA ALA G 240 13.21 -2.55 73.57
C ALA G 240 13.21 -3.54 72.43
N SER G 241 13.97 -4.63 72.55
CA SER G 241 13.89 -5.69 71.57
C SER G 241 12.67 -6.53 71.75
N MET G 242 12.07 -6.49 72.94
CA MET G 242 10.90 -7.31 73.26
C MET G 242 9.62 -6.62 72.83
N ARG G 243 9.64 -5.29 72.78
CA ARG G 243 8.45 -4.47 72.66
C ARG G 243 8.26 -3.79 71.34
N PHE G 244 9.24 -3.90 70.45
CA PHE G 244 9.25 -3.13 69.22
C PHE G 244 9.43 -4.06 68.03
N SER G 245 8.59 -3.88 67.04
CA SER G 245 8.64 -4.63 65.79
C SER G 245 8.74 -3.62 64.67
N GLY G 246 9.97 -3.19 64.38
CA GLY G 246 10.20 -2.02 63.55
C GLY G 246 10.77 -2.33 62.19
N PHE G 247 11.83 -1.62 61.84
CA PHE G 247 12.44 -1.70 60.52
C PHE G 247 13.30 -2.95 60.39
N LEU G 248 14.37 -3.01 61.17
CA LEU G 248 15.27 -4.17 61.21
C LEU G 248 15.54 -4.53 62.65
N THR G 249 14.48 -4.49 63.46
CA THR G 249 14.60 -4.74 64.87
C THR G 249 14.92 -6.21 65.12
N VAL G 250 16.08 -6.45 65.72
CA VAL G 250 16.43 -7.81 66.13
C VAL G 250 15.63 -8.12 67.40
N GLU G 251 14.53 -8.85 67.20
CA GLU G 251 13.57 -9.06 68.26
C GLU G 251 14.07 -10.12 69.20
N ILE G 252 14.67 -9.67 70.29
CA ILE G 252 15.30 -10.57 71.24
C ILE G 252 14.35 -10.78 72.42
N THR G 253 13.82 -11.99 72.53
CA THR G 253 13.08 -12.41 73.68
C THR G 253 14.01 -12.61 74.85
N LEU G 254 13.44 -12.82 76.05
CA LEU G 254 14.26 -13.07 77.21
C LEU G 254 15.03 -14.38 77.01
N ARG G 255 14.34 -15.45 76.56
CA ARG G 255 15.02 -16.70 76.30
C ARG G 255 16.06 -16.57 75.20
N GLU G 256 15.74 -15.67 74.26
CA GLU G 256 16.64 -15.34 73.15
C GLU G 256 17.80 -14.52 73.63
N LEU G 257 17.61 -13.83 74.76
CA LEU G 257 18.68 -13.09 75.40
C LEU G 257 19.46 -13.94 76.30
N LEU G 258 18.84 -14.93 76.94
CA LEU G 258 19.59 -15.69 77.95
C LEU G 258 20.27 -16.93 77.37
N THR G 259 19.83 -17.40 76.21
CA THR G 259 20.59 -18.42 75.50
C THR G 259 21.92 -17.87 75.05
N ASN G 260 21.99 -16.61 74.75
CA ASN G 260 23.25 -15.93 74.41
C ASN G 260 24.05 -15.49 75.62
N LEU G 261 23.45 -15.51 76.82
CA LEU G 261 24.10 -14.91 77.95
C LEU G 261 24.18 -15.79 79.14
N VAL G 262 23.57 -16.96 79.16
CA VAL G 262 23.82 -17.88 80.27
C VAL G 262 24.57 -19.06 79.67
N PRO G 263 25.89 -19.10 79.83
CA PRO G 263 26.70 -20.18 79.28
C PRO G 263 26.42 -21.60 79.95
N GLN G 264 26.42 -21.71 81.27
CA GLN G 264 26.03 -22.97 81.94
C GLN G 264 25.30 -22.59 83.24
N PRO G 265 24.39 -23.45 83.76
CA PRO G 265 23.35 -22.99 84.68
C PRO G 265 23.71 -22.25 85.99
N SER G 266 25.01 -22.03 86.24
CA SER G 266 25.43 -21.32 87.44
C SER G 266 26.20 -20.05 87.09
N LEU G 267 26.07 -19.57 85.85
CA LEU G 267 26.80 -18.38 85.39
C LEU G 267 25.86 -17.37 84.75
N HIS G 268 24.81 -17.02 85.47
CA HIS G 268 23.81 -16.16 84.92
C HIS G 268 23.56 -14.93 85.69
N PHE G 269 24.60 -14.40 86.33
CA PHE G 269 24.51 -13.09 86.95
C PHE G 269 25.10 -12.10 85.96
N LEU G 270 24.27 -11.20 85.47
CA LEU G 270 24.67 -10.34 84.37
C LEU G 270 24.78 -8.92 84.94
N MET G 271 25.83 -8.23 84.52
CA MET G 271 25.91 -6.81 84.74
C MET G 271 25.17 -6.07 83.65
N CYS G 272 25.28 -4.75 83.65
CA CYS G 272 24.69 -3.95 82.61
C CYS G 272 25.40 -2.65 82.51
N ALA G 273 25.29 -2.03 81.35
CA ALA G 273 25.80 -0.67 81.12
C ALA G 273 24.97 0.04 80.10
N PHE G 274 25.03 1.37 80.14
CA PHE G 274 24.23 2.19 79.23
C PHE G 274 25.10 3.21 78.59
N ALA G 275 24.80 3.52 77.33
CA ALA G 275 25.44 4.60 76.58
C ALA G 275 24.38 5.24 75.74
N PRO G 276 24.45 6.57 75.54
CA PRO G 276 25.37 7.53 76.13
C PRO G 276 24.88 7.92 77.50
N LEU G 277 25.82 8.21 78.39
CA LEU G 277 25.45 8.81 79.66
C LEU G 277 25.51 10.34 79.61
N THR G 278 25.22 10.90 78.44
CA THR G 278 25.08 12.33 78.26
C THR G 278 23.92 12.85 79.11
N PRO G 279 24.13 13.94 79.85
CA PRO G 279 23.04 14.49 80.67
C PRO G 279 21.90 15.04 79.81
N PRO G 280 20.68 15.13 80.37
CA PRO G 280 19.54 15.57 79.55
C PRO G 280 19.46 17.07 79.24
N ASP G 281 20.56 17.81 79.39
CA ASP G 281 20.59 19.25 79.15
C ASP G 281 20.76 19.63 77.66
N ARG G 282 20.46 18.70 76.75
CA ARG G 282 20.60 18.89 75.29
C ARG G 282 22.03 19.26 74.91
N SER G 283 22.94 18.32 75.12
CA SER G 283 24.31 18.43 74.64
C SER G 283 24.36 17.89 73.20
N LYS G 284 23.78 18.67 72.29
CA LYS G 284 23.48 18.18 70.93
C LYS G 284 24.72 18.02 70.08
N PHE G 285 25.64 18.97 70.18
CA PHE G 285 26.89 18.87 69.44
C PHE G 285 27.89 17.95 70.15
N GLU G 286 27.60 17.53 71.38
CA GLU G 286 28.40 16.52 72.05
C GLU G 286 27.69 15.16 72.11
N GLU G 287 26.69 14.94 71.24
CA GLU G 287 26.07 13.62 71.14
C GLU G 287 27.05 12.62 70.52
N LEU G 288 27.11 11.44 71.10
CA LEU G 288 28.18 10.49 70.80
C LEU G 288 27.82 9.58 69.64
N GLY G 289 28.78 9.39 68.74
CA GLY G 289 28.66 8.42 67.65
C GLY G 289 28.87 7.01 68.16
N ILE G 290 28.63 6.06 67.26
CA ILE G 290 28.67 4.64 67.62
C ILE G 290 30.09 4.15 67.85
N GLU G 291 31.06 4.83 67.25
CA GLU G 291 32.45 4.43 67.45
C GLU G 291 32.93 4.79 68.85
N GLU G 292 32.28 5.76 69.49
CA GLU G 292 32.71 6.29 70.80
C GLU G 292 31.73 6.00 71.95
N MET G 293 30.50 5.61 71.65
CA MET G 293 29.64 5.09 72.69
C MET G 293 30.19 3.76 73.21
N ILE G 294 30.71 2.95 72.31
CA ILE G 294 31.25 1.65 72.67
C ILE G 294 32.57 1.83 73.41
N LYS G 295 33.26 2.91 73.15
CA LYS G 295 34.40 3.31 73.97
C LYS G 295 33.94 3.74 75.37
N SER G 296 32.70 4.23 75.49
CA SER G 296 32.14 4.61 76.80
C SER G 296 31.27 3.54 77.42
N LEU G 297 30.94 2.49 76.67
CA LEU G 297 30.28 1.33 77.26
C LEU G 297 31.22 0.62 78.22
N PHE G 298 32.43 0.36 77.73
CA PHE G 298 33.32 -0.56 78.41
C PHE G 298 34.36 0.09 79.32
N ASP G 299 34.08 1.28 79.81
CA ASP G 299 34.92 1.86 80.86
C ASP G 299 34.70 1.12 82.16
N ASN G 300 35.68 1.17 83.04
CA ASN G 300 35.57 0.54 84.35
C ASN G 300 34.49 1.21 85.19
N GLY G 301 34.44 2.53 85.13
CA GLY G 301 33.34 3.28 85.69
C GLY G 301 32.34 3.58 84.60
N SER G 302 31.77 2.53 84.01
CA SER G 302 30.61 2.66 83.13
C SER G 302 29.54 1.59 83.30
N VAL G 303 29.85 0.49 84.00
CA VAL G 303 28.86 -0.51 84.24
C VAL G 303 28.11 -0.20 85.51
N PHE G 304 26.93 -0.79 85.64
CA PHE G 304 26.09 -0.56 86.80
C PHE G 304 26.44 -1.58 87.88
N ALA G 305 27.70 -1.62 88.30
CA ALA G 305 28.16 -2.66 89.21
C ALA G 305 29.36 -2.14 89.97
N ALA G 306 29.53 -2.65 91.19
CA ALA G 306 30.62 -2.21 92.04
C ALA G 306 31.98 -2.66 91.50
N CYS G 307 31.99 -3.79 90.79
CA CYS G 307 33.24 -4.35 90.30
C CYS G 307 33.82 -3.54 89.16
N SER G 308 35.09 -3.79 88.89
CA SER G 308 35.76 -3.21 87.73
C SER G 308 35.68 -4.20 86.58
N PRO G 309 34.87 -3.92 85.54
CA PRO G 309 34.64 -4.91 84.49
C PRO G 309 35.85 -5.28 83.61
N MET G 310 36.65 -4.31 83.20
CA MET G 310 37.81 -4.64 82.38
C MET G 310 38.96 -5.19 83.18
N GLU G 311 38.87 -5.20 84.52
CA GLU G 311 39.88 -5.89 85.32
C GLU G 311 39.63 -7.38 85.40
N GLY G 312 38.50 -7.86 84.88
CA GLY G 312 38.21 -9.29 84.81
C GLY G 312 37.67 -9.69 83.46
N ARG G 313 37.20 -10.93 83.37
CA ARG G 313 36.94 -11.58 82.08
C ARG G 313 35.47 -11.50 81.69
N PHE G 314 35.19 -10.82 80.58
CA PHE G 314 33.83 -10.79 80.00
C PHE G 314 33.51 -12.16 79.38
N LEU G 315 32.58 -12.86 79.99
CA LEU G 315 32.35 -14.20 79.57
C LEU G 315 31.35 -14.26 78.44
N SER G 316 30.26 -13.55 78.58
CA SER G 316 29.24 -13.46 77.52
C SER G 316 28.76 -12.01 77.50
N THR G 317 28.69 -11.44 76.31
CA THR G 317 28.42 -10.02 76.15
C THR G 317 27.26 -9.81 75.19
N ALA G 318 26.40 -8.86 75.45
CA ALA G 318 25.25 -8.61 74.59
C ALA G 318 25.02 -7.13 74.52
N VAL G 319 25.48 -6.54 73.43
CA VAL G 319 25.41 -5.12 73.25
C VAL G 319 24.15 -4.80 72.50
N LEU G 320 23.20 -4.17 73.16
CA LEU G 320 21.88 -3.91 72.60
C LEU G 320 21.81 -2.46 72.14
N TYR G 321 22.08 -2.22 70.86
CA TYR G 321 21.88 -0.91 70.27
C TYR G 321 20.40 -0.64 70.21
N ARG G 322 20.01 0.61 70.32
CA ARG G 322 18.64 0.98 70.30
C ARG G 322 18.52 2.43 69.86
N GLY G 323 18.01 2.64 68.66
CA GLY G 323 17.84 3.95 68.11
C GLY G 323 18.17 4.05 66.66
N ILE G 324 18.26 5.28 66.19
CA ILE G 324 18.52 5.55 64.78
C ILE G 324 20.00 5.30 64.48
N MET G 325 20.26 4.27 63.69
CA MET G 325 21.62 3.97 63.24
C MET G 325 21.72 4.30 61.77
N GLU G 326 22.76 5.04 61.39
CA GLU G 326 23.12 5.20 59.98
C GLU G 326 24.17 4.17 59.54
N ASP G 327 24.93 3.62 60.48
CA ASP G 327 26.17 2.91 60.20
C ASP G 327 26.18 1.48 60.71
N LYS G 328 25.68 0.54 59.91
CA LYS G 328 25.79 -0.88 60.26
C LYS G 328 27.22 -1.48 60.18
N PRO G 329 28.03 -1.15 59.16
CA PRO G 329 29.40 -1.74 59.22
C PRO G 329 30.33 -0.98 60.14
N LEU G 330 30.04 0.28 60.48
CA LEU G 330 30.79 0.96 61.55
C LEU G 330 30.36 0.41 62.91
N ALA G 331 29.10 -0.01 63.01
CA ALA G 331 28.70 -0.92 64.06
C ALA G 331 29.39 -2.25 63.85
N ASP G 332 29.59 -2.96 64.96
CA ASP G 332 30.16 -4.32 64.99
C ASP G 332 31.65 -4.37 64.68
N ALA G 333 32.21 -3.30 64.12
CA ALA G 333 33.62 -3.15 63.86
C ALA G 333 34.30 -2.35 64.95
N ALA G 334 33.55 -1.49 65.61
CA ALA G 334 33.98 -0.96 66.89
C ALA G 334 34.07 -2.12 67.90
N LEU G 335 33.13 -3.06 67.84
CA LEU G 335 33.19 -4.24 68.69
C LEU G 335 34.32 -5.18 68.26
N ALA G 336 34.76 -5.09 67.01
CA ALA G 336 35.91 -5.87 66.56
C ALA G 336 37.18 -5.39 67.23
N ALA G 337 37.29 -4.08 67.46
CA ALA G 337 38.34 -3.57 68.33
C ALA G 337 38.09 -4.00 69.77
N MET G 338 36.82 -4.03 70.16
CA MET G 338 36.49 -4.44 71.51
C MET G 338 36.57 -5.96 71.70
N ARG G 339 36.65 -6.73 70.64
CA ARG G 339 36.99 -8.13 70.78
C ARG G 339 38.47 -8.26 71.19
N GLU G 340 39.30 -7.32 70.74
CA GLU G 340 40.72 -7.30 71.08
C GLU G 340 41.02 -6.60 72.40
N LYS G 341 40.35 -5.48 72.66
CA LYS G 341 40.62 -4.72 73.88
C LYS G 341 40.16 -5.42 75.16
N LEU G 342 38.96 -5.98 75.12
CA LEU G 342 38.30 -6.46 76.31
C LEU G 342 38.80 -7.83 76.69
N PRO G 343 38.86 -8.11 78.01
CA PRO G 343 39.22 -9.48 78.41
C PRO G 343 38.07 -10.44 78.20
N LEU G 344 38.18 -11.26 77.17
CA LEU G 344 37.17 -12.26 76.86
C LEU G 344 37.58 -13.61 77.40
N THR G 345 36.72 -14.60 77.29
CA THR G 345 37.02 -15.92 77.80
C THR G 345 36.98 -16.90 76.67
N TYR G 346 38.13 -17.22 76.07
CA TYR G 346 38.22 -18.52 75.35
C TYR G 346 38.06 -19.61 76.41
N TRP G 347 37.29 -20.63 76.03
CA TRP G 347 36.11 -21.13 76.76
C TRP G 347 34.86 -20.64 76.04
N ILE G 348 34.99 -19.55 75.27
CA ILE G 348 34.01 -19.03 74.29
C ILE G 348 34.86 -18.32 73.22
N PRO G 349 34.69 -18.71 71.95
CA PRO G 349 35.40 -18.02 70.88
C PRO G 349 34.94 -16.60 70.65
N THR G 350 33.64 -16.43 70.57
CA THR G 350 33.08 -15.11 70.38
C THR G 350 31.70 -15.06 70.96
N ALA G 351 31.41 -13.89 71.56
CA ALA G 351 30.13 -13.64 72.17
C ALA G 351 29.89 -12.18 72.21
N PHE G 352 29.10 -11.70 71.24
CA PHE G 352 28.53 -10.36 71.27
C PHE G 352 27.15 -10.47 70.64
N LYS G 353 26.11 -10.72 71.42
CA LYS G 353 24.76 -10.74 70.88
C LYS G 353 24.28 -9.28 70.64
N ILE G 354 24.12 -8.90 69.38
CA ILE G 354 23.93 -7.50 69.05
C ILE G 354 22.52 -7.28 68.60
N GLY G 355 21.75 -6.57 69.45
CA GLY G 355 20.39 -6.13 69.14
C GLY G 355 20.40 -4.77 68.49
N TYR G 356 19.60 -4.62 67.46
CA TYR G 356 19.24 -3.32 66.95
C TYR G 356 17.74 -3.13 67.20
N VAL G 357 17.38 -1.93 67.57
CA VAL G 357 16.00 -1.49 67.65
C VAL G 357 15.94 -0.10 67.02
N GLU G 358 15.12 0.06 65.98
CA GLU G 358 15.06 1.33 65.32
C GLU G 358 14.27 2.34 66.10
N GLN G 359 13.41 1.90 67.02
CA GLN G 359 12.65 2.84 67.84
C GLN G 359 13.57 3.44 68.90
N PRO G 360 13.78 4.77 68.86
CA PRO G 360 14.76 5.35 69.74
C PRO G 360 14.25 5.47 71.16
N GLY G 361 15.18 5.72 72.08
CA GLY G 361 14.82 5.95 73.46
C GLY G 361 14.13 7.28 73.67
N ILE G 362 13.63 7.50 74.87
CA ILE G 362 13.00 8.76 75.19
C ILE G 362 14.09 9.83 75.41
N SER G 363 15.03 9.53 76.30
CA SER G 363 16.07 10.47 76.63
C SER G 363 17.16 10.57 75.57
N HIS G 364 17.29 9.56 74.72
CA HIS G 364 18.42 9.50 73.79
C HIS G 364 17.96 9.08 72.42
N ARG G 365 18.69 9.55 71.42
CA ARG G 365 18.38 9.24 70.03
C ARG G 365 19.14 8.00 69.59
N LYS G 366 20.44 7.96 69.88
CA LYS G 366 21.26 6.78 69.63
C LYS G 366 21.67 6.22 70.96
N SER G 367 20.94 5.26 71.48
CA SER G 367 21.25 4.72 72.81
C SER G 367 21.74 3.31 72.71
N MET G 368 22.68 2.96 73.57
CA MET G 368 23.29 1.65 73.59
C MET G 368 23.15 1.06 74.98
N VAL G 369 22.85 -0.22 75.05
CA VAL G 369 22.76 -0.93 76.31
C VAL G 369 23.65 -2.15 76.24
N LEU G 370 24.38 -2.40 77.29
CA LEU G 370 25.26 -3.53 77.37
C LEU G 370 24.66 -4.56 78.37
N LEU G 371 24.93 -5.85 78.16
CA LEU G 371 24.73 -6.88 79.18
C LEU G 371 25.89 -7.79 79.17
N ALA G 372 26.89 -7.50 79.97
CA ALA G 372 28.07 -8.32 80.00
C ALA G 372 27.96 -9.31 81.16
N ASN G 373 27.82 -10.59 80.86
CA ASN G 373 27.96 -11.62 81.86
C ASN G 373 29.48 -11.74 82.25
N ASN G 374 29.86 -11.06 83.30
CA ASN G 374 31.26 -10.90 83.68
C ASN G 374 31.66 -11.93 84.71
N THR G 375 32.93 -12.24 84.76
CA THR G 375 33.50 -13.01 85.88
C THR G 375 33.77 -12.14 87.11
N GLU G 376 33.76 -10.83 86.94
CA GLU G 376 33.92 -9.96 88.08
C GLU G 376 32.71 -9.91 88.98
N ILE G 377 31.61 -10.47 88.53
CA ILE G 377 30.40 -10.41 89.30
C ILE G 377 30.46 -11.39 90.45
N ALA G 378 31.44 -12.27 90.47
CA ALA G 378 31.80 -12.98 91.71
C ALA G 378 32.59 -12.11 92.66
N ARG G 379 33.30 -11.10 92.16
CA ARG G 379 34.05 -10.19 93.03
C ARG G 379 33.18 -9.19 93.75
N VAL G 380 32.00 -8.91 93.21
CA VAL G 380 30.98 -8.22 93.99
C VAL G 380 30.48 -9.17 95.09
N LEU G 381 30.22 -10.41 94.70
CA LEU G 381 29.72 -11.42 95.62
C LEU G 381 30.80 -12.07 96.46
N ASP G 382 32.07 -11.77 96.20
CA ASP G 382 33.15 -12.11 97.13
C ASP G 382 33.10 -11.18 98.35
N ARG G 383 32.71 -9.92 98.13
CA ARG G 383 32.52 -8.99 99.23
C ARG G 383 31.34 -9.44 100.09
N ILE G 384 30.28 -9.88 99.43
CA ILE G 384 29.10 -10.29 100.14
C ILE G 384 29.36 -11.64 100.86
N CYS G 385 30.15 -12.50 100.25
CA CYS G 385 30.53 -13.72 100.91
C CYS G 385 31.46 -13.45 102.11
N HIS G 386 32.30 -12.42 102.02
CA HIS G 386 33.18 -12.11 103.13
C HIS G 386 32.43 -11.38 104.24
N ASN G 387 31.55 -10.43 103.87
CA ASN G 387 30.74 -9.73 104.87
C ASN G 387 29.70 -10.63 105.51
N PHE G 388 29.40 -11.77 104.89
CA PHE G 388 28.57 -12.76 105.55
C PHE G 388 29.36 -13.48 106.62
N ASP G 389 30.61 -13.78 106.34
CA ASP G 389 31.40 -14.61 107.25
C ASP G 389 31.83 -13.84 108.51
N LYS G 390 32.07 -12.54 108.34
CA LYS G 390 32.34 -11.73 109.50
C LYS G 390 31.08 -11.64 110.38
N LEU G 391 29.90 -11.72 109.76
CA LEU G 391 28.63 -11.79 110.49
C LEU G 391 28.13 -13.20 110.63
N TRP G 392 29.03 -14.18 110.61
CA TRP G 392 28.63 -15.54 110.98
C TRP G 392 29.62 -16.24 111.90
N GLN G 393 30.88 -15.80 111.94
CA GLN G 393 31.81 -16.21 112.98
C GLN G 393 31.35 -15.74 114.37
N ARG G 394 30.80 -14.54 114.44
CA ARG G 394 30.17 -14.04 115.64
C ARG G 394 28.78 -14.65 115.85
N LYS G 395 28.23 -15.25 114.76
CA LYS G 395 26.81 -15.63 114.64
C LYS G 395 25.94 -14.42 114.92
N ALA G 396 25.97 -13.50 113.95
CA ALA G 396 25.42 -12.16 114.10
C ALA G 396 23.91 -12.23 114.19
N PHE G 397 23.26 -11.14 113.85
CA PHE G 397 22.37 -10.44 114.73
C PHE G 397 21.85 -11.12 115.99
N ALA G 398 20.97 -12.08 115.77
CA ALA G 398 20.30 -12.85 116.85
C ALA G 398 19.46 -13.99 116.20
N ASN G 399 18.54 -14.46 117.03
CA ASN G 399 17.36 -15.24 116.68
C ASN G 399 16.45 -14.74 115.52
N TRP G 400 16.66 -13.54 114.99
CA TRP G 400 15.78 -12.89 114.01
C TRP G 400 15.52 -13.70 112.76
N TYR G 401 16.54 -14.35 112.27
CA TYR G 401 16.34 -15.35 111.20
C TYR G 401 15.89 -16.69 111.73
N LEU G 402 16.30 -17.01 112.93
CA LEU G 402 16.14 -18.35 113.44
C LEU G 402 14.79 -18.56 114.07
N ASN G 403 14.18 -17.51 114.63
CA ASN G 403 12.88 -17.65 115.26
C ASN G 403 11.74 -17.72 114.27
N GLU G 404 11.94 -17.22 113.06
CA GLU G 404 10.90 -17.22 112.04
C GLU G 404 10.68 -18.60 111.41
N GLY G 405 11.67 -19.48 111.50
CA GLY G 405 11.58 -20.83 110.96
C GLY G 405 12.84 -21.35 110.31
N MET G 406 13.84 -20.49 110.11
CA MET G 406 15.09 -20.95 109.55
C MET G 406 15.95 -21.64 110.59
N SER G 407 16.93 -22.39 110.10
CA SER G 407 17.83 -23.16 110.94
C SER G 407 19.27 -22.81 110.63
N GLU G 408 20.15 -23.06 111.59
CA GLU G 408 21.59 -22.82 111.43
C GLU G 408 22.19 -23.79 110.41
N GLU G 409 21.57 -24.96 110.24
CA GLU G 409 21.99 -25.89 109.20
C GLU G 409 21.64 -25.33 107.83
N GLN G 410 20.48 -24.67 107.72
CA GLN G 410 20.05 -24.13 106.45
C GLN G 410 20.90 -22.93 106.03
N ILE G 411 21.25 -22.09 106.98
CA ILE G 411 22.01 -20.87 106.69
C ILE G 411 23.43 -21.22 106.22
N ASN G 412 24.00 -22.29 106.77
CA ASN G 412 25.31 -22.74 106.31
C ASN G 412 25.24 -23.37 104.93
N VAL G 413 24.08 -23.91 104.55
CA VAL G 413 23.90 -24.39 103.17
C VAL G 413 23.89 -23.23 102.20
N LEU G 414 23.19 -22.16 102.55
CA LEU G 414 23.01 -21.04 101.63
C LEU G 414 24.28 -20.22 101.50
N ARG G 415 25.12 -20.22 102.55
CA ARG G 415 26.48 -19.67 102.43
C ARG G 415 27.32 -20.52 101.52
N ALA G 416 27.18 -21.83 101.61
CA ALA G 416 27.88 -22.72 100.69
C ALA G 416 27.28 -22.59 99.27
N SER G 417 25.97 -22.42 99.17
CA SER G 417 25.35 -22.24 97.89
C SER G 417 25.71 -20.89 97.26
N ALA G 418 26.09 -19.92 98.07
CA ALA G 418 26.73 -18.72 97.53
C ALA G 418 28.23 -18.91 97.34
N GLN G 419 28.85 -19.79 98.11
CA GLN G 419 30.22 -20.16 97.84
C GLN G 419 30.32 -20.98 96.57
N GLU G 420 29.33 -21.84 96.32
CA GLU G 420 29.25 -22.54 95.05
C GLU G 420 29.02 -21.59 93.88
N LEU G 421 28.44 -20.43 94.16
CA LEU G 421 28.21 -19.42 93.13
C LEU G 421 29.50 -18.66 92.83
N VAL G 422 30.22 -18.23 93.86
CA VAL G 422 31.41 -17.43 93.70
C VAL G 422 32.50 -18.28 93.06
N GLN G 423 32.60 -19.55 93.44
CA GLN G 423 33.58 -20.43 92.82
C GLN G 423 33.20 -20.75 91.40
N SER G 424 31.92 -20.63 91.05
CA SER G 424 31.46 -20.98 89.73
C SER G 424 31.93 -19.99 88.68
N TYR G 425 32.25 -18.77 89.09
CA TYR G 425 33.02 -17.86 88.22
C TYR G 425 34.52 -18.05 88.42
N GLN G 426 34.93 -18.48 89.59
CA GLN G 426 36.34 -18.78 89.80
C GLN G 426 36.73 -20.07 89.08
N VAL G 427 35.78 -20.98 88.88
CA VAL G 427 35.95 -22.06 87.93
C VAL G 427 36.07 -21.46 86.54
N ALA G 428 35.21 -20.51 86.22
CA ALA G 428 35.13 -19.97 84.86
C ALA G 428 36.06 -18.83 84.58
N GLU G 429 36.91 -18.44 85.53
CA GLU G 429 37.85 -17.38 85.27
C GLU G 429 39.18 -17.94 84.79
N GLU G 430 39.78 -18.80 85.61
CA GLU G 430 41.07 -19.39 85.27
C GLU G 430 40.97 -20.44 84.17
N SER G 431 39.82 -21.10 84.04
CA SER G 431 39.60 -21.96 82.88
C SER G 431 39.30 -21.13 81.64
N GLY G 432 38.73 -19.94 81.85
CA GLY G 432 38.51 -19.00 80.77
C GLY G 432 39.68 -18.07 80.50
N ALA G 433 40.75 -18.21 81.28
CA ALA G 433 41.93 -17.37 81.11
C ALA G 433 42.74 -17.86 79.91
N ARG H 2 8.42 -26.53 35.72
CA ARG H 2 9.62 -25.70 36.15
C ARG H 2 9.16 -24.51 36.93
N GLU H 3 8.58 -24.76 38.11
CA GLU H 3 7.95 -23.70 38.91
C GLU H 3 8.46 -23.83 40.30
N ILE H 4 9.30 -22.90 40.72
CA ILE H 4 10.14 -23.08 41.94
C ILE H 4 9.41 -22.55 43.15
N LEU H 5 9.22 -23.43 44.12
CA LEU H 5 8.68 -23.04 45.41
C LEU H 5 9.77 -22.31 46.18
N SER H 6 9.35 -21.46 47.10
CA SER H 6 10.31 -20.69 47.90
C SER H 6 9.89 -20.78 49.36
N ILE H 7 10.86 -20.85 50.24
CA ILE H 7 10.61 -20.94 51.65
C ILE H 7 11.51 -19.89 52.27
N HIS H 8 10.96 -19.14 53.20
CA HIS H 8 11.70 -18.07 53.82
C HIS H 8 11.66 -18.18 55.32
N VAL H 9 12.51 -18.99 55.90
CA VAL H 9 12.46 -19.29 57.28
C VAL H 9 13.43 -18.41 58.06
N GLY H 10 13.03 -17.97 59.23
CA GLY H 10 13.90 -17.18 60.07
C GLY H 10 13.82 -15.71 59.76
N GLN H 11 14.27 -14.87 60.69
CA GLN H 11 14.25 -13.41 60.50
C GLN H 11 15.18 -13.03 59.37
N CYS H 12 16.33 -13.72 59.24
CA CYS H 12 17.25 -13.47 58.13
C CYS H 12 16.64 -13.83 56.76
N GLY H 13 15.87 -14.90 56.70
CA GLY H 13 15.29 -15.29 55.45
C GLY H 13 14.10 -14.46 55.08
N ASN H 14 13.27 -14.10 56.04
CA ASN H 14 12.10 -13.33 55.74
C ASN H 14 12.49 -11.88 55.38
N GLN H 15 13.60 -11.39 55.92
CA GLN H 15 14.06 -10.08 55.53
C GLN H 15 14.62 -10.10 54.13
N ILE H 16 15.14 -11.25 53.69
CA ILE H 16 15.46 -11.41 52.27
C ILE H 16 14.16 -11.50 51.46
N ALA H 17 13.13 -12.09 52.01
CA ALA H 17 11.86 -12.20 51.29
C ALA H 17 11.23 -10.85 51.03
N ASP H 18 11.46 -9.90 51.91
CA ASP H 18 11.04 -8.54 51.62
C ASP H 18 11.88 -7.97 50.49
N SER H 19 13.14 -8.36 50.40
CA SER H 19 14.01 -7.92 49.29
C SER H 19 13.81 -8.73 48.02
N PHE H 20 13.57 -10.00 48.18
CA PHE H 20 13.44 -10.88 47.02
C PHE H 20 12.10 -10.71 46.32
N TRP H 21 11.03 -10.70 47.06
CA TRP H 21 9.73 -10.55 46.40
C TRP H 21 9.40 -9.09 46.07
N ARG H 22 10.27 -8.15 46.41
CA ARG H 22 10.23 -6.84 45.79
C ARG H 22 11.15 -6.76 44.60
N LEU H 23 12.04 -7.72 44.39
CA LEU H 23 12.83 -7.81 43.16
C LEU H 23 12.31 -8.82 42.19
N ALA H 24 11.58 -9.82 42.67
CA ALA H 24 10.93 -10.76 41.77
C ALA H 24 9.72 -10.07 41.10
N LEU H 25 9.06 -9.14 41.80
CA LEU H 25 7.97 -8.40 41.19
C LEU H 25 8.48 -7.38 40.19
N ARG H 26 9.69 -6.89 40.37
CA ARG H 26 10.24 -5.92 39.44
C ARG H 26 10.73 -6.59 38.17
N GLU H 27 11.41 -7.72 38.30
CA GLU H 27 11.95 -8.40 37.12
C GLU H 27 10.84 -8.99 36.28
N HIS H 28 9.79 -9.51 36.91
CA HIS H 28 8.59 -9.93 36.16
C HIS H 28 7.67 -8.77 35.83
N GLY H 29 7.95 -7.58 36.36
CA GLY H 29 7.15 -6.41 36.04
C GLY H 29 5.75 -6.46 36.62
N LEU H 30 5.64 -6.74 37.92
CA LEU H 30 4.37 -6.66 38.62
C LEU H 30 4.39 -5.58 39.67
N THR H 31 3.20 -5.12 40.04
CA THR H 31 3.08 -4.16 41.13
C THR H 31 3.16 -4.90 42.46
N GLU H 32 3.22 -4.11 43.52
CA GLU H 32 3.43 -4.66 44.87
C GLU H 32 2.21 -5.38 45.40
N ALA H 33 1.03 -5.10 44.86
CA ALA H 33 -0.19 -5.79 45.32
C ALA H 33 -0.28 -7.21 44.79
N GLY H 34 0.43 -7.53 43.72
CA GLY H 34 0.39 -8.87 43.15
C GLY H 34 -0.20 -8.95 41.77
N THR H 35 -0.70 -7.85 41.24
CA THR H 35 -1.33 -7.84 39.92
C THR H 35 -0.35 -7.36 38.87
N LEU H 36 -0.74 -7.53 37.62
CA LEU H 36 0.14 -7.21 36.50
C LEU H 36 0.21 -5.70 36.33
N LYS H 37 1.41 -5.18 36.11
CA LYS H 37 1.61 -3.74 35.96
C LYS H 37 1.14 -3.31 34.58
N SER H 46 8.49 -13.68 29.24
CA SER H 46 8.71 -13.90 30.68
C SER H 46 7.86 -15.06 31.20
N ASN H 47 8.47 -15.97 31.94
CA ASN H 47 7.79 -17.10 32.50
C ASN H 47 7.43 -16.72 33.94
N MET H 48 6.24 -16.18 34.12
CA MET H 48 5.79 -15.75 35.46
C MET H 48 5.32 -16.90 36.33
N GLU H 49 5.22 -18.10 35.75
CA GLU H 49 4.73 -19.25 36.45
C GLU H 49 5.70 -19.80 37.46
N VAL H 50 6.98 -19.40 37.37
CA VAL H 50 8.03 -19.98 38.21
C VAL H 50 7.90 -19.61 39.67
N PHE H 51 7.88 -18.33 39.92
CA PHE H 51 7.76 -17.81 41.27
C PHE H 51 6.31 -17.59 41.72
N PHE H 52 5.42 -17.33 40.77
CA PHE H 52 4.12 -16.83 41.08
C PHE H 52 3.05 -17.85 40.69
N HIS H 53 2.13 -18.12 41.64
CA HIS H 53 0.95 -18.90 41.35
C HIS H 53 -0.15 -18.00 40.78
N LYS H 54 -0.59 -18.31 39.57
CA LYS H 54 -1.66 -17.59 38.94
C LYS H 54 -2.99 -17.93 39.59
N VAL H 55 -3.43 -17.07 40.52
CA VAL H 55 -4.72 -17.26 41.17
C VAL H 55 -5.86 -16.81 40.25
N ARG H 56 -5.78 -15.58 39.78
CA ARG H 56 -6.76 -15.02 38.86
C ARG H 56 -6.05 -14.53 37.63
N ASP H 57 -6.80 -13.90 36.74
CA ASP H 57 -6.26 -13.38 35.49
C ASP H 57 -5.20 -12.30 35.68
N GLY H 58 -5.36 -11.45 36.70
CA GLY H 58 -4.43 -10.37 36.94
C GLY H 58 -3.49 -10.63 38.09
N LYS H 59 -4.01 -11.13 39.20
CA LYS H 59 -3.23 -11.21 40.42
C LYS H 59 -2.38 -12.47 40.45
N TYR H 60 -1.10 -12.29 40.76
CA TYR H 60 -0.14 -13.38 40.87
C TYR H 60 0.36 -13.47 42.30
N VAL H 61 -0.09 -14.49 43.01
CA VAL H 61 0.36 -14.74 44.36
C VAL H 61 1.65 -15.55 44.25
N PRO H 62 2.71 -15.13 44.96
CA PRO H 62 3.97 -15.86 44.90
C PRO H 62 3.95 -17.21 45.56
N ARG H 63 4.84 -18.08 45.14
CA ARG H 63 5.01 -19.41 45.73
C ARG H 63 6.03 -19.35 46.87
N ALA H 64 5.71 -18.56 47.88
CA ALA H 64 6.54 -18.39 49.05
C ALA H 64 5.78 -18.77 50.29
N VAL H 65 6.39 -19.56 51.17
CA VAL H 65 5.95 -19.64 52.57
C VAL H 65 6.76 -18.64 53.39
N LEU H 66 6.14 -17.79 54.13
CA LEU H 66 6.87 -16.90 55.00
C LEU H 66 6.88 -17.53 56.39
N VAL H 67 7.50 -18.67 56.51
CA VAL H 67 7.58 -19.39 57.75
C VAL H 67 8.49 -18.67 58.74
N ASP H 68 8.00 -18.42 59.94
CA ASP H 68 8.67 -17.55 60.86
C ASP H 68 8.19 -17.76 62.28
N LEU H 69 9.13 -17.71 63.20
CA LEU H 69 8.85 -17.47 64.61
C LEU H 69 9.38 -16.06 64.93
N GLU H 70 8.98 -15.48 66.07
CA GLU H 70 9.02 -14.03 66.33
C GLU H 70 8.24 -13.27 65.26
N PRO H 71 6.92 -13.32 65.30
CA PRO H 71 6.10 -12.78 64.24
C PRO H 71 6.02 -11.26 64.18
N GLY H 72 7.15 -10.59 64.13
CA GLY H 72 7.17 -9.17 63.94
C GLY H 72 7.84 -8.81 62.64
N VAL H 73 8.48 -9.81 62.02
CA VAL H 73 9.18 -9.59 60.77
C VAL H 73 8.16 -9.46 59.64
N ILE H 74 7.15 -10.33 59.68
CA ILE H 74 6.12 -10.29 58.67
C ILE H 74 5.13 -9.15 58.98
N ALA H 75 5.08 -8.74 60.25
CA ALA H 75 4.30 -7.57 60.63
C ALA H 75 4.88 -6.31 59.99
N ARG H 76 6.19 -6.30 59.73
CA ARG H 76 6.77 -5.29 58.87
C ARG H 76 6.34 -5.54 57.41
N ILE H 77 6.33 -6.79 56.99
CA ILE H 77 6.01 -7.12 55.59
C ILE H 77 4.53 -6.90 55.32
N GLU H 78 3.69 -7.62 56.04
CA GLU H 78 2.24 -7.54 55.86
C GLU H 78 1.56 -6.43 56.64
N GLY H 79 2.30 -5.40 57.06
CA GLY H 79 1.71 -4.21 57.66
C GLY H 79 1.72 -3.02 56.73
N GLY H 80 2.89 -2.75 56.15
CA GLY H 80 3.13 -1.51 55.43
C GLY H 80 2.58 -1.43 54.01
N ASP H 81 3.18 -2.23 53.12
CA ASP H 81 2.96 -2.07 51.69
C ASP H 81 2.79 -3.39 50.94
N MET H 82 2.79 -4.50 51.64
CA MET H 82 2.92 -5.79 50.97
C MET H 82 2.01 -6.84 51.58
N SER H 83 0.93 -6.38 52.22
CA SER H 83 -0.04 -7.28 52.85
C SER H 83 -0.93 -7.95 51.81
N GLN H 84 -1.20 -7.25 50.70
CA GLN H 84 -2.05 -7.75 49.64
C GLN H 84 -1.33 -8.78 48.76
N LEU H 85 0.00 -8.78 48.80
CA LEU H 85 0.80 -9.64 47.94
C LEU H 85 0.81 -11.10 48.38
N PHE H 86 1.29 -11.35 49.59
CA PHE H 86 1.41 -12.71 50.08
C PHE H 86 0.06 -13.26 50.47
N ASP H 87 -0.13 -14.55 50.24
CA ASP H 87 -1.31 -15.23 50.72
C ASP H 87 -1.12 -15.62 52.18
N GLU H 88 -2.14 -15.43 53.01
CA GLU H 88 -1.98 -15.70 54.42
C GLU H 88 -2.23 -17.20 54.76
N SER H 89 -2.61 -18.00 53.78
CA SER H 89 -2.45 -19.44 53.91
C SER H 89 -1.13 -19.92 53.34
N SER H 90 -0.19 -19.00 53.13
CA SER H 90 1.19 -19.32 52.76
C SER H 90 2.17 -18.71 53.78
N ILE H 91 1.93 -18.94 55.07
CA ILE H 91 2.67 -18.25 56.14
C ILE H 91 2.61 -19.13 57.39
N VAL H 92 3.45 -18.85 58.36
CA VAL H 92 3.19 -19.23 59.73
C VAL H 92 3.81 -18.20 60.67
N ARG H 93 3.07 -17.79 61.68
CA ARG H 93 3.52 -16.82 62.68
C ARG H 93 3.19 -17.43 64.04
N LYS H 94 4.22 -17.69 64.83
CA LYS H 94 4.02 -18.23 66.14
C LYS H 94 5.02 -17.73 67.15
N ILE H 95 4.52 -17.33 68.32
CA ILE H 95 5.34 -17.04 69.49
C ILE H 95 5.41 -18.35 70.34
N PRO H 96 6.54 -18.63 71.02
CA PRO H 96 7.82 -17.91 71.11
C PRO H 96 8.65 -18.01 69.85
N GLY H 97 9.87 -17.54 69.91
CA GLY H 97 10.57 -17.20 68.69
C GLY H 97 11.80 -17.96 68.31
N ALA H 98 11.88 -19.25 68.67
CA ALA H 98 13.06 -20.12 68.37
C ALA H 98 14.32 -19.43 68.79
N ALA H 99 14.46 -19.38 70.11
CA ALA H 99 15.11 -18.36 70.84
C ALA H 99 16.61 -18.22 70.58
N ASN H 100 17.01 -18.00 69.33
CA ASN H 100 18.39 -18.18 68.86
C ASN H 100 18.95 -19.38 69.43
N ASN H 101 18.29 -20.49 69.16
CA ASN H 101 18.55 -21.76 69.86
C ASN H 101 18.04 -22.79 68.91
N TRP H 102 18.96 -23.61 68.42
CA TRP H 102 18.64 -24.63 67.42
C TRP H 102 17.60 -25.61 67.94
N ALA H 103 17.73 -26.01 69.20
CA ALA H 103 16.84 -26.94 69.76
C ALA H 103 15.43 -26.39 69.98
N ARG H 104 15.29 -25.07 70.10
CA ARG H 104 13.97 -24.49 70.06
C ARG H 104 13.41 -24.55 68.64
N GLY H 105 14.22 -24.15 67.67
CA GLY H 105 13.78 -24.12 66.27
C GLY H 105 13.61 -25.46 65.60
N TYR H 106 14.39 -26.44 66.00
CA TYR H 106 14.29 -27.79 65.41
C TYR H 106 13.32 -28.68 66.16
N ASN H 107 13.27 -28.55 67.49
CA ASN H 107 12.58 -29.51 68.30
C ASN H 107 11.45 -28.91 69.10
N VAL H 108 11.65 -27.80 69.79
CA VAL H 108 10.65 -27.31 70.72
C VAL H 108 9.56 -26.53 69.98
N GLU H 109 9.92 -25.41 69.38
CA GLU H 109 8.98 -24.61 68.61
C GLU H 109 9.01 -24.94 67.14
N GLY H 110 9.76 -25.97 66.76
CA GLY H 110 9.78 -26.45 65.39
C GLY H 110 8.74 -27.49 65.12
N GLU H 111 8.59 -28.42 66.04
CA GLU H 111 7.58 -29.46 65.90
C GLU H 111 6.15 -28.94 66.08
N LYS H 112 6.00 -27.74 66.63
CA LYS H 112 4.70 -27.09 66.68
C LYS H 112 4.26 -26.59 65.31
N VAL H 113 5.19 -26.16 64.49
CA VAL H 113 4.86 -25.53 63.23
C VAL H 113 5.11 -26.42 62.01
N ILE H 114 5.87 -27.49 62.16
CA ILE H 114 6.30 -28.24 60.99
C ILE H 114 5.15 -29.00 60.34
N ASP H 115 4.11 -29.33 61.09
CA ASP H 115 2.92 -29.87 60.46
C ASP H 115 2.19 -28.80 59.66
N GLN H 116 2.27 -27.55 60.12
CA GLN H 116 1.66 -26.45 59.39
C GLN H 116 2.54 -26.01 58.24
N ILE H 117 3.86 -26.11 58.38
CA ILE H 117 4.77 -25.73 57.30
C ILE H 117 4.58 -26.66 56.10
N MET H 118 4.64 -27.95 56.35
CA MET H 118 4.54 -28.93 55.29
C MET H 118 3.18 -28.92 54.60
N ASN H 119 2.11 -28.77 55.36
CA ASN H 119 0.78 -28.73 54.77
C ASN H 119 0.45 -27.41 54.11
N VAL H 120 1.35 -26.44 54.18
CA VAL H 120 1.23 -25.19 53.43
C VAL H 120 2.13 -25.28 52.22
N ILE H 121 3.26 -25.95 52.35
CA ILE H 121 4.06 -26.32 51.18
C ILE H 121 3.25 -27.29 50.29
N ASP H 122 2.61 -28.29 50.89
CA ASP H 122 1.86 -29.26 50.11
C ASP H 122 0.61 -28.64 49.47
N SER H 123 0.07 -27.61 50.07
CA SER H 123 -1.01 -26.86 49.43
C SER H 123 -0.50 -25.88 48.40
N ALA H 124 0.82 -25.69 48.31
CA ALA H 124 1.43 -24.83 47.32
C ALA H 124 2.12 -25.59 46.20
N VAL H 125 2.35 -26.88 46.37
CA VAL H 125 2.99 -27.68 45.35
C VAL H 125 2.02 -28.64 44.70
N GLU H 126 0.84 -28.80 45.29
CA GLU H 126 -0.26 -29.46 44.59
C GLU H 126 -1.00 -28.51 43.66
N LYS H 127 -0.66 -27.21 43.71
CA LYS H 127 -1.04 -26.24 42.70
C LYS H 127 -0.01 -26.19 41.55
N THR H 128 0.78 -27.24 41.39
CA THR H 128 1.95 -27.26 40.51
C THR H 128 2.05 -28.71 40.01
N LYS H 129 1.81 -29.06 38.73
CA LYS H 129 2.07 -28.33 37.45
C LYS H 129 3.51 -27.88 37.30
N GLY H 130 4.44 -28.83 37.43
CA GLY H 130 5.86 -28.60 37.14
C GLY H 130 6.69 -28.01 38.28
N LEU H 131 6.73 -28.72 39.40
CA LEU H 131 7.57 -28.31 40.53
C LEU H 131 8.97 -28.83 40.30
N GLN H 132 9.94 -27.94 40.47
CA GLN H 132 11.30 -28.32 40.26
C GLN H 132 12.19 -28.10 41.46
N GLY H 133 12.02 -26.98 42.16
CA GLY H 133 13.01 -26.62 43.15
C GLY H 133 12.45 -25.98 44.38
N PHE H 134 13.35 -25.69 45.32
CA PHE H 134 13.03 -24.96 46.54
C PHE H 134 14.08 -23.95 46.78
N LEU H 135 13.78 -22.66 46.64
CA LEU H 135 14.74 -21.63 46.98
C LEU H 135 14.44 -21.31 48.42
N MET H 136 15.01 -22.12 49.31
CA MET H 136 14.78 -21.96 50.72
C MET H 136 15.81 -21.00 51.27
N THR H 137 15.31 -19.88 51.78
CA THR H 137 16.16 -18.75 52.13
C THR H 137 16.22 -18.55 53.60
N HIS H 138 17.41 -18.63 54.17
CA HIS H 138 17.57 -18.43 55.60
C HIS H 138 18.97 -18.07 55.93
N SER H 139 19.30 -18.14 57.21
CA SER H 139 20.68 -18.09 57.67
C SER H 139 21.03 -19.37 58.39
N ILE H 140 22.31 -19.62 58.55
CA ILE H 140 22.75 -20.73 59.38
C ILE H 140 23.20 -20.16 60.71
N GLY H 141 22.71 -18.99 61.07
CA GLY H 141 23.21 -18.42 62.27
C GLY H 141 22.28 -18.47 63.46
N GLY H 142 21.00 -18.24 63.24
CA GLY H 142 20.11 -18.02 64.35
C GLY H 142 19.52 -19.30 64.91
N GLY H 143 18.27 -19.22 65.33
CA GLY H 143 17.56 -20.36 65.86
C GLY H 143 16.32 -20.69 65.11
N SER H 144 15.81 -19.74 64.35
CA SER H 144 14.66 -19.92 63.51
C SER H 144 15.10 -20.23 62.09
N GLY H 145 16.04 -19.48 61.57
CA GLY H 145 16.54 -19.75 60.22
C GLY H 145 17.41 -20.95 60.13
N SER H 146 18.10 -21.24 61.22
CA SER H 146 19.01 -22.36 61.24
C SER H 146 18.42 -23.57 61.96
N GLY H 147 17.55 -23.33 62.91
CA GLY H 147 16.92 -24.43 63.61
C GLY H 147 15.74 -24.98 62.83
N LEU H 148 14.76 -24.16 62.54
CA LEU H 148 13.63 -24.59 61.78
C LEU H 148 14.01 -24.74 60.34
N GLY H 149 15.04 -24.03 59.89
CA GLY H 149 15.59 -24.28 58.56
C GLY H 149 16.25 -25.63 58.43
N SER H 150 16.82 -26.12 59.49
CA SER H 150 17.33 -27.48 59.50
C SER H 150 16.19 -28.52 59.56
N LEU H 151 15.03 -28.15 60.09
CA LEU H 151 13.95 -29.10 60.23
C LEU H 151 13.18 -29.20 58.94
N ILE H 152 12.97 -28.08 58.24
CA ILE H 152 12.25 -28.06 56.96
C ILE H 152 13.05 -28.84 55.93
N LEU H 153 14.35 -28.68 55.89
CA LEU H 153 15.20 -29.43 54.97
C LEU H 153 15.10 -30.94 55.18
N GLU H 154 14.89 -31.40 56.40
CA GLU H 154 14.67 -32.80 56.62
C GLU H 154 13.34 -33.19 56.07
N ARG H 155 12.29 -32.49 56.48
CA ARG H 155 10.93 -32.91 56.16
C ARG H 155 10.59 -32.71 54.70
N LEU H 156 11.25 -31.79 54.05
CA LEU H 156 11.03 -31.55 52.61
C LEU H 156 11.75 -32.58 51.75
N ARG H 157 12.95 -32.99 52.15
CA ARG H 157 13.64 -34.07 51.45
C ARG H 157 12.97 -35.44 51.72
N GLN H 158 12.43 -35.63 52.93
CA GLN H 158 11.69 -36.82 53.23
C GLN H 158 10.36 -36.87 52.48
N ALA H 159 9.84 -35.72 52.08
CA ALA H 159 8.62 -35.66 51.27
C ALA H 159 8.88 -35.60 49.78
N TYR H 160 9.97 -34.96 49.37
CA TYR H 160 10.29 -34.79 47.93
C TYR H 160 11.74 -35.16 47.69
N PRO H 161 12.03 -36.47 47.64
CA PRO H 161 13.44 -36.87 47.58
C PRO H 161 14.03 -36.77 46.18
N LYS H 162 13.22 -36.37 45.19
CA LYS H 162 13.70 -36.27 43.83
C LYS H 162 13.54 -34.86 43.28
N LYS H 163 13.58 -33.86 44.15
CA LYS H 163 13.50 -32.46 43.76
C LYS H 163 14.62 -31.67 44.39
N ARG H 164 15.17 -30.74 43.63
CA ARG H 164 16.36 -30.01 44.05
C ARG H 164 16.05 -28.99 45.10
N ILE H 165 16.72 -29.07 46.24
CA ILE H 165 16.47 -28.15 47.33
C ILE H 165 17.62 -27.18 47.52
N PHE H 166 17.51 -25.98 47.01
CA PHE H 166 18.59 -25.01 47.11
C PHE H 166 18.45 -24.10 48.32
N THR H 167 19.44 -24.17 49.17
CA THR H 167 19.44 -23.44 50.41
C THR H 167 20.25 -22.18 50.22
N PHE H 168 19.65 -21.03 50.53
CA PHE H 168 20.36 -19.75 50.37
C PHE H 168 20.68 -19.20 51.72
N SER H 169 21.78 -19.70 52.29
CA SER H 169 22.11 -19.44 53.69
C SER H 169 22.80 -18.13 53.82
N VAL H 170 22.93 -17.67 55.06
CA VAL H 170 23.76 -16.52 55.38
C VAL H 170 24.62 -16.98 56.55
N VAL H 171 25.91 -17.08 56.30
CA VAL H 171 26.85 -17.61 57.27
C VAL H 171 27.01 -16.59 58.40
N PRO H 172 27.30 -17.04 59.64
CA PRO H 172 27.80 -16.12 60.64
C PRO H 172 29.05 -15.41 60.20
N SER H 173 29.16 -14.15 60.64
CA SER H 173 30.24 -13.32 60.20
C SER H 173 31.56 -13.79 60.85
N PRO H 174 32.66 -13.72 60.11
CA PRO H 174 33.96 -14.03 60.71
C PRO H 174 34.46 -12.85 61.54
N LEU H 175 33.82 -11.70 61.36
CA LEU H 175 34.24 -10.42 61.92
C LEU H 175 33.97 -10.40 63.41
N ILE H 176 32.70 -10.49 63.80
CA ILE H 176 32.35 -10.87 65.18
C ILE H 176 31.18 -11.82 65.11
N SER H 177 30.67 -12.19 66.29
CA SER H 177 29.60 -13.13 66.40
C SER H 177 28.29 -12.68 65.76
N ASP H 178 27.65 -11.68 66.35
CA ASP H 178 26.21 -11.28 66.18
C ASP H 178 25.20 -12.20 66.88
N SER H 179 25.69 -13.32 67.39
CA SER H 179 24.99 -14.20 68.31
C SER H 179 25.98 -15.08 69.03
N ALA H 180 25.70 -15.39 70.28
CA ALA H 180 26.68 -16.00 71.17
C ALA H 180 26.90 -17.50 70.84
N VAL H 181 25.78 -18.14 70.53
CA VAL H 181 25.69 -19.59 70.41
C VAL H 181 25.66 -19.88 68.91
N GLU H 182 26.09 -18.92 68.13
CA GLU H 182 25.99 -18.99 66.65
C GLU H 182 26.87 -20.03 65.94
N PRO H 183 28.13 -20.25 66.39
CA PRO H 183 28.85 -21.42 65.84
C PRO H 183 28.30 -22.80 66.19
N TYR H 184 27.45 -22.90 67.19
CA TYR H 184 26.71 -24.11 67.39
C TYR H 184 25.64 -24.21 66.33
N ASN H 185 24.97 -23.11 66.01
CA ASN H 185 23.79 -23.19 65.19
C ASN H 185 24.08 -23.42 63.72
N ALA H 186 25.33 -23.18 63.31
CA ALA H 186 25.74 -23.46 61.95
C ALA H 186 25.95 -24.95 61.77
N ILE H 187 26.73 -25.55 62.64
CA ILE H 187 27.13 -26.95 62.49
C ILE H 187 25.96 -27.86 62.70
N LEU H 188 24.99 -27.47 63.53
CA LEU H 188 23.74 -28.20 63.64
C LEU H 188 22.89 -28.04 62.37
N THR H 189 23.10 -26.98 61.59
CA THR H 189 22.37 -26.75 60.37
C THR H 189 23.13 -27.19 59.14
N LEU H 190 24.43 -26.91 59.10
CA LEU H 190 25.26 -27.36 57.99
C LEU H 190 25.36 -28.87 57.89
N GLN H 191 25.02 -29.59 58.96
CA GLN H 191 24.82 -31.00 58.86
C GLN H 191 23.66 -31.26 57.97
N ARG H 192 22.50 -30.69 58.31
CA ARG H 192 21.27 -31.06 57.62
C ARG H 192 21.18 -30.47 56.22
N ILE H 193 21.95 -29.42 55.95
CA ILE H 193 22.08 -28.94 54.59
C ILE H 193 22.91 -29.94 53.77
N LEU H 194 24.00 -30.42 54.35
CA LEU H 194 24.87 -31.43 53.73
C LEU H 194 24.15 -32.76 53.50
N ASP H 195 23.18 -33.08 54.34
CA ASP H 195 22.44 -34.32 54.23
C ASP H 195 21.25 -34.24 53.29
N ASN H 196 20.64 -33.08 53.16
CA ASN H 196 19.37 -32.97 52.43
C ASN H 196 19.43 -32.10 51.20
N ALA H 197 19.97 -30.88 51.32
CA ALA H 197 19.95 -29.92 50.23
C ALA H 197 20.95 -30.30 49.14
N ASP H 198 20.51 -30.15 47.89
CA ASP H 198 21.33 -30.53 46.75
C ASP H 198 22.39 -29.53 46.40
N GLY H 199 22.23 -28.29 46.83
CA GLY H 199 23.28 -27.28 46.67
C GLY H 199 22.97 -26.05 47.48
N ALA H 200 23.91 -25.59 48.30
CA ALA H 200 23.67 -24.42 49.12
C ALA H 200 24.51 -23.23 48.63
N VAL H 201 23.95 -22.04 48.72
CA VAL H 201 24.71 -20.83 48.47
C VAL H 201 25.03 -20.20 49.81
N LEU H 202 26.29 -20.27 50.21
CA LEU H 202 26.70 -19.64 51.45
C LEU H 202 27.04 -18.19 51.22
N LEU H 203 26.35 -17.30 51.93
CA LEU H 203 26.59 -15.87 51.85
C LEU H 203 27.05 -15.39 53.23
N ASP H 204 27.74 -14.28 53.24
CA ASP H 204 28.42 -13.81 54.42
C ASP H 204 28.20 -12.31 54.61
N ASN H 205 27.71 -11.94 55.79
CA ASN H 205 27.43 -10.56 56.07
C ASN H 205 28.66 -9.68 56.20
N GLU H 206 29.85 -10.27 56.36
CA GLU H 206 31.06 -9.46 56.26
C GLU H 206 31.31 -9.01 54.79
N ALA H 207 31.19 -9.95 53.86
CA ALA H 207 31.30 -9.62 52.44
C ALA H 207 30.07 -8.84 51.96
N LEU H 208 28.91 -9.11 52.52
CA LEU H 208 27.73 -8.34 52.14
C LEU H 208 27.80 -6.91 52.67
N PHE H 209 28.54 -6.66 53.76
CA PHE H 209 28.80 -5.32 54.18
C PHE H 209 29.74 -4.63 53.25
N ARG H 210 30.86 -5.28 52.93
CA ARG H 210 31.91 -4.64 52.12
C ARG H 210 31.51 -4.32 50.68
N ILE H 211 30.85 -5.26 50.02
CA ILE H 211 30.49 -5.10 48.63
C ILE H 211 29.36 -4.09 48.47
N ALA H 212 28.49 -4.03 49.45
CA ALA H 212 27.46 -2.98 49.51
C ALA H 212 28.06 -1.65 49.92
N LYS H 213 29.16 -1.66 50.65
CA LYS H 213 29.83 -0.42 51.02
C LYS H 213 30.48 0.19 49.79
N ALA H 214 31.04 -0.65 48.92
CA ALA H 214 31.58 -0.17 47.65
C ALA H 214 30.49 0.09 46.63
N LYS H 215 29.30 -0.49 46.81
CA LYS H 215 28.19 -0.23 45.90
C LYS H 215 27.61 1.14 46.18
N LEU H 216 27.09 1.34 47.38
CA LEU H 216 26.36 2.55 47.71
C LEU H 216 27.29 3.60 48.26
N ASN H 217 26.95 4.86 48.03
CA ASN H 217 27.59 5.98 48.72
C ASN H 217 26.78 6.31 49.98
N ARG H 218 26.61 5.27 50.80
CA ARG H 218 25.70 5.25 51.92
C ARG H 218 26.01 3.99 52.73
N SER H 219 26.06 4.12 54.05
CA SER H 219 26.37 2.99 54.90
C SER H 219 25.19 2.02 54.92
N PRO H 220 25.44 0.73 54.61
CA PRO H 220 24.34 -0.18 54.34
C PRO H 220 23.55 -0.59 55.57
N ASN H 221 22.43 -1.23 55.30
CA ASN H 221 21.65 -1.91 56.33
C ASN H 221 21.17 -3.24 55.74
N TYR H 222 20.60 -4.07 56.58
CA TYR H 222 20.22 -5.39 56.11
C TYR H 222 19.08 -5.38 55.13
N MET H 223 18.49 -4.24 54.78
CA MET H 223 17.70 -4.18 53.57
C MET H 223 18.59 -3.99 52.35
N ASP H 224 19.63 -3.18 52.47
CA ASP H 224 20.54 -2.97 51.35
C ASP H 224 21.47 -4.12 51.10
N LEU H 225 21.81 -4.85 52.14
CA LEU H 225 22.62 -6.09 51.98
C LEU H 225 21.85 -7.18 51.26
N ASN H 226 20.54 -7.26 51.50
CA ASN H 226 19.77 -8.36 50.96
C ASN H 226 19.53 -8.17 49.48
N ASN H 227 19.60 -6.95 48.97
CA ASN H 227 19.45 -6.73 47.53
C ASN H 227 20.63 -7.29 46.76
N ILE H 228 21.79 -7.50 47.39
CA ILE H 228 22.83 -8.30 46.77
C ILE H 228 22.39 -9.77 46.75
N ILE H 229 21.80 -10.24 47.86
CA ILE H 229 21.36 -11.61 47.96
C ILE H 229 20.17 -11.78 47.02
N ALA H 230 19.20 -10.88 47.07
CA ALA H 230 17.97 -11.03 46.34
C ALA H 230 18.20 -11.03 44.86
N LEU H 231 19.30 -10.47 44.37
CA LEU H 231 19.68 -10.65 42.96
C LEU H 231 20.31 -12.00 42.72
N ILE H 232 21.17 -12.41 43.62
CA ILE H 232 21.76 -13.74 43.54
C ILE H 232 20.65 -14.83 43.66
N VAL H 233 19.68 -14.69 44.55
CA VAL H 233 18.56 -15.59 44.65
C VAL H 233 17.79 -15.60 43.34
N SER H 234 17.66 -14.43 42.69
CA SER H 234 16.98 -14.34 41.40
C SER H 234 17.85 -14.77 40.22
N SER H 235 19.13 -14.43 40.20
CA SER H 235 19.97 -14.72 39.05
C SER H 235 20.28 -16.17 38.87
N VAL H 236 20.27 -16.93 39.97
CA VAL H 236 20.41 -18.37 39.90
C VAL H 236 19.25 -18.95 39.12
N THR H 237 18.04 -18.44 39.37
CA THR H 237 16.84 -18.97 38.78
C THR H 237 16.19 -17.97 37.85
N ALA H 238 17.02 -17.32 37.05
CA ALA H 238 16.54 -16.48 35.97
C ALA H 238 16.95 -16.97 34.62
N SER H 239 17.79 -17.98 34.55
CA SER H 239 17.89 -18.75 33.30
C SER H 239 16.80 -19.83 33.23
N LEU H 240 16.04 -19.96 34.30
CA LEU H 240 14.92 -20.89 34.41
C LEU H 240 13.61 -20.18 34.04
N ARG H 241 13.54 -18.87 34.16
CA ARG H 241 12.34 -18.11 33.88
C ARG H 241 12.49 -17.02 32.83
N PHE H 242 13.70 -16.53 32.58
CA PHE H 242 14.00 -15.67 31.43
C PHE H 242 14.96 -16.49 30.59
N PRO H 243 14.43 -17.27 29.63
CA PRO H 243 15.19 -18.40 29.10
C PRO H 243 16.47 -18.05 28.36
N GLY H 244 16.37 -17.28 27.29
CA GLY H 244 17.56 -16.91 26.51
C GLY H 244 18.24 -18.10 25.89
N LYS H 245 19.56 -18.05 25.81
CA LYS H 245 20.33 -19.17 25.27
C LYS H 245 21.13 -19.80 26.40
N LEU H 246 21.57 -21.05 26.20
CA LEU H 246 22.18 -21.88 27.26
C LEU H 246 21.30 -21.95 28.51
N ASN H 247 20.16 -22.59 28.34
CA ASN H 247 19.17 -22.65 29.38
C ASN H 247 19.72 -23.51 30.52
N THR H 248 20.00 -22.86 31.64
CA THR H 248 20.49 -23.52 32.84
C THR H 248 19.36 -23.61 33.86
N ASP H 249 18.83 -24.81 34.02
CA ASP H 249 17.84 -25.06 35.05
C ASP H 249 18.48 -25.33 36.40
N LEU H 250 17.68 -25.66 37.38
CA LEU H 250 18.19 -25.96 38.69
C LEU H 250 18.83 -27.33 38.76
N SER H 251 18.52 -28.22 37.83
CA SER H 251 19.16 -29.52 37.79
C SER H 251 20.62 -29.45 37.33
N GLU H 252 21.00 -28.36 36.66
CA GLU H 252 22.36 -28.17 36.19
C GLU H 252 23.22 -27.40 37.17
N PHE H 253 22.71 -27.02 38.32
CA PHE H 253 23.57 -26.46 39.35
C PHE H 253 24.00 -27.53 40.32
N VAL H 254 23.56 -28.78 40.12
CA VAL H 254 23.98 -29.92 40.93
C VAL H 254 24.92 -30.82 40.12
N THR H 255 24.60 -31.05 38.85
CA THR H 255 25.43 -31.90 38.04
C THR H 255 26.69 -31.18 37.66
N ASN H 256 26.62 -29.90 37.38
CA ASN H 256 27.82 -29.17 36.92
C ASN H 256 28.74 -28.65 38.01
N LEU H 257 28.14 -28.16 39.10
CA LEU H 257 28.90 -27.44 40.11
C LEU H 257 29.22 -28.27 41.31
N VAL H 258 28.67 -29.48 41.44
CA VAL H 258 28.89 -30.29 42.64
C VAL H 258 29.59 -31.57 42.23
N PRO H 259 30.94 -31.58 42.26
CA PRO H 259 31.66 -32.76 41.82
C PRO H 259 31.52 -34.01 42.71
N PHE H 260 31.83 -33.83 43.98
CA PHE H 260 31.75 -34.92 44.97
C PHE H 260 30.42 -34.83 45.71
N PRO H 261 29.95 -35.92 46.33
CA PRO H 261 28.66 -35.82 47.01
C PRO H 261 28.60 -34.96 48.28
N GLY H 262 29.68 -34.29 48.66
CA GLY H 262 29.65 -33.36 49.78
C GLY H 262 29.83 -31.91 49.42
N ASN H 263 30.54 -31.64 48.33
CA ASN H 263 30.96 -30.28 48.00
C ASN H 263 29.88 -29.50 47.25
N HIS H 264 28.86 -29.08 47.99
CA HIS H 264 27.76 -28.37 47.42
C HIS H 264 27.43 -27.10 48.16
N PHE H 265 28.47 -26.34 48.52
CA PHE H 265 28.30 -25.06 49.21
C PHE H 265 28.96 -24.00 48.31
N LEU H 266 28.13 -23.18 47.68
CA LEU H 266 28.53 -22.34 46.57
C LEU H 266 28.68 -20.88 47.00
N THR H 267 29.70 -20.24 46.43
CA THR H 267 30.00 -18.85 46.76
C THR H 267 29.65 -17.97 45.56
N ALA H 268 28.58 -17.21 45.70
CA ALA H 268 28.01 -16.48 44.57
C ALA H 268 28.28 -15.05 44.59
N SER H 269 28.77 -14.52 43.47
CA SER H 269 28.95 -13.08 43.27
C SER H 269 27.91 -12.48 42.40
N PHE H 270 27.83 -11.16 42.44
CA PHE H 270 27.02 -10.46 41.49
C PHE H 270 27.81 -9.33 40.92
N ALA H 271 27.52 -9.02 39.67
CA ALA H 271 28.08 -7.86 38.95
C ALA H 271 27.03 -7.38 37.98
N PRO H 272 26.93 -6.07 37.74
CA PRO H 272 27.74 -4.95 38.13
C PRO H 272 27.52 -4.40 39.55
N MET H 273 28.60 -4.25 40.31
CA MET H 273 28.55 -3.58 41.60
C MET H 273 29.73 -2.60 41.75
N GLN H 281 19.61 3.07 34.47
CA GLN H 281 19.86 1.65 34.23
C GLN H 281 21.35 1.41 33.99
N VAL H 282 21.96 0.61 34.86
CA VAL H 282 23.41 0.45 34.89
C VAL H 282 23.86 -0.43 33.74
N ARG H 283 24.62 0.17 32.83
CA ARG H 283 25.23 -0.57 31.72
C ARG H 283 26.69 -0.86 32.02
N THR H 284 27.18 -1.95 31.45
CA THR H 284 28.59 -2.32 31.61
C THR H 284 29.04 -2.97 30.31
N ASN H 285 30.17 -2.51 29.79
CA ASN H 285 30.61 -2.85 28.45
C ASN H 285 31.02 -4.30 28.26
N PHE H 286 31.28 -5.01 29.37
CA PHE H 286 31.54 -6.46 29.39
C PHE H 286 32.82 -6.92 28.67
N PRO H 287 33.97 -6.34 28.97
CA PRO H 287 35.14 -7.18 29.17
C PRO H 287 35.58 -7.12 30.61
N ASP H 288 34.97 -6.18 31.31
CA ASP H 288 35.29 -5.84 32.69
C ASP H 288 34.27 -6.37 33.68
N LEU H 289 33.06 -6.68 33.21
CA LEU H 289 32.06 -7.35 34.03
C LEU H 289 32.53 -8.73 34.36
N ALA H 290 33.14 -9.43 33.42
CA ALA H 290 33.74 -10.74 33.74
C ALA H 290 34.92 -10.62 34.69
N ARG H 291 35.63 -9.52 34.67
CA ARG H 291 36.63 -9.21 35.67
C ARG H 291 36.03 -8.72 36.98
N GLU H 292 34.80 -8.24 36.92
CA GLU H 292 34.05 -7.82 38.12
C GLU H 292 33.28 -8.99 38.72
N THR H 293 32.78 -9.89 37.87
CA THR H 293 32.08 -11.06 38.30
C THR H 293 33.01 -11.98 39.05
N PHE H 294 34.19 -12.26 38.48
CA PHE H 294 35.15 -13.14 39.14
C PHE H 294 36.25 -12.35 39.81
N ALA H 295 35.90 -11.18 40.38
CA ALA H 295 36.77 -10.50 41.33
C ALA H 295 36.76 -11.32 42.62
N GLN H 296 37.92 -11.44 43.27
CA GLN H 296 37.99 -12.18 44.51
C GLN H 296 37.27 -11.44 45.64
N ASP H 297 37.23 -10.12 45.54
CA ASP H 297 36.54 -9.30 46.52
C ASP H 297 35.06 -9.15 46.24
N ASN H 298 34.60 -9.58 45.08
CA ASN H 298 33.16 -9.54 44.77
C ASN H 298 32.42 -10.83 45.15
N PHE H 299 33.14 -11.89 45.46
CA PHE H 299 32.48 -13.09 45.95
C PHE H 299 31.98 -12.85 47.35
N THR H 300 30.79 -13.36 47.59
CA THR H 300 30.07 -13.02 48.78
C THR H 300 30.27 -14.13 49.80
N ALA H 301 31.53 -14.25 50.23
CA ALA H 301 31.94 -15.10 51.39
C ALA H 301 33.40 -14.78 51.69
N ALA H 302 33.80 -14.98 52.94
CA ALA H 302 35.19 -14.81 53.33
C ALA H 302 35.99 -16.10 53.09
N ILE H 303 35.93 -16.60 51.88
CA ILE H 303 36.61 -17.82 51.48
C ILE H 303 38.12 -17.58 51.40
N ASP H 304 38.86 -18.69 51.46
CA ASP H 304 40.30 -18.65 51.40
C ASP H 304 40.77 -18.51 49.96
N TRP H 305 41.87 -17.80 49.77
CA TRP H 305 42.39 -17.51 48.43
C TRP H 305 43.84 -17.89 48.24
N GLN H 306 44.67 -17.67 49.25
CA GLN H 306 46.08 -18.01 49.15
C GLN H 306 46.30 -19.50 49.32
N GLN H 307 45.28 -20.22 49.83
CA GLN H 307 45.33 -21.68 49.91
C GLN H 307 44.02 -22.26 49.39
N GLY H 308 43.62 -21.79 48.22
CA GLY H 308 42.32 -22.15 47.68
C GLY H 308 42.30 -22.20 46.17
N VAL H 309 41.98 -23.39 45.65
CA VAL H 309 41.77 -23.57 44.20
C VAL H 309 40.34 -24.02 44.00
N TYR H 310 39.76 -23.57 42.89
CA TYR H 310 38.33 -23.79 42.70
C TYR H 310 38.10 -25.25 42.40
N LEU H 311 36.82 -25.62 42.33
CA LEU H 311 36.45 -26.90 41.82
C LEU H 311 35.69 -26.59 40.48
N ALA H 312 34.61 -25.83 40.54
CA ALA H 312 33.70 -25.66 39.43
C ALA H 312 33.00 -24.33 39.58
N ALA H 313 33.31 -23.39 38.70
CA ALA H 313 32.67 -22.11 38.71
C ALA H 313 31.56 -22.08 37.71
N SER H 314 30.67 -21.11 37.87
CA SER H 314 29.53 -20.94 36.96
C SER H 314 29.54 -19.47 36.57
N ALA H 315 28.78 -19.12 35.54
CA ALA H 315 28.68 -17.78 35.09
C ALA H 315 27.36 -17.56 34.39
N LEU H 316 26.40 -16.97 35.10
CA LEU H 316 25.10 -16.68 34.52
C LEU H 316 25.04 -15.21 34.21
N PHE H 317 25.24 -14.89 32.94
CA PHE H 317 25.28 -13.52 32.48
C PHE H 317 23.97 -13.15 31.85
N ARG H 318 23.25 -12.22 32.47
CA ARG H 318 21.90 -11.92 32.07
C ARG H 318 21.80 -10.58 31.39
N GLY H 319 20.81 -10.44 30.54
CA GLY H 319 20.57 -9.15 29.92
C GLY H 319 21.18 -9.04 28.54
N ASP H 320 21.83 -7.90 28.25
CA ASP H 320 22.44 -7.65 26.96
C ASP H 320 23.87 -8.12 27.03
N VAL H 321 24.02 -9.43 27.11
CA VAL H 321 25.30 -10.11 27.07
C VAL H 321 25.21 -11.13 25.95
N LYS H 322 26.00 -10.89 24.90
CA LYS H 322 26.02 -11.76 23.75
C LYS H 322 27.17 -12.74 23.88
N ALA H 323 26.95 -13.97 23.40
CA ALA H 323 27.77 -15.13 23.77
C ALA H 323 29.14 -15.17 23.08
N LYS H 324 29.36 -14.29 22.12
CA LYS H 324 30.64 -14.26 21.45
C LYS H 324 31.73 -13.72 22.38
N ASP H 325 31.36 -12.91 23.36
CA ASP H 325 32.34 -12.23 24.19
C ASP H 325 33.00 -13.17 25.16
N VAL H 326 32.32 -14.23 25.59
CA VAL H 326 32.87 -15.13 26.59
C VAL H 326 33.98 -16.05 26.03
N ASP H 327 34.05 -16.19 24.72
CA ASP H 327 35.16 -16.85 24.10
C ASP H 327 36.46 -16.06 24.24
N GLU H 328 36.33 -14.75 24.43
CA GLU H 328 37.48 -13.87 24.64
C GLU H 328 37.58 -13.43 26.09
N ASN H 329 36.45 -13.26 26.78
CA ASN H 329 36.47 -12.79 28.15
C ASN H 329 36.63 -13.93 29.11
N MET H 330 35.73 -14.90 29.01
CA MET H 330 35.67 -15.94 30.03
C MET H 330 36.82 -16.94 29.88
N ALA H 331 37.30 -17.14 28.66
CA ALA H 331 38.51 -17.94 28.51
C ALA H 331 39.73 -17.21 29.08
N THR H 332 39.69 -15.88 29.08
CA THR H 332 40.73 -15.11 29.74
C THR H 332 40.56 -15.15 31.26
N ILE H 333 39.33 -15.19 31.74
CA ILE H 333 39.08 -15.24 33.16
C ILE H 333 39.52 -16.57 33.72
N ARG H 334 39.16 -17.68 33.09
CA ARG H 334 39.51 -19.02 33.57
C ARG H 334 41.02 -19.33 33.57
N LYS H 335 41.78 -18.64 32.75
CA LYS H 335 43.23 -18.67 32.90
C LYS H 335 43.69 -17.92 34.14
N SER H 336 42.98 -16.86 34.49
CA SER H 336 43.32 -16.10 35.70
C SER H 336 42.88 -16.81 36.98
N LEU H 337 41.90 -17.71 36.87
CA LEU H 337 41.40 -18.44 38.01
C LEU H 337 42.33 -19.56 38.41
N ASN H 338 42.06 -20.15 39.55
CA ASN H 338 42.87 -21.27 40.07
C ASN H 338 41.95 -22.44 40.28
N TYR H 339 42.03 -23.45 39.42
CA TYR H 339 41.21 -24.62 39.62
C TYR H 339 41.99 -25.74 40.24
N ALA H 340 41.29 -26.82 40.55
CA ALA H 340 41.98 -28.02 41.03
C ALA H 340 42.78 -28.63 39.89
N SER H 341 43.70 -29.54 40.23
CA SER H 341 44.53 -30.17 39.21
C SER H 341 43.72 -31.11 38.31
N TYR H 342 42.62 -31.65 38.84
CA TYR H 342 41.78 -32.57 38.11
C TYR H 342 40.66 -31.89 37.34
N MET H 343 40.80 -30.60 37.03
CA MET H 343 39.89 -29.89 36.13
C MET H 343 40.64 -29.50 34.88
N PRO H 344 40.00 -29.60 33.71
CA PRO H 344 40.70 -29.37 32.45
C PRO H 344 41.11 -27.91 32.21
N ALA H 345 41.87 -27.72 31.13
CA ALA H 345 42.58 -26.48 30.85
C ALA H 345 41.71 -25.27 30.61
N SER H 346 40.79 -25.36 29.66
CA SER H 346 39.83 -24.29 29.43
C SER H 346 38.46 -24.62 30.00
N GLY H 347 38.26 -25.88 30.39
CA GLY H 347 37.02 -26.31 30.99
C GLY H 347 36.97 -26.03 32.47
N GLY H 348 35.88 -26.49 33.06
CA GLY H 348 35.61 -26.35 34.46
C GLY H 348 34.69 -25.20 34.80
N LEU H 349 34.32 -24.36 33.82
CA LEU H 349 33.42 -23.25 34.06
C LEU H 349 32.23 -23.36 33.19
N LYS H 350 31.04 -23.67 33.76
CA LYS H 350 29.77 -23.70 32.99
C LYS H 350 29.28 -22.28 32.81
N LEU H 351 28.43 -22.08 31.79
CA LEU H 351 27.91 -20.74 31.52
C LEU H 351 26.43 -20.77 31.29
N GLY H 352 25.84 -19.59 31.26
CA GLY H 352 24.42 -19.46 30.94
C GLY H 352 24.07 -18.07 30.58
N TYR H 353 22.86 -17.84 30.08
CA TYR H 353 22.39 -16.50 29.73
C TYR H 353 20.91 -16.38 30.04
N ALA H 354 20.47 -15.15 30.23
CA ALA H 354 19.07 -14.82 30.21
C ALA H 354 18.87 -13.70 29.19
N GLU H 355 17.68 -13.64 28.66
CA GLU H 355 17.32 -12.64 27.67
C GLU H 355 16.75 -11.37 28.33
N THR H 356 16.77 -11.28 29.65
CA THR H 356 16.24 -10.11 30.34
C THR H 356 17.05 -9.86 31.60
N ALA H 357 17.59 -8.66 31.71
CA ALA H 357 18.35 -8.20 32.84
C ALA H 357 17.37 -7.94 34.01
N PRO H 358 17.90 -7.83 35.23
CA PRO H 358 17.09 -7.32 36.32
C PRO H 358 16.71 -5.85 36.13
N GLU H 359 15.57 -5.43 36.65
CA GLU H 359 15.13 -4.06 36.51
C GLU H 359 16.06 -3.16 37.31
N GLY H 360 16.55 -2.10 36.67
CA GLY H 360 17.62 -1.28 37.23
C GLY H 360 18.98 -1.54 36.62
N PHE H 361 19.17 -2.73 36.06
CA PHE H 361 20.42 -3.10 35.39
C PHE H 361 20.16 -3.44 33.94
N ALA H 362 21.21 -3.40 33.14
CA ALA H 362 21.09 -3.72 31.70
C ALA H 362 21.89 -4.92 31.29
N SER H 363 22.89 -5.29 32.07
CA SER H 363 23.62 -6.54 31.83
C SER H 363 24.19 -6.98 33.15
N SER H 364 23.68 -8.07 33.70
CA SER H 364 24.16 -8.56 34.98
C SER H 364 24.99 -9.80 34.86
N GLY H 365 25.55 -10.23 35.96
CA GLY H 365 26.33 -11.43 36.05
C GLY H 365 26.28 -12.11 37.39
N LEU H 366 26.40 -13.44 37.37
CA LEU H 366 26.36 -14.24 38.62
C LEU H 366 27.46 -15.24 38.50
N ALA H 367 27.95 -15.72 39.60
CA ALA H 367 28.99 -16.73 39.57
C ALA H 367 28.92 -17.66 40.75
N LEU H 368 28.23 -18.76 40.61
CA LEU H 368 28.25 -19.79 41.63
C LEU H 368 29.59 -20.48 41.49
N VAL H 369 30.43 -20.36 42.51
CA VAL H 369 31.74 -20.91 42.51
C VAL H 369 31.88 -21.93 43.62
N ASN H 370 32.02 -23.21 43.26
CA ASN H 370 32.36 -24.25 44.23
C ASN H 370 33.88 -24.29 44.38
N HIS H 371 34.34 -24.03 45.59
CA HIS H 371 35.75 -23.68 45.86
C HIS H 371 36.14 -24.31 47.20
N THR H 372 37.41 -24.68 47.28
CA THR H 372 37.98 -25.13 48.53
C THR H 372 38.03 -24.02 49.60
N GLY H 373 37.89 -22.77 49.20
CA GLY H 373 37.88 -21.74 50.18
C GLY H 373 36.69 -21.74 51.14
N ILE H 374 35.60 -22.36 50.73
CA ILE H 374 34.44 -22.41 51.57
C ILE H 374 34.64 -23.38 52.73
N ALA H 375 35.67 -24.22 52.63
CA ALA H 375 36.06 -24.99 53.79
C ALA H 375 36.72 -24.15 54.89
N ALA H 376 37.27 -23.00 54.52
CA ALA H 376 37.80 -22.08 55.54
C ALA H 376 36.67 -21.41 56.33
N VAL H 377 35.52 -21.22 55.68
CA VAL H 377 34.29 -20.91 56.40
C VAL H 377 33.93 -22.08 57.32
N PHE H 378 34.04 -23.30 56.80
CA PHE H 378 33.77 -24.49 57.62
C PHE H 378 34.83 -24.69 58.74
N GLU H 379 36.09 -24.45 58.42
CA GLU H 379 37.15 -24.58 59.39
C GLU H 379 37.04 -23.52 60.49
N ARG H 380 36.55 -22.33 60.15
CA ARG H 380 36.26 -21.31 61.18
C ARG H 380 35.13 -21.78 62.11
N LEU H 381 34.08 -22.30 61.51
CA LEU H 381 32.94 -22.71 62.26
C LEU H 381 33.16 -24.05 63.00
N ILE H 382 34.28 -24.70 62.78
CA ILE H 382 34.66 -25.86 63.57
C ILE H 382 35.66 -25.44 64.65
N ALA H 383 36.56 -24.53 64.31
CA ALA H 383 37.51 -24.02 65.29
C ALA H 383 36.80 -23.20 66.37
N GLN H 384 35.69 -22.56 66.00
CA GLN H 384 34.81 -21.98 67.03
C GLN H 384 34.04 -23.06 67.75
N PHE H 385 33.66 -24.10 67.04
CA PHE H 385 32.96 -25.22 67.68
C PHE H 385 33.87 -26.04 68.56
N ASP H 386 35.16 -26.05 68.26
CA ASP H 386 36.10 -26.92 68.97
C ASP H 386 36.26 -26.50 70.44
N ILE H 387 36.44 -25.22 70.68
CA ILE H 387 36.59 -24.73 72.03
C ILE H 387 35.24 -24.72 72.73
N MET H 388 34.22 -24.27 72.00
CA MET H 388 32.93 -23.95 72.58
C MET H 388 32.14 -25.20 72.93
N PHE H 389 32.36 -26.32 72.25
CA PHE H 389 31.60 -27.53 72.57
C PHE H 389 32.21 -28.35 73.70
N ASP H 390 33.53 -28.43 73.75
CA ASP H 390 34.19 -29.25 74.75
C ASP H 390 34.10 -28.67 76.16
N ASN H 391 33.89 -27.36 76.24
CA ASN H 391 33.76 -26.67 77.52
C ASN H 391 32.32 -26.37 77.88
N HIS H 392 31.38 -27.00 77.15
CA HIS H 392 29.91 -26.95 77.43
C HIS H 392 29.38 -25.52 77.38
N ALA H 393 29.93 -24.73 76.46
CA ALA H 393 29.94 -23.29 76.64
C ALA H 393 28.65 -22.63 76.33
N TYR H 394 27.78 -23.27 75.60
CA TYR H 394 26.34 -22.92 75.61
C TYR H 394 25.47 -24.15 75.46
N THR H 395 25.98 -25.30 75.84
CA THR H 395 25.41 -26.54 75.40
C THR H 395 24.14 -26.89 76.14
N HIS H 396 24.00 -26.42 77.38
CA HIS H 396 22.86 -26.83 78.17
C HIS H 396 21.54 -26.26 77.67
N TRP H 397 21.57 -25.21 76.85
CA TRP H 397 20.36 -24.72 76.18
C TRP H 397 19.86 -25.68 75.11
N TYR H 398 20.75 -26.52 74.59
CA TYR H 398 20.34 -27.61 73.68
C TYR H 398 19.94 -28.86 74.45
N GLU H 399 20.68 -29.14 75.51
CA GLU H 399 20.45 -30.34 76.29
C GLU H 399 19.12 -30.25 77.00
N ASN H 400 18.80 -29.08 77.56
CA ASN H 400 17.52 -28.88 78.24
C ASN H 400 16.41 -28.48 77.27
N ALA H 401 16.60 -28.69 75.98
CA ALA H 401 15.55 -28.48 74.97
C ALA H 401 15.55 -29.56 73.89
N GLY H 402 16.11 -30.73 74.19
CA GLY H 402 15.94 -31.92 73.34
C GLY H 402 17.22 -32.50 72.75
N VAL H 403 18.21 -31.65 72.48
CA VAL H 403 19.35 -32.04 71.66
C VAL H 403 20.58 -32.29 72.52
N SER H 404 21.03 -33.54 72.56
CA SER H 404 22.16 -33.93 73.40
C SER H 404 23.50 -33.65 72.74
N ARG H 405 24.56 -33.87 73.49
CA ARG H 405 25.92 -33.72 72.98
C ARG H 405 26.31 -34.81 71.99
N ASP H 406 25.64 -35.95 72.07
CA ASP H 406 25.86 -37.01 71.08
C ASP H 406 25.34 -36.57 69.72
N MET H 407 24.19 -35.90 69.72
CA MET H 407 23.56 -35.39 68.51
C MET H 407 24.32 -34.18 67.96
N MET H 408 25.11 -33.52 68.80
CA MET H 408 25.84 -32.31 68.42
C MET H 408 27.28 -32.57 68.03
N ALA H 409 27.92 -33.56 68.64
CA ALA H 409 29.25 -33.95 68.18
C ALA H 409 29.17 -34.68 66.85
N LYS H 410 28.09 -35.43 66.63
CA LYS H 410 27.84 -36.09 65.35
C LYS H 410 27.62 -35.06 64.24
N ALA H 411 27.08 -33.89 64.60
CA ALA H 411 26.99 -32.78 63.65
C ALA H 411 28.38 -32.26 63.31
N ARG H 412 29.33 -32.32 64.25
CA ARG H 412 30.67 -31.85 64.00
C ARG H 412 31.42 -32.81 63.13
N ASN H 413 31.22 -34.10 63.36
CA ASN H 413 32.00 -35.11 62.65
C ASN H 413 31.64 -35.20 61.18
N GLN H 414 30.53 -34.62 60.76
CA GLN H 414 30.22 -34.51 59.35
C GLN H 414 30.83 -33.26 58.77
N ILE H 415 30.83 -32.16 59.51
CA ILE H 415 31.39 -30.91 59.01
C ILE H 415 32.92 -30.94 59.07
N ALA H 416 33.50 -31.64 60.05
CA ALA H 416 34.94 -31.88 60.05
C ALA H 416 35.31 -32.81 58.90
N THR H 417 34.41 -33.72 58.52
CA THR H 417 34.57 -34.48 57.28
C THR H 417 34.41 -33.55 56.07
N LEU H 418 33.44 -32.65 56.13
CA LEU H 418 33.18 -31.74 55.02
C LEU H 418 34.30 -30.72 54.84
N ALA H 419 34.87 -30.24 55.93
CA ALA H 419 36.02 -29.36 55.82
C ALA H 419 37.25 -30.09 55.31
N GLN H 420 37.28 -31.41 55.50
CA GLN H 420 38.31 -32.24 54.91
C GLN H 420 38.00 -32.60 53.47
N SER H 421 36.72 -32.69 53.13
CA SER H 421 36.31 -33.07 51.77
C SER H 421 36.66 -32.02 50.72
N TYR H 422 36.84 -30.76 51.11
CA TYR H 422 37.43 -29.79 50.19
C TYR H 422 38.95 -29.87 50.16
N ARG H 423 39.57 -30.18 51.30
CA ARG H 423 41.00 -30.39 51.32
C ARG H 423 41.40 -31.69 50.64
N ASP H 424 40.47 -32.64 50.55
CA ASP H 424 40.66 -33.81 49.68
C ASP H 424 40.36 -33.48 48.23
N ALA H 425 39.75 -32.32 47.96
CA ALA H 425 39.39 -31.91 46.62
C ALA H 425 40.33 -30.83 46.08
N SER H 426 41.61 -30.94 46.39
CA SER H 426 42.60 -30.00 45.86
C SER H 426 43.64 -30.70 44.97
N ASP I 1 -8.60 -34.20 36.21
CA ASP I 1 -9.96 -34.24 35.60
C ASP I 1 -10.84 -35.25 36.34
N THR I 2 -10.21 -36.31 36.88
CA THR I 2 -10.80 -37.39 37.73
C THR I 2 -11.66 -36.89 38.92
N ALA I 3 -12.69 -37.65 39.32
CA ALA I 3 -13.67 -37.19 40.36
C ALA I 3 -13.01 -36.91 41.71
N LEU I 4 -12.04 -37.75 42.06
CA LEU I 4 -11.29 -37.62 43.29
C LEU I 4 -10.43 -36.37 43.29
N GLU I 5 -9.75 -36.08 42.18
CA GLU I 5 -8.96 -34.84 42.03
C GLU I 5 -9.83 -33.57 42.19
N ARG I 6 -11.08 -33.66 41.78
CA ARG I 6 -12.07 -32.56 41.89
C ARG I 6 -12.47 -32.35 43.35
N GLN I 7 -12.79 -33.45 44.02
CA GLN I 7 -13.06 -33.45 45.47
C GLN I 7 -11.88 -32.87 46.28
N ILE I 8 -10.66 -33.16 45.86
CA ILE I 8 -9.48 -32.68 46.54
C ILE I 8 -9.32 -31.19 46.34
N ALA I 9 -9.56 -30.69 45.14
CA ALA I 9 -9.39 -29.25 44.81
C ALA I 9 -10.34 -28.42 45.67
N SER I 10 -11.58 -28.90 45.74
CA SER I 10 -12.65 -28.28 46.49
C SER I 10 -12.33 -28.27 47.99
N ALA I 11 -11.94 -29.44 48.52
CA ALA I 11 -11.58 -29.62 49.92
C ALA I 11 -10.34 -28.82 50.29
N SER I 12 -9.35 -28.74 49.40
CA SER I 12 -8.17 -27.89 49.62
C SER I 12 -8.53 -26.43 49.69
N ARG I 13 -9.36 -25.91 48.78
CA ARG I 13 -9.76 -24.49 48.82
C ARG I 13 -10.43 -24.20 50.12
N SER I 14 -11.38 -25.08 50.50
CA SER I 14 -12.14 -24.93 51.71
C SER I 14 -11.23 -24.92 52.96
N VAL I 15 -10.15 -25.73 52.92
CA VAL I 15 -9.16 -25.78 54.03
C VAL I 15 -8.36 -24.49 54.04
N GLU I 16 -7.83 -24.07 52.89
CA GLU I 16 -7.09 -22.80 52.71
C GLU I 16 -7.90 -21.62 53.18
N GLU I 17 -9.19 -21.59 52.88
CA GLU I 17 -10.09 -20.58 53.41
C GLU I 17 -10.14 -20.61 54.91
N ALA I 18 -10.40 -21.77 55.51
CA ALA I 18 -10.36 -21.87 56.99
C ALA I 18 -8.98 -21.52 57.62
N ARG I 19 -7.89 -21.81 56.93
CA ARG I 19 -6.54 -21.44 57.37
C ARG I 19 -6.42 -19.92 57.45
N ARG I 20 -6.78 -19.20 56.37
CA ARG I 20 -6.74 -17.72 56.26
C ARG I 20 -7.63 -17.10 57.30
N LEU I 21 -8.86 -17.60 57.40
CA LEU I 21 -9.77 -17.18 58.48
C LEU I 21 -9.11 -17.25 59.86
N ALA I 22 -8.33 -18.32 60.11
CA ALA I 22 -7.71 -18.51 61.42
C ALA I 22 -6.42 -17.69 61.53
N TYR I 23 -5.86 -17.24 60.41
CA TYR I 23 -4.83 -16.21 60.38
C TYR I 23 -5.39 -14.86 60.85
N HIS I 24 -6.50 -14.41 60.22
CA HIS I 24 -7.18 -13.16 60.61
C HIS I 24 -7.79 -13.23 62.04
N ASP I 25 -8.30 -14.40 62.42
CA ASP I 25 -8.90 -14.58 63.72
C ASP I 25 -8.42 -15.92 64.35
N PRO I 26 -7.29 -15.88 65.14
CA PRO I 26 -6.69 -17.15 65.63
C PRO I 26 -7.61 -18.07 66.45
N ILE I 27 -8.70 -17.54 67.00
CA ILE I 27 -9.65 -18.34 67.77
C ILE I 27 -10.48 -19.43 67.00
N ARG I 28 -10.62 -19.30 65.66
CA ARG I 28 -11.60 -20.14 64.85
C ARG I 28 -11.13 -21.59 64.50
N VAL I 29 -10.51 -22.24 65.48
CA VAL I 29 -9.72 -23.46 65.28
C VAL I 29 -10.63 -24.65 64.97
N GLY I 30 -11.77 -24.69 65.69
CA GLY I 30 -12.76 -25.75 65.51
C GLY I 30 -13.15 -25.93 64.03
N ALA I 31 -13.43 -24.82 63.34
CA ALA I 31 -13.85 -24.89 61.93
C ALA I 31 -12.72 -25.39 61.01
N LEU I 32 -11.48 -25.02 61.34
CA LEU I 32 -10.33 -25.50 60.59
C LEU I 32 -10.25 -27.03 60.65
N VAL I 33 -10.49 -27.57 61.84
CA VAL I 33 -10.47 -29.01 62.10
C VAL I 33 -11.49 -29.71 61.21
N GLU I 34 -12.72 -29.19 61.18
CA GLU I 34 -13.76 -29.77 60.35
C GLU I 34 -13.42 -29.84 58.88
N GLN I 35 -12.90 -28.75 58.35
CA GLN I 35 -12.49 -28.69 56.95
C GLN I 35 -11.33 -29.64 56.70
N ILE I 36 -10.40 -29.69 57.65
CA ILE I 36 -9.27 -30.60 57.57
C ILE I 36 -9.76 -32.07 57.54
N SER I 37 -10.75 -32.42 58.35
CA SER I 37 -11.19 -33.81 58.39
C SER I 37 -11.63 -34.32 57.00
N VAL I 38 -12.25 -33.44 56.21
CA VAL I 38 -12.75 -33.80 54.90
C VAL I 38 -11.59 -34.01 53.92
N LEU I 39 -10.64 -33.08 53.93
CA LEU I 39 -9.48 -33.18 53.07
C LEU I 39 -8.61 -34.40 53.50
N ALA I 40 -8.43 -34.61 54.80
CA ALA I 40 -7.63 -35.73 55.33
C ALA I 40 -8.25 -37.04 54.88
N ASP I 41 -9.57 -37.15 55.00
CA ASP I 41 -10.30 -38.31 54.42
C ASP I 41 -9.93 -38.61 52.95
N LEU I 42 -9.80 -37.57 52.15
CA LEU I 42 -9.58 -37.75 50.75
C LEU I 42 -8.16 -38.18 50.51
N ARG I 43 -7.23 -37.64 51.31
CA ARG I 43 -5.84 -38.00 51.20
C ARG I 43 -5.64 -39.45 51.62
N GLN I 44 -6.42 -39.92 52.59
CA GLN I 44 -6.40 -41.33 52.97
C GLN I 44 -6.89 -42.22 51.85
N LYS I 45 -7.97 -41.78 51.19
CA LYS I 45 -8.56 -42.55 50.13
C LYS I 45 -7.53 -42.72 49.01
N GLU I 46 -6.74 -41.69 48.71
CA GLU I 46 -5.70 -41.84 47.71
C GLU I 46 -4.38 -42.45 48.25
N GLY I 47 -4.39 -42.82 49.52
CA GLY I 47 -3.21 -43.40 50.15
C GLY I 47 -2.12 -42.46 50.61
N ASP I 48 -2.24 -41.14 50.38
CA ASP I 48 -1.30 -40.20 50.98
C ASP I 48 -1.50 -39.96 52.52
N PHE I 49 -1.15 -40.96 53.34
CA PHE I 49 -1.35 -40.89 54.78
C PHE I 49 -0.48 -39.85 55.48
N ARG I 50 0.76 -39.62 55.02
CA ARG I 50 1.62 -38.57 55.57
C ARG I 50 1.02 -37.18 55.36
N LYS I 51 0.30 -36.96 54.26
CA LYS I 51 -0.36 -35.66 54.07
C LYS I 51 -1.48 -35.51 55.04
N ALA I 52 -2.27 -36.56 55.20
CA ALA I 52 -3.36 -36.55 56.15
C ALA I 52 -2.83 -36.28 57.55
N GLU I 53 -1.73 -36.95 57.93
CA GLU I 53 -1.13 -36.76 59.23
C GLU I 53 -0.68 -35.33 59.45
N SER I 54 -0.08 -34.74 58.42
CA SER I 54 0.38 -33.37 58.50
C SER I 54 -0.77 -32.40 58.77
N LEU I 55 -1.92 -32.61 58.13
CA LEU I 55 -3.09 -31.78 58.30
C LEU I 55 -3.55 -31.80 59.75
N TYR I 56 -3.59 -33.00 60.34
CA TYR I 56 -4.06 -33.12 61.70
C TYR I 56 -3.09 -32.59 62.71
N ARG I 57 -1.81 -32.70 62.39
CA ARG I 57 -0.80 -32.11 63.25
C ARG I 57 -0.90 -30.60 63.21
N GLU I 58 -1.21 -30.05 62.05
CA GLU I 58 -1.39 -28.63 61.93
C GLU I 58 -2.58 -28.15 62.79
N ALA I 59 -3.70 -28.87 62.67
CA ALA I 59 -4.87 -28.61 63.51
C ALA I 59 -4.50 -28.64 65.00
N LEU I 60 -3.69 -29.63 65.35
CA LEU I 60 -3.27 -29.82 66.73
C LEU I 60 -2.42 -28.65 67.20
N PHE I 61 -1.46 -28.19 66.39
CA PHE I 61 -0.59 -27.07 66.77
C PHE I 61 -1.42 -25.81 66.99
N ARG I 62 -2.38 -25.52 66.07
CA ARG I 62 -3.28 -24.40 66.30
C ARG I 62 -4.06 -24.51 67.62
N ALA I 63 -4.55 -25.70 67.94
CA ALA I 63 -5.27 -25.91 69.18
C ALA I 63 -4.37 -25.71 70.40
N GLN I 64 -3.14 -26.18 70.27
CA GLN I 64 -2.19 -26.02 71.33
C GLN I 64 -1.81 -24.55 71.60
N GLU I 65 -1.87 -23.70 70.60
CA GLU I 65 -1.50 -22.30 70.75
C GLU I 65 -2.63 -21.41 71.30
N LEU I 66 -3.85 -21.92 71.43
CA LEU I 66 -4.93 -21.14 72.04
C LEU I 66 -4.54 -20.59 73.42
N ARG I 67 -4.85 -19.31 73.68
CA ARG I 67 -4.58 -18.76 75.02
C ARG I 67 -5.47 -19.34 76.08
N LYS I 68 -6.73 -19.64 75.73
CA LYS I 68 -7.56 -20.47 76.60
C LYS I 68 -7.54 -21.91 76.05
N GLN I 69 -6.90 -22.81 76.81
CA GLN I 69 -6.79 -24.20 76.40
C GLN I 69 -8.14 -24.85 76.28
N ASP I 70 -8.37 -25.54 75.13
CA ASP I 70 -9.61 -26.24 74.89
C ASP I 70 -9.36 -27.76 74.88
N PRO I 71 -9.41 -28.39 76.06
CA PRO I 71 -9.12 -29.81 76.10
C PRO I 71 -10.06 -30.68 75.24
N ASP I 72 -11.33 -30.31 75.17
CA ASP I 72 -12.27 -31.06 74.35
C ASP I 72 -11.83 -31.09 72.87
N LEU I 73 -11.33 -29.96 72.39
CA LEU I 73 -10.87 -29.86 71.02
C LEU I 73 -9.64 -30.77 70.79
N LEU I 74 -8.71 -30.77 71.75
CA LEU I 74 -7.50 -31.54 71.67
C LEU I 74 -7.83 -33.03 71.69
N THR I 75 -8.71 -33.44 72.60
CA THR I 75 -9.25 -34.79 72.67
C THR I 75 -9.72 -35.26 71.28
N GLY I 76 -10.53 -34.43 70.61
CA GLY I 76 -11.08 -34.76 69.32
C GLY I 76 -10.01 -34.86 68.24
N ILE I 77 -9.05 -33.93 68.28
CA ILE I 77 -7.98 -33.93 67.31
C ILE I 77 -7.12 -35.23 67.46
N TYR I 78 -6.74 -35.55 68.68
CA TYR I 78 -6.00 -36.79 68.93
C TYR I 78 -6.78 -38.00 68.46
N SER I 79 -8.09 -38.00 68.59
CA SER I 79 -8.89 -39.14 68.17
C SER I 79 -8.93 -39.21 66.65
N LEU I 80 -8.90 -38.07 65.96
CA LEU I 80 -8.80 -38.10 64.50
C LEU I 80 -7.44 -38.69 64.04
N LEU I 81 -6.37 -38.38 64.74
CA LEU I 81 -5.05 -38.93 64.41
C LEU I 81 -5.06 -40.43 64.70
N ALA I 82 -5.67 -40.82 65.82
CA ALA I 82 -5.78 -42.21 66.21
C ALA I 82 -6.49 -43.00 65.08
N HIS I 83 -7.63 -42.49 64.62
CA HIS I 83 -8.38 -43.12 63.55
C HIS I 83 -7.58 -43.18 62.25
N LEU I 84 -6.85 -42.11 61.97
CA LEU I 84 -5.94 -42.10 60.83
C LEU I 84 -4.93 -43.27 60.93
N TYR I 85 -4.24 -43.37 62.06
CA TYR I 85 -3.33 -44.49 62.32
C TYR I 85 -3.98 -45.86 62.18
N ASP I 86 -5.19 -45.98 62.67
CA ASP I 86 -5.95 -47.20 62.52
C ASP I 86 -6.16 -47.55 61.03
N ARG I 87 -6.65 -46.62 60.23
CA ARG I 87 -6.87 -46.92 58.81
C ARG I 87 -5.57 -47.16 58.07
N TRP I 88 -4.49 -46.56 58.56
CA TRP I 88 -3.18 -46.71 57.96
C TRP I 88 -2.64 -48.10 58.26
N GLY I 89 -3.12 -48.77 59.32
CA GLY I 89 -2.64 -50.13 59.68
C GLY I 89 -1.54 -50.04 60.74
N ARG I 90 -1.42 -48.88 61.40
CA ARG I 90 -0.47 -48.66 62.47
C ARG I 90 -1.18 -48.83 63.80
N MET I 91 -1.49 -50.08 64.12
CA MET I 91 -2.40 -50.41 65.22
C MET I 91 -1.91 -49.96 66.57
N ASP I 92 -0.60 -50.03 66.79
CA ASP I 92 -0.10 -49.60 68.12
C ASP I 92 -0.25 -48.11 68.32
N LYS I 93 -0.06 -47.36 67.24
CA LYS I 93 -0.05 -45.93 67.29
C LYS I 93 -1.50 -45.44 67.48
N ALA I 94 -2.44 -46.12 66.85
CA ALA I 94 -3.85 -45.80 67.02
C ALA I 94 -4.25 -45.93 68.48
N ALA I 95 -3.81 -47.00 69.15
CA ALA I 95 -4.11 -47.19 70.57
C ALA I 95 -3.44 -46.10 71.39
N GLU I 96 -2.23 -45.72 71.01
CA GLU I 96 -1.48 -44.72 71.75
C GLU I 96 -2.15 -43.33 71.71
N PHE I 97 -2.73 -43.02 70.56
CA PHE I 97 -3.31 -41.72 70.33
C PHE I 97 -4.71 -41.58 70.91
N TYR I 98 -5.49 -42.67 70.89
CA TYR I 98 -6.75 -42.71 71.62
C TYR I 98 -6.45 -42.57 73.13
N GLU I 99 -5.38 -43.19 73.61
CA GLU I 99 -5.04 -43.11 75.01
C GLU I 99 -4.63 -41.69 75.43
N LEU I 100 -3.93 -41.01 74.53
CA LEU I 100 -3.60 -39.62 74.74
C LEU I 100 -4.86 -38.78 74.82
N ALA I 101 -5.81 -39.00 73.91
CA ALA I 101 -7.08 -38.30 73.94
C ALA I 101 -7.75 -38.49 75.28
N LEU I 102 -7.78 -39.73 75.79
CA LEU I 102 -8.47 -40.03 77.01
C LEU I 102 -7.78 -39.38 78.19
N LYS I 103 -6.46 -39.28 78.15
CA LYS I 103 -5.72 -38.72 79.24
C LYS I 103 -5.99 -37.21 79.36
N ILE I 104 -6.10 -36.50 78.24
CA ILE I 104 -6.44 -35.08 78.25
C ILE I 104 -7.83 -34.84 78.85
N SER I 105 -8.81 -35.58 78.37
CA SER I 105 -10.11 -35.54 78.99
C SER I 105 -10.18 -35.90 80.48
N ALA I 106 -9.47 -36.93 80.91
CA ALA I 106 -9.46 -37.35 82.31
C ALA I 106 -8.88 -36.24 83.19
N GLU I 107 -7.87 -35.53 82.71
CA GLU I 107 -7.26 -34.46 83.50
C GLU I 107 -8.08 -33.18 83.60
N ASN I 108 -9.01 -32.99 82.67
CA ASN I 108 -9.88 -31.82 82.71
C ASN I 108 -11.27 -32.35 83.12
N GLY I 109 -12.37 -31.77 82.68
CA GLY I 109 -13.65 -32.30 83.22
C GLY I 109 -14.24 -33.55 82.53
N LEU I 110 -13.63 -34.04 81.45
CA LEU I 110 -14.47 -34.51 80.35
C LEU I 110 -14.70 -36.00 80.27
N GLU I 111 -14.30 -36.69 81.33
CA GLU I 111 -14.69 -38.06 81.66
C GLU I 111 -15.99 -38.57 81.05
N GLU I 112 -17.09 -37.84 81.23
CA GLU I 112 -18.39 -38.35 80.81
C GLU I 112 -18.90 -37.61 79.57
N SER I 113 -18.07 -37.51 78.55
CA SER I 113 -18.47 -36.79 77.34
C SER I 113 -18.80 -37.72 76.17
N ASP I 114 -19.41 -37.14 75.15
CA ASP I 114 -19.72 -37.79 73.92
C ASP I 114 -18.45 -38.36 73.23
N LYS I 115 -17.47 -37.50 72.99
CA LYS I 115 -16.17 -37.85 72.47
C LYS I 115 -15.51 -38.98 73.26
N VAL I 116 -15.52 -38.87 74.58
CA VAL I 116 -14.82 -39.86 75.39
C VAL I 116 -15.41 -41.26 75.30
N ALA I 117 -16.72 -41.35 75.29
CA ALA I 117 -17.37 -42.64 75.16
C ALA I 117 -17.04 -43.23 73.79
N THR I 118 -17.03 -42.39 72.75
CA THR I 118 -16.66 -42.82 71.39
C THR I 118 -15.22 -43.36 71.35
N ILE I 119 -14.31 -42.57 71.92
CA ILE I 119 -12.94 -42.96 71.98
C ILE I 119 -12.78 -44.32 72.69
N LYS I 120 -13.46 -44.51 73.80
CA LYS I 120 -13.30 -45.75 74.57
C LYS I 120 -13.80 -46.96 73.79
N ASN I 121 -14.90 -46.77 73.04
CA ASN I 121 -15.38 -47.79 72.13
C ASN I 121 -14.30 -48.10 71.10
N ASN I 122 -13.84 -47.08 70.37
CA ASN I 122 -12.85 -47.30 69.31
C ASN I 122 -11.55 -47.91 69.86
N LEU I 123 -11.10 -47.45 71.03
CA LEU I 123 -9.94 -48.01 71.66
C LEU I 123 -10.15 -49.46 72.05
N ALA I 124 -11.32 -49.78 72.61
CA ALA I 124 -11.64 -51.17 72.95
C ALA I 124 -11.48 -52.08 71.71
N MET I 125 -11.89 -51.57 70.55
CA MET I 125 -11.82 -52.35 69.35
C MET I 125 -10.35 -52.64 68.93
N ILE I 126 -9.47 -51.66 69.16
CA ILE I 126 -8.07 -51.83 68.86
C ILE I 126 -7.48 -52.89 69.83
N PHE I 127 -7.84 -52.79 71.12
CA PHE I 127 -7.43 -53.79 72.05
C PHE I 127 -7.89 -55.22 71.70
N LYS I 128 -9.11 -55.35 71.16
CA LYS I 128 -9.52 -56.62 70.62
C LYS I 128 -8.50 -57.12 69.57
N GLN I 129 -8.11 -56.25 68.63
CA GLN I 129 -7.15 -56.61 67.61
C GLN I 129 -5.78 -56.93 68.19
N LEU I 130 -5.40 -56.21 69.25
CA LEU I 130 -4.17 -56.51 70.00
C LEU I 130 -4.26 -57.76 70.83
N ARG I 131 -5.42 -58.42 70.80
CA ARG I 131 -5.70 -59.60 71.59
C ARG I 131 -5.51 -59.32 73.07
N LYS I 132 -6.01 -58.19 73.56
CA LYS I 132 -6.09 -57.92 74.98
C LYS I 132 -7.52 -57.81 75.41
N PHE I 133 -8.12 -58.95 75.67
CA PHE I 133 -9.56 -59.06 75.85
C PHE I 133 -10.09 -58.26 77.05
N GLU I 134 -9.39 -58.39 78.19
CA GLU I 134 -9.80 -57.78 79.47
C GLU I 134 -9.80 -56.25 79.32
N ARG I 135 -8.75 -55.70 78.69
CA ARG I 135 -8.70 -54.25 78.45
C ARG I 135 -9.79 -53.81 77.51
N ALA I 136 -10.07 -54.60 76.46
CA ALA I 136 -11.19 -54.33 75.53
C ALA I 136 -12.54 -54.34 76.24
N GLU I 137 -12.79 -55.39 77.01
CA GLU I 137 -14.04 -55.43 77.77
C GLU I 137 -14.24 -54.20 78.68
N GLY I 138 -13.21 -53.85 79.47
CA GLY I 138 -13.23 -52.68 80.33
C GLY I 138 -13.65 -51.43 79.60
N TYR I 139 -12.98 -51.08 78.52
CA TYR I 139 -13.32 -49.89 77.79
C TYR I 139 -14.68 -49.94 77.16
N TYR I 140 -15.08 -51.10 76.63
CA TYR I 140 -16.41 -51.19 76.03
C TYR I 140 -17.48 -50.90 77.12
N CYS I 141 -17.32 -51.47 78.31
CA CYS I 141 -18.26 -51.27 79.40
C CYS I 141 -18.35 -49.82 79.79
N GLU I 142 -17.21 -49.17 79.89
CA GLU I 142 -17.21 -47.73 80.15
C GLU I 142 -17.91 -46.93 79.06
N ALA I 143 -17.64 -47.24 77.80
CA ALA I 143 -18.34 -46.55 76.70
C ALA I 143 -19.85 -46.77 76.80
N LEU I 144 -20.23 -48.03 77.08
CA LEU I 144 -21.62 -48.43 77.29
C LEU I 144 -22.36 -47.62 78.39
N GLU I 145 -21.85 -47.64 79.62
CA GLU I 145 -22.36 -46.78 80.71
C GLU I 145 -22.46 -45.32 80.33
N THR I 146 -21.42 -44.76 79.73
CA THR I 146 -21.48 -43.33 79.39
C THR I 146 -22.57 -43.04 78.37
N PHE I 147 -22.69 -43.86 77.34
CA PHE I 147 -23.75 -43.65 76.38
C PHE I 147 -25.14 -43.87 76.99
N GLN I 148 -25.24 -44.82 77.92
CA GLN I 148 -26.48 -45.02 78.66
C GLN I 148 -26.88 -43.74 79.40
N ARG I 149 -25.94 -43.12 80.12
CA ARG I 149 -26.21 -41.88 80.84
C ARG I 149 -26.41 -40.67 79.94
N LEU I 150 -25.86 -40.68 78.74
CA LEU I 150 -25.95 -39.52 77.86
C LEU I 150 -27.15 -39.56 76.99
N ASP I 151 -27.37 -40.71 76.34
CA ASP I 151 -28.50 -40.94 75.43
C ASP I 151 -29.41 -41.84 76.27
N GLY I 152 -30.63 -42.14 75.84
CA GLY I 152 -31.40 -43.14 76.59
C GLY I 152 -30.74 -44.51 76.46
N GLU I 153 -31.22 -45.51 77.20
CA GLU I 153 -30.96 -46.91 76.77
C GLU I 153 -31.43 -47.14 75.34
N GLN I 154 -32.48 -46.43 74.93
CA GLN I 154 -32.99 -46.58 73.61
C GLN I 154 -32.26 -45.64 72.66
N SER I 155 -31.04 -45.99 72.26
CA SER I 155 -30.30 -45.16 71.26
C SER I 155 -29.37 -45.99 70.41
N ALA I 156 -29.06 -45.47 69.23
CA ALA I 156 -28.20 -46.13 68.28
C ALA I 156 -26.79 -46.42 68.86
N ARG I 157 -26.25 -45.45 69.58
CA ARG I 157 -24.93 -45.56 70.15
C ARG I 157 -24.81 -46.62 71.24
N VAL I 158 -25.86 -46.73 72.08
CA VAL I 158 -25.92 -47.82 73.05
C VAL I 158 -25.97 -49.17 72.36
N ALA I 159 -26.80 -49.27 71.31
CA ALA I 159 -26.92 -50.56 70.63
C ALA I 159 -25.60 -50.92 69.93
N SER I 160 -24.92 -49.90 69.37
CA SER I 160 -23.60 -50.15 68.76
C SER I 160 -22.56 -50.73 69.75
N VAL I 161 -22.52 -50.20 70.97
CA VAL I 161 -21.59 -50.73 71.93
C VAL I 161 -22.01 -52.14 72.35
N TYR I 162 -23.31 -52.35 72.52
CA TYR I 162 -23.79 -53.70 72.76
C TYR I 162 -23.34 -54.68 71.70
N ASN I 163 -23.57 -54.33 70.45
CA ASN I 163 -23.08 -55.09 69.32
C ASN I 163 -21.56 -55.41 69.41
N ASN I 164 -20.75 -54.36 69.65
CA ASN I 164 -19.29 -54.49 69.73
C ASN I 164 -18.85 -55.39 70.86
N LEU I 165 -19.50 -55.27 72.02
CA LEU I 165 -19.26 -56.24 73.09
C LEU I 165 -19.66 -57.66 72.70
N GLY I 166 -20.77 -57.78 71.97
CA GLY I 166 -21.26 -59.04 71.52
C GLY I 166 -20.20 -59.75 70.71
N VAL I 167 -19.63 -59.05 69.73
CA VAL I 167 -18.61 -59.62 68.86
C VAL I 167 -17.35 -59.95 69.67
N LEU I 168 -17.05 -59.14 70.69
CA LEU I 168 -15.90 -59.40 71.52
C LEU I 168 -16.09 -60.70 72.26
N TYR I 169 -17.26 -60.85 72.93
CA TYR I 169 -17.52 -62.05 73.69
C TYR I 169 -17.59 -63.24 72.79
N TYR I 170 -18.24 -63.08 71.63
CA TYR I 170 -18.32 -64.17 70.66
C TYR I 170 -16.92 -64.63 70.21
N SER I 171 -16.03 -63.69 69.88
CA SER I 171 -14.69 -64.03 69.44
C SER I 171 -13.86 -64.72 70.51
N HIS I 172 -14.09 -64.45 71.81
CA HIS I 172 -13.43 -65.22 72.88
C HIS I 172 -14.23 -66.40 73.35
N MET I 173 -15.18 -66.84 72.50
CA MET I 173 -16.11 -67.93 72.77
C MET I 173 -16.87 -67.90 74.14
N ASP I 174 -17.08 -66.71 74.72
CA ASP I 174 -18.11 -66.54 75.76
C ASP I 174 -19.47 -66.35 75.10
N VAL I 175 -20.08 -67.48 74.73
CA VAL I 175 -21.31 -67.52 73.94
C VAL I 175 -22.51 -66.92 74.72
N ASP I 176 -22.61 -67.26 76.00
CA ASP I 176 -23.70 -66.72 76.80
C ASP I 176 -23.76 -65.22 76.84
N ARG I 177 -22.62 -64.58 77.12
CA ARG I 177 -22.61 -63.13 77.23
C ARG I 177 -22.77 -62.48 75.87
N ALA I 178 -22.24 -63.14 74.82
CA ALA I 178 -22.44 -62.68 73.43
C ALA I 178 -23.91 -62.59 73.12
N GLN I 179 -24.64 -63.63 73.49
CA GLN I 179 -26.07 -63.65 73.29
C GLN I 179 -26.80 -62.48 73.96
N VAL I 180 -26.51 -62.27 75.25
CA VAL I 180 -27.16 -61.18 75.99
C VAL I 180 -26.96 -59.84 75.28
N MET I 181 -25.69 -59.55 74.98
CA MET I 181 -25.28 -58.35 74.29
C MET I 181 -26.01 -58.17 72.96
N HIS I 182 -26.01 -59.19 72.11
CA HIS I 182 -26.67 -59.04 70.81
C HIS I 182 -28.18 -58.92 70.86
N GLU I 183 -28.79 -59.55 71.87
CA GLU I 183 -30.23 -59.42 72.08
C GLU I 183 -30.58 -58.06 72.55
N ARG I 184 -29.87 -57.54 73.57
CA ARG I 184 -30.01 -56.13 73.99
C ARG I 184 -29.86 -55.15 72.80
N ALA I 185 -28.91 -55.44 71.90
CA ALA I 185 -28.71 -54.64 70.69
C ALA I 185 -29.93 -54.77 69.79
N LEU I 186 -30.41 -56.00 69.57
CA LEU I 186 -31.63 -56.26 68.77
C LEU I 186 -32.86 -55.52 69.30
N ALA I 187 -33.15 -55.71 70.59
CA ALA I 187 -34.23 -54.98 71.30
C ALA I 187 -34.24 -53.48 70.98
N ILE I 188 -33.08 -52.82 71.12
CA ILE I 188 -32.98 -51.39 70.85
C ILE I 188 -33.16 -51.11 69.36
N ARG I 189 -32.49 -51.88 68.52
CA ARG I 189 -32.44 -51.54 67.11
C ARG I 189 -33.77 -51.65 66.35
N GLN I 190 -34.62 -52.56 66.84
CA GLN I 190 -36.00 -52.69 66.33
C GLN I 190 -36.85 -51.45 66.55
N ASN I 191 -36.69 -50.81 67.71
CA ASN I 191 -37.50 -49.65 68.14
C ASN I 191 -37.07 -48.29 67.54
N LEU I 192 -36.21 -48.30 66.53
CA LEU I 192 -35.57 -47.10 66.03
C LEU I 192 -35.50 -47.19 64.51
N HIS I 193 -36.51 -46.64 63.82
CA HIS I 193 -36.77 -46.91 62.39
C HIS I 193 -36.18 -45.89 61.38
N GLU I 194 -36.43 -44.60 61.62
CA GLU I 194 -35.96 -43.51 60.77
C GLU I 194 -34.45 -43.43 60.55
N GLY I 195 -34.07 -42.40 59.79
CA GLY I 195 -32.69 -41.96 59.57
C GLY I 195 -31.77 -41.82 60.77
N GLN I 196 -32.28 -42.08 61.99
CA GLN I 196 -31.45 -42.22 63.19
C GLN I 196 -30.75 -43.59 63.29
N MET I 197 -31.10 -44.50 62.38
CA MET I 197 -30.41 -45.78 62.19
C MET I 197 -30.76 -46.36 60.82
N ASP I 198 -29.73 -46.72 60.07
CA ASP I 198 -29.93 -47.40 58.79
C ASP I 198 -30.28 -48.89 59.05
N PRO I 199 -31.02 -49.51 58.11
CA PRO I 199 -31.39 -50.90 58.33
C PRO I 199 -30.23 -51.92 58.21
N ALA I 200 -29.15 -51.59 57.50
CA ALA I 200 -27.99 -52.51 57.42
C ALA I 200 -27.38 -52.88 58.79
N ASP I 201 -27.42 -51.98 59.79
CA ASP I 201 -27.03 -52.32 61.17
C ASP I 201 -27.93 -53.37 61.80
N LEU I 202 -29.21 -53.29 61.48
CA LEU I 202 -30.17 -54.28 61.99
C LEU I 202 -29.87 -55.68 61.43
N SER I 203 -29.48 -55.74 60.15
CA SER I 203 -29.10 -56.97 59.51
C SER I 203 -27.84 -57.57 60.12
N GLN I 204 -26.88 -56.72 60.49
CA GLN I 204 -25.66 -57.19 61.17
C GLN I 204 -25.99 -57.85 62.49
N THR I 205 -26.95 -57.28 63.21
CA THR I 205 -27.33 -57.86 64.49
C THR I 205 -27.90 -59.28 64.32
N PHE I 206 -28.74 -59.48 63.29
CA PHE I 206 -29.28 -60.81 63.00
C PHE I 206 -28.19 -61.77 62.58
N ILE I 207 -27.36 -61.32 61.64
CA ILE I 207 -26.16 -62.04 61.26
C ILE I 207 -25.36 -62.48 62.50
N ASN I 208 -25.10 -61.55 63.43
CA ASN I 208 -24.30 -61.85 64.62
C ASN I 208 -25.03 -62.79 65.58
N LEU I 209 -26.32 -62.54 65.80
CA LEU I 209 -27.18 -63.46 66.54
C LEU I 209 -27.17 -64.87 65.94
N GLY I 210 -27.21 -64.94 64.60
CA GLY I 210 -27.11 -66.20 63.91
C GLY I 210 -25.89 -66.99 64.30
N ALA I 211 -24.72 -66.37 64.21
CA ALA I 211 -23.47 -67.07 64.62
C ALA I 211 -23.46 -67.45 66.11
N VAL I 212 -24.13 -66.65 66.95
CA VAL I 212 -24.18 -66.90 68.39
C VAL I 212 -25.10 -68.07 68.67
N TYR I 213 -26.32 -68.01 68.12
CA TYR I 213 -27.24 -69.13 68.29
C TYR I 213 -26.66 -70.45 67.75
N LYS I 214 -25.98 -70.39 66.61
CA LYS I 214 -25.36 -71.59 66.02
C LYS I 214 -24.30 -72.15 66.97
N ALA I 215 -23.45 -71.28 67.52
CA ALA I 215 -22.48 -71.65 68.56
C ALA I 215 -23.14 -72.20 69.83
N ALA I 216 -24.34 -71.72 70.15
CA ALA I 216 -25.08 -72.21 71.30
C ALA I 216 -25.78 -73.58 71.05
N GLY I 217 -25.72 -74.11 69.83
CA GLY I 217 -26.49 -75.31 69.45
C GLY I 217 -27.99 -75.13 69.21
N ASP I 218 -28.43 -73.89 68.96
CA ASP I 218 -29.81 -73.62 68.60
C ASP I 218 -29.91 -73.22 67.10
N PHE I 219 -29.78 -74.25 66.26
CA PHE I 219 -29.60 -74.08 64.81
C PHE I 219 -30.84 -73.55 64.13
N GLN I 220 -31.97 -73.79 64.78
CA GLN I 220 -33.31 -73.31 64.42
C GLN I 220 -33.31 -71.77 64.46
N LYS I 221 -32.98 -71.19 65.64
CA LYS I 221 -33.06 -69.76 65.87
C LYS I 221 -31.97 -69.10 65.07
N ALA I 222 -30.88 -69.83 64.90
CA ALA I 222 -29.78 -69.41 64.03
C ALA I 222 -30.25 -69.14 62.60
N GLU I 223 -30.87 -70.15 61.97
CA GLU I 223 -31.37 -69.97 60.60
C GLU I 223 -32.45 -68.89 60.51
N ALA I 224 -33.34 -68.82 61.51
CA ALA I 224 -34.37 -67.76 61.56
C ALA I 224 -33.74 -66.35 61.50
N CYS I 225 -32.61 -66.18 62.20
CA CYS I 225 -31.86 -64.91 62.20
C CYS I 225 -31.21 -64.64 60.86
N VAL I 226 -30.47 -65.62 60.36
CA VAL I 226 -29.82 -65.54 59.03
C VAL I 226 -30.86 -65.26 57.92
N ASP I 227 -32.05 -65.84 58.04
CA ASP I 227 -33.16 -65.53 57.17
C ASP I 227 -33.58 -64.07 57.26
N ARG I 228 -33.84 -63.57 58.47
CA ARG I 228 -34.32 -62.19 58.61
C ARG I 228 -33.29 -61.15 58.15
N ALA I 229 -32.02 -61.51 58.19
CA ALA I 229 -30.95 -60.62 57.69
C ALA I 229 -30.99 -60.58 56.19
N LYS I 230 -31.22 -61.74 55.58
CA LYS I 230 -31.33 -61.86 54.12
C LYS I 230 -32.53 -61.07 53.61
N ARG I 231 -33.67 -61.20 54.30
CA ARG I 231 -34.89 -60.43 54.01
C ARG I 231 -34.63 -58.90 54.01
N ILE I 232 -33.88 -58.45 55.02
CA ILE I 232 -33.54 -57.02 55.17
C ILE I 232 -32.64 -56.52 54.04
N ARG I 233 -31.52 -57.22 53.82
CA ARG I 233 -30.56 -56.90 52.75
C ARG I 233 -31.21 -56.93 51.36
N ALA I 234 -32.15 -57.85 51.16
CA ALA I 234 -32.97 -57.88 49.95
C ALA I 234 -33.93 -56.68 49.88
N ALA I 235 -34.63 -56.37 50.97
CA ALA I 235 -35.63 -55.28 51.01
C ALA I 235 -35.10 -53.85 50.85
N MET I 236 -33.78 -53.69 50.85
CA MET I 236 -33.18 -52.36 50.64
C MET I 236 -32.75 -52.12 49.19
N ASN I 237 -33.05 -53.08 48.33
CA ASN I 237 -33.17 -52.80 46.88
C ASN I 237 -34.48 -52.15 46.37
N GLY I 238 -35.60 -52.41 47.03
CA GLY I 238 -36.87 -51.82 46.66
C GLY I 238 -37.46 -52.42 45.41
N VAL J 1 -35.94 2.45 27.71
CA VAL J 1 -35.85 1.15 28.41
C VAL J 1 -36.92 1.06 29.48
N ASN J 2 -37.22 -0.14 29.96
CA ASN J 2 -38.21 -0.35 31.00
C ASN J 2 -37.84 0.35 32.27
N ASN J 3 -38.50 1.48 32.55
CA ASN J 3 -38.23 2.21 33.76
C ASN J 3 -38.79 1.48 34.95
N THR J 4 -38.23 1.72 36.13
CA THR J 4 -38.69 1.06 37.33
C THR J 4 -38.45 1.90 38.57
N ILE J 5 -39.54 2.13 39.29
CA ILE J 5 -39.58 2.98 40.44
C ILE J 5 -39.29 2.18 41.69
N VAL J 6 -38.46 2.74 42.56
CA VAL J 6 -38.18 2.13 43.82
C VAL J 6 -38.73 2.98 44.91
N VAL J 7 -39.95 2.65 45.34
CA VAL J 7 -40.58 3.35 46.45
C VAL J 7 -40.07 2.77 47.78
N SER J 8 -39.80 3.63 48.73
CA SER J 8 -39.09 3.25 49.96
C SER J 8 -39.84 3.62 51.17
N ILE J 9 -40.56 2.70 51.72
CA ILE J 9 -41.50 3.00 52.77
C ILE J 9 -40.99 2.49 54.11
N GLY J 10 -41.19 3.27 55.14
CA GLY J 10 -40.79 2.84 56.43
C GLY J 10 -39.34 3.10 56.70
N GLN J 11 -38.92 2.92 57.96
CA GLN J 11 -37.50 3.05 58.26
C GLN J 11 -36.73 1.90 57.65
N ALA J 12 -37.30 0.68 57.73
CA ALA J 12 -36.56 -0.49 57.20
C ALA J 12 -36.44 -0.50 55.71
N GLY J 13 -37.39 0.08 55.04
CA GLY J 13 -37.28 0.16 53.60
C GLY J 13 -36.39 1.30 53.14
N ASN J 14 -36.37 2.40 53.88
CA ASN J 14 -35.55 3.51 53.51
C ASN J 14 -34.09 3.17 53.75
N GLN J 15 -33.78 2.51 54.86
CA GLN J 15 -32.38 2.26 55.14
C GLN J 15 -31.81 1.17 54.23
N ILE J 16 -32.66 0.31 53.67
CA ILE J 16 -32.23 -0.46 52.52
C ILE J 16 -32.00 0.48 51.33
N ALA J 17 -32.98 1.35 51.04
CA ALA J 17 -32.90 2.23 49.87
C ALA J 17 -31.88 3.36 50.05
N ALA J 18 -31.50 3.64 51.28
CA ALA J 18 -30.38 4.52 51.49
C ALA J 18 -29.16 3.82 50.94
N SER J 19 -29.02 2.52 51.25
CA SER J 19 -27.92 1.71 50.77
C SER J 19 -28.14 1.13 49.41
N PHE J 20 -29.35 1.07 48.94
CA PHE J 20 -29.64 0.58 47.59
C PHE J 20 -29.22 1.60 46.51
N TRP J 21 -29.57 2.85 46.70
CA TRP J 21 -29.14 3.87 45.75
C TRP J 21 -27.67 4.29 45.95
N LYS J 22 -27.06 3.94 47.08
CA LYS J 22 -25.62 3.99 47.18
C LYS J 22 -25.04 3.04 46.18
N THR J 23 -25.60 1.81 46.11
CA THR J 23 -25.06 0.76 45.26
C THR J 23 -25.32 1.01 43.79
N VAL J 24 -26.56 1.26 43.48
CA VAL J 24 -26.98 1.40 42.09
C VAL J 24 -26.25 2.59 41.43
N CYS J 25 -26.09 3.70 42.13
CA CYS J 25 -25.35 4.83 41.59
C CYS J 25 -23.87 4.51 41.39
N LEU J 26 -23.26 3.84 42.37
CA LEU J 26 -21.91 3.36 42.21
C LEU J 26 -21.83 2.28 41.14
N GLU J 27 -22.90 1.54 40.93
CA GLU J 27 -22.95 0.51 39.90
C GLU J 27 -22.97 1.11 38.51
N HIS J 28 -23.60 2.27 38.37
CA HIS J 28 -23.64 2.99 37.09
C HIS J 28 -22.56 4.04 36.96
N GLY J 29 -21.60 4.06 37.90
CA GLY J 29 -20.50 5.03 37.84
C GLY J 29 -20.95 6.46 38.12
N ILE J 30 -21.91 6.61 39.03
CA ILE J 30 -22.47 7.90 39.41
C ILE J 30 -22.15 8.13 40.88
N ASP J 31 -21.75 9.35 41.21
CA ASP J 31 -21.42 9.71 42.58
C ASP J 31 -22.67 9.59 43.46
N PRO J 32 -22.64 8.74 44.48
CA PRO J 32 -23.81 8.59 45.31
C PRO J 32 -24.05 9.72 46.32
N LEU J 33 -23.22 10.75 46.34
CA LEU J 33 -23.40 11.89 47.24
C LEU J 33 -23.76 13.19 46.56
N THR J 34 -23.70 13.23 45.23
CA THR J 34 -24.10 14.41 44.46
C THR J 34 -25.18 14.14 43.43
N GLY J 35 -25.27 12.89 42.94
CA GLY J 35 -26.17 12.58 41.84
C GLY J 35 -25.55 12.79 40.46
N GLN J 36 -24.48 13.57 40.37
CA GLN J 36 -23.80 13.82 39.10
C GLN J 36 -22.84 12.69 38.80
N THR J 37 -22.67 12.43 37.52
CA THR J 37 -21.72 11.42 37.06
C THR J 37 -20.32 12.01 37.02
N ALA J 38 -19.38 11.22 36.52
CA ALA J 38 -18.04 11.76 36.23
C ALA J 38 -18.16 12.77 35.07
N PRO J 39 -17.43 13.91 35.14
CA PRO J 39 -17.72 15.04 34.25
C PRO J 39 -17.47 14.79 32.77
N GLY J 40 -18.54 14.90 31.98
CA GLY J 40 -18.46 14.76 30.53
C GLY J 40 -18.75 13.37 30.00
N VAL J 41 -18.42 12.33 30.77
CA VAL J 41 -18.56 10.95 30.31
C VAL J 41 -19.94 10.42 30.71
N ALA J 42 -20.49 9.54 29.89
CA ALA J 42 -21.78 8.92 30.13
C ALA J 42 -21.68 7.92 31.30
N PRO J 43 -22.79 7.68 32.01
CA PRO J 43 -22.78 6.60 33.01
C PRO J 43 -22.74 5.21 32.36
N ARG J 44 -22.05 4.29 33.02
CA ARG J 44 -21.99 2.93 32.49
C ARG J 44 -23.33 2.27 32.65
N GLY J 45 -23.57 1.29 31.78
CA GLY J 45 -24.86 0.59 31.79
C GLY J 45 -25.96 1.48 31.26
N ASN J 46 -27.18 0.99 31.38
CA ASN J 46 -28.35 1.74 30.97
C ASN J 46 -28.95 2.43 32.19
N TRP J 47 -28.61 3.70 32.36
CA TRP J 47 -28.97 4.48 33.53
C TRP J 47 -30.48 4.71 33.64
N SER J 48 -31.16 4.82 32.52
CA SER J 48 -32.53 5.32 32.50
C SER J 48 -33.53 4.32 32.97
N SER J 49 -33.10 3.14 33.43
CA SER J 49 -34.05 2.19 34.02
C SER J 49 -34.50 2.65 35.38
N PHE J 50 -33.55 3.16 36.15
CA PHE J 50 -33.84 3.67 37.51
C PHE J 50 -33.75 5.19 37.63
N PHE J 51 -33.07 5.86 36.72
CA PHE J 51 -32.71 7.25 36.89
C PHE J 51 -33.52 8.14 35.97
N SER J 52 -33.24 9.44 36.01
CA SER J 52 -33.87 10.42 35.15
C SER J 52 -32.87 11.53 34.86
N LYS J 53 -32.92 12.05 33.64
CA LYS J 53 -32.00 13.08 33.20
C LYS J 53 -32.49 14.41 33.78
N LEU J 54 -31.74 14.93 34.74
CA LEU J 54 -32.02 16.25 35.31
C LEU J 54 -30.91 17.18 34.85
N GLY J 55 -31.24 18.08 33.93
CA GLY J 55 -30.27 18.97 33.33
C GLY J 55 -29.62 18.29 32.14
N GLU J 56 -29.65 18.95 30.98
CA GLU J 56 -29.20 18.35 29.72
C GLU J 56 -27.75 18.68 29.39
N SER J 57 -26.93 18.91 30.43
CA SER J 57 -25.55 19.31 30.23
C SER J 57 -24.57 18.12 30.20
N SER J 58 -25.10 16.89 30.37
CA SER J 58 -24.34 15.64 30.43
C SER J 58 -23.38 15.50 31.63
N SER J 59 -23.35 16.50 32.50
CA SER J 59 -22.60 16.44 33.75
C SER J 59 -23.47 16.73 34.97
N GLY J 60 -24.75 17.02 34.76
CA GLY J 60 -25.66 17.28 35.85
C GLY J 60 -26.09 16.02 36.57
N SER J 61 -26.88 16.24 37.61
CA SER J 61 -27.33 15.15 38.46
C SER J 61 -28.36 14.28 37.75
N TYR J 62 -28.36 13.00 38.09
CA TYR J 62 -29.36 12.04 37.64
C TYR J 62 -30.22 11.69 38.83
N VAL J 63 -31.43 12.20 38.84
CA VAL J 63 -32.36 11.92 39.91
C VAL J 63 -32.88 10.48 39.76
N PRO J 64 -32.75 9.66 40.81
CA PRO J 64 -33.32 8.33 40.76
C PRO J 64 -34.82 8.34 40.86
N ARG J 65 -35.46 7.38 40.18
CA ARG J 65 -36.88 7.19 40.28
C ARG J 65 -37.20 6.54 41.60
N ALA J 66 -37.30 7.38 42.63
CA ALA J 66 -37.43 6.88 43.99
C ALA J 66 -38.10 7.88 44.85
N ILE J 67 -39.22 7.45 45.45
CA ILE J 67 -39.90 8.19 46.48
C ILE J 67 -39.70 7.56 47.85
N MET J 68 -39.16 8.28 48.80
CA MET J 68 -38.93 7.78 50.13
C MET J 68 -39.97 8.28 51.12
N VAL J 69 -40.80 7.38 51.62
CA VAL J 69 -41.92 7.73 52.40
C VAL J 69 -41.82 7.19 53.79
N ASP J 70 -41.83 8.05 54.78
CA ASP J 70 -41.88 7.57 56.17
C ASP J 70 -42.42 8.66 57.04
N LEU J 71 -43.19 8.25 58.02
CA LEU J 71 -43.93 9.15 58.83
C LEU J 71 -43.12 9.79 59.95
N GLU J 72 -41.91 9.27 60.16
CA GLU J 72 -40.91 9.77 61.09
C GLU J 72 -39.85 10.58 60.32
N PRO J 73 -39.48 11.75 60.81
CA PRO J 73 -38.63 12.61 60.02
C PRO J 73 -37.16 12.22 60.01
N SER J 74 -36.75 11.50 61.04
CA SER J 74 -35.34 11.24 61.29
C SER J 74 -34.71 10.29 60.32
N VAL J 75 -35.52 9.56 59.55
CA VAL J 75 -34.99 8.53 58.67
C VAL J 75 -34.57 9.14 57.36
N ILE J 76 -35.42 9.99 56.80
CA ILE J 76 -35.13 10.60 55.51
C ILE J 76 -34.16 11.78 55.70
N ASP J 77 -34.21 12.43 56.85
CA ASP J 77 -33.21 13.45 57.16
C ASP J 77 -31.83 12.85 57.36
N ASN J 78 -31.77 11.58 57.72
CA ASN J 78 -30.51 10.85 57.65
C ASN J 78 -30.10 10.63 56.19
N VAL J 79 -31.08 10.38 55.33
CA VAL J 79 -30.79 10.17 53.91
C VAL J 79 -30.42 11.49 53.23
N LYS J 80 -31.12 12.57 53.57
CA LYS J 80 -30.79 13.88 53.02
C LYS J 80 -29.41 14.35 53.45
N ALA J 81 -28.96 13.94 54.63
CA ALA J 81 -27.58 14.23 55.05
C ALA J 81 -26.58 13.33 54.35
N THR J 82 -27.01 12.19 53.82
CA THR J 82 -26.11 11.22 53.21
C THR J 82 -26.42 10.94 51.75
N SER J 83 -27.09 11.87 51.08
CA SER J 83 -27.25 11.81 49.64
C SER J 83 -26.95 13.11 48.93
N GLY J 84 -27.01 14.25 49.60
CA GLY J 84 -26.71 15.52 48.96
C GLY J 84 -27.81 15.91 48.00
N SER J 85 -27.42 16.25 46.77
CA SER J 85 -28.37 16.62 45.73
C SER J 85 -28.66 15.47 44.81
N LEU J 86 -28.67 14.25 45.33
CA LEU J 86 -28.93 13.06 44.50
C LEU J 86 -30.41 12.84 44.27
N PHE J 87 -31.17 12.68 45.35
CA PHE J 87 -32.60 12.46 45.19
C PHE J 87 -33.30 13.75 44.86
N ASN J 88 -34.51 13.61 44.35
CA ASN J 88 -35.37 14.75 44.22
C ASN J 88 -36.05 15.01 45.54
N PRO J 89 -35.76 16.14 46.22
CA PRO J 89 -36.28 16.31 47.57
C PRO J 89 -37.76 16.62 47.64
N ALA J 90 -38.43 16.69 46.49
CA ALA J 90 -39.89 16.63 46.47
C ALA J 90 -40.42 15.18 46.65
N ASN J 91 -39.57 14.19 46.37
CA ASN J 91 -39.89 12.79 46.59
C ASN J 91 -39.51 12.31 47.98
N LEU J 92 -38.71 13.05 48.70
CA LEU J 92 -38.23 12.64 50.02
C LEU J 92 -39.20 13.17 51.04
N ILE J 93 -40.39 12.57 51.09
CA ILE J 93 -41.50 13.02 51.89
C ILE J 93 -41.30 12.50 53.33
N SER J 94 -41.55 13.36 54.31
CA SER J 94 -41.49 12.98 55.70
C SER J 94 -42.61 13.67 56.47
N ARG J 95 -42.94 13.12 57.64
CA ARG J 95 -43.89 13.71 58.57
C ARG J 95 -43.25 13.83 59.94
N THR J 96 -44.06 14.13 60.96
CA THR J 96 -43.55 14.42 62.28
C THR J 96 -43.80 13.29 63.28
N GLU J 97 -45.03 12.82 63.33
CA GLU J 97 -45.49 11.98 64.43
C GLU J 97 -44.97 10.55 64.35
N GLY J 98 -44.89 10.00 63.15
CA GLY J 98 -44.54 8.58 63.00
C GLY J 98 -45.73 7.67 63.25
N ALA J 99 -45.52 6.37 63.12
CA ALA J 99 -46.58 5.39 63.27
C ALA J 99 -46.42 4.50 64.50
N GLY J 100 -45.26 3.87 64.57
CA GLY J 100 -44.86 3.22 65.79
C GLY J 100 -45.60 1.94 66.04
N GLY J 101 -45.33 0.98 65.15
CA GLY J 101 -45.84 -0.39 65.28
C GLY J 101 -47.33 -0.46 65.13
N ASN J 102 -47.96 0.62 64.70
CA ASN J 102 -49.43 0.64 64.58
C ASN J 102 -49.71 0.65 63.10
N PHE J 103 -50.21 -0.48 62.61
CA PHE J 103 -50.65 -0.60 61.23
C PHE J 103 -51.68 0.45 60.85
N ALA J 104 -52.59 0.71 61.76
CA ALA J 104 -53.67 1.59 61.50
C ALA J 104 -53.28 3.05 61.73
N VAL J 105 -51.98 3.39 61.66
CA VAL J 105 -51.55 4.75 61.46
C VAL J 105 -50.96 4.91 60.05
N GLY J 106 -50.14 3.96 59.63
CA GLY J 106 -49.64 3.97 58.25
C GLY J 106 -50.69 3.70 57.21
N TYR J 107 -51.68 2.90 57.55
CA TYR J 107 -52.70 2.51 56.57
C TYR J 107 -53.85 3.49 56.59
N LEU J 108 -54.43 3.68 57.77
CA LEU J 108 -55.56 4.56 57.95
C LEU J 108 -55.26 5.58 59.04
N GLY J 109 -54.57 6.66 58.68
CA GLY J 109 -54.07 7.59 59.68
C GLY J 109 -53.12 8.61 59.08
N ALA J 110 -51.92 8.69 59.65
CA ALA J 110 -50.89 9.60 59.14
C ALA J 110 -50.41 9.19 57.76
N GLY J 111 -50.60 7.90 57.41
CA GLY J 111 -50.27 7.44 56.08
C GLY J 111 -51.36 7.75 55.08
N ARG J 112 -52.58 7.89 55.57
CA ARG J 112 -53.66 8.36 54.74
C ARG J 112 -53.46 9.82 54.38
N GLU J 113 -52.81 10.58 55.26
CA GLU J 113 -52.55 11.99 55.01
C GLU J 113 -51.52 12.17 53.89
N VAL J 114 -50.48 11.35 53.90
CA VAL J 114 -49.43 11.47 52.89
C VAL J 114 -49.82 10.87 51.55
N LEU J 115 -50.87 10.08 51.51
CA LEU J 115 -51.24 9.40 50.30
C LEU J 115 -51.67 10.33 49.15
N PRO J 116 -52.36 11.48 49.39
CA PRO J 116 -52.46 12.40 48.25
C PRO J 116 -51.14 13.05 47.83
N GLU J 117 -50.15 13.10 48.73
CA GLU J 117 -48.85 13.68 48.38
C GLU J 117 -47.89 12.65 47.81
N VAL J 118 -47.96 11.41 48.28
CA VAL J 118 -47.15 10.34 47.72
C VAL J 118 -47.58 9.98 46.30
N MET J 119 -48.88 9.82 46.08
CA MET J 119 -49.38 9.49 44.77
C MET J 119 -49.26 10.64 43.77
N SER J 120 -49.14 11.86 44.26
CA SER J 120 -48.82 12.99 43.40
C SER J 120 -47.36 13.07 43.07
N ARG J 121 -46.54 12.16 43.58
CA ARG J 121 -45.15 12.04 43.19
C ARG J 121 -44.83 10.77 42.43
N LEU J 122 -45.57 9.71 42.65
CA LEU J 122 -45.55 8.57 41.72
C LEU J 122 -46.08 8.97 40.34
N ASP J 123 -47.12 9.78 40.31
CA ASP J 123 -47.62 10.31 39.08
C ASP J 123 -46.61 11.23 38.42
N TYR J 124 -45.78 11.89 39.22
CA TYR J 124 -44.68 12.66 38.68
C TYR J 124 -43.63 11.76 38.10
N GLU J 125 -43.37 10.61 38.71
CA GLU J 125 -42.33 9.72 38.22
C GLU J 125 -42.79 8.95 36.98
N ILE J 126 -43.99 8.40 37.05
CA ILE J 126 -44.51 7.56 35.99
C ILE J 126 -44.73 8.37 34.68
N ASP J 127 -45.20 9.60 34.80
CA ASP J 127 -45.33 10.44 33.62
C ASP J 127 -43.96 10.83 33.06
N LYS J 128 -42.95 10.89 33.93
CA LYS J 128 -41.58 11.13 33.52
C LYS J 128 -40.92 9.87 32.93
N CYS J 129 -41.45 8.69 33.22
CA CYS J 129 -40.95 7.44 32.65
C CYS J 129 -41.25 7.33 31.16
N ASP J 130 -40.41 6.57 30.47
CA ASP J 130 -40.65 6.24 29.06
C ASP J 130 -41.84 5.28 28.96
N ASN J 131 -41.69 4.09 29.53
CA ASN J 131 -42.81 3.20 29.82
C ASN J 131 -42.46 2.28 30.97
N VAL J 132 -42.94 2.65 32.15
CA VAL J 132 -42.59 2.02 33.41
C VAL J 132 -43.19 0.62 33.49
N GLY J 133 -42.38 -0.34 33.86
CA GLY J 133 -42.77 -1.74 33.88
C GLY J 133 -42.39 -2.41 35.15
N GLY J 134 -42.50 -1.68 36.24
CA GLY J 134 -42.32 -2.28 37.56
C GLY J 134 -42.13 -1.28 38.65
N ILE J 135 -42.62 -1.59 39.83
CA ILE J 135 -42.51 -0.72 40.99
C ILE J 135 -42.04 -1.55 42.15
N ILE J 136 -40.82 -1.29 42.61
CA ILE J 136 -40.17 -2.08 43.63
C ILE J 136 -40.31 -1.34 44.96
N VAL J 137 -41.33 -1.72 45.72
CA VAL J 137 -41.60 -1.04 46.97
C VAL J 137 -40.76 -1.71 48.02
N LEU J 138 -39.91 -0.92 48.67
CA LEU J 138 -39.04 -1.41 49.73
C LEU J 138 -39.60 -1.03 51.05
N HIS J 139 -39.95 -2.04 51.84
CA HIS J 139 -40.46 -1.79 53.16
C HIS J 139 -40.16 -2.95 54.06
N ALA J 140 -40.76 -2.95 55.24
CA ALA J 140 -40.78 -4.12 56.11
C ALA J 140 -42.19 -4.60 56.28
N ILE J 141 -42.35 -5.81 56.76
CA ILE J 141 -43.67 -6.31 57.03
C ILE J 141 -43.78 -6.43 58.54
N GLY J 142 -43.12 -5.53 59.24
CA GLY J 142 -43.16 -5.59 60.67
C GLY J 142 -43.68 -4.38 61.38
N GLY J 143 -43.53 -3.21 60.79
CA GLY J 143 -43.72 -1.98 61.51
C GLY J 143 -45.10 -1.42 61.31
N GLY J 144 -45.21 -0.13 61.63
CA GLY J 144 -46.44 0.61 61.48
C GLY J 144 -46.45 1.44 60.23
N THR J 145 -45.27 1.76 59.69
CA THR J 145 -45.17 2.56 58.51
C THR J 145 -44.90 1.72 57.30
N GLY J 146 -43.84 0.93 57.34
CA GLY J 146 -43.48 0.09 56.19
C GLY J 146 -44.50 -0.98 55.93
N SER J 147 -45.03 -1.58 56.99
CA SER J 147 -46.11 -2.56 56.85
C SER J 147 -47.49 -1.89 56.82
N GLY J 148 -47.58 -0.67 57.30
CA GLY J 148 -48.83 0.05 57.27
C GLY J 148 -49.05 0.82 56.00
N PHE J 149 -48.16 1.72 55.67
CA PHE J 149 -48.30 2.51 54.47
C PHE J 149 -47.94 1.67 53.26
N GLY J 150 -47.06 0.70 53.42
CA GLY J 150 -46.75 -0.24 52.35
C GLY J 150 -47.94 -1.08 51.94
N ALA J 151 -48.79 -1.39 52.90
CA ALA J 151 -50.04 -2.02 52.59
C ALA J 151 -51.04 -1.01 51.99
N LEU J 152 -50.91 0.25 52.36
CA LEU J 152 -51.78 1.26 51.81
C LEU J 152 -51.36 1.61 50.40
N LEU J 153 -50.06 1.84 50.19
CA LEU J 153 -49.57 2.38 48.94
C LEU J 153 -49.73 1.40 47.80
N ILE J 154 -49.43 0.13 48.05
CA ILE J 154 -49.52 -0.89 47.01
C ILE J 154 -50.99 -1.10 46.64
N GLU J 155 -51.89 -1.07 47.61
CA GLU J 155 -53.32 -1.07 47.29
C GLU J 155 -53.80 0.25 46.76
N SER J 156 -52.99 1.32 46.81
CA SER J 156 -53.36 2.57 46.17
C SER J 156 -52.72 2.76 44.82
N LEU J 157 -51.96 1.77 44.35
CA LEU J 157 -51.15 1.89 43.14
C LEU J 157 -51.57 0.88 42.08
N LYS J 158 -51.80 -0.38 42.46
CA LYS J 158 -52.41 -1.33 41.54
C LYS J 158 -53.90 -0.98 41.33
N GLU J 159 -54.53 -0.37 42.31
CA GLU J 159 -55.89 0.12 42.16
C GLU J 159 -55.94 1.26 41.16
N LYS J 160 -54.88 2.05 41.07
CA LYS J 160 -54.83 3.17 40.14
C LYS J 160 -54.32 2.75 38.77
N TYR J 161 -53.22 2.00 38.73
CA TYR J 161 -52.58 1.63 37.46
C TYR J 161 -52.92 0.22 37.03
N GLY J 162 -52.50 -0.76 37.82
CA GLY J 162 -52.91 -2.13 37.58
C GLY J 162 -52.21 -2.89 36.49
N GLU J 163 -51.68 -2.19 35.50
CA GLU J 163 -50.93 -2.83 34.41
C GLU J 163 -49.43 -2.75 34.66
N ILE J 164 -49.02 -2.91 35.91
CA ILE J 164 -47.63 -2.71 36.28
C ILE J 164 -47.29 -3.65 37.44
N PRO J 165 -46.12 -4.30 37.40
CA PRO J 165 -45.73 -5.16 38.50
C PRO J 165 -45.34 -4.41 39.76
N VAL J 166 -45.77 -4.92 40.91
CA VAL J 166 -45.38 -4.37 42.19
C VAL J 166 -44.61 -5.40 42.96
N LEU J 167 -43.29 -5.37 42.85
CA LEU J 167 -42.41 -6.27 43.61
C LEU J 167 -42.08 -5.67 44.95
N SER J 168 -42.86 -6.05 45.96
CA SER J 168 -42.68 -5.52 47.30
C SER J 168 -41.49 -6.19 47.98
N CYS J 169 -40.30 -5.62 47.78
CA CYS J 169 -39.06 -6.16 48.38
C CYS J 169 -39.05 -5.84 49.83
N ALA J 170 -39.48 -6.79 50.63
CA ALA J 170 -39.90 -6.52 51.99
C ALA J 170 -39.18 -7.35 52.98
N VAL J 171 -39.18 -6.91 54.24
CA VAL J 171 -38.36 -7.53 55.27
C VAL J 171 -39.31 -8.11 56.30
N LEU J 172 -39.35 -9.45 56.36
CA LEU J 172 -40.19 -10.14 57.30
C LEU J 172 -39.65 -9.97 58.71
N PRO J 173 -40.54 -10.20 59.71
CA PRO J 173 -40.10 -10.27 61.09
C PRO J 173 -39.23 -11.45 61.37
N SER J 174 -38.14 -11.18 62.09
CA SER J 174 -37.23 -12.24 62.49
C SER J 174 -37.93 -13.05 63.59
N PRO J 175 -37.87 -14.39 63.52
CA PRO J 175 -38.54 -15.20 64.53
C PRO J 175 -37.75 -15.39 65.81
N GLN J 176 -36.47 -15.02 65.80
CA GLN J 176 -35.63 -15.15 66.97
C GLN J 176 -36.07 -14.18 68.10
N VAL J 177 -36.44 -12.97 67.70
CA VAL J 177 -36.93 -11.96 68.60
C VAL J 177 -37.69 -10.95 67.75
N SER J 178 -38.78 -10.41 68.28
CA SER J 178 -39.57 -9.45 67.53
C SER J 178 -39.08 -8.04 67.82
N SER J 179 -38.76 -7.30 66.78
CA SER J 179 -38.33 -5.91 66.94
C SER J 179 -39.50 -4.94 67.23
N VAL J 180 -40.72 -5.37 66.99
CA VAL J 180 -41.91 -4.67 67.39
C VAL J 180 -42.77 -5.61 68.24
N VAL J 181 -43.43 -5.11 69.25
CA VAL J 181 -44.31 -5.96 70.06
C VAL J 181 -45.58 -6.33 69.31
N THR J 182 -46.05 -5.45 68.40
CA THR J 182 -47.21 -5.73 67.55
C THR J 182 -46.82 -6.21 66.18
N GLU J 183 -45.67 -6.88 66.08
CA GLU J 183 -45.09 -7.29 64.79
C GLU J 183 -45.74 -8.49 64.16
N PRO J 184 -46.22 -9.51 64.92
CA PRO J 184 -47.09 -10.48 64.25
C PRO J 184 -48.50 -10.02 63.91
N TYR J 185 -48.96 -8.92 64.48
CA TYR J 185 -50.13 -8.25 63.97
C TYR J 185 -49.80 -7.67 62.63
N ASN J 186 -48.82 -6.77 62.59
CA ASN J 186 -48.61 -5.90 61.43
C ASN J 186 -48.25 -6.62 60.17
N THR J 187 -47.74 -7.84 60.27
CA THR J 187 -47.48 -8.64 59.11
C THR J 187 -48.81 -9.10 58.50
N VAL J 188 -49.66 -9.68 59.31
CA VAL J 188 -50.91 -10.23 58.84
C VAL J 188 -51.78 -9.13 58.26
N PHE J 189 -51.71 -7.91 58.76
CA PHE J 189 -52.42 -6.81 58.16
C PHE J 189 -51.81 -6.42 56.83
N ALA J 190 -50.50 -6.64 56.66
CA ALA J 190 -49.87 -6.40 55.37
C ALA J 190 -49.95 -7.61 54.47
N LEU J 191 -50.15 -8.80 55.01
CA LEU J 191 -50.38 -9.96 54.17
C LEU J 191 -51.76 -9.97 53.51
N ASN J 192 -52.63 -9.03 53.86
CA ASN J 192 -53.76 -8.74 53.05
C ASN J 192 -53.22 -8.14 51.74
N THR J 193 -52.45 -7.05 51.81
CA THR J 193 -52.04 -6.36 50.65
C THR J 193 -51.03 -7.15 49.85
N LEU J 194 -49.99 -7.64 50.52
CA LEU J 194 -48.88 -8.29 49.82
C LEU J 194 -49.25 -9.64 49.24
N ARG J 195 -50.44 -10.14 49.52
CA ARG J 195 -51.01 -11.29 48.82
C ARG J 195 -51.97 -10.86 47.71
N ARG J 196 -52.77 -9.83 47.95
CA ARG J 196 -53.85 -9.55 47.05
C ARG J 196 -53.47 -8.52 45.99
N SER J 197 -52.87 -7.41 46.40
CA SER J 197 -52.66 -6.29 45.49
C SER J 197 -51.21 -6.05 45.13
N ALA J 198 -50.33 -6.95 45.51
CA ALA J 198 -48.94 -6.90 45.07
C ALA J 198 -48.70 -8.09 44.16
N ASP J 199 -48.00 -7.88 43.04
CA ASP J 199 -47.73 -8.98 42.12
C ASP J 199 -46.70 -9.95 42.65
N ALA J 200 -45.81 -9.49 43.50
CA ALA J 200 -44.87 -10.36 44.24
C ALA J 200 -44.36 -9.65 45.45
N CYS J 201 -44.07 -10.40 46.50
CA CYS J 201 -43.48 -9.84 47.70
C CYS J 201 -42.21 -10.58 47.97
N LEU J 202 -41.08 -9.97 47.56
CA LEU J 202 -39.77 -10.53 47.86
C LEU J 202 -39.47 -10.35 49.33
N ILE J 203 -39.34 -11.46 50.07
CA ILE J 203 -39.16 -11.39 51.51
C ILE J 203 -37.66 -11.30 51.83
N PHE J 204 -37.39 -10.88 53.06
CA PHE J 204 -36.07 -10.94 53.66
C PHE J 204 -36.31 -11.09 55.14
N ASP J 205 -35.40 -11.75 55.82
CA ASP J 205 -35.58 -12.04 57.23
C ASP J 205 -34.33 -11.67 58.00
N ASN J 206 -34.51 -10.94 59.08
CA ASN J 206 -33.38 -10.40 59.80
C ASN J 206 -32.60 -11.45 60.57
N GLU J 207 -33.16 -12.65 60.80
CA GLU J 207 -32.37 -13.68 61.39
C GLU J 207 -31.36 -14.24 60.39
N ALA J 208 -31.83 -14.57 59.19
CA ALA J 208 -30.95 -15.15 58.17
C ALA J 208 -29.93 -14.15 57.64
N LEU J 209 -30.29 -12.90 57.62
CA LEU J 209 -29.38 -11.88 57.21
C LEU J 209 -28.33 -11.57 58.28
N PHE J 210 -28.57 -11.97 59.52
CA PHE J 210 -27.51 -11.95 60.50
C PHE J 210 -26.56 -13.09 60.29
N ASP J 211 -27.08 -14.29 60.04
CA ASP J 211 -26.23 -15.46 59.86
C ASP J 211 -25.41 -15.42 58.59
N LEU J 212 -25.92 -14.78 57.56
CA LEU J 212 -25.21 -14.66 56.30
C LEU J 212 -24.26 -13.50 56.24
N ALA J 213 -24.13 -12.74 57.33
CA ALA J 213 -23.07 -11.78 57.48
C ALA J 213 -22.13 -12.15 58.61
N HIS J 214 -22.55 -12.99 59.54
CA HIS J 214 -21.69 -13.46 60.63
C HIS J 214 -20.86 -14.66 60.20
N ARG J 215 -21.52 -15.68 59.67
CA ARG J 215 -20.84 -16.91 59.28
C ARG J 215 -20.21 -16.80 57.90
N LYS J 216 -20.75 -15.93 57.06
CA LYS J 216 -20.34 -15.83 55.67
C LYS J 216 -19.48 -14.60 55.38
N TRP J 217 -19.88 -13.44 55.87
CA TRP J 217 -19.05 -12.24 55.78
C TRP J 217 -18.14 -12.04 57.01
N ASN J 218 -17.96 -13.12 57.78
CA ASN J 218 -17.01 -13.27 58.89
C ASN J 218 -16.75 -12.05 59.75
N ILE J 219 -17.82 -11.38 60.16
CA ILE J 219 -17.73 -10.31 61.15
C ILE J 219 -18.48 -10.75 62.40
N GLU J 220 -18.19 -10.08 63.50
CA GLU J 220 -18.74 -10.47 64.80
C GLU J 220 -20.19 -10.00 64.94
N SER J 221 -20.41 -8.69 64.87
CA SER J 221 -21.73 -8.10 65.00
C SER J 221 -22.15 -7.49 63.65
N PRO J 222 -23.04 -8.17 62.93
CA PRO J 222 -23.56 -7.59 61.70
C PRO J 222 -24.56 -6.48 62.01
N THR J 223 -24.17 -5.25 61.71
CA THR J 223 -25.07 -4.13 61.91
C THR J 223 -26.12 -4.06 60.78
N VAL J 224 -27.00 -3.08 60.91
CA VAL J 224 -28.03 -2.86 59.90
C VAL J 224 -27.45 -2.11 58.72
N ASP J 225 -26.20 -1.69 58.84
CA ASP J 225 -25.46 -1.22 57.69
C ASP J 225 -25.12 -2.40 56.77
N ASP J 226 -24.97 -3.61 57.33
CA ASP J 226 -24.65 -4.80 56.57
C ASP J 226 -25.83 -5.72 56.35
N LEU J 227 -26.90 -5.57 57.09
CA LEU J 227 -28.14 -6.23 56.67
C LEU J 227 -28.67 -5.54 55.40
N ASN J 228 -28.59 -4.23 55.34
CA ASN J 228 -29.05 -3.47 54.20
C ASN J 228 -28.02 -3.43 53.10
N LEU J 229 -27.02 -4.30 53.13
CA LEU J 229 -26.10 -4.52 52.03
C LEU J 229 -26.18 -5.95 51.51
N LEU J 230 -26.51 -6.92 52.34
CA LEU J 230 -26.90 -8.23 51.84
C LEU J 230 -28.22 -8.17 51.07
N ILE J 231 -29.17 -7.37 51.55
CA ILE J 231 -30.42 -7.18 50.84
C ILE J 231 -30.11 -6.39 49.59
N THR J 232 -29.30 -5.35 49.71
CA THR J 232 -29.03 -4.45 48.62
C THR J 232 -28.38 -5.17 47.49
N GLU J 233 -27.35 -5.93 47.75
CA GLU J 233 -26.63 -6.68 46.73
C GLU J 233 -27.50 -7.72 46.05
N ALA J 234 -28.51 -8.19 46.73
CA ALA J 234 -29.56 -8.98 46.12
C ALA J 234 -30.55 -8.11 45.34
N LEU J 235 -30.92 -6.95 45.86
CA LEU J 235 -31.84 -6.06 45.12
C LEU J 235 -31.12 -5.37 43.98
N ALA J 236 -29.81 -5.16 44.11
CA ALA J 236 -29.01 -4.74 42.97
C ALA J 236 -28.55 -5.92 42.15
N GLY J 237 -29.04 -7.12 42.44
CA GLY J 237 -28.78 -8.26 41.64
C GLY J 237 -29.97 -8.67 40.82
N ILE J 238 -31.16 -8.59 41.39
CA ILE J 238 -32.37 -8.90 40.62
C ILE J 238 -32.70 -7.79 39.64
N THR J 239 -32.11 -6.61 39.83
CA THR J 239 -32.33 -5.49 38.96
C THR J 239 -31.14 -5.20 38.05
N ALA J 240 -30.21 -6.12 37.95
CA ALA J 240 -29.16 -5.98 36.99
C ALA J 240 -29.61 -6.40 35.60
N SER J 241 -30.63 -7.24 35.51
CA SER J 241 -31.22 -7.56 34.22
C SER J 241 -32.07 -6.45 33.70
N MET J 242 -32.53 -5.57 34.60
CA MET J 242 -33.42 -4.48 34.24
C MET J 242 -32.64 -3.27 33.74
N ARG J 243 -31.40 -3.13 34.22
CA ARG J 243 -30.61 -1.91 34.07
C ARG J 243 -29.47 -1.99 33.12
N PHE J 244 -29.19 -3.16 32.57
CA PHE J 244 -28.01 -3.40 31.79
C PHE J 244 -28.36 -4.00 30.45
N SER J 245 -27.81 -3.43 29.39
CA SER J 245 -28.00 -3.90 28.03
C SER J 245 -26.62 -4.15 27.46
N GLY J 246 -26.11 -5.35 27.73
CA GLY J 246 -24.70 -5.64 27.51
C GLY J 246 -24.42 -6.58 26.36
N PHE J 247 -23.61 -7.59 26.63
CA PHE J 247 -23.15 -8.53 25.62
C PHE J 247 -24.23 -9.55 25.27
N LEU J 248 -24.59 -10.37 26.26
CA LEU J 248 -25.65 -11.37 26.10
C LEU J 248 -26.56 -11.31 27.30
N THR J 249 -26.85 -10.08 27.73
CA THR J 249 -27.65 -9.85 28.91
C THR J 249 -29.09 -10.28 28.66
N VAL J 250 -29.54 -11.27 29.42
CA VAL J 250 -30.93 -11.67 29.38
C VAL J 250 -31.74 -10.62 30.14
N GLU J 251 -32.34 -9.72 29.37
CA GLU J 251 -32.98 -8.54 29.94
C GLU J 251 -34.31 -8.91 30.51
N ILE J 252 -34.34 -9.16 31.81
CA ILE J 252 -35.53 -9.63 32.49
C ILE J 252 -36.22 -8.44 33.17
N THR J 253 -37.37 -8.05 32.65
CA THR J 253 -38.22 -7.09 33.29
C THR J 253 -38.88 -7.71 34.51
N LEU J 254 -39.55 -6.88 35.32
CA LEU J 254 -40.23 -7.40 36.48
C LEU J 254 -41.34 -8.34 36.02
N ARG J 255 -42.15 -7.94 35.03
CA ARG J 255 -43.18 -8.83 34.52
C ARG J 255 -42.59 -10.09 33.91
N GLU J 256 -41.41 -9.91 33.33
CA GLU J 256 -40.66 -11.02 32.74
C GLU J 256 -40.07 -11.89 33.81
N LEU J 257 -39.90 -11.34 35.01
CA LEU J 257 -39.47 -12.10 36.17
C LEU J 257 -40.59 -12.72 36.85
N LEU J 258 -41.77 -12.10 36.87
CA LEU J 258 -42.86 -12.64 37.66
C LEU J 258 -43.75 -13.60 36.90
N THR J 259 -43.71 -13.54 35.56
CA THR J 259 -44.36 -14.58 34.78
C THR J 259 -43.66 -15.91 34.97
N ASN J 260 -42.37 -15.89 35.21
CA ASN J 260 -41.61 -17.09 35.53
C ASN J 260 -41.67 -17.49 37.00
N LEU J 261 -42.18 -16.61 37.86
CA LEU J 261 -42.08 -16.86 39.27
C LEU J 261 -43.36 -16.74 40.01
N VAL J 262 -44.44 -16.31 39.41
CA VAL J 262 -45.73 -16.37 40.10
C VAL J 262 -46.56 -17.38 39.35
N PRO J 263 -46.65 -18.62 39.85
CA PRO J 263 -47.41 -19.69 39.19
C PRO J 263 -48.97 -19.42 39.15
N GLN J 264 -49.60 -19.09 40.27
CA GLN J 264 -51.03 -18.71 40.28
C GLN J 264 -51.21 -17.62 41.35
N PRO J 265 -52.23 -16.74 41.22
CA PRO J 265 -52.19 -15.43 41.90
C PRO J 265 -52.03 -15.35 43.43
N SER J 266 -51.92 -16.50 44.12
CA SER J 266 -51.74 -16.50 45.55
C SER J 266 -50.43 -17.16 45.96
N LEU J 267 -49.49 -17.29 45.02
CA LEU J 267 -48.20 -17.96 45.27
C LEU J 267 -47.03 -17.10 44.83
N HIS J 268 -47.02 -15.86 45.29
CA HIS J 268 -46.03 -14.93 44.83
C HIS J 268 -45.21 -14.34 45.92
N PHE J 269 -44.97 -15.10 46.98
CA PHE J 269 -44.02 -14.69 48.00
C PHE J 269 -42.71 -15.38 47.67
N LEU J 270 -41.69 -14.60 47.35
CA LEU J 270 -40.46 -15.15 46.82
C LEU J 270 -39.39 -14.93 47.89
N MET J 271 -38.57 -15.95 48.08
CA MET J 271 -37.36 -15.79 48.86
C MET J 271 -36.25 -15.27 47.94
N CYS J 272 -35.04 -15.20 48.49
CA CYS J 272 -33.90 -14.81 47.72
C CYS J 272 -32.66 -15.34 48.32
N ALA J 273 -31.62 -15.46 47.50
CA ALA J 273 -30.30 -15.83 47.97
C ALA J 273 -29.23 -15.22 47.10
N PHE J 274 -28.03 -15.09 47.66
CA PHE J 274 -26.93 -14.46 46.95
C PHE J 274 -25.72 -15.33 47.02
N ALA J 275 -24.94 -15.33 45.93
CA ALA J 275 -23.64 -15.99 45.88
C ALA J 275 -22.72 -15.12 45.08
N PRO J 276 -21.44 -15.06 45.43
CA PRO J 276 -20.78 -15.67 46.57
C PRO J 276 -20.98 -14.80 47.79
N LEU J 277 -21.06 -15.42 48.95
CA LEU J 277 -21.02 -14.65 50.19
C LEU J 277 -19.59 -14.53 50.74
N THR J 278 -18.61 -14.49 49.85
CA THR J 278 -17.23 -14.22 50.19
C THR J 278 -17.12 -12.83 50.79
N PRO J 279 -16.42 -12.69 51.93
CA PRO J 279 -16.26 -11.37 52.54
C PRO J 279 -15.44 -10.43 51.66
N PRO J 280 -15.59 -9.11 51.84
CA PRO J 280 -14.86 -8.16 50.96
C PRO J 280 -13.36 -7.98 51.22
N ASP J 281 -12.74 -8.90 51.95
CA ASP J 281 -11.32 -8.81 52.31
C ASP J 281 -10.38 -9.31 51.19
N ARG J 282 -10.86 -9.37 49.95
CA ARG J 282 -10.12 -9.86 48.79
C ARG J 282 -9.59 -11.28 49.00
N SER J 283 -10.53 -12.22 49.09
CA SER J 283 -10.20 -13.64 49.11
C SER J 283 -10.13 -14.14 47.65
N LYS J 284 -9.07 -13.71 46.98
CA LYS J 284 -8.97 -13.84 45.52
C LYS J 284 -8.75 -15.28 45.06
N PHE J 285 -7.92 -16.00 45.77
CA PHE J 285 -7.69 -17.41 45.46
C PHE J 285 -8.79 -18.30 46.01
N GLU J 286 -9.67 -17.76 46.85
CA GLU J 286 -10.88 -18.47 47.30
C GLU J 286 -12.15 -17.95 46.61
N GLU J 287 -12.01 -17.26 45.48
CA GLU J 287 -13.19 -16.85 44.71
C GLU J 287 -13.84 -18.08 44.08
N LEU J 288 -15.16 -18.13 44.15
CA LEU J 288 -15.90 -19.36 43.84
C LEU J 288 -16.25 -19.43 42.37
N GLY J 289 -16.06 -20.61 41.78
CA GLY J 289 -16.52 -20.90 40.43
C GLY J 289 -18.01 -21.16 40.39
N ILE J 290 -18.52 -21.28 39.17
CA ILE J 290 -19.96 -21.40 38.96
C ILE J 290 -20.48 -22.77 39.38
N GLU J 291 -19.61 -23.77 39.39
CA GLU J 291 -20.04 -25.09 39.82
C GLU J 291 -20.26 -25.14 41.33
N GLU J 292 -19.63 -24.23 42.07
CA GLU J 292 -19.67 -24.24 43.55
C GLU J 292 -20.41 -23.04 44.17
N MET J 293 -20.67 -21.99 43.39
CA MET J 293 -21.58 -20.96 43.86
C MET J 293 -22.99 -21.52 43.97
N ILE J 294 -23.37 -22.36 43.02
CA ILE J 294 -24.69 -22.94 43.00
C ILE J 294 -24.81 -23.99 44.10
N LYS J 295 -23.70 -24.58 44.49
CA LYS J 295 -23.65 -25.40 45.69
C LYS J 295 -23.82 -24.55 46.96
N SER J 296 -23.44 -23.27 46.89
CA SER J 296 -23.63 -22.35 48.01
C SER J 296 -24.87 -21.50 47.90
N LEU J 297 -25.53 -21.51 46.74
CA LEU J 297 -26.84 -20.88 46.63
C LEU J 297 -27.86 -21.61 47.47
N PHE J 298 -27.88 -22.93 47.30
CA PHE J 298 -28.98 -23.72 47.80
C PHE J 298 -28.75 -24.40 49.15
N ASP J 299 -27.86 -23.85 49.96
CA ASP J 299 -27.73 -24.31 51.33
C ASP J 299 -28.94 -23.85 52.14
N ASN J 300 -29.23 -24.56 53.21
CA ASN J 300 -30.33 -24.19 54.09
C ASN J 300 -30.08 -22.85 54.77
N GLY J 301 -28.84 -22.65 55.20
CA GLY J 301 -28.39 -21.36 55.67
C GLY J 301 -27.70 -20.64 54.53
N SER J 302 -28.43 -20.39 53.45
CA SER J 302 -27.97 -19.50 52.39
C SER J 302 -29.04 -18.57 51.83
N VAL J 303 -30.32 -18.82 52.11
CA VAL J 303 -31.35 -17.94 51.66
C VAL J 303 -31.58 -16.85 52.67
N PHE J 304 -32.19 -15.76 52.22
CA PHE J 304 -32.46 -14.63 53.08
C PHE J 304 -33.82 -14.81 53.74
N ALA J 305 -34.00 -15.91 54.46
CA ALA J 305 -35.32 -16.26 55.00
C ALA J 305 -35.12 -17.14 56.22
N ALA J 306 -36.08 -17.05 57.13
CA ALA J 306 -36.01 -17.82 58.37
C ALA J 306 -36.18 -19.31 58.12
N CYS J 307 -36.93 -19.65 57.05
CA CYS J 307 -37.23 -21.04 56.79
C CYS J 307 -36.02 -21.79 56.24
N SER J 308 -36.12 -23.11 56.29
CA SER J 308 -35.13 -23.97 55.68
C SER J 308 -35.57 -24.33 54.27
N PRO J 309 -34.92 -23.79 53.24
CA PRO J 309 -35.39 -23.97 51.86
C PRO J 309 -35.37 -25.40 51.31
N MET J 310 -34.30 -26.16 51.54
CA MET J 310 -34.26 -27.51 51.03
C MET J 310 -35.07 -28.48 51.87
N GLU J 311 -35.61 -28.05 53.00
CA GLU J 311 -36.55 -28.90 53.74
C GLU J 311 -37.96 -28.83 53.18
N GLY J 312 -38.19 -27.95 52.21
CA GLY J 312 -39.48 -27.87 51.51
C GLY J 312 -39.32 -27.75 50.03
N ARG J 313 -40.42 -27.48 49.34
CA ARG J 313 -40.50 -27.65 47.88
C ARG J 313 -40.30 -26.34 47.14
N PHE J 314 -39.24 -26.27 46.35
CA PHE J 314 -39.00 -25.11 45.45
C PHE J 314 -40.00 -25.15 44.31
N LEU J 315 -40.90 -24.19 44.29
CA LEU J 315 -41.97 -24.24 43.36
C LEU J 315 -41.57 -23.59 42.06
N SER J 316 -40.99 -22.42 42.13
CA SER J 316 -40.50 -21.72 40.94
C SER J 316 -39.18 -21.06 41.33
N THR J 317 -38.18 -21.23 40.49
CA THR J 317 -36.82 -20.83 40.81
C THR J 317 -36.25 -19.95 39.70
N ALA J 318 -35.50 -18.93 40.05
CA ALA J 318 -34.94 -18.02 39.05
C ALA J 318 -33.57 -17.63 39.48
N VAL J 319 -32.58 -18.27 38.88
CA VAL J 319 -31.20 -18.08 39.26
C VAL J 319 -30.64 -17.03 38.35
N LEU J 320 -30.34 -15.86 38.90
CA LEU J 320 -29.89 -14.71 38.12
C LEU J 320 -28.38 -14.58 38.25
N TYR J 321 -27.64 -15.14 37.28
CA TYR J 321 -26.20 -14.93 37.21
C TYR J 321 -25.95 -13.50 36.83
N ARG J 322 -24.86 -12.94 37.30
CA ARG J 322 -24.53 -11.57 37.03
C ARG J 322 -23.03 -11.39 37.15
N GLY J 323 -22.37 -11.19 36.03
CA GLY J 323 -20.94 -11.00 36.00
C GLY J 323 -20.26 -11.68 34.86
N ILE J 324 -18.95 -11.73 34.93
CA ILE J 324 -18.13 -12.32 33.88
C ILE J 324 -18.23 -13.83 33.95
N MET J 325 -18.84 -14.43 32.94
CA MET J 325 -18.91 -15.88 32.81
C MET J 325 -18.02 -16.31 31.68
N GLU J 326 -17.18 -17.32 31.93
CA GLU J 326 -16.47 -18.00 30.85
C GLU J 326 -17.22 -19.25 30.38
N ASP J 327 -18.09 -19.80 31.22
CA ASP J 327 -18.60 -21.16 31.06
C ASP J 327 -20.12 -21.22 30.97
N LYS J 328 -20.67 -21.06 29.77
CA LYS J 328 -22.11 -21.28 29.57
C LYS J 328 -22.61 -22.73 29.68
N PRO J 329 -21.88 -23.73 29.13
CA PRO J 329 -22.43 -25.11 29.37
C PRO J 329 -22.09 -25.66 30.73
N LEU J 330 -21.09 -25.12 31.43
CA LEU J 330 -20.88 -25.48 32.84
C LEU J 330 -21.93 -24.79 33.70
N ALA J 331 -22.37 -23.61 33.26
CA ALA J 331 -23.63 -23.07 33.73
C ALA J 331 -24.76 -23.95 33.24
N ASP J 332 -25.85 -23.95 33.99
CA ASP J 332 -27.09 -24.66 33.68
C ASP J 332 -26.99 -26.18 33.80
N ALA J 333 -25.78 -26.71 33.88
CA ALA J 333 -25.52 -28.13 34.12
C ALA J 333 -25.22 -28.39 35.58
N ALA J 334 -24.70 -27.39 36.28
CA ALA J 334 -24.73 -27.41 37.72
C ALA J 334 -26.19 -27.38 38.20
N LEU J 335 -27.04 -26.60 37.51
CA LEU J 335 -28.46 -26.60 37.83
C LEU J 335 -29.14 -27.91 37.42
N ALA J 336 -28.55 -28.64 36.48
CA ALA J 336 -29.06 -29.96 36.12
C ALA J 336 -28.87 -30.94 37.27
N ALA J 337 -27.77 -30.82 37.99
CA ALA J 337 -27.63 -31.53 39.26
C ALA J 337 -28.61 -30.97 40.28
N MET J 338 -28.81 -29.66 40.26
CA MET J 338 -29.74 -29.04 41.19
C MET J 338 -31.19 -29.28 40.80
N ARG J 339 -31.47 -29.72 39.59
CA ARG J 339 -32.81 -30.19 39.29
C ARG J 339 -33.07 -31.51 40.01
N GLU J 340 -32.02 -32.31 40.23
CA GLU J 340 -32.12 -33.58 40.94
C GLU J 340 -32.00 -33.43 42.45
N LYS J 341 -31.09 -32.58 42.91
CA LYS J 341 -30.88 -32.42 44.35
C LYS J 341 -32.04 -31.73 45.07
N LEU J 342 -32.55 -30.67 44.48
CA LEU J 342 -33.48 -29.79 45.15
C LEU J 342 -34.87 -30.34 45.12
N PRO J 343 -35.66 -30.10 46.17
CA PRO J 343 -37.07 -30.51 46.11
C PRO J 343 -37.89 -29.60 45.23
N LEU J 344 -38.22 -30.07 44.04
CA LEU J 344 -39.03 -29.31 43.10
C LEU J 344 -40.48 -29.74 43.20
N THR J 345 -41.35 -29.07 42.45
CA THR J 345 -42.76 -29.40 42.49
C THR J 345 -43.21 -29.78 41.12
N TYR J 346 -43.24 -31.07 40.80
CA TYR J 346 -44.14 -31.52 39.70
C TYR J 346 -45.56 -31.22 40.17
N TRP J 347 -46.35 -30.71 39.23
CA TRP J 347 -47.14 -29.46 39.34
C TRP J 347 -46.41 -28.38 38.53
N ILE J 348 -45.10 -28.58 38.31
CA ILE J 348 -44.26 -27.83 37.36
C ILE J 348 -43.16 -28.82 36.94
N PRO J 349 -43.01 -29.03 35.63
CA PRO J 349 -41.93 -29.91 35.14
C PRO J 349 -40.55 -29.35 35.35
N THR J 350 -40.37 -28.10 34.97
CA THR J 350 -39.10 -27.45 35.14
C THR J 350 -39.30 -25.96 35.28
N ALA J 351 -38.47 -25.38 36.17
CA ALA J 351 -38.52 -23.96 36.43
C ALA J 351 -37.18 -23.53 36.95
N PHE J 352 -36.37 -22.97 36.05
CA PHE J 352 -35.17 -22.24 36.42
C PHE J 352 -35.03 -21.10 35.43
N LYS J 353 -35.59 -19.93 35.72
CA LYS J 353 -35.41 -18.79 34.84
C LYS J 353 -33.99 -18.20 35.05
N ILE J 354 -33.14 -18.34 34.03
CA ILE J 354 -31.72 -18.06 34.22
C ILE J 354 -31.36 -16.79 33.50
N GLY J 355 -31.05 -15.74 34.30
CA GLY J 355 -30.56 -14.47 33.80
C GLY J 355 -29.05 -14.47 33.76
N TYR J 356 -28.51 -13.95 32.67
CA TYR J 356 -27.12 -13.58 32.61
C TYR J 356 -27.06 -12.05 32.47
N VAL J 357 -26.11 -11.46 33.15
CA VAL J 357 -25.77 -10.05 33.00
C VAL J 357 -24.24 -9.99 32.94
N GLU J 358 -23.70 -9.45 31.86
CA GLU J 358 -22.26 -9.40 31.74
C GLU J 358 -21.66 -8.31 32.59
N GLN J 359 -22.45 -7.31 32.98
CA GLN J 359 -21.93 -6.25 33.83
C GLN J 359 -21.79 -6.77 35.26
N PRO J 360 -20.56 -6.81 35.79
CA PRO J 360 -20.37 -7.45 37.07
C PRO J 360 -20.82 -6.58 38.22
N GLY J 361 -20.96 -7.20 39.38
CA GLY J 361 -21.30 -6.47 40.59
C GLY J 361 -20.17 -5.58 41.07
N ILE J 362 -20.46 -4.77 42.06
CA ILE J 362 -19.45 -3.92 42.64
C ILE J 362 -18.55 -4.77 43.55
N SER J 363 -19.16 -5.46 44.49
CA SER J 363 -18.42 -6.26 45.44
C SER J 363 -17.88 -7.57 44.88
N HIS J 364 -18.47 -8.05 43.78
CA HIS J 364 -18.13 -9.36 43.26
C HIS J 364 -17.97 -9.34 41.76
N ARG J 365 -17.13 -10.24 41.27
CA ARG J 365 -16.86 -10.35 39.85
C ARG J 365 -17.82 -11.34 39.21
N LYS J 366 -17.94 -12.51 39.82
CA LYS J 366 -18.92 -13.52 39.39
C LYS J 366 -19.95 -13.64 40.47
N SER J 367 -21.05 -12.92 40.35
CA SER J 367 -22.07 -12.95 41.40
C SER J 367 -23.32 -13.63 40.92
N MET J 368 -23.98 -14.34 41.82
CA MET J 368 -25.16 -15.09 41.51
C MET J 368 -26.27 -14.67 42.47
N VAL J 369 -27.48 -14.54 41.95
CA VAL J 369 -28.64 -14.21 42.76
C VAL J 369 -29.71 -15.24 42.49
N LEU J 370 -30.35 -15.69 43.53
CA LEU J 370 -31.41 -16.66 43.42
C LEU J 370 -32.76 -15.95 43.75
N LEU J 371 -33.85 -16.43 43.14
CA LEU J 371 -35.20 -16.11 43.59
C LEU J 371 -36.01 -17.35 43.57
N ALA J 372 -36.06 -18.05 44.67
CA ALA J 372 -36.81 -19.28 44.73
C ALA J 372 -38.18 -19.01 45.35
N ASN J 373 -39.23 -19.12 44.55
CA ASN J 373 -40.58 -19.13 45.07
C ASN J 373 -40.82 -20.48 45.80
N ASN J 374 -40.61 -20.48 47.11
CA ASN J 374 -40.60 -21.71 47.91
C ASN J 374 -41.95 -21.96 48.54
N THR J 375 -42.25 -23.20 48.83
CA THR J 375 -43.39 -23.55 49.68
C THR J 375 -43.08 -23.37 51.17
N GLU J 376 -41.81 -23.24 51.52
CA GLU J 376 -41.46 -23.00 52.89
C GLU J 376 -41.80 -21.60 53.36
N ILE J 377 -42.15 -20.73 52.43
CA ILE J 377 -42.42 -19.36 52.78
C ILE J 377 -43.79 -19.25 53.44
N ALA J 378 -44.59 -20.30 53.40
CA ALA J 378 -45.73 -20.41 54.31
C ALA J 378 -45.30 -20.82 55.73
N ARG J 379 -44.17 -21.48 55.87
CA ARG J 379 -43.67 -21.87 57.20
C ARG J 379 -43.05 -20.71 57.95
N VAL J 380 -42.59 -19.69 57.25
CA VAL J 380 -42.30 -18.42 57.90
C VAL J 380 -43.61 -17.78 58.35
N LEU J 381 -44.59 -17.79 57.47
CA LEU J 381 -45.89 -17.20 57.75
C LEU J 381 -46.81 -18.10 58.56
N ASP J 382 -46.41 -19.35 58.80
CA ASP J 382 -47.07 -20.18 59.80
C ASP J 382 -46.72 -19.70 61.22
N ARG J 383 -45.48 -19.23 61.40
CA ARG J 383 -45.08 -18.63 62.64
C ARG J 383 -45.85 -17.34 62.90
N ILE J 384 -46.00 -16.55 61.84
CA ILE J 384 -46.68 -15.30 61.97
C ILE J 384 -48.20 -15.53 62.17
N CYS J 385 -48.73 -16.56 61.52
CA CYS J 385 -50.11 -16.90 61.75
C CYS J 385 -50.33 -17.45 63.18
N HIS J 386 -49.34 -18.15 63.74
CA HIS J 386 -49.48 -18.66 65.08
C HIS J 386 -49.28 -17.55 66.13
N ASN J 387 -48.27 -16.69 65.91
CA ASN J 387 -48.04 -15.56 66.82
C ASN J 387 -49.14 -14.52 66.73
N PHE J 388 -49.94 -14.53 65.67
CA PHE J 388 -51.12 -13.70 65.63
C PHE J 388 -52.20 -14.27 66.52
N ASP J 389 -52.35 -15.58 66.52
CA ASP J 389 -53.46 -16.20 67.24
C ASP J 389 -53.25 -16.19 68.76
N LYS J 390 -51.99 -16.29 69.18
CA LYS J 390 -51.72 -16.16 70.59
C LYS J 390 -52.00 -14.70 71.04
N LEU J 391 -51.84 -13.74 70.12
CA LEU J 391 -52.21 -12.36 70.36
C LEU J 391 -53.57 -12.03 69.80
N TRP J 392 -54.44 -13.00 69.67
CA TRP J 392 -55.84 -12.71 69.36
C TRP J 392 -56.84 -13.50 70.20
N GLN J 393 -56.43 -14.65 70.75
CA GLN J 393 -57.22 -15.32 71.79
C GLN J 393 -57.35 -14.46 73.05
N ARG J 394 -56.28 -13.76 73.40
CA ARG J 394 -56.32 -12.77 74.47
C ARG J 394 -56.98 -11.48 74.01
N LYS J 395 -57.10 -11.31 72.68
CA LYS J 395 -57.41 -10.02 72.03
C LYS J 395 -56.44 -8.97 72.48
N ALA J 396 -55.21 -9.13 71.99
CA ALA J 396 -54.05 -8.38 72.46
C ALA J 396 -54.16 -6.92 72.07
N PHE J 397 -53.04 -6.25 72.00
CA PHE J 397 -52.77 -5.08 72.78
C PHE J 397 -53.90 -4.34 73.49
N ALA J 398 -54.71 -3.69 72.67
CA ALA J 398 -55.85 -2.86 73.13
C ALA J 398 -56.64 -2.37 71.89
N ASN J 399 -57.42 -1.34 72.17
CA ASN J 399 -58.01 -0.40 71.22
C ASN J 399 -57.11 0.24 70.14
N TRP J 400 -55.78 0.05 70.18
CA TRP J 400 -54.81 0.72 69.32
C TRP J 400 -55.06 0.55 67.84
N TYR J 401 -55.44 -0.65 67.45
CA TYR J 401 -55.93 -0.86 66.07
C TYR J 401 -57.38 -0.46 65.90
N LEU J 402 -58.14 -0.58 66.96
CA LEU J 402 -59.58 -0.47 66.85
C LEU J 402 -60.05 0.97 66.93
N ASN J 403 -59.31 1.81 67.65
CA ASN J 403 -59.71 3.22 67.77
C ASN J 403 -59.40 4.04 66.53
N GLU J 404 -58.45 3.60 65.72
CA GLU J 404 -58.05 4.32 64.53
C GLU J 404 -59.07 4.19 63.39
N GLY J 405 -59.90 3.15 63.41
CA GLY J 405 -60.92 2.93 62.41
C GLY J 405 -61.12 1.48 62.01
N MET J 406 -60.24 0.60 62.44
CA MET J 406 -60.42 -0.81 62.13
C MET J 406 -61.45 -1.45 63.04
N SER J 407 -61.92 -2.61 62.59
CA SER J 407 -62.96 -3.37 63.31
C SER J 407 -62.49 -4.77 63.58
N GLU J 408 -63.09 -5.39 64.59
CA GLU J 408 -62.79 -6.79 64.95
C GLU J 408 -63.26 -7.75 63.87
N GLU J 409 -64.26 -7.34 63.09
CA GLU J 409 -64.69 -8.14 61.95
C GLU J 409 -63.64 -8.08 60.85
N GLN J 410 -63.02 -6.92 60.67
CA GLN J 410 -62.01 -6.77 59.63
C GLN J 410 -60.74 -7.54 59.97
N ILE J 411 -60.34 -7.52 61.22
CA ILE J 411 -59.10 -8.16 61.65
C ILE J 411 -59.21 -9.68 61.52
N ASN J 412 -60.39 -10.24 61.76
CA ASN J 412 -60.61 -11.66 61.56
C ASN J 412 -60.63 -12.04 60.08
N VAL J 413 -60.98 -11.10 59.21
CA VAL J 413 -60.88 -11.34 57.77
C VAL J 413 -59.43 -11.44 57.35
N LEU J 414 -58.60 -10.54 57.87
CA LEU J 414 -57.21 -10.45 57.43
C LEU J 414 -56.39 -11.60 58.00
N ARG J 415 -56.80 -12.14 59.16
CA ARG J 415 -56.23 -13.40 59.65
C ARG J 415 -56.63 -14.55 58.78
N ALA J 416 -57.86 -14.56 58.32
CA ALA J 416 -58.30 -15.58 57.37
C ALA J 416 -57.62 -15.35 56.01
N SER J 417 -57.45 -14.11 55.61
CA SER J 417 -56.78 -13.83 54.36
C SER J 417 -55.28 -14.16 54.43
N ALA J 418 -54.71 -14.19 55.62
CA ALA J 418 -53.39 -14.78 55.79
C ALA J 418 -53.46 -16.29 55.99
N GLN J 419 -54.57 -16.80 56.50
CA GLN J 419 -54.79 -18.24 56.53
C GLN J 419 -55.02 -18.76 55.12
N GLU J 420 -55.72 -17.99 54.30
CA GLU J 420 -55.87 -18.33 52.89
C GLU J 420 -54.52 -18.30 52.16
N LEU J 421 -53.58 -17.52 52.68
CA LEU J 421 -52.23 -17.43 52.09
C LEU J 421 -51.41 -18.65 52.49
N VAL J 422 -51.42 -19.01 53.76
CA VAL J 422 -50.59 -20.09 54.27
C VAL J 422 -51.11 -21.41 53.70
N GLN J 423 -52.42 -21.57 53.58
CA GLN J 423 -52.96 -22.78 52.99
C GLN J 423 -52.70 -22.83 51.51
N SER J 424 -52.47 -21.67 50.87
CA SER J 424 -52.26 -21.63 49.44
C SER J 424 -50.93 -22.22 49.04
N TYR J 425 -49.97 -22.27 49.94
CA TYR J 425 -48.78 -23.11 49.76
C TYR J 425 -49.00 -24.52 50.29
N GLN J 426 -49.87 -24.66 51.28
CA GLN J 426 -50.21 -26.00 51.76
C GLN J 426 -51.09 -26.72 50.73
N VAL J 427 -51.86 -25.98 49.94
CA VAL J 427 -52.47 -26.53 48.75
C VAL J 427 -51.36 -26.93 47.79
N ALA J 428 -50.36 -26.07 47.62
CA ALA J 428 -49.34 -26.27 46.61
C ALA J 428 -48.17 -27.09 47.07
N GLU J 429 -48.18 -27.60 48.29
CA GLU J 429 -47.08 -28.45 48.75
C GLU J 429 -47.40 -29.91 48.49
N GLU J 430 -48.50 -30.38 49.06
CA GLU J 430 -48.88 -31.78 48.91
C GLU J 430 -49.40 -32.10 47.52
N SER J 431 -49.97 -31.12 46.82
CA SER J 431 -50.30 -31.32 45.41
C SER J 431 -49.05 -31.24 44.54
N GLY J 432 -48.05 -30.51 45.02
CA GLY J 432 -46.75 -30.45 44.37
C GLY J 432 -45.78 -31.52 44.81
N ALA J 433 -46.20 -32.36 45.76
CA ALA J 433 -45.35 -33.43 46.27
C ALA J 433 -45.31 -34.57 45.26
N ARG K 2 -36.00 -14.30 -6.78
CA ARG K 2 -35.40 -15.24 -5.74
C ARG K 2 -34.63 -14.44 -4.73
N GLU K 3 -35.33 -13.60 -3.96
CA GLU K 3 -34.70 -12.67 -3.04
C GLU K 3 -35.36 -12.81 -1.71
N ILE K 4 -34.67 -13.39 -0.74
CA ILE K 4 -35.32 -13.89 0.49
C ILE K 4 -35.33 -12.81 1.56
N LEU K 5 -36.51 -12.49 2.02
CA LEU K 5 -36.69 -11.58 3.13
C LEU K 5 -36.31 -12.33 4.40
N SER K 6 -35.91 -11.59 5.42
CA SER K 6 -35.52 -12.19 6.69
C SER K 6 -36.19 -11.42 7.82
N ILE K 7 -36.59 -12.14 8.84
CA ILE K 7 -37.24 -11.55 9.98
C ILE K 7 -36.52 -12.11 11.18
N HIS K 8 -36.21 -11.25 12.12
CA HIS K 8 -35.47 -11.67 13.29
C HIS K 8 -36.17 -11.24 14.56
N VAL K 9 -37.13 -12.02 15.00
CA VAL K 9 -37.96 -11.64 16.09
C VAL K 9 -37.46 -12.26 17.38
N GLY K 10 -37.52 -11.51 18.47
CA GLY K 10 -37.12 -12.04 19.75
C GLY K 10 -35.66 -11.85 20.02
N GLN K 11 -35.25 -11.92 21.29
CA GLN K 11 -33.84 -11.77 21.65
C GLN K 11 -33.03 -12.90 21.08
N CYS K 12 -33.60 -14.12 21.05
CA CYS K 12 -32.90 -15.26 20.43
C CYS K 12 -32.69 -15.07 18.91
N GLY K 13 -33.66 -14.51 18.23
CA GLY K 13 -33.52 -14.32 16.82
C GLY K 13 -32.62 -13.17 16.46
N ASN K 14 -32.70 -12.07 17.21
CA ASN K 14 -31.88 -10.94 16.90
C ASN K 14 -30.42 -11.22 17.24
N GLN K 15 -30.16 -12.07 18.22
CA GLN K 15 -28.80 -12.44 18.52
C GLN K 15 -28.25 -13.35 17.44
N ILE K 16 -29.12 -14.10 16.76
CA ILE K 16 -28.69 -14.80 15.55
C ILE K 16 -28.47 -13.79 14.42
N ALA K 17 -29.25 -12.73 14.38
CA ALA K 17 -29.08 -11.72 13.35
C ALA K 17 -27.75 -11.01 13.45
N ASP K 18 -27.22 -10.89 14.65
CA ASP K 18 -25.87 -10.38 14.79
C ASP K 18 -24.87 -11.40 14.26
N SER K 19 -25.18 -12.68 14.40
CA SER K 19 -24.32 -13.75 13.83
C SER K 19 -24.56 -13.99 12.37
N PHE K 20 -25.79 -13.88 11.94
CA PHE K 20 -26.13 -14.17 10.56
C PHE K 20 -25.71 -13.05 9.61
N TRP K 21 -26.02 -11.82 9.97
CA TRP K 21 -25.63 -10.74 9.07
C TRP K 21 -24.16 -10.31 9.22
N ARG K 22 -23.44 -10.94 10.13
CA ARG K 22 -21.99 -10.89 10.07
C ARG K 22 -21.42 -12.08 9.33
N LEU K 23 -22.20 -13.10 9.05
CA LEU K 23 -21.79 -14.20 8.16
C LEU K 23 -22.32 -14.07 6.76
N ALA K 24 -23.44 -13.38 6.60
CA ALA K 24 -23.95 -13.11 5.26
C ALA K 24 -23.06 -12.04 4.59
N LEU K 25 -22.50 -11.11 5.36
CA LEU K 25 -21.60 -10.13 4.79
C LEU K 25 -20.26 -10.73 4.45
N ARG K 26 -19.87 -11.79 5.15
CA ARG K 26 -18.59 -12.44 4.87
C ARG K 26 -18.69 -13.32 3.64
N GLU K 27 -19.77 -14.08 3.51
CA GLU K 27 -19.91 -14.99 2.37
C GLU K 27 -20.13 -14.22 1.08
N HIS K 28 -20.87 -13.12 1.13
CA HIS K 28 -20.97 -12.21 -0.02
C HIS K 28 -19.78 -11.28 -0.14
N GLY K 29 -18.91 -11.25 0.85
CA GLY K 29 -17.71 -10.42 0.78
C GLY K 29 -18.02 -8.94 0.88
N LEU K 30 -18.79 -8.53 1.89
CA LEU K 30 -19.03 -7.12 2.15
C LEU K 30 -18.45 -6.73 3.50
N THR K 31 -18.19 -5.44 3.66
CA THR K 31 -17.76 -4.92 4.93
C THR K 31 -18.96 -4.74 5.85
N GLU K 32 -18.67 -4.42 7.10
CA GLU K 32 -19.70 -4.35 8.13
C GLU K 32 -20.61 -3.13 7.97
N ALA K 33 -20.15 -2.10 7.26
CA ALA K 33 -20.98 -0.92 7.05
C ALA K 33 -22.07 -1.15 6.02
N GLY K 34 -21.92 -2.14 5.17
CA GLY K 34 -22.91 -2.41 4.15
C GLY K 34 -22.45 -2.22 2.73
N THR K 35 -21.23 -1.74 2.53
CA THR K 35 -20.70 -1.48 1.20
C THR K 35 -19.83 -2.63 0.75
N LEU K 36 -19.48 -2.61 -0.53
CA LEU K 36 -18.74 -3.69 -1.14
C LEU K 36 -17.28 -3.61 -0.70
N LYS K 37 -16.70 -4.75 -0.35
CA LYS K 37 -15.33 -4.80 0.14
C LYS K 37 -14.38 -4.66 -1.05
N SER K 46 -21.63 -14.41 -7.56
CA SER K 46 -22.41 -14.27 -6.32
C SER K 46 -23.69 -13.46 -6.55
N ASN K 47 -24.81 -13.98 -6.06
CA ASN K 47 -26.09 -13.32 -6.19
C ASN K 47 -26.32 -12.56 -4.90
N MET K 48 -25.91 -11.30 -4.89
CA MET K 48 -26.06 -10.47 -3.68
C MET K 48 -27.47 -9.94 -3.48
N GLU K 49 -28.33 -10.15 -4.47
CA GLU K 49 -29.68 -9.65 -4.44
C GLU K 49 -30.57 -10.39 -3.47
N VAL K 50 -30.15 -11.58 -3.04
CA VAL K 50 -31.00 -12.43 -2.21
C VAL K 50 -31.25 -11.90 -0.83
N PHE K 51 -30.18 -11.64 -0.12
CA PHE K 51 -30.25 -11.10 1.22
C PHE K 51 -30.25 -9.59 1.28
N PHE K 52 -29.63 -8.94 0.29
CA PHE K 52 -29.33 -7.55 0.37
C PHE K 52 -30.13 -6.75 -0.65
N HIS K 53 -30.76 -5.68 -0.20
CA HIS K 53 -31.38 -4.71 -1.09
C HIS K 53 -30.34 -3.69 -1.56
N LYS K 54 -30.15 -3.62 -2.87
CA LYS K 54 -29.25 -2.67 -3.46
C LYS K 54 -29.83 -1.27 -3.40
N VAL K 55 -29.43 -0.50 -2.39
CA VAL K 55 -29.88 0.87 -2.27
C VAL K 55 -29.11 1.79 -3.23
N ARG K 56 -27.80 1.75 -3.15
CA ARG K 56 -26.93 2.53 -4.03
C ARG K 56 -25.98 1.58 -4.73
N ASP K 57 -25.06 2.16 -5.48
CA ASP K 57 -24.08 1.38 -6.21
C ASP K 57 -23.14 0.55 -5.34
N GLY K 58 -22.78 1.08 -4.18
CA GLY K 58 -21.87 0.38 -3.28
C GLY K 58 -22.55 -0.25 -2.10
N LYS K 59 -23.46 0.47 -1.45
CA LYS K 59 -24.03 0.04 -0.19
C LYS K 59 -25.17 -0.94 -0.40
N TYR K 60 -25.12 -2.06 0.32
CA TYR K 60 -26.14 -3.09 0.27
C TYR K 60 -26.79 -3.21 1.64
N VAL K 61 -28.02 -2.71 1.75
CA VAL K 61 -28.78 -2.83 2.96
C VAL K 61 -29.46 -4.19 2.94
N PRO K 62 -29.34 -4.98 4.02
CA PRO K 62 -29.97 -6.29 4.05
C PRO K 62 -31.47 -6.27 4.12
N ARG K 63 -32.09 -7.35 3.67
CA ARG K 63 -33.54 -7.52 3.73
C ARG K 63 -33.93 -8.20 5.04
N ALA K 64 -33.61 -7.53 6.15
CA ALA K 64 -33.93 -7.99 7.49
C ALA K 64 -34.77 -7.01 8.20
N VAL K 65 -35.84 -7.45 8.87
CA VAL K 65 -36.49 -6.68 9.94
C VAL K 65 -35.88 -7.13 11.27
N LEU K 66 -35.42 -6.22 12.07
CA LEU K 66 -34.94 -6.58 13.38
C LEU K 66 -36.08 -6.31 14.36
N VAL K 67 -37.16 -7.03 14.20
CA VAL K 67 -38.32 -6.87 15.05
C VAL K 67 -38.04 -7.39 16.45
N ASP K 68 -38.29 -6.57 17.45
CA ASP K 68 -37.86 -6.86 18.80
C ASP K 68 -38.63 -6.07 19.82
N LEU K 69 -38.93 -6.71 20.93
CA LEU K 69 -39.29 -6.06 22.18
C LEU K 69 -38.12 -6.30 23.14
N GLU K 70 -38.05 -5.54 24.24
CA GLU K 70 -36.83 -5.34 25.04
C GLU K 70 -35.71 -4.76 24.16
N PRO K 71 -35.80 -3.50 23.80
CA PRO K 71 -34.87 -2.92 22.83
C PRO K 71 -33.46 -2.66 23.34
N GLY K 72 -32.81 -3.67 23.88
CA GLY K 72 -31.43 -3.55 24.25
C GLY K 72 -30.58 -4.48 23.44
N VAL K 73 -31.23 -5.40 22.71
CA VAL K 73 -30.53 -6.36 21.89
C VAL K 73 -29.97 -5.66 20.65
N ILE K 74 -30.79 -4.79 20.07
CA ILE K 74 -30.37 -4.05 18.89
C ILE K 74 -29.47 -2.89 19.32
N ALA K 75 -29.59 -2.45 20.56
CA ALA K 75 -28.68 -1.47 21.12
C ALA K 75 -27.26 -2.02 21.21
N ARG K 76 -27.14 -3.33 21.36
CA ARG K 76 -25.86 -3.98 21.16
C ARG K 76 -25.50 -3.98 19.66
N ILE K 77 -26.48 -4.25 18.80
CA ILE K 77 -26.23 -4.34 17.36
C ILE K 77 -25.93 -2.97 16.78
N GLU K 78 -26.90 -2.07 16.91
CA GLU K 78 -26.76 -0.73 16.36
C GLU K 78 -26.08 0.28 17.27
N GLY K 79 -25.30 -0.20 18.24
CA GLY K 79 -24.46 0.68 19.04
C GLY K 79 -22.98 0.58 18.69
N GLY K 80 -22.50 -0.65 18.62
CA GLY K 80 -21.06 -0.91 18.53
C GLY K 80 -20.44 -0.75 17.15
N ASP K 81 -20.79 -1.65 16.25
CA ASP K 81 -20.08 -1.79 14.97
C ASP K 81 -20.99 -2.00 13.77
N MET K 82 -22.29 -1.95 13.96
CA MET K 82 -23.20 -2.42 12.92
C MET K 82 -24.42 -1.53 12.79
N SER K 83 -24.28 -0.27 13.21
CA SER K 83 -25.36 0.70 13.14
C SER K 83 -25.57 1.20 11.72
N GLN K 84 -24.49 1.26 10.93
CA GLN K 84 -24.53 1.75 9.56
C GLN K 84 -25.11 0.69 8.61
N LEU K 85 -25.10 -0.56 9.02
CA LEU K 85 -25.55 -1.68 8.18
C LEU K 85 -27.05 -1.75 8.02
N PHE K 86 -27.75 -1.92 9.12
CA PHE K 86 -29.20 -2.10 9.07
C PHE K 86 -29.88 -0.77 8.81
N ASP K 87 -30.97 -0.82 8.06
CA ASP K 87 -31.81 0.36 7.88
C ASP K 87 -32.75 0.50 9.07
N GLU K 88 -32.92 1.71 9.58
CA GLU K 88 -33.73 1.88 10.77
C GLU K 88 -35.23 2.03 10.42
N SER K 89 -35.58 2.03 9.15
CA SER K 89 -36.96 1.74 8.75
C SER K 89 -37.16 0.26 8.45
N SER K 90 -36.21 -0.58 8.89
CA SER K 90 -36.33 -2.04 8.85
C SER K 90 -36.17 -2.62 10.26
N ILE K 91 -36.90 -2.10 11.23
CA ILE K 91 -36.69 -2.44 12.65
C ILE K 91 -38.00 -2.18 13.39
N VAL K 92 -38.12 -2.69 14.59
CA VAL K 92 -39.01 -2.13 15.59
C VAL K 92 -38.45 -2.36 16.98
N ARG K 93 -38.49 -1.32 17.81
CA ARG K 93 -38.00 -1.36 19.18
C ARG K 93 -39.11 -0.78 20.04
N LYS K 94 -39.64 -1.59 20.95
CA LYS K 94 -40.66 -1.13 21.84
C LYS K 94 -40.59 -1.76 23.20
N ILE K 95 -40.70 -0.93 24.23
CA ILE K 95 -40.91 -1.38 25.61
C ILE K 95 -42.44 -1.39 25.87
N PRO K 96 -42.95 -2.33 26.69
CA PRO K 96 -42.31 -3.44 27.41
C PRO K 96 -41.89 -4.57 26.51
N GLY K 97 -41.47 -5.67 27.11
CA GLY K 97 -40.65 -6.61 26.35
C GLY K 97 -41.18 -7.98 26.08
N ALA K 98 -42.51 -8.13 25.93
CA ALA K 98 -43.16 -9.45 25.67
C ALA K 98 -42.67 -10.46 26.69
N ALA K 99 -43.16 -10.24 27.90
CA ALA K 99 -42.51 -10.55 29.12
C ALA K 99 -42.27 -12.02 29.37
N ASN K 100 -41.54 -12.72 28.47
CA ASN K 100 -41.50 -14.17 28.39
C ASN K 100 -42.84 -14.71 28.61
N ASN K 101 -43.74 -14.30 27.75
CA ASN K 101 -45.18 -14.54 27.96
C ASN K 101 -45.76 -14.41 26.59
N TRP K 102 -46.29 -15.52 26.11
CA TRP K 102 -46.84 -15.61 24.75
C TRP K 102 -47.96 -14.61 24.54
N ALA K 103 -48.82 -14.47 25.53
CA ALA K 103 -49.92 -13.58 25.40
C ALA K 103 -49.52 -12.11 25.40
N ARG K 104 -48.36 -11.76 25.96
CA ARG K 104 -47.83 -10.44 25.77
C ARG K 104 -47.32 -10.28 24.34
N GLY K 105 -46.56 -11.25 23.88
CA GLY K 105 -45.97 -11.19 22.53
C GLY K 105 -46.92 -11.37 21.38
N TYR K 106 -47.99 -12.15 21.58
CA TYR K 106 -48.98 -12.37 20.52
C TYR K 106 -50.11 -11.38 20.57
N ASN K 107 -50.53 -10.96 21.76
CA ASN K 107 -51.74 -10.22 21.92
C ASN K 107 -51.52 -8.84 22.51
N VAL K 108 -50.79 -8.72 23.61
CA VAL K 108 -50.72 -7.45 24.31
C VAL K 108 -49.73 -6.50 23.65
N GLU K 109 -48.45 -6.87 23.65
CA GLU K 109 -47.43 -6.06 23.01
C GLU K 109 -47.14 -6.51 21.59
N GLY K 110 -47.92 -7.46 21.08
CA GLY K 110 -47.81 -7.90 19.70
C GLY K 110 -48.67 -7.10 18.77
N GLU K 111 -49.90 -6.84 19.18
CA GLU K 111 -50.81 -6.04 18.38
C GLU K 111 -50.42 -4.56 18.32
N LYS K 112 -49.54 -4.12 19.22
CA LYS K 112 -48.98 -2.78 19.14
C LYS K 112 -47.99 -2.64 17.99
N VAL K 113 -47.25 -3.70 17.71
CA VAL K 113 -46.17 -3.63 16.74
C VAL K 113 -46.49 -4.30 15.40
N ILE K 114 -47.52 -5.13 15.35
CA ILE K 114 -47.73 -5.93 14.16
C ILE K 114 -48.18 -5.10 12.97
N ASP K 115 -48.80 -3.96 13.19
CA ASP K 115 -49.07 -3.04 12.09
C ASP K 115 -47.77 -2.41 11.59
N GLN K 116 -46.81 -2.22 12.49
CA GLN K 116 -45.52 -1.68 12.09
C GLN K 116 -44.64 -2.77 11.51
N ILE K 117 -44.77 -4.01 11.97
CA ILE K 117 -43.98 -5.11 11.43
C ILE K 117 -44.35 -5.35 9.97
N MET K 118 -45.64 -5.51 9.71
CA MET K 118 -46.10 -5.82 8.38
C MET K 118 -45.84 -4.70 7.38
N ASN K 119 -46.02 -3.46 7.80
CA ASN K 119 -45.77 -2.33 6.91
C ASN K 119 -44.30 -2.02 6.75
N VAL K 120 -43.42 -2.74 7.43
CA VAL K 120 -41.99 -2.65 7.22
C VAL K 120 -41.56 -3.84 6.37
N ILE K 121 -42.21 -4.97 6.57
CA ILE K 121 -42.08 -6.09 5.63
C ILE K 121 -42.61 -5.66 4.24
N ASP K 122 -43.78 -5.03 4.20
CA ASP K 122 -44.37 -4.64 2.93
C ASP K 122 -43.56 -3.53 2.25
N SER K 123 -42.86 -2.72 3.02
CA SER K 123 -41.94 -1.76 2.42
C SER K 123 -40.62 -2.39 2.03
N ALA K 124 -40.39 -3.64 2.41
CA ALA K 124 -39.19 -4.38 2.04
C ALA K 124 -39.44 -5.44 0.97
N VAL K 125 -40.68 -5.77 0.69
CA VAL K 125 -40.99 -6.76 -0.32
C VAL K 125 -41.62 -6.12 -1.54
N GLU K 126 -42.02 -4.86 -1.43
CA GLU K 126 -42.36 -4.06 -2.62
C GLU K 126 -41.13 -3.48 -3.28
N LYS K 127 -39.96 -3.64 -2.64
CA LYS K 127 -38.68 -3.41 -3.27
C LYS K 127 -38.15 -4.67 -3.96
N THR K 128 -39.04 -5.61 -4.27
CA THR K 128 -38.67 -6.95 -4.72
C THR K 128 -39.81 -7.37 -5.68
N LYS K 129 -39.61 -7.52 -7.00
CA LYS K 129 -38.43 -8.01 -7.78
C LYS K 129 -37.94 -9.37 -7.33
N GLY K 130 -38.85 -10.35 -7.30
CA GLY K 130 -38.50 -11.76 -7.06
C GLY K 130 -38.41 -12.17 -5.60
N LEU K 131 -39.51 -12.01 -4.87
CA LEU K 131 -39.57 -12.47 -3.48
C LEU K 131 -39.94 -13.94 -3.47
N GLN K 132 -39.19 -14.70 -2.70
CA GLN K 132 -39.42 -16.11 -2.64
C GLN K 132 -39.68 -16.62 -1.24
N GLY K 133 -38.94 -16.14 -0.25
CA GLY K 133 -39.01 -16.78 1.04
C GLY K 133 -38.92 -15.83 2.20
N PHE K 134 -39.01 -16.42 3.39
CA PHE K 134 -38.84 -15.71 4.66
C PHE K 134 -37.99 -16.52 5.57
N LEU K 135 -36.76 -16.11 5.84
CA LEU K 135 -35.95 -16.80 6.81
C LEU K 135 -36.23 -16.09 8.11
N MET K 136 -37.32 -16.52 8.75
CA MET K 136 -37.75 -15.91 9.98
C MET K 136 -37.07 -16.64 11.12
N THR K 137 -36.26 -15.88 11.85
CA THR K 137 -35.35 -16.46 12.84
C THR K 137 -35.75 -16.10 14.22
N HIS K 138 -36.04 -17.10 15.04
CA HIS K 138 -36.42 -16.87 16.41
C HIS K 138 -36.20 -18.07 17.24
N SER K 139 -36.79 -18.07 18.44
CA SER K 139 -36.91 -19.26 19.27
C SER K 139 -38.36 -19.57 19.51
N ILE K 140 -38.64 -20.78 19.93
CA ILE K 140 -39.99 -21.13 20.37
C ILE K 140 -39.99 -21.15 21.88
N GLY K 141 -39.07 -20.44 22.48
CA GLY K 141 -39.02 -20.52 23.92
C GLY K 141 -39.56 -19.33 24.66
N GLY K 142 -39.27 -18.13 24.18
CA GLY K 142 -39.52 -16.96 24.99
C GLY K 142 -40.93 -16.42 24.83
N GLY K 143 -41.05 -15.11 24.86
CA GLY K 143 -42.32 -14.44 24.69
C GLY K 143 -42.32 -13.48 23.54
N SER K 144 -41.16 -13.07 23.10
CA SER K 144 -41.01 -12.22 21.95
C SER K 144 -40.71 -13.04 20.71
N GLY K 145 -39.81 -13.98 20.82
CA GLY K 145 -39.51 -14.84 19.67
C GLY K 145 -40.55 -15.86 19.38
N SER K 146 -41.25 -16.28 20.43
CA SER K 146 -42.27 -17.28 20.28
C SER K 146 -43.67 -16.69 20.30
N GLY K 147 -43.86 -15.57 20.97
CA GLY K 147 -45.15 -14.93 20.98
C GLY K 147 -45.36 -14.07 19.75
N LEU K 148 -44.50 -13.10 19.52
CA LEU K 148 -44.61 -12.27 18.36
C LEU K 148 -44.16 -13.03 17.15
N GLY K 149 -43.31 -14.04 17.31
CA GLY K 149 -43.00 -14.96 16.22
C GLY K 149 -44.18 -15.78 15.78
N SER K 150 -45.04 -16.12 16.69
CA SER K 150 -46.29 -16.78 16.32
C SER K 150 -47.27 -15.81 15.66
N LEU K 151 -47.17 -14.52 15.93
CA LEU K 151 -48.11 -13.55 15.39
C LEU K 151 -47.69 -13.17 13.98
N ILE K 152 -46.39 -13.01 13.73
CA ILE K 152 -45.87 -12.65 12.40
C ILE K 152 -46.16 -13.78 11.44
N LEU K 153 -45.98 -15.02 11.84
CA LEU K 153 -46.29 -16.17 10.99
C LEU K 153 -47.75 -16.22 10.57
N GLU K 154 -48.67 -15.75 11.41
CA GLU K 154 -50.04 -15.67 11.01
C GLU K 154 -50.19 -14.58 9.99
N ARG K 155 -49.73 -13.38 10.32
CA ARG K 155 -50.01 -12.21 9.48
C ARG K 155 -49.24 -12.25 8.17
N LEU K 156 -48.12 -12.92 8.14
CA LEU K 156 -47.34 -13.06 6.91
C LEU K 156 -47.92 -14.12 5.97
N ARG K 157 -48.45 -15.20 6.50
CA ARG K 157 -49.15 -16.18 5.69
C ARG K 157 -50.51 -15.64 5.20
N GLN K 158 -51.18 -14.84 6.04
CA GLN K 158 -52.41 -14.20 5.63
C GLN K 158 -52.17 -13.14 4.57
N ALA K 159 -50.96 -12.60 4.51
CA ALA K 159 -50.59 -11.63 3.47
C ALA K 159 -49.95 -12.25 2.26
N TYR K 160 -49.18 -13.32 2.45
CA TYR K 160 -48.44 -13.98 1.34
C TYR K 160 -48.66 -15.48 1.42
N PRO K 161 -49.83 -15.95 0.96
CA PRO K 161 -50.16 -17.36 1.15
C PRO K 161 -49.49 -18.27 0.14
N LYS K 162 -48.74 -17.70 -0.81
CA LYS K 162 -48.10 -18.50 -1.84
C LYS K 162 -46.59 -18.31 -1.82
N LYS K 163 -46.02 -18.00 -0.66
CA LYS K 163 -44.58 -17.84 -0.50
C LYS K 163 -44.10 -18.65 0.68
N ARG K 164 -42.93 -19.24 0.52
CA ARG K 164 -42.41 -20.19 1.51
C ARG K 164 -41.91 -19.49 2.74
N ILE K 165 -42.43 -19.84 3.91
CA ILE K 165 -42.03 -19.19 5.14
C ILE K 165 -41.21 -20.13 6.00
N PHE K 166 -39.88 -20.01 5.97
CA PHE K 166 -39.04 -20.88 6.75
C PHE K 166 -38.69 -20.33 8.11
N THR K 167 -39.09 -21.05 9.13
CA THR K 167 -38.91 -20.64 10.50
C THR K 167 -37.66 -21.30 11.03
N PHE K 168 -36.75 -20.50 11.57
CA PHE K 168 -35.50 -21.06 12.12
C PHE K 168 -35.53 -20.94 13.61
N SER K 169 -36.20 -21.91 14.25
CA SER K 169 -36.53 -21.83 15.66
C SER K 169 -35.36 -22.30 16.47
N VAL K 170 -35.44 -22.03 17.79
CA VAL K 170 -34.51 -22.60 18.74
C VAL K 170 -35.38 -23.17 19.84
N VAL K 171 -35.37 -24.49 19.96
CA VAL K 171 -36.22 -25.21 20.87
C VAL K 171 -35.73 -24.94 22.31
N PRO K 172 -36.64 -24.95 23.31
CA PRO K 172 -36.19 -25.05 24.68
C PRO K 172 -35.35 -26.27 24.93
N SER K 173 -34.38 -26.10 25.82
CA SER K 173 -33.42 -27.15 26.08
C SER K 173 -34.10 -28.30 26.84
N PRO K 174 -33.71 -29.54 26.53
CA PRO K 174 -34.21 -30.66 27.31
C PRO K 174 -33.47 -30.77 28.64
N LEU K 175 -32.35 -30.05 28.73
CA LEU K 175 -31.40 -30.15 29.84
C LEU K 175 -31.98 -29.50 31.08
N ILE K 176 -32.24 -28.20 31.02
CA ILE K 176 -33.14 -27.54 31.98
C ILE K 176 -34.00 -26.57 31.22
N SER K 177 -34.82 -25.82 31.96
CA SER K 177 -35.74 -24.89 31.40
C SER K 177 -35.08 -23.74 30.62
N ASP K 178 -34.41 -22.85 31.35
CA ASP K 178 -34.00 -21.47 30.93
C ASP K 178 -35.14 -20.44 30.90
N SER K 179 -36.38 -20.92 31.07
CA SER K 179 -37.55 -20.12 31.33
C SER K 179 -38.64 -20.99 31.92
N ALA K 180 -39.41 -20.44 32.82
CA ALA K 180 -40.31 -21.24 33.65
C ALA K 180 -41.56 -21.71 32.86
N VAL K 181 -42.04 -20.81 32.01
CA VAL K 181 -43.32 -20.94 31.33
C VAL K 181 -42.98 -21.34 29.90
N GLU K 182 -41.79 -21.84 29.70
CA GLU K 182 -41.25 -22.12 28.35
C GLU K 182 -41.91 -23.28 27.59
N PRO K 183 -42.28 -24.40 28.26
CA PRO K 183 -43.11 -25.39 27.54
C PRO K 183 -44.53 -24.95 27.16
N TYR K 184 -45.03 -23.89 27.75
CA TYR K 184 -46.23 -23.28 27.25
C TYR K 184 -45.92 -22.54 25.97
N ASN K 185 -44.79 -21.85 25.93
CA ASN K 185 -44.55 -20.94 24.83
C ASN K 185 -44.17 -21.63 23.54
N ALA K 186 -43.76 -22.90 23.63
CA ALA K 186 -43.47 -23.68 22.45
C ALA K 186 -44.76 -24.13 21.77
N ILE K 187 -45.65 -24.71 22.54
CA ILE K 187 -46.85 -25.33 21.99
C ILE K 187 -47.79 -24.25 21.49
N LEU K 188 -47.79 -23.07 22.09
CA LEU K 188 -48.52 -21.94 21.54
C LEU K 188 -47.88 -21.43 20.24
N THR K 189 -46.59 -21.70 20.02
CA THR K 189 -45.88 -21.29 18.82
C THR K 189 -45.79 -22.38 17.80
N LEU K 190 -45.51 -23.61 18.24
CA LEU K 190 -45.46 -24.75 17.34
C LEU K 190 -46.80 -25.06 16.71
N GLN K 191 -47.89 -24.56 17.28
CA GLN K 191 -49.15 -24.57 16.59
C GLN K 191 -49.05 -23.72 15.38
N ARG K 192 -48.68 -22.46 15.57
CA ARG K 192 -48.75 -21.49 14.46
C ARG K 192 -47.65 -21.69 13.43
N ILE K 193 -46.57 -22.37 13.81
CA ILE K 193 -45.58 -22.80 12.83
C ILE K 193 -46.15 -23.93 11.96
N LEU K 194 -46.82 -24.88 12.62
CA LEU K 194 -47.47 -26.00 11.94
C LEU K 194 -48.62 -25.55 11.02
N ASP K 195 -49.26 -24.43 11.36
CA ASP K 195 -50.36 -23.92 10.58
C ASP K 195 -49.93 -23.02 9.44
N ASN K 196 -48.82 -22.31 9.59
CA ASN K 196 -48.45 -21.28 8.61
C ASN K 196 -47.15 -21.54 7.89
N ALA K 197 -46.08 -21.86 8.62
CA ALA K 197 -44.76 -22.01 8.01
C ALA K 197 -44.67 -23.29 7.20
N ASP K 198 -44.03 -23.19 6.04
CA ASP K 198 -43.90 -24.30 5.13
C ASP K 198 -42.84 -25.30 5.50
N GLY K 199 -41.87 -24.86 6.31
CA GLY K 199 -40.88 -25.78 6.86
C GLY K 199 -40.07 -25.12 7.94
N ALA K 200 -39.96 -25.74 9.11
CA ALA K 200 -39.23 -25.16 10.21
C ALA K 200 -37.93 -25.92 10.46
N VAL K 201 -36.89 -25.20 10.84
CA VAL K 201 -35.67 -25.86 11.29
C VAL K 201 -35.63 -25.72 12.81
N LEU K 202 -35.82 -26.84 13.51
CA LEU K 202 -35.76 -26.83 14.95
C LEU K 202 -34.31 -27.03 15.40
N LEU K 203 -33.80 -26.07 16.16
CA LEU K 203 -32.45 -26.14 16.70
C LEU K 203 -32.56 -26.15 18.24
N ASP K 204 -31.54 -26.67 18.86
CA ASP K 204 -31.57 -26.95 20.26
C ASP K 204 -30.27 -26.50 20.94
N ASN K 205 -30.42 -25.68 21.98
CA ASN K 205 -29.26 -25.17 22.67
C ASN K 205 -28.51 -26.20 23.48
N GLU K 206 -29.08 -27.37 23.74
CA GLU K 206 -28.28 -28.45 24.30
C GLU K 206 -27.29 -29.01 23.26
N ALA K 207 -27.78 -29.26 22.06
CA ALA K 207 -26.89 -29.68 20.97
C ALA K 207 -26.01 -28.54 20.48
N LEU K 208 -26.50 -27.32 20.53
CA LEU K 208 -25.66 -26.20 20.15
C LEU K 208 -24.55 -25.94 21.18
N PHE K 209 -24.76 -26.32 22.44
CA PHE K 209 -23.69 -26.29 23.40
C PHE K 209 -22.68 -27.35 23.12
N ARG K 210 -23.12 -28.58 22.91
CA ARG K 210 -22.21 -29.73 22.76
C ARG K 210 -21.34 -29.67 21.49
N ILE K 211 -21.95 -29.33 20.36
CA ILE K 211 -21.25 -29.33 19.09
C ILE K 211 -20.27 -28.16 19.01
N ALA K 212 -20.62 -27.06 19.65
CA ALA K 212 -19.70 -25.93 19.79
C ALA K 212 -18.62 -26.22 20.83
N LYS K 213 -18.92 -27.09 21.79
CA LYS K 213 -17.92 -27.48 22.79
C LYS K 213 -16.87 -28.34 22.13
N ALA K 214 -17.27 -29.20 21.20
CA ALA K 214 -16.32 -29.99 20.42
C ALA K 214 -15.68 -29.18 19.31
N LYS K 215 -16.31 -28.07 18.90
CA LYS K 215 -15.72 -27.20 17.89
C LYS K 215 -14.58 -26.40 18.48
N LEU K 216 -14.88 -25.57 19.46
CA LEU K 216 -13.92 -24.63 20.00
C LEU K 216 -13.17 -25.24 21.16
N ASN K 217 -11.93 -24.81 21.34
CA ASN K 217 -11.17 -25.11 22.55
C ASN K 217 -11.39 -23.96 23.54
N ARG K 218 -12.67 -23.72 23.82
CA ARG K 218 -13.14 -22.55 24.54
C ARG K 218 -14.62 -22.81 24.85
N SER K 219 -15.03 -22.49 26.08
CA SER K 219 -16.40 -22.72 26.50
C SER K 219 -17.33 -21.71 25.80
N PRO K 220 -18.38 -22.20 25.11
CA PRO K 220 -19.12 -21.33 24.21
C PRO K 220 -19.99 -20.31 24.90
N ASN K 221 -20.48 -19.38 24.10
CA ASN K 221 -21.54 -18.46 24.52
C ASN K 221 -22.52 -18.33 23.36
N TYR K 222 -23.63 -17.66 23.61
CA TYR K 222 -24.65 -17.60 22.60
C TYR K 222 -24.26 -16.75 21.41
N MET K 223 -23.09 -16.14 21.35
CA MET K 223 -22.56 -15.68 20.09
C MET K 223 -21.89 -16.83 19.35
N ASP K 224 -21.18 -17.69 20.06
CA ASP K 224 -20.52 -18.83 19.42
C ASP K 224 -21.46 -19.93 19.03
N LEU K 225 -22.55 -20.08 19.77
CA LEU K 225 -23.61 -21.05 19.40
C LEU K 225 -24.32 -20.64 18.12
N ASN K 226 -24.52 -19.33 17.92
CA ASN K 226 -25.31 -18.89 16.80
C ASN K 226 -24.54 -19.01 15.50
N ASN K 227 -23.22 -19.05 15.54
CA ASN K 227 -22.45 -19.26 14.31
C ASN K 227 -22.64 -20.66 13.77
N ILE K 228 -23.06 -21.63 14.58
CA ILE K 228 -23.52 -22.89 14.03
C ILE K 228 -24.89 -22.65 13.33
N ILE K 229 -25.76 -21.87 13.95
CA ILE K 229 -27.06 -21.59 13.39
C ILE K 229 -26.86 -20.73 12.16
N ALA K 230 -26.07 -19.67 12.27
CA ALA K 230 -25.94 -18.70 11.21
C ALA K 230 -25.34 -19.31 9.98
N LEU K 231 -24.62 -20.41 10.08
CA LEU K 231 -24.21 -21.17 8.88
C LEU K 231 -25.33 -22.00 8.34
N ILE K 232 -26.06 -22.64 9.22
CA ILE K 232 -27.23 -23.40 8.81
C ILE K 232 -28.30 -22.45 8.18
N VAL K 233 -28.55 -21.27 8.74
CA VAL K 233 -29.42 -20.29 8.16
C VAL K 233 -28.92 -19.89 6.78
N SER K 234 -27.59 -19.79 6.62
CA SER K 234 -26.99 -19.45 5.33
C SER K 234 -26.90 -20.65 4.37
N SER K 235 -26.56 -21.83 4.86
CA SER K 235 -26.35 -22.98 3.99
C SER K 235 -27.61 -23.51 3.36
N VAL K 236 -28.75 -23.31 4.04
CA VAL K 236 -30.05 -23.64 3.46
C VAL K 236 -30.27 -22.80 2.23
N THR K 237 -29.92 -21.53 2.29
CA THR K 237 -30.19 -20.59 1.22
C THR K 237 -28.91 -20.09 0.60
N ALA K 238 -27.97 -21.00 0.39
CA ALA K 238 -26.78 -20.71 -0.40
C ALA K 238 -26.68 -21.53 -1.64
N SER K 239 -27.58 -22.47 -1.84
CA SER K 239 -27.77 -22.99 -3.20
C SER K 239 -28.75 -22.10 -3.99
N LEU K 240 -29.32 -21.12 -3.32
CA LEU K 240 -30.22 -20.14 -3.89
C LEU K 240 -29.44 -18.89 -4.34
N ARG K 241 -28.29 -18.62 -3.75
CA ARG K 241 -27.49 -17.45 -4.06
C ARG K 241 -26.07 -17.73 -4.53
N PHE K 242 -25.51 -18.89 -4.20
CA PHE K 242 -24.25 -19.36 -4.79
C PHE K 242 -24.65 -20.61 -5.58
N PRO K 243 -25.00 -20.44 -6.86
CA PRO K 243 -25.80 -21.46 -7.54
C PRO K 243 -25.17 -22.83 -7.69
N GLY K 244 -24.03 -22.91 -8.36
CA GLY K 244 -23.37 -24.20 -8.56
C GLY K 244 -24.20 -25.16 -9.37
N LYS K 245 -24.10 -26.44 -9.04
CA LYS K 245 -24.91 -27.47 -9.72
C LYS K 245 -25.93 -28.01 -8.73
N LEU K 246 -26.98 -28.66 -9.25
CA LEU K 246 -28.16 -29.08 -8.46
C LEU K 246 -28.72 -27.92 -7.64
N ASN K 247 -29.26 -26.95 -8.36
CA ASN K 247 -29.76 -25.74 -7.76
C ASN K 247 -30.99 -26.08 -6.93
N THR K 248 -30.84 -25.98 -5.61
CA THR K 248 -31.92 -26.21 -4.68
C THR K 248 -32.43 -24.89 -4.14
N ASP K 249 -33.60 -24.49 -4.60
CA ASP K 249 -34.26 -23.31 -4.08
C ASP K 249 -35.04 -23.61 -2.82
N LEU K 250 -35.73 -22.62 -2.31
CA LEU K 250 -36.54 -22.80 -1.12
C LEU K 250 -37.80 -23.58 -1.40
N SER K 251 -38.24 -23.63 -2.64
CA SER K 251 -39.41 -24.42 -2.98
C SER K 251 -39.15 -25.94 -2.94
N GLU K 252 -37.88 -26.33 -3.02
CA GLU K 252 -37.49 -27.73 -2.96
C GLU K 252 -37.18 -28.21 -1.55
N PHE K 253 -37.30 -27.36 -0.55
CA PHE K 253 -37.19 -27.85 0.82
C PHE K 253 -38.54 -28.15 1.39
N VAL K 254 -39.61 -27.94 0.61
CA VAL K 254 -40.97 -28.28 1.01
C VAL K 254 -41.47 -29.49 0.23
N THR K 255 -41.17 -29.56 -1.06
CA THR K 255 -41.61 -30.66 -1.86
C THR K 255 -40.78 -31.89 -1.56
N ASN K 256 -39.49 -31.72 -1.33
CA ASN K 256 -38.62 -32.90 -1.12
C ASN K 256 -38.57 -33.42 0.30
N LEU K 257 -38.57 -32.51 1.27
CA LEU K 257 -38.31 -32.89 2.66
C LEU K 257 -39.54 -32.98 3.48
N VAL K 258 -40.71 -32.58 2.99
CA VAL K 258 -41.93 -32.58 3.79
C VAL K 258 -42.92 -33.52 3.15
N PRO K 259 -42.94 -34.81 3.56
CA PRO K 259 -43.83 -35.76 2.93
C PRO K 259 -45.33 -35.56 3.20
N PHE K 260 -45.67 -35.50 4.47
CA PHE K 260 -47.07 -35.31 4.91
C PHE K 260 -47.30 -33.83 5.21
N PRO K 261 -48.55 -33.37 5.19
CA PRO K 261 -48.77 -31.93 5.46
C PRO K 261 -48.48 -31.43 6.89
N GLY K 262 -48.00 -32.29 7.79
CA GLY K 262 -47.60 -31.84 9.12
C GLY K 262 -46.12 -31.92 9.40
N ASN K 263 -45.43 -32.85 8.75
CA ASN K 263 -44.04 -33.17 9.11
C ASN K 263 -43.06 -32.24 8.42
N HIS K 264 -42.98 -31.01 8.94
CA HIS K 264 -42.11 -30.01 8.40
C HIS K 264 -41.24 -29.34 9.44
N PHE K 265 -40.67 -30.14 10.33
CA PHE K 265 -39.79 -29.64 11.38
C PHE K 265 -38.44 -30.37 11.18
N LEU K 266 -37.45 -29.64 10.71
CA LEU K 266 -36.23 -30.20 10.17
C LEU K 266 -35.07 -30.05 11.14
N THR K 267 -34.24 -31.07 11.17
CA THR K 267 -33.09 -31.11 12.08
C THR K 267 -31.81 -30.97 11.27
N ALA K 268 -31.18 -29.81 11.37
CA ALA K 268 -30.08 -29.46 10.49
C ALA K 268 -28.76 -29.54 11.13
N SER K 269 -27.82 -30.23 10.49
CA SER K 269 -26.43 -30.26 10.92
C SER K 269 -25.54 -29.42 10.08
N PHE K 270 -24.35 -29.16 10.59
CA PHE K 270 -23.32 -28.54 9.78
C PHE K 270 -22.07 -29.31 9.94
N ALA K 271 -21.27 -29.31 8.88
CA ALA K 271 -19.92 -29.89 8.85
C ALA K 271 -19.11 -29.07 7.87
N PRO K 272 -17.82 -28.87 8.13
CA PRO K 272 -16.94 -29.40 9.14
C PRO K 272 -17.00 -28.75 10.52
N MET K 273 -17.14 -29.56 11.56
CA MET K 273 -17.06 -29.11 12.93
C MET K 273 -16.21 -30.06 13.79
N GLN K 281 -8.24 -21.55 6.62
CA GLN K 281 -9.44 -22.02 5.93
C GLN K 281 -9.54 -23.54 6.07
N VAL K 282 -10.61 -24.00 6.71
CA VAL K 282 -10.75 -25.41 7.09
C VAL K 282 -11.08 -26.25 5.87
N ARG K 283 -10.16 -27.14 5.52
CA ARG K 283 -10.38 -28.10 4.44
C ARG K 283 -10.75 -29.46 5.02
N THR K 284 -11.51 -30.22 4.24
CA THR K 284 -11.90 -31.56 4.65
C THR K 284 -11.96 -32.43 3.40
N ASN K 285 -11.31 -33.58 3.45
CA ASN K 285 -11.08 -34.39 2.27
C ASN K 285 -12.34 -35.02 1.66
N PHE K 286 -13.42 -35.07 2.45
CA PHE K 286 -14.75 -35.50 1.98
C PHE K 286 -14.87 -36.97 1.54
N PRO K 287 -14.45 -37.91 2.36
CA PRO K 287 -15.28 -39.10 2.55
C PRO K 287 -15.79 -39.13 3.96
N ASP K 288 -15.23 -38.24 4.77
CA ASP K 288 -15.46 -38.16 6.21
C ASP K 288 -16.35 -36.99 6.58
N LEU K 289 -16.47 -36.00 5.69
CA LEU K 289 -17.42 -34.90 5.87
C LEU K 289 -18.81 -35.45 5.77
N ALA K 290 -19.08 -36.37 4.86
CA ALA K 290 -20.40 -37.02 4.80
C ALA K 290 -20.65 -37.89 6.03
N ARG K 291 -19.61 -38.44 6.64
CA ARG K 291 -19.73 -39.10 7.93
C ARG K 291 -19.81 -38.12 9.09
N GLU K 292 -19.36 -36.88 8.85
CA GLU K 292 -19.47 -35.81 9.85
C GLU K 292 -20.79 -35.07 9.72
N THR K 293 -21.28 -34.93 8.49
CA THR K 293 -22.53 -34.29 8.21
C THR K 293 -23.67 -35.11 8.80
N PHE K 294 -23.68 -36.41 8.53
CA PHE K 294 -24.73 -37.28 9.06
C PHE K 294 -24.26 -38.05 10.27
N ALA K 295 -23.42 -37.43 11.10
CA ALA K 295 -23.18 -37.93 12.45
C ALA K 295 -24.44 -37.70 13.27
N GLN K 296 -24.80 -38.64 14.13
CA GLN K 296 -25.97 -38.48 14.96
C GLN K 296 -25.75 -37.41 16.02
N ASP K 297 -24.50 -37.21 16.43
CA ASP K 297 -24.15 -36.20 17.40
C ASP K 297 -23.93 -34.85 16.78
N ASN K 298 -23.86 -34.76 15.45
CA ASN K 298 -23.72 -33.45 14.79
C ASN K 298 -25.06 -32.82 14.42
N PHE K 299 -26.15 -33.55 14.51
CA PHE K 299 -27.46 -32.96 14.28
C PHE K 299 -27.81 -32.09 15.45
N THR K 300 -28.39 -30.95 15.14
CA THR K 300 -28.57 -29.90 16.09
C THR K 300 -29.99 -29.98 16.63
N ALA K 301 -30.25 -31.07 17.32
CA ALA K 301 -31.49 -31.28 18.13
C ALA K 301 -31.29 -32.56 18.95
N ALA K 302 -31.97 -32.64 20.09
CA ALA K 302 -31.95 -33.86 20.89
C ALA K 302 -33.03 -34.84 20.43
N ILE K 303 -33.00 -35.17 19.15
CA ILE K 303 -33.94 -36.08 18.54
C ILE K 303 -33.69 -37.51 19.00
N ASP K 304 -34.70 -38.34 18.84
CA ASP K 304 -34.62 -39.74 19.22
C ASP K 304 -33.91 -40.54 18.14
N TRP K 305 -33.17 -41.54 18.55
CA TRP K 305 -32.37 -42.36 17.65
C TRP K 305 -32.62 -43.85 17.75
N GLN K 306 -32.80 -44.36 18.95
CA GLN K 306 -33.05 -45.78 19.15
C GLN K 306 -34.49 -46.13 18.79
N GLN K 307 -35.36 -45.12 18.68
CA GLN K 307 -36.74 -45.33 18.21
C GLN K 307 -37.07 -44.28 17.15
N GLY K 308 -36.17 -44.15 16.19
CA GLY K 308 -36.31 -43.08 15.20
C GLY K 308 -35.75 -43.47 13.85
N VAL K 309 -36.63 -43.45 12.84
CA VAL K 309 -36.22 -43.64 11.45
C VAL K 309 -36.58 -42.39 10.69
N TYR K 310 -35.72 -42.06 9.71
CA TYR K 310 -35.87 -40.76 9.05
C TYR K 310 -37.10 -40.81 8.15
N LEU K 311 -37.42 -39.65 7.59
CA LEU K 311 -38.40 -39.59 6.54
C LEU K 311 -37.59 -39.18 5.27
N ALA K 312 -36.93 -38.03 5.30
CA ALA K 312 -36.34 -37.42 4.12
C ALA K 312 -35.19 -36.55 4.56
N ALA K 313 -33.97 -36.94 4.22
CA ALA K 313 -32.81 -36.17 4.54
C ALA K 313 -32.40 -35.36 3.35
N SER K 314 -31.59 -34.34 3.60
CA SER K 314 -31.07 -33.47 2.54
C SER K 314 -29.58 -33.39 2.76
N ALA K 315 -28.87 -32.89 1.76
CA ALA K 315 -27.44 -32.73 1.86
C ALA K 315 -26.99 -31.63 0.93
N LEU K 316 -26.75 -30.45 1.51
CA LEU K 316 -26.27 -29.32 0.74
C LEU K 316 -24.79 -29.15 1.00
N PHE K 317 -23.99 -29.63 0.06
CA PHE K 317 -22.55 -29.61 0.20
C PHE K 317 -21.97 -28.48 -0.59
N ARG K 318 -21.38 -27.51 0.10
CA ARG K 318 -20.97 -26.28 -0.52
C ARG K 318 -19.47 -26.18 -0.65
N GLY K 319 -19.01 -25.45 -1.62
CA GLY K 319 -17.59 -25.21 -1.76
C GLY K 319 -16.92 -26.13 -2.74
N ASP K 320 -15.76 -26.68 -2.37
CA ASP K 320 -14.99 -27.57 -3.24
C ASP K 320 -15.44 -28.99 -2.94
N VAL K 321 -16.67 -29.27 -3.33
CA VAL K 321 -17.26 -30.60 -3.25
C VAL K 321 -17.74 -30.93 -4.65
N LYS K 322 -17.09 -31.92 -5.24
CA LYS K 322 -17.43 -32.36 -6.58
C LYS K 322 -18.36 -33.56 -6.52
N ALA K 323 -19.29 -33.64 -7.47
CA ALA K 323 -20.50 -34.47 -7.34
C ALA K 323 -20.24 -35.95 -7.57
N LYS K 324 -19.04 -36.30 -8.01
CA LYS K 324 -18.72 -37.71 -8.22
C LYS K 324 -18.59 -38.43 -6.88
N ASP K 325 -18.24 -37.72 -5.81
CA ASP K 325 -17.94 -38.36 -4.55
C ASP K 325 -19.19 -38.86 -3.86
N VAL K 326 -20.33 -38.23 -4.10
CA VAL K 326 -21.55 -38.62 -3.39
C VAL K 326 -22.15 -39.94 -3.90
N ASP K 327 -21.75 -40.35 -5.09
CA ASP K 327 -22.11 -41.67 -5.57
C ASP K 327 -21.41 -42.76 -4.77
N GLU K 328 -20.29 -42.43 -4.14
CA GLU K 328 -19.55 -43.36 -3.29
C GLU K 328 -19.73 -43.03 -1.82
N ASN K 329 -19.87 -41.75 -1.48
CA ASN K 329 -19.98 -41.36 -0.08
C ASN K 329 -21.42 -41.40 0.35
N MET K 330 -22.28 -40.69 -0.36
CA MET K 330 -23.63 -40.51 0.13
C MET K 330 -24.48 -41.76 -0.04
N ALA K 331 -24.17 -42.57 -1.05
CA ALA K 331 -24.81 -43.87 -1.14
C ALA K 331 -24.36 -44.80 -0.02
N THR K 332 -23.15 -44.59 0.48
CA THR K 332 -22.69 -45.31 1.66
C THR K 332 -23.34 -44.77 2.93
N ILE K 333 -23.58 -43.46 2.98
CA ILE K 333 -24.21 -42.87 4.13
C ILE K 333 -25.64 -43.32 4.25
N ARG K 334 -26.41 -43.27 3.17
CA ARG K 334 -27.83 -43.65 3.18
C ARG K 334 -28.08 -45.13 3.49
N LYS K 335 -27.11 -45.99 3.26
CA LYS K 335 -27.19 -47.36 3.79
C LYS K 335 -26.99 -47.36 5.31
N SER K 336 -26.17 -46.45 5.82
CA SER K 336 -25.95 -46.37 7.26
C SER K 336 -27.13 -45.71 7.99
N LEU K 337 -27.92 -44.91 7.27
CA LEU K 337 -29.05 -44.24 7.86
C LEU K 337 -30.21 -45.17 8.04
N ASN K 338 -31.22 -44.69 8.74
CA ASN K 338 -32.44 -45.48 9.01
C ASN K 338 -33.61 -44.68 8.47
N TYR K 339 -34.20 -45.13 7.36
CA TYR K 339 -35.35 -44.44 6.86
C TYR K 339 -36.62 -45.16 7.20
N ALA K 340 -37.74 -44.56 6.86
CA ALA K 340 -39.01 -45.24 7.03
C ALA K 340 -39.11 -46.37 6.02
N SER K 341 -40.06 -47.28 6.24
CA SER K 341 -40.23 -48.43 5.35
C SER K 341 -40.75 -48.01 3.96
N TYR K 342 -41.46 -46.88 3.91
CA TYR K 342 -42.02 -46.39 2.68
C TYR K 342 -41.11 -45.43 1.92
N MET K 343 -39.80 -45.48 2.19
CA MET K 343 -38.81 -44.74 1.41
C MET K 343 -37.93 -45.75 0.67
N PRO K 344 -37.56 -45.45 -0.58
CA PRO K 344 -36.83 -46.41 -1.39
C PRO K 344 -35.39 -46.67 -0.94
N ALA K 345 -34.78 -47.65 -1.59
CA ALA K 345 -33.53 -48.26 -1.16
C ALA K 345 -32.33 -47.32 -1.16
N SER K 346 -32.04 -46.71 -2.30
CA SER K 346 -30.99 -45.71 -2.37
C SER K 346 -31.54 -44.30 -2.39
N GLY K 347 -32.86 -44.16 -2.58
CA GLY K 347 -33.49 -42.88 -2.58
C GLY K 347 -33.85 -42.41 -1.19
N GLY K 348 -34.51 -41.27 -1.17
CA GLY K 348 -34.95 -40.64 0.06
C GLY K 348 -34.05 -39.52 0.52
N LEU K 349 -32.89 -39.31 -0.13
CA LEU K 349 -31.98 -38.24 0.24
C LEU K 349 -31.75 -37.33 -0.91
N LYS K 350 -32.27 -36.10 -0.87
CA LYS K 350 -32.01 -35.08 -1.93
C LYS K 350 -30.64 -34.48 -1.69
N LEU K 351 -30.07 -33.91 -2.75
CA LEU K 351 -28.74 -33.31 -2.62
C LEU K 351 -28.70 -31.95 -3.27
N GLY K 352 -27.61 -31.24 -3.01
CA GLY K 352 -27.40 -29.95 -3.66
C GLY K 352 -25.97 -29.53 -3.56
N TYR K 353 -25.58 -28.47 -4.25
CA TYR K 353 -24.22 -27.95 -4.18
C TYR K 353 -24.24 -26.43 -4.29
N ALA K 354 -23.21 -25.80 -3.79
CA ALA K 354 -22.91 -24.42 -4.08
C ALA K 354 -21.49 -24.36 -4.61
N GLU K 355 -21.23 -23.34 -5.40
CA GLU K 355 -19.92 -23.13 -5.99
C GLU K 355 -19.03 -22.25 -5.09
N THR K 356 -19.47 -21.91 -3.89
CA THR K 356 -18.70 -21.08 -2.99
C THR K 356 -18.96 -21.49 -1.56
N ALA K 357 -17.90 -21.82 -0.86
CA ALA K 357 -17.92 -22.20 0.54
C ALA K 357 -18.16 -20.93 1.38
N PRO K 358 -18.55 -21.10 2.65
CA PRO K 358 -18.52 -19.97 3.56
C PRO K 358 -17.11 -19.49 3.84
N GLU K 359 -16.94 -18.20 4.13
CA GLU K 359 -15.64 -17.64 4.40
C GLU K 359 -15.12 -18.20 5.73
N GLY K 360 -13.90 -18.70 5.69
CA GLY K 360 -13.35 -19.47 6.81
C GLY K 360 -13.32 -20.96 6.57
N PHE K 361 -14.18 -21.44 5.68
CA PHE K 361 -14.24 -22.87 5.32
C PHE K 361 -13.97 -23.04 3.85
N ALA K 362 -13.60 -24.24 3.46
CA ALA K 362 -13.32 -24.55 2.04
C ALA K 362 -14.24 -25.57 1.44
N SER K 363 -14.88 -26.37 2.28
CA SER K 363 -15.91 -27.29 1.81
C SER K 363 -16.84 -27.55 2.96
N SER K 364 -18.07 -27.07 2.88
CA SER K 364 -19.02 -27.25 3.97
C SER K 364 -20.10 -28.23 3.61
N GLY K 365 -20.92 -28.55 4.58
CA GLY K 365 -22.05 -29.43 4.43
C GLY K 365 -23.21 -29.12 5.33
N LEU K 366 -24.42 -29.40 4.85
CA LEU K 366 -25.65 -29.14 5.63
C LEU K 366 -26.51 -30.36 5.46
N ALA K 367 -27.39 -30.60 6.39
CA ALA K 367 -28.28 -31.72 6.28
C ALA K 367 -29.61 -31.49 6.95
N LEU K 368 -30.57 -31.00 6.20
CA LEU K 368 -31.93 -30.89 6.71
C LEU K 368 -32.48 -32.30 6.72
N VAL K 369 -32.77 -32.82 7.90
CA VAL K 369 -33.26 -34.14 8.06
C VAL K 369 -34.64 -34.11 8.70
N ASN K 370 -35.65 -34.51 7.93
CA ASN K 370 -36.99 -34.72 8.49
C ASN K 370 -37.07 -36.14 9.04
N HIS K 371 -37.31 -36.23 10.34
CA HIS K 371 -37.07 -37.45 11.12
C HIS K 371 -38.18 -37.57 12.17
N THR K 372 -38.54 -38.81 12.46
CA THR K 372 -39.43 -39.09 13.56
C THR K 372 -38.85 -38.72 14.93
N GLY K 373 -37.55 -38.53 15.02
CA GLY K 373 -36.99 -38.14 16.26
C GLY K 373 -37.40 -36.74 16.77
N ILE K 374 -37.82 -35.88 15.85
CA ILE K 374 -38.22 -34.57 16.24
C ILE K 374 -39.57 -34.58 16.94
N ALA K 375 -40.28 -35.71 16.84
CA ALA K 375 -41.45 -35.87 17.68
C ALA K 375 -41.11 -36.11 19.14
N ALA K 376 -39.89 -36.58 19.43
CA ALA K 376 -39.46 -36.70 20.82
C ALA K 376 -39.18 -35.33 21.44
N VAL K 377 -38.77 -34.38 20.62
CA VAL K 377 -38.79 -32.97 21.00
C VAL K 377 -40.23 -32.54 21.26
N PHE K 378 -41.15 -32.94 20.38
CA PHE K 378 -42.57 -32.63 20.57
C PHE K 378 -43.18 -33.37 21.77
N GLU K 379 -42.81 -34.63 21.95
CA GLU K 379 -43.31 -35.41 23.06
C GLU K 379 -42.79 -34.88 24.40
N ARG K 380 -41.56 -34.35 24.42
CA ARG K 380 -41.06 -33.68 25.62
C ARG K 380 -41.87 -32.41 25.93
N LEU K 381 -42.11 -31.63 24.90
CA LEU K 381 -42.80 -30.40 25.08
C LEU K 381 -44.32 -30.58 25.29
N ILE K 382 -44.82 -31.80 25.17
CA ILE K 382 -46.19 -32.11 25.53
C ILE K 382 -46.23 -32.73 26.93
N ALA K 383 -45.25 -33.57 27.24
CA ALA K 383 -45.15 -34.15 28.57
C ALA K 383 -44.84 -33.08 29.62
N GLN K 384 -44.13 -32.03 29.23
CA GLN K 384 -44.02 -30.85 30.08
C GLN K 384 -45.31 -30.06 30.09
N PHE K 385 -45.99 -30.02 28.96
CA PHE K 385 -47.27 -29.32 28.89
C PHE K 385 -48.36 -30.08 29.61
N ASP K 386 -48.25 -31.39 29.72
CA ASP K 386 -49.30 -32.22 30.29
C ASP K 386 -49.51 -31.94 31.79
N ILE K 387 -48.43 -31.88 32.54
CA ILE K 387 -48.53 -31.62 33.95
C ILE K 387 -48.82 -30.14 34.18
N MET K 388 -48.13 -29.29 33.42
CA MET K 388 -48.08 -27.87 33.68
C MET K 388 -49.37 -27.18 33.28
N PHE K 389 -50.12 -27.71 32.32
CA PHE K 389 -51.37 -27.06 31.91
C PHE K 389 -52.58 -27.44 32.77
N ASP K 390 -52.64 -28.71 33.17
CA ASP K 390 -53.78 -29.18 33.94
C ASP K 390 -53.82 -28.67 35.37
N ASN K 391 -52.66 -28.26 35.88
CA ASN K 391 -52.54 -27.73 37.22
C ASN K 391 -52.43 -26.22 37.23
N HIS K 392 -52.73 -25.58 36.08
CA HIS K 392 -52.81 -24.10 35.91
C HIS K 392 -51.50 -23.43 36.27
N ALA K 393 -50.40 -24.09 35.92
CA ALA K 393 -49.15 -23.87 36.63
C ALA K 393 -48.44 -22.63 36.24
N TYR K 394 -48.74 -22.06 35.09
CA TYR K 394 -48.44 -20.63 34.83
C TYR K 394 -49.52 -20.01 33.97
N THR K 395 -50.72 -20.54 34.01
CA THR K 395 -51.70 -20.28 32.99
C THR K 395 -52.32 -18.91 33.14
N HIS K 396 -52.39 -18.39 34.37
CA HIS K 396 -53.09 -17.15 34.58
C HIS K 396 -52.39 -15.94 33.97
N TRP K 397 -51.10 -16.05 33.65
CA TRP K 397 -50.41 -15.01 32.90
C TRP K 397 -50.86 -14.92 31.45
N TYR K 398 -51.41 -16.01 30.94
CA TYR K 398 -52.06 -15.99 29.61
C TYR K 398 -53.51 -15.58 29.69
N GLU K 399 -54.19 -16.05 30.74
CA GLU K 399 -55.59 -15.77 30.89
C GLU K 399 -55.82 -14.31 31.17
N ASN K 400 -54.99 -13.70 32.01
CA ASN K 400 -55.08 -12.29 32.30
C ASN K 400 -54.35 -11.41 31.29
N ALA K 401 -54.01 -11.97 30.13
CA ALA K 401 -53.44 -11.19 29.02
C ALA K 401 -53.99 -11.61 27.66
N GLY K 402 -55.17 -12.22 27.64
CA GLY K 402 -55.92 -12.43 26.40
C GLY K 402 -56.21 -13.88 26.03
N VAL K 403 -55.30 -14.79 26.39
CA VAL K 403 -55.31 -16.15 25.87
C VAL K 403 -55.88 -17.13 26.88
N SER K 404 -57.03 -17.72 26.56
CA SER K 404 -57.70 -18.63 27.49
C SER K 404 -57.16 -20.04 27.40
N ARG K 405 -57.65 -20.89 28.28
CA ARG K 405 -57.29 -22.31 28.29
C ARG K 405 -57.89 -23.07 27.11
N ASP K 406 -58.97 -22.56 26.54
CA ASP K 406 -59.54 -23.16 25.35
C ASP K 406 -58.59 -22.96 24.17
N MET K 407 -58.00 -21.77 24.08
CA MET K 407 -57.05 -21.43 23.04
C MET K 407 -55.72 -22.14 23.24
N MET K 408 -55.44 -22.59 24.45
CA MET K 408 -54.17 -23.23 24.79
C MET K 408 -54.23 -24.74 24.76
N ALA K 409 -55.37 -25.34 25.11
CA ALA K 409 -55.53 -26.78 24.94
C ALA K 409 -55.66 -27.13 23.48
N LYS K 410 -56.27 -26.25 22.69
CA LYS K 410 -56.36 -26.44 21.23
C LYS K 410 -54.98 -26.37 20.58
N ALA K 411 -54.06 -25.62 21.18
CA ALA K 411 -52.66 -25.64 20.75
C ALA K 411 -52.02 -26.99 21.05
N ARG K 412 -52.46 -27.65 22.13
CA ARG K 412 -51.90 -28.95 22.48
C ARG K 412 -52.43 -30.02 21.57
N ASN K 413 -53.71 -29.92 21.21
CA ASN K 413 -54.33 -30.98 20.44
C ASN K 413 -53.83 -31.04 19.01
N GLN K 414 -53.14 -30.00 18.54
CA GLN K 414 -52.48 -30.06 17.25
C GLN K 414 -51.08 -30.64 17.39
N ILE K 415 -50.39 -30.31 18.46
CA ILE K 415 -49.03 -30.81 18.66
C ILE K 415 -49.06 -32.26 19.13
N ALA K 416 -50.09 -32.64 19.91
CA ALA K 416 -50.29 -34.06 20.22
C ALA K 416 -50.67 -34.83 18.97
N THR K 417 -51.36 -34.18 18.03
CA THR K 417 -51.55 -34.75 16.71
C THR K 417 -50.22 -34.80 15.94
N LEU K 418 -49.44 -33.74 16.07
CA LEU K 418 -48.17 -33.66 15.36
C LEU K 418 -47.16 -34.64 15.91
N ALA K 419 -47.14 -34.85 17.21
CA ALA K 419 -46.27 -35.86 17.80
C ALA K 419 -46.72 -37.26 17.41
N GLN K 420 -48.00 -37.42 17.08
CA GLN K 420 -48.51 -38.67 16.56
C GLN K 420 -48.27 -38.78 15.06
N SER K 421 -48.23 -37.66 14.35
CA SER K 421 -48.04 -37.67 12.90
C SER K 421 -46.66 -38.15 12.48
N TYR K 422 -45.66 -38.06 13.35
CA TYR K 422 -44.38 -38.73 13.08
C TYR K 422 -44.43 -40.21 13.47
N ARG K 423 -45.16 -40.54 14.53
CA ARG K 423 -45.34 -41.94 14.88
C ARG K 423 -46.25 -42.66 13.90
N ASP K 424 -47.11 -41.92 13.20
CA ASP K 424 -47.81 -42.47 12.04
C ASP K 424 -46.93 -42.52 10.80
N ALA K 425 -45.77 -41.87 10.84
CA ALA K 425 -44.86 -41.81 9.71
C ALA K 425 -43.64 -42.71 9.91
N SER K 426 -43.85 -43.87 10.52
CA SER K 426 -42.76 -44.84 10.70
C SER K 426 -43.03 -46.15 9.95
N ASP L 1 -44.29 1.26 -14.83
CA ASP L 1 -44.12 2.40 -15.77
C ASP L 1 -45.34 3.33 -15.71
N THR L 2 -46.52 2.73 -15.42
CA THR L 2 -47.84 3.41 -15.20
C THR L 2 -47.81 4.59 -14.20
N ALA L 3 -48.68 5.59 -14.40
CA ALA L 3 -48.65 6.85 -13.59
C ALA L 3 -48.86 6.60 -12.09
N LEU L 4 -49.76 5.66 -11.80
CA LEU L 4 -50.08 5.28 -10.44
C LEU L 4 -48.91 4.60 -9.76
N GLU L 5 -48.22 3.69 -10.47
CA GLU L 5 -47.01 3.04 -9.95
C GLU L 5 -45.89 4.07 -9.61
N ARG L 6 -45.84 5.16 -10.36
CA ARG L 6 -44.87 6.26 -10.16
C ARG L 6 -45.22 7.04 -8.90
N GLN L 7 -46.49 7.39 -8.77
CA GLN L 7 -47.01 8.03 -7.55
C GLN L 7 -46.76 7.17 -6.29
N ILE L 8 -46.86 5.85 -6.42
CA ILE L 8 -46.64 4.96 -5.31
C ILE L 8 -45.18 4.93 -4.93
N ALA L 9 -44.28 4.90 -5.91
CA ALA L 9 -42.81 4.82 -5.64
C ALA L 9 -42.37 6.06 -4.86
N SER L 10 -42.87 7.20 -5.32
CA SER L 10 -42.58 8.50 -4.74
C SER L 10 -43.10 8.58 -3.30
N ALA L 11 -44.39 8.20 -3.12
CA ALA L 11 -45.06 8.19 -1.82
C ALA L 11 -44.42 7.20 -0.86
N SER L 12 -44.02 6.04 -1.36
CA SER L 12 -43.29 5.06 -0.54
C SER L 12 -41.96 5.60 -0.06
N ARG L 13 -41.16 6.21 -0.93
CA ARG L 13 -39.85 6.77 -0.52
C ARG L 13 -40.07 7.78 0.56
N SER L 14 -41.03 8.68 0.32
CA SER L 14 -41.35 9.75 1.23
C SER L 14 -41.78 9.20 2.61
N VAL L 15 -42.52 8.06 2.61
CA VAL L 15 -42.94 7.39 3.86
C VAL L 15 -41.73 6.78 4.55
N GLU L 16 -40.92 6.03 3.81
CA GLU L 16 -39.66 5.42 4.29
C GLU L 16 -38.74 6.45 4.90
N GLU L 17 -38.63 7.61 4.28
CA GLU L 17 -37.89 8.73 4.85
C GLU L 17 -38.46 9.17 6.17
N ALA L 18 -39.77 9.43 6.22
CA ALA L 18 -40.40 9.76 7.51
C ALA L 18 -40.29 8.65 8.59
N ARG L 19 -40.29 7.38 8.19
CA ARG L 19 -40.07 6.25 9.11
C ARG L 19 -38.70 6.33 9.74
N ARG L 20 -37.64 6.48 8.91
CA ARG L 20 -36.22 6.59 9.33
C ARG L 20 -36.03 7.78 10.21
N LEU L 21 -36.56 8.93 9.80
CA LEU L 21 -36.57 10.12 10.64
C LEU L 21 -37.13 9.83 12.04
N ALA L 22 -38.20 9.04 12.13
CA ALA L 22 -38.86 8.76 13.40
C ALA L 22 -38.12 7.65 14.15
N TYR L 23 -37.27 6.88 13.45
CA TYR L 23 -36.29 5.99 14.08
C TYR L 23 -35.21 6.82 14.80
N HIS L 24 -34.57 7.77 14.09
CA HIS L 24 -33.56 8.67 14.68
C HIS L 24 -34.16 9.61 15.76
N ASP L 25 -35.39 10.06 15.55
CA ASP L 25 -36.04 10.95 16.48
C ASP L 25 -37.52 10.50 16.72
N PRO L 26 -37.76 9.63 17.75
CA PRO L 26 -39.10 9.03 17.92
C PRO L 26 -40.27 10.02 18.08
N ILE L 27 -40.00 11.27 18.45
CA ILE L 27 -41.03 12.29 18.59
C ILE L 27 -41.78 12.76 17.29
N ARG L 28 -41.18 12.56 16.10
CA ARG L 28 -41.67 13.19 14.81
C ARG L 28 -42.89 12.48 14.12
N VAL L 29 -43.84 12.07 14.94
CA VAL L 29 -44.89 11.11 14.57
C VAL L 29 -45.90 11.77 13.63
N GLY L 30 -46.22 13.05 13.93
CA GLY L 30 -47.15 13.82 13.12
C GLY L 30 -46.78 13.80 11.62
N ALA L 31 -45.51 14.00 11.31
CA ALA L 31 -45.06 14.05 9.91
C ALA L 31 -45.18 12.66 9.23
N LEU L 32 -44.94 11.60 10.02
CA LEU L 32 -45.08 10.25 9.49
C LEU L 32 -46.53 10.01 9.04
N VAL L 33 -47.48 10.49 9.86
CA VAL L 33 -48.91 10.36 9.60
C VAL L 33 -49.26 11.03 8.26
N GLU L 34 -48.78 12.26 8.07
CA GLU L 34 -49.03 12.97 6.83
C GLU L 34 -48.55 12.26 5.59
N GLN L 35 -47.33 11.75 5.64
CA GLN L 35 -46.77 11.00 4.53
C GLN L 35 -47.54 9.72 4.30
N ILE L 36 -47.92 9.05 5.40
CA ILE L 36 -48.73 7.86 5.33
C ILE L 36 -50.09 8.14 4.65
N SER L 37 -50.72 9.27 4.99
CA SER L 37 -52.04 9.54 4.41
C SER L 37 -52.01 9.54 2.86
N VAL L 38 -50.92 10.04 2.29
CA VAL L 38 -50.78 10.13 0.86
C VAL L 38 -50.60 8.74 0.24
N LEU L 39 -49.73 7.94 0.83
CA LEU L 39 -49.48 6.60 0.36
C LEU L 39 -50.77 5.73 0.57
N ALA L 40 -51.44 5.87 1.70
CA ALA L 40 -52.66 5.11 2.02
C ALA L 40 -53.74 5.43 0.99
N ASP L 41 -53.90 6.73 0.68
CA ASP L 41 -54.76 7.14 -0.44
C ASP L 41 -54.51 6.37 -1.76
N LEU L 42 -53.25 6.16 -2.07
CA LEU L 42 -52.89 5.55 -3.33
C LEU L 42 -53.20 4.08 -3.29
N ARG L 43 -52.97 3.46 -2.13
CA ARG L 43 -53.25 2.05 -1.95
C ARG L 43 -54.74 1.81 -2.03
N GLN L 44 -55.54 2.75 -1.54
CA GLN L 44 -56.99 2.66 -1.68
C GLN L 44 -57.42 2.74 -3.13
N LYS L 45 -56.79 3.65 -3.87
CA LYS L 45 -57.12 3.86 -5.26
C LYS L 45 -56.86 2.57 -6.02
N GLU L 46 -55.79 1.85 -5.71
CA GLU L 46 -55.54 0.57 -6.37
C GLU L 46 -56.28 -0.62 -5.72
N GLY L 47 -57.09 -0.33 -4.71
CA GLY L 47 -57.84 -1.36 -4.01
C GLY L 47 -57.12 -2.18 -2.97
N ASP L 48 -55.82 -1.96 -2.75
CA ASP L 48 -55.13 -2.61 -1.63
C ASP L 48 -55.49 -1.98 -0.22
N PHE L 49 -56.71 -2.23 0.27
CA PHE L 49 -57.17 -1.65 1.53
C PHE L 49 -56.45 -2.18 2.76
N ARG L 50 -56.05 -3.46 2.77
CA ARG L 50 -55.26 -4.03 3.86
C ARG L 50 -53.90 -3.34 3.99
N LYS L 51 -53.30 -2.91 2.88
CA LYS L 51 -52.04 -2.18 2.98
C LYS L 51 -52.27 -0.83 3.58
N ALA L 52 -53.31 -0.16 3.14
CA ALA L 52 -53.66 1.13 3.67
C ALA L 52 -53.91 1.02 5.18
N GLU L 53 -54.65 -0.02 5.59
CA GLU L 53 -54.95 -0.23 6.99
C GLU L 53 -53.68 -0.45 7.81
N SER L 54 -52.76 -1.22 7.26
CA SER L 54 -51.50 -1.48 7.95
C SER L 54 -50.71 -0.19 8.20
N LEU L 55 -50.69 0.72 7.21
CA LEU L 55 -50.00 1.98 7.33
C LEU L 55 -50.56 2.79 8.49
N TYR L 56 -51.89 2.85 8.58
CA TYR L 56 -52.50 3.65 9.63
C TYR L 56 -52.36 3.03 10.99
N ARG L 57 -52.33 1.71 11.03
CA ARG L 57 -52.08 1.03 12.29
C ARG L 57 -50.67 1.29 12.76
N GLU L 58 -49.74 1.36 11.81
CA GLU L 58 -48.37 1.67 12.15
C GLU L 58 -48.26 3.08 12.75
N ALA L 59 -48.90 4.04 12.07
CA ALA L 59 -48.98 5.41 12.58
C ALA L 59 -49.55 5.43 14.01
N LEU L 60 -50.57 4.63 14.21
CA LEU L 60 -51.25 4.57 15.48
C LEU L 60 -50.32 4.01 16.56
N PHE L 61 -49.59 2.93 16.27
CA PHE L 61 -48.67 2.33 17.24
C PHE L 61 -47.58 3.32 17.63
N ARG L 62 -47.00 4.05 16.65
CA ARG L 62 -46.06 5.09 16.99
C ARG L 62 -46.65 6.17 17.91
N ALA L 63 -47.87 6.58 17.64
CA ALA L 63 -48.53 7.58 18.47
C ALA L 63 -48.78 7.05 19.89
N GLN L 64 -49.15 5.79 19.96
CA GLN L 64 -49.38 5.17 21.23
C GLN L 64 -48.11 5.03 22.10
N GLU L 65 -46.95 4.93 21.47
CA GLU L 65 -45.69 4.78 22.19
C GLU L 65 -45.08 6.12 22.67
N LEU L 66 -45.62 7.26 22.26
CA LEU L 66 -45.12 8.55 22.78
C LEU L 66 -45.11 8.59 24.31
N ARG L 67 -44.02 9.09 24.90
CA ARG L 67 -43.99 9.25 26.35
C ARG L 67 -44.94 10.31 26.85
N LYS L 68 -45.10 11.39 26.09
CA LYS L 68 -46.20 12.32 26.34
C LYS L 68 -47.34 11.99 25.36
N GLN L 69 -48.45 11.47 25.90
CA GLN L 69 -49.60 11.10 25.10
C GLN L 69 -50.18 12.28 24.37
N ASP L 70 -50.40 12.13 23.05
CA ASP L 70 -50.99 13.17 22.24
C ASP L 70 -52.39 12.76 21.78
N PRO L 71 -53.41 13.03 22.58
CA PRO L 71 -54.74 12.60 22.23
C PRO L 71 -55.26 13.18 20.88
N ASP L 72 -54.90 14.42 20.59
CA ASP L 72 -55.31 15.02 19.33
C ASP L 72 -54.79 14.22 18.11
N LEU L 73 -53.57 13.74 18.22
CA LEU L 73 -52.96 12.96 17.16
C LEU L 73 -53.71 11.62 16.99
N LEU L 74 -54.05 10.97 18.12
CA LEU L 74 -54.73 9.69 18.12
C LEU L 74 -56.12 9.84 17.53
N THR L 75 -56.84 10.89 17.95
CA THR L 75 -58.14 11.26 17.39
C THR L 75 -58.06 11.30 15.86
N GLY L 76 -57.06 12.00 15.32
CA GLY L 76 -56.91 12.15 13.89
C GLY L 76 -56.60 10.84 13.19
N ILE L 77 -55.72 10.03 13.82
CA ILE L 77 -55.36 8.75 13.25
C ILE L 77 -56.60 7.81 13.18
N TYR L 78 -57.35 7.73 14.27
CA TYR L 78 -58.58 6.94 14.28
C TYR L 78 -59.55 7.42 13.21
N SER L 79 -59.61 8.72 12.96
CA SER L 79 -60.54 9.24 11.96
C SER L 79 -60.05 8.88 10.56
N LEU L 80 -58.73 8.81 10.35
CA LEU L 80 -58.23 8.34 9.07
C LEU L 80 -58.58 6.84 8.83
N LEU L 81 -58.54 6.03 9.87
CA LEU L 81 -58.91 4.61 9.76
C LEU L 81 -60.43 4.52 9.50
N ALA L 82 -61.19 5.36 10.19
CA ALA L 82 -62.64 5.40 10.02
C ALA L 82 -62.97 5.70 8.55
N HIS L 83 -62.34 6.73 8.00
CA HIS L 83 -62.56 7.10 6.60
C HIS L 83 -62.12 5.99 5.64
N LEU L 84 -61.01 5.34 5.97
CA LEU L 84 -60.56 4.17 5.21
C LEU L 84 -61.68 3.09 5.18
N TYR L 85 -62.19 2.72 6.36
CA TYR L 85 -63.29 1.78 6.46
C TYR L 85 -64.54 2.20 5.67
N ASP L 86 -64.85 3.49 5.72
CA ASP L 86 -65.94 4.01 4.96
C ASP L 86 -65.73 3.80 3.44
N ARG L 87 -64.58 4.18 2.91
CA ARG L 87 -64.34 3.99 1.48
C ARG L 87 -64.27 2.51 1.10
N TRP L 88 -63.89 1.67 2.05
CA TRP L 88 -63.77 0.25 1.83
C TRP L 88 -65.18 -0.36 1.77
N GLY L 89 -66.19 0.30 2.36
CA GLY L 89 -67.58 -0.22 2.34
C GLY L 89 -67.87 -0.99 3.63
N ARG L 90 -67.02 -0.80 4.65
CA ARG L 90 -67.20 -1.42 5.95
C ARG L 90 -67.85 -0.41 6.90
N MET L 91 -69.14 -0.16 6.66
CA MET L 91 -69.86 0.94 7.27
C MET L 91 -69.93 0.87 8.76
N ASP L 92 -70.06 -0.33 9.31
CA ASP L 92 -70.12 -0.41 10.79
C ASP L 92 -68.81 -0.04 11.44
N LYS L 93 -67.72 -0.42 10.79
CA LYS L 93 -66.41 -0.25 11.33
C LYS L 93 -66.04 1.25 11.26
N ALA L 94 -66.46 1.91 10.19
CA ALA L 94 -66.24 3.34 10.06
C ALA L 94 -66.91 4.09 11.21
N ALA L 95 -68.14 3.71 11.56
CA ALA L 95 -68.83 4.34 12.68
C ALA L 95 -68.11 4.04 13.98
N GLU L 96 -67.60 2.83 14.11
CA GLU L 96 -66.94 2.42 15.34
C GLU L 96 -65.64 3.21 15.58
N PHE L 97 -64.94 3.52 14.50
CA PHE L 97 -63.65 4.15 14.58
C PHE L 97 -63.74 5.66 14.76
N TYR L 98 -64.76 6.28 14.13
CA TYR L 98 -65.09 7.68 14.43
C TYR L 98 -65.51 7.80 15.91
N GLU L 99 -66.24 6.82 16.42
CA GLU L 99 -66.69 6.87 17.79
C GLU L 99 -65.50 6.74 18.78
N LEU L 100 -64.53 5.92 18.41
CA LEU L 100 -63.30 5.83 19.17
C LEU L 100 -62.57 7.15 19.18
N ALA L 101 -62.45 7.79 18.02
CA ALA L 101 -61.83 9.10 17.93
C ALA L 101 -62.50 10.08 18.87
N LEU L 102 -63.85 10.08 18.89
CA LEU L 102 -64.57 11.03 19.69
C LEU L 102 -64.40 10.75 21.17
N LYS L 103 -64.27 9.48 21.53
CA LYS L 103 -64.14 9.12 22.90
C LYS L 103 -62.77 9.59 23.47
N ILE L 104 -61.71 9.48 22.68
CA ILE L 104 -60.41 9.97 23.08
C ILE L 104 -60.41 11.49 23.31
N SER L 105 -60.94 12.22 22.34
CA SER L 105 -61.14 13.64 22.54
C SER L 105 -62.03 14.05 23.73
N ALA L 106 -63.14 13.35 23.96
CA ALA L 106 -64.03 13.67 25.07
C ALA L 106 -63.31 13.46 26.41
N GLU L 107 -62.46 12.45 26.51
CA GLU L 107 -61.74 12.19 27.75
C GLU L 107 -60.60 13.16 28.05
N ASN L 108 -60.10 13.83 27.02
CA ASN L 108 -59.04 14.82 27.22
C ASN L 108 -59.70 16.19 27.01
N GLY L 109 -59.02 17.20 26.51
CA GLY L 109 -59.73 18.49 26.44
C GLY L 109 -60.64 18.74 25.22
N LEU L 110 -60.70 17.82 24.27
CA LEU L 110 -60.75 18.29 22.88
C LEU L 110 -62.11 18.31 22.23
N GLU L 111 -63.14 18.12 23.05
CA GLU L 111 -64.54 18.42 22.77
C GLU L 111 -64.81 19.45 21.67
N GLU L 112 -64.21 20.63 21.78
CA GLU L 112 -64.55 21.72 20.85
C GLU L 112 -63.41 21.99 19.85
N SER L 113 -62.94 20.92 19.22
CA SER L 113 -61.83 21.09 18.26
C SER L 113 -62.26 20.99 16.80
N ASP L 114 -61.36 21.37 15.92
CA ASP L 114 -61.53 21.28 14.50
C ASP L 114 -61.80 19.82 14.05
N LYS L 115 -60.89 18.92 14.41
CA LYS L 115 -61.01 17.48 14.20
C LYS L 115 -62.33 16.94 14.70
N VAL L 116 -62.71 17.29 15.90
CA VAL L 116 -63.92 16.72 16.50
C VAL L 116 -65.19 17.09 15.77
N ALA L 117 -65.30 18.35 15.34
CA ALA L 117 -66.46 18.79 14.61
C ALA L 117 -66.52 18.04 13.26
N THR L 118 -65.33 17.86 12.63
CA THR L 118 -65.25 17.10 11.38
C THR L 118 -65.71 15.66 11.56
N ILE L 119 -65.18 15.01 12.60
CA ILE L 119 -65.54 13.66 12.90
C ILE L 119 -67.07 13.54 13.11
N LYS L 120 -67.66 14.45 13.86
CA LYS L 120 -69.09 14.36 14.15
C LYS L 120 -69.93 14.50 12.90
N ASN L 121 -69.50 15.38 11.98
CA ASN L 121 -70.13 15.49 10.68
C ASN L 121 -70.02 14.15 9.95
N ASN L 122 -68.80 13.64 9.78
CA ASN L 122 -68.60 12.40 9.04
C ASN L 122 -69.36 11.22 9.68
N LEU L 123 -69.34 11.14 11.02
CA LEU L 123 -70.08 10.12 11.73
C LEU L 123 -71.58 10.25 11.51
N ALA L 124 -72.10 11.48 11.57
CA ALA L 124 -73.51 11.71 11.29
C ALA L 124 -73.91 11.14 9.92
N MET L 125 -73.02 11.29 8.94
CA MET L 125 -73.31 10.82 7.61
C MET L 125 -73.40 9.28 7.56
N ILE L 126 -72.55 8.60 8.36
CA ILE L 126 -72.59 7.16 8.43
C ILE L 126 -73.91 6.73 9.10
N PHE L 127 -74.30 7.41 10.18
CA PHE L 127 -75.57 7.15 10.78
C PHE L 127 -76.77 7.33 9.84
N LYS L 128 -76.73 8.36 8.98
CA LYS L 128 -77.71 8.46 7.93
C LYS L 128 -77.77 7.15 7.11
N GLN L 129 -76.63 6.64 6.68
CA GLN L 129 -76.57 5.40 5.91
C GLN L 129 -77.06 4.20 6.71
N LEU L 130 -76.77 4.20 8.02
CA LEU L 130 -77.30 3.17 8.93
C LEU L 130 -78.77 3.33 9.22
N ARG L 131 -79.39 4.36 8.63
CA ARG L 131 -80.79 4.70 8.85
C ARG L 131 -81.06 4.93 10.33
N LYS L 132 -80.19 5.67 11.00
CA LYS L 132 -80.46 6.14 12.35
C LYS L 132 -80.54 7.64 12.37
N PHE L 133 -81.71 8.15 12.03
CA PHE L 133 -81.89 9.58 11.75
C PHE L 133 -81.59 10.47 12.96
N GLU L 134 -82.11 10.09 14.12
CA GLU L 134 -82.01 10.88 15.35
C GLU L 134 -80.54 11.02 15.76
N ARG L 135 -79.79 9.91 15.68
CA ARG L 135 -78.34 9.98 15.99
C ARG L 135 -77.61 10.84 14.99
N ALA L 136 -77.98 10.74 13.70
CA ALA L 136 -77.39 11.59 12.65
C ALA L 136 -77.69 13.07 12.89
N GLU L 137 -78.94 13.38 13.15
CA GLU L 137 -79.27 14.79 13.46
C GLU L 137 -78.47 15.35 14.64
N GLY L 138 -78.41 14.60 15.76
CA GLY L 138 -77.63 14.98 16.92
C GLY L 138 -76.21 15.35 16.58
N TYR L 139 -75.49 14.45 15.92
CA TYR L 139 -74.11 14.74 15.60
C TYR L 139 -73.95 15.87 14.62
N TYR L 140 -74.85 15.98 13.63
CA TYR L 140 -74.73 17.09 12.70
C TYR L 140 -74.87 18.44 13.46
N CYS L 141 -75.83 18.52 14.38
CA CYS L 141 -76.06 19.74 15.16
C CYS L 141 -74.85 20.10 15.99
N GLU L 142 -74.26 19.10 16.63
CA GLU L 142 -73.02 19.33 17.35
C GLU L 142 -71.89 19.81 16.46
N ALA L 143 -71.71 19.19 15.30
CA ALA L 143 -70.68 19.66 14.35
C ALA L 143 -70.95 21.10 13.94
N LEU L 144 -72.22 21.40 13.65
CA LEU L 144 -72.69 22.74 13.30
C LEU L 144 -72.35 23.82 14.35
N GLU L 145 -72.81 23.64 15.60
CA GLU L 145 -72.43 24.53 16.73
C GLU L 145 -70.92 24.69 16.85
N THR L 146 -70.15 23.60 16.81
CA THR L 146 -68.70 23.73 16.98
C THR L 146 -68.08 24.55 15.87
N PHE L 147 -68.46 24.30 14.62
CA PHE L 147 -67.94 25.09 13.53
C PHE L 147 -68.39 26.56 13.61
N GLN L 148 -69.61 26.80 14.09
CA GLN L 148 -70.09 28.14 14.33
C GLN L 148 -69.17 28.87 15.33
N ARG L 149 -68.84 28.24 16.44
CA ARG L 149 -67.95 28.81 17.44
C ARG L 149 -66.50 28.91 16.99
N LEU L 150 -66.07 28.07 16.08
CA LEU L 150 -64.66 28.08 15.67
C LEU L 150 -64.41 28.99 14.53
N ASP L 151 -65.23 28.89 13.49
CA ASP L 151 -65.14 29.72 12.27
C ASP L 151 -66.29 30.71 12.46
N GLY L 152 -66.44 31.73 11.62
CA GLY L 152 -67.66 32.55 11.74
C GLY L 152 -68.88 31.72 11.33
N GLU L 153 -70.08 32.25 11.50
CA GLU L 153 -71.22 31.72 10.71
C GLU L 153 -70.91 31.78 9.22
N GLN L 154 -70.12 32.77 8.80
CA GLN L 154 -69.79 32.90 7.42
C GLN L 154 -68.56 32.07 7.11
N SER L 155 -68.72 30.75 6.98
CA SER L 155 -67.59 29.87 6.58
C SER L 155 -68.02 28.67 5.80
N ALA L 156 -67.10 28.12 5.01
CA ALA L 156 -67.35 26.98 4.17
C ALA L 156 -67.83 25.74 4.99
N ARG L 157 -67.17 25.52 6.13
CA ARG L 157 -67.47 24.39 6.97
C ARG L 157 -68.85 24.44 7.61
N VAL L 158 -69.27 25.64 8.02
CA VAL L 158 -70.63 25.83 8.50
C VAL L 158 -71.66 25.54 7.40
N ALA L 159 -71.37 26.05 6.18
CA ALA L 159 -72.33 25.85 5.10
C ALA L 159 -72.39 24.36 4.73
N SER L 160 -71.23 23.68 4.77
CA SER L 160 -71.21 22.22 4.51
C SER L 160 -72.10 21.41 5.50
N VAL L 161 -72.04 21.76 6.77
CA VAL L 161 -72.88 21.05 7.72
C VAL L 161 -74.35 21.39 7.49
N TYR L 162 -74.63 22.66 7.20
CA TYR L 162 -75.99 23.04 6.82
C TYR L 162 -76.50 22.20 5.65
N ASN L 163 -75.71 22.15 4.58
CA ASN L 163 -76.00 21.30 3.45
C ASN L 163 -76.31 19.82 3.86
N ASN L 164 -75.42 19.23 4.67
CA ASN L 164 -75.55 17.83 5.10
C ASN L 164 -76.80 17.61 5.93
N LEU L 165 -77.11 18.54 6.81
CA LEU L 165 -78.39 18.48 7.51
C LEU L 165 -79.59 18.59 6.55
N GLY L 166 -79.44 19.46 5.54
CA GLY L 166 -80.46 19.67 4.57
C GLY L 166 -80.82 18.35 3.90
N VAL L 167 -79.79 17.63 3.43
CA VAL L 167 -79.99 16.37 2.75
C VAL L 167 -80.58 15.33 3.70
N LEU L 168 -80.19 15.40 4.98
CA LEU L 168 -80.71 14.48 5.96
C LEU L 168 -82.20 14.71 6.13
N TYR L 169 -82.60 15.99 6.34
CA TYR L 169 -84.01 16.29 6.53
C TYR L 169 -84.79 15.98 5.29
N TYR L 170 -84.22 16.32 4.13
CA TYR L 170 -84.87 16.02 2.86
C TYR L 170 -85.13 14.51 2.70
N SER L 171 -84.12 13.69 2.98
CA SER L 171 -84.25 12.24 2.84
C SER L 171 -85.28 11.65 3.80
N HIS L 172 -85.50 12.24 4.99
CA HIS L 172 -86.60 11.78 5.87
C HIS L 172 -87.88 12.54 5.65
N MET L 173 -88.00 13.17 4.48
CA MET L 173 -89.13 14.01 4.08
C MET L 173 -89.61 15.10 5.10
N ASP L 174 -88.71 15.60 5.96
CA ASP L 174 -88.94 16.87 6.66
C ASP L 174 -88.54 18.03 5.75
N VAL L 175 -89.47 18.39 4.86
CA VAL L 175 -89.23 19.36 3.79
C VAL L 175 -88.99 20.76 4.35
N ASP L 176 -89.77 21.16 5.35
CA ASP L 176 -89.56 22.47 5.95
C ASP L 176 -88.19 22.72 6.48
N ARG L 177 -87.69 21.78 7.27
CA ARG L 177 -86.37 21.96 7.87
C ARG L 177 -85.28 21.83 6.85
N ALA L 178 -85.50 20.98 5.82
CA ALA L 178 -84.56 20.86 4.68
C ALA L 178 -84.38 22.21 4.02
N GLN L 179 -85.50 22.88 3.79
CA GLN L 179 -85.47 24.19 3.20
C GLN L 179 -84.64 25.21 3.98
N VAL L 180 -84.90 25.29 5.30
CA VAL L 180 -84.18 26.23 6.16
C VAL L 180 -82.65 26.01 6.05
N MET L 181 -82.26 24.74 6.24
CA MET L 181 -80.88 24.32 6.14
C MET L 181 -80.23 24.69 4.81
N HIS L 182 -80.89 24.35 3.70
CA HIS L 182 -80.27 24.66 2.40
C HIS L 182 -80.20 26.14 2.06
N GLU L 183 -81.17 26.91 2.57
CA GLU L 183 -81.15 28.36 2.40
C GLU L 183 -80.06 28.99 3.20
N ARG L 184 -79.94 28.62 4.48
CA ARG L 184 -78.77 29.03 5.30
C ARG L 184 -77.43 28.70 4.63
N ALA L 185 -77.36 27.52 3.99
CA ALA L 185 -76.17 27.11 3.23
C ALA L 185 -75.97 28.02 2.05
N LEU L 186 -77.05 28.28 1.28
CA LEU L 186 -77.03 29.22 0.14
C LEU L 186 -76.53 30.61 0.51
N ALA L 187 -77.19 31.21 1.51
CA ALA L 187 -76.79 32.52 2.10
C ALA L 187 -75.27 32.61 2.33
N ILE L 188 -74.70 31.61 3.01
CA ILE L 188 -73.26 31.62 3.30
C ILE L 188 -72.46 31.44 2.01
N ARG L 189 -72.87 30.48 1.18
CA ARG L 189 -72.03 30.11 0.05
C ARG L 189 -71.87 31.18 -1.04
N GLN L 190 -72.91 32.02 -1.17
CA GLN L 190 -72.87 33.18 -2.06
C GLN L 190 -71.80 34.20 -1.67
N ASN L 191 -71.63 34.43 -0.37
CA ASN L 191 -70.72 35.45 0.19
C ASN L 191 -69.22 35.04 0.25
N LEU L 192 -68.85 33.96 -0.41
CA LEU L 192 -67.54 33.35 -0.27
C LEU L 192 -67.08 32.88 -1.64
N HIS L 193 -66.33 33.74 -2.35
CA HIS L 193 -66.06 33.58 -3.79
C HIS L 193 -64.73 32.87 -4.17
N GLU L 194 -63.62 33.32 -3.60
CA GLU L 194 -62.29 32.78 -3.84
C GLU L 194 -62.12 31.28 -3.58
N GLY L 195 -60.87 30.84 -3.79
CA GLY L 195 -60.36 29.51 -3.45
C GLY L 195 -60.66 28.96 -2.06
N GLN L 196 -61.35 29.73 -1.21
CA GLN L 196 -61.91 29.23 0.04
C GLN L 196 -63.23 28.43 -0.13
N MET L 197 -63.73 28.42 -1.37
CA MET L 197 -64.84 27.56 -1.78
C MET L 197 -64.89 27.48 -3.31
N ASP L 198 -64.95 26.25 -3.82
CA ASP L 198 -65.10 26.04 -5.25
C ASP L 198 -66.59 26.26 -5.63
N PRO L 199 -66.84 26.66 -6.89
CA PRO L 199 -68.22 26.91 -7.28
C PRO L 199 -69.11 25.64 -7.42
N ALA L 200 -68.53 24.46 -7.63
CA ALA L 200 -69.33 23.23 -7.69
C ALA L 200 -70.18 22.95 -6.41
N ASP L 201 -69.70 23.35 -5.23
CA ASP L 201 -70.51 23.29 -3.99
C ASP L 201 -71.73 24.19 -4.04
N LEU L 202 -71.56 25.35 -4.67
CA LEU L 202 -72.68 26.29 -4.83
C LEU L 202 -73.78 25.70 -5.74
N SER L 203 -73.36 24.99 -6.78
CA SER L 203 -74.27 24.31 -7.69
C SER L 203 -75.04 23.19 -6.98
N GLN L 204 -74.37 22.46 -6.08
CA GLN L 204 -75.03 21.41 -5.30
C GLN L 204 -76.13 22.00 -4.44
N THR L 205 -75.88 23.17 -3.86
CA THR L 205 -76.89 23.80 -3.03
C THR L 205 -78.16 24.13 -3.84
N PHE L 206 -77.97 24.66 -5.06
CA PHE L 206 -79.12 24.95 -5.93
C PHE L 206 -79.84 23.68 -6.33
N ILE L 207 -79.07 22.69 -6.78
CA ILE L 207 -79.58 21.34 -7.03
C ILE L 207 -80.44 20.85 -5.85
N ASN L 208 -79.89 20.95 -4.61
CA ASN L 208 -80.60 20.46 -3.43
C ASN L 208 -81.83 21.30 -3.10
N LEU L 209 -81.71 22.63 -3.20
CA LEU L 209 -82.85 23.54 -3.09
C LEU L 209 -83.94 23.21 -4.12
N GLY L 210 -83.51 22.89 -5.34
CA GLY L 210 -84.43 22.47 -6.38
C GLY L 210 -85.30 21.31 -5.95
N ALA L 211 -84.68 20.23 -5.47
CA ALA L 211 -85.46 19.07 -5.00
C ALA L 211 -86.35 19.40 -3.80
N VAL L 212 -85.92 20.35 -2.97
CA VAL L 212 -86.68 20.74 -1.78
C VAL L 212 -87.89 21.56 -2.19
N TYR L 213 -87.65 22.59 -3.01
CA TYR L 213 -88.76 23.38 -3.51
C TYR L 213 -89.79 22.54 -4.28
N LYS L 214 -89.30 21.60 -5.08
CA LYS L 214 -90.20 20.72 -5.85
C LYS L 214 -91.05 19.88 -4.90
N ALA L 215 -90.42 19.31 -3.87
CA ALA L 215 -91.13 18.60 -2.79
C ALA L 215 -92.12 19.50 -2.03
N ALA L 216 -91.81 20.79 -1.92
CA ALA L 216 -92.69 21.73 -1.27
C ALA L 216 -93.89 22.19 -2.16
N GLY L 217 -93.94 21.75 -3.42
CA GLY L 217 -94.93 22.25 -4.40
C GLY L 217 -94.70 23.66 -4.97
N ASP L 218 -93.46 24.15 -4.89
CA ASP L 218 -93.09 25.42 -5.52
C ASP L 218 -92.18 25.16 -6.74
N PHE L 219 -92.82 24.70 -7.81
CA PHE L 219 -92.14 24.17 -8.99
C PHE L 219 -91.41 25.25 -9.77
N GLN L 220 -91.89 26.48 -9.60
CA GLN L 220 -91.33 27.71 -10.13
C GLN L 220 -89.90 27.92 -9.56
N LYS L 221 -89.79 27.97 -8.22
CA LYS L 221 -88.55 28.27 -7.54
C LYS L 221 -87.62 27.10 -7.71
N ALA L 222 -88.23 25.92 -7.80
CA ALA L 222 -87.51 24.68 -8.14
C ALA L 222 -86.75 24.81 -9.45
N GLU L 223 -87.46 25.11 -10.53
CA GLU L 223 -86.80 25.25 -11.84
C GLU L 223 -85.78 26.39 -11.86
N ALA L 224 -86.09 27.52 -11.20
CA ALA L 224 -85.14 28.64 -11.06
C ALA L 224 -83.79 28.18 -10.45
N CYS L 225 -83.87 27.29 -9.45
CA CYS L 225 -82.68 26.73 -8.80
C CYS L 225 -81.93 25.80 -9.73
N VAL L 226 -82.65 24.83 -10.30
CA VAL L 226 -82.09 23.88 -11.27
C VAL L 226 -81.43 24.62 -12.47
N ASP L 227 -82.03 25.73 -12.89
CA ASP L 227 -81.44 26.61 -13.88
C ASP L 227 -80.12 27.20 -13.42
N ARG L 228 -80.10 27.82 -12.23
CA ARG L 228 -78.88 28.47 -11.77
C ARG L 228 -77.73 27.50 -11.54
N ALA L 229 -78.05 26.23 -11.25
CA ALA L 229 -77.03 25.19 -11.09
C ALA L 229 -76.44 24.84 -12.43
N LYS L 230 -77.30 24.78 -13.44
CA LYS L 230 -76.89 24.49 -14.82
C LYS L 230 -75.99 25.61 -15.34
N ARG L 231 -76.37 26.85 -15.09
CA ARG L 231 -75.56 28.04 -15.44
C ARG L 231 -74.15 27.96 -14.83
N ILE L 232 -74.07 27.56 -13.55
CA ILE L 232 -72.80 27.44 -12.83
C ILE L 232 -71.90 26.33 -13.41
N ARG L 233 -72.45 25.13 -13.54
CA ARG L 233 -71.75 23.97 -14.11
C ARG L 233 -71.28 24.22 -15.54
N ALA L 234 -72.08 24.97 -16.31
CA ALA L 234 -71.68 25.44 -17.64
C ALA L 234 -70.54 26.47 -17.57
N ALA L 235 -70.67 27.47 -16.68
CA ALA L 235 -69.69 28.57 -16.55
C ALA L 235 -68.30 28.18 -16.04
N MET L 236 -68.12 26.93 -15.61
CA MET L 236 -66.80 26.45 -15.17
C MET L 236 -66.04 25.70 -16.27
N ASN L 237 -66.63 25.65 -17.46
CA ASN L 237 -65.83 25.42 -18.68
C ASN L 237 -65.07 26.63 -19.29
N GLY L 238 -65.56 27.86 -19.10
CA GLY L 238 -64.90 29.04 -19.58
C GLY L 238 -65.01 29.20 -21.09
N VAL M 1 -7.28 18.15 -49.57
CA VAL M 1 -8.74 17.98 -49.38
C VAL M 1 -9.35 19.23 -48.78
N ASN M 2 -10.66 19.39 -48.88
CA ASN M 2 -11.35 20.52 -48.32
C ASN M 2 -11.18 20.61 -46.83
N ASN M 3 -10.33 21.53 -46.37
CA ASN M 3 -10.11 21.71 -44.96
C ASN M 3 -11.32 22.36 -44.33
N THR M 4 -11.51 22.16 -43.04
CA THR M 4 -12.64 22.76 -42.33
C THR M 4 -12.35 22.99 -40.87
N ILE M 5 -12.52 24.23 -40.47
CA ILE M 5 -12.20 24.71 -39.16
C ILE M 5 -13.40 24.58 -38.26
N VAL M 6 -13.17 24.09 -37.04
CA VAL M 6 -14.20 24.01 -36.06
C VAL M 6 -13.91 24.95 -34.95
N VAL M 7 -14.50 26.15 -35.04
CA VAL M 7 -14.35 27.15 -33.99
C VAL M 7 -15.36 26.86 -32.88
N SER M 8 -14.94 27.00 -31.64
CA SER M 8 -15.70 26.53 -30.48
C SER M 8 -15.91 27.61 -29.49
N ILE M 9 -17.04 28.24 -29.54
CA ILE M 9 -17.27 29.44 -28.78
C ILE M 9 -18.22 29.16 -27.63
N GLY M 10 -17.94 29.76 -26.50
CA GLY M 10 -18.81 29.60 -25.39
C GLY M 10 -18.54 28.33 -24.63
N GLN M 11 -19.17 28.19 -23.45
CA GLN M 11 -19.04 26.94 -22.72
C GLN M 11 -19.77 25.83 -23.45
N ALA M 12 -20.97 26.15 -23.98
CA ALA M 12 -21.76 25.08 -24.65
C ALA M 12 -21.15 24.62 -25.94
N GLY M 13 -20.46 25.47 -26.61
CA GLY M 13 -19.79 25.05 -27.82
C GLY M 13 -18.49 24.32 -27.55
N ASN M 14 -17.78 24.71 -26.50
CA ASN M 14 -16.54 24.06 -26.19
C ASN M 14 -16.80 22.66 -25.68
N GLN M 15 -17.82 22.49 -24.84
CA GLN M 15 -18.04 21.18 -24.26
C GLN M 15 -18.62 20.21 -25.28
N ILE M 16 -19.25 20.70 -26.35
CA ILE M 16 -19.45 19.87 -27.53
C ILE M 16 -18.10 19.57 -28.16
N ALA M 17 -17.29 20.59 -28.39
CA ALA M 17 -16.01 20.44 -29.10
C ALA M 17 -14.96 19.72 -28.24
N ALA M 18 -15.15 19.72 -26.93
CA ALA M 18 -14.33 18.88 -26.12
C ALA M 18 -14.63 17.44 -26.48
N SER M 19 -15.93 17.11 -26.63
CA SER M 19 -16.37 15.79 -27.03
C SER M 19 -16.38 15.56 -28.50
N PHE M 20 -16.35 16.60 -29.30
CA PHE M 20 -16.30 16.45 -30.76
C PHE M 20 -14.90 16.01 -31.22
N TRP M 21 -13.86 16.64 -30.71
CA TRP M 21 -12.52 16.21 -31.07
C TRP M 21 -12.08 14.95 -30.31
N LYS M 22 -12.79 14.56 -29.24
CA LYS M 22 -12.64 13.23 -28.71
C LYS M 22 -13.06 12.25 -29.77
N THR M 23 -14.21 12.52 -30.43
CA THR M 23 -14.78 11.59 -31.41
C THR M 23 -13.99 11.55 -32.68
N VAL M 24 -13.75 12.71 -33.25
CA VAL M 24 -13.11 12.80 -34.55
C VAL M 24 -11.70 12.20 -34.51
N CYS M 25 -10.94 12.43 -33.44
CA CYS M 25 -9.62 11.82 -33.30
C CYS M 25 -9.69 10.31 -33.14
N LEU M 26 -10.65 9.83 -32.34
CA LEU M 26 -10.90 8.41 -32.25
C LEU M 26 -11.44 7.85 -33.57
N GLU M 27 -12.13 8.68 -34.33
CA GLU M 27 -12.68 8.27 -35.62
C GLU M 27 -11.57 8.09 -36.64
N HIS M 28 -10.51 8.90 -36.55
CA HIS M 28 -9.35 8.77 -37.44
C HIS M 28 -8.24 7.92 -36.86
N GLY M 29 -8.50 7.23 -35.74
CA GLY M 29 -7.49 6.38 -35.11
C GLY M 29 -6.34 7.14 -34.49
N ILE M 30 -6.66 8.31 -33.92
CA ILE M 30 -5.69 9.19 -33.28
C ILE M 30 -6.04 9.27 -31.80
N ASP M 31 -5.02 9.22 -30.96
CA ASP M 31 -5.19 9.30 -29.52
C ASP M 31 -5.76 10.67 -29.15
N PRO M 32 -6.95 10.71 -28.53
CA PRO M 32 -7.54 12.00 -28.20
C PRO M 32 -6.93 12.69 -26.97
N LEU M 33 -5.91 12.11 -26.35
CA LEU M 33 -5.25 12.72 -25.19
C LEU M 33 -3.82 13.16 -25.44
N THR M 34 -3.25 12.79 -26.59
CA THR M 34 -1.91 13.25 -26.96
C THR M 34 -1.86 13.96 -28.29
N GLY M 35 -2.81 13.69 -29.19
CA GLY M 35 -2.73 14.22 -30.56
C GLY M 35 -1.93 13.36 -31.50
N GLN M 36 -1.10 12.46 -31.00
CA GLN M 36 -0.29 11.58 -31.84
C GLN M 36 -1.11 10.36 -32.22
N THR M 37 -0.82 9.85 -33.40
CA THR M 37 -1.47 8.64 -33.89
C THR M 37 -0.78 7.41 -33.31
N ALA M 38 -1.20 6.24 -33.76
CA ALA M 38 -0.49 5.01 -33.43
C ALA M 38 0.88 5.05 -34.13
N PRO M 39 1.96 4.61 -33.44
CA PRO M 39 3.33 4.90 -33.91
C PRO M 39 3.72 4.26 -35.24
N GLY M 40 4.03 5.11 -36.22
CA GLY M 40 4.48 4.68 -37.54
C GLY M 40 3.40 4.55 -38.59
N VAL M 41 2.18 4.19 -38.17
CA VAL M 41 1.09 3.95 -39.11
C VAL M 41 0.31 5.25 -39.35
N ALA M 42 -0.22 5.39 -40.56
CA ALA M 42 -0.99 6.56 -40.94
C ALA M 42 -2.36 6.53 -40.24
N PRO M 43 -2.97 7.71 -40.01
CA PRO M 43 -4.36 7.72 -39.51
C PRO M 43 -5.36 7.25 -40.57
N ARG M 44 -6.40 6.57 -40.12
CA ARG M 44 -7.42 6.10 -41.04
C ARG M 44 -8.21 7.29 -41.54
N GLY M 45 -8.78 7.12 -42.73
CA GLY M 45 -9.56 8.19 -43.35
C GLY M 45 -8.63 9.30 -43.82
N ASN M 46 -9.25 10.40 -44.25
CA ASN M 46 -8.49 11.56 -44.69
C ASN M 46 -8.42 12.55 -43.54
N TRP M 47 -7.29 12.53 -42.84
CA TRP M 47 -7.08 13.29 -41.63
C TRP M 47 -7.06 14.81 -41.90
N SER M 48 -6.57 15.21 -43.05
CA SER M 48 -6.25 16.61 -43.29
C SER M 48 -7.44 17.48 -43.53
N SER M 49 -8.66 16.93 -43.42
CA SER M 49 -9.85 17.78 -43.52
C SER M 49 -10.02 18.62 -42.27
N PHE M 50 -9.76 18.01 -41.12
CA PHE M 50 -9.86 18.71 -39.83
C PHE M 50 -8.53 18.95 -39.15
N PHE M 51 -7.48 18.22 -39.52
CA PHE M 51 -6.24 18.19 -38.77
C PHE M 51 -5.14 18.95 -39.50
N SER M 52 -3.95 18.93 -38.93
CA SER M 52 -2.78 19.54 -39.52
C SER M 52 -1.54 18.73 -39.09
N LYS M 53 -0.60 18.60 -39.99
CA LYS M 53 0.61 17.84 -39.76
C LYS M 53 1.55 18.71 -38.91
N LEU M 54 1.72 18.32 -37.65
CA LEU M 54 2.66 18.98 -36.75
C LEU M 54 3.80 18.01 -36.50
N GLY M 55 4.96 18.29 -37.10
CA GLY M 55 6.10 17.40 -37.03
C GLY M 55 6.01 16.37 -38.14
N GLU M 56 7.08 16.26 -38.93
CA GLU M 56 7.07 15.42 -40.14
C GLU M 56 7.63 14.02 -39.87
N SER M 57 7.51 13.53 -38.65
CA SER M 57 8.09 12.25 -38.27
C SER M 57 7.11 11.08 -38.42
N SER M 58 5.87 11.37 -38.87
CA SER M 58 4.77 10.40 -39.04
C SER M 58 4.26 9.76 -37.75
N SER M 59 4.83 10.13 -36.60
CA SER M 59 4.35 9.70 -35.30
C SER M 59 4.04 10.87 -34.36
N GLY M 60 4.27 12.11 -34.82
CA GLY M 60 3.99 13.28 -34.03
C GLY M 60 2.52 13.59 -33.97
N SER M 61 2.22 14.64 -33.20
CA SER M 61 0.85 15.05 -32.97
C SER M 61 0.24 15.68 -34.22
N TYR M 62 -1.07 15.51 -34.37
CA TYR M 62 -1.86 16.17 -35.41
C TYR M 62 -2.73 17.18 -34.73
N VAL M 63 -2.39 18.44 -34.90
CA VAL M 63 -3.16 19.51 -34.33
C VAL M 63 -4.45 19.69 -35.12
N PRO M 64 -5.61 19.65 -34.43
CA PRO M 64 -6.85 19.91 -35.12
C PRO M 64 -7.03 21.37 -35.48
N ARG M 65 -7.70 21.62 -36.60
CA ARG M 65 -8.04 22.96 -37.01
C ARG M 65 -9.18 23.44 -36.17
N ALA M 66 -8.85 23.95 -34.99
CA ALA M 66 -9.86 24.29 -33.99
C ALA M 66 -9.35 25.33 -33.07
N ILE M 67 -10.08 26.44 -33.02
CA ILE M 67 -9.88 27.49 -32.04
C ILE M 67 -10.99 27.49 -30.99
N MET M 68 -10.65 27.34 -29.74
CA MET M 68 -11.61 27.33 -28.67
C MET M 68 -11.66 28.66 -27.91
N VAL M 69 -12.75 29.38 -28.04
CA VAL M 69 -12.85 30.71 -27.56
C VAL M 69 -13.90 30.82 -26.49
N ASP M 70 -13.50 31.25 -25.30
CA ASP M 70 -14.49 31.52 -24.25
C ASP M 70 -13.90 32.46 -23.26
N LEU M 71 -14.74 33.34 -22.76
CA LEU M 71 -14.31 34.42 -21.94
C LEU M 71 -14.09 34.04 -20.48
N GLU M 72 -14.53 32.83 -20.13
CA GLU M 72 -14.35 32.20 -18.83
C GLU M 72 -13.21 31.17 -18.91
N PRO M 73 -12.30 31.17 -17.95
CA PRO M 73 -11.13 30.34 -18.09
C PRO M 73 -11.33 28.88 -17.80
N SER M 74 -12.36 28.57 -17.01
CA SER M 74 -12.56 27.24 -16.47
C SER M 74 -12.99 26.22 -17.50
N VAL M 75 -13.42 26.67 -18.67
CA VAL M 75 -13.97 25.76 -19.66
C VAL M 75 -12.85 25.17 -20.49
N ILE M 76 -11.93 26.01 -20.93
CA ILE M 76 -10.82 25.55 -21.77
C ILE M 76 -9.73 24.91 -20.90
N ASP M 77 -9.60 25.36 -19.66
CA ASP M 77 -8.71 24.69 -18.73
C ASP M 77 -9.20 23.31 -18.37
N ASN M 78 -10.50 23.08 -18.48
CA ASN M 78 -11.02 21.72 -18.43
C ASN M 78 -10.60 20.95 -19.68
N VAL M 79 -10.57 21.61 -20.83
CA VAL M 79 -10.17 20.96 -22.07
C VAL M 79 -8.67 20.72 -22.09
N LYS M 80 -7.88 21.68 -21.62
CA LYS M 80 -6.43 21.52 -21.54
C LYS M 80 -6.04 20.38 -20.57
N ALA M 81 -6.85 20.15 -19.55
CA ALA M 81 -6.62 19.01 -18.67
C ALA M 81 -7.08 17.69 -19.31
N THR M 82 -7.95 17.76 -20.31
CA THR M 82 -8.51 16.56 -20.93
C THR M 82 -8.20 16.46 -22.42
N SER M 83 -7.14 17.12 -22.87
CA SER M 83 -6.64 16.94 -24.22
C SER M 83 -5.14 16.73 -24.30
N GLY M 84 -4.37 17.18 -23.32
CA GLY M 84 -2.93 17.00 -23.34
C GLY M 84 -2.31 17.90 -24.39
N SER M 85 -1.46 17.30 -25.24
CA SER M 85 -0.80 18.04 -26.30
C SER M 85 -1.52 17.87 -27.63
N LEU M 86 -2.84 17.75 -27.61
CA LEU M 86 -3.61 17.58 -28.83
C LEU M 86 -3.86 18.87 -29.56
N PHE M 87 -4.51 19.82 -28.88
CA PHE M 87 -4.79 21.09 -29.51
C PHE M 87 -3.54 21.94 -29.56
N ASN M 88 -3.58 22.94 -30.42
CA ASN M 88 -2.56 23.97 -30.37
C ASN M 88 -2.92 24.98 -29.30
N PRO M 89 -2.14 25.08 -28.22
CA PRO M 89 -2.57 25.93 -27.12
C PRO M 89 -2.45 27.42 -27.39
N ALA M 90 -1.99 27.81 -28.57
CA ALA M 90 -2.18 29.17 -29.04
C ALA M 90 -3.62 29.42 -29.56
N ASN M 91 -4.33 28.36 -29.90
CA ASN M 91 -5.74 28.42 -30.30
C ASN M 91 -6.69 28.30 -29.14
N LEU M 92 -6.22 27.86 -27.99
CA LEU M 92 -7.08 27.63 -26.83
C LEU M 92 -7.09 28.89 -26.02
N ILE M 93 -7.77 29.91 -26.54
CA ILE M 93 -7.78 31.25 -25.99
C ILE M 93 -8.81 31.29 -24.85
N SER M 94 -8.44 31.94 -23.75
CA SER M 94 -9.33 32.13 -22.62
C SER M 94 -9.11 33.51 -22.02
N ARG M 95 -10.11 33.98 -21.29
CA ARG M 95 -10.04 35.22 -20.53
C ARG M 95 -10.41 34.98 -19.08
N THR M 96 -10.63 36.04 -18.31
CA THR M 96 -10.83 35.92 -16.89
C THR M 96 -12.28 36.17 -16.49
N GLU M 97 -12.85 37.26 -16.97
CA GLU M 97 -14.10 37.78 -16.42
C GLU M 97 -15.32 36.98 -16.85
N GLY M 98 -15.35 36.52 -18.09
CA GLY M 98 -16.54 35.87 -18.62
C GLY M 98 -17.58 36.87 -19.07
N ALA M 99 -18.69 36.37 -19.60
CA ALA M 99 -19.76 37.22 -20.12
C ALA M 99 -21.04 37.18 -19.30
N GLY M 100 -21.53 35.97 -19.13
CA GLY M 100 -22.58 35.74 -18.15
C GLY M 100 -23.91 36.24 -18.61
N GLY M 101 -24.41 35.59 -19.65
CA GLY M 101 -25.75 35.83 -20.19
C GLY M 101 -25.90 37.20 -20.78
N ASN M 102 -24.81 37.92 -20.96
CA ASN M 102 -24.88 39.28 -21.49
C ASN M 102 -24.31 39.21 -22.88
N PHE M 103 -25.19 39.34 -23.87
CA PHE M 103 -24.79 39.41 -25.27
C PHE M 103 -23.78 40.51 -25.53
N ALA M 104 -24.00 41.64 -24.89
CA ALA M 104 -23.19 42.79 -25.13
C ALA M 104 -21.91 42.76 -24.30
N VAL M 105 -21.45 41.58 -23.85
CA VAL M 105 -20.09 41.39 -23.42
C VAL M 105 -19.32 40.53 -24.44
N GLY M 106 -19.95 39.47 -24.91
CA GLY M 106 -19.34 38.66 -25.98
C GLY M 106 -19.27 39.36 -27.31
N TYR M 107 -20.23 40.22 -27.59
CA TYR M 107 -20.29 40.89 -28.89
C TYR M 107 -19.52 42.19 -28.87
N LEU M 108 -19.87 43.05 -27.93
CA LEU M 108 -19.24 44.35 -27.78
C LEU M 108 -18.71 44.52 -26.36
N GLY M 109 -17.53 43.99 -26.09
CA GLY M 109 -17.03 43.94 -24.73
C GLY M 109 -15.77 43.10 -24.62
N ALA M 110 -15.81 42.11 -23.73
CA ALA M 110 -14.68 41.21 -23.56
C ALA M 110 -14.46 40.34 -24.79
N GLY M 111 -15.51 40.17 -25.60
CA GLY M 111 -15.37 39.45 -26.86
C GLY M 111 -14.79 40.31 -27.95
N ARG M 112 -14.97 41.62 -27.82
CA ARG M 112 -14.33 42.55 -28.72
C ARG M 112 -12.82 42.57 -28.45
N GLU M 113 -12.42 42.31 -27.20
CA GLU M 113 -11.01 42.29 -26.86
C GLU M 113 -10.30 41.08 -27.47
N VAL M 114 -10.95 39.92 -27.46
CA VAL M 114 -10.35 38.72 -28.01
C VAL M 114 -10.40 38.64 -29.52
N LEU M 115 -11.21 39.49 -30.15
CA LEU M 115 -11.38 39.41 -31.57
C LEU M 115 -10.10 39.74 -32.38
N PRO M 116 -9.22 40.68 -31.97
CA PRO M 116 -7.94 40.69 -32.67
C PRO M 116 -7.05 39.47 -32.42
N GLU M 117 -7.26 38.75 -31.33
CA GLU M 117 -6.49 37.55 -31.04
C GLU M 117 -7.10 36.30 -31.62
N VAL M 118 -8.42 36.22 -31.68
CA VAL M 118 -9.10 35.10 -32.32
C VAL M 118 -8.90 35.11 -33.83
N MET M 119 -9.09 36.26 -34.46
CA MET M 119 -8.91 36.36 -35.90
C MET M 119 -7.45 36.24 -36.33
N SER M 120 -6.53 36.49 -35.42
CA SER M 120 -5.13 36.21 -35.69
C SER M 120 -4.78 34.75 -35.53
N ARG M 121 -5.75 33.92 -35.16
CA ARG M 121 -5.56 32.48 -35.15
C ARG M 121 -6.37 31.74 -36.17
N LEU M 122 -7.51 32.29 -36.57
CA LEU M 122 -8.18 31.81 -37.79
C LEU M 122 -7.32 32.08 -39.04
N ASP M 123 -6.66 33.23 -39.07
CA ASP M 123 -5.74 33.51 -40.14
C ASP M 123 -4.54 32.58 -40.08
N TYR M 124 -4.17 32.11 -38.89
CA TYR M 124 -3.15 31.10 -38.78
C TYR M 124 -3.64 29.77 -39.30
N GLU M 125 -4.91 29.44 -39.08
CA GLU M 125 -5.43 28.16 -39.55
C GLU M 125 -5.68 28.16 -41.04
N ILE M 126 -6.32 29.21 -41.54
CA ILE M 126 -6.72 29.28 -42.93
C ILE M 126 -5.48 29.35 -43.86
N ASP M 127 -4.45 30.07 -43.46
CA ASP M 127 -3.23 30.08 -44.25
C ASP M 127 -2.53 28.72 -44.21
N LYS M 128 -2.72 27.98 -43.11
CA LYS M 128 -2.20 26.63 -42.98
C LYS M 128 -3.05 25.61 -43.78
N CYS M 129 -4.30 25.94 -44.08
CA CYS M 129 -5.16 25.07 -44.88
C CYS M 129 -4.71 24.99 -46.33
N ASP M 130 -5.04 23.87 -46.97
CA ASP M 130 -4.80 23.71 -48.40
C ASP M 130 -5.74 24.62 -49.18
N ASN M 131 -7.05 24.38 -49.07
CA ASN M 131 -8.09 25.34 -49.44
C ASN M 131 -9.34 25.09 -48.66
N VAL M 132 -9.52 25.90 -47.62
CA VAL M 132 -10.57 25.73 -46.63
C VAL M 132 -11.93 26.04 -47.23
N GLY M 133 -12.88 25.16 -46.99
CA GLY M 133 -14.19 25.26 -47.60
C GLY M 133 -15.28 25.06 -46.59
N GLY M 134 -15.06 25.58 -45.40
CA GLY M 134 -16.12 25.59 -44.39
C GLY M 134 -15.61 25.86 -43.02
N ILE M 135 -16.43 26.54 -42.22
CA ILE M 135 -16.08 26.87 -40.85
C ILE M 135 -17.26 26.54 -39.99
N ILE M 136 -17.08 25.54 -39.12
CA ILE M 136 -18.14 25.01 -38.30
C ILE M 136 -18.02 25.60 -36.91
N VAL M 137 -18.75 26.67 -36.67
CA VAL M 137 -18.66 27.37 -35.40
C VAL M 137 -19.62 26.67 -34.46
N LEU M 138 -19.06 26.17 -33.36
CA LEU M 138 -19.87 25.50 -32.33
C LEU M 138 -20.09 26.42 -31.19
N HIS M 139 -21.36 26.74 -30.95
CA HIS M 139 -21.71 27.59 -29.84
C HIS M 139 -23.08 27.27 -29.37
N ALA M 140 -23.62 28.12 -28.50
CA ALA M 140 -25.02 28.11 -28.15
C ALA M 140 -25.67 29.40 -28.59
N ILE M 141 -26.97 29.41 -28.64
CA ILE M 141 -27.68 30.64 -28.97
C ILE M 141 -28.39 31.07 -27.71
N GLY M 142 -27.79 30.79 -26.57
CA GLY M 142 -28.41 31.16 -25.34
C GLY M 142 -27.64 32.05 -24.41
N GLY M 143 -26.33 32.01 -24.49
CA GLY M 143 -25.51 32.61 -23.47
C GLY M 143 -25.04 33.99 -23.85
N GLY M 144 -24.01 34.42 -23.13
CA GLY M 144 -23.38 35.70 -23.37
C GLY M 144 -22.14 35.59 -24.19
N THR M 145 -21.52 34.41 -24.20
CA THR M 145 -20.31 34.19 -24.94
C THR M 145 -20.57 33.48 -26.23
N GLY M 146 -21.20 32.33 -26.16
CA GLY M 146 -21.48 31.54 -27.37
C GLY M 146 -22.45 32.24 -28.29
N SER M 147 -23.47 32.87 -27.72
CA SER M 147 -24.41 33.66 -28.51
C SER M 147 -23.92 35.11 -28.70
N GLY M 148 -23.00 35.55 -27.87
CA GLY M 148 -22.44 36.88 -28.01
C GLY M 148 -21.27 36.95 -28.94
N PHE M 149 -20.23 36.20 -28.64
CA PHE M 149 -19.05 36.21 -29.45
C PHE M 149 -19.29 35.41 -30.73
N GLY M 150 -20.16 34.42 -30.66
CA GLY M 150 -20.56 33.68 -31.87
C GLY M 150 -21.28 34.55 -32.87
N ALA M 151 -22.03 35.52 -32.38
CA ALA M 151 -22.59 36.52 -33.26
C ALA M 151 -21.52 37.52 -33.71
N LEU M 152 -20.51 37.74 -32.89
CA LEU M 152 -19.46 38.64 -33.28
C LEU M 152 -18.53 37.97 -34.29
N LEU M 153 -18.12 36.74 -34.01
CA LEU M 153 -17.09 36.09 -34.78
C LEU M 153 -17.54 35.78 -36.19
N ILE M 154 -18.76 35.30 -36.33
CA ILE M 154 -19.28 34.93 -37.64
C ILE M 154 -19.47 36.20 -38.49
N GLU M 155 -19.92 37.29 -37.87
CA GLU M 155 -19.93 38.57 -38.57
C GLU M 155 -18.56 39.17 -38.71
N SER M 156 -17.53 38.63 -38.07
CA SER M 156 -16.16 39.08 -38.29
C SER M 156 -15.39 38.18 -39.22
N LEU M 157 -16.04 37.16 -39.77
CA LEU M 157 -15.37 36.13 -40.56
C LEU M 157 -15.91 36.09 -41.98
N LYS M 158 -17.23 36.13 -42.17
CA LYS M 158 -17.79 36.30 -43.50
C LYS M 158 -17.52 37.75 -44.01
N GLU M 159 -17.43 38.70 -43.09
CA GLU M 159 -17.03 40.05 -43.46
C GLU M 159 -15.60 40.10 -43.97
N LYS M 160 -14.75 39.22 -43.45
CA LYS M 160 -13.35 39.18 -43.85
C LYS M 160 -13.13 38.29 -45.07
N TYR M 161 -13.71 37.09 -45.04
CA TYR M 161 -13.48 36.10 -46.11
C TYR M 161 -14.62 36.04 -47.10
N GLY M 162 -15.79 35.64 -46.62
CA GLY M 162 -16.99 35.69 -47.45
C GLY M 162 -17.18 34.61 -48.48
N GLU M 163 -16.10 34.01 -48.96
CA GLU M 163 -16.18 32.92 -49.93
C GLU M 163 -16.07 31.57 -49.23
N ILE M 164 -16.68 31.43 -48.06
CA ILE M 164 -16.51 30.26 -47.25
C ILE M 164 -17.80 30.01 -46.46
N PRO M 165 -18.24 28.76 -46.38
CA PRO M 165 -19.44 28.47 -45.60
C PRO M 165 -19.21 28.55 -44.10
N VAL M 166 -20.18 29.12 -43.38
CA VAL M 166 -20.16 29.17 -41.94
C VAL M 166 -21.33 28.40 -41.40
N LEU M 167 -21.13 27.13 -41.10
CA LEU M 167 -22.18 26.30 -40.48
C LEU M 167 -22.13 26.42 -38.98
N SER M 168 -22.96 27.32 -38.45
CA SER M 168 -22.99 27.57 -37.03
C SER M 168 -23.76 26.47 -36.31
N CYS M 169 -23.04 25.39 -35.93
CA CYS M 169 -23.66 24.25 -35.23
C CYS M 169 -23.94 24.64 -33.83
N ALA M 170 -25.17 25.05 -33.58
CA ALA M 170 -25.50 25.83 -32.40
C ALA M 170 -26.58 25.20 -31.59
N VAL M 171 -26.67 25.58 -30.34
CA VAL M 171 -27.58 24.93 -29.40
C VAL M 171 -28.61 25.95 -28.96
N LEU M 172 -29.86 25.74 -29.41
CA LEU M 172 -30.94 26.61 -29.07
C LEU M 172 -31.31 26.47 -27.60
N PRO M 173 -31.99 27.51 -27.06
CA PRO M 173 -32.56 27.40 -25.73
C PRO M 173 -33.66 26.39 -25.64
N SER M 174 -33.60 25.58 -24.59
CA SER M 174 -34.65 24.61 -24.34
C SER M 174 -35.89 25.37 -23.86
N PRO M 175 -37.07 25.01 -24.38
CA PRO M 175 -38.29 25.73 -23.98
C PRO M 175 -38.90 25.23 -22.68
N GLN M 176 -38.43 24.10 -22.17
CA GLN M 176 -38.95 23.55 -20.93
C GLN M 176 -38.54 24.42 -19.71
N VAL M 177 -37.32 24.93 -19.75
CA VAL M 177 -36.79 25.81 -18.74
C VAL M 177 -35.60 26.53 -19.36
N SER M 178 -35.42 27.81 -19.01
CA SER M 178 -34.33 28.56 -19.56
C SER M 178 -33.11 28.46 -18.66
N SER M 179 -31.98 28.06 -19.22
CA SER M 179 -30.74 27.96 -18.46
C SER M 179 -30.09 29.34 -18.20
N VAL M 180 -30.50 30.37 -18.93
CA VAL M 180 -30.13 31.73 -18.68
C VAL M 180 -31.41 32.55 -18.52
N VAL M 181 -31.42 33.52 -17.64
CA VAL M 181 -32.60 34.38 -17.47
C VAL M 181 -32.75 35.34 -18.65
N THR M 182 -31.64 35.74 -19.28
CA THR M 182 -31.67 36.59 -20.48
C THR M 182 -31.52 35.80 -21.74
N GLU M 183 -31.98 34.55 -21.73
CA GLU M 183 -31.79 33.61 -22.85
C GLU M 183 -32.70 33.84 -24.04
N PRO M 184 -33.97 34.28 -23.86
CA PRO M 184 -34.68 34.75 -25.07
C PRO M 184 -34.25 36.10 -25.61
N TYR M 185 -33.53 36.88 -24.85
CA TYR M 185 -32.81 38.01 -25.40
C TYR M 185 -31.72 37.51 -26.29
N ASN M 186 -30.79 36.75 -25.73
CA ASN M 186 -29.51 36.45 -26.38
C ASN M 186 -29.64 35.66 -27.64
N THR M 187 -30.74 34.96 -27.83
CA THR M 187 -30.99 34.28 -29.07
C THR M 187 -31.29 35.30 -30.18
N VAL M 188 -32.22 36.18 -29.92
CA VAL M 188 -32.66 37.15 -30.90
C VAL M 188 -31.51 38.06 -31.27
N PHE M 189 -30.59 38.36 -30.37
CA PHE M 189 -29.41 39.12 -30.71
C PHE M 189 -28.47 38.30 -31.58
N ALA M 190 -28.47 36.98 -31.42
CA ALA M 190 -27.67 36.12 -32.29
C ALA M 190 -28.44 35.75 -33.55
N LEU M 191 -29.75 35.83 -33.55
CA LEU M 191 -30.49 35.60 -34.78
C LEU M 191 -30.37 36.76 -35.77
N ASN M 192 -29.73 37.86 -35.39
CA ASN M 192 -29.26 38.80 -36.33
C ASN M 192 -28.14 38.10 -37.13
N THR M 193 -27.10 37.61 -36.44
CA THR M 193 -25.97 37.08 -37.11
C THR M 193 -26.28 35.77 -37.81
N LEU M 194 -26.89 34.85 -37.08
CA LEU M 194 -27.10 33.50 -37.60
C LEU M 194 -28.13 33.43 -38.70
N ARG M 195 -28.83 34.55 -38.98
CA ARG M 195 -29.63 34.68 -40.18
C ARG M 195 -28.91 35.41 -41.30
N ARG M 196 -28.14 36.45 -40.96
CA ARG M 196 -27.63 37.33 -41.97
C ARG M 196 -26.22 36.91 -42.44
N SER M 197 -25.31 36.65 -41.49
CA SER M 197 -23.91 36.47 -41.84
C SER M 197 -23.41 35.06 -41.65
N ALA M 198 -24.30 34.13 -41.37
CA ALA M 198 -23.94 32.71 -41.33
C ALA M 198 -24.65 32.03 -42.50
N ASP M 199 -23.96 31.15 -43.20
CA ASP M 199 -24.55 30.46 -44.34
C ASP M 199 -25.56 29.40 -43.91
N ALA M 200 -25.39 28.85 -42.72
CA ALA M 200 -26.39 27.95 -42.11
C ALA M 200 -26.17 27.89 -40.62
N CYS M 201 -27.25 27.72 -39.88
CA CYS M 201 -27.16 27.56 -38.45
C CYS M 201 -27.82 26.25 -38.09
N LEU M 202 -27.00 25.22 -37.91
CA LEU M 202 -27.50 23.92 -37.46
C LEU M 202 -27.89 24.02 -36.00
N ILE M 203 -29.19 23.85 -35.71
CA ILE M 203 -29.68 24.03 -34.35
C ILE M 203 -29.59 22.70 -33.58
N PHE M 204 -29.66 22.81 -32.26
CA PHE M 204 -29.83 21.68 -31.37
C PHE M 204 -30.59 22.23 -30.18
N ASP M 205 -31.37 21.39 -29.55
CA ASP M 205 -32.22 21.84 -28.45
C ASP M 205 -32.07 20.90 -27.27
N ASN M 206 -31.85 21.47 -26.10
CA ASN M 206 -31.54 20.67 -24.94
C ASN M 206 -32.73 19.90 -24.40
N GLU M 207 -33.96 20.25 -24.79
CA GLU M 207 -35.07 19.43 -24.39
C GLU M 207 -35.08 18.12 -25.19
N ALA M 208 -34.95 18.22 -26.50
CA ALA M 208 -34.99 17.03 -27.37
C ALA M 208 -33.77 16.14 -27.18
N LEU M 209 -32.66 16.73 -26.84
CA LEU M 209 -31.48 15.97 -26.59
C LEU M 209 -31.52 15.29 -25.21
N PHE M 210 -32.40 15.72 -24.32
CA PHE M 210 -32.67 14.95 -23.13
C PHE M 210 -33.54 13.77 -23.46
N ASP M 211 -34.58 13.96 -24.26
CA ASP M 211 -35.50 12.87 -24.58
C ASP M 211 -34.88 11.80 -25.45
N LEU M 212 -33.94 12.18 -26.28
CA LEU M 212 -33.26 11.23 -27.15
C LEU M 212 -32.08 10.54 -26.50
N ALA M 213 -31.82 10.83 -25.25
CA ALA M 213 -30.90 10.04 -24.45
C ALA M 213 -31.59 9.34 -23.30
N HIS M 214 -32.77 9.80 -22.91
CA HIS M 214 -33.54 9.14 -21.85
C HIS M 214 -34.39 8.01 -22.42
N ARG M 215 -35.19 8.31 -23.44
CA ARG M 215 -36.08 7.32 -24.01
C ARG M 215 -35.36 6.42 -25.03
N LYS M 216 -34.29 6.91 -25.62
CA LYS M 216 -33.61 6.21 -26.70
C LYS M 216 -32.29 5.58 -26.26
N TRP M 217 -31.46 6.30 -25.52
CA TRP M 217 -30.25 5.73 -24.93
C TRP M 217 -30.48 5.20 -23.51
N ASN M 218 -31.75 5.00 -23.15
CA ASN M 218 -32.24 4.32 -21.95
C ASN M 218 -31.44 4.51 -20.67
N ILE M 219 -31.10 5.77 -20.38
CA ILE M 219 -30.51 6.13 -19.10
C ILE M 219 -31.47 7.05 -18.37
N GLU M 220 -31.28 7.17 -17.07
CA GLU M 220 -32.20 7.93 -16.22
C GLU M 220 -31.97 9.43 -16.35
N SER M 221 -30.77 9.87 -16.01
CA SER M 221 -30.40 11.29 -16.07
C SER M 221 -29.34 11.49 -17.18
N PRO M 222 -29.77 12.03 -18.33
CA PRO M 222 -28.80 12.35 -19.35
C PRO M 222 -28.00 13.60 -18.99
N THR M 223 -26.73 13.40 -18.70
CA THR M 223 -25.86 14.54 -18.38
C THR M 223 -25.45 15.28 -19.66
N VAL M 224 -24.70 16.35 -19.47
CA VAL M 224 -24.19 17.13 -20.57
C VAL M 224 -22.98 16.45 -21.19
N ASP M 225 -22.52 15.38 -20.57
CA ASP M 225 -21.57 14.50 -21.22
C ASP M 225 -22.25 13.72 -22.35
N ASP M 226 -23.55 13.47 -22.23
CA ASP M 226 -24.32 12.75 -23.24
C ASP M 226 -25.18 13.63 -24.11
N LEU M 227 -25.43 14.85 -23.71
CA LEU M 227 -25.98 15.80 -24.69
C LEU M 227 -24.90 16.14 -25.73
N ASN M 228 -23.68 16.32 -25.28
CA ASN M 228 -22.57 16.64 -26.16
C ASN M 228 -22.01 15.41 -26.82
N LEU M 229 -22.71 14.29 -26.80
CA LEU M 229 -22.40 13.11 -27.59
C LEU M 229 -23.49 12.77 -28.59
N LEU M 230 -24.74 13.09 -28.29
CA LEU M 230 -25.78 13.09 -29.30
C LEU M 230 -25.53 14.16 -30.37
N ILE M 231 -25.09 15.35 -29.93
CA ILE M 231 -24.75 16.40 -30.87
C ILE M 231 -23.50 15.97 -31.59
N THR M 232 -22.53 15.44 -30.88
CA THR M 232 -21.24 15.10 -31.44
C THR M 232 -21.39 14.08 -32.53
N GLU M 233 -22.09 13.01 -32.25
CA GLU M 233 -22.30 11.94 -33.21
C GLU M 233 -23.07 12.39 -34.44
N ALA M 234 -23.85 13.43 -34.30
CA ALA M 234 -24.43 14.11 -35.44
C ALA M 234 -23.42 15.05 -36.12
N LEU M 235 -22.60 15.75 -35.34
CA LEU M 235 -21.59 16.64 -35.95
C LEU M 235 -20.43 15.83 -36.51
N ALA M 236 -20.18 14.65 -35.94
CA ALA M 236 -19.25 13.70 -36.55
C ALA M 236 -19.96 12.84 -37.57
N GLY M 237 -21.21 13.13 -37.88
CA GLY M 237 -21.92 12.47 -38.92
C GLY M 237 -22.08 13.32 -40.15
N ILE M 238 -22.34 14.61 -39.96
CA ILE M 238 -22.43 15.52 -41.12
C ILE M 238 -21.07 15.82 -41.68
N THR M 239 -20.01 15.54 -40.92
CA THR M 239 -18.66 15.77 -41.36
C THR M 239 -17.92 14.48 -41.71
N ALA M 240 -18.63 13.39 -41.85
CA ALA M 240 -18.02 12.18 -42.35
C ALA M 240 -17.90 12.21 -43.86
N SER M 241 -18.73 12.99 -44.55
CA SER M 241 -18.56 13.18 -45.97
C SER M 241 -17.41 14.10 -46.28
N MET M 242 -17.01 14.92 -45.31
CA MET M 242 -15.95 15.90 -45.51
C MET M 242 -14.58 15.28 -45.28
N ARG M 243 -14.53 14.24 -44.45
CA ARG M 243 -13.29 13.71 -43.91
C ARG M 243 -12.87 12.38 -44.45
N PHE M 244 -13.70 11.75 -45.27
CA PHE M 244 -13.49 10.38 -45.69
C PHE M 244 -13.54 10.30 -47.21
N SER M 245 -12.54 9.64 -47.77
CA SER M 245 -12.44 9.40 -49.21
C SER M 245 -12.32 7.90 -49.41
N GLY M 246 -13.47 7.23 -49.43
CA GLY M 246 -13.51 5.79 -49.31
C GLY M 246 -13.89 5.06 -50.59
N PHE M 247 -14.85 4.15 -50.48
CA PHE M 247 -15.25 3.29 -51.57
C PHE M 247 -16.15 4.03 -52.55
N LEU M 248 -17.32 4.43 -52.08
CA LEU M 248 -18.28 5.21 -52.89
C LEU M 248 -18.78 6.37 -52.06
N THR M 249 -17.86 7.00 -51.34
CA THR M 249 -18.20 8.07 -50.45
C THR M 249 -18.63 9.30 -51.24
N VAL M 250 -19.87 9.71 -51.05
CA VAL M 250 -20.35 10.94 -51.65
C VAL M 250 -19.77 12.11 -50.83
N GLU M 251 -18.70 12.69 -51.37
CA GLU M 251 -17.91 13.65 -50.63
C GLU M 251 -18.61 14.98 -50.66
N ILE M 252 -19.35 15.26 -49.59
CA ILE M 252 -20.16 16.46 -49.51
C ILE M 252 -19.41 17.51 -48.69
N THR M 253 -18.96 18.56 -49.36
CA THR M 253 -18.43 19.72 -48.70
C THR M 253 -19.53 20.50 -48.03
N LEU M 254 -19.17 21.50 -47.22
CA LEU M 254 -20.16 22.31 -46.56
C LEU M 254 -20.95 23.07 -47.63
N ARG M 255 -20.27 23.69 -48.62
CA ARG M 255 -20.96 24.37 -49.68
C ARG M 255 -21.81 23.42 -50.50
N GLU M 256 -21.30 22.19 -50.60
CA GLU M 256 -22.01 21.11 -51.30
C GLU M 256 -23.18 20.62 -50.48
N LEU M 257 -23.13 20.86 -49.18
CA LEU M 257 -24.25 20.57 -48.29
C LEU M 257 -25.19 21.68 -48.23
N LEU M 258 -24.75 22.92 -48.35
CA LEU M 258 -25.66 24.04 -48.15
C LEU M 258 -26.32 24.52 -49.44
N THR M 259 -25.73 24.18 -50.58
CA THR M 259 -26.42 24.40 -51.85
C THR M 259 -27.65 23.51 -51.94
N ASN M 260 -27.60 22.35 -51.35
CA ASN M 260 -28.76 21.45 -51.26
C ASN M 260 -29.71 21.78 -50.13
N LEU M 261 -29.30 22.64 -49.19
CA LEU M 261 -30.08 22.83 -48.01
C LEU M 261 -30.39 24.24 -47.68
N VAL M 262 -29.85 25.22 -48.38
CA VAL M 262 -30.31 26.59 -48.17
C VAL M 262 -31.01 27.00 -49.44
N PRO M 263 -32.35 26.95 -49.47
CA PRO M 263 -33.13 27.30 -50.65
C PRO M 263 -33.02 28.84 -51.05
N GLN M 264 -33.23 29.76 -50.13
CA GLN M 264 -33.01 31.21 -50.40
C GLN M 264 -32.46 31.85 -49.12
N PRO M 265 -31.69 32.96 -49.23
CA PRO M 265 -30.78 33.35 -48.14
C PRO M 265 -31.30 33.57 -46.70
N SER M 266 -32.61 33.40 -46.48
CA SER M 266 -33.15 33.56 -45.15
C SER M 266 -33.80 32.27 -44.63
N LEU M 267 -33.47 31.14 -45.25
CA LEU M 267 -34.05 29.84 -44.87
C LEU M 267 -32.98 28.79 -44.63
N HIS M 268 -32.03 29.14 -43.77
CA HIS M 268 -30.91 28.28 -43.55
C HIS M 268 -30.72 27.87 -42.13
N PHE M 269 -31.81 27.74 -41.38
CA PHE M 269 -31.75 27.16 -40.06
C PHE M 269 -32.13 25.70 -40.22
N LEU M 270 -31.20 24.81 -39.93
CA LEU M 270 -31.36 23.40 -40.22
C LEU M 270 -31.49 22.68 -38.88
N MET M 271 -32.42 21.74 -38.84
CA MET M 271 -32.47 20.81 -37.74
C MET M 271 -31.53 19.65 -38.02
N CYS M 272 -31.57 18.63 -37.17
CA CYS M 272 -30.80 17.45 -37.38
C CYS M 272 -31.41 16.30 -36.66
N ALA M 273 -31.09 15.10 -37.12
CA ALA M 273 -31.48 13.87 -36.46
C ALA M 273 -30.48 12.78 -36.69
N PHE M 274 -30.48 11.79 -35.79
CA PHE M 274 -29.52 10.71 -35.87
C PHE M 274 -30.22 9.40 -35.77
N ALA M 275 -29.71 8.40 -36.50
CA ALA M 275 -30.18 7.02 -36.40
C ALA M 275 -28.97 6.14 -36.54
N PRO M 276 -28.94 5.01 -35.82
CA PRO M 276 -29.89 4.53 -34.83
C PRO M 276 -29.59 5.18 -33.50
N LEU M 277 -30.63 5.40 -32.71
CA LEU M 277 -30.42 5.81 -31.34
C LEU M 277 -30.40 4.60 -30.38
N THR M 278 -29.91 3.47 -30.87
CA THR M 278 -29.67 2.29 -30.06
C THR M 278 -28.62 2.61 -29.00
N PRO M 279 -28.89 2.24 -27.74
CA PRO M 279 -27.90 2.50 -26.67
C PRO M 279 -26.62 1.69 -26.87
N PRO M 280 -25.49 2.15 -26.29
CA PRO M 280 -24.22 1.44 -26.53
C PRO M 280 -24.02 0.11 -25.78
N ASP M 281 -25.09 -0.49 -25.28
CA ASP M 281 -25.01 -1.74 -24.52
C ASP M 281 -24.94 -3.00 -25.40
N ARG M 282 -24.55 -2.84 -26.68
CA ARG M 282 -24.46 -3.93 -27.66
C ARG M 282 -25.79 -4.66 -27.82
N SER M 283 -26.77 -3.93 -28.36
CA SER M 283 -28.05 -4.53 -28.75
C SER M 283 -27.91 -5.04 -30.19
N LYS M 284 -27.15 -6.13 -30.32
CA LYS M 284 -26.67 -6.59 -31.63
C LYS M 284 -27.79 -7.19 -32.49
N PHE M 285 -28.66 -7.96 -31.87
CA PHE M 285 -29.79 -8.53 -32.58
C PHE M 285 -30.94 -7.53 -32.73
N GLU M 286 -30.85 -6.39 -32.06
CA GLU M 286 -31.79 -5.29 -32.27
C GLU M 286 -31.16 -4.13 -33.06
N GLU M 287 -30.07 -4.39 -33.78
CA GLU M 287 -29.51 -3.36 -34.66
C GLU M 287 -30.43 -3.14 -35.86
N LEU M 288 -30.64 -1.88 -36.20
CA LEU M 288 -31.70 -1.50 -37.13
C LEU M 288 -31.22 -1.53 -38.57
N GLY M 289 -32.04 -2.08 -39.45
CA GLY M 289 -31.81 -2.02 -40.89
C GLY M 289 -32.16 -0.66 -41.46
N ILE M 290 -31.84 -0.49 -42.73
CA ILE M 290 -32.00 0.80 -43.39
C ILE M 290 -33.47 1.12 -43.66
N GLU M 291 -34.30 0.10 -43.74
CA GLU M 291 -35.73 0.34 -43.96
C GLU M 291 -36.40 0.89 -42.71
N GLU M 292 -35.80 0.65 -41.54
CA GLU M 292 -36.39 1.04 -40.25
C GLU M 292 -35.62 2.12 -39.48
N MET M 293 -34.37 2.40 -39.87
CA MET M 293 -33.71 3.58 -39.35
C MET M 293 -34.39 4.83 -39.87
N ILE M 294 -34.81 4.82 -41.13
CA ILE M 294 -35.46 5.94 -41.75
C ILE M 294 -36.88 6.11 -41.17
N LYS M 295 -37.47 5.02 -40.72
CA LYS M 295 -38.68 5.09 -39.92
C LYS M 295 -38.43 5.72 -38.55
N SER M 296 -37.20 5.60 -38.04
CA SER M 296 -36.82 6.23 -36.77
C SER M 296 -36.11 7.56 -36.94
N LEU M 297 -35.74 7.92 -38.16
CA LEU M 297 -35.23 9.26 -38.42
C LEU M 297 -36.33 10.27 -38.24
N PHE M 298 -37.47 9.99 -38.87
CA PHE M 298 -38.49 11.00 -39.03
C PHE M 298 -39.63 10.95 -38.00
N ASP M 299 -39.37 10.41 -36.82
CA ASP M 299 -40.31 10.52 -35.74
C ASP M 299 -40.34 11.95 -35.22
N ASN M 300 -41.44 12.33 -34.61
CA ASN M 300 -41.56 13.66 -34.02
C ASN M 300 -40.59 13.85 -32.86
N GLY M 301 -40.46 12.82 -32.05
CA GLY M 301 -39.42 12.76 -31.03
C GLY M 301 -38.25 11.97 -31.58
N SER M 302 -37.65 12.48 -32.67
CA SER M 302 -36.37 11.96 -33.15
C SER M 302 -35.40 13.04 -33.64
N VAL M 303 -35.86 14.26 -33.86
CA VAL M 303 -34.98 15.31 -34.25
C VAL M 303 -34.41 16.00 -33.03
N PHE M 304 -33.30 16.68 -33.22
CA PHE M 304 -32.63 17.37 -32.13
C PHE M 304 -33.19 18.79 -32.01
N ALA M 305 -34.49 18.91 -31.82
CA ALA M 305 -35.15 20.21 -31.86
C ALA M 305 -36.42 20.15 -31.03
N ALA M 306 -36.80 21.28 -30.47
CA ALA M 306 -37.98 21.35 -29.62
C ALA M 306 -39.25 21.15 -30.43
N CYS M 307 -39.22 21.55 -31.71
CA CYS M 307 -40.42 21.49 -32.54
C CYS M 307 -40.77 20.07 -32.92
N SER M 308 -42.00 19.91 -33.39
CA SER M 308 -42.44 18.64 -33.93
C SER M 308 -42.25 18.66 -35.44
N PRO M 309 -41.29 17.89 -35.97
CA PRO M 309 -40.95 18.00 -37.40
C PRO M 309 -42.03 17.56 -38.39
N MET M 310 -42.71 16.45 -38.14
CA MET M 310 -43.73 16.01 -39.06
C MET M 310 -45.03 16.78 -38.90
N GLU M 311 -45.15 17.65 -37.91
CA GLU M 311 -46.30 18.55 -37.84
C GLU M 311 -46.14 19.77 -38.73
N GLY M 312 -44.97 19.94 -39.34
CA GLY M 312 -44.75 21.03 -40.31
C GLY M 312 -44.02 20.54 -41.54
N ARG M 313 -43.62 21.48 -42.38
CA ARG M 313 -43.20 21.18 -43.75
C ARG M 313 -41.70 21.08 -43.88
N PHE M 314 -41.20 19.89 -44.24
CA PHE M 314 -39.77 19.69 -44.56
C PHE M 314 -39.45 20.37 -45.88
N LEU M 315 -38.66 21.41 -45.81
CA LEU M 315 -38.42 22.20 -46.98
C LEU M 315 -37.28 21.65 -47.79
N SER M 316 -36.19 21.35 -47.13
CA SER M 316 -35.02 20.74 -47.79
C SER M 316 -34.46 19.71 -46.82
N THR M 317 -34.18 18.52 -47.34
CA THR M 317 -33.82 17.39 -46.50
C THR M 317 -32.52 16.77 -47.01
N ALA M 318 -31.65 16.34 -46.11
CA ALA M 318 -30.38 15.75 -46.51
C ALA M 318 -30.06 14.62 -45.58
N VAL M 319 -30.32 13.42 -46.05
CA VAL M 319 -30.15 12.23 -45.25
C VAL M 319 -28.79 11.70 -45.50
N LEU M 320 -27.91 11.78 -44.52
CA LEU M 320 -26.51 11.39 -44.67
C LEU M 320 -26.29 10.02 -44.07
N TYR M 321 -26.36 8.97 -44.89
CA TYR M 321 -25.99 7.63 -44.47
C TYR M 321 -24.51 7.60 -44.23
N ARG M 322 -24.09 6.78 -43.28
CA ARG M 322 -22.70 6.67 -42.94
C ARG M 322 -22.45 5.31 -42.32
N GLY M 323 -21.76 4.46 -43.05
CA GLY M 323 -21.43 3.13 -42.60
C GLY M 323 -21.54 2.09 -43.65
N ILE M 324 -21.48 0.84 -43.22
CA ILE M 324 -21.52 -0.30 -44.12
C ILE M 324 -22.94 -0.50 -44.62
N MET M 325 -23.14 -0.27 -45.92
CA MET M 325 -24.42 -0.52 -46.56
C MET M 325 -24.28 -1.72 -47.45
N GLU M 326 -25.23 -2.67 -47.34
CA GLU M 326 -25.35 -3.73 -48.34
C GLU M 326 -26.37 -3.39 -49.42
N ASP M 327 -27.30 -2.47 -49.12
CA ASP M 327 -28.52 -2.29 -49.90
C ASP M 327 -28.68 -0.89 -50.46
N LYS M 328 -28.11 -0.62 -51.62
CA LYS M 328 -28.36 0.67 -52.30
C LYS M 328 -29.78 0.87 -52.87
N PRO M 329 -30.41 -0.15 -53.49
CA PRO M 329 -31.80 0.15 -53.94
C PRO M 329 -32.82 0.04 -52.82
N LEU M 330 -32.52 -0.65 -51.72
CA LEU M 330 -33.38 -0.59 -50.54
C LEU M 330 -33.19 0.76 -49.84
N ALA M 331 -31.98 1.31 -49.93
CA ALA M 331 -31.80 2.73 -49.70
C ALA M 331 -32.52 3.52 -50.78
N ASP M 332 -32.91 4.73 -50.43
CA ASP M 332 -33.56 5.69 -51.33
C ASP M 332 -34.97 5.32 -51.72
N ALA M 333 -35.38 4.07 -51.49
CA ALA M 333 -36.74 3.60 -51.70
C ALA M 333 -37.53 3.61 -50.42
N ALA M 334 -36.84 3.48 -49.29
CA ALA M 334 -37.44 3.84 -48.03
C ALA M 334 -37.74 5.35 -48.02
N LEU M 335 -36.85 6.15 -48.60
CA LEU M 335 -37.10 7.58 -48.74
C LEU M 335 -38.20 7.85 -49.77
N ALA M 336 -38.43 6.94 -50.69
CA ALA M 336 -39.55 7.07 -51.63
C ALA M 336 -40.89 6.97 -50.91
N ALA M 337 -40.96 6.11 -49.90
CA ALA M 337 -42.10 6.13 -48.99
C ALA M 337 -42.09 7.42 -48.17
N MET M 338 -40.89 7.86 -47.79
CA MET M 338 -40.79 9.09 -47.01
C MET M 338 -40.99 10.34 -47.87
N ARG M 339 -40.94 10.22 -49.18
CA ARG M 339 -41.37 11.34 -50.01
C ARG M 339 -42.90 11.49 -49.91
N GLU M 340 -43.60 10.38 -49.69
CA GLU M 340 -45.06 10.39 -49.55
C GLU M 340 -45.51 10.66 -48.12
N LYS M 341 -44.83 10.08 -47.14
CA LYS M 341 -45.23 10.23 -45.74
C LYS M 341 -45.01 11.66 -45.20
N LEU M 342 -43.85 12.21 -45.50
CA LEU M 342 -43.41 13.43 -44.87
C LEU M 342 -44.03 14.64 -45.50
N PRO M 343 -44.30 15.68 -44.71
CA PRO M 343 -44.80 16.94 -45.33
C PRO M 343 -43.68 17.68 -46.03
N LEU M 344 -43.67 17.63 -47.35
CA LEU M 344 -42.68 18.33 -48.14
C LEU M 344 -43.25 19.63 -48.65
N THR M 345 -42.41 20.42 -49.31
CA THR M 345 -42.86 21.71 -49.82
C THR M 345 -42.71 21.74 -51.30
N TYR M 346 -43.77 21.43 -52.06
CA TYR M 346 -43.82 21.94 -53.45
C TYR M 346 -43.87 23.47 -53.35
N TRP M 347 -43.11 24.10 -54.24
CA TRP M 347 -42.08 25.11 -53.93
C TRP M 347 -40.71 24.45 -54.05
N ILE M 348 -40.67 23.11 -53.92
CA ILE M 348 -39.53 22.24 -54.25
C ILE M 348 -40.16 20.90 -54.66
N PRO M 349 -39.82 20.40 -55.84
CA PRO M 349 -40.32 19.09 -56.28
C PRO M 349 -39.77 17.94 -55.48
N THR M 350 -38.46 17.94 -55.32
CA THR M 350 -37.82 16.88 -54.56
C THR M 350 -36.53 17.42 -53.97
N ALA M 351 -36.28 16.96 -52.73
CA ALA M 351 -35.10 17.34 -52.01
C ALA M 351 -34.78 16.28 -51.00
N PHE M 352 -33.84 15.41 -51.36
CA PHE M 352 -33.21 14.50 -50.42
C PHE M 352 -31.75 14.36 -50.85
N LYS M 353 -30.86 15.19 -50.34
CA LYS M 353 -29.44 15.05 -50.66
C LYS M 353 -28.86 13.87 -49.84
N ILE M 354 -28.50 12.80 -50.53
CA ILE M 354 -28.18 11.55 -49.86
C ILE M 354 -26.71 11.29 -49.94
N GLY M 355 -26.04 11.40 -48.77
CA GLY M 355 -24.63 11.06 -48.60
C GLY M 355 -24.48 9.61 -48.20
N TYR M 356 -23.51 8.95 -48.82
CA TYR M 356 -23.01 7.70 -48.33
C TYR M 356 -21.56 7.91 -47.90
N VAL M 357 -21.20 7.29 -46.80
CA VAL M 357 -19.83 7.22 -46.34
C VAL M 357 -19.60 5.76 -45.92
N GLU M 358 -18.64 5.09 -46.52
CA GLU M 358 -18.39 3.70 -46.19
C GLU M 358 -17.69 3.56 -44.87
N GLN M 359 -17.01 4.60 -44.40
CA GLN M 359 -16.32 4.52 -43.11
C GLN M 359 -17.36 4.62 -41.99
N PRO M 360 -17.49 3.57 -41.18
CA PRO M 360 -18.56 3.55 -40.20
C PRO M 360 -18.27 4.43 -39.03
N GLY M 361 -19.32 4.70 -38.24
CA GLY M 361 -19.15 5.47 -37.02
C GLY M 361 -18.43 4.69 -35.94
N ILE M 362 -18.11 5.35 -34.85
CA ILE M 362 -17.47 4.69 -33.74
C ILE M 362 -18.52 3.88 -32.97
N SER M 363 -19.60 4.55 -32.57
CA SER M 363 -20.62 3.90 -31.78
C SER M 363 -21.54 2.99 -32.60
N HIS M 364 -21.60 3.20 -33.91
CA HIS M 364 -22.56 2.50 -34.75
C HIS M 364 -21.93 2.01 -36.01
N ARG M 365 -22.47 0.90 -36.52
CA ARG M 365 -21.99 0.29 -37.74
C ARG M 365 -22.72 0.85 -38.94
N LYS M 366 -24.05 0.89 -38.86
CA LYS M 366 -24.89 1.51 -39.89
C LYS M 366 -25.53 2.71 -39.28
N SER M 367 -24.93 3.88 -39.45
CA SER M 367 -25.47 5.09 -38.83
C SER M 367 -26.02 6.03 -39.86
N MET M 368 -27.08 6.71 -39.51
CA MET M 368 -27.76 7.62 -40.40
C MET M 368 -27.86 8.99 -39.74
N VAL M 369 -27.64 10.04 -40.50
CA VAL M 369 -27.78 11.40 -40.00
C VAL M 369 -28.70 12.14 -40.92
N LEU M 370 -29.60 12.91 -40.35
CA LEU M 370 -30.54 13.70 -41.11
C LEU M 370 -30.15 15.20 -40.97
N LEU M 371 -30.45 16.00 -41.99
CA LEU M 371 -30.47 17.45 -41.89
C LEU M 371 -31.66 17.97 -42.58
N ALA M 372 -32.74 18.12 -41.87
CA ALA M 372 -33.97 18.61 -42.47
C ALA M 372 -34.09 20.11 -42.23
N ASN M 373 -33.97 20.91 -43.29
CA ASN M 373 -34.31 22.31 -43.22
C ASN M 373 -35.87 22.43 -43.13
N ASN M 374 -36.37 22.54 -41.91
CA ASN M 374 -37.81 22.47 -41.64
C ASN M 374 -38.41 23.86 -41.57
N THR M 375 -39.69 23.96 -41.84
CA THR M 375 -40.45 25.17 -41.55
C THR M 375 -40.85 25.27 -40.07
N GLU M 376 -40.76 24.17 -39.34
CA GLU M 376 -41.04 24.21 -37.92
C GLU M 376 -39.98 24.91 -37.11
N ILE M 377 -38.86 25.21 -37.74
CA ILE M 377 -37.77 25.82 -37.01
C ILE M 377 -38.05 27.29 -36.79
N ALA M 378 -39.08 27.84 -37.43
CA ALA M 378 -39.65 29.11 -37.01
C ALA M 378 -40.54 28.96 -35.77
N ARG M 379 -41.09 27.78 -35.55
CA ARG M 379 -41.94 27.55 -34.36
C ARG M 379 -41.12 27.37 -33.09
N VAL M 380 -39.86 26.98 -33.22
CA VAL M 380 -38.94 27.10 -32.11
C VAL M 380 -38.66 28.58 -31.86
N LEU M 381 -38.41 29.31 -32.94
CA LEU M 381 -38.11 30.73 -32.86
C LEU M 381 -39.34 31.61 -32.74
N ASP M 382 -40.54 31.03 -32.85
CA ASP M 382 -41.75 31.74 -32.46
C ASP M 382 -41.85 31.82 -30.93
N ARG M 383 -41.37 30.79 -30.24
CA ARG M 383 -41.29 30.81 -28.79
C ARG M 383 -40.28 31.87 -28.34
N ILE M 384 -39.15 31.92 -29.03
CA ILE M 384 -38.11 32.85 -28.68
C ILE M 384 -38.56 34.29 -29.03
N CYS M 385 -39.29 34.44 -30.12
CA CYS M 385 -39.83 35.74 -30.45
C CYS M 385 -40.92 36.17 -29.44
N HIS M 386 -41.68 35.23 -28.90
CA HIS M 386 -42.68 35.57 -27.94
C HIS M 386 -42.08 35.84 -26.56
N ASN M 387 -41.11 35.02 -26.15
CA ASN M 387 -40.42 35.23 -24.88
C ASN M 387 -39.54 36.46 -24.90
N PHE M 388 -39.21 36.98 -26.08
CA PHE M 388 -38.54 38.26 -26.16
C PHE M 388 -39.52 39.38 -25.89
N ASP M 389 -40.74 39.24 -26.41
CA ASP M 389 -41.69 40.35 -26.33
C ASP M 389 -42.27 40.51 -24.91
N LYS M 390 -42.41 39.40 -24.20
CA LYS M 390 -42.81 39.48 -22.82
C LYS M 390 -41.69 40.16 -21.99
N LEU M 391 -40.44 39.99 -22.41
CA LEU M 391 -39.30 40.68 -21.81
C LEU M 391 -38.91 41.90 -22.58
N TRP M 392 -39.83 42.50 -23.31
CA TRP M 392 -39.57 43.82 -23.90
C TRP M 392 -40.72 44.81 -23.74
N GLN M 393 -41.95 44.31 -23.52
CA GLN M 393 -43.05 45.17 -23.08
C GLN M 393 -42.77 45.77 -21.69
N ARG M 394 -42.18 44.97 -20.81
CA ARG M 394 -41.70 45.46 -19.54
C ARG M 394 -40.41 46.25 -19.67
N LYS M 395 -39.73 46.08 -20.82
CA LYS M 395 -38.33 46.49 -21.04
C LYS M 395 -37.46 45.87 -19.98
N ALA M 396 -37.29 44.55 -20.11
CA ALA M 396 -36.69 43.71 -19.08
C ALA M 396 -35.21 44.03 -18.93
N PHE M 397 -34.47 43.08 -18.43
CA PHE M 397 -33.69 43.24 -17.24
C PHE M 397 -33.40 44.62 -16.68
N ALA M 398 -32.55 45.33 -17.40
CA ALA M 398 -32.09 46.69 -17.05
C ALA M 398 -31.22 47.26 -18.21
N ASN M 399 -30.46 48.28 -17.82
CA ASN M 399 -29.28 48.79 -18.50
C ASN M 399 -28.19 47.82 -18.97
N TRP M 400 -28.25 46.53 -18.61
CA TRP M 400 -27.20 45.53 -18.84
C TRP M 400 -26.79 45.39 -20.29
N TYR M 401 -27.76 45.42 -21.18
CA TYR M 401 -27.46 45.52 -22.62
C TYR M 401 -27.15 46.93 -23.05
N LEU M 402 -27.76 47.89 -22.39
CA LEU M 402 -27.76 49.25 -22.87
C LEU M 402 -26.53 50.00 -22.42
N ASN M 403 -25.96 49.64 -21.27
CA ASN M 403 -24.76 50.33 -20.78
C ASN M 403 -23.50 49.91 -21.48
N GLU M 404 -23.50 48.72 -22.09
CA GLU M 404 -22.31 48.21 -22.76
C GLU M 404 -22.07 48.89 -24.12
N GLY M 405 -23.11 49.47 -24.71
CA GLY M 405 -23.01 50.15 -25.99
C GLY M 405 -24.19 49.97 -26.92
N MET M 406 -25.10 49.05 -26.59
CA MET M 406 -26.26 48.86 -27.41
C MET M 406 -27.30 49.93 -27.14
N SER M 407 -28.23 50.05 -28.09
CA SER M 407 -29.31 51.05 -28.03
C SER M 407 -30.66 50.38 -28.15
N GLU M 408 -31.68 51.06 -27.66
CA GLU M 408 -33.07 50.58 -27.74
C GLU M 408 -33.56 50.58 -29.18
N GLU M 409 -32.98 51.44 -30.03
CA GLU M 409 -33.29 51.41 -31.46
C GLU M 409 -32.70 50.17 -32.09
N GLN M 410 -31.51 49.77 -31.66
CA GLN M 410 -30.85 48.59 -32.23
C GLN M 410 -31.58 47.31 -31.83
N ILE M 411 -32.02 47.23 -30.59
CA ILE M 411 -32.67 46.03 -30.07
C ILE M 411 -34.01 45.79 -30.76
N ASN M 412 -34.72 46.87 -31.10
CA ASN M 412 -35.96 46.73 -31.85
C ASN M 412 -35.72 46.34 -33.29
N VAL M 413 -34.55 46.65 -33.84
CA VAL M 413 -34.18 46.17 -35.17
C VAL M 413 -33.97 44.67 -35.15
N LEU M 414 -33.28 44.18 -34.13
CA LEU M 414 -32.90 42.77 -34.08
C LEU M 414 -34.09 41.89 -33.74
N ARG M 415 -35.08 42.44 -33.02
CA ARG M 415 -36.37 41.77 -32.86
C ARG M 415 -37.11 41.71 -34.17
N ALA M 416 -37.06 42.78 -34.94
CA ALA M 416 -37.65 42.76 -36.28
C ALA M 416 -36.84 41.84 -37.21
N SER M 417 -35.53 41.83 -37.06
CA SER M 417 -34.71 40.96 -37.87
C SER M 417 -34.89 39.49 -37.49
N ALA M 418 -35.34 39.22 -36.28
CA ALA M 418 -35.82 37.88 -35.95
C ALA M 418 -37.30 37.69 -36.33
N GLN M 419 -38.06 38.77 -36.38
CA GLN M 419 -39.41 38.68 -36.93
C GLN M 419 -39.35 38.48 -38.43
N GLU M 420 -38.38 39.11 -39.11
CA GLU M 420 -38.14 38.84 -40.52
C GLU M 420 -37.70 37.39 -40.75
N LEU M 421 -37.10 36.78 -39.74
CA LEU M 421 -36.67 35.38 -39.84
C LEU M 421 -37.86 34.44 -39.67
N VAL M 422 -38.68 34.68 -38.67
CA VAL M 422 -39.80 33.80 -38.37
C VAL M 422 -40.83 33.88 -39.49
N GLN M 423 -41.05 35.07 -40.04
CA GLN M 423 -41.96 35.21 -41.16
C GLN M 423 -41.40 34.60 -42.41
N SER M 424 -40.08 34.47 -42.49
CA SER M 424 -39.44 33.94 -43.69
C SER M 424 -39.70 32.45 -43.86
N TYR M 425 -40.01 31.75 -42.79
CA TYR M 425 -40.59 30.41 -42.90
C TYR M 425 -42.11 30.46 -43.00
N GLN M 426 -42.72 31.49 -42.43
CA GLN M 426 -44.15 31.66 -42.59
C GLN M 426 -44.49 32.10 -44.00
N VAL M 427 -43.57 32.80 -44.67
CA VAL M 427 -43.66 32.99 -46.10
C VAL M 427 -43.54 31.63 -46.77
N ALA M 428 -42.59 30.82 -46.33
CA ALA M 428 -42.27 29.56 -46.99
C ALA M 428 -43.10 28.39 -46.53
N GLU M 429 -44.04 28.59 -45.62
CA GLU M 429 -44.89 27.48 -45.21
C GLU M 429 -46.16 27.42 -46.04
N GLU M 430 -46.93 28.51 -46.03
CA GLU M 430 -48.18 28.57 -46.78
C GLU M 430 -47.95 28.65 -48.28
N SER M 431 -46.84 29.24 -48.72
CA SER M 431 -46.50 29.18 -50.14
C SER M 431 -45.97 27.80 -50.50
N GLY M 432 -45.39 27.11 -49.53
CA GLY M 432 -44.95 25.74 -49.70
C GLY M 432 -46.01 24.70 -49.40
N ALA M 433 -47.19 25.15 -48.98
CA ALA M 433 -48.29 24.25 -48.67
C ALA M 433 -48.93 23.74 -49.95
N ARG N 2 -8.84 6.73 -86.13
CA ARG N 2 -10.06 6.22 -85.37
C ARG N 2 -9.65 5.89 -83.96
N GLU N 3 -9.26 6.90 -83.19
CA GLU N 3 -8.72 6.70 -81.86
C GLU N 3 -9.43 7.62 -80.93
N ILE N 4 -10.28 7.06 -80.07
CA ILE N 4 -11.29 7.88 -79.34
C ILE N 4 -10.73 8.35 -78.02
N LEU N 5 -10.74 9.66 -77.84
CA LEU N 5 -10.37 10.27 -76.58
C LEU N 5 -11.52 10.06 -75.61
N SER N 6 -11.21 10.07 -74.32
CA SER N 6 -12.24 9.87 -73.30
C SER N 6 -12.05 10.92 -72.23
N ILE N 7 -13.14 11.40 -71.69
CA ILE N 7 -13.11 12.41 -70.66
C ILE N 7 -14.04 11.90 -69.58
N HIS N 8 -13.60 12.00 -68.35
CA HIS N 8 -14.37 11.48 -67.24
C HIS N 8 -14.55 12.53 -66.17
N VAL N 9 -15.53 13.38 -66.35
CA VAL N 9 -15.69 14.50 -65.49
C VAL N 9 -16.73 14.21 -64.41
N GLY N 10 -16.49 14.68 -63.20
CA GLY N 10 -17.44 14.50 -62.13
C GLY N 10 -17.23 13.19 -61.39
N GLN N 11 -17.76 13.11 -60.18
CA GLN N 11 -17.65 11.88 -59.39
C GLN N 11 -18.37 10.74 -60.05
N CYS N 12 -19.53 11.03 -60.69
CA CYS N 12 -20.26 10.00 -61.44
C CYS N 12 -19.46 9.47 -62.66
N GLY N 13 -18.76 10.35 -63.34
CA GLY N 13 -18.01 9.93 -64.49
C GLY N 13 -16.74 9.22 -64.14
N ASN N 14 -16.04 9.69 -63.10
CA ASN N 14 -14.81 9.06 -62.73
C ASN N 14 -15.06 7.69 -62.09
N GLN N 15 -16.21 7.50 -61.44
CA GLN N 15 -16.53 6.21 -60.92
C GLN N 15 -16.88 5.25 -62.04
N ILE N 16 -17.38 5.76 -63.17
CA ILE N 16 -17.50 4.93 -64.37
C ILE N 16 -16.10 4.66 -64.94
N ALA N 17 -15.19 5.60 -64.82
CA ALA N 17 -13.84 5.40 -65.33
C ALA N 17 -13.10 4.30 -64.60
N ASP N 18 -13.42 4.10 -63.33
CA ASP N 18 -12.89 2.96 -62.63
C ASP N 18 -13.51 1.68 -63.17
N SER N 19 -14.77 1.75 -63.59
CA SER N 19 -15.43 0.58 -64.22
C SER N 19 -15.09 0.42 -65.67
N PHE N 20 -14.94 1.51 -66.37
CA PHE N 20 -14.69 1.46 -67.81
C PHE N 20 -13.25 1.06 -68.12
N TRP N 21 -12.30 1.68 -67.47
CA TRP N 21 -10.92 1.31 -67.76
C TRP N 21 -10.45 0.04 -67.03
N ARG N 22 -11.31 -0.57 -66.24
CA ARG N 22 -11.10 -1.94 -65.85
C ARG N 22 -11.84 -2.89 -66.76
N LEU N 23 -12.74 -2.42 -67.61
CA LEU N 23 -13.34 -3.25 -68.66
C LEU N 23 -12.73 -3.04 -70.02
N ALA N 24 -12.13 -1.88 -70.25
CA ALA N 24 -11.40 -1.66 -71.48
C ALA N 24 -10.08 -2.44 -71.44
N LEU N 25 -9.48 -2.61 -70.25
CA LEU N 25 -8.28 -3.40 -70.14
C LEU N 25 -8.56 -4.88 -70.26
N ARG N 26 -9.77 -5.30 -69.92
CA ARG N 26 -10.12 -6.71 -70.02
C ARG N 26 -10.45 -7.09 -71.46
N GLU N 27 -11.19 -6.24 -72.16
CA GLU N 27 -11.59 -6.56 -73.53
C GLU N 27 -10.39 -6.49 -74.46
N HIS N 28 -9.48 -5.55 -74.24
CA HIS N 28 -8.21 -5.54 -74.97
C HIS N 28 -7.19 -6.51 -74.40
N GLY N 29 -7.48 -7.11 -73.24
CA GLY N 29 -6.59 -8.10 -72.66
C GLY N 29 -5.29 -7.49 -72.15
N LEU N 30 -5.40 -6.43 -71.32
CA LEU N 30 -4.24 -5.86 -70.66
C LEU N 30 -4.36 -6.02 -69.16
N THR N 31 -3.22 -5.97 -68.49
CA THR N 31 -3.22 -5.97 -67.03
C THR N 31 -3.54 -4.58 -66.51
N GLU N 32 -3.72 -4.49 -65.20
CA GLU N 32 -4.15 -3.26 -64.57
C GLU N 32 -3.07 -2.19 -64.54
N ALA N 33 -1.80 -2.58 -64.67
CA ALA N 33 -0.71 -1.62 -64.67
C ALA N 33 -0.61 -0.86 -65.99
N GLY N 34 -1.17 -1.40 -67.06
CA GLY N 34 -1.10 -0.75 -68.36
C GLY N 34 -0.33 -1.48 -69.42
N THR N 35 0.31 -2.60 -69.05
CA THR N 35 1.12 -3.36 -69.99
C THR N 35 0.34 -4.53 -70.55
N LEU N 36 0.90 -5.15 -71.56
CA LEU N 36 0.22 -6.22 -72.27
C LEU N 36 0.26 -7.49 -71.42
N LYS N 37 -0.86 -8.19 -71.35
CA LYS N 37 -0.96 -9.38 -70.53
C LYS N 37 -0.27 -10.54 -71.25
N SER N 46 -7.27 -7.13 -82.63
CA SER N 46 -7.71 -6.08 -81.72
C SER N 46 -7.00 -4.74 -82.01
N ASN N 47 -7.77 -3.67 -82.09
CA ASN N 47 -7.24 -2.36 -82.35
C ASN N 47 -7.08 -1.68 -80.99
N MET N 48 -5.90 -1.81 -80.41
CA MET N 48 -5.64 -1.22 -79.09
C MET N 48 -5.37 0.28 -79.14
N GLU N 49 -5.24 0.82 -80.35
CA GLU N 49 -4.93 2.21 -80.54
C GLU N 49 -6.07 3.13 -80.22
N VAL N 50 -7.29 2.59 -80.13
CA VAL N 50 -8.48 3.44 -79.95
C VAL N 50 -8.57 4.10 -78.59
N PHE N 51 -8.52 3.30 -77.57
CA PHE N 51 -8.56 3.79 -76.21
C PHE N 51 -7.20 4.11 -75.62
N PHE N 52 -6.16 3.41 -76.08
CA PHE N 52 -4.89 3.43 -75.43
C PHE N 52 -3.83 4.10 -76.28
N HIS N 53 -3.09 5.03 -75.68
CA HIS N 53 -1.91 5.60 -76.31
C HIS N 53 -0.70 4.70 -76.06
N LYS N 54 -0.10 4.24 -77.15
CA LYS N 54 1.09 3.43 -77.07
C LYS N 54 2.28 4.29 -76.69
N VAL N 55 2.63 4.29 -75.40
CA VAL N 55 3.80 5.03 -74.91
C VAL N 55 5.08 4.26 -75.22
N ARG N 56 5.13 3.01 -74.78
CA ARG N 56 6.28 2.14 -75.03
C ARG N 56 5.78 0.88 -75.71
N ASP N 57 6.70 -0.06 -75.89
CA ASP N 57 6.38 -1.32 -76.54
C ASP N 57 5.36 -2.17 -75.77
N GLY N 58 5.40 -2.13 -74.45
CA GLY N 58 4.51 -2.93 -73.63
C GLY N 58 3.39 -2.13 -73.02
N LYS N 59 3.71 -0.96 -72.45
CA LYS N 59 2.75 -0.22 -71.65
C LYS N 59 1.85 0.63 -72.53
N TYR N 60 0.54 0.52 -72.28
CA TYR N 60 -0.48 1.28 -72.99
C TYR N 60 -1.20 2.18 -72.00
N VAL N 61 -0.90 3.47 -72.10
CA VAL N 61 -1.57 4.46 -71.29
C VAL N 61 -2.87 4.84 -71.99
N PRO N 62 -4.00 4.82 -71.27
CA PRO N 62 -5.27 5.16 -71.90
C PRO N 62 -5.43 6.61 -72.28
N ARG N 63 -6.29 6.87 -73.24
CA ARG N 63 -6.61 8.24 -73.67
C ARG N 63 -7.78 8.77 -72.87
N ALA N 64 -7.58 8.86 -71.55
CA ALA N 64 -8.57 9.39 -70.62
C ALA N 64 -8.02 10.56 -69.89
N VAL N 65 -8.80 11.64 -69.78
CA VAL N 65 -8.59 12.66 -68.74
C VAL N 65 -9.46 12.31 -67.54
N LEU N 66 -8.91 12.23 -66.38
CA LEU N 66 -9.72 12.01 -65.19
C LEU N 66 -9.97 13.38 -64.57
N VAL N 67 -10.66 14.24 -65.28
CA VAL N 67 -10.96 15.57 -64.82
C VAL N 67 -11.97 15.52 -63.68
N ASP N 68 -11.65 16.17 -62.56
CA ASP N 68 -12.41 16.01 -61.35
C ASP N 68 -12.16 17.14 -60.38
N LEU N 69 -13.22 17.56 -59.72
CA LEU N 69 -13.15 18.32 -58.50
C LEU N 69 -13.64 17.40 -57.37
N GLU N 70 -13.39 17.74 -56.11
CA GLU N 70 -13.40 16.81 -54.98
C GLU N 70 -12.42 15.65 -55.21
N PRO N 71 -11.13 15.91 -55.11
CA PRO N 71 -10.14 14.91 -55.48
C PRO N 71 -9.97 13.74 -54.54
N GLY N 72 -11.04 13.05 -54.22
CA GLY N 72 -10.95 11.84 -53.44
C GLY N 72 -11.39 10.66 -54.25
N VAL N 73 -12.00 10.92 -55.41
CA VAL N 73 -12.49 9.86 -56.27
C VAL N 73 -11.30 9.18 -56.95
N ILE N 74 -10.35 10.00 -57.41
CA ILE N 74 -9.18 9.48 -58.06
C ILE N 74 -8.20 8.95 -57.00
N ALA N 75 -8.31 9.45 -55.78
CA ALA N 75 -7.54 8.91 -54.67
C ALA N 75 -7.95 7.47 -54.37
N ARG N 76 -9.20 7.13 -54.66
CA ARG N 76 -9.59 5.73 -54.70
C ARG N 76 -8.96 5.05 -55.92
N ILE N 77 -8.95 5.72 -57.06
CA ILE N 77 -8.44 5.12 -58.30
C ILE N 77 -6.93 4.98 -58.24
N GLU N 78 -6.24 6.10 -58.10
CA GLU N 78 -4.79 6.12 -58.07
C GLU N 78 -4.18 5.88 -56.70
N GLY N 79 -4.92 5.27 -55.78
CA GLY N 79 -4.36 4.84 -54.50
C GLY N 79 -4.17 3.34 -54.42
N GLY N 80 -5.21 2.60 -54.77
CA GLY N 80 -5.29 1.17 -54.53
C GLY N 80 -4.53 0.28 -55.50
N ASP N 81 -5.02 0.23 -56.74
CA ASP N 81 -4.57 -0.77 -57.70
C ASP N 81 -4.37 -0.23 -59.12
N MET N 82 -4.53 1.06 -59.31
CA MET N 82 -4.63 1.58 -60.66
C MET N 82 -3.87 2.89 -60.82
N SER N 83 -2.89 3.11 -59.95
CA SER N 83 -2.07 4.31 -59.99
C SER N 83 -1.06 4.28 -61.13
N GLN N 84 -0.60 3.08 -61.50
CA GLN N 84 0.39 2.89 -62.55
C GLN N 84 -0.25 3.01 -63.94
N LEU N 85 -1.57 2.85 -64.02
CA LEU N 85 -2.28 2.85 -65.29
C LEU N 85 -2.43 4.23 -65.92
N PHE N 86 -3.09 5.13 -65.20
CA PHE N 86 -3.37 6.45 -65.73
C PHE N 86 -2.12 7.30 -65.69
N ASP N 87 -1.96 8.15 -66.69
CA ASP N 87 -0.91 9.15 -66.68
C ASP N 87 -1.34 10.34 -65.85
N GLU N 88 -0.45 10.87 -65.02
CA GLU N 88 -0.84 11.96 -64.14
C GLU N 88 -0.72 13.34 -64.85
N SER N 89 -0.23 13.36 -66.07
CA SER N 89 -0.48 14.52 -66.93
C SER N 89 -1.73 14.34 -67.78
N SER N 90 -2.57 13.38 -67.42
CA SER N 90 -3.90 13.19 -68.01
C SER N 90 -4.99 13.25 -66.92
N ILE N 91 -4.95 14.28 -66.10
CA ILE N 91 -5.81 14.34 -64.89
C ILE N 91 -5.99 15.81 -64.52
N VAL N 92 -6.95 16.11 -63.67
CA VAL N 92 -6.92 17.31 -62.85
C VAL N 92 -7.62 17.05 -61.53
N ARG N 93 -7.02 17.49 -60.43
CA ARG N 93 -7.56 17.33 -59.10
C ARG N 93 -7.47 18.71 -58.45
N LYS N 94 -8.63 19.27 -58.10
CA LYS N 94 -8.65 20.54 -57.44
C LYS N 94 -9.76 20.67 -56.43
N ILE N 95 -9.43 21.18 -55.26
CA ILE N 95 -10.40 21.61 -54.26
C ILE N 95 -10.66 23.13 -54.48
N PRO N 96 -11.89 23.62 -54.23
CA PRO N 96 -13.14 22.95 -53.81
C PRO N 96 -13.77 22.11 -54.88
N GLY N 97 -14.97 21.63 -54.63
CA GLY N 97 -15.45 20.49 -55.38
C GLY N 97 -16.65 20.65 -56.27
N ALA N 98 -16.85 21.85 -56.84
CA ALA N 98 -18.01 22.16 -57.73
C ALA N 98 -19.29 21.72 -57.05
N ALA N 99 -19.61 22.52 -56.05
CA ALA N 99 -20.32 22.12 -54.88
C ALA N 99 -21.74 21.65 -55.11
N ASN N 100 -21.95 20.62 -55.94
CA ASN N 100 -23.25 20.26 -56.53
C ASN N 100 -23.95 21.47 -56.92
N ASN N 101 -23.31 22.21 -57.79
CA ASN N 101 -23.74 23.58 -58.12
C ASN N 101 -23.15 23.83 -59.47
N TRP N 102 -24.02 24.01 -60.45
CA TRP N 102 -23.60 24.19 -61.84
C TRP N 102 -22.72 25.41 -62.00
N ALA N 103 -23.06 26.49 -61.33
CA ALA N 103 -22.31 27.68 -61.44
C ALA N 103 -20.92 27.59 -60.80
N ARG N 104 -20.73 26.70 -59.84
CA ARG N 104 -19.39 26.40 -59.38
C ARG N 104 -18.63 25.62 -60.45
N GLY N 105 -19.26 24.59 -60.98
CA GLY N 105 -18.61 23.72 -61.98
C GLY N 105 -18.42 24.33 -63.34
N TYR N 106 -19.29 25.23 -63.75
CA TYR N 106 -19.17 25.88 -65.06
C TYR N 106 -18.39 27.17 -65.00
N ASN N 107 -18.53 27.94 -63.92
CA ASN N 107 -18.03 29.27 -63.87
C ASN N 107 -16.98 29.48 -62.79
N VAL N 108 -17.24 29.06 -61.55
CA VAL N 108 -16.36 29.42 -60.46
C VAL N 108 -15.12 28.52 -60.42
N GLU N 109 -15.35 27.23 -60.17
CA GLU N 109 -14.25 26.26 -60.16
C GLU N 109 -14.07 25.57 -61.48
N GLY N 110 -14.81 25.99 -62.50
CA GLY N 110 -14.66 25.48 -63.84
C GLY N 110 -13.63 26.24 -64.65
N GLU N 111 -13.68 27.55 -64.55
CA GLU N 111 -12.71 28.39 -65.24
C GLU N 111 -11.30 28.30 -64.65
N LYS N 112 -11.17 27.77 -63.44
CA LYS N 112 -9.87 27.48 -62.88
C LYS N 112 -9.19 26.30 -63.55
N VAL N 113 -9.98 25.32 -63.95
CA VAL N 113 -9.42 24.09 -64.48
C VAL N 113 -9.53 23.94 -65.99
N ILE N 114 -10.36 24.74 -66.63
CA ILE N 114 -10.64 24.50 -68.04
C ILE N 114 -9.46 24.81 -68.94
N ASP N 115 -8.56 25.69 -68.51
CA ASP N 115 -7.31 25.86 -69.25
C ASP N 115 -6.42 24.64 -69.08
N GLN N 116 -6.50 23.98 -67.93
CA GLN N 116 -5.73 22.76 -67.71
C GLN N 116 -6.41 21.56 -68.36
N ILE N 117 -7.74 21.55 -68.42
CA ILE N 117 -8.45 20.45 -69.06
C ILE N 117 -8.13 20.41 -70.56
N MET N 118 -8.29 21.54 -71.22
CA MET N 118 -8.09 21.61 -72.65
C MET N 118 -6.64 21.36 -73.06
N ASN N 119 -5.69 21.87 -72.30
CA ASN N 119 -4.29 21.65 -72.60
C ASN N 119 -3.80 20.27 -72.21
N VAL N 120 -4.64 19.45 -71.60
CA VAL N 120 -4.35 18.06 -71.34
C VAL N 120 -5.05 17.22 -72.39
N ILE N 121 -6.23 17.66 -72.81
CA ILE N 121 -6.86 17.08 -74.00
C ILE N 121 -5.96 17.35 -75.23
N ASP N 122 -5.49 18.57 -75.40
CA ASP N 122 -4.68 18.91 -76.55
C ASP N 122 -3.31 18.21 -76.52
N SER N 123 -2.82 17.88 -75.34
CA SER N 123 -1.62 17.06 -75.26
C SER N 123 -1.91 15.59 -75.43
N ALA N 124 -3.19 15.22 -75.48
CA ALA N 124 -3.60 13.83 -75.72
C ALA N 124 -4.15 13.61 -77.11
N VAL N 125 -4.46 14.66 -77.85
CA VAL N 125 -5.00 14.51 -79.20
C VAL N 125 -3.99 14.95 -80.23
N GLU N 126 -2.92 15.62 -79.80
CA GLU N 126 -1.76 15.83 -80.67
C GLU N 126 -0.84 14.61 -80.68
N LYS N 127 -1.13 13.62 -79.84
CA LYS N 127 -0.55 12.29 -79.93
C LYS N 127 -1.39 11.37 -80.84
N THR N 128 -2.20 11.96 -81.71
CA THR N 128 -3.21 11.24 -82.48
C THR N 128 -3.32 12.01 -83.81
N LYS N 129 -2.91 11.48 -84.99
CA LYS N 129 -2.93 10.07 -85.50
C LYS N 129 -4.31 9.44 -85.43
N GLY N 130 -5.29 10.12 -86.03
CA GLY N 130 -6.64 9.56 -86.22
C GLY N 130 -7.60 9.73 -85.04
N LEU N 131 -7.84 10.98 -84.66
CA LEU N 131 -8.82 11.27 -83.61
C LEU N 131 -10.19 11.33 -84.23
N GLN N 132 -11.13 10.64 -83.59
CA GLN N 132 -12.47 10.60 -84.12
C GLN N 132 -13.51 11.08 -83.13
N GLY N 133 -13.40 10.70 -81.87
CA GLY N 133 -14.50 10.93 -80.97
C GLY N 133 -14.09 11.30 -79.58
N PHE N 134 -15.11 11.56 -78.76
CA PHE N 134 -14.94 11.84 -77.33
C PHE N 134 -15.96 11.09 -76.56
N LEU N 135 -15.58 10.06 -75.81
CA LEU N 135 -16.53 9.37 -74.96
C LEU N 135 -16.42 10.09 -73.64
N MET N 136 -17.17 11.19 -73.55
CA MET N 136 -17.14 12.01 -72.37
C MET N 136 -18.19 11.49 -71.41
N THR N 137 -17.72 11.05 -70.25
CA THR N 137 -18.55 10.29 -69.32
C THR N 137 -18.82 11.08 -68.08
N HIS N 138 -20.09 11.34 -67.81
CA HIS N 138 -20.45 12.07 -66.60
C HIS N 138 -21.86 11.82 -66.23
N SER N 139 -22.39 12.65 -65.34
CA SER N 139 -23.82 12.73 -65.08
C SER N 139 -24.33 14.10 -65.40
N ILE N 140 -25.63 14.21 -65.55
CA ILE N 140 -26.26 15.53 -65.68
C ILE N 140 -26.87 15.88 -64.34
N GLY N 141 -26.37 15.30 -63.28
CA GLY N 141 -27.02 15.57 -62.02
C GLY N 141 -26.29 16.49 -61.09
N GLY N 142 -24.97 16.36 -61.01
CA GLY N 142 -24.24 17.02 -59.95
C GLY N 142 -23.82 18.42 -60.31
N GLY N 143 -22.65 18.80 -59.86
CA GLY N 143 -22.09 20.11 -60.13
C GLY N 143 -20.76 20.04 -60.82
N SER N 144 -20.10 18.91 -60.72
CA SER N 144 -18.85 18.67 -61.39
C SER N 144 -19.08 17.92 -62.70
N GLY N 145 -19.90 16.91 -62.67
CA GLY N 145 -20.19 16.18 -63.91
C GLY N 145 -21.10 16.90 -64.83
N SER N 146 -21.97 17.72 -64.26
CA SER N 146 -22.92 18.46 -65.04
C SER N 146 -22.52 19.92 -65.24
N GLY N 147 -21.79 20.47 -64.30
CA GLY N 147 -21.33 21.83 -64.44
C GLY N 147 -20.08 21.92 -65.29
N LEU N 148 -19.02 21.25 -64.89
CA LEU N 148 -17.81 21.23 -65.65
C LEU N 148 -17.98 20.37 -66.87
N GLY N 149 -18.89 19.41 -66.83
CA GLY N 149 -19.25 18.67 -68.04
C GLY N 149 -19.94 19.51 -69.07
N SER N 150 -20.70 20.48 -68.64
CA SER N 150 -21.27 21.44 -69.56
C SER N 150 -20.21 22.42 -70.09
N LEU N 151 -19.14 22.65 -69.37
CA LEU N 151 -18.13 23.61 -69.78
C LEU N 151 -17.18 22.96 -70.77
N ILE N 152 -16.81 21.70 -70.56
CA ILE N 152 -15.91 20.96 -71.45
C ILE N 152 -16.58 20.79 -72.79
N LEU N 153 -17.85 20.46 -72.82
CA LEU N 153 -18.60 20.32 -74.08
C LEU N 153 -18.61 21.60 -74.90
N GLU N 154 -18.60 22.76 -74.25
CA GLU N 154 -18.49 23.99 -74.98
C GLU N 154 -17.10 24.12 -75.54
N ARG N 155 -16.11 23.99 -74.69
CA ARG N 155 -14.73 24.30 -75.10
C ARG N 155 -14.17 23.26 -76.05
N LEU N 156 -14.68 22.04 -75.99
CA LEU N 156 -14.23 20.99 -76.89
C LEU N 156 -14.87 21.10 -78.27
N ARG N 157 -16.12 21.51 -78.34
CA ARG N 157 -16.76 21.78 -79.63
C ARG N 157 -16.21 23.08 -80.26
N GLN N 158 -15.87 24.07 -79.43
CA GLN N 158 -15.24 25.28 -79.94
C GLN N 158 -13.83 25.01 -80.41
N ALA N 159 -13.19 23.96 -79.93
CA ALA N 159 -11.86 23.57 -80.40
C ALA N 159 -11.88 22.53 -81.50
N TYR N 160 -12.87 21.64 -81.48
CA TYR N 160 -12.96 20.54 -82.48
C TYR N 160 -14.37 20.47 -83.02
N PRO N 161 -14.72 21.37 -83.93
CA PRO N 161 -16.13 21.44 -84.36
C PRO N 161 -16.49 20.39 -85.39
N LYS N 162 -15.52 19.57 -85.81
CA LYS N 162 -15.77 18.55 -86.81
C LYS N 162 -15.47 17.16 -86.29
N LYS N 163 -15.59 16.96 -84.98
CA LYS N 163 -15.37 15.66 -84.35
C LYS N 163 -16.54 15.32 -83.45
N ARG N 164 -16.92 14.04 -83.47
CA ARG N 164 -18.12 13.60 -82.77
C ARG N 164 -17.91 13.55 -81.29
N ILE N 165 -18.76 14.25 -80.53
CA ILE N 165 -18.62 14.28 -79.09
C ILE N 165 -19.74 13.51 -78.41
N PHE N 166 -19.49 12.28 -78.00
CA PHE N 166 -20.52 11.48 -77.37
C PHE N 166 -20.51 11.59 -75.87
N THR N 167 -21.63 12.05 -75.35
CA THR N 167 -21.77 12.28 -73.94
C THR N 167 -22.48 11.10 -73.33
N PHE N 168 -21.88 10.51 -72.30
CA PHE N 168 -22.48 9.34 -71.64
C PHE N 168 -22.98 9.75 -70.28
N SER N 169 -24.17 10.34 -70.26
CA SER N 169 -24.70 11.00 -69.08
C SER N 169 -25.33 9.99 -68.18
N VAL N 170 -25.61 10.42 -66.94
CA VAL N 170 -26.43 9.64 -66.03
C VAL N 170 -27.47 10.62 -65.51
N VAL N 171 -28.73 10.36 -65.88
CA VAL N 171 -29.81 11.25 -65.57
C VAL N 171 -30.09 11.18 -64.05
N PRO N 172 -30.59 12.27 -63.44
CA PRO N 172 -31.19 12.15 -62.12
C PRO N 172 -32.32 11.16 -62.09
N SER N 173 -32.43 10.48 -60.95
CA SER N 173 -33.39 9.42 -60.82
C SER N 173 -34.81 10.01 -60.76
N PRO N 174 -35.79 9.33 -61.35
CA PRO N 174 -37.17 9.76 -61.21
C PRO N 174 -37.73 9.34 -59.86
N LEU N 175 -37.00 8.45 -59.18
CA LEU N 175 -37.43 7.77 -57.96
C LEU N 175 -37.40 8.75 -56.80
N ILE N 176 -36.21 9.24 -56.46
CA ILE N 176 -36.08 10.46 -55.64
C ILE N 176 -34.97 11.30 -56.22
N SER N 177 -34.66 12.40 -55.54
CA SER N 177 -33.67 13.33 -55.98
C SER N 177 -32.26 12.76 -56.07
N ASP N 178 -31.66 12.46 -54.91
CA ASP N 178 -30.20 12.25 -54.67
C ASP N 178 -29.36 13.54 -54.66
N SER N 179 -29.98 14.65 -55.05
CA SER N 179 -29.47 16.00 -54.87
C SER N 179 -30.60 16.99 -54.98
N ALA N 180 -30.53 18.06 -54.22
CA ALA N 180 -31.66 18.94 -54.02
C ALA N 180 -31.91 19.84 -55.26
N VAL N 181 -30.79 20.29 -55.84
CA VAL N 181 -30.77 21.31 -56.87
C VAL N 181 -30.52 20.58 -58.17
N GLU N 182 -30.79 19.29 -58.18
CA GLU N 182 -30.46 18.42 -59.33
C GLU N 182 -31.27 18.62 -60.60
N PRO N 183 -32.59 18.91 -60.51
CA PRO N 183 -33.28 19.34 -61.76
C PRO N 183 -32.87 20.68 -62.35
N TYR N 184 -32.19 21.51 -61.59
CA TYR N 184 -31.55 22.66 -62.17
C TYR N 184 -30.34 22.21 -62.95
N ASN N 185 -29.58 21.26 -62.41
CA ASN N 185 -28.29 20.96 -62.99
C ASN N 185 -28.37 20.15 -64.26
N ALA N 186 -29.52 19.53 -64.52
CA ALA N 186 -29.73 18.82 -65.77
C ALA N 186 -30.00 19.80 -66.91
N ILE N 187 -30.92 20.71 -66.69
CA ILE N 187 -31.38 21.60 -67.75
C ILE N 187 -30.29 22.60 -68.08
N LEU N 188 -29.44 22.96 -67.13
CA LEU N 188 -28.27 23.76 -67.43
C LEU N 188 -27.22 22.94 -68.21
N THR N 189 -27.26 21.62 -68.13
CA THR N 189 -26.34 20.75 -68.83
C THR N 189 -26.92 20.20 -70.11
N LEU N 190 -28.19 19.78 -70.06
CA LEU N 190 -28.87 19.30 -71.25
C LEU N 190 -29.03 20.37 -72.33
N GLN N 191 -28.90 21.64 -71.97
CA GLN N 191 -28.76 22.67 -72.95
C GLN N 191 -27.49 22.45 -73.68
N ARG N 192 -26.37 22.41 -72.97
CA ARG N 192 -25.06 22.40 -73.62
C ARG N 192 -24.73 21.08 -74.28
N ILE N 193 -25.39 20.00 -73.87
CA ILE N 193 -25.30 18.75 -74.61
C ILE N 193 -26.05 18.86 -75.93
N LEU N 194 -27.24 19.46 -75.89
CA LEU N 194 -28.05 19.70 -77.09
C LEU N 194 -27.38 20.65 -78.07
N ASP N 195 -26.56 21.57 -77.57
CA ASP N 195 -25.88 22.53 -78.40
C ASP N 195 -24.57 22.04 -78.97
N ASN N 196 -23.88 21.16 -78.25
CA ASN N 196 -22.51 20.80 -78.64
C ASN N 196 -22.33 19.33 -78.99
N ALA N 197 -22.83 18.42 -78.14
CA ALA N 197 -22.59 17.00 -78.34
C ALA N 197 -23.42 16.45 -79.49
N ASP N 198 -22.80 15.60 -80.30
CA ASP N 198 -23.45 15.03 -81.47
C ASP N 198 -24.41 13.92 -81.17
N GLY N 199 -24.23 13.28 -80.03
CA GLY N 199 -25.21 12.27 -79.58
C GLY N 199 -24.95 11.89 -78.13
N ALA N 200 -25.98 11.93 -77.29
CA ALA N 200 -25.81 11.62 -75.89
C ALA N 200 -26.50 10.29 -75.56
N VAL N 201 -25.88 9.53 -74.66
CA VAL N 201 -26.55 8.34 -74.13
C VAL N 201 -27.02 8.69 -72.72
N LEU N 202 -28.34 8.81 -72.56
CA LEU N 202 -28.90 9.09 -71.26
C LEU N 202 -29.13 7.79 -70.52
N LEU N 203 -28.50 7.66 -69.34
CA LEU N 203 -28.65 6.50 -68.48
C LEU N 203 -29.29 6.96 -67.17
N ASP N 204 -29.91 6.03 -66.49
CA ASP N 204 -30.73 6.33 -65.36
C ASP N 204 -30.46 5.35 -64.21
N ASN N 205 -30.15 5.90 -63.04
CA ASN N 205 -29.84 5.06 -61.91
C ASN N 205 -31.03 4.32 -61.34
N GLU N 206 -32.26 4.70 -61.69
CA GLU N 206 -33.39 3.85 -61.34
C GLU N 206 -33.39 2.55 -62.18
N ALA N 207 -33.20 2.68 -63.47
CA ALA N 207 -33.06 1.50 -64.33
C ALA N 207 -31.74 0.77 -64.09
N LEU N 208 -30.68 1.50 -63.76
CA LEU N 208 -29.43 0.83 -63.45
C LEU N 208 -29.50 0.08 -62.12
N PHE N 209 -30.38 0.50 -61.19
CA PHE N 209 -30.62 -0.29 -60.02
C PHE N 209 -31.39 -1.53 -60.35
N ARG N 210 -32.48 -1.41 -61.11
CA ARG N 210 -33.36 -2.55 -61.39
C ARG N 210 -32.72 -3.66 -62.23
N ILE N 211 -32.03 -3.27 -63.28
CA ILE N 211 -31.46 -4.24 -64.21
C ILE N 211 -30.27 -4.95 -63.57
N ALA N 212 -29.54 -4.24 -62.71
CA ALA N 212 -28.48 -4.86 -61.91
C ALA N 212 -29.06 -5.69 -60.78
N LYS N 213 -30.26 -5.36 -60.32
CA LYS N 213 -30.92 -6.15 -59.29
C LYS N 213 -31.35 -7.49 -59.87
N ALA N 214 -31.81 -7.48 -61.11
CA ALA N 214 -32.13 -8.74 -61.81
C ALA N 214 -30.87 -9.44 -62.32
N LYS N 215 -29.76 -8.72 -62.46
CA LYS N 215 -28.51 -9.35 -62.88
C LYS N 215 -27.91 -10.14 -61.74
N LEU N 216 -27.57 -9.44 -60.66
CA LEU N 216 -26.84 -10.04 -59.56
C LEU N 216 -27.78 -10.61 -58.54
N ASN N 217 -27.34 -11.66 -57.86
CA ASN N 217 -28.02 -12.15 -56.67
C ASN N 217 -27.39 -11.48 -55.44
N ARG N 218 -27.41 -10.15 -55.49
CA ARG N 218 -26.67 -9.29 -54.57
C ARG N 218 -27.17 -7.87 -54.81
N SER N 219 -27.41 -7.13 -53.74
CA SER N 219 -27.91 -5.77 -53.86
C SER N 219 -26.80 -4.86 -54.38
N PRO N 220 -27.07 -4.12 -55.48
CA PRO N 220 -25.99 -3.45 -56.19
C PRO N 220 -25.41 -2.25 -55.46
N ASN N 221 -24.30 -1.78 -55.99
CA ASN N 221 -23.73 -0.50 -55.61
C ASN N 221 -23.23 0.19 -56.88
N TYR N 222 -22.83 1.44 -56.74
CA TYR N 222 -22.47 2.18 -57.93
C TYR N 222 -21.19 1.71 -58.56
N MET N 223 -20.50 0.70 -58.04
CA MET N 223 -19.53 -0.01 -58.85
C MET N 223 -20.21 -1.05 -59.72
N ASP N 224 -21.22 -1.74 -59.18
CA ASP N 224 -21.93 -2.74 -59.96
C ASP N 224 -22.87 -2.15 -60.97
N LEU N 225 -23.40 -0.98 -60.70
CA LEU N 225 -24.23 -0.26 -61.69
C LEU N 225 -23.42 0.21 -62.88
N ASN N 226 -22.18 0.60 -62.65
CA ASN N 226 -21.40 1.19 -63.71
C ASN N 226 -20.92 0.13 -64.68
N ASN N 227 -20.84 -1.12 -64.27
CA ASN N 227 -20.47 -2.19 -65.20
C ASN N 227 -21.56 -2.42 -66.24
N ILE N 228 -22.81 -2.02 -66.00
CA ILE N 228 -23.78 -1.97 -67.07
C ILE N 228 -23.42 -0.79 -68.00
N ILE N 229 -23.02 0.35 -67.44
CA ILE N 229 -22.68 1.51 -68.21
C ILE N 229 -21.38 1.19 -68.94
N ALA N 230 -20.38 0.68 -68.23
CA ALA N 230 -19.06 0.50 -68.79
C ALA N 230 -19.06 -0.48 -69.92
N LEU N 231 -20.04 -1.35 -70.01
CA LEU N 231 -20.21 -2.18 -71.22
C LEU N 231 -20.87 -1.41 -72.33
N ILE N 232 -21.88 -0.63 -71.99
CA ILE N 232 -22.52 0.23 -72.97
C ILE N 232 -21.50 1.30 -73.50
N VAL N 233 -20.67 1.90 -72.66
CA VAL N 233 -19.63 2.79 -73.08
C VAL N 233 -18.67 2.06 -74.01
N SER N 234 -18.38 0.77 -73.74
CA SER N 234 -17.51 -0.02 -74.58
C SER N 234 -18.21 -0.58 -75.83
N SER N 235 -19.45 -1.02 -75.72
CA SER N 235 -20.12 -1.65 -76.84
C SER N 235 -20.49 -0.71 -77.95
N VAL N 236 -20.67 0.57 -77.62
CA VAL N 236 -20.88 1.60 -78.62
C VAL N 236 -19.64 1.69 -79.49
N THR N 237 -18.47 1.63 -78.87
CA THR N 237 -17.21 1.82 -79.58
C THR N 237 -16.39 0.57 -79.57
N ALA N 238 -17.05 -0.56 -79.81
CA ALA N 238 -16.37 -1.82 -80.04
C ALA N 238 -16.60 -2.37 -81.40
N SER N 239 -17.47 -1.76 -82.18
CA SER N 239 -17.41 -2.00 -83.64
C SER N 239 -16.38 -1.08 -84.31
N LEU N 240 -15.80 -0.18 -83.54
CA LEU N 240 -14.77 0.73 -83.96
C LEU N 240 -13.38 0.15 -83.67
N ARG N 241 -13.26 -0.76 -82.72
CA ARG N 241 -11.99 -1.35 -82.34
C ARG N 241 -11.93 -2.86 -82.44
N PHE N 242 -13.06 -3.55 -82.40
CA PHE N 242 -13.13 -4.99 -82.72
C PHE N 242 -13.99 -5.04 -83.97
N PRO N 243 -13.37 -4.98 -85.15
CA PRO N 243 -14.10 -4.58 -86.36
C PRO N 243 -15.24 -5.50 -86.79
N GLY N 244 -14.94 -6.76 -87.08
CA GLY N 244 -15.98 -7.69 -87.53
C GLY N 244 -16.60 -7.28 -88.82
N LYS N 245 -17.90 -7.56 -88.97
CA LYS N 245 -18.63 -7.15 -90.16
C LYS N 245 -19.63 -6.06 -89.78
N LEU N 246 -20.10 -5.31 -90.79
CA LEU N 246 -20.91 -4.09 -90.58
C LEU N 246 -20.23 -3.13 -89.61
N ASN N 247 -19.12 -2.59 -90.06
CA ASN N 247 -18.30 -1.73 -89.24
C ASN N 247 -19.06 -0.43 -88.98
N THR N 248 -19.47 -0.24 -87.74
CA THR N 248 -20.16 0.95 -87.32
C THR N 248 -19.21 1.83 -86.52
N ASP N 249 -18.78 2.92 -87.13
CA ASP N 249 -17.97 3.89 -86.43
C ASP N 249 -18.82 4.88 -85.65
N LEU N 250 -18.18 5.86 -85.06
CA LEU N 250 -18.90 6.86 -84.30
C LEU N 250 -19.63 7.85 -85.21
N SER N 251 -19.22 7.97 -86.45
CA SER N 251 -19.91 8.84 -87.38
C SER N 251 -21.29 8.28 -87.81
N GLU N 252 -21.49 6.99 -87.64
CA GLU N 252 -22.76 6.35 -87.97
C GLU N 252 -23.71 6.28 -86.80
N PHE N 253 -23.36 6.80 -85.65
CA PHE N 253 -24.34 6.93 -84.58
C PHE N 253 -24.97 8.30 -84.58
N VAL N 254 -24.56 9.16 -85.51
CA VAL N 254 -25.17 10.48 -85.68
C VAL N 254 -26.02 10.52 -86.94
N THR N 255 -25.52 9.93 -88.02
CA THR N 255 -26.26 9.93 -89.26
C THR N 255 -27.41 8.98 -89.18
N ASN N 256 -27.24 7.84 -88.54
CA ASN N 256 -28.31 6.82 -88.51
C ASN N 256 -29.35 7.00 -87.43
N LEU N 257 -28.90 7.40 -86.25
CA LEU N 257 -29.77 7.41 -85.07
C LEU N 257 -30.31 8.76 -84.74
N VAL N 258 -29.85 9.83 -85.37
CA VAL N 258 -30.29 11.18 -85.02
C VAL N 258 -30.98 11.78 -86.23
N PRO N 259 -32.32 11.64 -86.32
CA PRO N 259 -33.03 12.15 -87.48
C PRO N 259 -33.10 13.68 -87.61
N PHE N 260 -33.58 14.32 -86.56
CA PHE N 260 -33.71 15.78 -86.52
C PHE N 260 -32.50 16.37 -85.79
N PRO N 261 -32.18 17.65 -86.01
CA PRO N 261 -31.02 18.20 -85.33
C PRO N 261 -31.09 18.36 -83.80
N GLY N 262 -32.19 17.96 -83.16
CA GLY N 262 -32.26 17.97 -81.70
C GLY N 262 -32.32 16.62 -81.05
N ASN N 263 -32.84 15.62 -81.75
CA ASN N 263 -33.14 14.32 -81.15
C ASN N 263 -31.92 13.41 -81.13
N HIS N 264 -31.00 13.71 -80.20
CA HIS N 264 -29.79 12.95 -80.07
C HIS N 264 -29.51 12.50 -78.66
N PHE N 265 -30.55 12.02 -77.98
CA PHE N 265 -30.42 11.52 -76.61
C PHE N 265 -30.89 10.05 -76.65
N LEU N 266 -29.93 9.14 -76.52
CA LEU N 266 -30.11 7.74 -76.84
C LEU N 266 -30.26 6.90 -75.58
N THR N 267 -31.13 5.91 -75.67
CA THR N 267 -31.41 5.02 -74.55
C THR N 267 -30.83 3.65 -74.84
N ALA N 268 -29.75 3.30 -74.15
CA ALA N 268 -28.99 2.11 -74.48
C ALA N 268 -29.19 1.00 -73.56
N SER N 269 -29.47 -0.19 -74.09
CA SER N 269 -29.54 -1.42 -73.32
C SER N 269 -28.36 -2.29 -73.50
N PHE N 270 -28.21 -3.25 -72.61
CA PHE N 270 -27.23 -4.28 -72.79
C PHE N 270 -27.87 -5.61 -72.55
N ALA N 271 -27.38 -6.61 -73.27
CA ALA N 271 -27.77 -8.02 -73.10
C ALA N 271 -26.55 -8.85 -73.43
N PRO N 272 -26.35 -9.99 -72.75
CA PRO N 272 -27.15 -10.68 -71.78
C PRO N 272 -27.11 -10.17 -70.35
N MET N 273 -28.29 -9.95 -69.75
CA MET N 273 -28.41 -9.63 -68.36
C MET N 273 -29.53 -10.42 -67.68
N GLN N 281 -18.15 -17.98 -68.66
CA GLN N 281 -18.43 -17.10 -69.79
C GLN N 281 -19.89 -17.26 -70.23
N VAL N 282 -20.65 -16.19 -70.15
CA VAL N 282 -22.11 -16.25 -70.36
C VAL N 282 -22.42 -16.39 -71.84
N ARG N 283 -23.01 -17.53 -72.20
CA ARG N 283 -23.48 -17.77 -73.56
C ARG N 283 -24.98 -17.56 -73.63
N THR N 284 -25.43 -17.17 -74.82
CA THR N 284 -26.87 -16.97 -75.06
C THR N 284 -27.15 -17.37 -76.49
N ASN N 285 -28.16 -18.21 -76.67
CA ASN N 285 -28.41 -18.88 -77.94
C ASN N 285 -28.87 -17.95 -79.06
N PHE N 286 -29.33 -16.75 -78.71
CA PHE N 286 -29.66 -15.69 -79.66
C PHE N 286 -30.84 -15.95 -80.61
N PRO N 287 -31.99 -16.37 -80.09
CA PRO N 287 -33.22 -15.76 -80.59
C PRO N 287 -33.86 -14.95 -79.50
N ASP N 288 -33.31 -15.12 -78.30
CA ASP N 288 -33.83 -14.54 -77.07
C ASP N 288 -33.00 -13.38 -76.59
N LEU N 289 -31.75 -13.27 -77.05
CA LEU N 289 -30.92 -12.10 -76.79
C LEU N 289 -31.50 -10.91 -77.48
N ALA N 290 -32.00 -11.06 -78.69
CA ALA N 290 -32.70 -9.95 -79.36
C ALA N 290 -34.01 -9.60 -78.66
N ARG N 291 -34.65 -10.55 -78.01
CA ARG N 291 -35.78 -10.27 -77.14
C ARG N 291 -35.35 -9.73 -75.78
N GLU N 292 -34.10 -9.96 -75.42
CA GLU N 292 -33.53 -9.41 -74.19
C GLU N 292 -32.92 -8.03 -74.42
N THR N 293 -32.34 -7.82 -75.60
CA THR N 293 -31.77 -6.56 -75.99
C THR N 293 -32.86 -5.51 -76.10
N PHE N 294 -33.94 -5.83 -76.81
CA PHE N 294 -35.04 -4.89 -76.96
C PHE N 294 -36.19 -5.21 -76.03
N ALA N 295 -35.86 -5.68 -74.82
CA ALA N 295 -36.84 -5.70 -73.73
C ALA N 295 -37.07 -4.25 -73.29
N GLN N 296 -38.31 -3.90 -72.97
CA GLN N 296 -38.61 -2.56 -72.52
C GLN N 296 -38.03 -2.30 -71.14
N ASP N 297 -37.90 -3.36 -70.34
CA ASP N 297 -37.33 -3.26 -69.00
C ASP N 297 -35.83 -3.34 -69.01
N ASN N 298 -35.22 -3.70 -70.13
CA ASN N 298 -33.74 -3.73 -70.22
C ASN N 298 -33.14 -2.41 -70.72
N PHE N 299 -33.95 -1.49 -71.23
CA PHE N 299 -33.44 -0.19 -71.60
C PHE N 299 -33.14 0.59 -70.34
N THR N 300 -32.03 1.29 -70.39
CA THR N 300 -31.47 1.90 -69.23
C THR N 300 -31.89 3.37 -69.19
N ALA N 301 -33.20 3.56 -69.05
CA ALA N 301 -33.82 4.88 -68.76
C ALA N 301 -35.30 4.63 -68.44
N ALA N 302 -35.89 5.54 -67.66
CA ALA N 302 -37.32 5.46 -67.38
C ALA N 302 -38.14 6.18 -68.46
N ILE N 303 -37.92 5.78 -69.70
CA ILE N 303 -38.59 6.35 -70.84
C ILE N 303 -40.06 5.92 -70.87
N ASP N 304 -40.86 6.68 -71.60
CA ASP N 304 -42.27 6.41 -71.74
C ASP N 304 -42.50 5.34 -72.78
N TRP N 305 -43.51 4.52 -72.54
CA TRP N 305 -43.82 3.38 -73.41
C TRP N 305 -45.24 3.34 -73.92
N GLN N 306 -46.21 3.69 -73.09
CA GLN N 306 -47.60 3.70 -73.49
C GLN N 306 -47.92 4.91 -74.36
N GLN N 307 -47.04 5.92 -74.35
CA GLN N 307 -47.16 7.07 -75.24
C GLN N 307 -45.82 7.35 -75.90
N GLY N 308 -45.23 6.30 -76.45
CA GLY N 308 -43.87 6.40 -76.99
C GLY N 308 -43.64 5.48 -78.16
N VAL N 309 -43.31 6.08 -79.31
CA VAL N 309 -42.88 5.34 -80.49
C VAL N 309 -41.48 5.73 -80.81
N TYR N 310 -40.70 4.77 -81.33
CA TYR N 310 -39.27 5.01 -81.49
C TYR N 310 -39.08 5.96 -82.66
N LEU N 311 -37.82 6.36 -82.85
CA LEU N 311 -37.45 7.06 -84.04
C LEU N 311 -36.48 6.07 -84.78
N ALA N 312 -35.38 5.68 -84.15
CA ALA N 312 -34.30 4.97 -84.81
C ALA N 312 -33.57 4.16 -83.77
N ALA N 313 -33.69 2.84 -83.86
CA ALA N 313 -33.00 1.96 -82.95
C ALA N 313 -31.76 1.45 -83.60
N SER N 314 -30.84 0.95 -82.77
CA SER N 314 -29.58 0.39 -83.24
C SER N 314 -29.45 -0.97 -82.58
N ALA N 315 -28.53 -1.78 -83.08
CA ALA N 315 -28.28 -3.07 -82.53
C ALA N 315 -26.86 -3.50 -82.82
N LEU N 316 -26.00 -3.36 -81.81
CA LEU N 316 -24.61 -3.77 -81.95
C LEU N 316 -24.43 -5.08 -81.22
N PHE N 317 -24.41 -6.17 -81.99
CA PHE N 317 -24.31 -7.50 -81.44
C PHE N 317 -22.91 -8.01 -81.56
N ARG N 318 -22.25 -8.20 -80.43
CA ARG N 318 -20.84 -8.50 -80.43
C ARG N 318 -20.56 -9.93 -80.07
N GLY N 319 -19.45 -10.45 -80.53
CA GLY N 319 -19.04 -11.79 -80.14
C GLY N 319 -19.44 -12.84 -81.16
N ASP N 320 -19.97 -13.97 -80.68
CA ASP N 320 -20.37 -15.08 -81.53
C ASP N 320 -21.83 -14.87 -81.91
N VAL N 321 -22.05 -13.85 -82.72
CA VAL N 321 -23.34 -13.53 -83.29
C VAL N 321 -23.13 -13.48 -84.79
N LYS N 322 -23.74 -14.44 -85.48
CA LYS N 322 -23.64 -14.51 -86.93
C LYS N 322 -24.85 -13.85 -87.57
N ALA N 323 -24.63 -13.21 -88.71
CA ALA N 323 -25.55 -12.20 -89.26
C ALA N 323 -26.78 -12.80 -89.91
N LYS N 324 -26.81 -14.10 -90.07
CA LYS N 324 -27.99 -14.75 -90.66
C LYS N 324 -29.17 -14.70 -89.70
N ASP N 325 -28.91 -14.64 -88.39
CA ASP N 325 -29.98 -14.75 -87.41
C ASP N 325 -30.82 -13.51 -87.35
N VAL N 326 -30.26 -12.35 -87.67
CA VAL N 326 -31.00 -11.10 -87.53
C VAL N 326 -32.06 -10.92 -88.65
N ASP N 327 -31.94 -11.66 -89.73
CA ASP N 327 -32.98 -11.70 -90.72
C ASP N 327 -34.23 -12.39 -90.20
N GLU N 328 -34.08 -13.25 -89.18
CA GLU N 328 -35.19 -13.93 -88.55
C GLU N 328 -35.48 -13.35 -87.18
N ASN N 329 -34.46 -12.89 -86.47
CA ASN N 329 -34.67 -12.37 -85.12
C ASN N 329 -35.02 -10.90 -85.16
N MET N 330 -34.18 -10.10 -85.80
CA MET N 330 -34.34 -8.67 -85.70
C MET N 330 -35.49 -8.17 -86.55
N ALA N 331 -35.79 -8.86 -87.64
CA ALA N 331 -37.01 -8.52 -88.38
C ALA N 331 -38.26 -8.88 -87.58
N THR N 332 -38.15 -9.87 -86.71
CA THR N 332 -39.24 -10.18 -85.79
C THR N 332 -39.30 -9.14 -84.66
N ILE N 333 -38.16 -8.65 -84.22
CA ILE N 333 -38.13 -7.66 -83.16
C ILE N 333 -38.72 -6.36 -83.65
N ARG N 334 -38.32 -5.87 -84.81
CA ARG N 334 -38.82 -4.60 -85.35
C ARG N 334 -40.32 -4.58 -85.67
N LYS N 335 -40.91 -5.73 -85.91
CA LYS N 335 -42.37 -5.80 -85.94
C LYS N 335 -42.97 -5.65 -84.54
N SER N 336 -42.26 -6.12 -83.53
CA SER N 336 -42.74 -5.97 -82.15
C SER N 336 -42.54 -4.55 -81.62
N LEU N 337 -41.61 -3.81 -82.20
CA LEU N 337 -41.32 -2.45 -81.78
C LEU N 337 -42.36 -1.50 -82.29
N ASN N 338 -42.29 -0.28 -81.79
CA ASN N 338 -43.23 0.80 -82.20
C ASN N 338 -42.41 1.94 -82.73
N TYR N 339 -42.42 2.14 -84.04
CA TYR N 339 -41.70 3.26 -84.59
C TYR N 339 -42.62 4.40 -84.92
N ALA N 340 -42.04 5.52 -85.34
CA ALA N 340 -42.85 6.63 -85.80
C ALA N 340 -43.50 6.26 -87.13
N SER N 341 -44.50 7.03 -87.54
CA SER N 341 -45.20 6.74 -88.79
C SER N 341 -44.32 6.99 -90.02
N TYR N 342 -43.33 7.89 -89.88
CA TYR N 342 -42.46 8.23 -90.96
C TYR N 342 -41.19 7.38 -91.01
N MET N 343 -41.21 6.19 -90.41
CA MET N 343 -40.14 5.20 -90.55
C MET N 343 -40.69 4.00 -91.30
N PRO N 344 -39.88 3.41 -92.20
CA PRO N 344 -40.36 2.34 -93.05
C PRO N 344 -40.65 1.02 -92.31
N ALA N 345 -41.22 0.09 -93.05
CA ALA N 345 -41.83 -1.13 -92.52
C ALA N 345 -40.86 -2.08 -91.84
N SER N 346 -39.83 -2.49 -92.54
CA SER N 346 -38.78 -3.32 -91.95
C SER N 346 -37.54 -2.51 -91.61
N GLY N 347 -37.46 -1.27 -92.13
CA GLY N 347 -36.35 -0.41 -91.85
C GLY N 347 -36.51 0.35 -90.56
N GLY N 348 -35.53 1.21 -90.32
CA GLY N 348 -35.49 2.05 -89.15
C GLY N 348 -34.57 1.52 -88.08
N LEU N 349 -34.00 0.31 -88.23
CA LEU N 349 -33.10 -0.25 -87.26
C LEU N 349 -31.79 -0.56 -87.89
N LYS N 350 -30.73 0.20 -87.57
CA LYS N 350 -29.36 -0.10 -88.07
C LYS N 350 -28.77 -1.21 -87.24
N LEU N 351 -27.77 -1.90 -87.80
CA LEU N 351 -27.14 -3.01 -87.09
C LEU N 351 -25.65 -2.93 -87.16
N GLY N 352 -25.01 -3.77 -86.37
CA GLY N 352 -23.54 -3.87 -86.41
C GLY N 352 -23.07 -5.11 -85.75
N TYR N 353 -21.79 -5.43 -85.87
CA TYR N 353 -21.21 -6.60 -85.23
C TYR N 353 -19.78 -6.30 -84.79
N ALA N 354 -19.31 -7.04 -83.81
CA ALA N 354 -17.91 -7.11 -83.49
C ALA N 354 -17.50 -8.57 -83.52
N GLU N 355 -16.24 -8.81 -83.79
CA GLU N 355 -15.69 -10.14 -83.85
C GLU N 355 -15.16 -10.62 -82.48
N THR N 356 -15.37 -9.83 -81.41
CA THR N 356 -14.90 -10.19 -80.10
C THR N 356 -15.86 -9.69 -79.04
N ALA N 357 -16.34 -10.60 -78.23
CA ALA N 357 -17.25 -10.32 -77.14
C ALA N 357 -16.46 -9.64 -76.01
N PRO N 358 -17.15 -9.01 -75.06
CA PRO N 358 -16.48 -8.60 -73.84
C PRO N 358 -16.00 -9.77 -73.00
N GLU N 359 -14.93 -9.61 -72.24
CA GLU N 359 -14.42 -10.67 -71.41
C GLU N 359 -15.41 -10.96 -70.29
N GLY N 360 -15.73 -12.24 -70.13
CA GLY N 360 -16.82 -12.65 -69.26
C GLY N 360 -18.09 -13.03 -70.00
N PHE N 361 -18.25 -12.53 -71.21
CA PHE N 361 -19.41 -12.84 -72.05
C PHE N 361 -18.95 -13.48 -73.34
N ALA N 362 -19.87 -14.16 -74.00
CA ALA N 362 -19.55 -14.82 -75.29
C ALA N 362 -20.34 -14.29 -76.45
N SER N 363 -21.46 -13.65 -76.18
CA SER N 363 -22.21 -12.96 -77.24
C SER N 363 -23.00 -11.86 -76.57
N SER N 364 -22.64 -10.61 -76.84
CA SER N 364 -23.32 -9.49 -76.22
C SER N 364 -24.18 -8.74 -77.20
N GLY N 365 -24.93 -7.80 -76.69
CA GLY N 365 -25.78 -6.93 -77.47
C GLY N 365 -25.98 -5.55 -76.90
N LEU N 366 -26.15 -4.58 -77.79
CA LEU N 366 -26.34 -3.18 -77.37
C LEU N 366 -27.47 -2.64 -78.21
N ALA N 367 -28.14 -1.64 -77.73
CA ALA N 367 -29.22 -1.04 -78.50
C ALA N 367 -29.38 0.43 -78.21
N LEU N 368 -28.73 1.26 -78.97
CA LEU N 368 -28.96 2.69 -78.89
C LEU N 368 -30.30 2.94 -79.54
N VAL N 369 -31.27 3.38 -78.76
CA VAL N 369 -32.59 3.63 -79.23
C VAL N 369 -32.95 5.09 -79.07
N ASN N 370 -33.11 5.79 -80.19
CA ASN N 370 -33.64 7.15 -80.17
C ASN N 370 -35.17 7.07 -80.20
N HIS N 371 -35.79 7.59 -79.16
CA HIS N 371 -37.19 7.30 -78.83
C HIS N 371 -37.82 8.58 -78.26
N THR N 372 -39.10 8.74 -78.55
CA THR N 372 -39.87 9.80 -77.95
C THR N 372 -40.03 9.64 -76.42
N GLY N 373 -39.77 8.46 -75.89
CA GLY N 373 -39.85 8.31 -74.49
C GLY N 373 -38.82 9.09 -73.66
N ILE N 374 -37.71 9.44 -74.29
CA ILE N 374 -36.70 10.18 -73.59
C ILE N 374 -37.12 11.62 -73.37
N ALA N 375 -38.17 12.05 -74.08
CA ALA N 375 -38.77 13.33 -73.74
C ALA N 375 -39.54 13.30 -72.42
N ALA N 376 -39.97 12.12 -71.98
CA ALA N 376 -40.60 12.01 -70.67
C ALA N 376 -39.57 12.16 -69.54
N VAL N 377 -38.33 11.76 -69.81
CA VAL N 377 -37.21 12.16 -68.98
C VAL N 377 -37.05 13.68 -69.01
N PHE N 378 -37.14 14.27 -70.21
CA PHE N 378 -37.07 15.72 -70.36
C PHE N 378 -38.29 16.44 -69.72
N GLU N 379 -39.48 15.88 -69.91
CA GLU N 379 -40.66 16.46 -69.35
C GLU N 379 -40.66 16.38 -67.82
N ARG N 380 -40.07 15.33 -67.25
CA ARG N 380 -39.89 15.26 -65.79
C ARG N 380 -38.94 16.36 -65.31
N LEU N 381 -37.85 16.50 -66.02
CA LEU N 381 -36.84 17.46 -65.62
C LEU N 381 -37.24 18.91 -65.96
N ILE N 382 -38.36 19.11 -66.63
CA ILE N 382 -38.91 20.44 -66.83
C ILE N 382 -40.04 20.68 -65.82
N ALA N 383 -40.84 19.65 -65.57
CA ALA N 383 -41.89 19.76 -64.56
C ALA N 383 -41.30 19.93 -63.16
N GLN N 384 -40.12 19.36 -62.92
CA GLN N 384 -39.37 19.70 -61.71
C GLN N 384 -38.78 21.09 -61.80
N PHE N 385 -38.36 21.48 -62.98
CA PHE N 385 -37.81 22.81 -63.17
C PHE N 385 -38.89 23.87 -63.12
N ASP N 386 -40.12 23.52 -63.47
CA ASP N 386 -41.20 24.50 -63.56
C ASP N 386 -41.56 25.10 -62.21
N ILE N 387 -41.70 24.26 -61.20
CA ILE N 387 -42.04 24.74 -59.87
C ILE N 387 -40.81 25.36 -59.24
N MET N 388 -39.66 24.70 -59.41
CA MET N 388 -38.47 25.00 -58.66
C MET N 388 -37.81 26.28 -59.14
N PHE N 389 -37.97 26.66 -60.40
CA PHE N 389 -37.33 27.88 -60.90
C PHE N 389 -38.14 29.15 -60.63
N ASP N 390 -39.47 29.06 -60.75
CA ASP N 390 -40.31 30.23 -60.58
C ASP N 390 -40.41 30.69 -59.14
N ASN N 391 -40.14 29.79 -58.20
CA ASN N 391 -40.17 30.10 -56.78
C ASN N 391 -38.78 30.30 -56.20
N HIS N 392 -37.77 30.45 -57.08
CA HIS N 392 -36.36 30.79 -56.72
C HIS N 392 -35.77 29.75 -55.78
N ALA N 393 -36.13 28.49 -56.00
CA ALA N 393 -36.09 27.52 -54.92
C ALA N 393 -34.74 27.01 -54.62
N TYR N 394 -33.79 27.14 -55.53
CA TYR N 394 -32.35 27.07 -55.17
C TYR N 394 -31.54 28.02 -56.02
N THR N 395 -32.17 29.07 -56.52
CA THR N 395 -31.61 29.80 -57.62
C THR N 395 -30.48 30.72 -57.19
N HIS N 396 -30.50 31.16 -55.93
CA HIS N 396 -29.52 32.13 -55.51
C HIS N 396 -28.11 31.57 -55.41
N TRP N 397 -27.95 30.25 -55.35
CA TRP N 397 -26.64 29.62 -55.44
C TRP N 397 -26.03 29.73 -56.84
N TYR N 398 -26.87 29.90 -57.84
CA TYR N 398 -26.38 30.22 -59.20
C TYR N 398 -26.18 31.69 -59.41
N GLU N 399 -27.08 32.49 -58.86
CA GLU N 399 -27.03 33.93 -59.03
C GLU N 399 -25.82 34.51 -58.33
N ASN N 400 -25.53 34.02 -57.13
CA ASN N 400 -24.36 34.48 -56.38
C ASN N 400 -23.09 33.72 -56.76
N ALA N 401 -23.10 33.01 -57.88
CA ALA N 401 -21.91 32.36 -58.41
C ALA N 401 -21.80 32.48 -59.94
N GLY N 402 -22.45 33.47 -60.52
CA GLY N 402 -22.22 33.85 -61.91
C GLY N 402 -23.42 33.75 -62.84
N VAL N 403 -24.32 32.78 -62.58
CA VAL N 403 -25.35 32.40 -63.54
C VAL N 403 -26.70 32.98 -63.15
N SER N 404 -27.22 33.88 -63.98
CA SER N 404 -28.48 34.56 -63.69
C SER N 404 -29.68 33.74 -64.11
N ARG N 405 -30.86 34.25 -63.77
CA ARG N 405 -32.12 33.61 -64.16
C ARG N 405 -32.40 33.75 -65.66
N ASP N 406 -31.81 34.75 -66.29
CA ASP N 406 -31.93 34.89 -67.74
C ASP N 406 -31.20 33.75 -68.44
N MET N 407 -30.02 33.40 -67.91
CA MET N 407 -29.19 32.33 -68.44
C MET N 407 -29.80 30.97 -68.12
N MET N 408 -30.67 30.89 -67.12
CA MET N 408 -31.27 29.63 -66.68
C MET N 408 -32.64 29.38 -67.26
N ALA N 409 -33.43 30.43 -67.49
CA ALA N 409 -34.69 30.26 -68.20
C ALA N 409 -34.44 29.97 -69.68
N LYS N 410 -33.39 30.53 -70.24
CA LYS N 410 -32.98 30.25 -71.61
C LYS N 410 -32.55 28.79 -71.76
N ALA N 411 -32.01 28.21 -70.69
CA ALA N 411 -31.72 26.78 -70.67
C ALA N 411 -33.01 25.97 -70.70
N ARG N 412 -34.08 26.50 -70.11
CA ARG N 412 -35.36 25.80 -70.10
C ARG N 412 -36.01 25.86 -71.44
N ASN N 413 -35.91 27.01 -72.10
CA ASN N 413 -36.63 27.21 -73.34
C ASN N 413 -36.06 26.39 -74.48
N GLN N 414 -34.86 25.83 -74.33
CA GLN N 414 -34.34 24.88 -75.30
C GLN N 414 -34.79 23.48 -74.97
N ILE N 415 -34.85 23.14 -73.70
CA ILE N 415 -35.26 21.78 -73.30
C ILE N 415 -36.78 21.64 -73.40
N ALA N 416 -37.53 22.72 -73.16
CA ALA N 416 -38.96 22.70 -73.44
C ALA N 416 -39.21 22.62 -74.94
N THR N 417 -38.31 23.17 -75.74
CA THR N 417 -38.32 22.94 -77.18
C THR N 417 -37.93 21.48 -77.48
N LEU N 418 -36.94 20.97 -76.77
CA LEU N 418 -36.46 19.63 -76.99
C LEU N 418 -37.49 18.58 -76.55
N ALA N 419 -38.19 18.83 -75.47
CA ALA N 419 -39.27 17.94 -75.06
C ALA N 419 -40.44 18.00 -76.03
N GLN N 420 -40.56 19.11 -76.75
CA GLN N 420 -41.54 19.21 -77.81
C GLN N 420 -41.04 18.61 -79.11
N SER N 421 -39.73 18.63 -79.33
CA SER N 421 -39.13 18.11 -80.55
C SER N 421 -39.27 16.60 -80.70
N TYR N 422 -39.44 15.87 -79.60
CA TYR N 422 -39.83 14.46 -79.70
C TYR N 422 -41.33 14.30 -79.90
N ARG N 423 -42.13 15.18 -79.29
CA ARG N 423 -43.56 15.14 -79.53
C ARG N 423 -43.92 15.64 -80.93
N ASP N 424 -43.04 16.43 -81.53
CA ASP N 424 -43.15 16.72 -82.96
C ASP N 424 -42.64 15.59 -83.82
N ALA N 425 -41.92 14.63 -83.21
CA ALA N 425 -41.34 13.51 -83.93
C ALA N 425 -42.13 12.22 -83.70
N SER N 426 -43.45 12.31 -83.65
CA SER N 426 -44.30 11.13 -83.51
C SER N 426 -45.22 10.95 -84.72
N ASP O 1 7.39 16.25 -90.44
CA ASP O 1 8.82 16.10 -90.86
C ASP O 1 9.50 17.48 -90.85
N THR O 2 8.72 18.53 -91.11
CA THR O 2 9.11 19.98 -91.06
C THR O 2 9.82 20.43 -89.77
N ALA O 3 10.72 21.42 -89.86
CA ALA O 3 11.58 21.84 -88.70
C ALA O 3 10.76 22.32 -87.50
N LEU O 4 9.68 23.05 -87.81
CA LEU O 4 8.79 23.58 -86.80
C LEU O 4 8.03 22.47 -86.09
N GLU O 5 7.54 21.47 -86.83
CA GLU O 5 6.89 20.29 -86.24
C GLU O 5 7.81 19.52 -85.27
N ARG O 6 9.11 19.53 -85.57
CA ARG O 6 10.15 18.88 -84.75
C ARG O 6 10.35 19.66 -83.44
N GLN O 7 10.49 20.97 -83.57
CA GLN O 7 10.57 21.88 -82.41
C GLN O 7 9.32 21.73 -81.50
N ILE O 8 8.15 21.53 -82.08
CA ILE O 8 6.93 21.39 -81.33
C ILE O 8 6.92 20.07 -80.57
N ALA O 9 7.37 18.99 -81.20
CA ALA O 9 7.35 17.64 -80.58
C ALA O 9 8.24 17.66 -79.33
N SER O 10 9.41 18.25 -79.50
CA SER O 10 10.41 18.38 -78.46
C SER O 10 9.89 19.22 -77.29
N ALA O 11 9.33 20.40 -77.62
CA ALA O 11 8.77 21.33 -76.65
C ALA O 11 7.56 20.74 -75.94
N SER O 12 6.71 20.00 -76.66
CA SER O 12 5.60 19.29 -76.05
C SER O 12 6.05 18.25 -75.07
N ARG O 13 7.04 17.41 -75.41
CA ARG O 13 7.54 16.37 -74.49
C ARG O 13 8.03 17.03 -73.24
N SER O 14 8.85 18.08 -73.42
CA SER O 14 9.44 18.80 -72.34
C SER O 14 8.37 19.42 -71.40
N VAL O 15 7.24 19.88 -72.00
CA VAL O 15 6.11 20.44 -71.22
C VAL O 15 5.41 19.31 -70.46
N GLU O 16 5.10 18.22 -71.14
CA GLU O 16 4.49 17.00 -70.56
C GLU O 16 5.31 16.47 -69.40
N GLU O 17 6.63 16.45 -69.54
CA GLU O 17 7.53 16.12 -68.44
C GLU O 17 7.37 17.05 -67.28
N ALA O 18 7.44 18.36 -67.52
CA ALA O 18 7.20 19.32 -66.41
C ALA O 18 5.77 19.22 -65.78
N ARG O 19 4.77 18.88 -66.58
CA ARG O 19 3.39 18.65 -66.08
C ARG O 19 3.39 17.49 -65.09
N ARG O 20 3.95 16.33 -65.48
CA ARG O 20 4.05 15.10 -64.66
C ARG O 20 4.83 15.36 -63.41
N LEU O 21 5.99 15.99 -63.55
CA LEU O 21 6.77 16.45 -62.39
C LEU O 21 5.91 17.24 -61.40
N ALA O 22 5.03 18.11 -61.89
CA ALA O 22 4.22 18.95 -61.03
C ALA O 22 3.00 18.19 -60.52
N TYR O 23 2.64 17.08 -61.16
CA TYR O 23 1.71 16.09 -60.62
C TYR O 23 2.31 15.40 -59.38
N HIS O 24 3.52 14.84 -59.52
CA HIS O 24 4.24 14.20 -58.40
C HIS O 24 4.63 15.20 -57.28
N ASP O 25 4.99 16.41 -57.67
CA ASP O 25 5.38 17.42 -56.73
C ASP O 25 4.71 18.79 -57.08
N PRO O 26 3.49 19.07 -56.51
CA PRO O 26 2.73 20.28 -56.94
C PRO O 26 3.45 21.63 -56.81
N ILE O 27 4.49 21.71 -55.98
CA ILE O 27 5.26 22.94 -55.80
C ILE O 27 6.10 23.45 -57.03
N ARG O 28 6.43 22.56 -57.99
CA ARG O 28 7.45 22.87 -59.08
C ARG O 28 6.92 23.74 -60.28
N VAL O 29 6.12 24.74 -59.96
CA VAL O 29 5.28 25.46 -60.91
C VAL O 29 6.12 26.34 -61.82
N GLY O 30 7.14 26.98 -61.21
CA GLY O 30 8.05 27.85 -61.94
C GLY O 30 8.64 27.15 -63.19
N ALA O 31 9.10 25.92 -63.05
CA ALA O 31 9.71 25.18 -64.16
C ALA O 31 8.69 24.85 -65.26
N LEU O 32 7.43 24.59 -64.86
CA LEU O 32 6.38 24.32 -65.81
C LEU O 32 6.17 25.55 -66.71
N VAL O 33 6.19 26.74 -66.08
CA VAL O 33 6.02 28.01 -66.77
C VAL O 33 7.09 28.17 -67.84
N GLU O 34 8.35 27.94 -67.47
CA GLU O 34 9.45 28.05 -68.41
C GLU O 34 9.32 27.17 -69.63
N GLN O 35 8.96 25.91 -69.40
CA GLN O 35 8.75 24.96 -70.49
C GLN O 35 7.57 25.39 -71.35
N ILE O 36 6.51 25.87 -70.69
CA ILE O 36 5.34 26.36 -71.38
C ILE O 36 5.71 27.57 -72.29
N SER O 37 6.56 28.49 -71.79
CA SER O 37 6.87 29.67 -72.59
C SER O 37 7.46 29.29 -73.97
N VAL O 38 8.26 28.22 -74.01
CA VAL O 38 8.91 27.79 -75.23
C VAL O 38 7.88 27.18 -76.21
N LEU O 39 7.00 26.32 -75.69
CA LEU O 39 5.98 25.70 -76.49
C LEU O 39 4.96 26.80 -76.96
N ALA O 40 4.58 27.72 -76.09
CA ALA O 40 3.64 28.80 -76.40
C ALA O 40 4.20 29.65 -77.52
N ASP O 41 5.49 30.01 -77.40
CA ASP O 41 6.20 30.67 -78.53
C ASP O 41 6.01 29.97 -79.89
N LEU O 42 6.08 28.65 -79.89
CA LEU O 42 6.04 27.92 -81.13
C LEU O 42 4.63 27.90 -81.67
N ARG O 43 3.65 27.83 -80.77
CA ARG O 43 2.27 27.83 -81.16
C ARG O 43 1.90 29.19 -81.73
N GLN O 44 2.49 30.26 -81.21
CA GLN O 44 2.31 31.59 -81.77
C GLN O 44 2.88 31.69 -83.17
N LYS O 45 4.06 31.11 -83.36
CA LYS O 45 4.74 31.15 -84.63
C LYS O 45 3.88 30.47 -85.67
N GLU O 46 3.22 29.36 -85.31
CA GLU O 46 2.30 28.72 -86.27
C GLU O 46 0.90 29.33 -86.30
N GLY O 47 0.68 30.39 -85.53
CA GLY O 47 -0.60 31.04 -85.46
C GLY O 47 -1.68 30.42 -84.60
N ASP O 48 -1.41 29.27 -83.96
CA ASP O 48 -2.36 28.75 -82.97
C ASP O 48 -2.35 29.53 -81.60
N PHE O 49 -2.90 30.74 -81.59
CA PHE O 49 -2.89 31.58 -80.39
C PHE O 49 -3.77 31.07 -79.25
N ARG O 50 -4.91 30.43 -79.56
CA ARG O 50 -5.75 29.80 -78.54
C ARG O 50 -5.02 28.68 -77.81
N LYS O 51 -4.14 27.94 -78.49
CA LYS O 51 -3.36 26.91 -77.80
C LYS O 51 -2.38 27.54 -76.89
N ALA O 52 -1.70 28.58 -77.35
CA ALA O 52 -0.76 29.29 -76.54
C ALA O 52 -1.46 29.86 -75.29
N GLU O 53 -2.65 30.44 -75.46
CA GLU O 53 -3.41 30.99 -74.38
C GLU O 53 -3.77 29.92 -73.35
N SER O 54 -4.18 28.76 -73.84
CA SER O 54 -4.53 27.66 -72.96
C SER O 54 -3.36 27.24 -72.08
N LEU O 55 -2.15 27.19 -72.64
CA LEU O 55 -0.95 26.81 -71.92
C LEU O 55 -0.70 27.77 -70.76
N TYR O 56 -0.83 29.07 -71.04
CA TYR O 56 -0.57 30.05 -70.00
C TYR O 56 -1.64 30.10 -68.96
N ARG O 57 -2.85 29.80 -69.35
CA ARG O 57 -3.93 29.71 -68.38
C ARG O 57 -3.71 28.53 -67.47
N GLU O 58 -3.19 27.44 -68.03
CA GLU O 58 -2.89 26.27 -67.23
C GLU O 58 -1.80 26.59 -66.19
N ALA O 59 -0.72 27.25 -66.66
CA ALA O 59 0.33 27.72 -65.77
C ALA O 59 -0.25 28.59 -64.63
N LEU O 60 -1.18 29.45 -65.02
CA LEU O 60 -1.80 30.37 -64.08
C LEU O 60 -2.62 29.61 -63.04
N PHE O 61 -3.41 28.62 -63.46
CA PHE O 61 -4.23 27.84 -62.53
C PHE O 61 -3.34 27.10 -61.53
N ARG O 62 -2.25 26.48 -62.00
CA ARG O 62 -1.30 25.86 -61.09
C ARG O 62 -0.73 26.86 -60.05
N ALA O 63 -0.38 28.05 -60.51
CA ALA O 63 0.15 29.07 -59.63
C ALA O 63 -0.90 29.52 -58.60
N GLN O 64 -2.13 29.63 -59.07
CA GLN O 64 -3.21 30.00 -58.19
C GLN O 64 -3.52 28.95 -57.10
N GLU O 65 -3.25 27.69 -57.36
CA GLU O 65 -3.51 26.63 -56.41
C GLU O 65 -2.40 26.42 -55.36
N LEU O 66 -1.26 27.09 -55.50
CA LEU O 66 -0.21 26.99 -54.46
C LEU O 66 -0.75 27.34 -53.06
N ARG O 67 -0.40 26.53 -52.05
CA ARG O 67 -0.79 26.87 -50.69
C ARG O 67 -0.11 28.09 -50.16
N LYS O 68 1.15 28.31 -50.53
CA LYS O 68 1.79 29.60 -50.31
C LYS O 68 1.73 30.40 -51.62
N GLN O 69 0.92 31.47 -51.61
CA GLN O 69 0.76 32.30 -52.80
C GLN O 69 2.06 32.94 -53.21
N ASP O 70 2.39 32.82 -54.52
CA ASP O 70 3.60 33.42 -55.07
C ASP O 70 3.23 34.56 -56.01
N PRO O 71 3.06 35.77 -55.48
CA PRO O 71 2.66 36.86 -56.33
C PRO O 71 3.65 37.17 -57.48
N ASP O 72 4.93 37.02 -57.23
CA ASP O 72 5.91 37.25 -58.28
C ASP O 72 5.69 36.33 -59.50
N LEU O 73 5.36 35.08 -59.21
CA LEU O 73 5.10 34.11 -60.25
C LEU O 73 3.85 34.50 -61.07
N LEU O 74 2.79 34.94 -60.38
CA LEU O 74 1.55 35.32 -60.99
C LEU O 74 1.75 36.55 -61.87
N THR O 75 2.47 37.55 -61.34
CA THR O 75 2.88 38.73 -62.09
C THR O 75 3.50 38.33 -63.44
N GLY O 76 4.46 37.40 -63.40
CA GLY O 76 5.16 36.96 -64.58
C GLY O 76 4.25 36.23 -65.57
N ILE O 77 3.36 35.38 -65.02
CA ILE O 77 2.44 34.64 -65.86
C ILE O 77 1.47 35.62 -66.59
N TYR O 78 0.90 36.56 -65.85
CA TYR O 78 0.04 37.57 -66.46
C TYR O 78 0.77 38.35 -67.53
N SER O 79 2.05 38.62 -67.33
CA SER O 79 2.81 39.39 -68.33
C SER O 79 3.06 38.54 -69.56
N LEU O 80 3.22 37.21 -69.40
CA LEU O 80 3.32 36.35 -70.57
C LEU O 80 2.00 36.32 -71.39
N LEU O 81 0.86 36.35 -70.71
CA LEU O 81 -0.44 36.39 -71.38
C LEU O 81 -0.59 37.75 -72.08
N ALA O 82 -0.17 38.81 -71.40
CA ALA O 82 -0.22 40.15 -71.95
C ALA O 82 0.57 40.20 -73.27
N HIS O 83 1.79 39.70 -73.24
CA HIS O 83 2.64 39.66 -74.43
C HIS O 83 2.03 38.81 -75.55
N LEU O 84 1.43 37.68 -75.15
CA LEU O 84 0.70 36.85 -76.10
C LEU O 84 -0.41 37.67 -76.81
N TYR O 85 -1.26 38.36 -76.01
CA TYR O 85 -2.28 39.24 -76.56
C TYR O 85 -1.72 40.33 -77.47
N ASP O 86 -0.60 40.91 -77.09
CA ASP O 86 0.06 41.88 -77.90
C ASP O 86 0.45 41.29 -79.28
N ARG O 87 1.13 40.15 -79.30
CA ARG O 87 1.51 39.57 -80.59
C ARG O 87 0.32 39.11 -81.40
N TRP O 88 -0.77 38.78 -80.71
CA TRP O 88 -1.99 38.34 -81.35
C TRP O 88 -2.67 39.54 -82.01
N GLY O 89 -2.41 40.77 -81.56
CA GLY O 89 -3.03 41.98 -82.14
C GLY O 89 -4.26 42.38 -81.33
N ARG O 90 -4.37 41.85 -80.11
CA ARG O 90 -5.45 42.19 -79.19
C ARG O 90 -4.95 43.22 -78.19
N MET O 91 -4.79 44.44 -78.68
CA MET O 91 -4.08 45.50 -77.97
C MET O 91 -4.72 45.88 -76.67
N ASP O 92 -6.04 45.89 -76.62
CA ASP O 92 -6.68 46.26 -75.34
C ASP O 92 -6.44 45.23 -74.25
N LYS O 93 -6.41 43.97 -74.66
CA LYS O 93 -6.32 42.88 -73.74
C LYS O 93 -4.88 42.82 -73.19
N ALA O 94 -3.92 43.12 -74.04
CA ALA O 94 -2.53 43.18 -73.64
C ALA O 94 -2.36 44.22 -72.54
N ALA O 95 -2.96 45.39 -72.70
CA ALA O 95 -2.88 46.44 -71.68
C ALA O 95 -3.56 45.98 -70.40
N GLU O 96 -4.68 45.27 -70.55
CA GLU O 96 -5.44 44.83 -69.40
C GLU O 96 -4.67 43.81 -68.54
N PHE O 97 -3.91 42.96 -69.21
CA PHE O 97 -3.20 41.88 -68.56
C PHE O 97 -1.89 42.33 -67.93
N TYR O 98 -1.19 43.28 -68.57
CA TYR O 98 -0.06 43.95 -67.93
C TYR O 98 -0.55 44.70 -66.68
N GLU O 99 -1.73 45.32 -66.76
CA GLU O 99 -2.26 46.06 -65.63
C GLU O 99 -2.61 45.12 -64.45
N LEU O 100 -3.11 43.94 -64.78
CA LEU O 100 -3.36 42.93 -63.78
C LEU O 100 -2.07 42.50 -63.12
N ALA O 101 -1.02 42.27 -63.91
CA ALA O 101 0.29 41.93 -63.37
C ALA O 101 0.75 42.98 -62.40
N LEU O 102 0.60 44.27 -62.77
CA LEU O 102 1.09 45.34 -61.93
C LEU O 102 0.30 45.44 -60.65
N LYS O 103 -0.99 45.14 -60.72
CA LYS O 103 -1.83 45.25 -59.56
C LYS O 103 -1.46 44.17 -58.51
N ILE O 104 -1.15 42.96 -58.95
CA ILE O 104 -0.70 41.90 -58.06
C ILE O 104 0.61 42.28 -57.34
N SER O 105 1.58 42.73 -58.11
CA SER O 105 2.80 43.25 -57.53
C SER O 105 2.62 44.44 -56.57
N ALA O 106 1.77 45.41 -56.91
CA ALA O 106 1.54 46.57 -56.06
C ALA O 106 0.93 46.15 -54.73
N GLU O 107 0.05 45.14 -54.73
CA GLU O 107 -0.57 44.69 -53.49
C GLU O 107 0.32 43.87 -52.58
N ASN O 108 1.39 43.29 -53.13
CA ASN O 108 2.34 42.53 -52.34
C ASN O 108 3.61 43.40 -52.25
N GLY O 109 4.80 42.85 -52.16
CA GLY O 109 5.93 43.78 -52.00
C GLY O 109 6.52 44.42 -53.26
N LEU O 110 6.03 44.07 -54.45
CA LEU O 110 6.98 43.91 -55.56
C LEU O 110 7.09 45.06 -56.52
N GLU O 111 6.50 46.19 -56.12
CA GLU O 111 6.72 47.52 -56.69
C GLU O 111 8.05 47.74 -57.39
N GLU O 112 9.16 47.44 -56.73
CA GLU O 112 10.48 47.77 -57.31
C GLU O 112 11.23 46.53 -57.78
N SER O 113 10.55 45.72 -58.57
CA SER O 113 11.17 44.48 -59.06
C SER O 113 11.59 44.54 -60.53
N ASP O 114 12.37 43.57 -60.94
CA ASP O 114 12.81 43.39 -62.29
C ASP O 114 11.61 43.25 -63.27
N LYS O 115 10.74 42.26 -62.98
CA LYS O 115 9.50 42.05 -63.69
C LYS O 115 8.64 43.31 -63.80
N VAL O 116 8.47 44.01 -62.71
CA VAL O 116 7.60 45.18 -62.71
C VAL O 116 8.07 46.30 -63.60
N ALA O 117 9.38 46.56 -63.59
CA ALA O 117 9.93 47.60 -64.44
C ALA O 117 9.75 47.19 -65.91
N THR O 118 9.95 45.90 -66.20
CA THR O 118 9.74 45.36 -67.57
C THR O 118 8.29 45.54 -68.01
N ILE O 119 7.36 45.14 -67.14
CA ILE O 119 5.97 45.28 -67.43
C ILE O 119 5.61 46.75 -67.70
N LYS O 120 6.10 47.67 -66.90
CA LYS O 120 5.75 49.09 -67.07
C LYS O 120 6.26 49.63 -68.40
N ASN O 121 7.46 49.20 -68.80
CA ASN O 121 7.98 49.52 -70.11
C ASN O 121 7.04 48.98 -71.19
N ASN O 122 6.76 47.67 -71.16
CA ASN O 122 5.92 47.07 -72.19
C ASN O 122 4.51 47.68 -72.21
N LEU O 123 3.94 47.96 -71.04
CA LEU O 123 2.67 48.61 -70.95
C LEU O 123 2.69 50.01 -71.53
N ALA O 124 3.74 50.77 -71.21
CA ALA O 124 3.90 52.11 -71.79
C ALA O 124 3.85 52.06 -73.32
N MET O 125 4.46 51.02 -73.91
CA MET O 125 4.48 50.90 -75.33
C MET O 125 3.08 50.65 -75.93
N ILE O 126 2.26 49.89 -75.20
CA ILE O 126 0.90 49.64 -75.63
C ILE O 126 0.10 50.97 -75.55
N PHE O 127 0.29 51.72 -74.45
CA PHE O 127 -0.33 53.01 -74.37
C PHE O 127 0.06 53.98 -75.48
N LYS O 128 1.33 53.94 -75.91
CA LYS O 128 1.71 54.68 -77.10
C LYS O 128 0.82 54.27 -78.30
N GLN O 129 0.63 52.98 -78.52
CA GLN O 129 -0.20 52.51 -79.61
C GLN O 129 -1.66 52.91 -79.43
N LEU O 130 -2.13 52.92 -78.17
CA LEU O 130 -3.48 53.42 -77.84
C LEU O 130 -3.60 54.92 -77.95
N ARG O 131 -2.50 55.59 -78.32
CA ARG O 131 -2.43 57.04 -78.41
C ARG O 131 -2.80 57.68 -77.09
N LYS O 132 -2.28 57.16 -75.98
CA LYS O 132 -2.39 57.80 -74.68
C LYS O 132 -1.03 58.19 -74.19
N PHE O 133 -0.57 59.34 -74.65
CA PHE O 133 0.83 59.75 -74.48
C PHE O 133 1.24 59.92 -73.01
N GLU O 134 0.39 60.59 -72.24
CA GLU O 134 0.66 60.94 -70.84
C GLU O 134 0.80 59.66 -70.01
N ARG O 135 -0.10 58.69 -70.24
CA ARG O 135 -0.01 57.41 -69.53
C ARG O 135 1.24 56.65 -69.94
N ALA O 136 1.60 56.69 -71.22
CA ALA O 136 2.85 56.08 -71.72
C ALA O 136 4.09 56.71 -71.09
N GLU O 137 4.13 58.04 -71.10
CA GLU O 137 5.27 58.71 -70.46
C GLU O 137 5.43 58.32 -68.97
N GLY O 138 4.34 58.37 -68.20
CA GLY O 138 4.33 57.97 -66.81
C GLY O 138 4.94 56.61 -66.58
N TYR O 139 4.45 55.60 -67.27
CA TYR O 139 4.99 54.26 -67.08
C TYR O 139 6.41 54.13 -67.53
N TYR O 140 6.79 54.78 -68.64
CA TYR O 140 8.18 54.68 -69.07
C TYR O 140 9.11 55.27 -67.98
N CYS O 141 8.74 56.41 -67.40
CA CYS O 141 9.54 57.05 -66.36
C CYS O 141 9.69 56.17 -65.16
N GLU O 142 8.58 55.54 -64.74
CA GLU O 142 8.67 54.57 -63.66
C GLU O 142 9.57 53.39 -63.97
N ALA O 143 9.46 52.84 -65.17
CA ALA O 143 10.36 51.73 -65.57
C ALA O 143 11.81 52.19 -65.54
N LEU O 144 12.06 53.40 -66.06
CA LEU O 144 13.37 54.05 -66.06
C LEU O 144 14.01 54.19 -64.65
N GLU O 145 13.32 54.86 -63.74
CA GLU O 145 13.75 54.94 -62.32
C GLU O 145 14.01 53.56 -61.71
N THR O 146 13.12 52.60 -61.89
CA THR O 146 13.34 51.28 -61.28
C THR O 146 14.57 50.60 -61.84
N PHE O 147 14.77 50.64 -63.15
CA PHE O 147 15.97 50.06 -63.71
C PHE O 147 17.25 50.81 -63.27
N GLN O 148 17.13 52.13 -63.12
CA GLN O 148 18.23 52.92 -62.58
C GLN O 148 18.63 52.42 -61.18
N ARG O 149 17.66 52.23 -60.30
CA ARG O 149 17.91 51.73 -58.95
C ARG O 149 18.33 50.26 -58.92
N LEU O 150 17.96 49.47 -59.90
CA LEU O 150 18.26 48.04 -59.86
C LEU O 150 19.56 47.73 -60.51
N ASP O 151 19.78 48.27 -61.71
CA ASP O 151 21.01 48.07 -62.49
C ASP O 151 21.72 49.41 -62.33
N GLY O 152 22.96 49.58 -62.78
CA GLY O 152 23.54 50.93 -62.75
C GLY O 152 22.80 51.83 -63.74
N GLU O 153 23.08 53.13 -63.74
CA GLU O 153 22.77 53.92 -64.95
C GLU O 153 23.42 53.31 -66.19
N GLN O 154 24.57 52.67 -66.01
CA GLN O 154 25.25 52.06 -67.11
C GLN O 154 24.74 50.66 -67.32
N SER O 155 23.56 50.50 -67.93
CA SER O 155 23.03 49.16 -68.25
C SER O 155 22.17 49.14 -69.49
N ALA O 156 22.07 47.97 -70.10
CA ALA O 156 21.31 47.79 -71.32
C ALA O 156 19.82 48.17 -71.14
N ARG O 157 19.25 47.76 -70.00
CA ARG O 157 17.85 47.99 -69.71
C ARG O 157 17.50 49.47 -69.51
N VAL O 158 18.41 50.21 -68.86
CA VAL O 158 18.25 51.65 -68.75
C VAL O 158 18.29 52.31 -70.13
N ALA O 159 19.24 51.88 -70.96
CA ALA O 159 19.37 52.50 -72.28
C ALA O 159 18.13 52.17 -73.13
N SER O 160 17.62 50.93 -73.00
CA SER O 160 16.39 50.56 -73.70
C SER O 160 15.17 51.46 -73.34
N VAL O 161 15.00 51.77 -72.06
CA VAL O 161 13.90 52.63 -71.69
C VAL O 161 14.14 54.05 -72.19
N TYR O 162 15.38 54.51 -72.11
CA TYR O 162 15.73 55.79 -72.73
C TYR O 162 15.35 55.84 -74.19
N ASN O 163 15.79 54.85 -74.95
CA ASN O 163 15.40 54.69 -76.32
C ASN O 163 13.86 54.77 -76.55
N ASN O 164 13.11 53.99 -75.77
CA ASN O 164 11.64 53.92 -75.89
C ASN O 164 10.98 55.24 -75.57
N LEU O 165 11.47 55.94 -74.55
CA LEU O 165 11.01 57.31 -74.31
C LEU O 165 11.35 58.25 -75.47
N GLY O 166 12.54 58.06 -76.04
CA GLY O 166 12.99 58.85 -77.15
C GLY O 166 11.99 58.76 -78.29
N VAL O 167 11.63 57.54 -78.65
CA VAL O 167 10.69 57.32 -79.75
C VAL O 167 9.30 57.88 -79.40
N LEU O 168 8.94 57.80 -78.11
CA LEU O 168 7.67 58.34 -77.70
C LEU O 168 7.64 59.84 -77.90
N TYR O 169 8.69 60.53 -77.40
CA TYR O 169 8.75 61.97 -77.52
C TYR O 169 8.84 62.37 -78.96
N TYR O 170 9.67 61.64 -79.73
CA TYR O 170 9.79 61.93 -81.15
C TYR O 170 8.44 61.82 -81.88
N SER O 171 7.69 60.75 -81.62
CA SER O 171 6.40 60.54 -82.26
C SER O 171 5.37 61.61 -81.88
N HIS O 172 5.43 62.22 -80.70
CA HIS O 172 4.57 63.36 -80.36
C HIS O 172 5.20 64.69 -80.67
N MET O 173 6.22 64.67 -81.54
CA MET O 173 7.02 65.83 -81.94
C MET O 173 7.58 66.75 -80.80
N ASP O 174 7.80 66.18 -79.61
CA ASP O 174 8.68 66.83 -78.62
C ASP O 174 10.14 66.48 -78.93
N VAL O 175 10.70 67.24 -79.88
CA VAL O 175 12.03 66.97 -80.44
C VAL O 175 13.14 67.15 -79.40
N ASP O 176 13.04 68.20 -78.59
CA ASP O 176 14.04 68.42 -77.56
C ASP O 176 14.22 67.27 -76.60
N ARG O 177 13.11 66.78 -76.06
CA ARG O 177 13.19 65.70 -75.08
C ARG O 177 13.59 64.40 -75.74
N ALA O 178 13.17 64.21 -77.00
CA ALA O 178 13.59 63.03 -77.80
C ALA O 178 15.10 62.99 -77.91
N GLN O 179 15.68 64.14 -78.20
CA GLN O 179 17.11 64.25 -78.28
C GLN O 179 17.84 63.84 -76.99
N VAL O 180 17.39 64.41 -75.86
CA VAL O 180 18.01 64.10 -74.58
C VAL O 180 18.01 62.59 -74.32
N MET O 181 16.83 62.00 -74.45
CA MET O 181 16.62 60.57 -74.29
C MET O 181 17.54 59.73 -75.18
N HIS O 182 17.57 60.03 -76.48
CA HIS O 182 18.42 59.22 -77.37
C HIS O 182 19.91 59.38 -77.15
N GLU O 183 20.32 60.58 -76.71
CA GLU O 183 21.73 60.83 -76.38
C GLU O 183 22.12 60.08 -75.14
N ARG O 184 21.31 60.19 -74.08
CA ARG O 184 21.50 59.35 -72.87
C ARG O 184 21.60 57.85 -73.21
N ALA O 185 20.77 57.39 -74.14
CA ALA O 185 20.81 56.01 -74.63
C ALA O 185 22.11 55.74 -75.33
N LEU O 186 22.52 56.66 -76.23
CA LEU O 186 23.82 56.56 -76.95
C LEU O 186 25.01 56.46 -76.01
N ALA O 187 25.12 57.43 -75.09
CA ALA O 187 26.14 57.46 -74.02
C ALA O 187 26.31 56.09 -73.34
N ILE O 188 25.20 55.49 -72.90
CA ILE O 188 25.25 54.18 -72.24
C ILE O 188 25.66 53.11 -73.23
N ARG O 189 25.05 53.10 -74.40
CA ARG O 189 25.22 51.97 -75.31
C ARG O 189 26.63 51.80 -75.89
N GLN O 190 27.34 52.93 -76.01
CA GLN O 190 28.75 52.93 -76.41
C GLN O 190 29.67 52.21 -75.41
N ASN O 191 29.38 52.38 -74.13
CA ASN O 191 30.22 51.84 -73.02
C ASN O 191 29.99 50.37 -72.67
N LEU O 192 29.28 49.63 -73.53
CA LEU O 192 28.82 48.30 -73.23
C LEU O 192 28.95 47.44 -74.49
N HIS O 193 30.09 46.76 -74.62
CA HIS O 193 30.52 46.14 -75.90
C HIS O 193 30.16 44.64 -76.10
N GLU O 194 30.49 43.81 -75.12
CA GLU O 194 30.23 42.37 -75.14
C GLU O 194 28.76 41.95 -75.36
N GLY O 195 28.58 40.64 -75.35
CA GLY O 195 27.29 39.95 -75.33
C GLY O 195 26.21 40.43 -74.36
N GLN O 196 26.53 41.44 -73.53
CA GLN O 196 25.54 42.16 -72.72
C GLN O 196 24.72 43.18 -73.53
N MET O 197 25.12 43.40 -74.79
CA MET O 197 24.37 44.19 -75.76
C MET O 197 24.86 43.87 -77.17
N ASP O 198 23.92 43.56 -78.06
CA ASP O 198 24.25 43.34 -79.46
C ASP O 198 24.43 44.72 -80.15
N PRO O 199 25.25 44.75 -81.22
CA PRO O 199 25.47 46.04 -81.88
C PRO O 199 24.26 46.59 -82.67
N ALA O 200 23.32 45.74 -83.10
CA ALA O 200 22.11 46.24 -83.80
C ALA O 200 21.28 47.27 -82.98
N ASP O 201 21.27 47.15 -81.65
CA ASP O 201 20.65 48.21 -80.78
C ASP O 201 21.37 49.54 -80.88
N LEU O 202 22.69 49.47 -81.01
CA LEU O 202 23.49 50.70 -81.15
C LEU O 202 23.15 51.42 -82.47
N SER O 203 22.95 50.64 -83.55
CA SER O 203 22.57 51.16 -84.84
C SER O 203 21.18 51.82 -84.79
N GLN O 204 20.25 51.23 -84.04
CA GLN O 204 18.91 51.82 -83.88
C GLN O 204 19.00 53.19 -83.22
N THR O 205 19.89 53.32 -82.23
CA THR O 205 20.06 54.60 -81.56
C THR O 205 20.52 55.69 -82.54
N PHE O 206 21.48 55.36 -83.41
CA PHE O 206 21.96 56.31 -84.42
C PHE O 206 20.86 56.64 -85.42
N ILE O 207 20.20 55.61 -85.93
CA ILE O 207 19.01 55.76 -86.75
C ILE O 207 18.02 56.73 -86.09
N ASN O 208 17.70 56.52 -84.81
CA ASN O 208 16.72 57.36 -84.10
C ASN O 208 17.24 58.78 -83.88
N LEU O 209 18.50 58.91 -83.48
CA LEU O 209 19.18 60.21 -83.41
C LEU O 209 19.14 60.95 -84.74
N GLY O 210 19.35 60.20 -85.84
CA GLY O 210 19.26 60.76 -87.17
C GLY O 210 17.94 61.44 -87.42
N ALA O 211 16.83 60.72 -87.18
CA ALA O 211 15.50 61.34 -87.36
C ALA O 211 15.25 62.53 -86.43
N VAL O 212 15.86 62.50 -85.24
CA VAL O 212 15.67 63.57 -84.25
C VAL O 212 16.46 64.80 -84.70
N TYR O 213 17.74 64.60 -85.02
CA TYR O 213 18.53 65.72 -85.51
C TYR O 213 17.95 66.35 -86.78
N LYS O 214 17.43 65.51 -87.68
CA LYS O 214 16.82 66.00 -88.92
C LYS O 214 15.58 66.86 -88.59
N ALA O 215 14.75 66.38 -87.68
CA ALA O 215 13.60 67.15 -87.14
C ALA O 215 14.03 68.44 -86.44
N ALA O 216 15.21 68.43 -85.83
CA ALA O 216 15.74 69.62 -85.18
C ALA O 216 16.36 70.66 -86.16
N GLY O 217 16.43 70.33 -87.45
CA GLY O 217 17.16 71.16 -88.45
C GLY O 217 18.69 71.09 -88.42
N ASP O 218 19.24 70.03 -87.83
CA ASP O 218 20.68 69.81 -87.87
C ASP O 218 21.01 68.60 -88.79
N PHE O 219 20.93 68.88 -90.09
CA PHE O 219 20.96 67.86 -91.13
C PHE O 219 22.33 67.21 -91.27
N GLN O 220 23.34 67.96 -90.83
CA GLN O 220 24.75 67.57 -90.74
C GLN O 220 24.87 66.39 -89.76
N LYS O 221 24.41 66.58 -88.51
CA LYS O 221 24.57 65.61 -87.43
C LYS O 221 23.67 64.46 -87.73
N ALA O 222 22.55 64.77 -88.38
CA ALA O 222 21.61 63.75 -88.87
C ALA O 222 22.31 62.76 -89.80
N GLU O 223 22.93 63.26 -90.87
CA GLU O 223 23.62 62.37 -91.82
C GLU O 223 24.78 61.62 -91.16
N ALA O 224 25.54 62.29 -90.27
CA ALA O 224 26.62 61.66 -89.51
C ALA O 224 26.12 60.42 -88.73
N CYS O 225 24.93 60.53 -88.15
CA CYS O 225 24.29 59.42 -87.41
C CYS O 225 23.85 58.31 -88.35
N VAL O 226 23.11 58.67 -89.40
CA VAL O 226 22.66 57.72 -90.43
C VAL O 226 23.87 56.98 -91.06
N ASP O 227 24.98 57.69 -91.25
CA ASP O 227 26.23 57.09 -91.67
C ASP O 227 26.73 56.05 -90.68
N ARG O 228 26.86 56.43 -89.40
CA ARG O 228 27.42 55.50 -88.42
C ARG O 228 26.58 54.25 -88.21
N ALA O 229 25.26 54.36 -88.48
CA ALA O 229 24.36 53.22 -88.39
C ALA O 229 24.60 52.28 -89.53
N LYS O 230 24.83 52.86 -90.71
CA LYS O 230 25.13 52.10 -91.92
C LYS O 230 26.46 51.35 -91.78
N ARG O 231 27.48 52.03 -91.23
CA ARG O 231 28.78 51.42 -90.92
C ARG O 231 28.64 50.20 -89.99
N ILE O 232 27.80 50.33 -88.96
CA ILE O 232 27.55 49.27 -87.99
C ILE O 232 26.85 48.04 -88.63
N ARG O 233 25.73 48.29 -89.31
CA ARG O 233 24.96 47.25 -90.01
C ARG O 233 25.78 46.54 -91.08
N ALA O 234 26.68 47.28 -91.74
CA ALA O 234 27.65 46.70 -92.66
C ALA O 234 28.70 45.85 -91.93
N ALA O 235 29.27 46.37 -90.84
CA ALA O 235 30.33 45.69 -90.06
C ALA O 235 29.94 44.40 -89.34
N MET O 236 28.65 44.07 -89.32
CA MET O 236 28.18 42.82 -88.72
C MET O 236 27.99 41.69 -89.73
N ASN O 237 28.33 41.97 -90.99
CA ASN O 237 28.67 40.90 -91.94
C ASN O 237 30.10 40.27 -91.87
N GLY O 238 31.09 41.05 -91.43
CA GLY O 238 32.44 40.54 -91.28
C GLY O 238 33.16 40.34 -92.60
N VAL P 1 35.36 0.78 -28.35
CA VAL P 1 35.13 2.21 -28.67
C VAL P 1 36.03 3.09 -27.84
N ASN P 2 36.22 4.34 -28.24
CA ASN P 2 37.04 5.28 -27.50
C ASN P 2 36.52 5.53 -26.12
N ASN P 3 37.17 4.93 -25.13
CA ASN P 3 36.77 5.12 -23.76
C ASN P 3 37.12 6.51 -23.29
N THR P 4 36.42 7.02 -22.29
CA THR P 4 36.68 8.34 -21.77
C THR P 4 36.30 8.48 -20.32
N ILE P 5 37.28 8.89 -19.53
CA ILE P 5 37.19 9.00 -18.11
C ILE P 5 36.71 10.36 -17.72
N VAL P 6 35.77 10.41 -16.77
CA VAL P 6 35.30 11.65 -16.24
C VAL P 6 35.73 11.76 -14.81
N VAL P 7 36.86 12.44 -14.61
CA VAL P 7 37.36 12.70 -13.26
C VAL P 7 36.64 13.93 -12.68
N SER P 8 36.28 13.86 -11.41
CA SER P 8 35.38 14.85 -10.82
C SER P 8 35.97 15.44 -9.59
N ILE P 9 36.57 16.58 -9.72
CA ILE P 9 37.36 17.13 -8.64
C ILE P 9 36.65 18.32 -8.02
N GLY P 10 36.74 18.41 -6.72
CA GLY P 10 36.15 19.52 -6.05
C GLY P 10 34.68 19.32 -5.81
N GLN P 11 34.08 20.22 -5.01
CA GLN P 11 32.64 20.15 -4.81
C GLN P 11 31.92 20.54 -6.08
N ALA P 12 32.43 21.58 -6.78
CA ALA P 12 31.73 22.03 -8.00
C ALA P 12 31.83 21.06 -9.14
N GLY P 13 32.88 20.31 -9.19
CA GLY P 13 32.97 19.31 -10.23
C GLY P 13 32.19 18.05 -9.90
N ASN P 14 32.12 17.69 -8.62
CA ASN P 14 31.39 16.52 -8.24
C ASN P 14 29.91 16.75 -8.41
N GLN P 15 29.42 17.92 -8.04
CA GLN P 15 27.99 18.14 -8.10
C GLN P 15 27.51 18.31 -9.54
N ILE P 16 28.40 18.68 -10.46
CA ILE P 16 28.10 18.48 -11.87
C ILE P 16 28.08 16.98 -12.16
N ALA P 17 29.11 16.25 -11.73
CA ALA P 17 29.24 14.83 -12.05
C ALA P 17 28.24 13.97 -11.26
N ALA P 18 27.70 14.50 -10.17
CA ALA P 18 26.60 13.83 -9.55
C ALA P 18 25.45 13.87 -10.50
N SER P 19 25.22 15.03 -11.14
CA SER P 19 24.16 15.20 -12.12
C SER P 19 24.55 14.79 -13.50
N PHE P 20 25.82 14.67 -13.80
CA PHE P 20 26.27 14.22 -15.12
C PHE P 20 26.05 12.70 -15.29
N TRP P 21 26.41 11.91 -14.31
CA TRP P 21 26.15 10.49 -14.39
C TRP P 21 24.69 10.13 -14.09
N LYS P 22 23.91 11.05 -13.51
CA LYS P 22 22.47 10.90 -13.52
C LYS P 22 22.01 10.91 -14.94
N THR P 23 22.52 11.86 -15.75
CA THR P 23 22.07 12.04 -17.13
C THR P 23 22.54 10.94 -18.04
N VAL P 24 23.83 10.69 -18.02
CA VAL P 24 24.44 9.74 -18.94
C VAL P 24 23.86 8.34 -18.72
N CYS P 25 23.64 7.93 -17.48
CA CYS P 25 23.02 6.63 -17.21
C CYS P 25 21.57 6.57 -17.68
N LEU P 26 20.82 7.64 -17.44
CA LEU P 26 19.48 7.74 -17.99
C LEU P 26 19.51 7.86 -19.50
N GLU P 27 20.57 8.41 -20.05
CA GLU P 27 20.72 8.53 -21.49
C GLU P 27 20.96 7.18 -22.14
N HIS P 28 21.65 6.30 -21.44
CA HIS P 28 21.90 4.93 -21.94
C HIS P 28 20.88 3.92 -21.45
N GLY P 29 19.81 4.39 -20.80
CA GLY P 29 18.76 3.50 -20.29
C GLY P 29 19.22 2.64 -19.12
N ILE P 30 20.05 3.23 -18.26
CA ILE P 30 20.59 2.57 -17.08
C ILE P 30 20.08 3.31 -15.85
N ASP P 31 19.68 2.55 -14.83
CA ASP P 31 19.17 3.11 -13.60
C ASP P 31 20.28 3.90 -12.91
N PRO P 32 20.08 5.21 -12.70
CA PRO P 32 21.12 6.01 -12.08
C PRO P 32 21.25 5.83 -10.56
N LEU P 33 20.47 4.95 -9.94
CA LEU P 33 20.57 4.69 -8.50
C LEU P 33 21.06 3.31 -8.13
N THR P 34 21.19 2.42 -9.12
CA THR P 34 21.74 1.08 -8.88
C THR P 34 22.94 0.76 -9.77
N GLY P 35 23.06 1.40 -10.93
CA GLY P 35 24.09 1.03 -11.90
C GLY P 35 23.68 -0.08 -12.84
N GLN P 36 22.65 -0.87 -12.50
CA GLN P 36 22.17 -1.95 -13.33
C GLN P 36 21.22 -1.40 -14.38
N THR P 37 21.22 -2.05 -15.53
CA THR P 37 20.31 -1.69 -16.61
C THR P 37 18.95 -2.34 -16.38
N ALA P 38 18.06 -2.17 -17.35
CA ALA P 38 16.81 -2.92 -17.33
C ALA P 38 17.11 -4.41 -17.53
N PRO P 39 16.43 -5.31 -16.79
CA PRO P 39 16.88 -6.71 -16.70
C PRO P 39 16.83 -7.51 -18.00
N GLY P 40 18.01 -7.97 -18.43
CA GLY P 40 18.13 -8.81 -19.63
C GLY P 40 18.44 -8.06 -20.91
N VAL P 41 17.95 -6.83 -21.03
CA VAL P 41 18.11 -6.06 -22.26
C VAL P 41 19.40 -5.23 -22.19
N ALA P 42 20.02 -5.03 -23.35
CA ALA P 42 21.25 -4.25 -23.45
C ALA P 42 20.94 -2.75 -23.25
N PRO P 43 21.93 -1.98 -22.76
CA PRO P 43 21.74 -0.52 -22.73
C PRO P 43 21.74 0.10 -24.12
N ARG P 44 20.94 1.14 -24.28
CA ARG P 44 20.90 1.82 -25.57
C ARG P 44 22.18 2.58 -25.77
N GLY P 45 22.51 2.80 -27.05
CA GLY P 45 23.75 3.49 -27.40
C GLY P 45 24.95 2.61 -27.12
N ASN P 46 26.13 3.20 -27.25
CA ASN P 46 27.36 2.50 -26.97
C ASN P 46 27.81 2.85 -25.56
N TRP P 47 27.50 1.95 -24.62
CA TRP P 47 27.72 2.14 -23.21
C TRP P 47 29.20 2.22 -22.86
N SER P 48 30.04 1.50 -23.57
CA SER P 48 31.42 1.28 -23.14
C SER P 48 32.31 2.46 -23.35
N SER P 49 31.77 3.59 -23.82
CA SER P 49 32.60 4.81 -23.92
C SER P 49 32.86 5.39 -22.56
N PHE P 50 31.84 5.38 -21.72
CA PHE P 50 31.96 5.91 -20.34
C PHE P 50 31.90 4.83 -19.26
N PHE P 51 31.38 3.66 -19.57
CA PHE P 51 31.04 2.65 -18.57
C PHE P 51 32.02 1.49 -18.59
N SER P 52 31.78 0.50 -17.76
CA SER P 52 32.56 -0.71 -17.72
C SER P 52 31.65 -1.87 -17.28
N LYS P 53 31.90 -3.03 -17.85
CA LYS P 53 31.09 -4.20 -17.60
C LYS P 53 31.54 -4.78 -16.25
N LEU P 54 30.68 -4.65 -15.25
CA LEU P 54 30.92 -5.24 -13.94
C LEU P 54 29.93 -6.37 -13.76
N GLY P 55 30.42 -7.61 -13.84
CA GLY P 55 29.56 -8.79 -13.80
C GLY P 55 29.07 -9.12 -15.20
N GLU P 56 29.29 -10.35 -15.63
CA GLU P 56 29.00 -10.76 -17.01
C GLU P 56 27.62 -11.39 -17.15
N SER P 57 26.67 -11.01 -16.30
CA SER P 57 25.34 -11.60 -16.30
C SER P 57 24.34 -10.83 -17.17
N SER P 58 24.79 -9.74 -17.81
CA SER P 58 23.98 -8.83 -18.65
C SER P 58 22.87 -8.08 -17.92
N SER P 59 22.74 -8.28 -16.60
CA SER P 59 21.83 -7.52 -15.75
C SER P 59 22.53 -6.85 -14.58
N GLY P 60 23.84 -7.05 -14.45
CA GLY P 60 24.60 -6.44 -13.37
C GLY P 60 24.87 -4.98 -13.62
N SER P 61 25.53 -4.37 -12.63
CA SER P 61 25.81 -2.95 -12.66
C SER P 61 26.88 -2.63 -13.69
N TYR P 62 26.79 -1.43 -14.26
CA TYR P 62 27.82 -0.88 -15.14
C TYR P 62 28.48 0.25 -14.42
N VAL P 63 29.70 0.02 -13.98
CA VAL P 63 30.46 1.03 -13.28
C VAL P 63 30.94 2.08 -14.27
N PRO P 64 30.63 3.37 -14.03
CA PRO P 64 31.15 4.40 -14.88
C PRO P 64 32.62 4.64 -14.69
N ARG P 65 33.32 5.01 -15.77
CA ARG P 65 34.70 5.38 -15.71
C ARG P 65 34.81 6.76 -15.11
N ALA P 66 34.80 6.80 -13.78
CA ALA P 66 34.72 8.07 -13.07
C ALA P 66 35.30 7.96 -11.71
N ILE P 67 36.30 8.80 -11.46
CA ILE P 67 36.85 8.96 -10.13
C ILE P 67 36.45 10.31 -9.54
N MET P 68 35.81 10.31 -8.38
CA MET P 68 35.37 11.51 -7.73
C MET P 68 36.28 11.90 -6.57
N VAL P 69 37.00 13.00 -6.72
CA VAL P 69 38.01 13.36 -5.81
C VAL P 69 37.69 14.66 -5.13
N ASP P 70 37.60 14.65 -3.81
CA ASP P 70 37.44 15.90 -3.07
C ASP P 70 37.90 15.71 -1.67
N LEU P 71 38.49 16.74 -1.13
CA LEU P 71 39.16 16.67 0.12
C LEU P 71 38.21 16.80 1.32
N GLU P 72 36.97 17.19 1.04
CA GLU P 72 35.87 17.28 1.98
C GLU P 72 34.96 16.05 1.84
N PRO P 73 34.56 15.44 2.95
CA PRO P 73 33.87 14.19 2.84
C PRO P 73 32.40 14.30 2.47
N SER P 74 31.82 15.45 2.73
CA SER P 74 30.38 15.64 2.64
C SER P 74 29.86 15.66 1.23
N VAL P 75 30.74 15.82 0.24
CA VAL P 75 30.30 15.97 -1.14
C VAL P 75 30.09 14.62 -1.76
N ILE P 76 31.04 13.71 -1.55
CA ILE P 76 30.96 12.37 -2.15
C ILE P 76 30.02 11.50 -1.32
N ASP P 77 29.93 11.75 -0.03
CA ASP P 77 28.93 11.06 0.79
C ASP P 77 27.53 11.48 0.43
N ASN P 78 27.36 12.66 -0.13
CA ASN P 78 26.10 13.02 -0.76
C ASN P 78 25.90 12.20 -2.03
N VAL P 79 26.97 11.94 -2.77
CA VAL P 79 26.88 11.16 -3.99
C VAL P 79 26.66 9.69 -3.67
N LYS P 80 27.34 9.17 -2.66
CA LYS P 80 27.14 7.78 -2.24
C LYS P 80 25.73 7.54 -1.72
N ALA P 81 25.09 8.56 -1.14
CA ALA P 81 23.70 8.45 -0.75
C ALA P 81 22.76 8.56 -1.95
N THR P 82 23.23 9.13 -3.06
CA THR P 82 22.38 9.37 -4.22
C THR P 82 22.88 8.67 -5.48
N SER P 83 23.66 7.61 -5.31
CA SER P 83 24.05 6.76 -6.42
C SER P 83 23.89 5.27 -6.14
N GLY P 84 23.89 4.85 -4.89
CA GLY P 84 23.73 3.44 -4.56
C GLY P 84 24.97 2.66 -4.95
N SER P 85 24.77 1.57 -5.68
CA SER P 85 25.86 0.74 -6.14
C SER P 85 26.24 1.04 -7.58
N LEU P 86 26.14 2.30 -7.97
CA LEU P 86 26.47 2.71 -9.34
C LEU P 86 27.95 2.90 -9.55
N PHE P 87 28.54 3.81 -8.78
CA PHE P 87 29.97 4.04 -8.92
C PHE P 87 30.76 2.94 -8.27
N ASN P 88 32.02 2.86 -8.66
CA ASN P 88 32.94 2.01 -7.92
C ASN P 88 33.43 2.75 -6.70
N PRO P 89 33.09 2.30 -5.48
CA PRO P 89 33.42 3.10 -4.31
C PRO P 89 34.90 3.09 -3.94
N ALA P 90 35.72 2.37 -4.69
CA ALA P 90 37.16 2.58 -4.64
C ALA P 90 37.61 3.85 -5.40
N ASN P 91 36.77 4.32 -6.32
CA ASN P 91 37.00 5.57 -7.04
C ASN P 91 36.41 6.78 -6.35
N LEU P 92 35.55 6.58 -5.38
CA LEU P 92 34.88 7.68 -4.71
C LEU P 92 35.71 8.05 -3.51
N ILE P 93 36.85 8.68 -3.77
CA ILE P 93 37.86 8.99 -2.77
C ILE P 93 37.44 10.28 -2.05
N SER P 94 37.59 10.28 -0.72
CA SER P 94 37.32 11.47 0.07
C SER P 94 38.34 11.56 1.20
N ARG P 95 38.47 12.77 1.73
CA ARG P 95 39.31 13.04 2.90
C ARG P 95 38.50 13.76 3.97
N THR P 96 39.17 14.28 4.99
CA THR P 96 38.48 14.85 6.13
C THR P 96 38.55 16.37 6.17
N GLU P 97 39.75 16.91 6.00
CA GLU P 97 40.01 18.31 6.31
C GLU P 97 39.46 19.27 5.29
N GLY P 98 39.53 18.92 4.01
CA GLY P 98 39.14 19.85 2.95
C GLY P 98 40.26 20.84 2.64
N ALA P 99 40.02 21.71 1.67
CA ALA P 99 41.01 22.68 1.23
C ALA P 99 40.64 24.12 1.56
N GLY P 100 39.47 24.51 1.11
CA GLY P 100 38.87 25.74 1.58
C GLY P 100 39.53 26.95 0.98
N GLY P 101 39.34 27.08 -0.33
CA GLY P 101 39.78 28.26 -1.09
C GLY P 101 41.28 28.38 -1.12
N ASN P 102 42.00 27.38 -0.69
CA ASN P 102 43.47 27.45 -0.65
C ASN P 102 43.96 26.54 -1.73
N PHE P 103 44.48 27.13 -2.79
CA PHE P 103 45.11 26.38 -3.88
C PHE P 103 46.22 25.47 -3.39
N ALA P 104 47.00 25.97 -2.45
CA ALA P 104 48.14 25.27 -2.00
C ALA P 104 47.77 24.25 -0.90
N VAL P 105 46.52 23.81 -0.83
CA VAL P 105 46.15 22.59 -0.14
C VAL P 105 45.78 21.50 -1.14
N GLY P 106 45.00 21.85 -2.15
CA GLY P 106 44.70 20.89 -3.22
C GLY P 106 45.87 20.56 -4.11
N TYR P 107 46.77 21.50 -4.29
CA TYR P 107 47.90 21.29 -5.19
C TYR P 107 49.07 20.70 -4.44
N LEU P 108 49.49 21.38 -3.38
CA LEU P 108 50.61 20.96 -2.57
C LEU P 108 50.21 20.85 -1.12
N GLY P 109 49.60 19.73 -0.74
CA GLY P 109 49.00 19.61 0.58
C GLY P 109 48.19 18.33 0.71
N ALA P 110 46.93 18.49 1.10
CA ALA P 110 46.02 17.36 1.22
C ALA P 110 45.72 16.72 -0.13
N GLY P 111 45.90 17.49 -1.21
CA GLY P 111 45.75 16.94 -2.55
C GLY P 111 46.97 16.21 -3.00
N ARG P 112 48.12 16.56 -2.44
CA ARG P 112 49.32 15.80 -2.67
C ARG P 112 49.23 14.43 -2.00
N GLU P 113 48.49 14.35 -0.90
CA GLU P 113 48.33 13.08 -0.20
C GLU P 113 47.46 12.11 -1.00
N VAL P 114 46.40 12.61 -1.61
CA VAL P 114 45.52 11.75 -2.39
C VAL P 114 46.05 11.38 -3.75
N LEU P 115 47.08 12.09 -4.21
CA LEU P 115 47.59 11.87 -5.54
C LEU P 115 48.20 10.47 -5.76
N PRO P 116 48.90 9.84 -4.77
CA PRO P 116 49.19 8.43 -5.01
C PRO P 116 47.97 7.51 -5.02
N GLU P 117 46.87 7.92 -4.39
CA GLU P 117 45.66 7.11 -4.38
C GLU P 117 44.75 7.40 -5.56
N VAL P 118 44.70 8.65 -6.02
CA VAL P 118 43.94 9.00 -7.21
C VAL P 118 44.56 8.41 -8.48
N MET P 119 45.86 8.55 -8.63
CA MET P 119 46.52 8.02 -9.80
C MET P 119 46.59 6.50 -9.80
N SER P 120 46.44 5.87 -8.65
CA SER P 120 46.30 4.43 -8.59
C SER P 120 44.89 3.97 -8.90
N ARG P 121 43.99 4.90 -9.18
CA ARG P 121 42.66 4.56 -9.67
C ARG P 121 42.41 5.00 -11.10
N LEU P 122 43.08 6.03 -11.57
CA LEU P 122 43.12 6.30 -13.00
C LEU P 122 43.86 5.18 -13.74
N ASP P 123 44.92 4.67 -13.15
CA ASP P 123 45.61 3.53 -13.70
C ASP P 123 44.73 2.29 -13.67
N TYR P 124 43.83 2.21 -12.70
CA TYR P 124 42.85 1.15 -12.70
C TYR P 124 41.85 1.33 -13.81
N GLU P 125 41.47 2.56 -14.11
CA GLU P 125 40.47 2.79 -15.17
C GLU P 125 41.08 2.64 -16.56
N ILE P 126 42.24 3.24 -16.77
CA ILE P 126 42.87 3.26 -18.07
C ILE P 126 43.30 1.84 -18.50
N ASP P 127 43.80 1.03 -17.58
CA ASP P 127 44.12 -0.35 -17.90
C ASP P 127 42.85 -1.16 -18.20
N LYS P 128 41.74 -0.77 -17.57
CA LYS P 128 40.45 -1.38 -17.84
C LYS P 128 39.83 -0.90 -19.16
N CYS P 129 40.27 0.26 -19.67
CA CYS P 129 39.80 0.78 -20.95
C CYS P 129 40.30 -0.05 -22.12
N ASP P 130 39.54 -0.03 -23.21
CA ASP P 130 39.96 -0.65 -24.46
C ASP P 130 41.12 0.14 -25.07
N ASN P 131 40.85 1.40 -25.43
CA ASN P 131 41.89 2.40 -25.69
C ASN P 131 41.35 3.78 -25.46
N VAL P 132 41.68 4.32 -24.29
CA VAL P 132 41.12 5.57 -23.79
C VAL P 132 41.66 6.75 -24.58
N GLY P 133 40.76 7.62 -25.00
CA GLY P 133 41.10 8.72 -25.87
C GLY P 133 40.52 10.01 -25.38
N GLY P 134 40.51 10.18 -24.07
CA GLY P 134 40.11 11.46 -23.48
C GLY P 134 39.82 11.37 -22.03
N ILE P 135 40.13 12.43 -21.30
CA ILE P 135 39.87 12.50 -19.87
C ILE P 135 39.21 13.82 -19.58
N ILE P 136 37.97 13.76 -19.16
CA ILE P 136 37.15 14.94 -18.95
C ILE P 136 37.13 15.25 -17.47
N VAL P 137 38.02 16.15 -17.06
CA VAL P 137 38.14 16.48 -15.65
C VAL P 137 37.12 17.56 -15.36
N LEU P 138 36.22 17.27 -14.43
CA LEU P 138 35.20 18.23 -14.03
C LEU P 138 35.59 18.86 -12.73
N HIS P 139 35.77 20.17 -12.76
CA HIS P 139 36.11 20.89 -11.57
C HIS P 139 35.64 22.30 -11.67
N ALA P 140 36.07 23.14 -10.73
CA ALA P 140 35.92 24.57 -10.84
C ALA P 140 37.28 25.22 -10.92
N ILE P 141 37.32 26.46 -11.33
CA ILE P 141 38.58 27.18 -11.34
C ILE P 141 38.48 28.24 -10.28
N GLY P 142 37.74 27.94 -9.21
CA GLY P 142 37.59 28.91 -8.17
C GLY P 142 38.04 28.51 -6.79
N GLY P 143 38.02 27.23 -6.50
CA GLY P 143 38.16 26.78 -5.14
C GLY P 143 39.57 26.39 -4.81
N GLY P 144 39.68 25.63 -3.71
CA GLY P 144 40.94 25.12 -3.24
C GLY P 144 41.16 23.70 -3.64
N THR P 145 40.09 22.97 -3.94
CA THR P 145 40.17 21.60 -4.31
C THR P 145 40.04 21.42 -5.80
N GLY P 146 38.97 21.92 -6.37
CA GLY P 146 38.73 21.77 -7.81
C GLY P 146 39.75 22.53 -8.62
N SER P 147 40.10 23.74 -8.17
CA SER P 147 41.14 24.51 -8.83
C SER P 147 42.54 24.15 -8.31
N GLY P 148 42.61 23.55 -7.14
CA GLY P 148 43.88 23.13 -6.58
C GLY P 148 44.31 21.76 -7.03
N PHE P 149 43.50 20.76 -6.76
CA PHE P 149 43.83 19.41 -7.13
C PHE P 149 43.61 19.22 -8.63
N GLY P 150 42.70 19.96 -9.20
CA GLY P 150 42.51 19.94 -10.66
C GLY P 150 43.70 20.47 -11.41
N ALA P 151 44.40 21.41 -10.82
CA ALA P 151 45.66 21.84 -11.36
C ALA P 151 46.76 20.81 -11.07
N LEU P 152 46.63 20.08 -9.99
CA LEU P 152 47.61 19.06 -9.66
C LEU P 152 47.41 17.84 -10.53
N LEU P 153 46.15 17.38 -10.66
CA LEU P 153 45.86 16.11 -11.28
C LEU P 153 46.15 16.14 -12.76
N ILE P 154 45.77 17.22 -13.43
CA ILE P 154 45.97 17.33 -14.86
C ILE P 154 47.47 17.43 -15.17
N GLU P 155 48.22 18.14 -14.33
CA GLU P 155 49.68 18.10 -14.46
C GLU P 155 50.27 16.82 -13.96
N SER P 156 49.52 15.95 -13.30
CA SER P 156 50.01 14.63 -12.93
C SER P 156 49.57 13.54 -13.88
N LEU P 157 48.85 13.91 -14.94
CA LEU P 157 48.22 12.94 -15.83
C LEU P 157 48.75 13.07 -17.26
N LYS P 158 48.88 14.29 -17.77
CA LYS P 158 49.58 14.49 -19.04
C LYS P 158 51.10 14.27 -18.84
N GLU P 159 51.61 14.52 -17.65
CA GLU P 159 52.99 14.21 -17.34
C GLU P 159 53.22 12.70 -17.34
N LYS P 160 52.21 11.92 -16.98
CA LYS P 160 52.33 10.48 -16.96
C LYS P 160 52.00 9.85 -18.30
N TYR P 161 50.90 10.26 -18.92
CA TYR P 161 50.41 9.65 -20.16
C TYR P 161 50.76 10.48 -21.39
N GLY P 162 50.21 11.69 -21.46
CA GLY P 162 50.60 12.62 -22.50
C GLY P 162 50.03 12.41 -23.87
N GLU P 163 49.67 11.17 -24.22
CA GLU P 163 49.06 10.87 -25.51
C GLU P 163 47.54 10.80 -25.40
N ILE P 164 46.95 11.67 -24.59
CA ILE P 164 45.54 11.60 -24.29
C ILE P 164 45.00 13.01 -24.06
N PRO P 165 43.82 13.32 -24.60
CA PRO P 165 43.26 14.63 -24.37
C PRO P 165 42.72 14.83 -22.96
N VAL P 166 42.96 16.01 -22.40
CA VAL P 166 42.42 16.39 -21.11
C VAL P 166 41.51 17.56 -21.27
N LEU P 167 40.23 17.30 -21.45
CA LEU P 167 39.22 18.37 -21.53
C LEU P 167 38.72 18.74 -20.15
N SER P 168 39.33 19.77 -19.57
CA SER P 168 38.99 20.21 -18.25
C SER P 168 37.69 21.02 -18.26
N CYS P 169 36.56 20.30 -18.14
CA CYS P 169 35.23 20.96 -18.14
C CYS P 169 35.03 21.64 -16.84
N ALA P 170 35.30 22.93 -16.82
CA ALA P 170 35.54 23.64 -15.59
C ALA P 170 34.66 24.82 -15.43
N VAL P 171 34.50 25.29 -14.21
CA VAL P 171 33.52 26.34 -13.90
C VAL P 171 34.30 27.55 -13.42
N LEU P 172 34.28 28.60 -14.26
CA LEU P 172 34.95 29.83 -13.92
C LEU P 172 34.23 30.55 -12.79
N PRO P 173 34.97 31.47 -12.12
CA PRO P 173 34.34 32.35 -11.16
C PRO P 173 33.37 33.32 -11.79
N SER P 174 32.21 33.45 -11.16
CA SER P 174 31.22 34.42 -11.63
C SER P 174 31.73 35.82 -11.28
N PRO P 175 31.62 36.77 -12.20
CA PRO P 175 32.11 38.11 -11.93
C PRO P 175 31.15 38.98 -11.14
N GLN P 176 29.89 38.54 -11.01
CA GLN P 176 28.90 39.30 -10.28
C GLN P 176 29.20 39.34 -8.76
N VAL P 177 29.68 38.22 -8.25
CA VAL P 177 30.07 38.08 -6.86
C VAL P 177 30.98 36.86 -6.79
N SER P 178 32.00 36.92 -5.94
CA SER P 178 32.92 35.81 -5.82
C SER P 178 32.46 34.88 -4.71
N SER P 179 32.31 33.60 -5.04
CA SER P 179 31.91 32.60 -4.06
C SER P 179 33.07 32.20 -3.10
N VAL P 180 34.29 32.51 -3.46
CA VAL P 180 35.44 32.38 -2.61
C VAL P 180 36.14 33.74 -2.52
N VAL P 181 36.67 34.09 -1.38
CA VAL P 181 37.39 35.36 -1.25
C VAL P 181 38.75 35.31 -1.94
N THR P 182 39.35 34.12 -2.02
CA THR P 182 40.62 33.92 -2.75
C THR P 182 40.40 33.36 -4.12
N GLU P 183 39.26 33.66 -4.74
CA GLU P 183 38.85 33.08 -6.02
C GLU P 183 39.53 33.66 -7.22
N PRO P 184 39.88 34.97 -7.28
CA PRO P 184 40.80 35.38 -8.34
C PRO P 184 42.25 34.98 -8.17
N TYR P 185 42.66 34.58 -6.99
CA TYR P 185 43.91 33.87 -6.85
C TYR P 185 43.80 32.54 -7.51
N ASN P 186 42.87 31.71 -7.03
CA ASN P 186 42.85 30.28 -7.36
C ASN P 186 42.65 29.97 -8.80
N THR P 187 42.08 30.90 -9.56
CA THR P 187 41.97 30.74 -10.98
C THR P 187 43.35 30.84 -11.64
N VAL P 188 44.05 31.90 -11.33
CA VAL P 188 45.34 32.17 -11.95
C VAL P 188 46.32 31.07 -11.59
N PHE P 189 46.22 30.46 -10.41
CA PHE P 189 47.06 29.34 -10.10
C PHE P 189 46.64 28.11 -10.89
N ALA P 190 45.38 28.00 -11.27
CA ALA P 190 44.93 26.91 -12.14
C ALA P 190 45.10 27.26 -13.61
N LEU P 191 45.17 28.53 -13.94
CA LEU P 191 45.47 28.90 -15.33
C LEU P 191 46.94 28.64 -15.71
N ASN P 192 47.78 28.26 -14.77
CA ASN P 192 49.02 27.66 -15.09
C ASN P 192 48.69 26.30 -15.74
N THR P 193 47.96 25.43 -15.03
CA THR P 193 47.76 24.11 -15.49
C THR P 193 46.83 24.08 -16.70
N LEU P 194 45.70 24.75 -16.60
CA LEU P 194 44.67 24.67 -17.63
C LEU P 194 45.06 25.35 -18.93
N ARG P 195 46.19 26.07 -18.94
CA ARG P 195 46.80 26.54 -20.16
C ARG P 195 47.92 25.63 -20.65
N ARG P 196 48.73 25.09 -19.73
CA ARG P 196 49.93 24.43 -20.13
C ARG P 196 49.73 22.93 -20.30
N SER P 197 49.12 22.27 -19.31
CA SER P 197 49.08 20.81 -19.29
C SER P 197 47.71 20.23 -19.52
N ALA P 198 46.74 21.05 -19.88
CA ALA P 198 45.44 20.56 -20.31
C ALA P 198 45.29 20.86 -21.79
N ASP P 199 44.76 19.89 -22.55
CA ASP P 199 44.59 20.10 -23.98
C ASP P 199 43.45 21.05 -24.30
N ALA P 200 42.47 21.15 -23.43
CA ALA P 200 41.41 22.16 -23.52
C ALA P 200 40.75 22.35 -22.18
N CYS P 201 40.29 23.55 -21.91
CA CYS P 201 39.57 23.83 -20.69
C CYS P 201 38.24 24.41 -21.07
N LEU P 202 37.20 23.55 -21.07
CA LEU P 202 35.85 24.00 -21.33
C LEU P 202 35.35 24.78 -20.13
N ILE P 203 35.09 26.08 -20.31
CA ILE P 203 34.70 26.93 -19.19
C ILE P 203 33.17 26.90 -19.00
N PHE P 204 32.75 27.33 -17.83
CA PHE P 204 31.35 27.60 -17.53
C PHE P 204 31.38 28.70 -16.49
N ASP P 205 30.36 29.53 -16.49
CA ASP P 205 30.32 30.67 -15.61
C ASP P 205 28.99 30.75 -14.88
N ASN P 206 29.05 30.91 -13.57
CA ASN P 206 27.86 30.83 -12.77
C ASN P 206 26.93 32.02 -12.94
N GLU P 207 27.41 33.15 -13.50
CA GLU P 207 26.51 34.22 -13.80
C GLU P 207 25.63 33.86 -15.00
N ALA P 208 26.25 33.41 -16.08
CA ALA P 208 25.50 33.08 -17.30
C ALA P 208 24.60 31.86 -17.13
N LEU P 209 25.01 30.95 -16.29
CA LEU P 209 24.20 29.81 -16.02
C LEU P 209 23.02 30.13 -15.09
N PHE P 210 23.07 31.26 -14.39
CA PHE P 210 21.89 31.75 -13.74
C PHE P 210 20.93 32.36 -14.73
N ASP P 211 21.44 33.16 -15.64
CA ASP P 211 20.58 33.84 -16.62
C ASP P 211 19.95 32.90 -17.62
N LEU P 212 20.61 31.81 -17.93
CA LEU P 212 20.10 30.83 -18.86
C LEU P 212 19.20 29.80 -18.22
N ALA P 213 18.96 29.91 -16.92
CA ALA P 213 17.92 29.15 -16.27
C ALA P 213 16.82 30.04 -15.74
N HIS P 214 17.07 31.32 -15.55
CA HIS P 214 16.06 32.28 -15.11
C HIS P 214 15.26 32.81 -16.28
N ARG P 215 15.95 33.33 -17.29
CA ARG P 215 15.28 33.92 -18.44
C ARG P 215 14.85 32.87 -19.46
N LYS P 216 15.54 31.74 -19.49
CA LYS P 216 15.32 30.72 -20.50
C LYS P 216 14.56 29.50 -19.98
N TRP P 217 14.93 28.99 -18.82
CA TRP P 217 14.17 27.92 -18.18
C TRP P 217 13.11 28.45 -17.20
N ASN P 218 12.78 29.74 -17.33
CA ASN P 218 11.68 30.45 -16.68
C ASN P 218 11.33 30.05 -15.25
N ILE P 219 12.36 29.94 -14.42
CA ILE P 219 12.18 29.76 -12.99
C ILE P 219 12.74 30.97 -12.27
N GLU P 220 12.31 31.15 -11.02
CA GLU P 220 12.67 32.34 -10.25
C GLU P 220 14.09 32.26 -9.72
N SER P 221 14.37 31.24 -8.90
CA SER P 221 15.68 31.03 -8.31
C SER P 221 16.31 29.76 -8.90
N PRO P 222 17.27 29.91 -9.81
CA PRO P 222 17.97 28.75 -10.31
C PRO P 222 18.96 28.23 -9.28
N THR P 223 18.67 27.06 -8.73
CA THR P 223 19.57 26.44 -7.77
C THR P 223 20.77 25.80 -8.49
N VAL P 224 21.66 25.25 -7.68
CA VAL P 224 22.82 24.55 -8.21
C VAL P 224 22.44 23.16 -8.66
N ASP P 225 21.21 22.75 -8.39
CA ASP P 225 20.65 21.57 -9.03
C ASP P 225 20.40 21.83 -10.52
N ASP P 226 20.14 23.09 -10.89
CA ASP P 226 19.88 23.47 -12.26
C ASP P 226 21.04 24.16 -12.94
N LEU P 227 22.00 24.65 -12.19
CA LEU P 227 23.27 25.02 -12.84
C LEU P 227 23.99 23.75 -13.31
N ASN P 228 23.98 22.71 -12.50
CA ASN P 228 24.62 21.46 -12.82
C ASN P 228 23.74 20.61 -13.71
N LEU P 229 22.73 21.17 -14.33
CA LEU P 229 21.96 20.52 -15.38
C LEU P 229 22.05 21.26 -16.71
N LEU P 230 22.23 22.57 -16.69
CA LEU P 230 22.63 23.30 -17.88
C LEU P 230 24.05 22.90 -18.32
N ILE P 231 24.97 22.73 -17.35
CA ILE P 231 26.29 22.27 -17.66
C ILE P 231 26.20 20.84 -18.11
N THR P 232 25.40 20.04 -17.40
CA THR P 232 25.32 18.62 -17.66
C THR P 232 24.83 18.35 -19.05
N GLU P 233 23.74 18.98 -19.42
CA GLU P 233 23.14 18.80 -20.74
C GLU P 233 24.06 19.26 -21.87
N ALA P 234 24.95 20.17 -21.57
CA ALA P 234 26.04 20.50 -22.47
C ALA P 234 27.17 19.46 -22.40
N LEU P 235 27.50 18.96 -21.22
CA LEU P 235 28.55 17.92 -21.12
C LEU P 235 28.02 16.58 -21.58
N ALA P 236 26.72 16.36 -21.46
CA ALA P 236 26.09 15.20 -22.10
C ALA P 236 25.71 15.51 -23.54
N GLY P 237 26.11 16.66 -24.06
CA GLY P 237 25.92 16.98 -25.43
C GLY P 237 27.20 16.91 -26.22
N ILE P 238 28.31 17.36 -25.64
CA ILE P 238 29.60 17.24 -26.32
C ILE P 238 30.10 15.82 -26.31
N THR P 239 29.53 14.97 -25.44
CA THR P 239 29.92 13.58 -25.35
C THR P 239 28.88 12.64 -25.95
N ALA P 240 27.94 13.16 -26.69
CA ALA P 240 27.03 12.32 -27.42
C ALA P 240 27.67 11.80 -28.70
N SER P 241 28.65 12.50 -29.23
CA SER P 241 29.40 11.98 -30.36
C SER P 241 30.37 10.91 -29.96
N MET P 242 30.72 10.87 -28.67
CA MET P 242 31.69 9.91 -28.15
C MET P 242 31.03 8.59 -27.80
N ARG P 243 29.74 8.63 -27.46
CA ARG P 243 29.03 7.54 -26.83
C ARG P 243 28.03 6.84 -27.70
N PHE P 244 27.79 7.35 -28.90
CA PHE P 244 26.71 6.88 -29.75
C PHE P 244 27.24 6.52 -31.11
N SER P 245 26.86 5.34 -31.57
CA SER P 245 27.23 4.84 -32.89
C SER P 245 25.92 4.50 -33.62
N GLY P 246 25.33 5.52 -34.23
CA GLY P 246 23.96 5.44 -34.70
C GLY P 246 23.81 5.37 -36.20
N PHE P 247 22.94 6.22 -36.73
CA PHE P 247 22.60 6.21 -38.14
C PHE P 247 23.67 6.90 -38.97
N LEU P 248 23.85 8.19 -38.74
CA LEU P 248 24.89 8.98 -39.43
C LEU P 248 25.62 9.81 -38.40
N THR P 249 25.90 9.19 -37.26
CA THR P 249 26.53 9.87 -36.16
C THR P 249 27.97 10.22 -36.50
N VAL P 250 28.27 11.50 -36.53
CA VAL P 250 29.65 11.95 -36.73
C VAL P 250 30.38 11.73 -35.38
N GLU P 251 31.12 10.62 -35.33
CA GLU P 251 31.72 10.17 -34.08
C GLU P 251 32.93 10.98 -33.79
N ILE P 252 32.77 12.01 -32.96
CA ILE P 252 33.83 12.94 -32.66
C ILE P 252 34.46 12.55 -31.31
N THR P 253 35.69 12.07 -31.36
CA THR P 253 36.49 11.87 -30.18
C THR P 253 36.94 13.18 -29.61
N LEU P 254 37.52 13.16 -28.41
CA LEU P 254 38.01 14.38 -27.81
C LEU P 254 39.13 14.94 -28.68
N ARG P 255 40.09 14.10 -29.10
CA ARG P 255 41.15 14.56 -29.98
C ARG P 255 40.62 15.05 -31.31
N GLU P 256 39.53 14.40 -31.73
CA GLU P 256 38.82 14.76 -32.96
C GLU P 256 38.06 16.05 -32.77
N LEU P 257 37.75 16.38 -31.52
CA LEU P 257 37.12 17.64 -31.18
C LEU P 257 38.12 18.69 -30.98
N LEU P 258 39.30 18.37 -30.47
CA LEU P 258 40.25 19.42 -30.13
C LEU P 258 41.21 19.76 -31.26
N THR P 259 41.36 18.86 -32.22
CA THR P 259 42.07 19.22 -33.45
C THR P 259 41.30 20.26 -34.22
N ASN P 260 39.99 20.25 -34.14
CA ASN P 260 39.14 21.27 -34.74
C ASN P 260 38.99 22.52 -33.90
N LEU P 261 39.41 22.47 -32.62
CA LEU P 261 39.10 23.55 -31.73
C LEU P 261 40.27 24.09 -30.99
N VAL P 262 41.44 23.50 -31.08
CA VAL P 262 42.61 24.16 -30.48
C VAL P 262 43.50 24.54 -31.65
N PRO P 263 43.47 25.80 -32.07
CA PRO P 263 44.27 26.28 -33.21
C PRO P 263 45.84 26.24 -32.92
N GLN P 264 46.32 26.79 -31.81
CA GLN P 264 47.74 26.67 -31.45
C GLN P 264 47.82 26.55 -29.92
N PRO P 265 48.87 25.92 -29.35
CA PRO P 265 48.79 25.37 -27.99
C PRO P 265 48.41 26.27 -26.80
N SER P 266 48.18 27.57 -27.03
CA SER P 266 47.79 28.47 -25.97
C SER P 266 46.41 29.08 -26.20
N LEU P 267 45.61 28.47 -27.08
CA LEU P 267 44.27 28.98 -27.42
C LEU P 267 43.21 27.89 -27.30
N HIS P 268 43.18 27.25 -26.15
CA HIS P 268 42.29 26.14 -25.95
C HIS P 268 41.36 26.29 -24.83
N PHE P 269 40.94 27.52 -24.54
CA PHE P 269 39.88 27.75 -23.58
C PHE P 269 38.60 27.90 -24.39
N LEU P 270 37.67 26.99 -24.20
CA LEU P 270 36.50 26.92 -25.06
C LEU P 270 35.30 27.31 -24.20
N MET P 271 34.42 28.11 -24.79
CA MET P 271 33.12 28.34 -24.20
C MET P 271 32.17 27.24 -24.64
N CYS P 272 30.90 27.39 -24.29
CA CYS P 272 29.89 26.45 -24.71
C CYS P 272 28.57 27.10 -24.70
N ALA P 273 27.66 26.54 -25.48
CA ALA P 273 26.26 26.96 -25.49
C ALA P 273 25.35 25.81 -25.82
N PHE P 274 24.09 25.93 -25.41
CA PHE P 274 23.12 24.87 -25.63
C PHE P 274 21.88 25.43 -26.25
N ALA P 275 21.26 24.64 -27.12
CA ALA P 275 19.96 24.95 -27.71
C ALA P 275 19.20 23.65 -27.82
N PRO P 276 17.87 23.69 -27.62
CA PRO P 276 17.04 24.81 -27.21
C PRO P 276 17.10 24.95 -25.71
N LEU P 277 16.99 26.18 -25.23
CA LEU P 277 16.82 26.39 -23.81
C LEU P 277 15.33 26.49 -23.42
N THR P 278 14.49 25.76 -24.15
CA THR P 278 13.08 25.61 -23.84
C THR P 278 12.93 24.93 -22.48
N PRO P 279 12.09 25.48 -21.59
CA PRO P 279 11.90 24.84 -20.28
C PRO P 279 11.23 23.47 -20.39
N PRO P 280 11.41 22.60 -19.38
CA PRO P 280 10.86 21.24 -19.49
C PRO P 280 9.34 21.09 -19.30
N ASP P 281 8.58 22.19 -19.40
CA ASP P 281 7.14 22.17 -19.19
C ASP P 281 6.34 21.72 -20.43
N ARG P 282 6.99 21.03 -21.38
CA ARG P 282 6.40 20.56 -22.64
C ARG P 282 5.80 21.71 -23.44
N SER P 283 6.67 22.59 -23.90
CA SER P 283 6.30 23.64 -24.85
C SER P 283 6.41 23.07 -26.27
N LYS P 284 5.46 22.19 -26.60
CA LYS P 284 5.57 21.33 -27.77
C LYS P 284 5.37 22.10 -29.08
N PHE P 285 4.41 23.02 -29.09
CA PHE P 285 4.19 23.85 -30.26
C PHE P 285 5.15 25.01 -30.33
N GLU P 286 5.94 25.24 -29.27
CA GLU P 286 7.03 26.20 -29.31
C GLU P 286 8.41 25.53 -29.37
N GLU P 287 8.46 24.26 -29.79
CA GLU P 287 9.75 23.60 -30.00
C GLU P 287 10.43 24.20 -31.23
N LEU P 288 11.73 24.44 -31.10
CA LEU P 288 12.46 25.25 -32.07
C LEU P 288 13.02 24.42 -33.20
N GLY P 289 12.86 24.91 -34.43
CA GLY P 289 13.49 24.31 -35.61
C GLY P 289 14.97 24.65 -35.68
N ILE P 290 15.64 24.01 -36.63
CA ILE P 290 17.09 24.15 -36.75
C ILE P 290 17.49 25.52 -37.29
N GLU P 291 16.59 26.18 -38.00
CA GLU P 291 16.91 27.51 -38.50
C GLU P 291 16.91 28.54 -37.39
N GLU P 292 16.22 28.25 -36.29
CA GLU P 292 16.06 29.21 -35.18
C GLU P 292 16.74 28.80 -33.86
N MET P 293 17.14 27.53 -33.73
CA MET P 293 18.01 27.17 -32.64
C MET P 293 19.37 27.83 -32.81
N ILE P 294 19.86 27.89 -34.04
CA ILE P 294 21.15 28.48 -34.33
C ILE P 294 21.07 30.00 -34.16
N LYS P 295 19.89 30.56 -34.36
CA LYS P 295 19.65 31.95 -33.99
C LYS P 295 19.67 32.14 -32.47
N SER P 296 19.36 31.08 -31.71
CA SER P 296 19.41 31.13 -30.25
C SER P 296 20.68 30.56 -29.67
N LEU P 297 21.51 29.91 -30.50
CA LEU P 297 22.84 29.51 -30.06
C LEU P 297 23.70 30.73 -29.83
N PHE P 298 23.70 31.62 -30.82
CA PHE P 298 24.69 32.67 -30.87
C PHE P 298 24.25 34.02 -30.31
N ASP P 299 23.27 34.02 -29.41
CA ASP P 299 22.93 35.23 -28.68
C ASP P 299 24.04 35.55 -27.69
N ASN P 300 24.14 36.81 -27.32
CA ASN P 300 25.14 37.22 -26.33
C ASN P 300 24.83 36.62 -24.95
N GLY P 301 23.56 36.60 -24.60
CA GLY P 301 23.08 35.87 -23.45
C GLY P 301 22.59 34.52 -23.90
N SER P 302 23.48 33.71 -24.47
CA SER P 302 23.21 32.30 -24.74
C SER P 302 24.37 31.36 -24.46
N VAL P 303 25.58 31.88 -24.31
CA VAL P 303 26.71 31.05 -24.00
C VAL P 303 26.83 30.90 -22.50
N PHE P 304 27.54 29.87 -22.08
CA PHE P 304 27.72 29.60 -20.67
C PHE P 304 28.97 30.32 -20.17
N ALA P 305 29.01 31.63 -20.33
CA ALA P 305 30.23 32.40 -20.05
C ALA P 305 29.84 33.83 -19.72
N ALA P 306 30.65 34.46 -18.89
CA ALA P 306 30.38 35.83 -18.47
C ALA P 306 30.53 36.82 -19.62
N CYS P 307 31.41 36.49 -20.59
CA CYS P 307 31.69 37.40 -21.67
C CYS P 307 30.54 37.48 -22.67
N SER P 308 30.60 38.51 -23.48
CA SER P 308 29.65 38.65 -24.59
C SER P 308 30.28 38.08 -25.84
N PRO P 309 29.79 36.93 -26.32
CA PRO P 309 30.46 36.23 -27.44
C PRO P 309 30.45 36.96 -28.79
N MET P 310 29.34 37.55 -29.20
CA MET P 310 29.31 38.23 -30.46
C MET P 310 29.96 39.61 -30.40
N GLU P 311 30.36 40.09 -29.22
CA GLU P 311 31.15 41.30 -29.15
C GLU P 311 32.63 41.06 -29.41
N GLY P 312 33.03 39.79 -29.55
CA GLY P 312 34.41 39.45 -29.91
C GLY P 312 34.45 38.37 -30.97
N ARG P 313 35.65 37.86 -31.23
CA ARG P 313 35.92 37.07 -32.42
C ARG P 313 35.88 35.58 -32.14
N PHE P 314 34.95 34.88 -32.78
CA PHE P 314 34.88 33.40 -32.72
C PHE P 314 36.02 32.82 -33.52
N LEU P 315 36.95 32.18 -32.82
CA LEU P 315 38.14 31.75 -33.48
C LEU P 315 37.96 30.38 -34.07
N SER P 316 37.42 29.46 -33.30
CA SER P 316 37.12 28.11 -33.78
C SER P 316 35.78 27.72 -33.16
N THR P 317 34.91 27.19 -33.99
CA THR P 317 33.53 26.93 -33.60
C THR P 317 33.16 25.47 -33.90
N ALA P 318 32.41 24.84 -33.03
CA ALA P 318 32.02 23.44 -33.25
C ALA P 318 30.62 23.26 -32.78
N VAL P 319 29.70 23.25 -33.72
CA VAL P 319 28.29 23.17 -33.43
C VAL P 319 27.90 21.72 -33.48
N LEU P 320 27.57 21.15 -32.33
CA LEU P 320 27.27 19.74 -32.21
C LEU P 320 25.77 19.54 -32.14
N TYR P 321 25.16 19.26 -33.30
CA TYR P 321 23.75 18.87 -33.34
C TYR P 321 23.61 17.51 -32.70
N ARG P 322 22.48 17.26 -32.07
CA ARG P 322 22.24 16.02 -31.42
C ARG P 322 20.75 15.78 -31.33
N GLY P 323 20.26 14.83 -32.10
CA GLY P 323 18.85 14.50 -32.11
C GLY P 323 18.33 14.20 -33.47
N ILE P 324 17.01 14.13 -33.56
CA ILE P 324 16.33 13.79 -34.80
C ILE P 324 16.35 15.00 -35.73
N MET P 325 17.09 14.87 -36.83
CA MET P 325 17.12 15.90 -37.86
C MET P 325 16.38 15.39 -39.07
N GLU P 326 15.48 16.22 -39.61
CA GLU P 326 14.89 15.96 -40.92
C GLU P 326 15.66 16.69 -42.04
N ASP P 327 16.38 17.75 -41.69
CA ASP P 327 16.86 18.73 -42.66
C ASP P 327 18.37 18.90 -42.63
N LYS P 328 19.09 18.07 -43.40
CA LYS P 328 20.53 18.28 -43.56
C LYS P 328 20.96 19.50 -44.39
N PRO P 329 20.27 19.84 -45.52
CA PRO P 329 20.74 21.08 -46.20
C PRO P 329 20.18 22.35 -45.54
N LEU P 330 19.11 22.26 -44.77
CA LEU P 330 18.70 23.42 -43.95
C LEU P 330 19.64 23.57 -42.76
N ALA P 331 20.18 22.46 -42.29
CA ALA P 331 21.39 22.49 -41.48
C ALA P 331 22.54 22.99 -42.33
N ASP P 332 23.51 23.59 -41.68
CA ASP P 332 24.76 24.08 -42.28
C ASP P 332 24.59 25.29 -43.17
N ALA P 333 23.36 25.61 -43.56
CA ALA P 333 23.01 26.80 -44.33
C ALA P 333 22.50 27.89 -43.42
N ALA P 334 21.93 27.52 -42.28
CA ALA P 334 21.76 28.46 -41.21
C ALA P 334 23.14 28.93 -40.71
N LEU P 335 24.11 28.01 -40.65
CA LEU P 335 25.46 28.38 -40.30
C LEU P 335 26.14 29.19 -41.41
N ALA P 336 25.66 29.07 -42.64
CA ALA P 336 26.17 29.89 -43.72
C ALA P 336 25.79 31.35 -43.52
N ALA P 337 24.60 31.59 -42.99
CA ALA P 337 24.25 32.92 -42.51
C ALA P 337 25.11 33.29 -41.30
N MET P 338 25.35 32.30 -40.44
CA MET P 338 26.16 32.54 -39.26
C MET P 338 27.65 32.64 -39.58
N ARG P 339 28.07 32.23 -40.75
CA ARG P 339 29.43 32.55 -41.18
C ARG P 339 29.53 34.05 -41.47
N GLU P 340 28.44 34.66 -41.92
CA GLU P 340 28.39 36.09 -42.20
C GLU P 340 28.06 36.94 -40.98
N LYS P 341 27.14 36.48 -40.15
CA LYS P 341 26.72 37.26 -38.99
C LYS P 341 27.80 37.35 -37.90
N LEU P 342 28.43 36.22 -37.61
CA LEU P 342 29.29 36.10 -36.46
C LEU P 342 30.65 36.66 -36.72
N PRO P 343 31.29 37.24 -35.70
CA PRO P 343 32.68 37.70 -35.90
C PRO P 343 33.64 36.53 -35.90
N LEU P 344 34.12 36.16 -37.08
CA LEU P 344 35.08 35.08 -37.22
C LEU P 344 36.48 35.63 -37.31
N THR P 345 37.47 34.76 -37.36
CA THR P 345 38.85 35.19 -37.43
C THR P 345 39.48 34.66 -38.68
N TYR P 346 39.51 35.44 -39.77
CA TYR P 346 40.54 35.17 -40.81
C TYR P 346 41.88 35.43 -40.14
N TRP P 347 42.83 34.53 -40.45
CA TRP P 347 43.62 33.73 -39.49
C TRP P 347 43.06 32.32 -39.47
N ILE P 348 41.78 32.16 -39.86
CA ILE P 348 41.11 30.89 -40.16
C ILE P 348 40.06 31.24 -41.21
N PRO P 349 40.07 30.54 -42.35
CA PRO P 349 39.05 30.76 -43.37
C PRO P 349 37.67 30.31 -42.96
N THR P 350 37.60 29.10 -42.45
CA THR P 350 36.33 28.56 -42.00
C THR P 350 36.57 27.54 -40.92
N ALA P 351 35.65 27.58 -39.93
CA ALA P 351 35.71 26.68 -38.80
C ALA P 351 34.34 26.53 -38.24
N PHE P 352 33.67 25.43 -38.62
CA PHE P 352 32.46 24.97 -37.97
C PHE P 352 32.50 23.46 -37.98
N LYS P 353 33.05 22.83 -36.95
CA LYS P 353 33.05 21.38 -36.87
C LYS P 353 31.63 20.90 -36.46
N ILE P 354 30.92 20.25 -37.38
CA ILE P 354 29.51 19.99 -37.17
C ILE P 354 29.30 18.52 -36.92
N GLY P 355 28.93 18.20 -35.65
CA GLY P 355 28.55 16.86 -35.23
C GLY P 355 27.06 16.66 -35.40
N TYR P 356 26.70 15.50 -35.92
CA TYR P 356 25.34 15.00 -35.83
C TYR P 356 25.38 13.75 -34.95
N VAL P 357 24.35 13.63 -34.13
CA VAL P 357 24.09 12.42 -33.36
C VAL P 357 22.59 12.15 -33.48
N GLU P 358 22.22 10.99 -33.99
CA GLU P 358 20.81 10.70 -34.17
C GLU P 358 20.14 10.36 -32.87
N GLN P 359 20.91 9.95 -31.86
CA GLN P 359 20.31 9.61 -30.56
C GLN P 359 19.96 10.92 -29.84
N PRO P 360 18.67 11.15 -29.58
CA PRO P 360 18.27 12.43 -29.04
C PRO P 360 18.60 12.56 -27.57
N GLY P 361 18.54 13.80 -27.08
CA GLY P 361 18.74 14.07 -25.67
C GLY P 361 17.59 13.57 -24.82
N ILE P 362 17.76 13.61 -23.51
CA ILE P 362 16.71 13.23 -22.61
C ILE P 362 15.66 14.34 -22.55
N SER P 363 16.11 15.56 -22.25
CA SER P 363 15.21 16.68 -22.11
C SER P 363 14.72 17.24 -23.44
N HIS P 364 15.42 16.97 -24.52
CA HIS P 364 15.12 17.60 -25.81
C HIS P 364 15.17 16.58 -26.93
N ARG P 365 14.37 16.86 -27.95
CA ARG P 365 14.31 15.99 -29.12
C ARG P 365 15.30 16.45 -30.17
N LYS P 366 15.30 17.74 -30.46
CA LYS P 366 16.29 18.34 -31.37
C LYS P 366 17.16 19.25 -30.55
N SER P 367 18.29 18.77 -30.08
CA SER P 367 19.14 19.58 -29.23
C SER P 367 20.43 19.94 -29.92
N MET P 368 20.92 21.13 -29.66
CA MET P 368 22.11 21.64 -30.28
C MET P 368 23.09 22.06 -29.19
N VAL P 369 24.37 21.78 -29.40
CA VAL P 369 25.41 22.19 -28.48
C VAL P 369 26.46 22.92 -29.27
N LEU P 370 26.94 24.02 -28.73
CA LEU P 370 27.97 24.80 -29.35
C LEU P 370 29.29 24.63 -28.54
N LEU P 371 30.43 24.74 -29.21
CA LEU P 371 31.71 24.94 -28.56
C LEU P 371 32.48 25.97 -29.31
N ALA P 372 32.33 27.22 -28.94
CA ALA P 372 33.03 28.27 -29.63
C ALA P 372 34.31 28.62 -28.88
N ASN P 373 35.46 28.31 -29.46
CA ASN P 373 36.71 28.82 -28.96
C ASN P 373 36.81 30.35 -29.28
N ASN P 374 36.41 31.16 -28.32
CA ASN P 374 36.24 32.60 -28.52
C ASN P 374 37.48 33.35 -28.10
N THR P 375 37.69 34.52 -28.66
CA THR P 375 38.69 35.46 -28.16
C THR P 375 38.19 36.25 -26.94
N GLU P 376 36.88 36.23 -26.70
CA GLU P 376 36.34 36.89 -25.53
C GLU P 376 36.67 36.15 -24.24
N ILE P 377 37.18 34.96 -24.34
CA ILE P 377 37.45 34.18 -23.16
C ILE P 377 38.71 34.68 -22.48
N ALA P 378 39.47 35.54 -23.13
CA ALA P 378 40.46 36.35 -22.42
C ALA P 378 39.83 37.51 -21.66
N ARG P 379 38.66 37.97 -22.08
CA ARG P 379 37.98 39.05 -21.37
C ARG P 379 37.31 38.59 -20.09
N VAL P 380 36.99 37.31 -20.00
CA VAL P 380 36.64 36.74 -18.71
C VAL P 380 37.91 36.70 -17.84
N LEU P 381 39.00 36.26 -18.43
CA LEU P 381 40.26 36.15 -17.73
C LEU P 381 41.03 37.46 -17.63
N ASP P 382 40.55 38.51 -18.29
CA ASP P 382 41.04 39.86 -18.03
C ASP P 382 40.51 40.36 -16.68
N ARG P 383 39.28 39.97 -16.33
CA ARG P 383 38.73 40.28 -15.04
C ARG P 383 39.49 39.55 -13.94
N ILE P 384 39.82 38.30 -14.21
CA ILE P 384 40.53 37.50 -13.24
C ILE P 384 41.99 38.00 -13.11
N CYS P 385 42.56 38.43 -14.23
CA CYS P 385 43.89 39.00 -14.16
C CYS P 385 43.89 40.35 -13.42
N HIS P 386 42.81 41.11 -13.55
CA HIS P 386 42.74 42.38 -12.85
C HIS P 386 42.43 42.20 -11.36
N ASN P 387 41.50 41.28 -11.05
CA ASN P 387 41.19 40.99 -9.65
C ASN P 387 42.32 40.28 -8.95
N PHE P 388 43.26 39.70 -9.69
CA PHE P 388 44.46 39.19 -9.07
C PHE P 388 45.39 40.32 -8.68
N ASP P 389 45.49 41.33 -9.53
CA ASP P 389 46.46 42.39 -9.31
C ASP P 389 46.05 43.34 -8.17
N LYS P 390 44.73 43.54 -8.02
CA LYS P 390 44.26 44.30 -6.89
C LYS P 390 44.55 43.52 -5.58
N LEU P 391 44.55 42.19 -5.66
CA LEU P 391 44.93 41.34 -4.54
C LEU P 391 46.37 40.89 -4.64
N TRP P 392 47.22 41.65 -5.30
CA TRP P 392 48.65 41.40 -5.23
C TRP P 392 49.49 42.65 -5.03
N GLN P 393 48.97 43.82 -5.40
CA GLN P 393 49.57 45.09 -4.99
C GLN P 393 49.56 45.27 -3.47
N ARG P 394 48.48 44.84 -2.83
CA ARG P 394 48.41 44.78 -1.38
C ARG P 394 49.17 43.59 -0.83
N LYS P 395 49.49 42.62 -1.71
CA LYS P 395 49.94 41.26 -1.34
C LYS P 395 48.94 40.64 -0.38
N ALA P 396 47.78 40.30 -0.97
CA ALA P 396 46.60 39.90 -0.23
C ALA P 396 46.83 38.57 0.45
N PHE P 397 45.75 37.87 0.74
CA PHE P 397 45.42 37.47 2.07
C PHE P 397 46.46 37.48 3.18
N ALA P 398 47.39 36.56 3.06
CA ALA P 398 48.49 36.37 4.03
C ALA P 398 49.47 35.29 3.49
N ASN P 399 50.25 34.79 4.44
CA ASN P 399 51.00 33.53 4.38
C ASN P 399 50.27 32.24 3.91
N TRP P 400 48.95 32.26 3.71
CA TRP P 400 48.14 31.08 3.42
C TRP P 400 48.58 30.29 2.21
N TYR P 401 48.97 30.99 1.18
CA TYR P 401 49.64 30.32 0.04
C TYR P 401 51.10 30.08 0.29
N LEU P 402 51.71 30.95 1.06
CA LEU P 402 53.15 30.97 1.17
C LEU P 402 53.66 29.99 2.21
N ASN P 403 52.86 29.72 3.24
CA ASN P 403 53.30 28.77 4.28
C ASN P 403 53.18 27.33 3.87
N GLU P 404 52.34 27.04 2.89
CA GLU P 404 52.15 25.67 2.43
C GLU P 404 53.30 25.15 1.57
N GLY P 405 54.09 26.05 0.99
CA GLY P 405 55.23 25.70 0.16
C GLY P 405 55.43 26.55 -1.07
N MET P 406 54.46 27.41 -1.40
CA MET P 406 54.63 28.28 -2.52
C MET P 406 55.50 29.48 -2.19
N SER P 407 56.00 30.13 -3.24
CA SER P 407 56.89 31.29 -3.11
C SER P 407 56.33 32.47 -3.86
N GLU P 408 56.76 33.66 -3.46
CA GLU P 408 56.37 34.91 -4.11
C GLU P 408 56.95 34.99 -5.52
N GLU P 409 58.07 34.31 -5.76
CA GLU P 409 58.62 34.22 -7.10
C GLU P 409 57.74 33.36 -7.98
N GLN P 410 57.18 32.29 -7.41
CA GLN P 410 56.34 31.38 -8.17
C GLN P 410 55.01 32.03 -8.54
N ILE P 411 54.44 32.77 -7.61
CA ILE P 411 53.13 33.39 -7.80
C ILE P 411 53.19 34.47 -8.89
N ASN P 412 54.32 35.18 -8.96
CA ASN P 412 54.50 36.16 -10.03
C ASN P 412 54.72 35.50 -11.38
N VAL P 413 55.22 34.27 -11.40
CA VAL P 413 55.32 33.51 -12.65
C VAL P 413 53.93 33.14 -13.14
N LEU P 414 53.08 32.70 -12.23
CA LEU P 414 51.76 32.19 -12.64
C LEU P 414 50.83 33.32 -13.02
N ARG P 415 51.05 34.51 -12.46
CA ARG P 415 50.37 35.72 -12.96
C ARG P 415 50.84 36.08 -14.33
N ALA P 416 52.13 35.94 -14.59
CA ALA P 416 52.66 36.15 -15.93
C ALA P 416 52.19 35.03 -16.87
N SER P 417 52.12 33.81 -16.37
CA SER P 417 51.64 32.71 -17.17
C SER P 417 50.14 32.83 -17.47
N ALA P 418 49.40 33.54 -16.64
CA ALA P 418 48.05 33.94 -17.01
C ALA P 418 48.04 35.23 -17.83
N GLN P 419 49.04 36.08 -17.69
CA GLN P 419 49.20 37.21 -18.59
C GLN P 419 49.62 36.73 -19.96
N GLU P 420 50.45 35.69 -20.03
CA GLU P 420 50.77 35.07 -21.31
C GLU P 420 49.55 34.41 -21.94
N LEU P 421 48.57 34.03 -21.12
CA LEU P 421 47.33 33.45 -21.62
C LEU P 421 46.40 34.52 -22.18
N VAL P 422 46.22 35.61 -21.45
CA VAL P 422 45.30 36.65 -21.85
C VAL P 422 45.83 37.35 -23.10
N GLN P 423 47.15 37.55 -23.17
CA GLN P 423 47.73 38.15 -24.37
C GLN P 423 47.67 37.20 -25.54
N SER P 424 47.58 35.90 -25.28
CA SER P 424 47.57 34.91 -26.35
C SER P 424 46.28 34.95 -27.15
N TYR P 425 45.21 35.45 -26.58
CA TYR P 425 44.03 35.83 -27.37
C TYR P 425 44.12 37.26 -27.87
N GLN P 426 44.83 38.11 -27.14
CA GLN P 426 45.06 39.47 -27.63
C GLN P 426 46.04 39.46 -28.79
N VAL P 427 46.93 38.48 -28.84
CA VAL P 427 47.69 38.21 -30.05
C VAL P 427 46.72 37.76 -31.12
N ALA P 428 45.78 36.88 -30.77
CA ALA P 428 44.90 36.26 -31.75
C ALA P 428 43.65 37.04 -32.04
N GLU P 429 43.47 38.21 -31.45
CA GLU P 429 42.29 39.01 -31.75
C GLU P 429 42.59 40.00 -32.87
N GLU P 430 43.58 40.84 -32.66
CA GLU P 430 43.93 41.86 -33.65
C GLU P 430 44.62 41.25 -34.87
N SER P 431 45.32 40.14 -34.70
CA SER P 431 45.83 39.43 -35.87
C SER P 431 44.72 38.66 -36.58
N GLY P 432 43.70 38.29 -35.82
CA GLY P 432 42.50 37.68 -36.38
C GLY P 432 41.43 38.65 -36.82
N ALA P 433 41.68 39.95 -36.62
CA ALA P 433 40.74 40.98 -37.00
C ALA P 433 40.79 41.20 -38.51
N ARG Q 2 39.63 -8.70 -65.25
CA ARG Q 2 38.86 -7.39 -65.12
C ARG Q 2 37.98 -7.44 -63.91
N GLU Q 3 38.60 -7.50 -62.72
CA GLU Q 3 37.88 -7.69 -61.48
C GLU Q 3 38.34 -6.66 -60.52
N ILE Q 4 37.50 -5.68 -60.21
CA ILE Q 4 37.95 -4.42 -59.56
C ILE Q 4 37.85 -4.55 -58.05
N LEU Q 5 38.98 -4.35 -57.40
CA LEU Q 5 39.02 -4.31 -55.95
C LEU Q 5 38.44 -2.96 -55.51
N SER Q 6 37.94 -2.92 -54.29
CA SER Q 6 37.34 -1.69 -53.77
C SER Q 6 37.88 -1.47 -52.36
N ILE Q 7 38.10 -0.23 -52.02
CA ILE Q 7 38.61 0.14 -50.73
C ILE Q 7 37.71 1.25 -50.25
N HIS Q 8 37.30 1.16 -49.00
CA HIS Q 8 36.39 2.14 -48.45
C HIS Q 8 36.92 2.71 -47.17
N VAL Q 9 37.78 3.71 -47.27
CA VAL Q 9 38.46 4.21 -46.12
C VAL Q 9 37.76 5.45 -45.60
N GLY Q 10 37.70 5.59 -44.28
CA GLY Q 10 37.10 6.77 -43.69
C GLY Q 10 35.62 6.63 -43.49
N GLN Q 11 35.05 7.44 -42.61
CA GLN Q 11 33.61 7.41 -42.36
C GLN Q 11 32.84 7.79 -43.59
N CYS Q 12 33.35 8.76 -44.36
CA CYS Q 12 32.72 9.15 -45.64
C CYS Q 12 32.72 8.00 -46.68
N GLY Q 13 33.80 7.25 -46.73
CA GLY Q 13 33.87 6.18 -47.69
C GLY Q 13 33.08 4.98 -47.29
N ASN Q 14 33.09 4.63 -46.00
CA ASN Q 14 32.37 3.48 -45.56
C ASN Q 14 30.86 3.73 -45.60
N GLN Q 15 30.43 4.99 -45.44
CA GLN Q 15 29.03 5.29 -45.57
C GLN Q 15 28.61 5.22 -47.03
N ILE Q 16 29.52 5.46 -47.95
CA ILE Q 16 29.24 5.16 -49.36
C ILE Q 16 29.23 3.64 -49.57
N ALA Q 17 30.04 2.90 -48.84
CA ALA Q 17 30.05 1.45 -48.98
C ALA Q 17 28.75 0.82 -48.55
N ASP Q 18 28.06 1.44 -47.60
CA ASP Q 18 26.73 0.99 -47.27
C ASP Q 18 25.78 1.29 -48.42
N SER Q 19 26.01 2.40 -49.14
CA SER Q 19 25.20 2.73 -50.32
C SER Q 19 25.64 2.00 -51.56
N PHE Q 20 26.92 1.79 -51.72
CA PHE Q 20 27.44 1.16 -52.92
C PHE Q 20 27.21 -0.34 -52.93
N TRP Q 21 27.50 -1.00 -51.85
CA TRP Q 21 27.28 -2.45 -51.84
C TRP Q 21 25.83 -2.85 -51.56
N ARG Q 22 24.95 -1.88 -51.35
CA ARG Q 22 23.53 -2.13 -51.48
C ARG Q 22 23.03 -1.77 -52.86
N LEU Q 23 23.80 -1.08 -53.68
CA LEU Q 23 23.47 -0.88 -55.10
C LEU Q 23 24.20 -1.80 -56.02
N ALA Q 24 25.36 -2.30 -55.60
CA ALA Q 24 26.06 -3.31 -56.39
C ALA Q 24 25.32 -4.65 -56.27
N LEU Q 25 24.69 -4.92 -55.13
CA LEU Q 25 23.92 -6.14 -54.99
C LEU Q 25 22.61 -6.06 -55.75
N ARG Q 26 22.09 -4.86 -55.96
CA ARG Q 26 20.85 -4.71 -56.69
C ARG Q 26 21.07 -4.82 -58.20
N GLU Q 27 22.14 -4.20 -58.69
CA GLU Q 27 22.40 -4.22 -60.13
C GLU Q 27 22.83 -5.61 -60.58
N HIS Q 28 23.60 -6.32 -59.76
CA HIS Q 28 23.89 -7.73 -60.03
C HIS Q 28 22.77 -8.66 -59.61
N GLY Q 29 21.76 -8.14 -58.91
CA GLY Q 29 20.62 -8.95 -58.52
C GLY Q 29 20.96 -9.98 -57.46
N LEU Q 30 21.61 -9.55 -56.37
CA LEU Q 30 21.85 -10.42 -55.23
C LEU Q 30 21.11 -9.92 -54.01
N THR Q 31 20.88 -10.83 -53.07
CA THR Q 31 20.29 -10.45 -51.80
C THR Q 31 21.36 -9.85 -50.90
N GLU Q 32 20.91 -9.32 -49.77
CA GLU Q 32 21.78 -8.60 -48.86
C GLU Q 32 22.75 -9.51 -48.11
N ALA Q 33 22.44 -10.80 -48.02
CA ALA Q 33 23.31 -11.73 -47.33
C ALA Q 33 24.54 -12.09 -48.17
N GLY Q 34 24.47 -11.91 -49.48
CA GLY Q 34 25.59 -12.24 -50.33
C GLY Q 34 25.34 -13.34 -51.32
N THR Q 35 24.18 -13.99 -51.25
CA THR Q 35 23.86 -15.10 -52.13
C THR Q 35 23.01 -14.63 -53.30
N LEU Q 36 22.84 -15.51 -54.27
CA LEU Q 36 22.15 -15.17 -55.50
C LEU Q 36 20.65 -15.12 -55.23
N LYS Q 37 19.99 -14.10 -55.76
CA LYS Q 37 18.56 -13.92 -55.54
C LYS Q 37 17.79 -14.89 -56.41
N SER Q 46 25.52 -10.84 -67.09
CA SER Q 46 26.12 -10.05 -66.00
C SER Q 46 27.45 -10.66 -65.53
N ASN Q 47 28.47 -9.82 -65.43
CA ASN Q 47 29.78 -10.24 -64.99
C ASN Q 47 29.85 -9.97 -63.48
N MET Q 48 29.49 -10.96 -62.69
CA MET Q 48 29.50 -10.79 -61.23
C MET Q 48 30.89 -10.89 -60.61
N GLU Q 49 31.87 -11.27 -61.43
CA GLU Q 49 33.22 -11.47 -60.97
C GLU Q 49 33.94 -10.19 -60.65
N VAL Q 50 33.42 -9.06 -61.13
CA VAL Q 50 34.11 -7.77 -61.00
C VAL Q 50 34.19 -7.26 -59.58
N PHE Q 51 33.03 -7.12 -58.98
CA PHE Q 51 32.94 -6.67 -57.61
C PHE Q 51 32.98 -7.77 -56.57
N PHE Q 52 32.54 -8.97 -56.95
CA PHE Q 52 32.27 -10.01 -56.00
C PHE Q 52 33.25 -11.18 -56.20
N HIS Q 53 33.84 -11.63 -55.10
CA HIS Q 53 34.61 -12.86 -55.09
C HIS Q 53 33.69 -14.06 -54.86
N LYS Q 54 33.69 -14.97 -55.82
CA LYS Q 54 32.92 -16.18 -55.71
C LYS Q 54 33.54 -17.12 -54.70
N VAL Q 55 33.02 -17.11 -53.48
CA VAL Q 55 33.51 -18.02 -52.44
C VAL Q 55 32.92 -19.42 -52.64
N ARG Q 56 31.59 -19.49 -52.71
CA ARG Q 56 30.89 -20.75 -52.94
C ARG Q 56 30.02 -20.60 -54.16
N ASP Q 57 29.24 -21.63 -54.43
CA ASP Q 57 28.34 -21.63 -55.57
C ASP Q 57 27.25 -20.55 -55.53
N GLY Q 58 26.75 -20.25 -54.34
CA GLY Q 58 25.70 -19.25 -54.19
C GLY Q 58 26.19 -17.93 -53.66
N LYS Q 59 27.02 -17.96 -52.62
CA LYS Q 59 27.38 -16.75 -51.90
C LYS Q 59 28.52 -16.01 -52.61
N TYR Q 60 28.32 -14.71 -52.81
CA TYR Q 60 29.30 -13.84 -53.43
C TYR Q 60 29.74 -12.79 -52.42
N VAL Q 61 30.96 -12.94 -51.92
CA VAL Q 61 31.54 -11.98 -51.02
C VAL Q 61 32.17 -10.88 -51.87
N PRO Q 62 31.87 -9.61 -51.58
CA PRO Q 62 32.45 -8.52 -52.36
C PRO Q 62 33.92 -8.31 -52.17
N ARG Q 63 34.55 -7.71 -53.16
CA ARG Q 63 35.97 -7.37 -53.11
C ARG Q 63 36.15 -5.96 -52.53
N ALA Q 64 35.70 -5.80 -51.28
CA ALA Q 64 35.81 -4.55 -50.56
C ALA Q 64 36.59 -4.75 -49.30
N VAL Q 65 37.54 -3.85 -49.00
CA VAL Q 65 38.05 -3.66 -47.64
C VAL Q 65 37.25 -2.55 -46.98
N LEU Q 66 36.71 -2.77 -45.83
CA LEU Q 66 36.03 -1.72 -45.11
C LEU Q 66 37.04 -1.16 -44.10
N VAL Q 67 38.10 -0.58 -44.60
CA VAL Q 67 39.14 -0.02 -43.76
C VAL Q 67 38.64 1.24 -43.07
N ASP Q 68 38.79 1.30 -41.76
CA ASP Q 68 38.16 2.33 -40.97
C ASP Q 68 38.81 2.48 -39.62
N LEU Q 69 38.93 3.72 -39.18
CA LEU Q 69 39.13 4.06 -37.79
C LEU Q 69 37.83 4.72 -37.31
N GLU Q 70 37.63 4.85 -36.00
CA GLU Q 70 36.32 5.06 -35.37
C GLU Q 70 35.36 3.92 -35.74
N PRO Q 71 35.54 2.75 -35.18
CA PRO Q 71 34.79 1.59 -35.61
C PRO Q 71 33.33 1.54 -35.17
N GLY Q 72 32.58 2.58 -35.48
CA GLY Q 72 31.16 2.56 -35.23
C GLY Q 72 30.39 2.64 -36.53
N VAL Q 73 31.10 2.94 -37.62
CA VAL Q 73 30.48 3.07 -38.92
C VAL Q 73 30.13 1.67 -39.44
N ILE Q 74 31.06 0.74 -39.26
CA ILE Q 74 30.84 -0.63 -39.69
C ILE Q 74 29.93 -1.35 -38.68
N ALA Q 75 29.90 -0.86 -37.45
CA ALA Q 75 28.95 -1.36 -36.46
C ALA Q 75 27.52 -1.05 -36.87
N ARG Q 76 27.33 0.02 -37.62
CA ARG Q 76 26.06 0.23 -38.30
C ARG Q 76 25.92 -0.77 -39.46
N ILE Q 77 27.00 -1.01 -40.20
CA ILE Q 77 26.94 -1.89 -41.37
C ILE Q 77 26.78 -3.33 -40.93
N GLU Q 78 27.75 -3.82 -40.18
CA GLU Q 78 27.75 -5.21 -39.72
C GLU Q 78 26.99 -5.46 -38.44
N GLY Q 79 26.06 -4.57 -38.09
CA GLY Q 79 25.15 -4.83 -36.97
C GLY Q 79 23.73 -5.15 -37.42
N GLY Q 80 23.21 -4.32 -38.33
CA GLY Q 80 21.80 -4.35 -38.68
C GLY Q 80 21.38 -5.43 -39.66
N ASP Q 81 21.83 -5.29 -40.90
CA ASP Q 81 21.29 -6.09 -42.01
C ASP Q 81 22.35 -6.61 -42.98
N MET Q 82 23.62 -6.36 -42.70
CA MET Q 82 24.64 -6.55 -43.71
C MET Q 82 25.90 -7.17 -43.12
N SER Q 83 25.75 -7.87 -42.00
CA SER Q 83 26.86 -8.52 -41.32
C SER Q 83 27.29 -9.80 -42.05
N GLN Q 84 26.33 -10.47 -42.70
CA GLN Q 84 26.59 -11.71 -43.41
C GLN Q 84 27.25 -11.46 -44.77
N LEU Q 85 27.15 -10.23 -45.28
CA LEU Q 85 27.66 -9.88 -46.60
C LEU Q 85 29.18 -9.76 -46.65
N PHE Q 86 29.71 -8.83 -45.87
CA PHE Q 86 31.13 -8.56 -45.90
C PHE Q 86 31.89 -9.65 -45.17
N ASP Q 87 33.07 -9.97 -45.69
CA ASP Q 87 33.97 -10.87 -44.98
C ASP Q 87 34.73 -10.10 -43.92
N GLU Q 88 34.88 -10.68 -42.73
CA GLU Q 88 35.52 -9.95 -41.65
C GLU Q 88 37.07 -10.09 -41.70
N SER Q 89 37.59 -10.87 -42.63
CA SER Q 89 38.99 -10.74 -43.01
C SER Q 89 39.18 -9.79 -44.18
N SER Q 90 38.15 -9.00 -44.47
CA SER Q 90 38.22 -7.90 -45.45
C SER Q 90 37.84 -6.57 -44.78
N ILE Q 91 38.45 -6.26 -43.65
CA ILE Q 91 38.03 -5.11 -42.82
C ILE Q 91 39.22 -4.68 -41.98
N VAL Q 92 39.17 -3.50 -41.40
CA VAL Q 92 39.93 -3.18 -40.21
C VAL Q 92 39.17 -2.18 -39.35
N ARG Q 93 39.12 -2.43 -38.05
CA ARG Q 93 38.44 -1.57 -37.08
C ARG Q 93 39.44 -1.32 -35.96
N LYS Q 94 39.82 -0.06 -35.77
CA LYS Q 94 40.72 0.29 -34.71
C LYS Q 94 40.43 1.63 -34.10
N ILE Q 95 40.43 1.67 -32.79
CA ILE Q 95 40.42 2.92 -32.02
C ILE Q 95 41.90 3.28 -31.70
N PRO Q 96 42.25 4.58 -31.65
CA PRO Q 96 41.49 5.81 -31.90
C PRO Q 96 41.16 6.03 -33.33
N GLY Q 97 40.60 7.20 -33.65
CA GLY Q 97 39.87 7.32 -34.88
C GLY Q 97 40.38 8.26 -35.95
N ALA Q 98 41.71 8.43 -36.04
CA ALA Q 98 42.35 9.34 -37.04
C ALA Q 98 41.69 10.70 -36.98
N ALA Q 99 42.00 11.37 -35.89
CA ALA Q 99 41.19 12.30 -35.23
C ALA Q 99 40.85 13.55 -36.02
N ASN Q 100 40.24 13.42 -37.20
CA ASN Q 100 40.14 14.46 -38.22
C ASN Q 100 41.42 15.17 -38.31
N ASN Q 101 42.45 14.42 -38.60
CA ASN Q 101 43.83 14.90 -38.47
C ASN Q 101 44.61 13.99 -39.39
N TRP Q 102 45.16 14.58 -40.43
CA TRP Q 102 45.88 13.84 -41.46
C TRP Q 102 47.07 13.08 -40.88
N ALA Q 103 47.78 13.71 -39.97
CA ALA Q 103 48.92 13.10 -39.40
C ALA Q 103 48.57 11.93 -38.46
N ARG Q 104 47.36 11.90 -37.92
CA ARG Q 104 46.92 10.71 -37.24
C ARG Q 104 46.62 9.61 -38.25
N GLY Q 105 45.89 9.95 -39.30
CA GLY Q 105 45.50 8.98 -40.33
C GLY Q 105 46.60 8.49 -41.23
N TYR Q 106 47.59 9.32 -41.49
CA TYR Q 106 48.71 8.93 -42.36
C TYR Q 106 49.87 8.34 -41.59
N ASN Q 107 50.14 8.85 -40.37
CA ASN Q 107 51.34 8.53 -39.68
C ASN Q 107 51.08 7.84 -38.35
N VAL Q 108 50.21 8.38 -37.50
CA VAL Q 108 50.09 7.85 -36.14
C VAL Q 108 49.24 6.58 -36.11
N GLU Q 109 47.97 6.72 -36.45
CA GLU Q 109 47.07 5.57 -36.49
C GLU Q 109 46.96 4.97 -37.88
N GLY Q 110 47.78 5.45 -38.81
CA GLY Q 110 47.84 4.89 -40.15
C GLY Q 110 48.85 3.77 -40.26
N GLU Q 111 50.01 4.00 -39.68
CA GLU Q 111 51.05 2.98 -39.69
C GLU Q 111 50.74 1.79 -38.80
N LYS Q 112 49.76 1.92 -37.91
CA LYS Q 112 49.27 0.79 -37.14
C LYS Q 112 48.45 -0.18 -38.00
N VAL Q 113 47.71 0.35 -38.96
CA VAL Q 113 46.80 -0.45 -39.73
C VAL Q 113 47.26 -0.76 -41.15
N ILE Q 114 48.26 -0.05 -41.65
CA ILE Q 114 48.61 -0.18 -43.05
C ILE Q 114 49.26 -1.53 -43.37
N ASP Q 115 49.88 -2.16 -42.40
CA ASP Q 115 50.32 -3.53 -42.62
C ASP Q 115 49.15 -4.49 -42.68
N GLN Q 116 48.07 -4.17 -41.97
CA GLN Q 116 46.87 -4.99 -42.02
C GLN Q 116 46.04 -4.65 -43.24
N ILE Q 117 46.05 -3.40 -43.69
CA ILE Q 117 45.31 -3.01 -44.88
C ILE Q 117 45.87 -3.71 -46.11
N MET Q 118 47.18 -3.61 -46.30
CA MET Q 118 47.82 -4.17 -47.47
C MET Q 118 47.74 -5.69 -47.50
N ASN Q 119 47.91 -6.34 -46.36
CA ASN Q 119 47.82 -7.80 -46.31
C ASN Q 119 46.39 -8.32 -46.36
N VAL Q 120 45.41 -7.43 -46.38
CA VAL Q 120 44.02 -7.80 -46.61
C VAL Q 120 43.68 -7.51 -48.06
N ILE Q 121 44.25 -6.44 -48.61
CA ILE Q 121 44.21 -6.21 -50.05
C ILE Q 121 44.95 -7.37 -50.76
N ASP Q 122 46.12 -7.74 -50.29
CA ASP Q 122 46.90 -8.78 -50.94
C ASP Q 122 46.25 -10.16 -50.79
N SER Q 123 45.47 -10.35 -49.76
CA SER Q 123 44.68 -11.57 -49.65
C SER Q 123 43.40 -11.50 -50.45
N ALA Q 124 43.08 -10.34 -51.01
CA ALA Q 124 41.92 -10.16 -51.87
C ALA Q 124 42.28 -10.02 -53.34
N VAL Q 125 43.53 -9.81 -53.66
CA VAL Q 125 43.94 -9.66 -55.06
C VAL Q 125 44.76 -10.85 -55.50
N GLU Q 126 45.19 -11.69 -54.55
CA GLU Q 126 45.72 -13.01 -54.91
C GLU Q 126 44.61 -14.03 -55.13
N LYS Q 127 43.37 -13.65 -54.84
CA LYS Q 127 42.18 -14.36 -55.27
C LYS Q 127 41.71 -13.91 -56.66
N THR Q 128 42.60 -13.31 -57.44
CA THR Q 128 42.26 -12.63 -58.68
C THR Q 128 43.50 -12.78 -59.58
N LYS Q 129 43.49 -13.54 -60.69
CA LYS Q 129 42.40 -13.81 -61.70
C LYS Q 129 41.81 -12.55 -62.28
N GLY Q 130 42.67 -11.69 -62.82
CA GLY Q 130 42.24 -10.51 -63.59
C GLY Q 130 41.92 -9.26 -62.77
N LEU Q 131 42.92 -8.79 -62.02
CA LEU Q 131 42.76 -7.54 -61.27
C LEU Q 131 43.07 -6.38 -62.19
N GLN Q 132 42.19 -5.39 -62.18
CA GLN Q 132 42.36 -4.25 -63.03
C GLN Q 132 42.41 -2.94 -62.28
N GLY Q 133 41.56 -2.77 -61.29
CA GLY Q 133 41.41 -1.44 -60.73
C GLY Q 133 41.20 -1.42 -59.25
N PHE Q 134 41.10 -0.19 -58.72
CA PHE Q 134 40.79 0.05 -57.32
C PHE Q 134 39.79 1.16 -57.24
N LEU Q 135 38.55 0.86 -56.86
CA LEU Q 135 37.58 1.92 -56.64
C LEU Q 135 37.70 2.26 -55.19
N MET Q 136 38.67 3.12 -54.89
CA MET Q 136 38.95 3.49 -53.54
C MET Q 136 38.10 4.70 -53.20
N THR Q 137 37.22 4.50 -52.23
CA THR Q 137 36.16 5.46 -51.94
C THR Q 137 36.38 6.13 -50.63
N HIS Q 138 36.52 7.45 -50.65
CA HIS Q 138 36.70 8.19 -49.41
C HIS Q 138 36.33 9.62 -49.60
N SER Q 139 36.73 10.45 -48.64
CA SER Q 139 36.70 11.90 -48.79
C SER Q 139 38.09 12.46 -48.69
N ILE Q 140 38.26 13.68 -49.15
CA ILE Q 140 39.52 14.40 -48.93
C ILE Q 140 39.31 15.37 -47.81
N GLY Q 141 38.33 15.12 -46.95
CA GLY Q 141 38.08 16.10 -45.94
C GLY Q 141 38.55 15.75 -44.56
N GLY Q 142 38.38 14.50 -44.16
CA GLY Q 142 38.57 14.15 -42.76
C GLY Q 142 40.00 13.81 -42.42
N GLY Q 143 40.16 12.84 -41.53
CA GLY Q 143 41.46 12.38 -41.12
C GLY Q 143 41.67 10.92 -41.36
N SER Q 144 40.59 10.19 -41.52
CA SER Q 144 40.64 8.79 -41.83
C SER Q 144 40.48 8.58 -43.33
N GLY Q 145 39.54 9.25 -43.94
CA GLY Q 145 39.37 9.12 -45.39
C GLY Q 145 40.41 9.83 -46.18
N SER Q 146 40.94 10.91 -45.62
CA SER Q 146 41.93 11.70 -46.29
C SER Q 146 43.34 11.42 -45.77
N GLY Q 147 43.46 11.02 -44.53
CA GLY Q 147 44.77 10.71 -44.00
C GLY Q 147 45.18 9.30 -44.35
N LEU Q 148 44.40 8.30 -43.95
CA LEU Q 148 44.70 6.95 -44.28
C LEU Q 148 44.39 6.70 -45.73
N GLY Q 149 43.50 7.46 -46.32
CA GLY Q 149 43.31 7.41 -47.78
C GLY Q 149 44.50 7.89 -48.55
N SER Q 150 45.22 8.84 -48.01
CA SER Q 150 46.48 9.25 -48.61
C SER Q 150 47.58 8.21 -48.41
N LEU Q 151 47.49 7.38 -47.37
CA LEU Q 151 48.53 6.43 -47.07
C LEU Q 151 48.33 5.18 -47.91
N ILE Q 152 47.09 4.74 -48.11
CA ILE Q 152 46.77 3.57 -48.91
C ILE Q 152 47.15 3.82 -50.35
N LEU Q 153 46.87 5.00 -50.88
CA LEU Q 153 47.26 5.36 -52.23
C LEU Q 153 48.75 5.30 -52.47
N GLU Q 154 49.56 5.60 -51.45
CA GLU Q 154 50.97 5.44 -51.60
C GLU Q 154 51.31 3.98 -51.63
N ARG Q 155 50.85 3.24 -50.64
CA ARG Q 155 51.29 1.84 -50.49
C ARG Q 155 50.72 0.93 -51.56
N LEU Q 156 49.58 1.29 -52.12
CA LEU Q 156 48.98 0.51 -53.19
C LEU Q 156 49.64 0.77 -54.54
N ARG Q 157 50.04 2.00 -54.81
CA ARG Q 157 50.82 2.29 -56.01
C ARG Q 157 52.27 1.75 -55.90
N GLN Q 158 52.83 1.76 -54.69
CA GLN Q 158 54.13 1.16 -54.49
C GLN Q 158 54.09 -0.35 -54.61
N ALA Q 159 52.91 -0.95 -54.40
CA ALA Q 159 52.74 -2.40 -54.58
C ALA Q 159 52.23 -2.78 -55.96
N TYR Q 160 51.42 -1.94 -56.57
CA TYR Q 160 50.81 -2.24 -57.89
C TYR Q 160 50.97 -1.03 -58.81
N PRO Q 161 52.17 -0.83 -59.35
CA PRO Q 161 52.41 0.40 -60.10
C PRO Q 161 51.86 0.36 -61.52
N LYS Q 162 51.28 -0.77 -61.93
CA LYS Q 162 50.75 -0.91 -63.26
C LYS Q 162 49.26 -1.22 -63.25
N LYS Q 163 48.55 -0.78 -62.22
CA LYS Q 163 47.12 -0.97 -62.12
C LYS Q 163 46.43 0.34 -61.81
N ARG Q 164 45.28 0.56 -62.40
CA ARG Q 164 44.59 1.84 -62.32
C ARG Q 164 43.96 2.04 -60.97
N ILE Q 165 44.29 3.13 -60.29
CA ILE Q 165 43.74 3.38 -58.98
C ILE Q 165 42.77 4.54 -59.00
N PHE Q 166 41.48 4.28 -59.05
CA PHE Q 166 40.49 5.35 -59.11
C PHE Q 166 39.98 5.74 -57.74
N THR Q 167 40.20 7.00 -57.42
CA THR Q 167 39.84 7.55 -56.14
C THR Q 167 38.52 8.24 -56.27
N PHE Q 168 37.57 7.87 -55.41
CA PHE Q 168 36.23 8.50 -55.46
C PHE Q 168 36.06 9.38 -54.26
N SER Q 169 36.60 10.60 -54.36
CA SER Q 169 36.73 11.48 -53.21
C SER Q 169 35.44 12.21 -53.00
N VAL Q 170 35.35 12.86 -51.84
CA VAL Q 170 34.27 13.80 -51.57
C VAL Q 170 34.96 15.05 -51.05
N VAL Q 171 34.88 16.12 -51.82
CA VAL Q 171 35.57 17.34 -51.51
C VAL Q 171 34.90 18.01 -50.31
N PRO Q 172 35.66 18.77 -49.48
CA PRO Q 172 35.01 19.68 -48.55
C PRO Q 172 34.09 20.66 -49.23
N SER Q 173 33.01 20.98 -48.53
CA SER Q 173 32.00 21.81 -49.10
C SER Q 173 32.52 23.27 -49.22
N PRO Q 174 32.12 23.97 -50.29
CA PRO Q 174 32.49 25.38 -50.39
C PRO Q 174 31.54 26.22 -49.53
N LEU Q 175 30.45 25.60 -49.08
CA LEU Q 175 29.35 26.27 -48.40
C LEU Q 175 29.79 26.65 -46.98
N ILE Q 176 30.09 25.66 -46.15
CA ILE Q 176 30.88 25.89 -44.93
C ILE Q 176 31.87 24.76 -44.80
N SER Q 177 32.60 24.78 -43.69
CA SER Q 177 33.63 23.82 -43.43
C SER Q 177 33.13 22.37 -43.31
N ASP Q 178 32.39 22.08 -42.24
CA ASP Q 178 32.10 20.72 -41.69
C ASP Q 178 33.27 20.06 -40.94
N SER Q 179 34.45 20.68 -41.04
CA SER Q 179 35.60 20.38 -40.20
C SER Q 179 36.57 21.55 -40.25
N ALA Q 180 37.24 21.80 -39.15
CA ALA Q 180 37.97 23.04 -38.97
C ALA Q 180 39.30 23.05 -39.78
N VAL Q 181 39.93 21.88 -39.78
CA VAL Q 181 41.28 21.69 -40.27
C VAL Q 181 41.14 21.03 -41.64
N GLU Q 182 39.97 21.14 -42.22
CA GLU Q 182 39.62 20.42 -43.46
C GLU Q 182 40.32 20.89 -44.74
N PRO Q 183 40.56 22.21 -44.94
CA PRO Q 183 41.45 22.59 -46.06
C PRO Q 183 42.92 22.18 -45.93
N TYR Q 184 43.37 21.83 -44.75
CA TYR Q 184 44.65 21.18 -44.64
C TYR Q 184 44.55 19.78 -45.14
N ASN Q 185 43.46 19.08 -44.82
CA ASN Q 185 43.41 17.65 -45.06
C ASN Q 185 43.19 17.30 -46.52
N ALA Q 186 42.73 18.28 -47.32
CA ALA Q 186 42.57 18.07 -48.75
C ALA Q 186 43.93 18.14 -49.44
N ILE Q 187 44.68 19.17 -49.17
CA ILE Q 187 45.93 19.43 -49.88
C ILE Q 187 46.97 18.41 -49.48
N LEU Q 188 46.91 17.90 -48.26
CA LEU Q 188 47.76 16.78 -47.87
C LEU Q 188 47.33 15.47 -48.57
N THR Q 189 46.07 15.39 -49.02
CA THR Q 189 45.56 14.22 -49.71
C THR Q 189 45.58 14.38 -51.21
N LEU Q 190 45.18 15.56 -51.69
CA LEU Q 190 45.23 15.84 -53.12
C LEU Q 190 46.63 15.83 -53.70
N GLN Q 191 47.65 15.93 -52.85
CA GLN Q 191 48.98 15.66 -53.27
C GLN Q 191 49.08 14.22 -53.63
N ARG Q 192 48.75 13.34 -52.70
CA ARG Q 192 49.01 11.91 -52.90
C ARG Q 192 48.05 11.27 -53.89
N ILE Q 193 46.91 11.89 -54.14
CA ILE Q 193 46.05 11.47 -55.24
C ILE Q 193 46.70 11.85 -56.58
N LEU Q 194 47.22 13.06 -56.65
CA LEU Q 194 47.93 13.55 -57.84
C LEU Q 194 49.20 12.76 -58.14
N ASP Q 195 49.83 12.21 -57.11
CA ASP Q 195 51.05 11.45 -57.27
C ASP Q 195 50.82 9.98 -57.58
N ASN Q 196 49.73 9.40 -57.09
CA ASN Q 196 49.54 7.95 -57.18
C ASN Q 196 48.33 7.53 -58.00
N ALA Q 197 47.17 8.13 -57.75
CA ALA Q 197 45.94 7.69 -58.42
C ALA Q 197 45.91 8.12 -59.88
N ASP Q 198 45.45 7.22 -60.74
CA ASP Q 198 45.41 7.46 -62.15
C ASP Q 198 44.27 8.33 -62.61
N GLY Q 199 43.22 8.40 -61.80
CA GLY Q 199 42.12 9.34 -62.07
C GLY Q 199 41.19 9.42 -60.89
N ALA Q 200 40.90 10.64 -60.42
CA ALA Q 200 40.05 10.82 -59.27
C ALA Q 200 38.70 11.41 -59.69
N VAL Q 201 37.63 10.98 -59.02
CA VAL Q 201 36.34 11.62 -59.20
C VAL Q 201 36.09 12.48 -57.98
N LEU Q 202 36.15 13.81 -58.17
CA LEU Q 202 35.87 14.71 -57.08
C LEU Q 202 34.39 14.98 -56.99
N LEU Q 203 33.80 14.69 -55.84
CA LEU Q 203 32.39 14.93 -55.58
C LEU Q 203 32.29 15.93 -54.43
N ASP Q 204 31.16 16.61 -54.38
CA ASP Q 204 30.98 17.73 -53.51
C ASP Q 204 29.63 17.66 -52.81
N ASN Q 205 29.65 17.73 -51.48
CA ASN Q 205 28.44 17.65 -50.71
C ASN Q 205 27.53 18.85 -50.85
N GLU Q 206 28.02 19.98 -51.36
CA GLU Q 206 27.12 21.05 -51.71
C GLU Q 206 26.26 20.69 -52.94
N ALA Q 207 26.90 20.17 -53.98
CA ALA Q 207 26.16 19.69 -55.15
C ALA Q 207 25.39 18.40 -54.83
N LEU Q 208 25.92 17.57 -53.95
CA LEU Q 208 25.19 16.37 -53.58
C LEU Q 208 23.96 16.71 -52.72
N PHE Q 209 23.97 17.84 -52.01
CA PHE Q 209 22.77 18.30 -51.35
C PHE Q 209 21.78 18.80 -52.34
N ARG Q 210 22.20 19.65 -53.27
CA ARG Q 210 21.27 20.31 -54.21
C ARG Q 210 20.58 19.35 -55.20
N ILE Q 211 21.36 18.44 -55.76
CA ILE Q 211 20.84 17.54 -56.79
C ILE Q 211 19.94 16.49 -56.16
N ALA Q 212 20.23 16.11 -54.94
CA ALA Q 212 19.35 15.24 -54.16
C ALA Q 212 18.13 15.99 -53.66
N LYS Q 213 18.25 17.30 -53.47
CA LYS Q 213 17.11 18.12 -53.07
C LYS Q 213 16.12 18.22 -54.21
N ALA Q 214 16.63 18.32 -55.44
CA ALA Q 214 15.77 18.31 -56.61
C ALA Q 214 15.32 16.90 -56.98
N LYS Q 215 16.04 15.87 -56.50
CA LYS Q 215 15.63 14.50 -56.76
C LYS Q 215 14.45 14.13 -55.88
N LEU Q 216 14.64 14.16 -54.57
CA LEU Q 216 13.65 13.69 -53.64
C LEU Q 216 12.72 14.81 -53.23
N ASN Q 217 11.48 14.45 -52.91
CA ASN Q 217 10.55 15.36 -52.26
C ASN Q 217 10.67 15.16 -50.73
N ARG Q 218 11.91 15.31 -50.26
CA ARG Q 218 12.32 14.95 -48.93
C ARG Q 218 13.73 15.51 -48.73
N SER Q 219 13.97 16.11 -47.57
CA SER Q 219 15.27 16.72 -47.30
C SER Q 219 16.31 15.62 -47.08
N PRO Q 220 17.43 15.67 -47.83
CA PRO Q 220 18.32 14.52 -47.89
C PRO Q 220 19.13 14.30 -46.62
N ASN Q 221 19.76 13.13 -46.58
CA ASN Q 221 20.78 12.84 -45.58
C ASN Q 221 21.92 12.10 -46.28
N TYR Q 222 23.00 11.91 -45.57
CA TYR Q 222 24.16 11.32 -46.21
C TYR Q 222 23.98 9.87 -46.58
N MET Q 223 22.84 9.23 -46.32
CA MET Q 223 22.51 8.01 -47.02
C MET Q 223 21.91 8.31 -48.38
N ASP Q 224 21.07 9.34 -48.47
CA ASP Q 224 20.47 9.72 -49.74
C ASP Q 224 21.42 10.41 -50.67
N LEU Q 225 22.39 11.12 -50.13
CA LEU Q 225 23.45 11.75 -50.96
C LEU Q 225 24.36 10.70 -51.58
N ASN Q 226 24.62 9.61 -50.88
CA ASN Q 226 25.57 8.65 -51.36
C ASN Q 226 25.00 7.82 -52.48
N ASN Q 227 23.68 7.71 -52.58
CA ASN Q 227 23.08 6.99 -53.70
C ASN Q 227 23.30 7.73 -55.02
N ILE Q 228 23.57 9.02 -55.01
CA ILE Q 228 24.05 9.68 -56.21
C ILE Q 228 25.50 9.22 -56.48
N ILE Q 229 26.31 9.12 -55.42
CA ILE Q 229 27.69 8.72 -55.55
C ILE Q 229 27.69 7.24 -55.93
N ALA Q 230 26.93 6.42 -55.23
CA ALA Q 230 26.98 4.99 -55.40
C ALA Q 230 26.54 4.58 -56.77
N LEU Q 231 25.78 5.39 -57.47
CA LEU Q 231 25.51 5.14 -58.90
C LEU Q 231 26.67 5.57 -59.75
N ILE Q 232 27.25 6.71 -59.45
CA ILE Q 232 28.43 7.16 -60.17
C ILE Q 232 29.61 6.16 -59.93
N VAL Q 233 29.82 5.66 -58.72
CA VAL Q 233 30.80 4.65 -58.44
C VAL Q 233 30.51 3.40 -59.26
N SER Q 234 29.22 3.06 -59.43
CA SER Q 234 28.83 1.91 -60.24
C SER Q 234 28.83 2.18 -61.74
N SER Q 235 28.39 3.35 -62.17
CA SER Q 235 28.26 3.63 -63.60
C SER Q 235 29.56 3.79 -64.31
N VAL Q 236 30.60 4.20 -63.58
CA VAL Q 236 31.96 4.24 -64.13
C VAL Q 236 32.39 2.83 -64.49
N THR Q 237 32.08 1.88 -63.63
CA THR Q 237 32.53 0.51 -63.81
C THR Q 237 31.37 -0.42 -64.06
N ALA Q 238 30.43 0.01 -64.88
CA ALA Q 238 29.38 -0.84 -65.38
C ALA Q 238 29.41 -1.04 -66.85
N SER Q 239 30.30 -0.35 -67.55
CA SER Q 239 30.66 -0.81 -68.91
C SER Q 239 31.77 -1.87 -68.84
N LEU Q 240 32.28 -2.12 -67.65
CA LEU Q 240 33.28 -3.12 -67.36
C LEU Q 240 32.63 -4.44 -66.94
N ARG Q 241 31.41 -4.41 -66.42
CA ARG Q 241 30.71 -5.59 -65.95
C ARG Q 241 29.37 -5.84 -66.60
N PHE Q 242 28.72 -4.82 -67.17
CA PHE Q 242 27.54 -5.00 -68.02
C PHE Q 242 27.99 -4.52 -69.39
N PRO Q 243 28.52 -5.41 -70.22
CA PRO Q 243 29.38 -4.99 -71.34
C PRO Q 243 28.72 -4.12 -72.39
N GLY Q 244 27.69 -4.63 -73.04
CA GLY Q 244 27.01 -3.86 -74.09
C GLY Q 244 27.91 -3.55 -75.25
N LYS Q 245 27.72 -2.38 -75.86
CA LYS Q 245 28.57 -1.95 -76.97
C LYS Q 245 29.43 -0.78 -76.50
N LEU Q 246 30.52 -0.50 -77.22
CA LEU Q 246 31.56 0.46 -76.81
C LEU Q 246 32.05 0.19 -75.38
N ASN Q 247 32.72 -0.96 -75.25
CA ASN Q 247 33.16 -1.42 -73.97
C ASN Q 247 34.26 -0.48 -73.45
N THR Q 248 33.93 0.27 -72.42
CA THR Q 248 34.85 1.17 -71.77
C THR Q 248 35.33 0.58 -70.46
N ASP Q 249 36.57 0.12 -70.46
CA ASP Q 249 37.18 -0.36 -69.24
C ASP Q 249 37.78 0.78 -68.42
N LEU Q 250 38.43 0.43 -67.33
CA LEU Q 250 39.05 1.43 -66.49
C LEU Q 250 40.32 2.00 -67.11
N SER Q 251 40.92 1.29 -68.04
CA SER Q 251 42.10 1.81 -68.72
C SER Q 251 41.77 2.95 -69.69
N GLU Q 252 40.51 3.05 -70.11
CA GLU Q 252 40.07 4.10 -71.00
C GLU Q 252 39.54 5.32 -70.29
N PHE Q 253 39.55 5.35 -68.98
CA PHE Q 253 39.23 6.58 -68.27
C PHE Q 253 40.50 7.33 -67.93
N VAL Q 254 41.66 6.79 -68.29
CA VAL Q 254 42.94 7.48 -68.10
C VAL Q 254 43.49 7.95 -69.44
N THR Q 255 43.37 7.13 -70.47
CA THR Q 255 43.89 7.52 -71.77
C THR Q 255 42.98 8.53 -72.40
N ASN Q 256 41.69 8.40 -72.23
CA ASN Q 256 40.74 9.32 -72.91
C ASN Q 256 40.48 10.64 -72.18
N LEU Q 257 40.37 10.56 -70.86
CA LEU Q 257 39.91 11.71 -70.08
C LEU Q 257 41.01 12.46 -69.42
N VAL Q 258 42.25 11.97 -69.43
CA VAL Q 258 43.34 12.64 -68.74
C VAL Q 258 44.38 13.05 -69.75
N PRO Q 259 44.29 14.28 -70.28
CA PRO Q 259 45.22 14.72 -71.30
C PRO Q 259 46.68 14.92 -70.83
N PHE Q 260 46.84 15.73 -69.82
CA PHE Q 260 48.17 16.03 -69.25
C PHE Q 260 48.41 15.13 -68.04
N PRO Q 261 49.66 14.92 -67.64
CA PRO Q 261 49.89 14.03 -66.49
C PRO Q 261 49.43 14.54 -65.11
N GLY Q 262 48.80 15.71 -65.04
CA GLY Q 262 48.23 16.17 -63.77
C GLY Q 262 46.73 16.25 -63.73
N ASN Q 263 46.10 16.45 -64.89
CA ASN Q 263 44.66 16.75 -64.94
C ASN Q 263 43.81 15.48 -64.92
N HIS Q 264 43.71 14.87 -63.74
CA HIS Q 264 42.97 13.67 -63.57
C HIS Q 264 41.99 13.73 -62.42
N PHE Q 265 41.28 14.84 -62.31
CA PHE Q 265 40.26 15.03 -61.27
C PHE Q 265 38.93 15.30 -62.01
N LEU Q 266 38.05 14.31 -61.96
CA LEU Q 266 36.89 14.25 -62.84
C LEU Q 266 35.61 14.62 -62.11
N THR Q 267 34.75 15.32 -62.82
CA THR Q 267 33.49 15.80 -62.26
C THR Q 267 32.34 15.01 -62.87
N ALA Q 268 31.75 14.12 -62.09
CA ALA Q 268 30.79 13.16 -62.62
C ALA Q 268 29.40 13.47 -62.30
N SER Q 269 28.52 13.47 -63.31
CA SER Q 269 27.09 13.61 -63.13
C SER Q 269 26.36 12.32 -63.29
N PHE Q 270 25.12 12.31 -62.83
CA PHE Q 270 24.24 11.21 -63.11
C PHE Q 270 22.94 11.75 -63.60
N ALA Q 271 22.31 10.96 -64.47
CA ALA Q 271 20.95 11.22 -64.98
C ALA Q 271 20.32 9.88 -65.24
N PRO Q 272 19.01 9.73 -65.03
CA PRO Q 272 17.98 10.67 -64.68
C PRO Q 272 17.87 11.09 -63.21
N MET Q 273 17.84 12.39 -62.94
CA MET Q 273 17.58 12.92 -61.63
C MET Q 273 16.59 14.08 -61.67
N GLN Q 281 10.01 2.08 -62.17
CA GLN Q 281 11.27 2.14 -62.89
C GLN Q 281 11.31 3.39 -63.77
N VAL Q 282 12.25 4.28 -63.51
CA VAL Q 282 12.29 5.60 -64.13
C VAL Q 282 12.76 5.49 -65.56
N ARG Q 283 11.86 5.83 -66.49
CA ARG Q 283 12.20 5.90 -67.91
C ARG Q 283 12.42 7.34 -68.33
N THR Q 284 13.26 7.50 -69.35
CA THR Q 284 13.55 8.84 -69.89
C THR Q 284 13.76 8.68 -71.40
N ASN Q 285 13.06 9.51 -72.16
CA ASN Q 285 12.96 9.34 -73.60
C ASN Q 285 14.26 9.58 -74.35
N PHE Q 286 15.23 10.26 -73.72
CA PHE Q 286 16.59 10.43 -74.23
C PHE Q 286 16.72 11.29 -75.51
N PRO Q 287 16.15 12.48 -75.55
CA PRO Q 287 16.89 13.59 -76.10
C PRO Q 287 17.20 14.59 -75.02
N ASP Q 288 16.57 14.35 -73.89
CA ASP Q 288 16.60 15.25 -72.72
C ASP Q 288 17.47 14.70 -71.61
N LEU Q 289 17.75 13.40 -71.63
CA LEU Q 289 18.72 12.80 -70.70
C LEU Q 289 20.08 13.32 -71.00
N ALA Q 290 20.44 13.45 -72.28
CA ALA Q 290 21.73 14.08 -72.63
C ALA Q 290 21.77 15.56 -72.26
N ARG Q 291 20.65 16.23 -72.25
CA ARG Q 291 20.55 17.57 -71.70
C ARG Q 291 20.49 17.59 -70.17
N GLU Q 292 20.13 16.46 -69.58
CA GLU Q 292 20.14 16.29 -68.12
C GLU Q 292 21.49 15.81 -67.63
N THR Q 293 22.15 14.96 -68.42
CA THR Q 293 23.47 14.45 -68.11
C THR Q 293 24.46 15.59 -68.11
N PHE Q 294 24.47 16.40 -69.17
CA PHE Q 294 25.41 17.52 -69.24
C PHE Q 294 24.75 18.83 -68.88
N ALA Q 295 23.82 18.79 -67.91
CA ALA Q 295 23.37 20.01 -67.24
C ALA Q 295 24.52 20.50 -66.36
N GLN Q 296 24.71 21.82 -66.31
CA GLN Q 296 25.76 22.37 -65.48
C GLN Q 296 25.44 22.21 -64.00
N ASP Q 297 24.15 22.19 -63.68
CA ASP Q 297 23.71 22.00 -62.31
C ASP Q 297 23.62 20.55 -61.91
N ASN Q 298 23.74 19.62 -62.85
CA ASN Q 298 23.75 18.19 -62.52
C ASN Q 298 25.15 17.63 -62.26
N PHE Q 299 26.19 18.37 -62.59
CA PHE Q 299 27.54 17.94 -62.27
C PHE Q 299 27.75 18.07 -60.78
N THR Q 300 28.41 17.07 -60.23
CA THR Q 300 28.49 16.91 -58.82
C THR Q 300 29.82 17.49 -58.34
N ALA Q 301 29.95 18.80 -58.51
CA ALA Q 301 31.05 19.62 -57.94
C ALA Q 301 30.69 21.09 -58.17
N ALA Q 302 31.20 21.96 -57.32
CA ALA Q 302 31.03 23.40 -57.51
C ALA Q 302 32.13 23.98 -58.41
N ILE Q 303 32.25 23.40 -59.58
CA ILE Q 303 33.24 23.80 -60.56
C ILE Q 303 32.86 25.15 -61.18
N ASP Q 304 33.86 25.80 -61.75
CA ASP Q 304 33.68 27.09 -62.38
C ASP Q 304 33.10 26.92 -63.78
N TRP Q 305 32.27 27.86 -64.18
CA TRP Q 305 31.57 27.80 -65.47
C TRP Q 305 31.75 29.02 -66.34
N GLN Q 306 31.74 30.20 -65.74
CA GLN Q 306 31.91 31.43 -66.50
C GLN Q 306 33.37 31.63 -66.88
N GLN Q 307 34.29 30.91 -66.24
CA GLN Q 307 35.71 30.93 -66.61
C GLN Q 307 36.22 29.50 -66.70
N GLY Q 308 35.48 28.66 -67.41
CA GLY Q 308 35.79 27.24 -67.45
C GLY Q 308 35.42 26.59 -68.77
N VAL Q 309 36.42 26.05 -69.44
CA VAL Q 309 36.21 25.25 -70.64
C VAL Q 309 36.71 23.85 -70.38
N TYR Q 310 36.02 22.87 -70.98
CA TYR Q 310 36.30 21.48 -70.61
C TYR Q 310 37.64 21.10 -71.20
N LEU Q 311 38.08 19.89 -70.86
CA LEU Q 311 39.20 19.29 -71.53
C LEU Q 311 38.59 18.06 -72.28
N ALA Q 312 37.97 17.12 -71.55
CA ALA Q 312 37.58 15.84 -72.10
C ALA Q 312 36.42 15.32 -71.30
N ALA Q 313 35.24 15.26 -71.90
CA ALA Q 313 34.08 14.75 -71.26
C ALA Q 313 33.87 13.33 -71.66
N SER Q 314 33.06 12.61 -70.87
CA SER Q 314 32.74 11.21 -71.14
C SER Q 314 31.23 11.11 -71.05
N ALA Q 315 30.69 10.01 -71.53
CA ALA Q 315 29.28 9.77 -71.48
C ALA Q 315 28.99 8.29 -71.49
N LEU Q 316 28.72 7.74 -70.30
CA LEU Q 316 28.39 6.33 -70.19
C LEU Q 316 26.90 6.20 -70.00
N PHE Q 317 26.21 5.86 -71.08
CA PHE Q 317 24.77 5.77 -71.09
C PHE Q 317 24.36 4.33 -70.99
N ARG Q 318 23.72 3.97 -69.89
CA ARG Q 318 23.44 2.59 -69.59
C ARG Q 318 21.98 2.26 -69.75
N GLY Q 319 21.68 1.02 -70.03
CA GLY Q 319 20.30 0.58 -70.10
C GLY Q 319 19.74 0.57 -71.50
N ASP Q 320 18.52 1.08 -71.67
CA ASP Q 320 17.86 1.11 -72.97
C ASP Q 320 18.20 2.43 -73.64
N VAL Q 321 19.47 2.54 -74.02
CA VAL Q 321 19.99 3.66 -74.76
C VAL Q 321 20.65 3.07 -76.00
N LYS Q 322 20.05 3.37 -77.15
CA LYS Q 322 20.56 2.88 -78.42
C LYS Q 322 21.42 3.94 -79.07
N ALA Q 323 22.47 3.49 -79.76
CA ALA Q 323 23.62 4.35 -80.11
C ALA Q 323 23.34 5.29 -81.27
N LYS Q 324 22.21 5.14 -81.93
CA LYS Q 324 21.87 6.03 -83.02
C LYS Q 324 21.53 7.41 -82.51
N ASP Q 325 21.05 7.52 -81.26
CA ASP Q 325 20.56 8.78 -80.75
C ASP Q 325 21.67 9.75 -80.46
N VAL Q 326 22.87 9.26 -80.13
CA VAL Q 326 23.95 10.15 -79.75
C VAL Q 326 24.58 10.89 -80.95
N ASP Q 327 24.33 10.40 -82.15
CA ASP Q 327 24.70 11.13 -83.34
C ASP Q 327 23.86 12.39 -83.52
N GLU Q 328 22.67 12.41 -82.91
CA GLU Q 328 21.79 13.57 -82.94
C GLU Q 328 21.77 14.28 -81.60
N ASN Q 329 21.91 13.54 -80.50
CA ASN Q 329 21.85 14.16 -79.18
C ASN Q 329 23.20 14.65 -78.75
N MET Q 330 24.17 13.76 -78.76
CA MET Q 330 25.45 14.10 -78.16
C MET Q 330 26.26 15.04 -79.05
N ALA Q 331 26.08 14.96 -80.35
CA ALA Q 331 26.67 15.97 -81.22
C ALA Q 331 26.04 17.33 -81.02
N THR Q 332 24.78 17.36 -80.60
CA THR Q 332 24.13 18.60 -80.23
C THR Q 332 24.62 19.08 -78.87
N ILE Q 333 24.89 18.16 -77.95
CA ILE Q 333 25.37 18.52 -76.64
C ILE Q 333 26.76 19.11 -76.74
N ARG Q 334 27.67 18.47 -77.45
CA ARG Q 334 29.06 18.94 -77.57
C ARG Q 334 29.22 20.29 -78.28
N LYS Q 335 28.26 20.67 -79.10
CA LYS Q 335 28.20 22.06 -79.58
C LYS Q 335 27.79 23.01 -78.46
N SER Q 336 26.95 22.56 -77.55
CA SER Q 336 26.53 23.39 -76.43
C SER Q 336 27.62 23.50 -75.36
N LEU Q 337 28.53 22.53 -75.32
CA LEU Q 337 29.60 22.53 -74.33
C LEU Q 337 30.68 23.50 -74.72
N ASN Q 338 31.60 23.70 -73.79
CA ASN Q 338 32.75 24.62 -73.99
C ASN Q 338 34.01 23.81 -73.79
N TYR Q 339 34.72 23.49 -74.86
CA TYR Q 339 35.96 22.79 -74.70
C TYR Q 339 37.14 23.71 -74.81
N ALA Q 340 38.33 23.16 -74.58
CA ALA Q 340 39.53 23.95 -74.78
C ALA Q 340 39.73 24.17 -76.27
N SER Q 341 40.60 25.11 -76.63
CA SER Q 341 40.85 25.42 -78.04
C SER Q 341 41.57 24.28 -78.76
N TYR Q 342 42.33 23.47 -78.01
CA TYR Q 342 43.07 22.38 -78.58
C TYR Q 342 42.31 21.06 -78.59
N MET Q 343 40.98 21.11 -78.53
CA MET Q 343 40.13 19.93 -78.72
C MET Q 343 39.33 20.11 -80.00
N PRO Q 344 39.15 19.04 -80.78
CA PRO Q 344 38.51 19.15 -82.08
C PRO Q 344 37.02 19.49 -82.03
N ALA Q 345 36.46 19.73 -83.21
CA ALA Q 345 35.13 20.31 -83.38
C ALA Q 345 33.99 19.47 -82.87
N SER Q 346 33.89 18.23 -83.35
CA SER Q 346 32.89 17.30 -82.84
C SER Q 346 33.49 16.29 -81.88
N GLY Q 347 34.82 16.22 -81.84
CA GLY Q 347 35.50 15.33 -80.94
C GLY Q 347 35.68 15.91 -79.56
N GLY Q 348 36.37 15.13 -78.73
CA GLY Q 348 36.66 15.49 -77.38
C GLY Q 348 35.74 14.84 -76.37
N LEU Q 349 34.69 14.12 -76.81
CA LEU Q 349 33.78 13.45 -75.92
C LEU Q 349 33.75 12.00 -76.22
N LYS Q 350 34.31 11.14 -75.33
CA LYS Q 350 34.24 9.67 -75.49
C LYS Q 350 32.87 9.20 -75.03
N LEU Q 351 32.47 8.02 -75.49
CA LEU Q 351 31.17 7.48 -75.13
C LEU Q 351 31.25 6.05 -74.72
N GLY Q 352 30.17 5.54 -74.16
CA GLY Q 352 30.09 4.12 -73.83
C GLY Q 352 28.68 3.69 -73.59
N TYR Q 353 28.44 2.40 -73.45
CA TYR Q 353 27.10 1.89 -73.17
C TYR Q 353 27.20 0.67 -72.25
N ALA Q 354 26.12 0.40 -71.55
CA ALA Q 354 25.93 -0.87 -70.90
C ALA Q 354 24.59 -1.43 -71.36
N GLU Q 355 24.49 -2.74 -71.33
CA GLU Q 355 23.28 -3.42 -71.73
C GLU Q 355 22.31 -3.63 -70.57
N THR Q 356 22.59 -3.06 -69.39
CA THR Q 356 21.73 -3.19 -68.24
C THR Q 356 21.78 -1.93 -67.41
N ALA Q 357 20.61 -1.36 -67.18
CA ALA Q 357 20.43 -0.17 -66.37
C ALA Q 357 20.59 -0.57 -64.90
N PRO Q 358 20.78 0.42 -64.03
CA PRO Q 358 20.68 0.15 -62.60
C PRO Q 358 19.26 -0.21 -62.18
N GLU Q 359 19.10 -1.01 -61.14
CA GLU Q 359 17.79 -1.42 -60.68
C GLU Q 359 17.08 -0.20 -60.09
N GLY Q 360 15.85 0.01 -60.55
CA GLY Q 360 15.13 1.25 -60.25
C GLY Q 360 15.08 2.22 -61.40
N PHE Q 361 16.03 2.11 -62.33
CA PHE Q 361 16.08 2.96 -63.51
C PHE Q 361 16.02 2.10 -64.76
N ALA Q 362 15.66 2.73 -65.87
CA ALA Q 362 15.57 2.01 -67.16
C ALA Q 362 16.53 2.51 -68.20
N SER Q 363 17.02 3.73 -68.03
CA SER Q 363 18.07 4.25 -68.92
C SER Q 363 18.82 5.30 -68.13
N SER Q 364 20.07 5.03 -67.78
CA SER Q 364 20.85 5.98 -67.00
C SER Q 364 21.93 6.62 -67.82
N GLY Q 365 22.59 7.58 -67.23
CA GLY Q 365 23.70 8.28 -67.82
C GLY Q 365 24.73 8.77 -66.84
N LEU Q 366 25.98 8.82 -67.29
CA LEU Q 366 27.10 9.27 -66.44
C LEU Q 366 27.92 10.19 -67.28
N ALA Q 367 28.66 11.07 -66.68
CA ALA Q 367 29.52 11.96 -67.42
C ALA Q 367 30.74 12.37 -66.65
N LEU Q 368 31.82 11.63 -66.82
CA LEU Q 368 33.09 12.03 -66.26
C LEU Q 368 33.59 13.17 -67.12
N VAL Q 369 33.68 14.36 -66.54
CA VAL Q 369 34.09 15.52 -67.24
C VAL Q 369 35.37 16.07 -66.63
N ASN Q 370 36.47 16.00 -67.38
CA ASN Q 370 37.71 16.68 -67.00
C ASN Q 370 37.66 18.12 -67.50
N HIS Q 371 37.71 19.06 -66.56
CA HIS Q 371 37.32 20.45 -66.79
C HIS Q 371 38.26 21.35 -65.98
N THR Q 372 38.54 22.52 -66.54
CA THR Q 372 39.26 23.54 -65.83
C THR Q 372 38.50 24.07 -64.59
N GLY Q 373 37.21 23.83 -64.52
CA GLY Q 373 36.51 24.26 -63.37
C GLY Q 373 36.89 23.58 -62.05
N ILE Q 374 37.46 22.40 -62.14
CA ILE Q 374 37.84 21.69 -60.96
C ILE Q 374 39.09 22.32 -60.32
N ALA Q 375 39.76 23.18 -61.08
CA ALA Q 375 40.80 23.99 -60.46
C ALA Q 375 40.25 25.07 -59.54
N ALA Q 376 38.99 25.47 -59.73
CA ALA Q 376 38.35 26.40 -58.80
C ALA Q 376 38.04 25.74 -57.45
N VAL Q 377 37.78 24.43 -57.49
CA VAL Q 377 37.81 23.62 -56.28
C VAL Q 377 39.21 23.63 -55.69
N PHE Q 378 40.22 23.47 -56.53
CA PHE Q 378 41.62 23.53 -56.06
C PHE Q 378 42.03 24.94 -55.59
N GLU Q 379 41.59 25.97 -56.31
CA GLU Q 379 41.90 27.32 -55.94
C GLU Q 379 41.21 27.73 -54.64
N ARG Q 380 40.01 27.18 -54.37
CA ARG Q 380 39.37 27.39 -53.07
C ARG Q 380 40.18 26.73 -51.94
N LEU Q 381 40.59 25.51 -52.19
CA LEU Q 381 41.30 24.76 -51.19
C LEU Q 381 42.77 25.22 -51.04
N ILE Q 382 43.23 26.13 -51.89
CA ILE Q 382 44.53 26.76 -51.70
C ILE Q 382 44.34 28.14 -51.05
N ALA Q 383 43.30 28.84 -51.44
CA ALA Q 383 43.00 30.13 -50.82
C ALA Q 383 42.58 29.96 -49.37
N GLN Q 384 41.97 28.83 -49.03
CA GLN Q 384 41.79 28.47 -47.62
C GLN Q 384 43.10 28.03 -47.00
N PHE Q 385 43.93 27.36 -47.76
CA PHE Q 385 45.23 26.93 -47.25
C PHE Q 385 46.18 28.10 -47.11
N ASP Q 386 45.99 29.15 -47.90
CA ASP Q 386 46.93 30.27 -47.93
C ASP Q 386 46.94 31.05 -46.60
N ILE Q 387 45.76 31.35 -46.08
CA ILE Q 387 45.68 32.08 -44.84
C ILE Q 387 45.99 31.13 -43.68
N MET Q 388 45.45 29.92 -43.76
CA MET Q 388 45.41 29.01 -42.64
C MET Q 388 46.77 28.39 -42.39
N PHE Q 389 47.62 28.26 -43.39
CA PHE Q 389 48.95 27.66 -43.17
C PHE Q 389 50.00 28.64 -42.68
N ASP Q 390 49.97 29.87 -43.19
CA ASP Q 390 50.97 30.85 -42.83
C ASP Q 390 50.82 31.38 -41.41
N ASN Q 391 49.61 31.27 -40.86
CA ASN Q 391 49.33 31.71 -39.51
C ASN Q 391 49.28 30.56 -38.53
N HIS Q 392 49.77 29.37 -38.95
CA HIS Q 392 49.91 28.15 -38.10
C HIS Q 392 48.59 27.73 -37.50
N ALA Q 393 47.53 27.87 -38.29
CA ALA Q 393 46.19 28.01 -37.71
C ALA Q 393 45.61 26.73 -37.26
N TYR Q 394 46.08 25.60 -37.73
CA TYR Q 394 45.87 24.31 -37.02
C TYR Q 394 47.09 23.42 -37.18
N THR Q 395 48.25 24.00 -37.39
CA THR Q 395 49.36 23.26 -37.90
C THR Q 395 50.02 22.39 -36.85
N HIS Q 396 49.93 22.79 -35.57
CA HIS Q 396 50.64 22.08 -34.55
C HIS Q 396 50.08 20.68 -34.27
N TRP Q 397 48.84 20.41 -34.70
CA TRP Q 397 48.29 19.06 -34.63
C TRP Q 397 48.95 18.11 -35.64
N TYR Q 398 49.52 18.67 -36.69
CA TYR Q 398 50.36 17.88 -37.62
C TYR Q 398 51.79 17.79 -37.18
N GLU Q 399 52.30 18.90 -36.64
CA GLU Q 399 53.68 18.96 -36.22
C GLU Q 399 53.93 18.06 -35.04
N ASN Q 400 53.00 18.04 -34.09
CA ASN Q 400 53.10 17.17 -32.92
C ASN Q 400 52.55 15.77 -33.19
N ALA Q 401 52.37 15.40 -34.44
CA ALA Q 401 51.98 14.05 -34.82
C ALA Q 401 52.71 13.55 -36.07
N GLY Q 402 53.85 14.13 -36.39
CA GLY Q 402 54.76 13.59 -37.39
C GLY Q 402 55.04 14.48 -38.60
N VAL Q 403 54.06 15.30 -38.99
CA VAL Q 403 54.09 15.98 -40.28
C VAL Q 403 54.48 17.44 -40.11
N SER Q 404 55.64 17.82 -40.63
CA SER Q 404 56.14 19.19 -40.48
C SER Q 404 55.57 20.13 -41.51
N ARG Q 405 55.90 21.41 -41.36
CA ARG Q 405 55.48 22.44 -42.31
C ARG Q 405 56.21 22.32 -43.65
N ASP Q 406 57.38 21.71 -43.65
CA ASP Q 406 58.09 21.46 -44.90
C ASP Q 406 57.32 20.44 -45.73
N MET Q 407 56.79 19.42 -45.07
CA MET Q 407 56.01 18.36 -45.71
C MET Q 407 54.64 18.87 -46.13
N MET Q 408 54.18 19.96 -45.54
CA MET Q 408 52.84 20.51 -45.80
C MET Q 408 52.86 21.65 -46.81
N ALA Q 409 53.92 22.45 -46.84
CA ALA Q 409 54.04 23.46 -47.88
C ALA Q 409 54.37 22.79 -49.22
N LYS Q 410 55.12 21.69 -49.19
CA LYS Q 410 55.40 20.91 -50.39
C LYS Q 410 54.13 20.28 -50.96
N ALA Q 411 53.16 19.99 -50.09
CA ALA Q 411 51.84 19.56 -50.53
C ALA Q 411 51.12 20.70 -51.24
N ARG Q 412 51.37 21.95 -50.83
CA ARG Q 412 50.72 23.08 -51.46
C ARG Q 412 51.34 23.37 -52.80
N ASN Q 413 52.65 23.23 -52.90
CA ASN Q 413 53.33 23.61 -54.13
C ASN Q 413 53.04 22.66 -55.28
N GLN Q 414 52.46 21.49 -55.02
CA GLN Q 414 51.98 20.64 -56.08
C GLN Q 414 50.57 20.99 -56.46
N ILE Q 415 49.74 21.35 -55.50
CA ILE Q 415 48.34 21.70 -55.79
C ILE Q 415 48.26 23.11 -56.37
N ALA Q 416 49.15 24.01 -55.96
CA ALA Q 416 49.26 25.31 -56.62
C ALA Q 416 49.78 25.14 -58.05
N THR Q 417 50.61 24.12 -58.27
CA THR Q 417 50.97 23.72 -59.62
C THR Q 417 49.77 23.11 -60.34
N LEU Q 418 49.00 22.30 -59.63
CA LEU Q 418 47.86 21.63 -60.20
C LEU Q 418 46.73 22.61 -60.51
N ALA Q 419 46.53 23.60 -59.67
CA ALA Q 419 45.55 24.64 -59.97
C ALA Q 419 46.00 25.50 -61.13
N GLN Q 420 47.30 25.56 -61.37
CA GLN Q 420 47.83 26.22 -62.54
C GLN Q 420 47.80 25.33 -63.76
N SER Q 421 47.90 24.01 -63.57
CA SER Q 421 47.92 23.06 -64.68
C SER Q 421 46.59 23.00 -65.44
N TYR Q 422 45.48 23.37 -64.80
CA TYR Q 422 44.23 23.56 -65.55
C TYR Q 422 44.17 24.93 -66.21
N ARG Q 423 44.74 25.94 -65.57
CA ARG Q 423 44.81 27.25 -66.20
C ARG Q 423 45.83 27.27 -67.35
N ASP Q 424 46.80 26.36 -67.31
CA ASP Q 424 47.63 26.12 -68.49
C ASP Q 424 46.94 25.27 -69.53
N ALA Q 425 45.81 24.65 -69.17
CA ALA Q 425 45.07 23.77 -70.05
C ALA Q 425 43.80 24.45 -70.58
N SER Q 426 43.88 25.73 -70.87
CA SER Q 426 42.75 26.44 -71.46
C SER Q 426 43.06 26.98 -72.86
N ASP R 1 49.32 -23.91 -60.42
CA ASP R 1 49.33 -25.40 -60.43
C ASP R 1 50.58 -25.93 -59.69
N THR R 2 51.67 -25.14 -59.75
CA THR R 2 52.98 -25.37 -59.05
C THR R 2 52.86 -25.65 -57.54
N ALA R 3 53.81 -26.44 -56.99
CA ALA R 3 53.71 -26.91 -55.56
C ALA R 3 53.71 -25.76 -54.56
N LEU R 4 54.51 -24.74 -54.86
CA LEU R 4 54.63 -23.55 -54.03
C LEU R 4 53.34 -22.74 -54.03
N GLU R 5 52.72 -22.57 -55.21
CA GLU R 5 51.42 -21.89 -55.33
C GLU R 5 50.31 -22.60 -54.50
N ARG R 6 50.41 -23.93 -54.39
CA ARG R 6 49.48 -24.76 -53.62
C ARG R 6 49.67 -24.52 -52.12
N GLN R 7 50.94 -24.57 -51.69
CA GLN R 7 51.31 -24.23 -50.31
C GLN R 7 50.85 -22.80 -49.91
N ILE R 8 50.91 -21.87 -50.83
CA ILE R 8 50.50 -20.51 -50.58
C ILE R 8 49.00 -20.42 -50.41
N ALA R 9 48.24 -21.12 -51.25
CA ALA R 9 46.76 -21.08 -51.22
C ALA R 9 46.27 -21.58 -49.87
N SER R 10 46.86 -22.70 -49.45
CA SER R 10 46.55 -23.36 -48.20
C SER R 10 46.88 -22.46 -47.00
N ALA R 11 48.11 -21.90 -47.00
CA ALA R 11 48.60 -21.00 -45.96
C ALA R 11 47.80 -19.72 -45.92
N SER R 12 47.41 -19.18 -47.07
CA SER R 12 46.54 -18.00 -47.12
C SER R 12 45.17 -18.26 -46.51
N ARG R 13 44.53 -19.39 -46.85
CA ARG R 13 43.21 -19.72 -46.28
C ARG R 13 43.32 -19.79 -44.79
N SER R 14 44.34 -20.52 -44.33
CA SER R 14 44.57 -20.73 -42.93
C SER R 14 44.78 -19.38 -42.18
N VAL R 15 45.46 -18.43 -42.85
CA VAL R 15 45.69 -17.07 -42.29
C VAL R 15 44.36 -16.32 -42.24
N GLU R 16 43.64 -16.30 -43.34
CA GLU R 16 42.30 -15.68 -43.46
C GLU R 16 41.34 -16.21 -42.42
N GLU R 17 41.36 -17.51 -42.17
CA GLU R 17 40.61 -18.11 -41.07
C GLU R 17 41.01 -17.55 -39.74
N ALA R 18 42.31 -17.55 -39.42
CA ALA R 18 42.77 -16.92 -38.16
C ALA R 18 42.46 -15.39 -38.06
N ARG R 19 42.47 -14.68 -39.19
CA ARG R 19 42.08 -13.26 -39.21
C ARG R 19 40.63 -13.09 -38.79
N ARG R 20 39.71 -13.86 -39.41
CA ARG R 20 38.25 -13.85 -39.13
C ARG R 20 37.99 -14.23 -37.70
N LEU R 21 38.61 -15.30 -37.25
CA LEU R 21 38.57 -15.70 -35.84
C LEU R 21 38.91 -14.53 -34.91
N ALA R 22 39.92 -13.73 -35.27
CA ALA R 22 40.38 -12.65 -34.42
C ALA R 22 39.50 -11.41 -34.62
N TYR R 23 38.73 -11.36 -35.70
CA TYR R 23 37.63 -10.41 -35.86
C TYR R 23 36.51 -10.71 -34.87
N HIS R 24 36.02 -11.97 -34.85
CA HIS R 24 34.98 -12.41 -33.91
C HIS R 24 35.45 -12.38 -32.43
N ASP R 25 36.71 -12.72 -32.22
CA ASP R 25 37.28 -12.73 -30.89
C ASP R 25 38.67 -12.07 -30.87
N PRO R 26 38.74 -10.72 -30.61
CA PRO R 26 40.03 -9.99 -30.76
C PRO R 26 41.20 -10.50 -29.92
N ILE R 27 40.93 -11.27 -28.86
CA ILE R 27 41.99 -11.84 -28.02
C ILE R 27 42.92 -12.93 -28.66
N ARG R 28 42.48 -13.59 -29.75
CA ARG R 28 43.16 -14.83 -30.29
C ARG R 28 44.44 -14.56 -31.18
N VAL R 29 45.25 -13.62 -30.74
CA VAL R 29 46.30 -12.99 -31.55
C VAL R 29 47.45 -13.97 -31.78
N GLY R 30 47.78 -14.71 -30.70
CA GLY R 30 48.86 -15.71 -30.76
C GLY R 30 48.69 -16.67 -31.95
N ALA R 31 47.49 -17.18 -32.16
CA ALA R 31 47.24 -18.15 -33.24
C ALA R 31 47.39 -17.50 -34.63
N LEU R 32 47.01 -16.22 -34.73
CA LEU R 32 47.16 -15.48 -35.98
C LEU R 32 48.64 -15.41 -36.36
N VAL R 33 49.49 -15.14 -35.36
CA VAL R 33 50.94 -15.04 -35.52
C VAL R 33 51.48 -16.35 -36.10
N GLU R 34 51.10 -17.48 -35.49
CA GLU R 34 51.54 -18.77 -35.97
C GLU R 34 51.21 -19.06 -37.42
N GLN R 35 49.97 -18.78 -37.80
CA GLN R 35 49.54 -18.97 -39.17
C GLN R 35 50.28 -18.03 -40.11
N ILE R 36 50.48 -16.79 -39.65
CA ILE R 36 51.23 -15.81 -40.41
C ILE R 36 52.69 -16.29 -40.63
N SER R 37 53.32 -16.87 -39.62
CA SER R 37 54.70 -17.28 -39.78
C SER R 37 54.89 -18.25 -40.96
N VAL R 38 53.91 -19.13 -41.17
CA VAL R 38 53.98 -20.12 -42.24
C VAL R 38 53.82 -19.46 -43.60
N LEU R 39 52.84 -18.57 -43.73
CA LEU R 39 52.61 -17.87 -44.97
C LEU R 39 53.82 -16.92 -45.25
N ALA R 40 54.33 -16.22 -44.24
CA ALA R 40 55.46 -15.29 -44.38
C ALA R 40 56.67 -16.06 -44.89
N ASP R 41 56.93 -17.23 -44.28
CA ASP R 41 57.97 -18.14 -44.82
C ASP R 41 57.86 -18.40 -46.33
N LEU R 42 56.65 -18.60 -46.81
CA LEU R 42 56.45 -18.96 -48.19
C LEU R 42 56.67 -17.76 -49.07
N ARG R 43 56.26 -16.59 -48.59
CA ARG R 43 56.45 -15.36 -49.33
C ARG R 43 57.93 -15.04 -49.43
N GLN R 44 58.69 -15.36 -48.39
CA GLN R 44 60.14 -15.20 -48.44
C GLN R 44 60.77 -16.13 -49.47
N LYS R 45 60.29 -17.36 -49.51
CA LYS R 45 60.82 -18.36 -50.41
C LYS R 45 60.60 -17.87 -51.84
N GLU R 46 59.47 -17.25 -52.14
CA GLU R 46 59.26 -16.71 -53.48
C GLU R 46 59.86 -15.30 -53.68
N GLY R 47 60.54 -14.79 -52.67
CA GLY R 47 61.14 -13.48 -52.73
C GLY R 47 60.24 -12.27 -52.51
N ASP R 48 58.92 -12.46 -52.30
CA ASP R 48 58.07 -11.34 -51.90
C ASP R 48 58.25 -10.89 -50.40
N PHE R 49 59.39 -10.25 -50.09
CA PHE R 49 59.69 -9.85 -48.72
C PHE R 49 58.79 -8.76 -48.16
N ARG R 50 58.33 -7.81 -49.00
CA ARG R 50 57.37 -6.79 -48.58
C ARG R 50 56.04 -7.40 -48.16
N LYS R 51 55.62 -8.49 -48.79
CA LYS R 51 54.39 -9.16 -48.35
C LYS R 51 54.59 -9.79 -47.02
N ALA R 52 55.71 -10.47 -46.84
CA ALA R 52 56.04 -11.08 -45.58
C ALA R 52 56.09 -10.01 -44.46
N GLU R 53 56.71 -8.86 -44.75
CA GLU R 53 56.81 -7.78 -43.80
C GLU R 53 55.43 -7.26 -43.40
N SER R 54 54.55 -7.12 -44.40
CA SER R 54 53.20 -6.65 -44.13
C SER R 54 52.45 -7.58 -43.18
N LEU R 55 52.60 -8.89 -43.35
CA LEU R 55 51.96 -9.88 -42.52
C LEU R 55 52.38 -9.71 -41.06
N TYR R 56 53.69 -9.53 -40.85
CA TYR R 56 54.19 -9.42 -39.49
C TYR R 56 53.83 -8.10 -38.86
N ARG R 57 53.73 -7.08 -39.67
CA ARG R 57 53.29 -5.78 -39.16
C ARG R 57 51.84 -5.86 -38.75
N GLU R 58 51.05 -6.63 -39.50
CA GLU R 58 49.66 -6.81 -39.15
C GLU R 58 49.53 -7.54 -37.81
N ALA R 59 50.30 -8.63 -37.66
CA ALA R 59 50.37 -9.34 -36.39
C ALA R 59 50.73 -8.40 -35.23
N LEU R 60 51.70 -7.53 -35.51
CA LEU R 60 52.18 -6.60 -34.52
C LEU R 60 51.09 -5.61 -34.12
N PHE R 61 50.36 -5.06 -35.09
CA PHE R 61 49.30 -4.10 -34.80
C PHE R 61 48.21 -4.75 -33.95
N ARG R 62 47.80 -5.99 -34.29
CA ARG R 62 46.86 -6.70 -33.44
C ARG R 62 47.37 -6.88 -31.99
N ALA R 63 48.63 -7.22 -31.84
CA ALA R 63 49.21 -7.38 -30.53
C ALA R 63 49.24 -6.05 -29.76
N GLN R 64 49.54 -4.99 -30.47
CA GLN R 64 49.56 -3.69 -29.87
C GLN R 64 48.17 -3.20 -29.40
N GLU R 65 47.12 -3.65 -30.04
CA GLU R 65 45.77 -3.24 -29.67
C GLU R 65 45.16 -4.05 -28.51
N LEU R 66 45.80 -5.11 -28.05
CA LEU R 66 45.29 -5.84 -26.88
C LEU R 66 45.07 -4.91 -25.67
N ARG R 67 43.93 -5.06 -24.99
CA ARG R 67 43.70 -4.27 -23.76
C ARG R 67 44.63 -4.67 -22.64
N LYS R 68 44.94 -5.95 -22.52
CA LYS R 68 46.03 -6.38 -21.66
C LYS R 68 47.28 -6.60 -22.52
N GLN R 69 48.28 -5.72 -22.35
CA GLN R 69 49.51 -5.81 -23.12
C GLN R 69 50.24 -7.11 -22.88
N ASP R 70 50.63 -7.78 -23.97
CA ASP R 70 51.38 -9.03 -23.87
C ASP R 70 52.80 -8.82 -24.39
N PRO R 71 53.72 -8.41 -23.50
CA PRO R 71 55.06 -8.15 -23.95
C PRO R 71 55.78 -9.37 -24.58
N ASP R 72 55.52 -10.54 -24.03
CA ASP R 72 56.13 -11.74 -24.59
C ASP R 72 55.74 -11.96 -26.07
N LEU R 73 54.49 -11.67 -26.39
CA LEU R 73 54.01 -11.80 -27.74
C LEU R 73 54.71 -10.79 -28.68
N LEU R 74 54.86 -9.54 -28.21
CA LEU R 74 55.48 -8.48 -28.96
C LEU R 74 56.95 -8.80 -29.21
N THR R 75 57.65 -9.25 -28.16
CA THR R 75 59.02 -9.73 -28.25
C THR R 75 59.17 -10.73 -29.41
N GLY R 76 58.28 -11.73 -29.46
CA GLY R 76 58.33 -12.76 -30.46
C GLY R 76 58.06 -12.22 -31.86
N ILE R 77 57.08 -11.32 -31.97
CA ILE R 77 56.73 -10.73 -33.24
C ILE R 77 57.93 -9.90 -33.79
N TYR R 78 58.52 -9.06 -32.95
CA TYR R 78 59.71 -8.30 -33.35
C TYR R 78 60.83 -9.22 -33.79
N SER R 79 60.98 -10.37 -33.14
CA SER R 79 62.06 -11.28 -33.51
C SER R 79 61.75 -11.95 -34.85
N LEU R 80 60.47 -12.18 -35.16
CA LEU R 80 60.13 -12.68 -36.48
C LEU R 80 60.45 -11.64 -37.59
N LEU R 81 60.23 -10.36 -37.31
CA LEU R 81 60.56 -9.29 -38.27
C LEU R 81 62.08 -9.21 -38.41
N ALA R 82 62.78 -9.33 -37.29
CA ALA R 82 64.23 -9.29 -37.28
C ALA R 82 64.77 -10.40 -38.19
N HIS R 83 64.28 -11.62 -38.01
CA HIS R 83 64.70 -12.76 -38.82
C HIS R 83 64.36 -12.55 -40.30
N LEU R 84 63.19 -11.98 -40.56
CA LEU R 84 62.80 -11.62 -41.92
C LEU R 84 63.86 -10.66 -42.54
N TYR R 85 64.18 -9.57 -41.83
CA TYR R 85 65.23 -8.66 -42.27
C TYR R 85 66.57 -9.33 -42.50
N ASP R 86 66.94 -10.25 -41.62
CA ASP R 86 68.15 -11.01 -41.78
C ASP R 86 68.13 -11.81 -43.10
N ARG R 87 67.09 -12.57 -43.36
CA ARG R 87 67.04 -13.35 -44.60
C ARG R 87 66.95 -12.47 -45.83
N TRP R 88 66.40 -11.27 -45.67
CA TRP R 88 66.27 -10.32 -46.75
C TRP R 88 67.64 -9.73 -47.07
N GLY R 89 68.59 -9.74 -46.13
CA GLY R 89 69.94 -9.18 -46.37
C GLY R 89 70.02 -7.75 -45.84
N ARG R 90 69.05 -7.36 -45.00
CA ARG R 90 69.02 -6.04 -44.38
C ARG R 90 69.58 -6.16 -42.97
N MET R 91 70.89 -6.33 -42.90
CA MET R 91 71.58 -6.72 -41.67
C MET R 91 71.42 -5.71 -40.55
N ASP R 92 71.43 -4.42 -40.89
CA ASP R 92 71.29 -3.43 -39.80
C ASP R 92 69.91 -3.46 -39.17
N LYS R 93 68.91 -3.72 -40.00
CA LYS R 93 67.54 -3.66 -39.57
C LYS R 93 67.25 -4.91 -38.70
N ALA R 94 67.85 -6.04 -39.06
CA ALA R 94 67.72 -7.25 -38.28
C ALA R 94 68.24 -7.02 -36.87
N ALA R 95 69.39 -6.37 -36.74
CA ALA R 95 69.95 -6.06 -35.42
C ALA R 95 69.05 -5.11 -34.68
N GLU R 96 68.47 -4.15 -35.40
CA GLU R 96 67.64 -3.14 -34.76
C GLU R 96 66.34 -3.76 -34.17
N PHE R 97 65.81 -4.75 -34.87
CA PHE R 97 64.55 -5.35 -34.50
C PHE R 97 64.69 -6.39 -33.39
N TYR R 98 65.81 -7.14 -33.39
CA TYR R 98 66.16 -7.98 -32.26
C TYR R 98 66.37 -7.10 -31.01
N GLU R 99 66.99 -5.93 -31.19
CA GLU R 99 67.24 -5.06 -30.07
C GLU R 99 65.92 -4.49 -29.48
N LEU R 100 64.97 -4.20 -30.36
CA LEU R 100 63.65 -3.80 -29.94
C LEU R 100 62.98 -4.90 -29.15
N ALA R 101 63.06 -6.14 -29.64
CA ALA R 101 62.51 -7.28 -28.92
C ALA R 101 63.10 -7.36 -27.52
N LEU R 102 64.42 -7.19 -27.39
CA LEU R 102 65.07 -7.32 -26.13
C LEU R 102 64.68 -6.21 -25.19
N LYS R 103 64.45 -5.01 -25.73
CA LYS R 103 64.11 -3.89 -24.92
C LYS R 103 62.70 -4.07 -24.30
N ILE R 104 61.76 -4.61 -25.04
CA ILE R 104 60.42 -4.90 -24.53
C ILE R 104 60.47 -5.92 -23.38
N SER R 105 61.17 -7.02 -23.61
CA SER R 105 61.40 -7.97 -22.54
C SER R 105 62.13 -7.42 -21.31
N ALA R 106 63.16 -6.61 -21.49
CA ALA R 106 63.91 -6.05 -20.36
C ALA R 106 63.00 -5.14 -19.53
N GLU R 107 62.09 -4.40 -20.16
CA GLU R 107 61.21 -3.51 -19.43
C GLU R 107 60.07 -4.20 -18.68
N ASN R 108 59.76 -5.43 -19.07
CA ASN R 108 58.72 -6.19 -18.38
C ASN R 108 59.46 -7.30 -17.62
N GLY R 109 58.90 -8.47 -17.40
CA GLY R 109 59.67 -9.43 -16.58
C GLY R 109 60.75 -10.27 -17.29
N LEU R 110 60.90 -10.16 -18.60
CA LEU R 110 61.16 -11.37 -19.36
C LEU R 110 62.60 -11.63 -19.74
N GLU R 111 63.49 -10.86 -19.14
CA GLU R 111 64.93 -11.09 -19.06
C GLU R 111 65.39 -12.54 -19.23
N GLU R 112 64.84 -13.45 -18.43
CA GLU R 112 65.35 -14.84 -18.44
C GLU R 112 64.37 -15.80 -19.11
N SER R 113 63.94 -15.44 -20.32
CA SER R 113 62.99 -16.29 -21.04
C SER R 113 63.62 -17.08 -22.18
N ASP R 114 62.86 -18.04 -22.68
CA ASP R 114 63.22 -18.84 -23.82
C ASP R 114 63.48 -17.96 -25.08
N LYS R 115 62.50 -17.15 -25.43
CA LYS R 115 62.58 -16.17 -26.51
C LYS R 115 63.80 -15.27 -26.37
N VAL R 116 64.03 -14.74 -25.18
CA VAL R 116 65.11 -13.78 -25.00
C VAL R 116 66.49 -14.37 -25.22
N ALA R 117 66.70 -15.59 -24.73
CA ALA R 117 67.98 -16.26 -24.93
C ALA R 117 68.18 -16.52 -26.44
N THR R 118 67.10 -16.92 -27.12
CA THR R 118 67.15 -17.14 -28.58
C THR R 118 67.52 -15.85 -29.33
N ILE R 119 66.82 -14.77 -28.98
CA ILE R 119 67.08 -13.49 -29.57
C ILE R 119 68.55 -13.09 -29.37
N LYS R 120 69.07 -13.25 -28.17
CA LYS R 120 70.44 -12.82 -27.90
C LYS R 120 71.46 -13.61 -28.71
N ASN R 121 71.20 -14.91 -28.87
CA ASN R 121 71.99 -15.74 -29.75
C ASN R 121 71.93 -15.18 -31.18
N ASN R 122 70.72 -15.03 -31.73
CA ASN R 122 70.58 -14.56 -33.10
C ASN R 122 71.19 -13.16 -33.30
N LEU R 123 71.00 -12.27 -32.33
CA LEU R 123 71.59 -10.96 -32.37
C LEU R 123 73.09 -11.01 -32.34
N ALA R 124 73.65 -11.85 -31.48
CA ALA R 124 75.10 -12.03 -31.43
C ALA R 124 75.66 -12.41 -32.81
N MET R 125 74.92 -13.25 -33.53
CA MET R 125 75.36 -13.68 -34.83
C MET R 125 75.40 -12.51 -35.85
N ILE R 126 74.41 -11.60 -35.73
CA ILE R 126 74.38 -10.44 -36.60
C ILE R 126 75.59 -9.53 -36.25
N PHE R 127 75.85 -9.32 -34.95
CA PHE R 127 77.00 -8.59 -34.56
C PHE R 127 78.33 -9.17 -35.08
N LYS R 128 78.46 -10.52 -35.09
CA LYS R 128 79.58 -11.12 -35.75
C LYS R 128 79.69 -10.63 -37.21
N GLN R 129 78.59 -10.64 -37.96
CA GLN R 129 78.60 -10.19 -39.33
C GLN R 129 78.92 -8.69 -39.45
N LEU R 130 78.45 -7.91 -38.47
CA LEU R 130 78.80 -6.49 -38.38
C LEU R 130 80.22 -6.25 -37.95
N ARG R 131 80.97 -7.33 -37.69
CA ARG R 131 82.33 -7.28 -37.20
C ARG R 131 82.41 -6.51 -35.90
N LYS R 132 81.48 -6.76 -34.98
CA LYS R 132 81.58 -6.25 -33.62
C LYS R 132 81.72 -7.37 -32.64
N PHE R 133 82.95 -7.83 -32.49
CA PHE R 133 83.24 -9.08 -31.78
C PHE R 133 82.81 -9.05 -30.31
N GLU R 134 83.15 -7.97 -29.61
CA GLU R 134 82.92 -7.82 -28.18
C GLU R 134 81.41 -7.85 -27.89
N ARG R 135 80.62 -7.14 -28.72
CA ARG R 135 79.17 -7.17 -28.56
C ARG R 135 78.61 -8.55 -28.84
N ALA R 136 79.14 -9.23 -29.85
CA ALA R 136 78.75 -10.63 -30.16
C ALA R 136 79.06 -11.57 -29.01
N GLU R 137 80.28 -11.50 -28.51
CA GLU R 137 80.64 -12.34 -27.36
C GLU R 137 79.70 -12.14 -26.15
N GLY R 138 79.45 -10.86 -25.77
CA GLY R 138 78.55 -10.52 -24.71
C GLY R 138 77.19 -11.19 -24.84
N TYR R 139 76.54 -11.00 -25.97
CA TYR R 139 75.23 -11.59 -26.15
C TYR R 139 75.26 -13.08 -26.19
N TYR R 140 76.29 -13.68 -26.81
CA TYR R 140 76.34 -15.14 -26.82
C TYR R 140 76.44 -15.69 -25.38
N CYS R 141 77.26 -15.05 -24.54
CA CYS R 141 77.44 -15.47 -23.15
C CYS R 141 76.15 -15.38 -22.38
N GLU R 142 75.43 -14.27 -22.58
CA GLU R 142 74.11 -14.16 -21.97
C GLU R 142 73.13 -15.22 -22.43
N ALA R 143 73.09 -15.49 -23.73
CA ALA R 143 72.22 -16.57 -24.25
C ALA R 143 72.61 -17.91 -23.62
N LEU R 144 73.92 -18.17 -23.55
CA LEU R 144 74.49 -19.36 -22.94
C LEU R 144 74.05 -19.57 -21.46
N GLU R 145 74.33 -18.60 -20.59
CA GLU R 145 73.84 -18.62 -19.19
C GLU R 145 72.33 -18.85 -19.11
N THR R 146 71.53 -18.14 -19.89
CA THR R 146 70.08 -18.31 -19.79
C THR R 146 69.65 -19.70 -20.18
N PHE R 147 70.19 -20.24 -21.26
CA PHE R 147 69.86 -21.61 -21.63
C PHE R 147 70.36 -22.63 -20.59
N GLN R 148 71.51 -22.36 -19.99
CA GLN R 148 72.01 -23.18 -18.90
C GLN R 148 71.00 -23.23 -17.75
N ARG R 149 70.48 -22.08 -17.32
CA ARG R 149 69.50 -22.01 -16.25
C ARG R 149 68.13 -22.55 -16.65
N LEU R 150 67.80 -22.53 -17.93
CA LEU R 150 66.45 -22.95 -18.35
C LEU R 150 66.40 -24.41 -18.65
N ASP R 151 67.36 -24.89 -19.44
CA ASP R 151 67.47 -26.29 -19.86
C ASP R 151 68.62 -26.79 -19.00
N GLY R 152 68.93 -28.09 -18.98
CA GLY R 152 70.16 -28.51 -18.28
C GLY R 152 71.38 -27.97 -19.02
N GLU R 153 72.58 -28.12 -18.45
CA GLU R 153 73.78 -28.08 -19.30
C GLU R 153 73.69 -29.10 -20.44
N GLN R 154 73.01 -30.21 -20.20
CA GLN R 154 72.87 -31.22 -21.20
C GLN R 154 71.66 -30.92 -22.06
N SER R 155 71.78 -29.97 -22.98
CA SER R 155 70.67 -29.68 -23.94
C SER R 155 71.16 -29.19 -25.27
N ALA R 156 70.34 -29.38 -26.29
CA ALA R 156 70.65 -29.00 -27.64
C ALA R 156 70.95 -27.47 -27.78
N ARG R 157 70.14 -26.67 -27.09
CA ARG R 157 70.27 -25.23 -27.14
C ARG R 157 71.54 -24.70 -26.51
N VAL R 158 71.97 -25.32 -25.39
CA VAL R 158 73.26 -25.00 -24.80
C VAL R 158 74.40 -25.34 -25.76
N ALA R 159 74.31 -26.53 -26.37
CA ALA R 159 75.39 -26.94 -27.26
C ALA R 159 75.44 -26.02 -28.50
N SER R 160 74.26 -25.61 -28.99
CA SER R 160 74.22 -24.66 -30.11
C SER R 160 74.92 -23.30 -29.81
N VAL R 161 74.71 -22.78 -28.60
CA VAL R 161 75.37 -21.54 -28.27
C VAL R 161 76.87 -21.77 -28.11
N TYR R 162 77.24 -22.88 -27.50
CA TYR R 162 78.65 -23.26 -27.46
C TYR R 162 79.29 -23.28 -28.84
N ASN R 163 78.66 -24.01 -29.75
CA ASN R 163 79.06 -24.02 -31.13
C ASN R 163 79.25 -22.60 -31.74
N ASN R 164 78.22 -21.75 -31.57
CA ASN R 164 78.23 -20.38 -32.12
C ASN R 164 79.35 -19.54 -31.53
N LEU R 165 79.57 -19.66 -30.23
CA LEU R 165 80.75 -19.02 -29.64
C LEU R 165 82.07 -19.57 -30.20
N GLY R 166 82.10 -20.88 -30.44
CA GLY R 166 83.26 -21.53 -30.98
C GLY R 166 83.64 -20.88 -32.29
N VAL R 167 82.65 -20.76 -33.19
CA VAL R 167 82.89 -20.19 -34.51
C VAL R 167 83.30 -18.72 -34.38
N LEU R 168 82.73 -18.02 -33.40
CA LEU R 168 83.08 -16.64 -33.18
C LEU R 168 84.54 -16.53 -32.80
N TYR R 169 84.97 -17.33 -31.79
CA TYR R 169 86.34 -17.27 -31.33
C TYR R 169 87.26 -17.71 -32.43
N TYR R 170 86.88 -18.78 -33.15
CA TYR R 170 87.69 -19.25 -34.26
C TYR R 170 87.90 -18.18 -35.32
N SER R 171 86.83 -17.48 -35.71
CA SER R 171 86.91 -16.45 -36.73
C SER R 171 87.77 -15.26 -36.29
N HIS R 172 87.86 -14.94 -34.99
CA HIS R 172 88.80 -13.91 -34.51
C HIS R 172 90.13 -14.46 -34.10
N MET R 173 90.43 -15.68 -34.58
CA MET R 173 91.64 -16.45 -34.27
C MET R 173 92.04 -16.58 -32.75
N ASP R 174 91.04 -16.52 -31.85
CA ASP R 174 91.23 -17.03 -30.48
C ASP R 174 91.02 -18.55 -30.48
N VAL R 175 92.07 -19.27 -30.86
CA VAL R 175 92.03 -20.72 -31.08
C VAL R 175 91.76 -21.48 -29.77
N ASP R 176 92.42 -21.06 -28.69
CA ASP R 176 92.20 -21.72 -27.41
C ASP R 176 90.76 -21.74 -26.95
N ARG R 177 90.12 -20.58 -26.99
CA ARG R 177 88.75 -20.50 -26.50
C ARG R 177 87.80 -21.19 -27.47
N ALA R 178 88.12 -21.14 -28.77
CA ALA R 178 87.35 -21.87 -29.79
C ALA R 178 87.32 -23.36 -29.47
N GLN R 179 88.49 -23.88 -29.13
CA GLN R 179 88.59 -25.26 -28.74
C GLN R 179 87.70 -25.66 -27.55
N VAL R 180 87.79 -24.86 -26.48
CA VAL R 180 86.99 -25.13 -25.28
C VAL R 180 85.50 -25.21 -25.63
N MET R 181 85.03 -24.18 -26.31
CA MET R 181 83.65 -24.07 -26.76
C MET R 181 83.22 -25.27 -27.60
N HIS R 182 83.99 -25.63 -28.62
CA HIS R 182 83.59 -26.76 -29.47
C HIS R 182 83.63 -28.12 -28.78
N GLU R 183 84.54 -28.27 -27.83
CA GLU R 183 84.62 -29.50 -27.04
C GLU R 183 83.44 -29.62 -26.12
N ARG R 184 83.14 -28.54 -25.38
CA ARG R 184 81.88 -28.48 -24.57
C ARG R 184 80.64 -28.80 -25.41
N ALA R 185 80.59 -28.31 -26.65
CA ALA R 185 79.52 -28.61 -27.59
C ALA R 185 79.53 -30.08 -27.94
N LEU R 186 80.71 -30.63 -28.27
CA LEU R 186 80.87 -32.08 -28.55
C LEU R 186 80.40 -32.98 -27.42
N ALA R 187 80.94 -32.73 -26.22
CA ALA R 187 80.52 -33.41 -24.97
C ALA R 187 78.99 -33.52 -24.85
N ILE R 188 78.28 -32.40 -25.01
CA ILE R 188 76.82 -32.40 -24.90
C ILE R 188 76.21 -33.16 -26.06
N ARG R 189 76.67 -32.90 -27.27
CA ARG R 189 75.98 -33.42 -28.45
C ARG R 189 76.02 -34.95 -28.62
N GLN R 190 77.10 -35.54 -28.10
CA GLN R 190 77.24 -37.00 -28.03
C GLN R 190 76.17 -37.68 -27.18
N ASN R 191 75.83 -37.05 -26.05
CA ASN R 191 74.90 -37.60 -25.04
C ASN R 191 73.40 -37.43 -25.37
N LEU R 192 73.07 -37.05 -26.60
CA LEU R 192 71.74 -36.66 -26.98
C LEU R 192 71.43 -37.21 -28.37
N HIS R 193 70.83 -38.41 -28.42
CA HIS R 193 70.76 -39.22 -29.65
C HIS R 193 69.46 -39.08 -30.50
N GLU R 194 68.30 -39.20 -29.86
CA GLU R 194 67.00 -39.10 -30.49
C GLU R 194 66.73 -37.80 -31.26
N GLY R 195 65.50 -37.75 -31.80
CA GLY R 195 64.90 -36.57 -32.42
C GLY R 195 64.98 -35.24 -31.69
N GLN R 196 65.58 -35.21 -30.49
CA GLN R 196 65.94 -33.98 -29.80
C GLN R 196 67.22 -33.31 -30.35
N MET R 197 67.89 -34.02 -31.27
CA MET R 197 69.01 -33.48 -32.04
C MET R 197 69.27 -34.37 -33.26
N ASP R 198 69.34 -33.73 -34.42
CA ASP R 198 69.69 -34.44 -35.64
C ASP R 198 71.22 -34.68 -35.68
N PRO R 199 71.65 -35.75 -36.38
CA PRO R 199 73.09 -36.02 -36.40
C PRO R 199 73.92 -35.02 -37.24
N ALA R 200 73.33 -34.31 -38.21
CA ALA R 200 74.08 -33.30 -38.98
C ALA R 200 74.73 -32.18 -38.11
N ASP R 201 74.11 -31.81 -36.98
CA ASP R 201 74.74 -30.90 -36.01
C ASP R 201 76.00 -31.48 -35.38
N LEU R 202 75.96 -32.78 -35.13
CA LEU R 202 77.14 -33.47 -34.57
C LEU R 202 78.32 -33.44 -35.56
N SER R 203 78.02 -33.60 -36.85
CA SER R 203 79.01 -33.53 -37.90
C SER R 203 79.62 -32.14 -38.01
N GLN R 204 78.80 -31.09 -37.84
CA GLN R 204 79.30 -29.72 -37.86
C GLN R 204 80.31 -29.49 -36.74
N THR R 205 80.03 -30.06 -35.56
CA THR R 205 80.94 -29.91 -34.44
C THR R 205 82.31 -30.51 -34.75
N PHE R 206 82.34 -31.71 -35.37
CA PHE R 206 83.60 -32.34 -35.76
C PHE R 206 84.31 -31.53 -36.83
N ILE R 207 83.57 -31.14 -37.86
CA ILE R 207 84.05 -30.20 -38.87
C ILE R 207 84.71 -28.98 -38.20
N ASN R 208 84.01 -28.35 -37.24
CA ASN R 208 84.53 -27.14 -36.59
C ASN R 208 85.74 -27.43 -35.70
N LEU R 209 85.68 -28.52 -34.94
CA LEU R 209 86.83 -29.02 -34.19
C LEU R 209 88.05 -29.28 -35.10
N GLY R 210 87.78 -29.85 -36.28
CA GLY R 210 88.80 -30.07 -37.27
C GLY R 210 89.56 -28.81 -37.61
N ALA R 211 88.82 -27.75 -37.98
CA ALA R 211 89.49 -26.46 -38.30
C ALA R 211 90.22 -25.86 -37.10
N VAL R 212 89.72 -26.11 -35.88
CA VAL R 212 90.32 -25.57 -34.67
C VAL R 212 91.61 -26.33 -34.36
N TYR R 213 91.54 -27.66 -34.36
CA TYR R 213 92.74 -28.44 -34.14
C TYR R 213 93.82 -28.16 -35.19
N LYS R 214 93.42 -27.99 -36.44
CA LYS R 214 94.36 -27.68 -37.53
C LYS R 214 95.04 -26.34 -37.26
N ALA R 215 94.25 -25.34 -36.88
CA ALA R 215 94.78 -24.02 -36.45
C ALA R 215 95.69 -24.12 -35.21
N ALA R 216 95.42 -25.08 -34.34
CA ALA R 216 96.25 -25.31 -33.17
C ALA R 216 97.57 -26.06 -33.46
N GLY R 217 97.78 -26.50 -34.71
CA GLY R 217 98.92 -27.39 -35.06
C GLY R 217 98.82 -28.85 -34.62
N ASP R 218 97.61 -29.33 -34.35
CA ASP R 218 97.39 -30.75 -34.04
C ASP R 218 96.64 -31.43 -35.22
N PHE R 219 97.40 -31.67 -36.28
CA PHE R 219 96.87 -32.09 -37.59
C PHE R 219 96.30 -33.49 -37.55
N GLN R 220 96.80 -34.27 -36.59
CA GLN R 220 96.38 -35.62 -36.26
C GLN R 220 94.91 -35.59 -35.81
N LYS R 221 94.61 -34.81 -34.76
CA LYS R 221 93.29 -34.76 -34.13
C LYS R 221 92.36 -34.08 -35.09
N ALA R 222 92.91 -33.15 -35.87
CA ALA R 222 92.19 -32.50 -36.95
C ALA R 222 91.63 -33.51 -37.95
N GLU R 223 92.50 -34.34 -38.53
CA GLU R 223 92.02 -35.35 -39.49
C GLU R 223 91.07 -36.36 -38.87
N ALA R 224 91.33 -36.77 -37.61
CA ALA R 224 90.42 -37.66 -36.87
C ALA R 224 88.99 -37.09 -36.80
N CYS R 225 88.89 -35.78 -36.59
CA CYS R 225 87.59 -35.08 -36.54
C CYS R 225 86.93 -35.03 -37.92
N VAL R 226 87.68 -34.56 -38.91
CA VAL R 226 87.22 -34.51 -40.31
C VAL R 226 86.77 -35.91 -40.80
N ASP R 227 87.47 -36.94 -40.38
CA ASP R 227 87.07 -38.32 -40.62
C ASP R 227 85.72 -38.64 -39.99
N ARG R 228 85.57 -38.38 -38.69
CA ARG R 228 84.32 -38.74 -38.01
C ARG R 228 83.10 -37.98 -38.54
N ALA R 229 83.33 -36.80 -39.11
CA ALA R 229 82.25 -36.02 -39.73
C ALA R 229 81.84 -36.66 -41.03
N LYS R 230 82.83 -37.13 -41.77
CA LYS R 230 82.59 -37.82 -43.04
C LYS R 230 81.83 -39.12 -42.81
N ARG R 231 82.23 -39.88 -41.79
CA ARG R 231 81.52 -41.11 -41.37
C ARG R 231 80.03 -40.85 -41.05
N ILE R 232 79.76 -39.74 -40.34
CA ILE R 232 78.41 -39.35 -39.96
C ILE R 232 77.54 -38.97 -41.19
N ARG R 233 78.05 -38.06 -42.00
CA ARG R 233 77.39 -37.61 -43.25
C ARG R 233 77.14 -38.76 -44.21
N ALA R 234 78.06 -39.72 -44.25
CA ALA R 234 77.87 -40.96 -45.01
C ALA R 234 76.78 -41.86 -44.39
N ALA R 235 76.83 -42.04 -43.06
CA ALA R 235 75.89 -42.92 -42.34
C ALA R 235 74.42 -42.48 -42.31
N MET R 236 74.14 -41.26 -42.78
CA MET R 236 72.75 -40.78 -42.87
C MET R 236 72.12 -40.98 -44.24
N ASN R 237 72.85 -41.62 -45.13
CA ASN R 237 72.23 -42.31 -46.27
C ASN R 237 71.61 -43.71 -46.04
N GLY R 238 72.13 -44.47 -45.08
CA GLY R 238 71.58 -45.77 -44.74
C GLY R 238 71.91 -46.83 -45.78
N VAL S 1 10.26 -36.74 -4.45
CA VAL S 1 11.70 -36.43 -4.24
C VAL S 1 12.17 -36.96 -2.92
N ASN S 2 13.48 -37.10 -2.73
CA ASN S 2 14.06 -37.57 -1.49
C ASN S 2 13.71 -36.69 -0.33
N ASN S 3 12.77 -37.12 0.51
CA ASN S 3 12.38 -36.35 1.65
C ASN S 3 13.47 -36.40 2.70
N THR S 4 13.53 -35.39 3.57
CA THR S 4 14.54 -35.35 4.62
C THR S 4 14.07 -34.59 5.82
N ILE S 5 14.14 -35.27 6.96
CA ILE S 5 13.65 -34.80 8.21
C ILE S 5 14.74 -34.06 8.95
N VAL S 6 14.39 -32.92 9.53
CA VAL S 6 15.31 -32.18 10.34
C VAL S 6 14.84 -32.19 11.75
N VAL S 7 15.38 -33.14 12.51
CA VAL S 7 15.07 -33.22 13.94
C VAL S 7 15.96 -32.24 14.72
N SER S 8 15.39 -31.56 15.69
CA SER S 8 16.04 -30.42 16.34
C SER S 8 16.09 -30.59 17.81
N ILE S 9 17.18 -31.07 18.31
CA ILE S 9 17.26 -31.47 19.69
C ILE S 9 18.09 -30.48 20.49
N GLY S 10 17.66 -30.21 21.70
CA GLY S 10 18.40 -29.33 22.53
C GLY S 10 18.11 -27.89 22.24
N GLN S 11 18.61 -27.00 23.11
CA GLN S 11 18.44 -25.57 22.84
C GLN S 11 19.31 -25.17 21.67
N ALA S 12 20.55 -25.70 21.61
CA ALA S 12 21.46 -25.31 20.52
C ALA S 12 21.03 -25.82 19.17
N GLY S 13 20.36 -26.93 19.14
CA GLY S 13 19.87 -27.42 17.87
C GLY S 13 18.58 -26.74 17.44
N ASN S 14 17.74 -26.37 18.41
CA ASN S 14 16.51 -25.73 18.07
C ASN S 14 16.78 -24.32 17.59
N GLN S 15 17.70 -23.61 18.23
CA GLN S 15 17.91 -22.24 17.83
C GLN S 15 18.64 -22.14 16.51
N ILE S 16 19.37 -23.17 16.10
CA ILE S 16 19.75 -23.30 14.70
C ILE S 16 18.50 -23.54 13.85
N ALA S 17 17.66 -24.50 14.26
CA ALA S 17 16.48 -24.87 13.48
C ALA S 17 15.38 -23.81 13.54
N ALA S 18 15.42 -22.95 14.54
CA ALA S 18 14.55 -21.81 14.51
C ALA S 18 14.96 -20.96 13.35
N SER S 19 16.28 -20.76 13.18
CA SER S 19 16.83 -19.98 12.07
C SER S 19 17.01 -20.77 10.81
N PHE S 20 17.03 -22.07 10.89
CA PHE S 20 17.15 -22.92 9.68
C PHE S 20 15.82 -22.93 8.89
N TRP S 21 14.71 -23.12 9.55
CA TRP S 21 13.45 -23.07 8.85
C TRP S 21 12.99 -21.64 8.56
N LYS S 22 13.59 -20.63 9.19
CA LYS S 22 13.44 -19.27 8.69
C LYS S 22 14.03 -19.20 7.33
N THR S 23 15.22 -19.78 7.13
CA THR S 23 15.95 -19.69 5.87
C THR S 23 15.30 -20.52 4.78
N VAL S 24 15.08 -21.77 5.08
CA VAL S 24 14.59 -22.71 4.08
C VAL S 24 13.22 -22.28 3.56
N CYS S 25 12.33 -21.79 4.43
CA CYS S 25 11.04 -21.29 3.98
C CYS S 25 11.16 -20.03 3.12
N LEU S 26 12.04 -19.11 3.53
CA LEU S 26 12.34 -17.97 2.71
C LEU S 26 13.06 -18.37 1.43
N GLU S 27 13.80 -19.47 1.47
CA GLU S 27 14.49 -19.98 0.30
C GLU S 27 13.53 -20.55 -0.73
N HIS S 28 12.44 -21.14 -0.26
CA HIS S 28 11.39 -21.66 -1.13
C HIS S 28 10.26 -20.68 -1.39
N GLY S 29 10.42 -19.42 -0.96
CA GLY S 29 9.39 -18.40 -1.17
C GLY S 29 8.13 -18.63 -0.33
N ILE S 30 8.33 -19.13 0.89
CA ILE S 30 7.26 -19.42 1.82
C ILE S 30 7.43 -18.52 3.04
N ASP S 31 6.32 -17.96 3.52
CA ASP S 31 6.33 -17.08 4.67
C ASP S 31 6.79 -17.86 5.91
N PRO S 32 7.90 -17.46 6.53
CA PRO S 32 8.38 -18.19 7.68
C PRO S 32 7.60 -17.95 8.99
N LEU S 33 6.54 -17.14 8.97
CA LEU S 33 5.72 -16.88 10.15
C LEU S 33 4.32 -17.43 10.09
N THR S 34 3.90 -17.91 8.92
CA THR S 34 2.59 -18.55 8.76
C THR S 34 2.65 -19.97 8.22
N GLY S 35 3.71 -20.31 7.48
CA GLY S 35 3.78 -21.60 6.79
C GLY S 35 3.13 -21.58 5.42
N GLN S 36 2.28 -20.61 5.12
CA GLN S 36 1.62 -20.51 3.83
C GLN S 36 2.53 -19.80 2.84
N THR S 37 2.41 -20.18 1.59
CA THR S 37 3.17 -19.56 0.52
C THR S 37 2.47 -18.28 0.08
N ALA S 38 3.01 -17.66 -0.97
CA ALA S 38 2.31 -16.54 -1.61
C ALA S 38 1.03 -17.06 -2.27
N PRO S 39 -0.10 -16.33 -2.16
CA PRO S 39 -1.42 -16.90 -2.49
C PRO S 39 -1.61 -17.31 -3.96
N GLY S 40 -1.85 -18.60 -4.17
CA GLY S 40 -2.14 -19.13 -5.50
C GLY S 40 -0.93 -19.67 -6.25
N VAL S 41 0.25 -19.09 -6.02
CA VAL S 41 1.45 -19.48 -6.76
C VAL S 41 2.18 -20.59 -6.00
N ALA S 42 2.84 -21.46 -6.75
CA ALA S 42 3.60 -22.57 -6.19
C ALA S 42 4.88 -22.03 -5.52
N PRO S 43 5.40 -22.76 -4.51
CA PRO S 43 6.71 -22.38 -3.97
C PRO S 43 7.85 -22.68 -4.96
N ARG S 44 8.87 -21.83 -4.93
CA ARG S 44 10.00 -22.04 -5.81
C ARG S 44 10.79 -23.23 -5.33
N GLY S 45 11.51 -23.86 -6.26
CA GLY S 45 12.29 -25.05 -5.94
C GLY S 45 11.37 -26.23 -5.68
N ASN S 46 11.98 -27.32 -5.23
CA ASN S 46 11.23 -28.52 -4.90
C ASN S 46 10.97 -28.53 -3.40
N TRP S 47 9.78 -28.10 -3.02
CA TRP S 47 9.39 -27.91 -1.64
C TRP S 47 9.33 -29.23 -0.86
N SER S 48 8.96 -30.31 -1.52
CA SER S 48 8.60 -31.53 -0.84
C SER S 48 9.77 -32.30 -0.31
N SER S 49 10.99 -31.78 -0.44
CA SER S 49 12.14 -32.44 0.17
C SER S 49 12.12 -32.26 1.68
N PHE S 50 11.77 -31.05 2.12
CA PHE S 50 11.70 -30.75 3.55
C PHE S 50 10.28 -30.55 4.06
N PHE S 51 9.31 -30.27 3.19
CA PHE S 51 8.00 -29.81 3.59
C PHE S 51 6.96 -30.89 3.40
N SER S 52 5.71 -30.56 3.68
CA SER S 52 4.59 -31.45 3.48
C SER S 52 3.35 -30.60 3.15
N LYS S 53 2.52 -31.14 2.27
CA LYS S 53 1.34 -30.44 1.81
C LYS S 53 0.25 -30.58 2.90
N LEU S 54 -0.03 -29.49 3.58
CA LEU S 54 -1.10 -29.43 4.57
C LEU S 54 -2.21 -28.58 3.99
N GLY S 55 -3.30 -29.22 3.58
CA GLY S 55 -4.41 -28.54 2.93
C GLY S 55 -4.14 -28.48 1.44
N GLU S 56 -5.10 -28.95 0.64
CA GLU S 56 -4.93 -29.09 -0.80
C GLU S 56 -5.44 -27.88 -1.58
N SER S 57 -5.45 -26.70 -0.96
CA SER S 57 -6.00 -25.50 -1.57
C SER S 57 -4.95 -24.68 -2.33
N SER S 58 -3.68 -25.14 -2.33
CA SER S 58 -2.52 -24.48 -2.95
C SER S 58 -2.13 -23.13 -2.34
N SER S 59 -2.85 -22.70 -1.30
CA SER S 59 -2.49 -21.50 -0.54
C SER S 59 -2.35 -21.77 0.95
N GLY S 60 -2.59 -23.02 1.38
CA GLY S 60 -2.46 -23.38 2.77
C GLY S 60 -1.02 -23.53 3.19
N SER S 61 -0.87 -23.82 4.48
CA SER S 61 0.45 -23.93 5.08
C SER S 61 1.17 -25.19 4.63
N TYR S 62 2.49 -25.11 4.55
CA TYR S 62 3.36 -26.25 4.30
C TYR S 62 4.10 -26.56 5.56
N VAL S 63 3.72 -27.63 6.21
CA VAL S 63 4.36 -28.05 7.43
C VAL S 63 5.74 -28.65 7.10
N PRO S 64 6.81 -28.13 7.72
CA PRO S 64 8.10 -28.73 7.52
C PRO S 64 8.26 -30.05 8.21
N ARG S 65 9.03 -30.96 7.60
CA ARG S 65 9.36 -32.23 8.21
C ARG S 65 10.38 -32.00 9.30
N ALA S 66 9.87 -31.64 10.47
CA ALA S 66 10.75 -31.21 11.56
C ALA S 66 10.10 -31.43 12.87
N ILE S 67 10.77 -32.22 13.71
CA ILE S 67 10.39 -32.37 15.10
C ILE S 67 11.37 -31.66 16.02
N MET S 68 10.91 -30.75 16.85
CA MET S 68 11.74 -30.01 17.74
C MET S 68 11.64 -30.52 19.18
N VAL S 69 12.70 -31.12 19.69
CA VAL S 69 12.68 -31.81 20.92
C VAL S 69 13.59 -31.16 21.91
N ASP S 70 13.03 -30.73 23.04
CA ASP S 70 13.89 -30.23 24.12
C ASP S 70 13.14 -30.32 25.42
N LEU S 71 13.88 -30.63 26.45
CA LEU S 71 13.31 -30.94 27.73
C LEU S 71 12.94 -29.71 28.54
N GLU S 72 13.40 -28.54 28.09
CA GLU S 72 13.09 -27.23 28.63
C GLU S 72 12.02 -26.54 27.77
N PRO S 73 11.02 -25.95 28.38
CA PRO S 73 9.90 -25.46 27.60
C PRO S 73 10.15 -24.15 26.90
N SER S 74 11.10 -23.38 27.41
CA SER S 74 11.30 -22.00 26.98
C SER S 74 11.88 -21.88 25.60
N VAL S 75 12.43 -22.96 25.05
CA VAL S 75 13.13 -22.89 23.79
C VAL S 75 12.14 -23.01 22.65
N ILE S 76 11.23 -23.97 22.76
CA ILE S 76 10.25 -24.22 21.69
C ILE S 76 9.10 -23.20 21.81
N ASP S 77 8.81 -22.75 23.01
CA ASP S 77 7.85 -21.66 23.18
C ASP S 77 8.36 -20.36 22.62
N ASN S 78 9.67 -20.21 22.52
CA ASN S 78 10.25 -19.12 21.75
C ASN S 78 10.01 -19.37 20.26
N VAL S 79 10.08 -20.61 19.83
CA VAL S 79 9.86 -20.94 18.42
C VAL S 79 8.38 -20.83 18.07
N LYS S 80 7.51 -21.27 18.96
CA LYS S 80 6.06 -21.15 18.74
C LYS S 80 5.62 -19.69 18.69
N ALA S 81 6.32 -18.82 19.40
CA ALA S 81 6.05 -17.39 19.30
C ALA S 81 6.63 -16.79 18.02
N THR S 82 7.61 -17.45 17.41
CA THR S 82 8.29 -16.93 16.23
C THR S 82 8.16 -17.82 15.01
N SER S 83 7.13 -18.65 14.97
CA SER S 83 6.80 -19.41 13.78
C SER S 83 5.33 -19.37 13.41
N GLY S 84 4.43 -19.09 14.35
CA GLY S 84 3.01 -19.03 14.04
C GLY S 84 2.46 -20.41 13.76
N SER S 85 1.76 -20.55 12.64
CA SER S 85 1.19 -21.81 12.23
C SER S 85 2.05 -22.52 11.21
N LEU S 86 3.37 -22.37 11.32
CA LEU S 86 4.29 -22.99 10.36
C LEU S 86 4.56 -24.44 10.69
N PHE S 87 5.08 -24.69 11.88
CA PHE S 87 5.36 -26.08 12.26
C PHE S 87 4.10 -26.79 12.64
N ASN S 88 4.17 -28.11 12.64
CA ASN S 88 3.12 -28.91 13.22
C ASN S 88 3.30 -28.96 14.71
N PRO S 89 2.40 -28.37 15.51
CA PRO S 89 2.66 -28.28 16.94
C PRO S 89 2.50 -29.59 17.69
N ALA S 90 2.16 -30.67 16.99
CA ALA S 90 2.33 -32.02 17.54
C ALA S 90 3.81 -32.48 17.49
N ASN S 91 4.60 -31.86 16.62
CA ASN S 91 6.04 -32.12 16.53
C ASN S 91 6.86 -31.23 17.43
N LEU S 92 6.28 -30.17 17.97
CA LEU S 92 7.01 -29.22 18.78
C LEU S 92 6.87 -29.65 20.21
N ILE S 93 7.56 -30.74 20.56
CA ILE S 93 7.44 -31.40 21.84
C ILE S 93 8.33 -30.66 22.85
N SER S 94 7.80 -30.44 24.06
CA SER S 94 8.56 -29.82 25.13
C SER S 94 8.21 -30.49 26.46
N ARG S 95 9.09 -30.34 27.43
CA ARG S 95 8.86 -30.80 28.80
C ARG S 95 9.09 -29.65 29.77
N THR S 96 9.16 -29.97 31.06
CA THR S 96 9.21 -28.94 32.08
C THR S 96 10.59 -28.80 32.72
N GLU S 97 11.16 -29.93 33.14
CA GLU S 97 12.30 -29.93 34.02
C GLU S 97 13.60 -29.55 33.34
N GLY S 98 13.80 -29.99 32.10
CA GLY S 98 15.07 -29.79 31.42
C GLY S 98 16.11 -30.82 31.85
N ALA S 99 17.29 -30.73 31.26
CA ALA S 99 18.37 -31.68 31.54
C ALA S 99 19.55 -31.07 32.28
N GLY S 100 20.08 -30.02 31.69
CA GLY S 100 21.02 -29.17 32.40
C GLY S 100 22.37 -29.81 32.54
N GLY S 101 23.01 -29.96 31.38
CA GLY S 101 24.39 -30.43 31.30
C GLY S 101 24.54 -31.86 31.76
N ASN S 102 23.44 -32.56 31.96
CA ASN S 102 23.51 -33.94 32.44
C ASN S 102 23.11 -34.81 31.29
N PHE S 103 24.09 -35.52 30.73
CA PHE S 103 23.85 -36.50 29.68
C PHE S 103 22.82 -37.54 30.09
N ALA S 104 22.91 -37.98 31.32
CA ALA S 104 22.08 -39.04 31.78
C ALA S 104 20.71 -38.52 32.25
N VAL S 105 20.27 -37.35 31.76
CA VAL S 105 18.87 -36.98 31.80
C VAL S 105 18.27 -37.01 30.39
N GLY S 106 19.00 -36.49 29.42
CA GLY S 106 18.55 -36.60 28.02
C GLY S 106 18.61 -37.99 27.46
N TYR S 107 19.55 -38.79 27.92
CA TYR S 107 19.72 -40.13 27.38
C TYR S 107 18.90 -41.13 28.15
N LEU S 108 19.10 -41.17 29.46
CA LEU S 108 18.39 -42.08 30.33
C LEU S 108 17.70 -41.32 31.45
N GLY S 109 16.51 -40.78 31.17
CA GLY S 109 15.87 -39.88 32.11
C GLY S 109 14.64 -39.22 31.50
N ALA S 110 14.63 -37.89 31.52
CA ALA S 110 13.53 -37.13 30.94
C ALA S 110 13.50 -37.28 29.42
N GLY S 111 14.64 -37.64 28.83
CA GLY S 111 14.68 -37.91 27.40
C GLY S 111 14.19 -39.30 27.07
N ARG S 112 14.29 -40.19 28.03
CA ARG S 112 13.70 -41.52 27.88
C ARG S 112 12.18 -41.41 27.92
N GLU S 113 11.65 -40.42 28.63
CA GLU S 113 10.21 -40.23 28.72
C GLU S 113 9.64 -39.74 27.39
N VAL S 114 10.34 -38.82 26.73
CA VAL S 114 9.86 -38.28 25.47
C VAL S 114 10.09 -39.21 24.29
N LEU S 115 10.92 -40.22 24.46
CA LEU S 115 11.26 -41.09 23.36
C LEU S 115 10.07 -41.91 22.80
N PRO S 116 9.11 -42.39 23.63
CA PRO S 116 7.90 -42.90 22.95
C PRO S 116 7.06 -41.85 22.23
N GLU S 117 7.18 -40.57 22.62
CA GLU S 117 6.43 -39.52 21.98
C GLU S 117 7.16 -38.92 20.80
N VAL S 118 8.50 -38.84 20.86
CA VAL S 118 9.29 -38.38 19.74
C VAL S 118 9.27 -39.38 18.57
N MET S 119 9.46 -40.65 18.86
CA MET S 119 9.45 -41.66 17.83
C MET S 119 8.07 -41.91 17.26
N SER S 120 7.02 -41.54 17.99
CA SER S 120 5.68 -41.57 17.44
C SER S 120 5.38 -40.36 16.58
N ARG S 121 6.34 -39.45 16.44
CA ARG S 121 6.22 -38.35 15.49
C ARG S 121 7.19 -38.42 14.34
N LEU S 122 8.33 -39.07 14.52
CA LEU S 122 9.16 -39.46 13.38
C LEU S 122 8.43 -40.50 12.51
N ASP S 123 7.73 -41.42 13.15
CA ASP S 123 6.93 -42.36 12.42
C ASP S 123 5.77 -41.67 11.71
N TYR S 124 5.30 -40.55 12.26
CA TYR S 124 4.31 -39.75 11.57
C TYR S 124 4.93 -39.07 10.38
N GLU S 125 6.18 -38.62 10.48
CA GLU S 125 6.81 -37.92 9.36
C GLU S 125 7.23 -38.88 8.26
N ILE S 126 7.86 -39.97 8.64
CA ILE S 126 8.42 -40.92 7.69
C ILE S 126 7.30 -41.61 6.88
N ASP S 127 6.18 -41.95 7.53
CA ASP S 127 5.06 -42.52 6.81
C ASP S 127 4.43 -41.48 5.88
N LYS S 128 4.53 -40.20 6.25
CA LYS S 128 4.07 -39.10 5.41
C LYS S 128 5.04 -38.81 4.25
N CYS S 129 6.31 -39.22 4.38
CA CYS S 129 7.30 -39.04 3.32
C CYS S 129 7.02 -39.94 2.12
N ASP S 130 7.47 -39.49 0.96
CA ASP S 130 7.41 -40.30 -0.26
C ASP S 130 8.39 -41.47 -0.14
N ASN S 131 9.69 -41.15 -0.05
CA ASN S 131 10.71 -42.10 0.40
C ASN S 131 11.87 -41.35 0.97
N VAL S 132 11.89 -41.29 2.31
CA VAL S 132 12.83 -40.47 3.06
C VAL S 132 14.23 -41.04 2.98
N GLY S 133 15.20 -40.19 2.70
CA GLY S 133 16.55 -40.61 2.44
C GLY S 133 17.53 -39.76 3.21
N GLY S 134 17.15 -39.39 4.41
CA GLY S 134 18.09 -38.70 5.31
C GLY S 134 17.42 -38.05 6.45
N ILE S 135 18.10 -38.02 7.60
CA ILE S 135 17.59 -37.40 8.81
C ILE S 135 18.66 -36.53 9.38
N ILE S 136 18.44 -35.22 9.36
CA ILE S 136 19.43 -34.25 9.76
C ILE S 136 19.12 -33.80 11.17
N VAL S 137 19.78 -34.42 12.14
CA VAL S 137 19.51 -34.13 13.53
C VAL S 137 20.37 -32.96 13.90
N LEU S 138 19.72 -31.89 14.34
CA LEU S 138 20.44 -30.68 14.77
C LEU S 138 20.48 -30.63 16.26
N HIS S 139 21.70 -30.67 16.79
CA HIS S 139 21.87 -30.58 18.22
C HIS S 139 23.22 -29.98 18.53
N ALA S 140 23.59 -30.05 19.81
CA ALA S 140 24.95 -29.76 20.22
C ALA S 140 25.58 -31.00 20.79
N ILE S 141 26.88 -30.99 20.93
CA ILE S 141 27.55 -32.11 21.55
C ILE S 141 28.10 -31.60 22.86
N GLY S 142 27.39 -30.66 23.47
CA GLY S 142 27.85 -30.13 24.71
C GLY S 142 26.93 -30.24 25.90
N GLY S 143 25.64 -30.30 25.65
CA GLY S 143 24.68 -30.13 26.72
C GLY S 143 24.20 -31.44 27.26
N GLY S 144 23.07 -31.35 27.96
CA GLY S 144 22.41 -32.50 28.54
C GLY S 144 21.27 -32.99 27.71
N THR S 145 20.72 -32.11 26.86
CA THR S 145 19.62 -32.47 26.02
C THR S 145 20.05 -32.76 24.62
N GLY S 146 20.73 -31.83 24.00
CA GLY S 146 21.18 -32.00 22.61
C GLY S 146 22.20 -33.08 22.48
N SER S 147 23.12 -33.16 23.45
CA SER S 147 24.11 -34.23 23.47
C SER S 147 23.58 -35.47 24.21
N GLY S 148 22.55 -35.32 25.01
CA GLY S 148 21.95 -36.44 25.70
C GLY S 148 20.89 -37.12 24.91
N PHE S 149 19.85 -36.40 24.53
CA PHE S 149 18.78 -36.99 23.77
C PHE S 149 19.20 -37.19 22.33
N GLY S 150 20.11 -36.37 21.84
CA GLY S 150 20.68 -36.58 20.51
C GLY S 150 21.46 -37.85 20.39
N ALA S 151 22.10 -38.24 21.48
CA ALA S 151 22.71 -39.55 21.53
C ALA S 151 21.67 -40.65 21.72
N LEU S 152 20.55 -40.33 22.35
CA LEU S 152 19.51 -41.30 22.52
C LEU S 152 18.73 -41.49 21.22
N LEU S 153 18.35 -40.39 20.58
CA LEU S 153 17.45 -40.43 19.46
C LEU S 153 18.07 -41.08 18.26
N ILE S 154 19.33 -40.76 17.98
CA ILE S 154 20.01 -41.32 16.82
C ILE S 154 20.23 -42.82 17.02
N GLU S 155 20.55 -43.24 18.25
CA GLU S 155 20.58 -44.66 18.55
C GLU S 155 19.20 -45.26 18.66
N SER S 156 18.14 -44.47 18.69
CA SER S 156 16.79 -45.01 18.65
C SER S 156 16.17 -44.97 17.26
N LEU S 157 16.92 -44.52 16.27
CA LEU S 157 16.40 -44.27 14.93
C LEU S 157 17.10 -45.14 13.89
N LYS S 158 18.43 -45.24 13.94
CA LYS S 158 19.12 -46.21 13.11
C LYS S 158 18.86 -47.65 13.64
N GLU S 159 18.60 -47.78 14.93
CA GLU S 159 18.20 -49.07 15.48
C GLU S 159 16.83 -49.48 14.97
N LYS S 160 15.97 -48.51 14.69
CA LYS S 160 14.63 -48.79 14.19
C LYS S 160 14.60 -48.91 12.67
N TYR S 161 15.21 -47.96 11.98
CA TYR S 161 15.15 -47.91 10.51
C TYR S 161 16.42 -48.46 9.87
N GLY S 162 17.54 -47.80 10.10
CA GLY S 162 18.81 -48.34 9.66
C GLY S 162 19.17 -48.18 8.20
N GLU S 163 18.18 -48.08 7.33
CA GLU S 163 18.42 -47.87 5.90
C GLU S 163 18.30 -46.39 5.53
N ILE S 164 18.78 -45.51 6.40
CA ILE S 164 18.57 -44.08 6.23
C ILE S 164 19.78 -43.34 6.82
N PRO S 165 20.27 -42.32 6.11
CA PRO S 165 21.38 -41.55 6.67
C PRO S 165 20.99 -40.64 7.81
N VAL S 166 21.83 -40.59 8.84
CA VAL S 166 21.65 -39.68 9.95
C VAL S 166 22.79 -38.71 10.00
N LEU S 167 22.61 -37.56 9.38
CA LEU S 167 23.62 -36.48 9.42
C LEU S 167 23.39 -35.60 10.63
N SER S 168 24.11 -35.90 11.71
CA SER S 168 23.97 -35.18 12.94
C SER S 168 24.70 -33.84 12.86
N CYS S 169 24.00 -32.81 12.36
CA CYS S 169 24.59 -31.46 12.23
C CYS S 169 24.69 -30.85 13.58
N ALA S 170 25.87 -30.94 14.17
CA ALA S 170 26.01 -30.75 15.60
C ALA S 170 27.02 -29.72 15.92
N VAL S 171 26.96 -29.19 17.13
CA VAL S 171 27.79 -28.04 17.52
C VAL S 171 28.70 -28.51 18.64
N LEU S 172 30.00 -28.58 18.31
CA LEU S 172 30.99 -28.99 19.26
C LEU S 172 31.20 -27.92 20.32
N PRO S 173 31.77 -28.34 21.47
CA PRO S 173 32.18 -27.36 22.48
C PRO S 173 33.32 -26.49 22.01
N SER S 174 33.18 -25.20 22.27
CA SER S 174 34.24 -24.25 21.96
C SER S 174 35.38 -24.48 22.95
N PRO S 175 36.62 -24.51 22.48
CA PRO S 175 37.74 -24.74 23.38
C PRO S 175 38.23 -23.50 24.12
N GLN S 176 37.76 -22.32 23.71
CA GLN S 176 38.16 -21.08 24.35
C GLN S 176 37.58 -20.97 25.78
N VAL S 177 36.34 -21.43 25.94
CA VAL S 177 35.66 -21.46 27.21
C VAL S 177 34.52 -22.46 27.07
N SER S 178 34.24 -23.20 28.12
CA SER S 178 33.18 -24.18 28.08
C SER S 178 31.88 -23.57 28.55
N SER S 179 30.85 -23.67 27.72
CA SER S 179 29.53 -23.15 28.09
C SER S 179 28.77 -24.05 29.10
N VAL S 180 29.22 -25.29 29.27
CA VAL S 180 28.76 -26.17 30.30
C VAL S 180 29.97 -26.65 31.11
N VAL S 181 29.84 -26.81 32.40
CA VAL S 181 30.95 -27.32 33.21
C VAL S 181 31.20 -28.81 32.96
N THR S 182 30.13 -29.56 32.63
CA THR S 182 30.26 -30.99 32.27
C THR S 182 30.29 -31.21 30.79
N GLU S 183 30.81 -30.24 30.04
CA GLU S 183 30.80 -30.24 28.57
C GLU S 183 31.82 -31.15 27.93
N PRO S 184 33.05 -31.33 28.49
CA PRO S 184 33.86 -32.45 27.99
C PRO S 184 33.43 -33.84 28.40
N TYR S 185 32.58 -33.97 29.40
CA TYR S 185 31.89 -35.21 29.62
C TYR S 185 30.94 -35.45 28.49
N ASN S 186 29.97 -34.54 28.32
CA ASN S 186 28.80 -34.78 27.48
C ASN S 186 29.11 -35.00 26.04
N THR S 187 30.26 -34.54 25.57
CA THR S 187 30.68 -34.82 24.22
C THR S 187 31.05 -36.30 24.09
N VAL S 188 31.91 -36.77 24.96
CA VAL S 188 32.41 -38.12 24.91
C VAL S 188 31.26 -39.11 25.08
N PHE S 189 30.23 -38.78 25.85
CA PHE S 189 29.07 -39.63 25.94
C PHE S 189 28.27 -39.60 24.65
N ALA S 190 28.31 -38.50 23.92
CA ALA S 190 27.66 -38.43 22.60
C ALA S 190 28.58 -38.94 21.50
N LEU S 191 29.89 -38.95 21.71
CA LEU S 191 30.77 -39.55 20.72
C LEU S 191 30.71 -41.08 20.71
N ASN S 192 29.98 -41.69 21.64
CA ASN S 192 29.57 -43.04 21.48
C ASN S 192 28.58 -43.06 20.30
N THR S 193 27.50 -42.28 20.38
CA THR S 193 26.48 -42.36 19.40
C THR S 193 26.93 -41.80 18.05
N LEU S 194 27.50 -40.61 18.08
CA LEU S 194 27.84 -39.90 16.85
C LEU S 194 28.98 -40.54 16.09
N ARG S 195 29.64 -41.53 16.68
CA ARG S 195 30.58 -42.38 15.96
C ARG S 195 29.95 -43.70 15.51
N ARG S 196 29.10 -44.29 16.34
CA ARG S 196 28.66 -45.63 16.09
C ARG S 196 27.35 -45.66 15.31
N SER S 197 26.36 -44.90 15.74
CA SER S 197 25.00 -45.04 15.19
C SER S 197 24.55 -43.86 14.37
N ALA S 198 25.44 -42.93 14.07
CA ALA S 198 25.16 -41.84 13.14
C ALA S 198 26.03 -42.06 11.91
N ASP S 199 25.47 -41.87 10.73
CA ASP S 199 26.22 -42.05 9.50
C ASP S 199 27.22 -40.93 9.25
N ALA S 200 26.94 -39.75 9.77
CA ALA S 200 27.91 -38.63 9.77
C ALA S 200 27.52 -37.63 10.82
N CYS S 201 28.53 -36.97 11.40
CA CYS S 201 28.27 -35.93 12.37
C CYS S 201 28.95 -34.68 11.86
N LEU S 202 28.16 -33.80 11.23
CA LEU S 202 28.67 -32.52 10.79
C LEU S 202 28.89 -31.62 12.00
N ILE S 203 30.15 -31.26 12.26
CA ILE S 203 30.48 -30.49 13.47
C ILE S 203 30.37 -29.00 13.16
N PHE S 204 30.28 -28.22 14.24
CA PHE S 204 30.40 -26.77 14.20
C PHE S 204 30.98 -26.39 15.55
N ASP S 205 31.73 -25.32 15.56
CA ASP S 205 32.42 -24.91 16.77
C ASP S 205 32.19 -23.44 17.05
N ASN S 206 31.81 -23.13 18.27
CA ASN S 206 31.41 -21.77 18.60
C ASN S 206 32.55 -20.80 18.64
N GLU S 207 33.81 -21.25 18.72
CA GLU S 207 34.91 -20.34 18.61
C GLU S 207 35.07 -19.87 17.17
N ALA S 208 35.09 -20.80 16.23
CA ALA S 208 35.28 -20.44 14.81
C ALA S 208 34.09 -19.68 14.23
N LEU S 209 32.92 -19.97 14.74
CA LEU S 209 31.76 -19.27 14.30
C LEU S 209 31.67 -17.85 14.89
N PHE S 210 32.43 -17.58 15.95
CA PHE S 210 32.60 -16.21 16.37
C PHE S 210 33.56 -15.49 15.47
N ASP S 211 34.67 -16.11 15.12
CA ASP S 211 35.67 -15.46 14.28
C ASP S 211 35.20 -15.24 12.86
N LEU S 212 34.34 -16.09 12.36
CA LEU S 212 33.81 -15.96 11.02
C LEU S 212 32.61 -15.06 10.91
N ALA S 213 32.19 -14.47 12.02
CA ALA S 213 31.22 -13.39 12.00
C ALA S 213 31.81 -12.09 12.49
N HIS S 214 32.91 -12.13 13.22
CA HIS S 214 33.60 -10.92 13.69
C HIS S 214 34.56 -10.40 12.63
N ARG S 215 35.44 -11.26 12.14
CA ARG S 215 36.45 -10.85 11.18
C ARG S 215 35.90 -10.84 9.75
N LYS S 216 34.88 -11.65 9.50
CA LYS S 216 34.35 -11.83 8.14
C LYS S 216 33.02 -11.12 7.91
N TRP S 217 32.08 -11.23 8.84
CA TRP S 217 30.85 -10.46 8.78
C TRP S 217 30.93 -9.12 9.53
N ASN S 218 32.17 -8.68 9.81
CA ASN S 218 32.55 -7.38 10.34
C ASN S 218 31.60 -6.72 11.33
N ILE S 219 31.17 -7.50 12.32
CA ILE S 219 30.42 -6.97 13.45
C ILE S 219 31.24 -7.15 14.70
N GLU S 220 30.89 -6.41 15.74
CA GLU S 220 31.68 -6.40 16.98
C GLU S 220 31.40 -7.64 17.83
N SER S 221 30.13 -7.81 18.23
CA SER S 221 29.72 -8.92 19.05
C SER S 221 28.78 -9.84 18.23
N PRO S 222 29.30 -10.98 17.77
CA PRO S 222 28.45 -11.93 17.08
C PRO S 222 27.56 -12.67 18.08
N THR S 223 26.27 -12.39 18.02
CA THR S 223 25.32 -13.07 18.89
C THR S 223 25.02 -14.48 18.35
N VAL S 224 24.20 -15.21 19.10
CA VAL S 224 23.78 -16.53 18.71
C VAL S 224 22.69 -16.45 17.67
N ASP S 225 22.20 -15.25 17.39
CA ASP S 225 21.39 -15.03 16.23
C ASP S 225 22.22 -15.16 14.94
N ASP S 226 23.52 -14.85 15.02
CA ASP S 226 24.42 -14.92 13.89
C ASP S 226 25.33 -16.12 13.90
N LEU S 227 25.48 -16.78 15.02
CA LEU S 227 26.09 -18.12 14.98
C LEU S 227 25.12 -19.09 14.28
N ASN S 228 23.85 -18.99 14.58
CA ASN S 228 22.84 -19.84 14.00
C ASN S 228 22.41 -19.34 12.65
N LEU S 229 23.17 -18.47 12.02
CA LEU S 229 22.99 -18.08 10.63
C LEU S 229 24.21 -18.44 9.78
N LEU S 230 25.40 -18.43 10.35
CA LEU S 230 26.55 -19.06 9.71
C LEU S 230 26.37 -20.57 9.58
N ILE S 231 25.83 -21.21 10.62
CA ILE S 231 25.55 -22.61 10.57
C ILE S 231 24.42 -22.82 9.59
N THR S 232 23.39 -21.98 9.68
CA THR S 232 22.20 -22.14 8.87
C THR S 232 22.52 -22.07 7.41
N GLU S 233 23.23 -21.04 7.01
CA GLU S 233 23.60 -20.84 5.62
C GLU S 233 24.47 -21.95 5.07
N ALA S 234 25.20 -22.61 5.94
CA ALA S 234 25.87 -23.86 5.60
C ALA S 234 24.89 -25.05 5.58
N LEU S 235 23.96 -25.11 6.52
CA LEU S 235 22.98 -26.21 6.51
C LEU S 235 21.94 -26.00 5.43
N ALA S 236 21.67 -24.75 5.07
CA ALA S 236 20.87 -24.46 3.89
C ALA S 236 21.74 -24.45 2.64
N GLY S 237 23.00 -24.82 2.75
CA GLY S 237 23.85 -24.96 1.61
C GLY S 237 24.10 -26.40 1.26
N ILE S 238 24.29 -27.25 2.27
CA ILE S 238 24.46 -28.68 2.00
C ILE S 238 23.15 -29.33 1.61
N THR S 239 22.04 -28.66 1.87
CA THR S 239 20.73 -29.17 1.54
C THR S 239 20.10 -28.45 0.34
N ALA S 240 20.88 -27.68 -0.38
CA ALA S 240 20.39 -27.12 -1.61
C ALA S 240 20.43 -28.12 -2.75
N SER S 241 21.29 -29.12 -2.65
CA SER S 241 21.28 -30.20 -3.63
C SER S 241 20.14 -31.14 -3.41
N MET S 242 19.59 -31.15 -2.19
CA MET S 242 18.51 -32.06 -1.82
C MET S 242 17.15 -31.49 -2.21
N ARG S 243 17.06 -30.17 -2.27
CA ARG S 243 15.79 -29.47 -2.35
C ARG S 243 15.50 -28.82 -3.67
N PHE S 244 16.44 -28.84 -4.60
CA PHE S 244 16.35 -28.08 -5.82
C PHE S 244 16.58 -28.99 -7.01
N SER S 245 15.69 -28.90 -7.99
CA SER S 245 15.77 -29.66 -9.23
C SER S 245 15.74 -28.64 -10.36
N GLY S 246 16.92 -28.11 -10.68
CA GLY S 246 17.02 -26.94 -11.52
C GLY S 246 17.56 -27.19 -12.91
N PHE S 247 18.55 -26.39 -13.29
CA PHE S 247 19.12 -26.43 -14.64
C PHE S 247 20.08 -27.60 -14.78
N LEU S 248 21.17 -27.55 -14.04
CA LEU S 248 22.18 -28.63 -14.03
C LEU S 248 22.53 -28.96 -12.59
N THR S 249 21.50 -29.00 -11.75
CA THR S 249 21.68 -29.23 -10.35
C THR S 249 22.14 -30.67 -10.10
N VAL S 250 23.33 -30.81 -9.54
CA VAL S 250 23.83 -32.11 -9.14
C VAL S 250 23.10 -32.49 -7.84
N GLU S 251 22.06 -33.31 -8.00
CA GLU S 251 21.15 -33.61 -6.91
C GLU S 251 21.78 -34.60 -5.98
N ILE S 252 22.39 -34.10 -4.91
CA ILE S 252 23.12 -34.93 -3.98
C ILE S 252 22.23 -35.22 -2.77
N THR S 253 21.81 -36.47 -2.64
CA THR S 253 21.15 -36.94 -1.45
C THR S 253 22.13 -37.06 -0.31
N LEU S 254 21.63 -37.30 0.90
CA LEU S 254 22.50 -37.47 2.03
C LEU S 254 23.38 -38.71 1.80
N ARG S 255 22.77 -39.84 1.39
CA ARG S 255 23.55 -41.02 1.11
C ARG S 255 24.54 -40.80 -0.02
N GLU S 256 24.11 -39.94 -0.95
CA GLU S 256 24.93 -39.55 -2.09
C GLU S 256 26.03 -38.61 -1.65
N LEU S 257 25.82 -37.95 -0.52
CA LEU S 257 26.85 -37.11 0.08
C LEU S 257 27.72 -37.87 0.95
N LEU S 258 27.22 -38.92 1.62
CA LEU S 258 28.06 -39.60 2.60
C LEU S 258 28.83 -40.77 2.01
N THR S 259 28.41 -41.28 0.86
CA THR S 259 29.23 -42.24 0.14
C THR S 259 30.49 -41.58 -0.36
N ASN S 260 30.43 -40.31 -0.67
CA ASN S 260 31.62 -39.54 -1.05
C ASN S 260 32.41 -39.01 0.13
N LEU S 261 31.86 -39.09 1.33
CA LEU S 261 32.49 -38.42 2.44
C LEU S 261 32.68 -39.28 3.64
N VAL S 262 32.19 -40.50 3.68
CA VAL S 262 32.55 -41.38 4.78
C VAL S 262 33.38 -42.48 4.18
N PRO S 263 34.71 -42.41 4.28
CA PRO S 263 35.61 -43.43 3.71
C PRO S 263 35.46 -44.86 4.40
N GLN S 264 35.52 -44.95 5.71
CA GLN S 264 35.27 -46.23 6.41
C GLN S 264 34.55 -45.91 7.73
N PRO S 265 33.74 -46.86 8.28
CA PRO S 265 32.69 -46.49 9.24
C PRO S 265 33.03 -45.69 10.53
N SER S 266 34.30 -45.37 10.74
CA SER S 266 34.70 -44.62 11.91
C SER S 266 35.34 -43.28 11.54
N LEU S 267 35.13 -42.83 10.30
CA LEU S 267 35.73 -41.57 9.81
C LEU S 267 34.69 -40.66 9.19
N HIS S 268 33.63 -40.40 9.95
CA HIS S 268 32.53 -39.64 9.44
C HIS S 268 32.20 -38.42 10.21
N PHE S 269 33.21 -37.81 10.81
CA PHE S 269 33.03 -36.50 11.43
C PHE S 269 33.49 -35.47 10.42
N LEU S 270 32.58 -34.65 9.95
CA LEU S 270 32.85 -33.77 8.83
C LEU S 270 32.85 -32.34 9.39
N MET S 271 33.81 -31.56 8.92
CA MET S 271 33.78 -30.14 9.15
C MET S 271 32.94 -29.48 8.07
N CYS S 272 32.93 -28.15 8.07
CA CYS S 272 32.24 -27.41 7.05
C CYS S 272 32.82 -26.06 6.92
N ALA S 273 32.61 -25.46 5.75
CA ALA S 273 32.99 -24.06 5.51
C ALA S 273 32.08 -23.43 4.50
N PHE S 274 32.01 -22.09 4.54
CA PHE S 274 31.13 -21.36 3.66
C PHE S 274 31.87 -20.27 2.98
N ALA S 275 31.49 -20.00 1.73
CA ALA S 275 32.01 -18.88 0.96
C ALA S 275 30.88 -18.33 0.15
N PRO S 276 30.82 -17.01 -0.05
CA PRO S 276 31.67 -15.97 0.49
C PRO S 276 31.19 -15.62 1.89
N LEU S 277 32.12 -15.23 2.74
CA LEU S 277 31.74 -14.66 4.02
C LEU S 277 31.66 -13.13 3.96
N THR S 278 31.29 -12.60 2.79
CA THR S 278 31.01 -11.19 2.61
C THR S 278 29.84 -10.78 3.49
N PRO S 279 29.98 -9.67 4.23
CA PRO S 279 28.87 -9.22 5.09
C PRO S 279 27.66 -8.78 4.27
N PRO S 280 26.45 -8.80 4.87
CA PRO S 280 25.25 -8.46 4.08
C PRO S 280 25.02 -6.97 3.76
N ASP S 281 26.07 -6.14 3.87
CA ASP S 281 25.96 -4.71 3.62
C ASP S 281 26.04 -4.31 2.13
N ARG S 282 25.79 -5.27 1.24
CA ARG S 282 25.87 -5.10 -0.22
C ARG S 282 27.25 -4.59 -0.65
N SER S 283 28.24 -5.46 -0.48
CA SER S 283 29.58 -5.21 -1.01
C SER S 283 29.63 -5.76 -2.44
N LYS S 284 28.95 -5.04 -3.33
CA LYS S 284 28.64 -5.56 -4.67
C LYS S 284 29.88 -5.62 -5.58
N PHE S 285 30.71 -4.60 -5.50
CA PHE S 285 31.94 -4.58 -6.28
C PHE S 285 33.04 -5.39 -5.62
N GLU S 286 32.83 -5.83 -4.37
CA GLU S 286 33.74 -6.77 -3.71
C GLU S 286 33.15 -8.19 -3.63
N GLU S 287 32.16 -8.50 -4.46
CA GLU S 287 31.65 -9.88 -4.53
C GLU S 287 32.69 -10.78 -5.18
N LEU S 288 32.88 -11.96 -4.61
CA LEU S 288 34.03 -12.81 -4.93
C LEU S 288 33.71 -13.74 -6.07
N GLY S 289 34.65 -13.85 -7.01
CA GLY S 289 34.58 -14.84 -8.08
C GLY S 289 34.94 -16.23 -7.58
N ILE S 290 34.75 -17.19 -8.46
CA ILE S 290 34.92 -18.60 -8.10
C ILE S 290 36.40 -18.96 -7.93
N GLU S 291 37.28 -18.20 -8.56
CA GLU S 291 38.70 -18.47 -8.40
C GLU S 291 39.21 -18.06 -7.01
N GLU S 292 38.49 -17.15 -6.37
CA GLU S 292 38.92 -16.58 -5.08
C GLU S 292 38.01 -16.94 -3.88
N MET S 293 36.80 -17.44 -4.15
CA MET S 293 36.03 -18.03 -3.07
C MET S 293 36.71 -19.30 -2.57
N ILE S 294 37.27 -20.08 -3.48
CA ILE S 294 37.93 -21.31 -3.13
C ILE S 294 39.25 -21.02 -2.43
N LYS S 295 39.84 -19.88 -2.73
CA LYS S 295 40.95 -19.37 -1.94
C LYS S 295 40.51 -18.96 -0.53
N SER S 296 39.24 -18.59 -0.37
CA SER S 296 38.70 -18.26 0.95
C SER S 296 37.95 -19.40 1.61
N LEU S 297 37.69 -20.49 0.87
CA LEU S 297 37.15 -21.69 1.49
C LEU S 297 38.19 -22.30 2.41
N PHE S 298 39.40 -22.46 1.89
CA PHE S 298 40.38 -23.29 2.54
C PHE S 298 41.38 -22.54 3.42
N ASP S 299 41.02 -21.38 3.92
CA ASP S 299 41.84 -20.71 4.93
C ASP S 299 41.73 -21.46 6.25
N ASN S 300 42.73 -21.32 7.08
CA ASN S 300 42.72 -21.95 8.40
C ASN S 300 41.61 -21.37 9.28
N GLY S 301 41.44 -20.06 9.20
CA GLY S 301 40.30 -19.41 9.81
C GLY S 301 39.23 -19.21 8.75
N SER S 302 38.74 -20.31 8.19
CA SER S 302 37.56 -20.29 7.34
C SER S 302 36.59 -21.45 7.56
N VAL S 303 37.02 -22.51 8.23
CA VAL S 303 36.13 -23.61 8.52
C VAL S 303 35.40 -23.35 9.80
N PHE S 304 34.29 -24.05 9.99
CA PHE S 304 33.47 -23.88 11.17
C PHE S 304 33.94 -24.86 12.24
N ALA S 305 35.20 -24.78 12.61
CA ALA S 305 35.80 -25.78 13.51
C ALA S 305 36.97 -25.13 14.24
N ALA S 306 37.22 -25.62 15.44
CA ALA S 306 38.29 -25.08 16.27
C ALA S 306 39.67 -25.41 15.69
N CYS S 307 39.76 -26.54 14.96
CA CYS S 307 41.04 -26.98 14.45
C CYS S 307 41.50 -26.14 13.27
N SER S 308 42.78 -26.28 12.97
CA SER S 308 43.35 -25.65 11.79
C SER S 308 43.34 -26.65 10.65
N PRO S 309 42.47 -26.45 9.63
CA PRO S 309 42.29 -27.46 8.59
C PRO S 309 43.50 -27.73 7.68
N MET S 310 44.20 -26.70 7.23
CA MET S 310 45.34 -26.93 6.38
C MET S 310 46.58 -27.36 7.15
N GLU S 311 46.53 -27.37 8.47
CA GLU S 311 47.63 -27.96 9.24
C GLU S 311 47.51 -29.47 9.35
N GLY S 312 46.41 -30.05 8.85
CA GLY S 312 46.25 -31.50 8.80
C GLY S 312 45.70 -31.96 7.48
N ARG S 313 45.34 -33.24 7.41
CA ARG S 313 45.10 -33.90 6.13
C ARG S 313 43.63 -33.97 5.79
N PHE S 314 43.24 -33.33 4.69
CA PHE S 314 41.86 -33.43 4.15
C PHE S 314 41.67 -34.81 3.56
N LEU S 315 40.81 -35.59 4.19
CA LEU S 315 40.68 -36.95 3.80
C LEU S 315 39.67 -37.10 2.70
N SER S 316 38.51 -36.50 2.88
CA SER S 316 37.46 -36.51 1.84
C SER S 316 36.85 -35.11 1.83
N THR S 317 36.68 -34.56 0.65
CA THR S 317 36.29 -33.16 0.49
C THR S 317 35.08 -33.08 -0.43
N ALA S 318 34.15 -32.20 -0.14
CA ALA S 318 32.96 -32.06 -0.97
C ALA S 318 32.58 -30.61 -1.05
N VAL S 319 32.95 -29.99 -2.15
CA VAL S 319 32.75 -28.57 -2.33
C VAL S 319 31.45 -28.38 -3.03
N LEU S 320 30.46 -27.83 -2.34
CA LEU S 320 29.12 -27.70 -2.86
C LEU S 320 28.89 -26.26 -3.33
N TYR S 321 29.11 -26.01 -4.63
CA TYR S 321 28.76 -24.72 -5.22
C TYR S 321 27.25 -24.59 -5.23
N ARG S 322 26.77 -23.38 -5.10
CA ARG S 322 25.37 -23.12 -5.08
C ARG S 322 25.11 -21.70 -5.52
N GLY S 323 24.55 -21.56 -6.70
CA GLY S 323 24.23 -20.27 -7.25
C GLY S 323 24.51 -20.14 -8.72
N ILE S 324 24.47 -18.91 -9.19
CA ILE S 324 24.65 -18.64 -10.62
C ILE S 324 26.13 -18.75 -10.95
N MET S 325 26.47 -19.76 -11.76
CA MET S 325 27.83 -19.94 -12.25
C MET S 325 27.85 -19.61 -13.72
N GLU S 326 28.82 -18.79 -14.13
CA GLU S 326 29.10 -18.61 -15.56
C GLU S 326 30.23 -19.54 -16.02
N ASP S 327 31.06 -20.01 -15.11
CA ASP S 327 32.36 -20.59 -15.43
C ASP S 327 32.51 -22.03 -14.91
N LYS S 328 32.07 -23.01 -15.69
CA LYS S 328 32.33 -24.41 -15.34
C LYS S 328 33.79 -24.89 -15.47
N PRO S 329 34.54 -24.49 -16.53
CA PRO S 329 35.96 -24.96 -16.50
C PRO S 329 36.85 -24.11 -15.61
N LEU S 330 36.45 -22.88 -15.26
CA LEU S 330 37.17 -22.13 -14.22
C LEU S 330 36.84 -22.70 -12.85
N ALA S 331 35.63 -23.22 -12.71
CA ALA S 331 35.34 -24.16 -11.64
C ALA S 331 36.15 -25.43 -11.86
N ASP S 332 36.45 -26.12 -10.77
CA ASP S 332 37.13 -27.41 -10.74
C ASP S 332 38.61 -27.33 -11.12
N ALA S 333 39.04 -26.21 -11.69
CA ALA S 333 40.44 -25.94 -12.00
C ALA S 333 41.08 -25.08 -10.94
N ALA S 334 40.27 -24.28 -10.25
CA ALA S 334 40.71 -23.72 -9.00
C ALA S 334 40.93 -24.85 -7.97
N LEU S 335 40.07 -25.87 -8.00
CA LEU S 335 40.28 -27.04 -7.15
C LEU S 335 41.47 -27.86 -7.62
N ALA S 336 41.85 -27.75 -8.88
CA ALA S 336 43.05 -28.42 -9.36
C ALA S 336 44.30 -27.83 -8.74
N ALA S 337 44.30 -26.52 -8.52
CA ALA S 337 45.32 -25.90 -7.69
C ALA S 337 45.16 -26.35 -6.24
N MET S 338 43.91 -26.49 -5.80
CA MET S 338 43.66 -26.92 -4.43
C MET S 338 43.89 -28.41 -4.25
N ARG S 339 44.00 -29.18 -5.31
CA ARG S 339 44.47 -30.55 -5.17
C ARG S 339 45.96 -30.54 -4.82
N GLU S 340 46.70 -29.54 -5.29
CA GLU S 340 48.12 -29.39 -5.00
C GLU S 340 48.40 -28.66 -3.70
N LYS S 341 47.64 -27.61 -3.41
CA LYS S 341 47.87 -26.81 -2.22
C LYS S 341 47.52 -27.55 -0.91
N LEU S 342 46.38 -28.21 -0.92
CA LEU S 342 45.81 -28.73 0.29
C LEU S 342 46.44 -30.05 0.68
N PRO S 343 46.56 -30.31 1.98
CA PRO S 343 47.06 -31.64 2.38
C PRO S 343 46.00 -32.71 2.22
N LEU S 344 46.15 -33.52 1.17
CA LEU S 344 45.22 -34.60 0.92
C LEU S 344 45.78 -35.90 1.45
N THR S 345 44.99 -36.97 1.36
CA THR S 345 45.43 -38.26 1.87
C THR S 345 45.45 -39.26 0.74
N TYR S 346 46.59 -39.47 0.11
CA TYR S 346 46.78 -40.76 -0.62
C TYR S 346 46.75 -41.84 0.46
N TRP S 347 46.06 -42.93 0.12
CA TRP S 347 44.96 -43.54 0.88
C TRP S 347 43.65 -43.17 0.21
N ILE S 348 43.66 -42.07 -0.57
CA ILE S 348 42.61 -41.66 -1.53
C ILE S 348 43.34 -40.88 -2.62
N PRO S 349 43.17 -41.29 -3.88
CA PRO S 349 43.78 -40.55 -4.99
C PRO S 349 43.20 -39.18 -5.20
N THR S 350 41.87 -39.13 -5.24
CA THR S 350 41.20 -37.85 -5.42
C THR S 350 39.83 -37.93 -4.79
N ALA S 351 39.46 -36.77 -4.18
CA ALA S 351 38.18 -36.65 -3.53
C ALA S 351 37.81 -35.21 -3.49
N PHE S 352 36.96 -34.81 -4.43
CA PHE S 352 36.26 -33.54 -4.40
C PHE S 352 34.88 -33.76 -4.98
N LYS S 353 33.89 -34.10 -4.16
CA LYS S 353 32.54 -34.25 -4.65
C LYS S 353 31.92 -32.84 -4.88
N ILE S 354 31.69 -32.49 -6.14
CA ILE S 354 31.36 -31.12 -6.48
C ILE S 354 29.91 -31.03 -6.88
N GLY S 355 29.11 -30.37 -6.01
CA GLY S 355 27.71 -30.06 -6.26
C GLY S 355 27.58 -28.72 -6.91
N TYR S 356 26.73 -28.64 -7.92
CA TYR S 356 26.24 -27.38 -8.43
C TYR S 356 24.74 -27.34 -8.13
N VAL S 357 24.29 -26.16 -7.75
CA VAL S 357 22.88 -25.85 -7.62
C VAL S 357 22.66 -24.47 -8.27
N GLU S 358 21.81 -24.40 -9.27
CA GLU S 358 21.60 -23.14 -9.94
C GLU S 358 20.75 -22.19 -9.13
N GLN S 359 19.98 -22.71 -8.18
CA GLN S 359 19.16 -21.84 -7.35
C GLN S 359 20.05 -21.15 -6.32
N PRO S 360 20.14 -19.82 -6.37
CA PRO S 360 21.09 -19.14 -5.52
C PRO S 360 20.62 -19.05 -4.10
N GLY S 361 21.55 -18.71 -3.20
CA GLY S 361 21.23 -18.50 -1.81
C GLY S 361 20.43 -17.24 -1.58
N ILE S 362 19.94 -17.06 -0.37
CA ILE S 362 19.22 -15.86 -0.03
C ILE S 362 20.21 -14.70 0.14
N SER S 363 21.19 -14.91 1.00
CA SER S 363 22.16 -13.87 1.30
C SER S 363 23.20 -13.67 0.20
N HIS S 364 23.40 -14.68 -0.64
CA HIS S 364 24.49 -14.65 -1.61
C HIS S 364 24.02 -15.11 -2.97
N ARG S 365 24.68 -14.59 -3.99
CA ARG S 365 24.36 -14.93 -5.37
C ARG S 365 25.20 -16.10 -5.83
N LYS S 366 26.50 -16.03 -5.58
CA LYS S 366 27.43 -17.14 -5.86
C LYS S 366 27.94 -17.63 -4.54
N SER S 367 27.32 -18.65 -3.99
CA SER S 367 27.71 -19.15 -2.67
C SER S 367 28.33 -20.51 -2.78
N MET S 368 29.32 -20.78 -1.95
CA MET S 368 30.04 -22.02 -1.95
C MET S 368 30.00 -22.61 -0.56
N VAL S 369 29.83 -23.92 -0.47
CA VAL S 369 29.84 -24.62 0.80
C VAL S 369 30.83 -25.76 0.70
N LEU S 370 31.61 -25.94 1.73
CA LEU S 370 32.59 -26.99 1.78
C LEU S 370 32.12 -28.06 2.82
N LEU S 371 32.49 -29.32 2.60
CA LEU S 371 32.42 -30.35 3.62
C LEU S 371 33.67 -31.15 3.57
N ALA S 372 34.65 -30.76 4.33
CA ALA S 372 35.91 -31.48 4.35
C ALA S 372 35.94 -32.47 5.51
N ASN S 373 35.90 -33.75 5.21
CA ASN S 373 36.16 -34.77 6.21
C ASN S 373 37.69 -34.74 6.54
N ASN S 374 38.04 -34.02 7.59
CA ASN S 374 39.44 -33.73 7.92
C ASN S 374 39.96 -34.72 8.95
N THR S 375 41.27 -34.92 8.95
CA THR S 375 41.93 -35.62 10.05
C THR S 375 42.15 -34.73 11.28
N GLU S 376 42.03 -33.42 11.10
CA GLU S 376 42.15 -32.52 12.22
C GLU S 376 40.97 -32.57 13.16
N ILE S 377 39.91 -33.24 12.76
CA ILE S 377 38.72 -33.28 13.56
C ILE S 377 38.91 -34.25 14.72
N ALA S 378 39.97 -35.04 14.71
CA ALA S 378 40.43 -35.70 15.93
C ALA S 378 41.18 -34.76 16.86
N ARG S 379 41.76 -33.69 16.34
CA ARG S 379 42.47 -32.71 17.17
C ARG S 379 41.52 -31.79 17.92
N VAL S 380 40.31 -31.63 17.42
CA VAL S 380 39.25 -31.03 18.23
C VAL S 380 38.88 -32.00 19.34
N LEU S 381 38.72 -33.26 18.97
CA LEU S 381 38.34 -34.31 19.91
C LEU S 381 39.52 -34.85 20.72
N ASP S 382 40.74 -34.44 20.41
CA ASP S 382 41.87 -34.68 21.30
C ASP S 382 41.78 -33.75 22.52
N ARG S 383 41.28 -32.53 22.32
CA ARG S 383 41.04 -31.62 23.41
C ARG S 383 39.93 -32.16 24.32
N ILE S 384 38.89 -32.70 23.69
CA ILE S 384 37.77 -33.21 24.44
C ILE S 384 38.18 -34.52 25.16
N CYS S 385 39.03 -35.31 24.52
CA CYS S 385 39.53 -36.49 25.17
C CYS S 385 40.47 -36.13 26.35
N HIS S 386 41.22 -35.03 26.22
CA HIS S 386 42.10 -34.63 27.30
C HIS S 386 41.32 -33.97 28.44
N ASN S 387 40.35 -33.11 28.09
CA ASN S 387 39.51 -32.47 29.11
C ASN S 387 38.59 -33.46 29.79
N PHE S 388 38.36 -34.62 29.19
CA PHE S 388 37.66 -35.68 29.88
C PHE S 388 38.54 -36.32 30.92
N ASP S 389 39.80 -36.51 30.60
CA ASP S 389 40.69 -37.26 31.48
C ASP S 389 41.09 -36.44 32.72
N LYS S 390 41.21 -35.13 32.56
CA LYS S 390 41.45 -34.29 33.70
C LYS S 390 40.20 -34.30 34.62
N LEU S 391 39.02 -34.49 34.04
CA LEU S 391 37.79 -34.67 34.81
C LEU S 391 37.43 -36.12 34.97
N TRP S 392 38.40 -37.01 34.92
CA TRP S 392 38.15 -38.40 35.31
C TRP S 392 39.23 -39.00 36.21
N GLN S 393 40.44 -38.45 36.19
CA GLN S 393 41.44 -38.76 37.21
C GLN S 393 40.99 -38.33 38.61
N ARG S 394 40.32 -37.19 38.69
CA ARG S 394 39.69 -36.74 39.91
C ARG S 394 38.37 -37.48 40.16
N LYS S 395 37.84 -38.12 39.11
CA LYS S 395 36.45 -38.63 39.04
C LYS S 395 35.50 -37.50 39.34
N ALA S 396 35.42 -36.58 38.37
CA ALA S 396 34.74 -35.30 38.53
C ALA S 396 33.25 -35.51 38.66
N PHE S 397 32.49 -34.49 38.35
CA PHE S 397 31.57 -33.87 39.26
C PHE S 397 31.16 -34.57 40.54
N ALA S 398 30.36 -35.61 40.35
CA ALA S 398 29.80 -36.43 41.45
C ALA S 398 29.04 -37.64 40.83
N ASN S 399 28.20 -38.19 41.70
CA ASN S 399 27.08 -39.08 41.38
C ASN S 399 26.09 -38.67 40.26
N TRP S 400 26.17 -37.46 39.71
CA TRP S 400 25.21 -36.89 38.76
C TRP S 400 24.98 -37.74 37.53
N TYR S 401 26.04 -38.30 37.00
CA TYR S 401 25.90 -39.32 35.94
C TYR S 401 25.58 -40.68 36.50
N LEU S 402 26.06 -40.96 37.68
CA LEU S 402 26.04 -42.31 38.20
C LEU S 402 24.74 -42.63 38.88
N ASN S 403 24.06 -41.63 39.45
CA ASN S 403 22.79 -41.89 40.13
C ASN S 403 21.63 -42.07 39.18
N GLU S 404 21.75 -41.55 37.96
CA GLU S 404 20.68 -41.67 36.97
C GLU S 404 20.57 -43.06 36.36
N GLY S 405 21.63 -43.85 36.42
CA GLY S 405 21.65 -45.19 35.89
C GLY S 405 22.93 -45.60 35.20
N MET S 406 23.84 -44.67 34.97
CA MET S 406 25.10 -45.02 34.36
C MET S 406 26.06 -45.61 35.38
N SER S 407 27.08 -46.28 34.85
CA SER S 407 28.09 -46.96 35.67
C SER S 407 29.47 -46.49 35.30
N GLU S 408 30.40 -46.64 36.24
CA GLU S 408 31.80 -46.28 36.03
C GLU S 408 32.46 -47.20 35.00
N GLU S 409 31.94 -48.42 34.85
CA GLU S 409 32.41 -49.31 33.80
C GLU S 409 31.96 -48.80 32.43
N GLN S 410 30.75 -48.26 32.36
CA GLN S 410 30.22 -47.76 31.10
C GLN S 410 30.95 -46.49 30.65
N ILE S 411 31.25 -45.62 31.59
CA ILE S 411 31.89 -44.34 31.27
C ILE S 411 33.31 -44.56 30.76
N ASN S 412 34.01 -45.56 31.29
CA ASN S 412 35.33 -45.91 30.78
C ASN S 412 35.27 -46.55 29.41
N VAL S 413 34.16 -47.19 29.07
CA VAL S 413 33.97 -47.70 27.71
C VAL S 413 33.83 -46.55 26.73
N LEU S 414 33.05 -45.54 27.10
CA LEU S 414 32.74 -44.45 26.18
C LEU S 414 33.93 -43.53 26.01
N ARG S 415 34.80 -43.44 27.02
CA ARG S 415 36.09 -42.77 26.86
C ARG S 415 36.97 -43.55 25.93
N ALA S 416 36.95 -44.86 26.03
CA ALA S 416 37.70 -45.69 25.08
C ALA S 416 37.05 -45.63 23.69
N SER S 417 35.73 -45.57 23.63
CA SER S 417 35.05 -45.47 22.37
C SER S 417 35.26 -44.09 21.72
N ALA S 418 35.58 -43.09 22.51
CA ALA S 418 36.09 -41.84 21.94
C ALA S 418 37.60 -41.89 21.71
N GLN S 419 38.31 -42.70 22.47
CA GLN S 419 39.71 -42.95 22.15
C GLN S 419 39.84 -43.77 20.88
N GLU S 420 38.92 -44.71 20.67
CA GLU S 420 38.87 -45.44 19.41
C GLU S 420 38.52 -44.51 18.24
N LEU S 421 37.84 -43.41 18.53
CA LEU S 421 37.48 -42.42 17.51
C LEU S 421 38.69 -41.55 17.16
N VAL S 422 39.40 -41.05 18.17
CA VAL S 422 40.50 -40.15 17.96
C VAL S 422 41.65 -40.91 17.29
N GLN S 423 41.88 -42.16 17.67
CA GLN S 423 42.91 -42.95 17.02
C GLN S 423 42.51 -43.32 15.62
N SER S 424 41.22 -43.32 15.31
CA SER S 424 40.75 -43.71 13.99
C SER S 424 41.09 -42.69 12.94
N TYR S 425 41.32 -41.46 13.32
CA TYR S 425 41.97 -40.48 12.44
C TYR S 425 43.49 -40.54 12.57
N GLN S 426 43.97 -40.91 13.74
CA GLN S 426 45.41 -41.09 13.91
C GLN S 426 45.89 -42.34 13.17
N VAL S 427 45.02 -43.33 13.01
CA VAL S 427 45.25 -44.40 12.06
C VAL S 427 45.27 -43.81 10.66
N ALA S 428 44.32 -42.93 10.37
CA ALA S 428 44.14 -42.42 9.01
C ALA S 428 44.96 -41.20 8.70
N GLU S 429 45.80 -40.73 9.61
CA GLU S 429 46.64 -39.59 9.32
C GLU S 429 48.00 -40.03 8.80
N GLU S 430 48.70 -40.83 9.60
CA GLU S 430 50.03 -41.30 9.22
C GLU S 430 49.98 -42.36 8.13
N SER S 431 48.90 -43.13 8.04
CA SER S 431 48.71 -44.01 6.89
C SER S 431 48.29 -43.22 5.66
N GLY S 432 47.64 -42.09 5.87
CA GLY S 432 47.30 -41.17 4.81
C GLY S 432 48.36 -40.14 4.49
N ALA S 433 49.47 -40.17 5.23
CA ALA S 433 50.56 -39.24 5.02
C ALA S 433 51.38 -39.67 3.80
N ARG T 2 16.53 -51.70 -39.18
CA ARG T 2 17.67 -50.77 -38.80
C ARG T 2 17.13 -49.61 -38.01
N GLU T 3 16.61 -49.90 -36.81
CA GLU T 3 15.92 -48.91 -36.00
C GLU T 3 16.48 -48.97 -34.62
N ILE T 4 17.25 -47.97 -34.22
CA ILE T 4 18.14 -48.06 -33.05
C ILE T 4 17.41 -47.60 -31.80
N LEU T 5 17.33 -48.48 -30.82
CA LEU T 5 16.79 -48.13 -29.52
C LEU T 5 17.83 -47.30 -28.79
N SER T 6 17.38 -46.49 -27.85
CA SER T 6 18.28 -45.63 -27.10
C SER T 6 17.92 -45.75 -25.62
N ILE T 7 18.93 -45.72 -24.78
CA ILE T 7 18.74 -45.82 -23.35
C ILE T 7 19.55 -44.69 -22.77
N HIS T 8 18.97 -43.99 -21.83
CA HIS T 8 19.64 -42.85 -21.23
C HIS T 8 19.65 -42.96 -19.73
N VAL T 9 20.60 -43.68 -19.19
CA VAL T 9 20.61 -43.96 -17.79
C VAL T 9 21.51 -43.00 -17.06
N GLY T 10 21.11 -42.59 -15.88
CA GLY T 10 21.95 -41.72 -15.07
C GLY T 10 21.73 -40.26 -15.38
N GLN T 11 22.12 -39.38 -14.47
CA GLN T 11 21.97 -37.94 -14.68
C GLN T 11 22.82 -37.48 -15.83
N CYS T 12 24.02 -38.06 -15.99
CA CYS T 12 24.89 -37.74 -17.14
C CYS T 12 24.26 -38.16 -18.48
N GLY T 13 23.60 -39.30 -18.51
CA GLY T 13 23.01 -39.74 -19.74
C GLY T 13 21.74 -39.03 -20.09
N ASN T 14 20.91 -38.74 -19.08
CA ASN T 14 19.67 -38.07 -19.35
C ASN T 14 19.92 -36.61 -19.72
N GLN T 15 20.99 -36.00 -19.23
CA GLN T 15 21.31 -34.66 -19.64
C GLN T 15 21.84 -34.65 -21.06
N ILE T 16 22.43 -35.75 -21.52
CA ILE T 16 22.72 -35.89 -22.93
C ILE T 16 21.41 -36.10 -23.71
N ALA T 17 20.46 -36.78 -23.12
CA ALA T 17 19.19 -37.01 -23.80
C ALA T 17 18.43 -35.73 -24.05
N ASP T 18 18.60 -34.74 -23.18
CA ASP T 18 18.05 -33.44 -23.45
C ASP T 18 18.79 -32.80 -24.61
N SER T 19 20.09 -33.07 -24.74
CA SER T 19 20.87 -32.57 -25.88
C SER T 19 20.71 -33.39 -27.14
N PHE T 20 20.59 -34.69 -26.98
CA PHE T 20 20.50 -35.58 -28.12
C PHE T 20 19.12 -35.54 -28.78
N TRP T 21 18.08 -35.62 -27.99
CA TRP T 21 16.75 -35.59 -28.61
C TRP T 21 16.28 -34.17 -28.94
N ARG T 22 17.07 -33.16 -28.64
CA ARG T 22 16.88 -31.86 -29.26
C ARG T 22 17.76 -31.70 -30.48
N LEU T 23 18.73 -32.58 -30.71
CA LEU T 23 19.49 -32.61 -31.97
C LEU T 23 19.02 -33.66 -32.92
N ALA T 24 18.40 -34.72 -32.41
CA ALA T 24 17.81 -35.72 -33.28
C ALA T 24 16.53 -35.15 -33.91
N LEU T 25 15.81 -34.28 -33.20
CA LEU T 25 14.64 -33.65 -33.77
C LEU T 25 15.01 -32.59 -34.79
N ARG T 26 16.19 -32.00 -34.66
CA ARG T 26 16.61 -30.98 -35.60
C ARG T 26 17.12 -31.61 -36.89
N GLU T 27 17.90 -32.68 -36.79
CA GLU T 27 18.46 -33.31 -37.97
C GLU T 27 17.38 -34.02 -38.78
N HIS T 28 16.40 -34.62 -38.11
CA HIS T 28 15.22 -35.15 -38.81
C HIS T 28 14.19 -34.08 -39.12
N GLY T 29 14.38 -32.86 -38.60
CA GLY T 29 13.47 -31.77 -38.90
C GLY T 29 12.10 -31.94 -38.27
N LEU T 30 12.05 -32.21 -36.97
CA LEU T 30 10.81 -32.26 -36.24
C LEU T 30 10.76 -31.16 -35.18
N THR T 31 9.55 -30.81 -34.78
CA THR T 31 9.38 -29.87 -33.69
C THR T 31 9.57 -30.58 -32.36
N GLU T 32 9.59 -29.78 -31.30
CA GLU T 32 9.89 -30.29 -29.96
C GLU T 32 8.77 -31.12 -29.38
N ALA T 33 7.55 -30.96 -29.88
CA ALA T 33 6.42 -31.74 -29.40
C ALA T 33 6.44 -33.17 -29.91
N GLY T 34 7.14 -33.44 -31.00
CA GLY T 34 7.19 -34.78 -31.56
C GLY T 34 6.57 -34.93 -32.92
N THR T 35 5.94 -33.87 -33.44
CA THR T 35 5.28 -33.93 -34.74
C THR T 35 6.18 -33.37 -35.83
N LEU T 36 5.77 -33.57 -37.06
CA LEU T 36 6.57 -33.20 -38.20
C LEU T 36 6.50 -31.68 -38.39
N LYS T 37 7.65 -31.06 -38.65
CA LYS T 37 7.70 -29.62 -38.80
C LYS T 37 7.16 -29.23 -40.17
N SER T 46 15.25 -38.94 -45.71
CA SER T 46 15.52 -39.13 -44.28
C SER T 46 14.79 -40.36 -43.72
N ASN T 47 15.51 -41.20 -43.01
CA ASN T 47 14.95 -42.39 -42.41
C ASN T 47 14.61 -42.03 -40.96
N MET T 48 13.38 -41.60 -40.76
CA MET T 48 12.94 -41.21 -39.41
C MET T 48 12.61 -42.38 -38.50
N GLU T 49 12.59 -43.59 -39.09
CA GLU T 49 12.23 -44.78 -38.36
C GLU T 49 13.28 -45.22 -37.38
N VAL T 50 14.51 -44.71 -37.53
CA VAL T 50 15.63 -45.19 -36.70
C VAL T 50 15.52 -44.82 -35.25
N PHE T 51 15.41 -43.55 -35.00
CA PHE T 51 15.27 -43.03 -33.65
C PHE T 51 13.83 -42.94 -33.16
N PHE T 52 12.88 -42.76 -34.08
CA PHE T 52 11.56 -42.39 -33.73
C PHE T 52 10.58 -43.50 -34.06
N HIS T 53 9.72 -43.84 -33.10
CA HIS T 53 8.60 -44.73 -33.34
C HIS T 53 7.41 -43.94 -33.88
N LYS T 54 6.95 -44.30 -35.06
CA LYS T 54 5.80 -43.68 -35.66
C LYS T 54 4.53 -44.13 -34.97
N VAL T 55 4.05 -43.31 -34.03
CA VAL T 55 2.80 -43.60 -33.33
C VAL T 55 1.60 -43.26 -34.22
N ARG T 56 1.55 -42.03 -34.69
CA ARG T 56 0.49 -41.58 -35.58
C ARG T 56 1.11 -41.03 -36.85
N ASP T 57 0.27 -40.48 -37.70
CA ASP T 57 0.73 -39.93 -38.97
C ASP T 57 1.69 -38.75 -38.83
N GLY T 58 1.49 -37.92 -37.82
CA GLY T 58 2.33 -36.75 -37.61
C GLY T 58 3.32 -36.92 -36.49
N LYS T 59 2.89 -37.45 -35.35
CA LYS T 59 3.71 -37.46 -34.15
C LYS T 59 4.67 -38.64 -34.15
N TYR T 60 5.94 -38.34 -33.88
CA TYR T 60 7.00 -39.34 -33.80
C TYR T 60 7.55 -39.36 -32.39
N VAL T 61 7.22 -40.41 -31.66
CA VAL T 61 7.73 -40.62 -30.34
C VAL T 61 9.08 -41.31 -30.47
N PRO T 62 10.12 -40.80 -29.80
CA PRO T 62 11.44 -41.41 -29.91
C PRO T 62 11.57 -42.74 -29.23
N ARG T 63 12.52 -43.54 -29.69
CA ARG T 63 12.82 -44.84 -29.10
C ARG T 63 13.87 -44.68 -28.00
N ALA T 64 13.52 -43.92 -26.97
CA ALA T 64 14.37 -43.67 -25.82
C ALA T 64 13.69 -44.11 -24.57
N VAL T 65 14.39 -44.82 -23.70
CA VAL T 65 14.01 -44.94 -22.28
C VAL T 65 14.77 -43.86 -21.50
N LEU T 66 14.08 -43.07 -20.74
CA LEU T 66 14.76 -42.10 -19.90
C LEU T 66 14.87 -42.72 -18.51
N VAL T 67 15.60 -43.81 -18.41
CA VAL T 67 15.79 -44.51 -17.16
C VAL T 67 16.66 -43.70 -16.22
N ASP T 68 16.19 -43.49 -15.00
CA ASP T 68 16.80 -42.55 -14.10
C ASP T 68 16.40 -42.79 -12.67
N LEU T 69 17.35 -42.65 -11.78
CA LEU T 69 17.11 -42.43 -10.36
C LEU T 69 17.50 -40.98 -10.06
N GLU T 70 17.09 -40.43 -8.92
CA GLU T 70 17.01 -38.99 -8.67
C GLU T 70 16.13 -38.31 -9.71
N PRO T 71 14.82 -38.47 -9.62
CA PRO T 71 13.93 -38.01 -10.66
C PRO T 71 13.71 -36.50 -10.72
N GLY T 72 14.78 -35.73 -10.81
CA GLY T 72 14.65 -34.31 -11.01
C GLY T 72 15.23 -33.91 -12.34
N VAL T 73 15.96 -34.84 -12.96
CA VAL T 73 16.59 -34.57 -14.24
C VAL T 73 15.53 -34.55 -15.34
N ILE T 74 14.60 -35.50 -15.26
CA ILE T 74 13.53 -35.57 -16.24
C ILE T 74 12.46 -34.53 -15.89
N ALA T 75 12.41 -34.11 -14.64
CA ALA T 75 11.55 -33.00 -14.24
C ALA T 75 11.99 -31.70 -14.89
N ARG T 76 13.28 -31.59 -15.20
CA ARG T 76 13.74 -30.53 -16.08
C ARG T 76 13.28 -30.82 -17.52
N ILE T 77 13.37 -32.08 -17.95
CA ILE T 77 13.04 -32.44 -19.33
C ILE T 77 11.53 -32.35 -19.55
N GLU T 78 10.79 -33.14 -18.79
CA GLU T 78 9.34 -33.19 -18.93
C GLU T 78 8.59 -32.14 -18.12
N GLY T 79 9.25 -31.06 -17.74
CA GLY T 79 8.56 -29.92 -17.13
C GLY T 79 8.44 -28.73 -18.05
N GLY T 80 9.56 -28.36 -18.67
CA GLY T 80 9.66 -27.11 -19.41
C GLY T 80 9.07 -27.09 -20.81
N ASP T 81 9.71 -27.84 -21.71
CA ASP T 81 9.41 -27.71 -23.14
C ASP T 81 9.35 -29.05 -23.88
N MET T 82 9.47 -30.16 -23.17
CA MET T 82 9.70 -31.42 -23.84
C MET T 82 8.90 -32.55 -23.19
N SER T 83 7.81 -32.19 -22.52
CA SER T 83 6.94 -33.17 -21.86
C SER T 83 6.08 -33.92 -22.88
N GLN T 84 5.72 -33.25 -23.97
CA GLN T 84 4.87 -33.84 -25.00
C GLN T 84 5.65 -34.80 -25.89
N LEU T 85 6.97 -34.69 -25.91
CA LEU T 85 7.83 -35.47 -26.78
C LEU T 85 7.99 -36.93 -26.33
N PHE T 86 8.52 -37.11 -25.14
CA PHE T 86 8.79 -38.46 -24.65
C PHE T 86 7.51 -39.13 -24.22
N ASP T 87 7.42 -40.43 -24.44
CA ASP T 87 6.32 -41.22 -23.91
C ASP T 87 6.60 -41.57 -22.46
N GLU T 88 5.60 -41.48 -21.60
CA GLU T 88 5.84 -41.72 -20.19
C GLU T 88 5.72 -43.22 -19.84
N SER T 89 5.39 -44.06 -20.80
CA SER T 89 5.67 -45.48 -20.68
C SER T 89 7.02 -45.85 -21.28
N SER T 90 7.86 -44.85 -21.53
CA SER T 90 9.26 -45.04 -21.94
C SER T 90 10.21 -44.34 -20.96
N ILE T 91 10.03 -44.59 -19.67
CA ILE T 91 10.74 -43.83 -18.61
C ILE T 91 10.81 -44.69 -17.37
N VAL T 92 11.65 -44.34 -16.42
CA VAL T 92 11.47 -44.72 -15.04
C VAL T 92 12.03 -43.63 -14.12
N ARG T 93 11.27 -43.28 -13.09
CA ARG T 93 11.66 -42.28 -12.11
C ARG T 93 11.44 -42.91 -10.74
N LYS T 94 12.52 -43.06 -9.99
CA LYS T 94 12.41 -43.61 -8.66
C LYS T 94 13.39 -43.01 -7.69
N ILE T 95 12.90 -42.65 -6.51
CA ILE T 95 13.73 -42.29 -5.37
C ILE T 95 13.94 -43.58 -4.52
N PRO T 96 15.12 -43.74 -3.88
CA PRO T 96 16.33 -42.92 -3.84
C PRO T 96 17.12 -42.95 -5.11
N GLY T 97 18.30 -42.37 -5.09
CA GLY T 97 18.92 -41.97 -6.34
C GLY T 97 20.21 -42.63 -6.77
N ALA T 98 20.42 -43.90 -6.39
CA ALA T 98 21.64 -44.67 -6.74
C ALA T 98 22.87 -43.85 -6.36
N ALA T 99 23.04 -43.79 -5.05
CA ALA T 99 23.62 -42.71 -4.34
C ALA T 99 25.08 -42.44 -4.65
N ASN T 100 25.43 -42.19 -5.92
CA ASN T 100 26.80 -42.25 -6.43
C ASN T 100 27.49 -43.39 -5.87
N ASN T 101 26.92 -44.56 -6.11
CA ASN T 101 27.32 -45.78 -5.43
C ASN T 101 26.87 -46.87 -6.35
N TRP T 102 27.83 -47.61 -6.87
CA TRP T 102 27.57 -48.66 -7.85
C TRP T 102 26.66 -49.73 -7.29
N ALA T 103 26.86 -50.10 -6.04
CA ALA T 103 26.07 -51.11 -5.45
C ALA T 103 24.63 -50.68 -5.18
N ARG T 104 24.37 -49.38 -5.06
CA ARG T 104 23.00 -48.91 -5.06
C ARG T 104 22.41 -49.04 -6.46
N GLY T 105 23.14 -48.58 -7.45
CA GLY T 105 22.66 -48.60 -8.85
C GLY T 105 22.58 -49.94 -9.50
N TYR T 106 23.45 -50.86 -9.12
CA TYR T 106 23.47 -52.21 -9.71
C TYR T 106 22.61 -53.18 -8.91
N ASN T 107 22.59 -53.05 -7.59
CA ASN T 107 22.03 -54.06 -6.75
C ASN T 107 20.86 -53.56 -5.93
N VAL T 108 20.99 -52.43 -5.23
CA VAL T 108 19.97 -52.02 -4.28
C VAL T 108 18.78 -51.35 -4.98
N GLU T 109 19.04 -50.21 -5.60
CA GLU T 109 18.00 -49.51 -6.34
C GLU T 109 18.01 -49.84 -7.81
N GLY T 110 18.84 -50.80 -8.21
CA GLY T 110 18.87 -51.29 -9.58
C GLY T 110 17.90 -52.42 -9.82
N GLU T 111 17.87 -53.35 -8.88
CA GLU T 111 16.96 -54.48 -8.98
C GLU T 111 15.50 -54.08 -8.75
N LYS T 112 15.25 -52.89 -8.21
CA LYS T 112 13.91 -52.37 -8.11
C LYS T 112 13.38 -51.93 -9.47
N VAL T 113 14.24 -51.40 -10.32
CA VAL T 113 13.81 -50.83 -11.57
C VAL T 113 14.10 -51.69 -12.80
N ILE T 114 14.95 -52.69 -12.67
CA ILE T 114 15.41 -53.41 -13.85
C ILE T 114 14.31 -54.28 -14.46
N ASP T 115 13.34 -54.69 -13.68
CA ASP T 115 12.18 -55.35 -14.27
C ASP T 115 11.32 -54.35 -15.03
N GLN T 116 11.31 -53.09 -14.59
CA GLN T 116 10.58 -52.06 -15.30
C GLN T 116 11.38 -51.55 -16.49
N ILE T 117 12.71 -51.53 -16.39
CA ILE T 117 13.54 -51.08 -17.50
C ILE T 117 13.40 -52.02 -18.69
N MET T 118 13.57 -53.31 -18.42
CA MET T 118 13.53 -54.30 -19.48
C MET T 118 12.16 -54.42 -20.13
N ASN T 119 11.11 -54.35 -19.34
CA ASN T 119 9.75 -54.44 -19.88
C ASN T 119 9.29 -53.15 -20.53
N VAL T 120 10.10 -52.11 -20.50
CA VAL T 120 9.85 -50.88 -21.25
C VAL T 120 10.70 -50.90 -22.49
N ILE T 121 11.89 -51.47 -22.39
CA ILE T 121 12.69 -51.78 -23.58
C ILE T 121 11.93 -52.81 -24.44
N ASP T 122 11.41 -53.86 -23.83
CA ASP T 122 10.72 -54.90 -24.57
C ASP T 122 9.40 -54.40 -25.17
N SER T 123 8.79 -53.41 -24.55
CA SER T 123 7.63 -52.78 -25.16
C SER T 123 8.01 -51.76 -26.21
N ALA T 124 9.30 -51.46 -26.34
CA ALA T 124 9.80 -50.54 -27.36
C ALA T 124 10.53 -51.26 -28.50
N VAL T 125 10.86 -52.52 -28.33
CA VAL T 125 11.56 -53.26 -29.38
C VAL T 125 10.66 -54.30 -29.98
N GLU T 126 9.51 -54.57 -29.36
CA GLU T 126 8.44 -55.34 -30.02
C GLU T 126 7.60 -54.46 -30.93
N LYS T 127 7.84 -53.14 -30.88
CA LYS T 127 7.33 -52.21 -31.89
C LYS T 127 8.31 -52.07 -33.08
N THR T 128 9.19 -53.05 -33.26
CA THR T 128 10.31 -52.96 -34.18
C THR T 128 10.53 -54.41 -34.67
N LYS T 129 10.28 -54.78 -35.95
CA LYS T 129 10.44 -54.05 -37.24
C LYS T 129 11.83 -53.47 -37.43
N GLY T 130 12.85 -54.34 -37.34
CA GLY T 130 14.23 -53.98 -37.67
C GLY T 130 15.04 -53.31 -36.57
N LEU T 131 15.18 -54.01 -35.44
CA LEU T 131 16.01 -53.51 -34.34
C LEU T 131 17.44 -53.90 -34.62
N GLN T 132 18.33 -52.93 -34.47
CA GLN T 132 19.72 -53.18 -34.73
C GLN T 132 20.62 -52.87 -33.56
N GLY T 133 20.37 -51.77 -32.87
CA GLY T 133 21.36 -51.32 -31.91
C GLY T 133 20.78 -50.73 -30.66
N PHE T 134 21.68 -50.35 -29.76
CA PHE T 134 21.34 -49.65 -28.53
C PHE T 134 22.30 -48.54 -28.32
N LEU T 135 21.89 -47.28 -28.47
CA LEU T 135 22.76 -46.17 -28.15
C LEU T 135 22.47 -45.87 -26.71
N MET T 136 23.15 -46.61 -25.84
CA MET T 136 22.95 -46.47 -24.42
C MET T 136 23.90 -45.42 -23.92
N THR T 137 23.33 -44.35 -23.39
CA THR T 137 24.08 -43.14 -23.08
C THR T 137 24.17 -42.92 -21.61
N HIS T 138 25.38 -42.89 -21.08
CA HIS T 138 25.57 -42.66 -19.65
C HIS T 138 26.94 -42.17 -19.37
N SER T 139 27.32 -42.21 -18.10
CA SER T 139 28.70 -42.04 -17.68
C SER T 139 29.18 -43.27 -16.98
N ILE T 140 30.49 -43.41 -16.85
CA ILE T 140 31.06 -44.47 -16.03
C ILE T 140 31.50 -43.84 -14.73
N GLY T 141 30.91 -42.73 -14.36
CA GLY T 141 31.40 -42.09 -13.17
C GLY T 141 30.52 -42.23 -11.96
N GLY T 142 29.22 -42.12 -12.13
CA GLY T 142 28.34 -41.96 -11.00
C GLY T 142 27.89 -43.28 -10.41
N GLY T 143 26.66 -43.32 -9.96
CA GLY T 143 26.08 -44.52 -9.39
C GLY T 143 24.83 -44.96 -10.10
N SER T 144 24.22 -44.06 -10.84
CA SER T 144 23.07 -44.35 -11.65
C SER T 144 23.48 -44.63 -13.08
N GLY T 145 24.34 -43.81 -13.63
CA GLY T 145 24.81 -44.04 -15.00
C GLY T 145 25.78 -45.16 -15.11
N SER T 146 26.54 -45.37 -14.06
CA SER T 146 27.54 -46.41 -14.06
C SER T 146 27.09 -47.66 -13.30
N GLY T 147 26.23 -47.49 -12.32
CA GLY T 147 25.73 -48.64 -11.60
C GLY T 147 24.58 -49.31 -12.33
N LEU T 148 23.51 -48.57 -12.60
CA LEU T 148 22.41 -49.12 -13.32
C LEU T 148 22.75 -49.23 -14.78
N GLY T 149 23.69 -48.44 -15.26
CA GLY T 149 24.23 -48.65 -16.61
C GLY T 149 24.99 -49.93 -16.75
N SER T 150 25.64 -50.36 -15.71
CA SER T 150 26.27 -51.68 -15.71
C SER T 150 25.24 -52.80 -15.61
N LEU T 151 24.07 -52.55 -15.05
CA LEU T 151 23.07 -53.57 -14.86
C LEU T 151 22.28 -53.75 -16.12
N ILE T 152 21.94 -52.67 -16.83
CA ILE T 152 21.19 -52.72 -18.07
C ILE T 152 22.02 -53.44 -19.13
N LEU T 153 23.30 -53.17 -19.21
CA LEU T 153 24.18 -53.85 -20.15
C LEU T 153 24.23 -55.34 -19.95
N GLU T 154 24.09 -55.81 -18.71
CA GLU T 154 24.01 -57.23 -18.48
C GLU T 154 22.69 -57.74 -18.98
N ARG T 155 21.61 -57.13 -18.54
CA ARG T 155 20.27 -57.69 -18.81
C ARG T 155 19.88 -57.52 -20.27
N LEU T 156 20.43 -56.54 -20.95
CA LEU T 156 20.14 -56.34 -22.37
C LEU T 156 20.93 -57.31 -23.24
N ARG T 157 22.16 -57.61 -22.89
CA ARG T 157 22.92 -58.62 -23.61
C ARG T 157 22.39 -60.05 -23.30
N GLN T 158 21.92 -60.27 -22.08
CA GLN T 158 21.29 -61.54 -21.76
C GLN T 158 19.96 -61.70 -22.45
N ALA T 159 19.32 -60.61 -22.84
CA ALA T 159 18.06 -60.66 -23.60
C ALA T 159 18.26 -60.59 -25.10
N TYR T 160 19.28 -59.86 -25.55
CA TYR T 160 19.54 -59.67 -27.01
C TYR T 160 21.01 -59.91 -27.30
N PRO T 161 21.42 -61.18 -27.35
CA PRO T 161 22.85 -61.46 -27.46
C PRO T 161 23.38 -61.31 -28.88
N LYS T 162 22.52 -61.00 -29.84
CA LYS T 162 22.93 -60.86 -31.22
C LYS T 162 22.63 -59.48 -31.76
N LYS T 163 22.61 -58.47 -30.90
CA LYS T 163 22.39 -57.09 -31.29
C LYS T 163 23.46 -56.19 -30.70
N ARG T 164 23.89 -55.22 -31.48
CA ARG T 164 25.02 -54.38 -31.11
C ARG T 164 24.66 -53.40 -30.05
N ILE T 165 25.37 -53.40 -28.93
CA ILE T 165 25.08 -52.50 -27.84
C ILE T 165 26.15 -51.44 -27.70
N PHE T 166 25.91 -50.25 -28.22
CA PHE T 166 26.89 -49.18 -28.14
C PHE T 166 26.72 -48.29 -26.94
N THR T 167 27.73 -48.26 -26.11
CA THR T 167 27.72 -47.52 -24.88
C THR T 167 28.39 -46.20 -25.11
N PHE T 168 27.70 -45.10 -24.78
CA PHE T 168 28.29 -43.77 -24.97
C PHE T 168 28.60 -43.18 -23.63
N SER T 169 29.76 -43.57 -23.09
CA SER T 169 30.11 -43.28 -21.71
C SER T 169 30.69 -41.90 -21.61
N VAL T 170 30.82 -41.43 -20.37
CA VAL T 170 31.55 -40.21 -20.09
C VAL T 170 32.48 -40.58 -18.94
N VAL T 171 33.77 -40.57 -19.23
CA VAL T 171 34.78 -41.01 -18.29
C VAL T 171 34.89 -39.96 -17.18
N PRO T 172 35.26 -40.37 -15.95
CA PRO T 172 35.71 -39.41 -14.96
C PRO T 172 36.87 -38.59 -15.45
N SER T 173 36.88 -37.34 -15.02
CA SER T 173 37.87 -36.40 -15.50
C SER T 173 39.25 -36.75 -14.89
N PRO T 174 40.31 -36.58 -15.66
CA PRO T 174 41.65 -36.78 -15.13
C PRO T 174 42.07 -35.55 -14.30
N LEU T 175 41.32 -34.46 -14.46
CA LEU T 175 41.64 -33.15 -13.92
C LEU T 175 41.43 -33.14 -12.42
N ILE T 176 40.18 -33.34 -11.99
CA ILE T 176 39.91 -33.73 -10.60
C ILE T 176 38.83 -34.80 -10.63
N SER T 177 38.40 -35.21 -9.44
CA SER T 177 37.42 -36.22 -9.28
C SER T 177 36.04 -35.90 -9.88
N ASP T 178 35.34 -34.95 -9.27
CA ASP T 178 33.87 -34.68 -9.40
C ASP T 178 32.97 -35.70 -8.66
N SER T 179 33.58 -36.77 -8.16
CA SER T 179 32.99 -37.70 -7.21
C SER T 179 34.08 -38.49 -6.53
N ALA T 180 33.87 -38.81 -5.26
CA ALA T 180 34.93 -39.31 -4.41
C ALA T 180 35.27 -40.79 -4.73
N VAL T 181 34.21 -41.54 -5.00
CA VAL T 181 34.25 -42.98 -5.12
C VAL T 181 34.19 -43.28 -6.61
N GLU T 182 34.51 -42.30 -7.41
CA GLU T 182 34.36 -42.39 -8.89
C GLU T 182 35.30 -43.34 -9.62
N PRO T 183 36.60 -43.46 -9.21
CA PRO T 183 37.40 -44.56 -9.79
C PRO T 183 36.99 -45.98 -9.41
N TYR T 184 36.19 -46.14 -8.38
CA TYR T 184 35.56 -47.41 -8.16
C TYR T 184 34.47 -47.63 -9.17
N ASN T 185 33.70 -46.58 -9.47
CA ASN T 185 32.50 -46.77 -10.26
C ASN T 185 32.78 -46.99 -11.73
N ALA T 186 33.97 -46.64 -12.19
CA ALA T 186 34.36 -46.89 -13.56
C ALA T 186 34.71 -48.37 -13.75
N ILE T 187 35.56 -48.88 -12.89
CA ILE T 187 36.08 -50.24 -13.06
C ILE T 187 34.99 -51.25 -12.80
N LEU T 188 34.03 -50.95 -11.93
CA LEU T 188 32.87 -51.78 -11.78
C LEU T 188 31.94 -51.71 -13.02
N THR T 189 32.04 -50.64 -13.82
CA THR T 189 31.26 -50.48 -15.02
C THR T 189 32.01 -50.87 -16.26
N LEU T 190 33.28 -50.47 -16.35
CA LEU T 190 34.11 -50.85 -17.48
C LEU T 190 34.34 -52.35 -17.58
N GLN T 191 34.10 -53.09 -16.51
CA GLN T 191 34.03 -54.51 -16.59
C GLN T 191 32.86 -54.87 -17.43
N ARG T 192 31.69 -54.42 -17.06
CA ARG T 192 30.45 -54.89 -17.71
C ARG T 192 30.27 -54.32 -19.10
N ILE T 193 30.93 -53.22 -19.40
CA ILE T 193 30.97 -52.74 -20.78
C ILE T 193 31.86 -53.66 -21.63
N LEU T 194 33.01 -54.04 -21.06
CA LEU T 194 33.94 -54.96 -21.71
C LEU T 194 33.35 -56.36 -21.92
N ASP T 195 32.43 -56.75 -21.04
CA ASP T 195 31.81 -58.06 -21.12
C ASP T 195 30.59 -58.10 -22.02
N ASN T 196 29.86 -56.99 -22.13
CA ASN T 196 28.57 -57.02 -22.82
C ASN T 196 28.50 -56.14 -24.06
N ALA T 197 28.94 -54.88 -23.95
CA ALA T 197 28.80 -53.93 -25.06
C ALA T 197 29.78 -54.23 -26.18
N ASP T 198 29.30 -54.13 -27.41
CA ASP T 198 30.10 -54.44 -28.57
C ASP T 198 31.07 -53.35 -28.96
N GLY T 199 30.80 -52.13 -28.53
CA GLY T 199 31.76 -51.04 -28.73
C GLY T 199 31.36 -49.83 -27.93
N ALA T 200 32.28 -49.27 -27.14
CA ALA T 200 31.97 -48.12 -26.31
C ALA T 200 32.68 -46.88 -26.84
N VAL T 201 32.01 -45.73 -26.73
CA VAL T 201 32.66 -44.47 -27.01
C VAL T 201 32.95 -43.80 -25.68
N LEU T 202 34.23 -43.74 -25.33
CA LEU T 202 34.62 -43.10 -24.10
C LEU T 202 34.83 -41.60 -24.35
N LEU T 203 34.09 -40.78 -23.62
CA LEU T 203 34.19 -39.33 -23.71
C LEU T 203 34.65 -38.81 -22.35
N ASP T 204 35.23 -37.63 -22.37
CA ASP T 204 35.91 -37.10 -21.22
C ASP T 204 35.56 -35.61 -21.03
N ASN T 205 35.08 -35.29 -19.83
CA ASN T 205 34.69 -33.93 -19.55
C ASN T 205 35.84 -32.95 -19.46
N GLU T 206 37.09 -33.42 -19.35
CA GLU T 206 38.20 -32.51 -19.49
C GLU T 206 38.36 -32.06 -20.95
N ALA T 207 38.31 -33.01 -21.88
CA ALA T 207 38.33 -32.67 -23.30
C ALA T 207 37.03 -32.01 -23.74
N LEU T 208 35.91 -32.39 -23.15
CA LEU T 208 34.66 -31.73 -23.49
C LEU T 208 34.63 -30.29 -22.97
N PHE T 209 35.36 -29.98 -21.91
CA PHE T 209 35.51 -28.61 -21.51
C PHE T 209 36.37 -27.85 -22.46
N ARG T 210 37.53 -28.39 -22.83
CA ARG T 210 38.49 -27.67 -23.66
C ARG T 210 38.00 -27.39 -25.10
N ILE T 211 37.42 -28.39 -25.73
CA ILE T 211 37.00 -28.29 -27.11
C ILE T 211 35.78 -27.38 -27.24
N ALA T 212 34.93 -27.38 -26.22
CA ALA T 212 33.82 -26.43 -26.14
C ALA T 212 34.31 -25.05 -25.76
N LYS T 213 35.43 -24.95 -25.06
CA LYS T 213 36.00 -23.66 -24.72
C LYS T 213 36.56 -23.00 -25.96
N ALA T 214 37.15 -23.79 -26.85
CA ALA T 214 37.60 -23.28 -28.14
C ALA T 214 36.46 -23.13 -29.13
N LYS T 215 35.33 -23.80 -28.90
CA LYS T 215 34.17 -23.65 -29.78
C LYS T 215 33.48 -22.34 -29.49
N LEU T 216 32.99 -22.18 -28.27
CA LEU T 216 32.16 -21.04 -27.93
C LEU T 216 33.01 -19.90 -27.41
N ASN T 217 32.55 -18.68 -27.62
CA ASN T 217 33.11 -17.50 -26.96
C ASN T 217 32.32 -17.24 -25.69
N ARG T 218 32.27 -18.29 -24.86
CA ARG T 218 31.40 -18.37 -23.69
C ARG T 218 31.85 -19.59 -22.91
N SER T 219 31.93 -19.45 -21.59
CA SER T 219 32.38 -20.55 -20.73
C SER T 219 31.29 -21.62 -20.67
N PRO T 220 31.64 -22.88 -20.98
CA PRO T 220 30.62 -23.89 -21.21
C PRO T 220 29.91 -24.36 -19.96
N ASN T 221 28.84 -25.10 -20.19
CA ASN T 221 28.17 -25.85 -19.12
C ASN T 221 27.79 -27.21 -19.69
N TYR T 222 27.32 -28.09 -18.83
CA TYR T 222 27.05 -29.43 -19.28
C TYR T 222 25.88 -29.53 -20.22
N MET T 223 25.18 -28.45 -20.57
CA MET T 223 24.34 -28.48 -21.75
C MET T 223 25.17 -28.22 -22.99
N ASP T 224 26.15 -27.31 -22.91
CA ASP T 224 27.00 -27.03 -24.06
C ASP T 224 28.01 -28.10 -24.33
N LEU T 225 28.45 -28.79 -23.30
CA LEU T 225 29.36 -29.95 -23.48
C LEU T 225 28.67 -31.11 -24.18
N ASN T 226 27.38 -31.31 -23.89
CA ASN T 226 26.71 -32.46 -24.42
C ASN T 226 26.39 -32.31 -25.88
N ASN T 227 26.33 -31.09 -26.39
CA ASN T 227 26.12 -30.91 -27.83
C ASN T 227 27.32 -31.36 -28.63
N ILE T 228 28.51 -31.46 -28.04
CA ILE T 228 29.60 -32.17 -28.70
C ILE T 228 29.29 -33.67 -28.69
N ILE T 229 28.79 -34.18 -27.57
CA ILE T 229 28.47 -35.58 -27.44
C ILE T 229 27.28 -35.87 -28.35
N ALA T 230 26.23 -35.06 -28.26
CA ALA T 230 25.00 -35.32 -28.95
C ALA T 230 25.18 -35.32 -30.43
N LEU T 231 26.20 -34.67 -30.96
CA LEU T 231 26.55 -34.82 -32.39
C LEU T 231 27.29 -36.10 -32.64
N ILE T 232 28.21 -36.43 -31.77
CA ILE T 232 28.92 -37.70 -31.87
C ILE T 232 27.92 -38.89 -31.71
N VAL T 233 26.97 -38.83 -30.78
CA VAL T 233 25.94 -39.83 -30.64
C VAL T 233 25.13 -39.92 -31.93
N SER T 234 24.88 -38.77 -32.57
CA SER T 234 24.14 -38.74 -33.85
C SER T 234 25.01 -39.10 -35.06
N SER T 235 26.25 -38.65 -35.12
CA SER T 235 27.08 -38.86 -36.29
C SER T 235 27.52 -40.29 -36.47
N VAL T 236 27.60 -41.04 -35.37
CA VAL T 236 27.87 -42.47 -35.44
C VAL T 236 26.74 -43.15 -36.17
N THR T 237 25.51 -42.75 -35.88
CA THR T 237 24.33 -43.39 -36.43
C THR T 237 23.58 -42.45 -37.35
N ALA T 238 24.31 -41.73 -38.18
CA ALA T 238 23.71 -40.96 -39.25
C ALA T 238 24.13 -41.41 -40.61
N SER T 239 25.05 -42.35 -40.69
CA SER T 239 25.17 -43.12 -41.95
C SER T 239 24.20 -44.28 -41.97
N LEU T 240 23.48 -44.48 -40.88
CA LEU T 240 22.46 -45.50 -40.73
C LEU T 240 21.08 -44.92 -41.06
N ARG T 241 20.89 -43.61 -40.94
CA ARG T 241 19.62 -42.97 -41.18
C ARG T 241 19.63 -41.88 -42.25
N PHE T 242 20.79 -41.28 -42.53
CA PHE T 242 20.97 -40.41 -43.70
C PHE T 242 21.97 -41.14 -44.57
N PRO T 243 21.48 -41.98 -45.50
CA PRO T 243 22.32 -43.04 -46.06
C PRO T 243 23.54 -42.58 -46.85
N GLY T 244 23.33 -41.82 -47.91
CA GLY T 244 24.46 -41.36 -48.72
C GLY T 244 25.22 -42.49 -49.36
N LYS T 245 26.53 -42.32 -49.49
CA LYS T 245 27.38 -43.37 -50.06
C LYS T 245 28.27 -43.92 -48.96
N LEU T 246 28.82 -45.12 -49.16
CA LEU T 246 29.54 -45.89 -48.12
C LEU T 246 28.71 -46.02 -46.84
N ASN T 247 27.62 -46.76 -46.97
CA ASN T 247 26.68 -46.92 -45.89
C ASN T 247 27.34 -47.70 -44.77
N THR T 248 27.60 -47.03 -43.65
CA THR T 248 28.18 -47.63 -42.48
C THR T 248 27.11 -47.82 -41.42
N ASP T 249 26.69 -49.06 -41.23
CA ASP T 249 25.76 -49.38 -40.17
C ASP T 249 26.47 -49.60 -38.85
N LEU T 250 25.73 -49.98 -37.84
CA LEU T 250 26.30 -50.23 -36.54
C LEU T 250 27.07 -51.53 -36.49
N SER T 251 26.81 -52.45 -37.41
CA SER T 251 27.56 -53.68 -37.46
C SER T 251 29.00 -53.49 -37.98
N GLU T 252 29.24 -52.38 -38.66
CA GLU T 252 30.58 -52.07 -39.17
C GLU T 252 31.39 -51.22 -38.23
N PHE T 253 30.88 -50.88 -37.07
CA PHE T 253 31.73 -50.24 -36.07
C PHE T 253 32.29 -51.27 -35.10
N VAL T 254 31.95 -52.55 -35.29
CA VAL T 254 32.50 -53.64 -34.49
C VAL T 254 33.49 -54.45 -35.32
N THR T 255 33.15 -54.72 -36.57
CA THR T 255 34.02 -55.50 -37.42
C THR T 255 35.20 -54.68 -37.84
N ASN T 256 35.01 -53.41 -38.11
CA ASN T 256 36.12 -52.57 -38.63
C ASN T 256 37.02 -51.97 -37.56
N LEU T 257 36.42 -51.52 -36.47
CA LEU T 257 37.15 -50.73 -35.48
C LEU T 257 37.58 -51.52 -34.29
N VAL T 258 37.15 -52.77 -34.13
CA VAL T 258 37.48 -53.55 -32.95
C VAL T 258 38.27 -54.76 -33.38
N PRO T 259 39.62 -54.66 -33.38
CA PRO T 259 40.43 -55.78 -33.84
C PRO T 259 40.44 -57.02 -32.94
N PHE T 260 40.76 -56.80 -31.68
CA PHE T 260 40.81 -57.89 -30.68
C PHE T 260 39.51 -57.91 -29.90
N PRO T 261 39.16 -59.03 -29.26
CA PRO T 261 37.89 -59.06 -28.53
C PRO T 261 37.80 -58.19 -27.27
N GLY T 262 38.83 -57.42 -26.93
CA GLY T 262 38.74 -56.48 -25.81
C GLY T 262 38.78 -55.03 -26.19
N ASN T 263 39.43 -54.71 -27.30
CA ASN T 263 39.72 -53.31 -27.65
C ASN T 263 38.54 -52.65 -28.37
N HIS T 264 37.51 -52.31 -27.59
CA HIS T 264 36.33 -51.71 -28.12
C HIS T 264 35.92 -50.46 -27.39
N PHE T 265 36.89 -49.61 -27.07
CA PHE T 265 36.64 -48.34 -26.37
C PHE T 265 37.17 -47.24 -27.29
N LEU T 266 36.25 -46.50 -27.90
CA LEU T 266 36.53 -45.64 -29.02
C LEU T 266 36.57 -44.17 -28.61
N THR T 267 37.49 -43.44 -29.22
CA THR T 267 37.69 -42.03 -28.90
C THR T 267 37.22 -41.19 -30.09
N ALA T 268 36.09 -40.52 -29.92
CA ALA T 268 35.42 -39.86 -31.03
C ALA T 268 35.56 -38.42 -31.03
N SER T 269 35.96 -37.85 -32.16
CA SER T 269 36.00 -36.40 -32.37
C SER T 269 34.89 -35.91 -33.21
N PHE T 270 34.69 -34.60 -33.18
CA PHE T 270 33.79 -33.98 -34.11
C PHE T 270 34.46 -32.79 -34.71
N ALA T 271 34.10 -32.50 -35.95
CA ALA T 271 34.53 -31.31 -36.70
C ALA T 271 33.41 -30.93 -37.62
N PRO T 272 33.18 -29.64 -37.87
CA PRO T 272 33.89 -28.46 -37.50
C PRO T 272 33.68 -27.92 -36.09
N MET T 273 34.76 -27.65 -35.36
CA MET T 273 34.70 -26.99 -34.08
C MET T 273 35.79 -25.91 -33.96
N GLN T 281 24.97 -21.22 -40.92
CA GLN T 281 25.33 -22.61 -41.17
C GLN T 281 26.83 -22.72 -41.45
N VAL T 282 27.54 -23.46 -40.60
CA VAL T 282 29.00 -23.49 -40.63
C VAL T 282 29.49 -24.33 -41.78
N ARG T 283 30.17 -23.67 -42.73
CA ARG T 283 30.80 -24.36 -43.86
C ARG T 283 32.28 -24.52 -43.60
N THR T 284 32.86 -25.55 -44.18
CA THR T 284 34.29 -25.81 -44.07
C THR T 284 34.77 -26.42 -45.38
N ASN T 285 35.83 -25.86 -45.93
CA ASN T 285 36.25 -26.16 -47.29
C ASN T 285 36.79 -27.58 -47.48
N PHE T 286 37.14 -28.25 -46.39
CA PHE T 286 37.52 -29.66 -46.37
C PHE T 286 38.82 -30.03 -47.12
N PRO T 287 39.93 -29.34 -46.86
CA PRO T 287 41.18 -30.07 -46.71
C PRO T 287 41.64 -29.96 -45.28
N ASP T 288 40.98 -29.08 -44.55
CA ASP T 288 41.33 -28.69 -43.19
C ASP T 288 40.38 -29.30 -42.17
N LEU T 289 39.20 -29.73 -42.60
CA LEU T 289 38.28 -30.48 -41.74
C LEU T 289 38.89 -31.80 -41.42
N ALA T 290 39.52 -32.46 -42.38
CA ALA T 290 40.24 -33.72 -42.08
C ALA T 290 41.45 -33.48 -41.16
N ARG T 291 42.05 -32.31 -41.21
CA ARG T 291 43.06 -31.91 -40.25
C ARG T 291 42.45 -31.46 -38.93
N GLU T 292 41.18 -31.10 -38.94
CA GLU T 292 40.44 -30.75 -37.73
C GLU T 292 39.79 -31.97 -37.09
N THR T 293 39.36 -32.92 -37.91
CA THR T 293 38.77 -34.14 -37.45
C THR T 293 39.81 -34.97 -36.73
N PHE T 294 40.98 -35.14 -37.34
CA PHE T 294 42.05 -35.92 -36.71
C PHE T 294 43.09 -35.03 -36.08
N ALA T 295 42.65 -33.91 -35.52
CA ALA T 295 43.49 -33.14 -34.59
C ALA T 295 43.60 -33.95 -33.30
N GLN T 296 44.79 -33.96 -32.69
CA GLN T 296 44.96 -34.67 -31.44
C GLN T 296 44.22 -34.00 -30.31
N ASP T 297 44.05 -32.69 -30.39
CA ASP T 297 43.32 -31.93 -29.40
C ASP T 297 41.83 -31.92 -29.63
N ASN T 298 41.37 -32.39 -30.78
CA ASN T 298 39.93 -32.48 -31.03
C ASN T 298 39.32 -33.83 -30.63
N PHE T 299 40.14 -34.83 -30.33
CA PHE T 299 39.62 -36.08 -29.82
C PHE T 299 39.14 -35.87 -28.40
N THR T 300 38.01 -36.48 -28.12
CA THR T 300 37.29 -36.21 -26.91
C THR T 300 37.64 -37.27 -25.89
N ALA T 301 38.90 -37.28 -25.51
CA ALA T 301 39.43 -38.09 -24.37
C ALA T 301 40.86 -37.63 -24.10
N ALA T 302 41.33 -37.79 -22.86
CA ALA T 302 42.71 -37.49 -22.54
C ALA T 302 43.62 -38.71 -22.79
N ILE T 303 43.56 -39.22 -24.00
CA ILE T 303 44.33 -40.36 -24.41
C ILE T 303 45.81 -40.00 -24.54
N ASP T 304 46.65 -41.03 -24.50
CA ASP T 304 48.07 -40.86 -24.61
C ASP T 304 48.48 -40.70 -26.07
N TRP T 305 49.50 -39.89 -26.30
CA TRP T 305 49.95 -39.57 -27.65
C TRP T 305 51.43 -39.82 -27.89
N GLN T 306 52.27 -39.52 -26.92
CA GLN T 306 53.69 -39.73 -27.06
C GLN T 306 54.05 -41.20 -26.90
N GLN T 307 53.12 -41.99 -26.34
CA GLN T 307 53.31 -43.45 -26.25
C GLN T 307 52.03 -44.13 -26.73
N GLY T 308 51.56 -43.71 -27.88
CA GLY T 308 50.28 -44.19 -28.38
C GLY T 308 50.21 -44.27 -29.89
N VAL T 309 49.99 -45.48 -30.40
CA VAL T 309 49.75 -45.68 -31.83
C VAL T 309 48.36 -46.27 -31.98
N TYR T 310 47.70 -45.88 -33.08
CA TYR T 310 46.29 -46.23 -33.22
C TYR T 310 46.18 -47.71 -33.50
N LEU T 311 44.94 -48.19 -33.53
CA LEU T 311 44.67 -49.50 -34.02
C LEU T 311 43.85 -49.27 -35.33
N ALA T 312 42.70 -48.61 -35.24
CA ALA T 312 41.73 -48.54 -36.32
C ALA T 312 40.94 -47.27 -36.16
N ALA T 313 41.11 -46.32 -37.06
CA ALA T 313 40.38 -45.09 -37.02
C ALA T 313 39.23 -45.17 -37.99
N SER T 314 38.26 -44.29 -37.79
CA SER T 314 37.08 -44.21 -38.67
C SER T 314 36.95 -42.76 -39.07
N ALA T 315 36.12 -42.50 -40.08
CA ALA T 315 35.90 -41.16 -40.52
C ALA T 315 34.52 -41.08 -41.19
N LEU T 316 33.56 -40.57 -40.45
CA LEU T 316 32.21 -40.40 -40.98
C LEU T 316 32.01 -38.94 -41.29
N PHE T 317 32.13 -38.61 -42.58
CA PHE T 317 32.04 -37.25 -43.05
C PHE T 317 30.68 -37.00 -43.63
N ARG T 318 29.90 -36.14 -42.99
CA ARG T 318 28.52 -35.96 -43.33
C ARG T 318 28.27 -34.65 -44.02
N GLY T 319 27.26 -34.59 -44.85
CA GLY T 319 26.87 -33.34 -45.46
C GLY T 319 27.42 -33.18 -46.86
N ASP T 320 27.95 -31.99 -47.17
CA ASP T 320 28.49 -31.69 -48.48
C ASP T 320 29.98 -32.04 -48.47
N VAL T 321 30.24 -33.33 -48.38
CA VAL T 321 31.57 -33.89 -48.45
C VAL T 321 31.54 -34.92 -49.57
N LYS T 322 32.26 -34.60 -50.65
CA LYS T 322 32.33 -35.49 -51.80
C LYS T 322 33.57 -36.37 -51.71
N ALA T 323 33.45 -37.61 -52.18
CA ALA T 323 34.38 -38.69 -51.82
C ALA T 323 35.71 -38.61 -52.55
N LYS T 324 35.82 -37.72 -53.52
CA LYS T 324 37.08 -37.57 -54.24
C LYS T 324 38.14 -36.94 -53.34
N ASP T 325 37.73 -36.15 -52.35
CA ASP T 325 38.69 -35.39 -51.56
C ASP T 325 39.45 -36.25 -50.61
N VAL T 326 38.88 -37.38 -50.17
CA VAL T 326 39.54 -38.20 -49.17
C VAL T 326 40.71 -39.02 -49.77
N ASP T 327 40.74 -39.17 -51.08
CA ASP T 327 41.89 -39.74 -51.73
C ASP T 327 43.12 -38.82 -51.63
N GLU T 328 42.89 -37.53 -51.44
CA GLU T 328 43.95 -36.55 -51.28
C GLU T 328 44.06 -36.09 -49.84
N ASN T 329 42.94 -36.03 -49.12
CA ASN T 329 42.97 -35.53 -47.74
C ASN T 329 43.26 -36.66 -46.79
N MET T 330 42.44 -37.71 -46.84
CA MET T 330 42.53 -38.74 -45.83
C MET T 330 43.75 -39.63 -46.00
N ALA T 331 44.20 -39.80 -47.23
CA ALA T 331 45.47 -40.49 -47.44
C ALA T 331 46.64 -39.66 -46.91
N THR T 332 46.48 -38.32 -46.91
CA THR T 332 47.47 -37.46 -46.28
C THR T 332 47.36 -37.51 -44.77
N ILE T 333 46.14 -37.65 -44.25
CA ILE T 333 45.96 -37.72 -42.81
C ILE T 333 46.53 -38.99 -42.26
N ARG T 334 46.24 -40.14 -42.88
CA ARG T 334 46.73 -41.43 -42.40
C ARG T 334 48.26 -41.60 -42.46
N LYS T 335 48.93 -40.86 -43.30
CA LYS T 335 50.39 -40.76 -43.20
C LYS T 335 50.82 -39.96 -41.97
N SER T 336 50.03 -38.97 -41.60
CA SER T 336 50.33 -38.18 -40.42
C SER T 336 50.00 -38.91 -39.11
N LEU T 337 49.11 -39.89 -39.19
CA LEU T 337 48.71 -40.66 -38.03
C LEU T 337 49.76 -41.68 -37.67
N ASN T 338 49.57 -42.29 -36.51
CA ASN T 338 50.50 -43.33 -36.00
C ASN T 338 49.69 -44.58 -35.77
N TYR T 339 49.84 -45.58 -36.62
CA TYR T 339 49.13 -46.82 -36.39
C TYR T 339 50.03 -47.86 -35.79
N ALA T 340 49.45 -49.00 -35.46
CA ALA T 340 50.25 -50.12 -34.99
C ALA T 340 51.06 -50.66 -36.16
N SER T 341 52.06 -51.48 -35.85
CA SER T 341 52.92 -52.05 -36.89
C SER T 341 52.17 -53.08 -37.75
N TYR T 342 51.14 -53.69 -37.19
CA TYR T 342 50.37 -54.69 -37.89
C TYR T 342 49.16 -54.12 -38.63
N MET T 343 49.17 -52.83 -38.94
CA MET T 343 48.17 -52.21 -39.81
C MET T 343 48.85 -51.76 -41.09
N PRO T 344 48.18 -51.93 -42.24
CA PRO T 344 48.81 -51.64 -43.52
C PRO T 344 49.08 -50.15 -43.78
N ALA T 345 49.77 -49.91 -44.89
CA ALA T 345 50.38 -48.61 -45.19
C ALA T 345 49.38 -47.48 -45.41
N SER T 346 48.46 -47.66 -46.33
CA SER T 346 47.40 -46.69 -46.54
C SER T 346 46.08 -47.13 -45.91
N GLY T 347 46.00 -48.41 -45.51
CA GLY T 347 44.83 -48.93 -44.88
C GLY T 347 44.80 -48.66 -43.39
N GLY T 348 43.77 -49.21 -42.77
CA GLY T 348 43.55 -49.08 -41.35
C GLY T 348 42.53 -48.02 -40.99
N LEU T 349 42.05 -47.21 -41.96
CA LEU T 349 41.07 -46.19 -41.69
C LEU T 349 39.86 -46.41 -42.52
N LYS T 350 38.73 -46.82 -41.91
CA LYS T 350 37.44 -46.97 -42.64
C LYS T 350 36.82 -45.61 -42.82
N LEU T 351 35.93 -45.50 -43.79
CA LEU T 351 35.27 -44.21 -44.06
C LEU T 351 33.80 -44.37 -44.23
N GLY T 352 33.11 -43.24 -44.25
CA GLY T 352 31.67 -43.26 -44.53
C GLY T 352 31.18 -41.90 -44.89
N TYR T 353 29.94 -41.79 -45.33
CA TYR T 353 29.34 -40.49 -45.68
C TYR T 353 27.86 -40.50 -45.32
N ALA T 354 27.32 -39.31 -45.12
CA ALA T 354 25.90 -39.11 -45.09
C ALA T 354 25.56 -38.02 -46.11
N GLU T 355 24.35 -38.08 -46.61
CA GLU T 355 23.88 -37.12 -47.58
C GLU T 355 23.22 -35.90 -46.92
N THR T 356 23.27 -35.80 -45.59
CA THR T 356 22.67 -34.67 -44.88
C THR T 356 23.49 -34.35 -43.65
N ALA T 357 23.91 -33.11 -43.58
CA ALA T 357 24.67 -32.57 -42.46
C ALA T 357 23.72 -32.40 -41.27
N PRO T 358 24.27 -32.22 -40.06
CA PRO T 358 23.44 -31.77 -38.96
C PRO T 358 22.93 -30.36 -39.15
N GLU T 359 21.78 -30.04 -38.58
CA GLU T 359 21.22 -28.71 -38.71
C GLU T 359 22.09 -27.72 -37.94
N GLY T 360 22.45 -26.64 -38.61
CA GLY T 360 23.46 -25.71 -38.08
C GLY T 360 24.82 -25.85 -38.74
N PHE T 361 25.10 -27.02 -39.30
CA PHE T 361 26.36 -27.29 -40.01
C PHE T 361 26.08 -27.65 -41.44
N ALA T 362 27.10 -27.53 -42.28
CA ALA T 362 26.96 -27.86 -43.71
C ALA T 362 27.85 -28.99 -44.15
N SER T 363 28.90 -29.26 -43.40
CA SER T 363 29.73 -30.44 -43.66
C SER T 363 30.38 -30.82 -42.36
N SER T 364 29.99 -31.95 -41.78
CA SER T 364 30.56 -32.38 -40.52
C SER T 364 31.49 -33.55 -40.67
N GLY T 365 32.13 -33.92 -39.58
CA GLY T 365 33.01 -35.05 -39.52
C GLY T 365 33.07 -35.72 -38.17
N LEU T 366 33.30 -37.02 -38.18
CA LEU T 366 33.38 -37.82 -36.93
C LEU T 366 34.57 -38.72 -37.08
N ALA T 367 35.13 -39.16 -36.00
CA ALA T 367 36.24 -40.06 -36.06
C ALA T 367 36.31 -40.98 -34.87
N LEU T 368 35.71 -42.15 -34.99
CA LEU T 368 35.87 -43.16 -33.97
C LEU T 368 37.26 -43.73 -34.15
N VAL T 369 38.12 -43.52 -33.15
CA VAL T 369 39.46 -43.96 -33.21
C VAL T 369 39.73 -44.95 -32.09
N ASN T 370 39.98 -46.21 -32.45
CA ASN T 370 40.44 -47.21 -31.49
C ASN T 370 41.96 -47.11 -31.39
N HIS T 371 42.44 -46.82 -30.20
CA HIS T 371 43.81 -46.33 -29.97
C HIS T 371 44.30 -46.91 -28.65
N THR T 372 45.61 -47.17 -28.60
CA THR T 372 46.25 -47.54 -27.38
C THR T 372 46.24 -46.43 -26.31
N GLY T 373 45.97 -45.20 -26.71
CA GLY T 373 45.90 -44.17 -25.74
C GLY T 373 44.75 -44.27 -24.74
N ILE T 374 43.71 -45.00 -25.11
CA ILE T 374 42.59 -45.13 -24.23
C ILE T 374 42.91 -46.08 -23.07
N ALA T 375 44.01 -46.82 -23.20
CA ALA T 375 44.50 -47.55 -22.05
C ALA T 375 45.11 -46.64 -20.99
N ALA T 376 45.56 -45.44 -21.37
CA ALA T 376 46.02 -44.48 -20.39
C ALA T 376 44.87 -43.91 -19.55
N VAL T 377 43.70 -43.83 -20.16
CA VAL T 377 42.46 -43.63 -19.40
C VAL T 377 42.24 -44.81 -18.47
N PHE T 378 42.44 -46.03 -18.98
CA PHE T 378 42.31 -47.24 -18.15
C PHE T 378 43.41 -47.32 -17.08
N GLU T 379 44.64 -46.98 -17.44
CA GLU T 379 45.73 -47.01 -16.49
C GLU T 379 45.56 -45.96 -15.40
N ARG T 380 44.96 -44.81 -15.72
CA ARG T 380 44.62 -43.82 -14.69
C ARG T 380 43.56 -44.38 -13.72
N LEU T 381 42.54 -44.99 -14.29
CA LEU T 381 41.47 -45.50 -13.50
C LEU T 381 41.83 -46.80 -12.76
N ILE T 382 43.00 -47.36 -13.01
CA ILE T 382 43.52 -48.46 -12.23
C ILE T 382 44.51 -47.96 -11.18
N ALA T 383 45.32 -46.97 -11.56
CA ALA T 383 46.24 -46.37 -10.61
C ALA T 383 45.49 -45.61 -9.51
N GLN T 384 44.32 -45.07 -9.84
CA GLN T 384 43.42 -44.58 -8.80
C GLN T 384 42.77 -45.71 -8.04
N PHE T 385 42.47 -46.79 -8.73
CA PHE T 385 41.89 -47.95 -8.07
C PHE T 385 42.90 -48.68 -7.21
N ASP T 386 44.18 -48.59 -7.56
CA ASP T 386 45.21 -49.35 -6.88
C ASP T 386 45.40 -48.92 -5.41
N ILE T 387 45.46 -47.62 -5.18
CA ILE T 387 45.61 -47.11 -3.84
C ILE T 387 44.29 -47.23 -3.10
N MET T 388 43.21 -46.87 -3.79
CA MET T 388 41.92 -46.66 -3.17
C MET T 388 41.26 -47.97 -2.79
N PHE T 389 41.54 -49.07 -3.47
CA PHE T 389 40.92 -50.35 -3.13
C PHE T 389 41.62 -51.10 -2.01
N ASP T 390 42.95 -51.06 -2.01
CA ASP T 390 43.71 -51.81 -1.02
C ASP T 390 43.62 -51.23 0.38
N ASN T 391 43.29 -49.94 0.47
CA ASN T 391 43.15 -49.25 1.75
C ASN T 391 41.70 -49.09 2.15
N HIS T 392 40.79 -49.81 1.46
CA HIS T 392 39.33 -49.89 1.78
C HIS T 392 38.69 -48.51 1.75
N ALA T 393 39.13 -47.68 0.81
CA ALA T 393 39.02 -46.24 0.99
C ALA T 393 37.66 -45.71 0.72
N TYR T 394 36.82 -46.43 0.00
CA TYR T 394 35.35 -46.20 0.07
C TYR T 394 34.60 -47.51 -0.06
N THR T 395 35.23 -48.61 0.32
CA THR T 395 34.76 -49.89 -0.10
C THR T 395 33.55 -50.36 0.69
N HIS T 396 33.41 -49.88 1.93
CA HIS T 396 32.34 -50.39 2.75
C HIS T 396 30.95 -49.94 2.30
N TRP T 397 30.86 -48.92 1.47
CA TRP T 397 29.59 -48.54 0.85
C TRP T 397 29.15 -49.55 -0.21
N TYR T 398 30.08 -50.31 -0.76
CA TYR T 398 29.74 -51.43 -1.64
C TYR T 398 29.49 -52.71 -0.86
N GLU T 399 30.29 -52.91 0.18
CA GLU T 399 30.18 -54.12 0.97
C GLU T 399 28.88 -54.15 1.74
N ASN T 400 28.48 -53.02 2.30
CA ASN T 400 27.21 -52.92 3.01
C ASN T 400 26.03 -52.64 2.08
N ALA T 401 26.20 -52.82 0.78
CA ALA T 401 25.11 -52.72 -0.19
C ALA T 401 25.16 -53.81 -1.25
N GLY T 402 25.84 -54.91 -0.99
CA GLY T 402 25.75 -56.12 -1.81
C GLY T 402 27.05 -56.59 -2.44
N VAL T 403 27.95 -55.66 -2.76
CA VAL T 403 29.10 -55.95 -3.61
C VAL T 403 30.37 -56.08 -2.78
N SER T 404 30.93 -57.29 -2.76
CA SER T 404 32.13 -57.56 -1.95
C SER T 404 33.41 -57.17 -2.66
N ARG T 405 34.51 -57.29 -1.94
CA ARG T 405 35.84 -57.03 -2.49
C ARG T 405 36.28 -58.08 -3.50
N ASP T 406 35.73 -59.28 -3.40
CA ASP T 406 36.00 -60.31 -4.38
C ASP T 406 35.40 -59.92 -5.73
N MET T 407 34.20 -59.36 -5.69
CA MET T 407 33.48 -58.92 -6.89
C MET T 407 34.12 -57.66 -7.47
N MET T 408 34.87 -56.93 -6.66
CA MET T 408 35.48 -55.65 -7.07
C MET T 408 36.91 -55.79 -7.50
N ALA T 409 37.67 -56.71 -6.91
CA ALA T 409 39.01 -56.99 -7.40
C ALA T 409 38.95 -57.73 -8.73
N LYS T 410 37.94 -58.57 -8.92
CA LYS T 410 37.70 -59.25 -10.18
C LYS T 410 37.36 -58.26 -11.29
N ALA T 411 36.74 -57.14 -10.93
CA ALA T 411 36.50 -56.05 -11.86
C ALA T 411 37.83 -55.40 -12.26
N ARG T 412 38.80 -55.38 -11.34
CA ARG T 412 40.10 -54.79 -11.64
C ARG T 412 40.91 -55.70 -12.52
N ASN T 413 40.82 -57.00 -12.30
CA ASN T 413 41.67 -57.92 -13.02
C ASN T 413 41.27 -58.06 -14.48
N GLN T 414 40.09 -57.58 -14.87
CA GLN T 414 39.73 -57.51 -16.27
C GLN T 414 40.21 -56.21 -16.88
N ILE T 415 40.14 -55.13 -16.13
CA ILE T 415 40.56 -53.82 -16.66
C ILE T 415 42.09 -53.72 -16.66
N ALA T 416 42.76 -54.36 -15.69
CA ALA T 416 44.21 -54.47 -15.74
C ALA T 416 44.63 -55.37 -16.90
N THR T 417 43.80 -56.35 -17.24
CA THR T 417 43.98 -57.10 -18.48
C THR T 417 43.70 -56.21 -19.69
N LEU T 418 42.66 -55.39 -19.59
CA LEU T 418 42.28 -54.52 -20.69
C LEU T 418 43.29 -53.41 -20.91
N ALA T 419 43.86 -52.87 -19.86
CA ALA T 419 44.93 -51.89 -20.00
C ALA T 419 46.20 -52.52 -20.56
N GLN T 420 46.35 -53.83 -20.37
CA GLN T 420 47.44 -54.56 -20.98
C GLN T 420 47.10 -54.96 -22.40
N SER T 421 45.83 -55.17 -22.72
CA SER T 421 45.41 -55.59 -24.05
C SER T 421 45.64 -54.53 -25.11
N TYR T 422 45.71 -53.25 -24.74
CA TYR T 422 46.18 -52.23 -25.69
C TYR T 422 47.70 -52.18 -25.75
N ARG T 423 48.39 -52.42 -24.64
CA ARG T 423 49.83 -52.50 -24.67
C ARG T 423 50.32 -53.76 -25.37
N ASP T 424 49.48 -54.80 -25.41
CA ASP T 424 49.74 -55.94 -26.28
C ASP T 424 49.38 -55.65 -27.73
N ALA T 425 48.66 -54.56 -27.97
CA ALA T 425 48.21 -54.19 -29.31
C ALA T 425 49.03 -53.03 -29.88
N SER T 426 50.33 -53.02 -29.61
CA SER T 426 51.21 -52.00 -30.18
C SER T 426 52.27 -52.60 -31.11
N ASP U 1 0.30 -60.87 -38.10
CA ASP U 1 -1.07 -61.03 -38.66
C ASP U 1 -1.83 -62.12 -37.89
N THR U 2 -1.09 -63.12 -37.37
CA THR U 2 -1.56 -64.23 -36.48
C THR U 2 -2.42 -63.80 -35.28
N ALA U 3 -3.35 -64.64 -34.83
CA ALA U 3 -4.34 -64.27 -33.77
C ALA U 3 -3.66 -63.91 -32.44
N LEU U 4 -2.61 -64.66 -32.12
CA LEU U 4 -1.83 -64.47 -30.92
C LEU U 4 -1.09 -63.14 -30.94
N GLU U 5 -0.46 -62.80 -32.09
CA GLU U 5 0.19 -61.50 -32.27
C GLU U 5 -0.78 -60.30 -32.08
N ARG U 6 -2.04 -60.50 -32.44
CA ARG U 6 -3.12 -59.50 -32.30
C ARG U 6 -3.47 -59.32 -30.83
N GLN U 7 -3.68 -60.44 -30.15
CA GLN U 7 -3.91 -60.45 -28.69
C GLN U 7 -2.75 -59.76 -27.93
N ILE U 8 -1.53 -59.94 -28.38
CA ILE U 8 -0.37 -59.35 -27.75
C ILE U 8 -0.35 -57.86 -27.95
N ALA U 9 -0.68 -57.39 -29.16
CA ALA U 9 -0.65 -55.94 -29.49
C ALA U 9 -1.65 -55.19 -28.60
N SER U 10 -2.83 -55.79 -28.48
CA SER U 10 -3.92 -55.26 -27.71
C SER U 10 -3.56 -55.20 -26.22
N ALA U 11 -3.04 -56.33 -25.69
CA ALA U 11 -2.62 -56.48 -24.31
C ALA U 11 -1.45 -55.57 -23.99
N SER U 12 -0.51 -55.41 -24.91
CA SER U 12 0.60 -54.45 -24.74
C SER U 12 0.12 -53.03 -24.65
N ARG U 13 -0.79 -52.59 -25.53
CA ARG U 13 -1.31 -51.20 -25.49
C ARG U 13 -1.97 -50.98 -24.16
N SER U 14 -2.82 -51.92 -23.76
CA SER U 14 -3.55 -51.84 -22.53
C SER U 14 -2.59 -51.74 -21.31
N VAL U 15 -1.45 -52.46 -21.38
CA VAL U 15 -0.43 -52.41 -20.30
C VAL U 15 0.25 -51.04 -20.32
N GLU U 16 0.70 -50.58 -21.49
CA GLU U 16 1.32 -49.27 -21.70
C GLU U 16 0.43 -48.14 -21.21
N GLU U 17 -0.87 -48.24 -21.48
CA GLU U 17 -1.85 -47.31 -20.91
C GLU U 17 -1.85 -47.33 -19.40
N ALA U 18 -1.97 -48.51 -18.80
CA ALA U 18 -1.88 -48.60 -17.33
C ALA U 18 -0.51 -48.12 -16.73
N ARG U 19 0.58 -48.32 -17.47
CA ARG U 19 1.89 -47.81 -17.06
C ARG U 19 1.88 -46.29 -17.00
N ARG U 20 1.43 -45.62 -18.07
CA ARG U 20 1.32 -44.14 -18.18
C ARG U 20 0.42 -43.60 -17.13
N LEU U 21 -0.75 -44.20 -16.97
CA LEU U 21 -1.67 -43.86 -15.87
C LEU U 21 -0.95 -43.87 -14.52
N ALA U 22 -0.07 -44.84 -14.28
CA ALA U 22 0.61 -44.98 -12.99
C ALA U 22 1.82 -44.05 -12.92
N TYR U 23 2.29 -43.56 -14.08
CA TYR U 23 3.23 -42.44 -14.15
C TYR U 23 2.56 -41.15 -13.66
N HIS U 24 1.40 -40.80 -14.25
CA HIS U 24 0.62 -39.61 -13.83
C HIS U 24 0.07 -39.72 -12.39
N ASP U 25 -0.33 -40.93 -12.00
CA ASP U 25 -0.85 -41.15 -10.68
C ASP U 25 -0.23 -42.44 -10.05
N PRO U 26 0.90 -42.30 -9.29
CA PRO U 26 1.62 -43.51 -8.82
C PRO U 26 0.83 -44.50 -7.96
N ILE U 27 -0.28 -44.06 -7.38
CA ILE U 27 -1.13 -44.94 -6.58
C ILE U 27 -1.89 -46.10 -7.32
N ARG U 28 -2.08 -46.00 -8.65
CA ARG U 28 -3.00 -46.91 -9.42
C ARG U 28 -2.42 -48.32 -9.79
N VAL U 29 -1.72 -48.91 -8.83
CA VAL U 29 -0.82 -50.06 -9.05
C VAL U 29 -1.64 -51.32 -9.32
N GLY U 30 -2.74 -51.47 -8.56
CA GLY U 30 -3.63 -52.61 -8.71
C GLY U 30 -4.06 -52.83 -10.17
N ALA U 31 -4.45 -51.77 -10.86
CA ALA U 31 -4.92 -51.88 -12.25
C ALA U 31 -3.79 -52.29 -13.22
N LEU U 32 -2.57 -51.81 -12.91
CA LEU U 32 -1.40 -52.17 -13.72
C LEU U 32 -1.19 -53.70 -13.64
N VAL U 33 -1.33 -54.25 -12.44
CA VAL U 33 -1.17 -55.68 -12.18
C VAL U 33 -2.15 -56.48 -13.04
N GLU U 34 -3.43 -56.07 -13.02
CA GLU U 34 -4.44 -56.74 -13.81
C GLU U 34 -4.14 -56.79 -15.29
N GLN U 35 -3.74 -55.65 -15.85
CA GLN U 35 -3.38 -55.58 -17.25
C GLN U 35 -2.15 -56.42 -17.55
N ILE U 36 -1.18 -56.38 -16.63
CA ILE U 36 0.02 -57.19 -16.73
C ILE U 36 -0.34 -58.69 -16.76
N SER U 37 -1.28 -59.13 -15.90
CA SER U 37 -1.58 -60.55 -15.84
C SER U 37 -2.02 -61.10 -17.21
N VAL U 38 -2.75 -60.29 -17.98
CA VAL U 38 -3.25 -60.71 -19.28
C VAL U 38 -2.11 -60.82 -20.29
N LEU U 39 -1.24 -59.80 -20.32
CA LEU U 39 -0.11 -59.80 -21.21
C LEU U 39 0.88 -60.95 -20.80
N ALA U 40 1.12 -61.13 -19.52
CA ALA U 40 2.04 -62.17 -19.01
C ALA U 40 1.52 -63.53 -19.43
N ASP U 41 0.22 -63.76 -19.26
CA ASP U 41 -0.42 -64.97 -19.82
C ASP U 41 -0.07 -65.25 -21.30
N LEU U 42 -0.07 -64.22 -22.10
CA LEU U 42 0.12 -64.38 -23.52
C LEU U 42 1.57 -64.69 -23.79
N ARG U 43 2.47 -64.06 -23.04
CA ARG U 43 3.89 -64.29 -23.19
C ARG U 43 4.23 -65.71 -22.78
N GLN U 44 3.53 -66.25 -21.77
CA GLN U 44 3.69 -67.64 -21.39
C GLN U 44 3.24 -68.59 -22.49
N LYS U 45 2.11 -68.25 -23.11
CA LYS U 45 1.55 -69.08 -24.15
C LYS U 45 2.55 -69.16 -25.30
N GLU U 46 3.24 -68.06 -25.63
CA GLU U 46 4.27 -68.13 -26.67
C GLU U 46 5.64 -68.61 -26.17
N GLY U 47 5.71 -68.98 -24.89
CA GLY U 47 6.96 -69.44 -24.31
C GLY U 47 7.97 -68.40 -23.90
N ASP U 48 7.72 -67.10 -24.11
CA ASP U 48 8.60 -66.07 -23.55
C ASP U 48 8.42 -65.85 -22.01
N PHE U 49 8.90 -66.80 -21.19
CA PHE U 49 8.73 -66.73 -19.74
C PHE U 49 9.53 -65.62 -19.08
N ARG U 50 10.72 -65.28 -19.58
CA ARG U 50 11.50 -64.15 -19.07
C ARG U 50 10.77 -62.84 -19.26
N LYS U 51 10.00 -62.68 -20.34
CA LYS U 51 9.23 -61.46 -20.52
C LYS U 51 8.12 -61.39 -19.51
N ALA U 52 7.44 -62.51 -19.32
CA ALA U 52 6.39 -62.59 -18.34
C ALA U 52 6.94 -62.26 -16.94
N GLU U 53 8.11 -62.82 -16.60
CA GLU U 53 8.72 -62.58 -15.33
C GLU U 53 9.06 -61.10 -15.13
N SER U 54 9.57 -60.49 -16.19
CA SER U 54 9.90 -59.07 -16.11
C SER U 54 8.68 -58.20 -15.81
N LEU U 55 7.53 -58.53 -16.42
CA LEU U 55 6.30 -57.80 -16.21
C LEU U 55 5.89 -57.85 -14.74
N TYR U 56 5.97 -59.05 -14.15
CA TYR U 56 5.56 -59.20 -12.77
C TYR U 56 6.52 -58.58 -11.81
N ARG U 57 7.78 -58.58 -12.17
CA ARG U 57 8.77 -57.89 -11.34
C ARG U 57 8.54 -56.40 -11.37
N GLU U 58 8.13 -55.90 -12.53
CA GLU U 58 7.83 -54.48 -12.65
C GLU U 58 6.63 -54.12 -11.76
N ALA U 59 5.56 -54.93 -11.83
CA ALA U 59 4.41 -54.77 -10.96
C ALA U 59 4.83 -54.75 -9.48
N LEU U 60 5.74 -55.66 -9.15
CA LEU U 60 6.21 -55.81 -7.80
C LEU U 60 6.97 -54.57 -7.34
N PHE U 61 7.86 -54.02 -8.19
CA PHE U 61 8.64 -52.83 -7.85
C PHE U 61 7.70 -51.65 -7.62
N ARG U 62 6.70 -51.45 -8.49
CA ARG U 62 5.71 -50.41 -8.24
C ARG U 62 4.98 -50.58 -6.88
N ALA U 63 4.61 -51.80 -6.55
CA ALA U 63 3.95 -52.07 -5.29
C ALA U 63 4.88 -51.78 -4.10
N GLN U 64 6.13 -52.14 -4.26
CA GLN U 64 7.10 -51.89 -3.24
C GLN U 64 7.37 -50.39 -2.99
N GLU U 65 7.19 -49.56 -4.00
CA GLU U 65 7.43 -48.14 -3.86
C GLU U 65 6.24 -47.34 -3.28
N LEU U 66 5.08 -47.97 -3.11
CA LEU U 66 3.95 -47.26 -2.46
C LEU U 66 4.33 -46.68 -1.10
N ARG U 67 3.94 -45.42 -0.83
CA ARG U 67 4.19 -44.85 0.49
C ARG U 67 3.39 -45.51 1.58
N LYS U 68 2.16 -45.92 1.28
CA LYS U 68 1.42 -46.81 2.17
C LYS U 68 1.56 -48.24 1.64
N GLN U 69 2.30 -49.08 2.38
CA GLN U 69 2.54 -50.46 1.98
C GLN U 69 1.24 -51.22 1.89
N ASP U 70 1.04 -51.94 0.77
CA ASP U 70 -0.15 -52.76 0.57
C ASP U 70 0.25 -54.24 0.55
N PRO U 71 0.28 -54.87 1.73
CA PRO U 71 0.70 -56.25 1.77
C PRO U 71 -0.19 -57.21 0.95
N ASP U 72 -1.48 -56.95 0.93
CA ASP U 72 -2.38 -57.79 0.13
C ASP U 72 -2.00 -57.80 -1.36
N LEU U 73 -1.60 -56.63 -1.86
CA LEU U 73 -1.21 -56.49 -3.24
C LEU U 73 0.09 -57.30 -3.52
N LEU U 74 1.05 -57.20 -2.58
CA LEU U 74 2.33 -57.87 -2.70
C LEU U 74 2.14 -59.39 -2.66
N THR U 75 1.32 -59.86 -1.72
CA THR U 75 0.91 -61.25 -1.63
C THR U 75 0.44 -61.77 -3.00
N GLY U 76 -0.46 -61.02 -3.64
CA GLY U 76 -1.02 -61.40 -4.92
C GLY U 76 0.01 -61.42 -6.03
N ILE U 77 0.89 -60.41 -6.03
CA ILE U 77 1.92 -60.33 -7.04
C ILE U 77 2.90 -61.53 -6.92
N TYR U 78 3.35 -61.80 -5.70
CA TYR U 78 4.20 -62.97 -5.46
C TYR U 78 3.52 -64.26 -5.92
N SER U 79 2.22 -64.37 -5.73
CA SER U 79 1.52 -65.58 -6.13
C SER U 79 1.42 -65.67 -7.64
N LEU U 80 1.33 -64.53 -8.33
CA LEU U 80 1.38 -64.56 -9.79
C LEU U 80 2.77 -65.03 -10.30
N LEU U 81 3.84 -64.63 -9.64
CA LEU U 81 5.20 -65.06 -10.00
C LEU U 81 5.33 -66.56 -9.71
N ALA U 82 4.78 -66.98 -8.57
CA ALA U 82 4.81 -68.38 -8.18
C ALA U 82 4.14 -69.23 -9.28
N HIS U 83 2.95 -68.82 -9.69
CA HIS U 83 2.22 -69.54 -10.73
C HIS U 83 2.98 -69.53 -12.07
N LEU U 84 3.60 -68.40 -12.37
CA LEU U 84 4.47 -68.31 -13.55
C LEU U 84 5.59 -69.40 -13.48
N TYR U 85 6.33 -69.42 -12.36
CA TYR U 85 7.34 -70.45 -12.13
C TYR U 85 6.81 -71.87 -12.25
N ASP U 86 5.62 -72.10 -11.71
CA ASP U 86 4.99 -73.38 -11.84
C ASP U 86 4.75 -73.77 -13.31
N ARG U 87 4.15 -72.89 -14.10
CA ARG U 87 3.91 -73.22 -15.51
C ARG U 87 5.21 -73.34 -16.29
N TRP U 88 6.25 -72.65 -15.84
CA TRP U 88 7.54 -72.67 -16.49
C TRP U 88 8.21 -74.01 -16.20
N GLY U 89 7.84 -74.71 -15.12
CA GLY U 89 8.44 -76.02 -14.77
C GLY U 89 9.56 -75.83 -13.76
N ARG U 90 9.59 -74.65 -13.11
CA ARG U 90 10.56 -74.35 -12.07
C ARG U 90 9.92 -74.57 -10.70
N MET U 91 9.73 -75.84 -10.37
CA MET U 91 8.89 -76.25 -9.25
C MET U 91 9.39 -75.74 -7.92
N ASP U 92 10.70 -75.70 -7.74
CA ASP U 92 11.20 -75.20 -6.43
C ASP U 92 10.92 -73.73 -6.23
N LYS U 93 11.00 -72.99 -7.32
CA LYS U 93 10.89 -71.55 -7.27
C LYS U 93 9.42 -71.19 -7.03
N ALA U 94 8.51 -71.96 -7.63
CA ALA U 94 7.10 -71.78 -7.42
C ALA U 94 6.76 -71.93 -5.93
N ALA U 95 7.31 -72.94 -5.28
CA ALA U 95 7.07 -73.15 -3.85
C ALA U 95 7.67 -72.01 -3.06
N GLU U 96 8.83 -71.52 -3.49
CA GLU U 96 9.51 -70.45 -2.76
C GLU U 96 8.71 -69.13 -2.80
N PHE U 97 8.07 -68.88 -3.92
CA PHE U 97 7.37 -67.63 -4.15
C PHE U 97 5.98 -67.62 -3.51
N TYR U 98 5.29 -68.77 -3.50
CA TYR U 98 4.07 -68.92 -2.72
C TYR U 98 4.40 -68.75 -1.23
N GLU U 99 5.54 -69.27 -0.79
CA GLU U 99 5.92 -69.15 0.59
C GLU U 99 6.21 -67.70 1.00
N LEU U 100 6.82 -66.96 0.08
CA LEU U 100 7.03 -65.53 0.27
C LEU U 100 5.71 -64.81 0.38
N ALA U 101 4.76 -65.13 -0.49
CA ALA U 101 3.43 -64.54 -0.42
C ALA U 101 2.82 -64.78 0.95
N LEU U 102 2.92 -66.03 1.45
CA LEU U 102 2.30 -66.37 2.71
C LEU U 102 2.97 -65.66 3.86
N LYS U 103 4.28 -65.44 3.77
CA LYS U 103 4.99 -64.80 4.83
C LYS U 103 4.58 -63.31 4.96
N ILE U 104 4.38 -62.63 3.84
CA ILE U 104 3.92 -61.25 3.86
C ILE U 104 2.53 -61.13 4.50
N SER U 105 1.61 -61.96 4.06
CA SER U 105 0.32 -62.03 4.72
C SER U 105 0.33 -62.39 6.21
N ALA U 106 1.16 -63.34 6.61
CA ALA U 106 1.24 -63.75 8.02
C ALA U 106 1.76 -62.59 8.88
N GLU U 107 2.68 -61.79 8.35
CA GLU U 107 3.22 -60.67 9.12
C GLU U 107 2.28 -59.47 9.24
N ASN U 108 1.31 -59.37 8.35
CA ASN U 108 0.34 -58.27 8.41
C ASN U 108 -0.98 -58.93 8.87
N GLY U 109 -2.15 -58.45 8.47
CA GLY U 109 -3.34 -59.09 9.04
C GLY U 109 -3.83 -60.39 8.38
N LEU U 110 -3.23 -60.84 7.29
CA LEU U 110 -4.06 -61.40 6.22
C LEU U 110 -4.15 -62.90 6.15
N GLU U 111 -3.66 -63.54 7.20
CA GLU U 111 -3.91 -64.94 7.56
C GLU U 111 -5.18 -65.56 6.99
N GLU U 112 -6.33 -64.93 7.21
CA GLU U 112 -7.60 -65.56 6.82
C GLU U 112 -8.22 -64.87 5.60
N SER U 113 -7.43 -64.71 4.56
CA SER U 113 -7.94 -64.04 3.36
C SER U 113 -8.22 -65.00 2.20
N ASP U 114 -8.91 -64.48 1.20
CA ASP U 114 -9.21 -65.18 -0.02
C ASP U 114 -7.92 -65.64 -0.75
N LYS U 115 -7.02 -64.68 -1.02
CA LYS U 115 -5.71 -64.93 -1.59
C LYS U 115 -4.93 -65.98 -0.81
N VAL U 116 -4.90 -65.86 0.50
CA VAL U 116 -4.09 -66.78 1.30
C VAL U 116 -4.54 -68.22 1.24
N ALA U 117 -5.86 -68.44 1.27
CA ALA U 117 -6.39 -69.78 1.16
C ALA U 117 -6.05 -70.36 -0.22
N THR U 118 -6.15 -69.52 -1.26
CA THR U 118 -5.78 -69.92 -2.62
C THR U 118 -4.31 -70.33 -2.71
N ILE U 119 -3.45 -69.46 -2.18
CA ILE U 119 -2.04 -69.73 -2.16
C ILE U 119 -1.74 -71.06 -1.45
N LYS U 120 -2.36 -71.30 -0.31
CA LYS U 120 -2.08 -72.52 0.45
C LYS U 120 -2.48 -73.77 -0.31
N ASN U 121 -3.63 -73.69 -1.02
CA ASN U 121 -4.04 -74.75 -1.91
C ASN U 121 -2.97 -74.97 -2.98
N ASN U 122 -2.63 -73.92 -3.73
CA ASN U 122 -1.67 -74.06 -4.81
C ASN U 122 -0.29 -74.55 -4.31
N LEU U 123 0.15 -74.04 -3.16
CA LEU U 123 1.38 -74.49 -2.56
C LEU U 123 1.32 -75.95 -2.16
N ALA U 124 0.20 -76.37 -1.56
CA ALA U 124 0.03 -77.78 -1.21
C ALA U 124 0.22 -78.68 -2.44
N MET U 125 -0.28 -78.22 -3.59
CA MET U 125 -0.17 -79.00 -4.80
C MET U 125 1.30 -79.15 -5.25
N ILE U 126 2.10 -78.09 -5.06
CA ILE U 126 3.49 -78.15 -5.41
C ILE U 126 4.21 -79.13 -4.45
N PHE U 127 3.89 -79.06 -3.15
CA PHE U 127 4.41 -80.01 -2.23
C PHE U 127 4.07 -81.48 -2.57
N LYS U 128 2.84 -81.73 -3.05
CA LYS U 128 2.55 -83.03 -3.57
C LYS U 128 3.56 -83.44 -4.67
N GLN U 129 3.85 -82.56 -5.61
CA GLN U 129 4.80 -82.83 -6.68
C GLN U 129 6.21 -83.02 -6.13
N LEU U 130 6.56 -82.25 -5.09
CA LEU U 130 7.83 -82.44 -4.38
C LEU U 130 7.88 -83.70 -3.54
N ARG U 131 6.79 -84.45 -3.53
CA ARG U 131 6.65 -85.66 -2.73
C ARG U 131 6.86 -85.35 -1.26
N LYS U 132 6.27 -84.26 -0.77
CA LYS U 132 6.21 -83.99 0.65
C LYS U 132 4.80 -84.00 1.15
N PHE U 133 4.32 -85.20 1.42
CA PHE U 133 2.88 -85.42 1.66
C PHE U 133 2.33 -84.67 2.88
N GLU U 134 3.07 -84.72 3.99
CA GLU U 134 2.66 -84.14 5.26
C GLU U 134 2.51 -82.63 5.11
N ARG U 135 3.49 -81.99 4.45
CA ARG U 135 3.40 -80.55 4.21
C ARG U 135 2.24 -80.20 3.31
N ALA U 136 2.00 -81.03 2.27
CA ALA U 136 0.83 -80.87 1.37
C ALA U 136 -0.49 -80.99 2.13
N GLU U 137 -0.61 -82.05 2.91
CA GLU U 137 -1.83 -82.19 3.71
C GLU U 137 -2.12 -80.99 4.62
N GLY U 138 -1.09 -80.53 5.38
CA GLY U 138 -1.19 -79.37 6.23
C GLY U 138 -1.75 -78.16 5.51
N TYR U 139 -1.14 -77.78 4.40
CA TYR U 139 -1.62 -76.61 3.69
C TYR U 139 -2.98 -76.80 3.10
N TYR U 140 -3.29 -78.00 2.59
CA TYR U 140 -4.63 -78.21 2.04
C TYR U 140 -5.69 -78.01 3.15
N CYS U 141 -5.43 -78.54 4.34
CA CYS U 141 -6.36 -78.43 5.46
C CYS U 141 -6.57 -76.98 5.86
N GLU U 142 -5.48 -76.22 5.91
CA GLU U 142 -5.61 -74.80 6.17
C GLU U 142 -6.40 -74.07 5.10
N ALA U 143 -6.15 -74.37 3.83
CA ALA U 143 -6.95 -73.76 2.76
C ALA U 143 -8.42 -74.11 2.90
N LEU U 144 -8.68 -75.39 3.21
CA LEU U 144 -10.03 -75.92 3.45
C LEU U 144 -10.79 -75.18 4.58
N GLU U 145 -10.24 -75.13 5.79
CA GLU U 145 -10.80 -74.33 6.90
C GLU U 145 -11.04 -72.87 6.51
N THR U 146 -10.08 -72.22 5.87
CA THR U 146 -10.28 -70.81 5.53
C THR U 146 -11.41 -70.62 4.54
N PHE U 147 -11.50 -71.46 3.52
CA PHE U 147 -12.61 -71.36 2.60
C PHE U 147 -13.95 -71.70 3.26
N GLN U 148 -13.93 -72.64 4.19
CA GLN U 148 -15.12 -72.95 4.98
C GLN U 148 -15.61 -71.70 5.73
N ARG U 149 -14.72 -71.00 6.41
CA ARG U 149 -15.07 -69.78 7.14
C ARG U 149 -15.40 -68.61 6.23
N LEU U 150 -14.89 -68.57 5.02
CA LEU U 150 -15.12 -67.42 4.14
C LEU U 150 -16.33 -67.58 3.30
N ASP U 151 -16.47 -68.75 2.67
CA ASP U 151 -17.60 -69.09 1.79
C ASP U 151 -18.41 -70.05 2.67
N GLY U 152 -19.61 -70.47 2.28
CA GLY U 152 -20.26 -71.53 3.06
C GLY U 152 -19.49 -72.85 2.92
N GLU U 153 -19.84 -73.88 3.68
CA GLU U 153 -19.47 -75.24 3.24
C GLU U 153 -19.97 -75.52 1.82
N GLN U 154 -21.08 -74.91 1.45
CA GLN U 154 -21.62 -75.12 0.14
C GLN U 154 -21.02 -74.13 -0.82
N SER U 155 -19.79 -74.37 -1.27
CA SER U 155 -19.15 -73.49 -2.28
C SER U 155 -18.18 -74.23 -3.17
N ALA U 156 -17.96 -73.69 -4.36
CA ALA U 156 -17.08 -74.28 -5.35
C ALA U 156 -15.63 -74.45 -4.81
N ARG U 157 -15.15 -73.41 -4.10
CA ARG U 157 -13.80 -73.41 -3.57
C ARG U 157 -13.56 -74.44 -2.49
N VAL U 158 -14.57 -74.64 -1.62
CA VAL U 158 -14.51 -75.72 -0.64
C VAL U 158 -14.45 -77.09 -1.33
N ALA U 159 -15.29 -77.28 -2.35
CA ALA U 159 -15.33 -78.57 -3.02
C ALA U 159 -14.01 -78.81 -3.75
N SER U 160 -13.44 -77.74 -4.35
CA SER U 160 -12.12 -77.87 -5.00
C SER U 160 -11.00 -78.34 -4.04
N VAL U 161 -10.97 -77.80 -2.83
CA VAL U 161 -9.96 -78.24 -1.90
C VAL U 161 -10.24 -79.67 -1.45
N TYR U 162 -11.50 -80.00 -1.24
CA TYR U 162 -11.86 -81.40 -0.97
C TYR U 162 -11.35 -82.34 -2.05
N ASN U 163 -11.66 -82.01 -3.30
CA ASN U 163 -11.14 -82.73 -4.44
C ASN U 163 -9.60 -82.91 -4.39
N ASN U 164 -8.87 -81.80 -4.18
CA ASN U 164 -7.40 -81.80 -4.15
C ASN U 164 -6.85 -82.65 -3.04
N LEU U 165 -7.46 -82.58 -1.86
CA LEU U 165 -7.12 -83.52 -0.79
C LEU U 165 -7.39 -84.97 -1.16
N GLY U 166 -8.51 -85.18 -1.85
CA GLY U 166 -8.90 -86.49 -2.28
C GLY U 166 -7.80 -87.11 -3.13
N VAL U 167 -7.33 -86.36 -4.12
CA VAL U 167 -6.30 -86.85 -5.02
C VAL U 167 -4.98 -87.06 -4.25
N LEU U 168 -4.73 -86.22 -3.26
CA LEU U 168 -3.53 -86.36 -2.46
C LEU U 168 -3.58 -87.67 -1.70
N TYR U 169 -4.71 -87.92 -1.00
CA TYR U 169 -4.84 -89.14 -0.22
C TYR U 169 -4.82 -90.34 -1.12
N TYR U 170 -5.52 -90.23 -2.26
CA TYR U 170 -5.53 -91.34 -3.21
C TYR U 170 -4.11 -91.68 -3.70
N SER U 171 -3.33 -90.66 -4.07
CA SER U 171 -1.97 -90.88 -4.56
C SER U 171 -1.06 -91.49 -3.51
N HIS U 172 -1.27 -91.25 -2.21
CA HIS U 172 -0.50 -91.94 -1.16
C HIS U 172 -1.17 -93.18 -0.65
N MET U 173 -2.10 -93.70 -1.47
CA MET U 173 -2.93 -94.88 -1.16
C MET U 173 -3.65 -94.91 0.24
N ASP U 174 -3.94 -93.73 0.81
CA ASP U 174 -4.95 -93.65 1.88
C ASP U 174 -6.34 -93.59 1.26
N VAL U 175 -6.86 -94.77 0.91
CA VAL U 175 -8.11 -94.92 0.18
C VAL U 175 -9.32 -94.43 0.99
N ASP U 176 -9.35 -94.77 2.28
CA ASP U 176 -10.46 -94.32 3.11
C ASP U 176 -10.66 -92.83 3.15
N ARG U 177 -9.58 -92.10 3.38
CA ARG U 177 -9.69 -90.65 3.48
C ARG U 177 -9.94 -90.03 2.13
N ALA U 178 -9.40 -90.64 1.07
CA ALA U 178 -9.68 -90.21 -0.31
C ALA U 178 -11.16 -90.25 -0.59
N GLN U 179 -11.78 -91.35 -0.18
CA GLN U 179 -13.21 -91.50 -0.33
C GLN U 179 -14.03 -90.40 0.36
N VAL U 180 -13.71 -90.16 1.63
CA VAL U 180 -14.43 -89.13 2.39
C VAL U 180 -14.37 -87.77 1.67
N MET U 181 -13.15 -87.37 1.33
CA MET U 181 -12.88 -86.14 0.61
C MET U 181 -13.66 -86.04 -0.68
N HIS U 182 -13.59 -87.07 -1.53
CA HIS U 182 -14.30 -86.98 -2.82
C HIS U 182 -15.83 -87.00 -2.71
N GLU U 183 -16.33 -87.67 -1.68
CA GLU U 183 -17.77 -87.68 -1.42
C GLU U 183 -18.23 -86.34 -0.94
N ARG U 184 -17.53 -85.77 0.04
CA ARG U 184 -17.79 -84.36 0.46
C ARG U 184 -17.77 -83.38 -0.72
N ALA U 185 -16.83 -83.59 -1.65
CA ALA U 185 -16.75 -82.79 -2.87
C ALA U 185 -17.97 -83.03 -3.73
N LEU U 186 -18.34 -84.30 -3.93
CA LEU U 186 -19.56 -84.68 -4.69
C LEU U 186 -20.83 -84.04 -4.14
N ALA U 187 -21.07 -84.25 -2.84
CA ALA U 187 -22.18 -83.62 -2.09
C ALA U 187 -22.34 -82.13 -2.42
N ILE U 188 -21.23 -81.37 -2.31
CA ILE U 188 -21.27 -79.94 -2.59
C ILE U 188 -21.54 -79.69 -4.07
N ARG U 189 -20.82 -80.39 -4.92
CA ARG U 189 -20.84 -80.06 -6.34
C ARG U 189 -22.18 -80.28 -7.06
N GLN U 190 -22.94 -81.27 -6.55
CA GLN U 190 -24.31 -81.53 -7.00
C GLN U 190 -25.27 -80.36 -6.76
N ASN U 191 -25.12 -79.71 -5.61
CA ASN U 191 -26.02 -78.62 -5.16
C ASN U 191 -25.74 -77.23 -5.76
N LEU U 192 -24.91 -77.17 -6.80
CA LEU U 192 -24.40 -75.93 -7.35
C LEU U 192 -24.37 -76.02 -8.86
N HIS U 193 -25.45 -75.58 -9.51
CA HIS U 193 -25.72 -75.87 -10.93
C HIS U 193 -25.26 -74.81 -11.97
N GLU U 194 -25.63 -73.55 -11.73
CA GLU U 194 -25.29 -72.42 -12.59
C GLU U 194 -23.79 -72.22 -12.86
N GLY U 195 -23.53 -71.15 -13.64
CA GLY U 195 -22.21 -70.59 -13.91
C GLY U 195 -21.26 -70.36 -12.74
N GLN U 196 -21.71 -70.66 -11.50
CA GLN U 196 -20.83 -70.72 -10.34
C GLN U 196 -20.01 -72.03 -10.25
N MET U 197 -20.30 -72.97 -11.15
CA MET U 197 -19.51 -74.17 -11.36
C MET U 197 -19.85 -74.80 -12.71
N ASP U 198 -18.82 -75.07 -13.49
CA ASP U 198 -19.00 -75.76 -14.76
C ASP U 198 -19.21 -77.28 -14.48
N PRO U 199 -19.92 -77.97 -15.39
CA PRO U 199 -20.15 -79.40 -15.16
C PRO U 199 -18.91 -80.31 -15.31
N ALA U 200 -17.89 -79.88 -16.05
CA ALA U 200 -16.65 -80.69 -16.17
C ALA U 200 -15.96 -81.00 -14.82
N ASP U 201 -16.05 -80.10 -13.83
CA ASP U 201 -15.58 -80.38 -12.45
C ASP U 201 -16.36 -81.51 -11.78
N LEU U 202 -17.66 -81.55 -12.08
CA LEU U 202 -18.51 -82.62 -11.52
C LEU U 202 -18.11 -83.99 -12.09
N SER U 203 -17.76 -84.02 -13.38
CA SER U 203 -17.29 -85.23 -14.04
C SER U 203 -15.96 -85.70 -13.46
N GLN U 204 -15.05 -84.77 -13.12
CA GLN U 204 -13.79 -85.12 -12.50
C GLN U 204 -14.01 -85.80 -11.15
N THR U 205 -14.99 -85.30 -10.40
CA THR U 205 -15.28 -85.91 -9.10
C THR U 205 -15.72 -87.38 -9.26
N PHE U 206 -16.59 -87.66 -10.25
CA PHE U 206 -17.01 -89.03 -10.51
C PHE U 206 -15.85 -89.90 -10.97
N ILE U 207 -15.09 -89.38 -11.93
CA ILE U 207 -13.83 -90.00 -12.35
C ILE U 207 -12.95 -90.35 -11.14
N ASN U 208 -12.75 -89.39 -10.23
CA ASN U 208 -11.89 -89.61 -9.06
C ASN U 208 -12.51 -90.60 -8.07
N LEU U 209 -13.81 -90.47 -7.81
CA LEU U 209 -14.56 -91.47 -7.03
C LEU U 209 -14.44 -92.87 -7.63
N GLY U 210 -14.51 -92.95 -8.97
CA GLY U 210 -14.33 -94.20 -9.67
C GLY U 210 -13.03 -94.88 -9.31
N ALA U 211 -11.91 -94.16 -9.43
CA ALA U 211 -10.60 -94.74 -9.06
C ALA U 211 -10.52 -95.10 -7.58
N VAL U 212 -11.22 -94.36 -6.72
CA VAL U 212 -11.19 -94.60 -5.29
C VAL U 212 -12.00 -95.86 -4.96
N TYR U 213 -13.23 -95.91 -5.47
CA TYR U 213 -14.04 -97.10 -5.27
C TYR U 213 -13.37 -98.37 -5.82
N LYS U 214 -12.74 -98.25 -6.98
CA LYS U 214 -12.04 -99.39 -7.59
C LYS U 214 -10.89 -99.85 -6.67
N ALA U 215 -10.11 -98.91 -6.16
CA ALA U 215 -9.07 -99.18 -5.15
C ALA U 215 -9.64 -99.77 -3.85
N ALA U 216 -10.86 -99.40 -3.50
CA ALA U 216 -11.52 -99.96 -2.33
C ALA U 216 -12.09 -101.38 -2.53
N GLY U 217 -12.03 -101.91 -3.75
CA GLY U 217 -12.70 -103.19 -4.12
C GLY U 217 -14.22 -103.14 -4.29
N ASP U 218 -14.78 -101.95 -4.54
CA ASP U 218 -16.19 -101.81 -4.86
C ASP U 218 -16.37 -101.42 -6.35
N PHE U 219 -16.18 -102.43 -7.19
CA PHE U 219 -16.06 -102.27 -8.64
C PHE U 219 -17.36 -101.85 -9.28
N GLN U 220 -18.46 -102.18 -8.60
CA GLN U 220 -19.84 -101.83 -8.92
C GLN U 220 -19.98 -100.31 -8.87
N LYS U 221 -19.66 -99.69 -7.72
CA LYS U 221 -19.87 -98.27 -7.49
C LYS U 221 -18.87 -97.52 -8.33
N ALA U 222 -17.72 -98.14 -8.53
CA ALA U 222 -16.69 -97.64 -9.44
C ALA U 222 -17.23 -97.43 -10.85
N GLU U 223 -17.78 -98.49 -11.46
CA GLU U 223 -18.34 -98.36 -12.81
C GLU U 223 -19.51 -97.39 -12.88
N ALA U 224 -20.38 -97.39 -11.84
CA ALA U 224 -21.48 -96.43 -11.75
C ALA U 224 -20.98 -94.97 -11.84
N CYS U 225 -19.85 -94.68 -11.18
CA CYS U 225 -19.22 -93.35 -11.22
C CYS U 225 -18.65 -93.04 -12.58
N VAL U 226 -17.84 -93.95 -13.10
CA VAL U 226 -17.24 -93.83 -14.44
C VAL U 226 -18.34 -93.64 -15.53
N ASP U 227 -19.46 -94.33 -15.37
CA ASP U 227 -20.64 -94.13 -16.20
C ASP U 227 -21.18 -92.71 -16.10
N ARG U 228 -21.44 -92.22 -14.88
CA ARG U 228 -22.03 -90.90 -14.74
C ARG U 228 -21.13 -89.78 -15.22
N ALA U 229 -19.82 -90.01 -15.23
CA ALA U 229 -18.86 -89.04 -15.77
C ALA U 229 -18.95 -89.01 -17.26
N LYS U 230 -19.10 -90.19 -17.86
CA LYS U 230 -19.24 -90.33 -19.31
C LYS U 230 -20.53 -89.66 -19.79
N ARG U 231 -21.62 -89.88 -19.06
CA ARG U 231 -22.92 -89.22 -19.33
C ARG U 231 -22.80 -87.68 -19.32
N ILE U 232 -22.05 -87.14 -18.34
CA ILE U 232 -21.84 -85.71 -18.21
C ILE U 232 -21.02 -85.13 -19.39
N ARG U 233 -19.86 -85.72 -19.64
CA ARG U 233 -18.97 -85.33 -20.75
C ARG U 233 -19.65 -85.43 -22.11
N ALA U 234 -20.52 -86.42 -22.26
CA ALA U 234 -21.37 -86.54 -23.45
C ALA U 234 -22.43 -85.43 -23.51
N ALA U 235 -23.12 -85.19 -22.39
CA ALA U 235 -24.22 -84.19 -22.31
C ALA U 235 -23.82 -82.72 -22.49
N MET U 236 -22.52 -82.43 -22.53
CA MET U 236 -22.04 -81.05 -22.78
C MET U 236 -21.69 -80.79 -24.24
N ASN U 237 -21.93 -81.79 -25.09
CA ASN U 237 -22.12 -81.51 -26.53
C ASN U 237 -23.51 -81.00 -27.00
N GLY U 238 -24.58 -81.35 -26.29
CA GLY U 238 -25.91 -80.88 -26.62
C GLY U 238 -26.48 -81.54 -27.87
N VAL V 1 -30.49 -26.89 -45.83
CA VAL V 1 -30.28 -28.16 -45.11
C VAL V 1 -31.30 -28.34 -44.01
N ASN V 2 -31.47 -29.56 -43.53
CA ASN V 2 -32.40 -29.86 -42.44
C ASN V 2 -32.05 -29.11 -41.19
N ASN V 3 -32.80 -28.05 -40.89
CA ASN V 3 -32.55 -27.28 -39.71
C ASN V 3 -33.01 -28.06 -38.49
N THR V 4 -32.43 -27.76 -37.33
CA THR V 4 -32.79 -28.45 -36.10
C THR V 4 -32.59 -27.58 -34.88
N ILE V 5 -33.67 -27.44 -34.12
CA ILE V 5 -33.74 -26.60 -32.99
C ILE V 5 -33.35 -27.35 -31.75
N VAL V 6 -32.53 -26.72 -30.91
CA VAL V 6 -32.17 -27.30 -29.64
C VAL V 6 -32.75 -26.48 -28.54
N VAL V 7 -33.92 -26.92 -28.08
CA VAL V 7 -34.58 -26.27 -26.95
C VAL V 7 -33.98 -26.79 -25.63
N SER V 8 -33.75 -25.90 -24.68
CA SER V 8 -32.96 -26.22 -23.49
C SER V 8 -33.71 -25.89 -22.25
N ILE V 9 -34.32 -26.88 -21.67
CA ILE V 9 -35.25 -26.65 -20.59
C ILE V 9 -34.65 -27.11 -19.28
N GLY V 10 -34.89 -26.35 -18.24
CA GLY V 10 -34.42 -26.72 -16.96
C GLY V 10 -32.98 -26.34 -16.74
N GLN V 11 -32.51 -26.47 -15.49
CA GLN V 11 -31.09 -26.20 -15.24
C GLN V 11 -30.24 -27.29 -15.86
N ALA V 12 -30.69 -28.56 -15.77
CA ALA V 12 -29.87 -29.66 -16.31
C ALA V 12 -29.81 -29.66 -17.82
N GLY V 13 -30.83 -29.18 -18.46
CA GLY V 13 -30.77 -29.10 -19.90
C GLY V 13 -30.00 -27.89 -20.38
N ASN V 14 -30.06 -26.78 -19.65
CA ASN V 14 -29.35 -25.60 -20.05
C ASN V 14 -27.86 -25.81 -19.86
N GLN V 15 -27.45 -26.44 -18.77
CA GLN V 15 -26.04 -26.56 -18.53
C GLN V 15 -25.40 -27.60 -19.44
N ILE V 16 -26.19 -28.53 -19.99
CA ILE V 16 -25.73 -29.27 -21.15
C ILE V 16 -25.63 -28.32 -22.34
N ALA V 17 -26.68 -27.55 -22.60
CA ALA V 17 -26.73 -26.67 -23.77
C ALA V 17 -25.80 -25.45 -23.63
N ALA V 18 -25.41 -25.13 -22.41
CA ALA V 18 -24.37 -24.16 -22.26
C ALA V 18 -23.11 -24.74 -22.84
N SER V 19 -22.84 -26.03 -22.53
CA SER V 19 -21.68 -26.74 -23.05
C SER V 19 -21.89 -27.34 -24.40
N PHE V 20 -23.12 -27.51 -24.82
CA PHE V 20 -23.39 -28.04 -26.17
C PHE V 20 -23.11 -26.99 -27.26
N TRP V 21 -23.57 -25.77 -27.06
CA TRP V 21 -23.26 -24.72 -28.02
C TRP V 21 -21.84 -24.19 -27.87
N LYS V 22 -21.16 -24.47 -26.76
CA LYS V 22 -19.72 -24.28 -26.72
C LYS V 22 -19.09 -25.19 -27.73
N THR V 23 -19.54 -26.46 -27.77
CA THR V 23 -18.94 -27.46 -28.65
C THR V 23 -19.27 -27.24 -30.09
N VAL V 24 -20.54 -27.11 -30.37
CA VAL V 24 -21.01 -27.02 -31.76
C VAL V 24 -20.42 -25.78 -32.45
N CYS V 25 -20.32 -24.65 -31.76
CA CYS V 25 -19.72 -23.46 -32.33
C CYS V 25 -18.21 -23.64 -32.56
N LEU V 26 -17.52 -24.25 -31.60
CA LEU V 26 -16.14 -24.61 -31.80
C LEU V 26 -15.99 -25.69 -32.88
N GLU V 27 -17.01 -26.52 -33.04
CA GLU V 27 -16.98 -27.56 -34.07
C GLU V 27 -17.11 -26.97 -35.45
N HIS V 28 -17.85 -25.87 -35.58
CA HIS V 28 -18.00 -25.17 -36.86
C HIS V 28 -17.01 -24.03 -37.04
N GLY V 29 -16.03 -23.91 -36.13
CA GLY V 29 -15.03 -22.85 -36.22
C GLY V 29 -15.60 -21.46 -35.94
N ILE V 30 -16.54 -21.40 -34.99
CA ILE V 30 -17.19 -20.17 -34.60
C ILE V 30 -16.85 -19.89 -33.15
N ASP V 31 -16.55 -18.64 -32.83
CA ASP V 31 -16.21 -18.23 -31.48
C ASP V 31 -17.42 -18.46 -30.56
N PRO V 32 -17.26 -19.31 -29.53
CA PRO V 32 -18.40 -19.55 -28.66
C PRO V 32 -18.71 -18.45 -27.64
N LEU V 33 -17.98 -17.33 -27.67
CA LEU V 33 -18.22 -16.21 -26.76
C LEU V 33 -18.72 -14.95 -27.44
N THR V 34 -18.70 -14.92 -28.77
CA THR V 34 -19.24 -13.79 -29.52
C THR V 34 -20.32 -14.17 -30.53
N GLY V 35 -20.32 -15.42 -31.00
CA GLY V 35 -21.22 -15.82 -32.08
C GLY V 35 -20.67 -15.55 -33.46
N GLN V 36 -19.67 -14.70 -33.60
CA GLN V 36 -19.06 -14.38 -34.89
C GLN V 36 -18.01 -15.42 -35.22
N THR V 37 -17.86 -15.68 -36.50
CA THR V 37 -16.85 -16.60 -36.99
C THR V 37 -15.51 -15.89 -37.09
N ALA V 38 -14.51 -16.59 -37.61
CA ALA V 38 -13.24 -15.95 -37.95
C ALA V 38 -13.48 -14.96 -39.11
N PRO V 39 -12.87 -13.76 -39.05
CA PRO V 39 -13.28 -12.66 -39.95
C PRO V 39 -13.06 -12.89 -41.44
N GLY V 40 -14.16 -12.88 -42.19
CA GLY V 40 -14.12 -13.03 -43.64
C GLY V 40 -14.30 -14.44 -44.15
N VAL V 41 -13.85 -15.44 -43.40
CA VAL V 41 -13.88 -16.83 -43.85
C VAL V 41 -15.18 -17.48 -43.39
N ALA V 42 -15.69 -18.42 -44.19
CA ALA V 42 -16.90 -19.14 -43.90
C ALA V 42 -16.68 -20.13 -42.74
N PRO V 43 -17.74 -20.45 -41.98
CA PRO V 43 -17.59 -21.52 -40.98
C PRO V 43 -17.44 -22.90 -41.63
N ARG V 44 -16.66 -23.76 -40.99
CA ARG V 44 -16.49 -25.11 -41.51
C ARG V 44 -17.76 -25.88 -41.32
N GLY V 45 -17.95 -26.89 -42.16
CA GLY V 45 -19.16 -27.73 -42.11
C GLY V 45 -20.36 -26.92 -42.60
N ASN V 46 -21.53 -27.52 -42.44
CA ASN V 46 -22.77 -26.88 -42.82
C ASN V 46 -23.39 -26.24 -41.58
N TRP V 47 -23.16 -24.94 -41.43
CA TRP V 47 -23.55 -24.19 -40.26
C TRP V 47 -25.07 -24.11 -40.10
N SER V 48 -25.79 -24.05 -41.20
CA SER V 48 -27.20 -23.69 -41.16
C SER V 48 -28.11 -24.77 -40.65
N SER V 49 -27.54 -25.90 -40.21
CA SER V 49 -28.39 -26.93 -39.59
C SER V 49 -28.82 -26.50 -38.21
N PHE V 50 -27.90 -25.90 -37.46
CA PHE V 50 -28.20 -25.41 -36.12
C PHE V 50 -28.24 -23.90 -35.99
N PHE V 51 -27.65 -23.17 -36.93
CA PHE V 51 -27.41 -21.75 -36.79
C PHE V 51 -28.33 -20.93 -37.67
N SER V 52 -28.16 -19.63 -37.66
CA SER V 52 -28.91 -18.72 -38.49
C SER V 52 -28.02 -17.51 -38.82
N LYS V 53 -28.16 -17.01 -40.03
CA LYS V 53 -27.35 -15.91 -40.52
C LYS V 53 -27.94 -14.61 -39.93
N LEU V 54 -27.22 -14.02 -38.99
CA LEU V 54 -27.59 -12.73 -38.41
C LEU V 54 -26.58 -11.71 -38.91
N GLY V 55 -27.02 -10.85 -39.83
CA GLY V 55 -26.15 -9.87 -40.47
C GLY V 55 -25.49 -10.51 -41.68
N GLU V 56 -25.61 -9.85 -42.83
CA GLU V 56 -25.17 -10.43 -44.11
C GLU V 56 -23.76 -9.97 -44.48
N SER V 57 -22.93 -9.66 -43.48
CA SER V 57 -21.59 -9.13 -43.72
C SER V 57 -20.51 -10.24 -43.77
N SER V 58 -20.92 -11.50 -43.59
CA SER V 58 -20.04 -12.69 -43.55
C SER V 58 -19.05 -12.73 -42.39
N SER V 59 -19.07 -11.72 -41.52
CA SER V 59 -18.28 -11.71 -40.28
C SER V 59 -19.14 -11.49 -39.04
N GLY V 60 -20.45 -11.31 -39.21
CA GLY V 60 -21.33 -11.13 -38.09
C GLY V 60 -21.62 -12.41 -37.36
N SER V 61 -22.40 -12.26 -36.29
CA SER V 61 -22.72 -13.38 -35.42
C SER V 61 -23.68 -14.34 -36.09
N TYR V 62 -23.55 -15.63 -35.74
CA TYR V 62 -24.49 -16.66 -36.15
C TYR V 62 -25.26 -17.09 -34.94
N VAL V 63 -26.53 -16.69 -34.89
CA VAL V 63 -27.38 -17.05 -33.80
C VAL V 63 -27.78 -18.52 -33.91
N PRO V 64 -27.53 -19.32 -32.86
CA PRO V 64 -27.99 -20.69 -32.89
C PRO V 64 -29.48 -20.82 -32.74
N ARG V 65 -30.05 -21.84 -33.39
CA ARG V 65 -31.45 -22.15 -33.25
C ARG V 65 -31.66 -22.82 -31.92
N ALA V 66 -31.81 -21.99 -30.90
CA ALA V 66 -31.84 -22.49 -29.52
C ALA V 66 -32.57 -21.56 -28.64
N ILE V 67 -33.63 -22.08 -28.01
CA ILE V 67 -34.34 -21.38 -26.95
C ILE V 67 -34.04 -21.99 -25.59
N MET V 68 -33.53 -21.21 -24.66
CA MET V 68 -33.21 -21.68 -23.33
C MET V 68 -34.26 -21.28 -22.31
N VAL V 69 -34.99 -22.23 -21.79
CA VAL V 69 -36.12 -21.98 -20.97
C VAL V 69 -35.91 -22.52 -19.59
N ASP V 70 -35.98 -21.64 -18.59
CA ASP V 70 -35.93 -22.12 -17.20
C ASP V 70 -36.55 -21.07 -16.32
N LEU V 71 -37.24 -21.54 -15.31
CA LEU V 71 -38.04 -20.72 -14.48
C LEU V 71 -37.24 -19.99 -13.39
N GLU V 72 -35.99 -20.40 -13.22
CA GLU V 72 -35.01 -19.80 -12.33
C GLU V 72 -34.04 -18.90 -13.14
N PRO V 73 -33.77 -17.71 -12.66
CA PRO V 73 -33.02 -16.79 -13.49
C PRO V 73 -31.53 -17.03 -13.53
N SER V 74 -31.01 -17.71 -12.51
CA SER V 74 -29.59 -17.83 -12.32
C SER V 74 -28.91 -18.74 -13.31
N VAL V 75 -29.68 -19.54 -14.04
CA VAL V 75 -29.08 -20.53 -14.93
C VAL V 75 -28.75 -19.89 -16.26
N ILE V 76 -29.70 -19.11 -16.80
CA ILE V 76 -29.51 -18.48 -18.10
C ILE V 76 -28.64 -17.23 -17.95
N ASP V 77 -28.72 -16.58 -16.80
CA ASP V 77 -27.79 -15.47 -16.52
C ASP V 77 -26.36 -15.95 -16.38
N ASN V 78 -26.18 -17.20 -16.01
CA ASN V 78 -24.87 -17.82 -16.12
C ASN V 78 -24.49 -18.01 -17.58
N VAL V 79 -25.46 -18.34 -18.43
CA VAL V 79 -25.20 -18.54 -19.84
C VAL V 79 -24.98 -17.20 -20.54
N LYS V 80 -25.76 -16.19 -20.18
CA LYS V 80 -25.58 -14.86 -20.74
C LYS V 80 -24.22 -14.25 -20.36
N ALA V 81 -23.69 -14.63 -19.20
CA ALA V 81 -22.34 -14.21 -18.83
C ALA V 81 -21.28 -15.02 -19.55
N THR V 82 -21.63 -16.20 -20.07
CA THR V 82 -20.66 -17.09 -20.69
C THR V 82 -21.00 -17.41 -22.16
N SER V 83 -21.76 -16.52 -22.80
CA SER V 83 -21.98 -16.62 -24.23
C SER V 83 -21.81 -15.30 -24.96
N GLY V 84 -21.94 -14.16 -24.29
CA GLY V 84 -21.78 -12.88 -24.94
C GLY V 84 -22.94 -12.60 -25.88
N SER V 85 -22.63 -12.23 -27.11
CA SER V 85 -23.64 -11.95 -28.12
C SER V 85 -23.86 -13.14 -29.03
N LEU V 86 -23.75 -14.36 -28.51
CA LEU V 86 -23.92 -15.56 -29.32
C LEU V 86 -25.38 -15.92 -29.50
N PHE V 87 -26.09 -16.14 -28.39
CA PHE V 87 -27.49 -16.49 -28.51
C PHE V 87 -28.32 -15.28 -28.82
N ASN V 88 -29.52 -15.53 -29.29
CA ASN V 88 -30.50 -14.46 -29.39
C ASN V 88 -31.15 -14.26 -28.05
N PRO V 89 -30.94 -13.11 -27.38
CA PRO V 89 -31.43 -12.97 -26.02
C PRO V 89 -32.94 -12.80 -25.91
N ALA V 90 -33.65 -12.79 -27.02
CA ALA V 90 -35.08 -12.98 -27.00
C ALA V 90 -35.48 -14.47 -26.81
N ASN V 91 -34.56 -15.38 -27.10
CA ASN V 91 -34.73 -16.80 -26.86
C ASN V 91 -34.27 -17.24 -25.48
N LEU V 92 -33.52 -16.42 -24.79
CA LEU V 92 -32.96 -16.78 -23.49
C LEU V 92 -33.94 -16.33 -22.44
N ILE V 93 -35.06 -17.04 -22.35
CA ILE V 93 -36.19 -16.68 -21.51
C ILE V 93 -35.90 -17.17 -20.08
N SER V 94 -36.19 -16.33 -19.10
CA SER V 94 -36.05 -16.70 -17.70
C SER V 94 -37.19 -16.10 -16.90
N ARG V 95 -37.43 -16.67 -15.73
CA ARG V 95 -38.40 -16.16 -14.76
C ARG V 95 -37.74 -15.97 -13.41
N THR V 96 -38.54 -15.75 -12.37
CA THR V 96 -38.02 -15.40 -11.06
C THR V 96 -38.13 -16.55 -10.06
N GLU V 97 -39.32 -17.12 -9.97
CA GLU V 97 -39.65 -17.99 -8.84
C GLU V 97 -39.01 -19.36 -8.93
N GLY V 98 -38.91 -19.93 -10.14
CA GLY V 98 -38.45 -21.30 -10.29
C GLY V 98 -39.54 -22.32 -10.00
N ALA V 99 -39.21 -23.59 -10.14
CA ALA V 99 -40.18 -24.67 -9.94
C ALA V 99 -39.90 -25.52 -8.72
N GLY V 100 -38.69 -26.04 -8.68
CA GLY V 100 -38.19 -26.65 -7.47
C GLY V 100 -38.80 -27.99 -7.20
N GLY V 101 -38.48 -28.92 -8.09
CA GLY V 101 -38.86 -30.33 -7.93
C GLY V 101 -40.34 -30.54 -8.03
N ASN V 102 -41.08 -29.52 -8.44
CA ASN V 102 -42.54 -29.63 -8.53
C ASN V 102 -42.88 -29.66 -9.99
N PHE V 103 -43.29 -30.83 -10.46
CA PHE V 103 -43.76 -31.01 -11.83
C PHE V 103 -44.90 -30.05 -12.17
N ALA V 104 -45.79 -29.87 -11.22
CA ALA V 104 -46.95 -29.10 -11.46
C ALA V 104 -46.69 -27.60 -11.25
N VAL V 105 -45.44 -27.15 -11.36
CA VAL V 105 -45.13 -25.75 -11.59
C VAL V 105 -44.61 -25.55 -13.01
N GLY V 106 -43.73 -26.43 -13.45
CA GLY V 106 -43.26 -26.38 -14.85
C GLY V 106 -44.32 -26.76 -15.85
N TYR V 107 -45.22 -27.65 -15.49
CA TYR V 107 -46.23 -28.13 -16.42
C TYR V 107 -47.47 -27.25 -16.37
N LEU V 108 -48.03 -27.11 -15.17
CA LEU V 108 -49.23 -26.33 -14.95
C LEU V 108 -48.99 -25.28 -13.88
N GLY V 109 -48.39 -24.15 -14.27
CA GLY V 109 -47.95 -23.17 -13.28
C GLY V 109 -47.11 -22.07 -13.92
N ALA V 110 -45.91 -21.88 -13.40
CA ALA V 110 -45.00 -20.88 -13.94
C ALA V 110 -44.52 -21.26 -15.34
N GLY V 111 -44.59 -22.56 -15.67
CA GLY V 111 -44.27 -23.00 -17.01
C GLY V 111 -45.42 -22.80 -17.98
N ARG V 112 -46.63 -22.76 -17.45
CA ARG V 112 -47.78 -22.41 -18.24
C ARG V 112 -47.72 -20.93 -18.61
N GLU V 113 -47.12 -20.11 -17.76
CA GLU V 113 -46.99 -18.68 -18.03
C GLU V 113 -46.02 -18.42 -19.18
N VAL V 114 -44.90 -19.15 -19.20
CA VAL V 114 -43.91 -18.95 -20.24
C VAL V 114 -44.28 -19.58 -21.57
N LEU V 115 -45.26 -20.46 -21.56
CA LEU V 115 -45.62 -21.19 -22.76
C LEU V 115 -46.16 -20.29 -23.90
N PRO V 116 -46.94 -19.22 -23.65
CA PRO V 116 -47.17 -18.31 -24.78
C PRO V 116 -45.92 -17.55 -25.25
N GLU V 117 -44.91 -17.41 -24.39
CA GLU V 117 -43.69 -16.72 -24.78
C GLU V 117 -42.66 -17.66 -25.37
N VAL V 118 -42.59 -18.90 -24.91
CA VAL V 118 -41.71 -19.90 -25.48
C VAL V 118 -42.16 -20.30 -26.90
N MET V 119 -43.44 -20.57 -27.07
CA MET V 119 -43.95 -20.96 -28.35
C MET V 119 -43.96 -19.81 -29.35
N SER V 120 -43.94 -18.58 -28.88
CA SER V 120 -43.76 -17.43 -29.76
C SER V 120 -42.31 -17.22 -30.13
N ARG V 121 -41.40 -18.06 -29.64
CA ARG V 121 -40.03 -18.04 -30.09
C ARG V 121 -39.61 -19.28 -30.85
N LEU V 122 -40.25 -20.41 -30.60
CA LEU V 122 -40.15 -21.55 -31.52
C LEU V 122 -40.76 -21.22 -32.89
N ASP V 123 -41.87 -20.49 -32.88
CA ASP V 123 -42.45 -20.04 -34.11
C ASP V 123 -41.56 -19.02 -34.80
N TYR V 124 -40.76 -18.29 -34.03
CA TYR V 124 -39.76 -17.43 -34.62
C TYR V 124 -38.64 -18.23 -35.22
N GLU V 125 -38.26 -19.34 -34.61
CA GLU V 125 -37.17 -20.14 -35.14
C GLU V 125 -37.60 -20.95 -36.35
N ILE V 126 -38.74 -21.61 -36.25
CA ILE V 126 -39.22 -22.51 -37.28
C ILE V 126 -39.55 -21.73 -38.58
N ASP V 127 -40.12 -20.54 -38.46
CA ASP V 127 -40.38 -19.73 -39.64
C ASP V 127 -39.05 -19.23 -40.25
N LYS V 128 -38.04 -19.07 -39.40
CA LYS V 128 -36.70 -18.71 -39.86
C LYS V 128 -35.95 -19.91 -40.48
N CYS V 129 -36.37 -21.13 -40.15
CA CYS V 129 -35.76 -22.33 -40.73
C CYS V 129 -36.10 -22.48 -42.21
N ASP V 130 -35.22 -23.16 -42.93
CA ASP V 130 -35.48 -23.52 -44.33
C ASP V 130 -36.58 -24.58 -44.39
N ASN V 131 -36.31 -25.76 -43.81
CA ASN V 131 -37.34 -26.74 -43.48
C ASN V 131 -36.87 -27.61 -42.34
N VAL V 132 -37.34 -27.28 -41.15
CA VAL V 132 -36.89 -27.87 -39.91
C VAL V 132 -37.36 -29.31 -39.79
N GLY V 133 -36.44 -30.20 -39.44
CA GLY V 133 -36.72 -31.62 -39.42
C GLY V 133 -36.24 -32.25 -38.15
N GLY V 134 -36.38 -31.52 -37.06
CA GLY V 134 -36.10 -32.10 -35.74
C GLY V 134 -35.96 -31.08 -34.67
N ILE V 135 -36.39 -31.42 -33.47
CA ILE V 135 -36.30 -30.54 -32.31
C ILE V 135 -35.73 -31.31 -31.18
N ILE V 136 -34.52 -30.93 -30.76
CA ILE V 136 -33.78 -31.66 -29.75
C ILE V 136 -33.94 -30.93 -28.43
N VAL V 137 -34.89 -31.39 -27.63
CA VAL V 137 -35.19 -30.73 -26.37
C VAL V 137 -34.25 -31.31 -25.35
N LEU V 138 -33.45 -30.45 -24.74
CA LEU V 138 -32.51 -30.85 -23.69
C LEU V 138 -33.06 -30.51 -22.36
N HIS V 139 -33.28 -31.54 -21.55
CA HIS V 139 -33.79 -31.33 -20.22
C HIS V 139 -33.34 -32.46 -19.32
N ALA V 140 -33.90 -32.50 -18.12
CA ALA V 140 -33.78 -33.65 -17.26
C ALA V 140 -35.14 -34.27 -17.04
N ILE V 141 -35.17 -35.48 -16.54
CA ILE V 141 -36.44 -36.10 -16.22
C ILE V 141 -36.48 -36.21 -14.72
N GLY V 142 -35.88 -35.26 -14.04
CA GLY V 142 -35.88 -35.31 -12.62
C GLY V 142 -36.47 -34.14 -11.88
N GLY V 143 -36.46 -32.97 -12.49
CA GLY V 143 -36.73 -31.76 -11.76
C GLY V 143 -38.16 -31.32 -11.92
N GLY V 144 -38.36 -30.04 -11.60
CA GLY V 144 -39.66 -29.41 -11.72
C GLY V 144 -39.80 -28.60 -12.97
N THR V 145 -38.67 -28.18 -13.55
CA THR V 145 -38.68 -27.39 -14.73
C THR V 145 -38.37 -28.20 -15.95
N GLY V 146 -37.25 -28.90 -15.94
CA GLY V 146 -36.85 -29.71 -17.10
C GLY V 146 -37.78 -30.87 -17.32
N SER V 147 -38.22 -31.50 -16.24
CA SER V 147 -39.20 -32.58 -16.34
C SER V 147 -40.64 -32.04 -16.33
N GLY V 148 -40.83 -30.83 -15.84
CA GLY V 148 -42.14 -30.22 -15.85
C GLY V 148 -42.46 -29.49 -17.11
N PHE V 149 -41.66 -28.51 -17.47
CA PHE V 149 -41.92 -27.75 -18.66
C PHE V 149 -41.52 -28.56 -19.90
N GLY V 150 -40.57 -29.45 -19.74
CA GLY V 150 -40.21 -30.36 -20.84
C GLY V 150 -41.32 -31.31 -21.18
N ALA V 151 -42.10 -31.69 -20.20
CA ALA V 151 -43.31 -32.42 -20.47
C ALA V 151 -44.41 -31.51 -21.03
N LEU V 152 -44.38 -30.25 -20.68
CA LEU V 152 -45.36 -29.32 -21.20
C LEU V 152 -45.02 -28.94 -22.63
N LEU V 153 -43.76 -28.61 -22.89
CA LEU V 153 -43.36 -28.04 -24.14
C LEU V 153 -43.47 -29.03 -25.28
N ILE V 154 -43.05 -30.26 -25.03
CA ILE V 154 -43.08 -31.29 -26.06
C ILE V 154 -44.54 -31.63 -26.39
N GLU V 155 -45.41 -31.68 -25.38
CA GLU V 155 -46.83 -31.81 -25.65
C GLU V 155 -47.44 -30.55 -26.18
N SER V 156 -46.74 -29.41 -26.17
CA SER V 156 -47.24 -28.20 -26.80
C SER V 156 -46.66 -27.97 -28.17
N LEU V 157 -45.83 -28.89 -28.66
CA LEU V 157 -45.08 -28.69 -29.89
C LEU V 157 -45.45 -29.75 -30.93
N LYS V 158 -45.54 -31.03 -30.54
CA LYS V 158 -46.10 -32.03 -31.44
C LYS V 158 -47.62 -31.83 -31.60
N GLU V 159 -48.27 -31.26 -30.59
CA GLU V 159 -49.66 -30.89 -30.71
C GLU V 159 -49.86 -29.77 -31.72
N LYS V 160 -48.88 -28.89 -31.84
CA LYS V 160 -48.95 -27.77 -32.77
C LYS V 160 -48.45 -28.16 -34.16
N TYR V 161 -47.29 -28.81 -34.23
CA TYR V 161 -46.65 -29.12 -35.52
C TYR V 161 -46.89 -30.57 -35.94
N GLY V 162 -46.36 -31.50 -35.15
CA GLY V 162 -46.65 -32.90 -35.37
C GLY V 162 -45.92 -33.60 -36.48
N GLU V 163 -45.49 -32.86 -37.50
CA GLU V 163 -44.73 -33.44 -38.61
C GLU V 163 -43.23 -33.23 -38.41
N ILE V 164 -42.76 -33.34 -37.17
CA ILE V 164 -41.39 -33.01 -36.84
C ILE V 164 -40.93 -33.92 -35.69
N PRO V 165 -39.70 -34.44 -35.77
CA PRO V 165 -39.20 -35.26 -34.68
C PRO V 165 -38.83 -34.47 -33.44
N VAL V 166 -39.18 -35.01 -32.28
CA VAL V 166 -38.80 -34.43 -31.00
C VAL V 166 -37.92 -35.37 -30.26
N LEU V 167 -36.62 -35.23 -30.42
CA LEU V 167 -35.63 -36.04 -29.68
C LEU V 167 -35.31 -35.40 -28.35
N SER V 168 -36.02 -35.85 -27.31
CA SER V 168 -35.84 -35.29 -26.00
C SER V 168 -34.58 -35.84 -25.34
N CYS V 169 -33.45 -35.17 -25.59
CA CYS V 169 -32.15 -35.60 -25.03
C CYS V 169 -32.12 -35.26 -23.59
N ALA V 170 -32.43 -36.25 -22.75
CA ALA V 170 -32.84 -36.00 -21.39
C ALA V 170 -32.00 -36.76 -20.42
N VAL V 171 -32.01 -36.30 -19.17
CA VAL V 171 -31.10 -36.85 -18.16
C VAL V 171 -31.95 -37.50 -17.09
N LEU V 172 -31.88 -38.83 -17.04
CA LEU V 172 -32.62 -39.59 -16.06
C LEU V 172 -32.05 -39.37 -14.66
N PRO V 173 -32.89 -39.66 -13.65
CA PRO V 173 -32.40 -39.69 -12.27
C PRO V 173 -31.40 -40.77 -12.02
N SER V 174 -30.32 -40.42 -11.34
CA SER V 174 -29.31 -41.39 -10.95
C SER V 174 -29.90 -42.25 -9.83
N PRO V 175 -29.72 -43.57 -9.91
CA PRO V 175 -30.28 -44.44 -8.87
C PRO V 175 -29.43 -44.55 -7.62
N GLN V 176 -28.19 -44.06 -7.66
CA GLN V 176 -27.30 -44.11 -6.52
C GLN V 176 -27.79 -43.17 -5.39
N VAL V 177 -28.29 -42.00 -5.77
CA VAL V 177 -28.84 -41.03 -4.87
C VAL V 177 -29.71 -40.10 -5.70
N SER V 178 -30.82 -39.65 -5.13
CA SER V 178 -31.72 -38.77 -5.85
C SER V 178 -31.36 -37.34 -5.58
N SER V 179 -31.13 -36.57 -6.64
CA SER V 179 -30.82 -35.15 -6.50
C SER V 179 -32.06 -34.28 -6.17
N VAL V 180 -33.25 -34.82 -6.37
CA VAL V 180 -34.50 -34.23 -5.94
C VAL V 180 -35.24 -35.23 -5.06
N VAL V 181 -35.90 -34.79 -4.03
CA VAL V 181 -36.67 -35.71 -3.18
C VAL V 181 -37.94 -36.19 -3.89
N THR V 182 -38.50 -35.37 -4.78
CA THR V 182 -39.66 -35.77 -5.59
C THR V 182 -39.27 -36.20 -6.98
N GLU V 183 -38.08 -36.78 -7.12
CA GLU V 183 -37.50 -37.15 -8.41
C GLU V 183 -38.05 -38.41 -9.03
N PRO V 184 -38.43 -39.45 -8.24
CA PRO V 184 -39.23 -40.51 -8.88
C PRO V 184 -40.68 -40.17 -9.17
N TYR V 185 -41.22 -39.12 -8.59
CA TYR V 185 -42.45 -38.56 -9.06
C TYR V 185 -42.23 -37.96 -10.41
N ASN V 186 -41.34 -36.98 -10.49
CA ASN V 186 -41.24 -36.10 -11.67
C ASN V 186 -40.85 -36.79 -12.93
N THR V 187 -40.24 -37.96 -12.84
CA THR V 187 -39.96 -38.74 -14.01
C THR V 187 -41.24 -39.33 -14.58
N VAL V 188 -42.01 -39.98 -13.74
CA VAL V 188 -43.22 -40.65 -14.17
C VAL V 188 -44.21 -39.63 -14.71
N PHE V 189 -44.23 -38.40 -14.22
CA PHE V 189 -45.07 -37.38 -14.79
C PHE V 189 -44.53 -36.95 -16.15
N ALA V 190 -43.22 -37.04 -16.36
CA ALA V 190 -42.65 -36.75 -17.68
C ALA V 190 -42.66 -37.97 -18.57
N LEU V 191 -42.73 -39.17 -18.01
CA LEU V 191 -42.87 -40.36 -18.84
C LEU V 191 -44.27 -40.48 -19.46
N ASN V 192 -45.21 -39.63 -19.08
CA ASN V 192 -46.38 -39.45 -19.86
C ASN V 192 -45.94 -38.81 -21.19
N THR V 193 -45.28 -37.66 -21.14
CA THR V 193 -44.97 -36.94 -22.33
C THR V 193 -43.92 -37.65 -23.16
N LEU V 194 -42.83 -38.04 -22.53
CA LEU V 194 -41.69 -38.59 -23.25
C LEU V 194 -41.94 -39.97 -23.81
N ARG V 195 -43.08 -40.57 -23.49
CA ARG V 195 -43.57 -41.76 -24.17
C ARG V 195 -44.59 -41.44 -25.25
N ARG V 196 -45.48 -40.49 -24.99
CA ARG V 196 -46.61 -40.31 -25.84
C ARG V 196 -46.35 -39.26 -26.93
N SER V 197 -45.84 -38.09 -26.53
CA SER V 197 -45.76 -36.97 -27.47
C SER V 197 -44.36 -36.59 -27.87
N ALA V 198 -43.38 -37.41 -27.52
CA ALA V 198 -42.01 -37.24 -28.01
C ALA V 198 -41.71 -38.41 -28.92
N ASP V 199 -41.07 -38.15 -30.05
CA ASP V 199 -40.73 -39.23 -30.99
C ASP V 199 -39.59 -40.10 -30.48
N ALA V 200 -38.73 -39.55 -29.66
CA ALA V 200 -37.69 -40.33 -28.95
C ALA V 200 -37.20 -39.56 -27.77
N CYS V 201 -36.80 -40.28 -26.72
CA CYS V 201 -36.24 -39.67 -25.54
C CYS V 201 -34.89 -40.28 -25.32
N LEU V 202 -33.84 -39.58 -25.76
CA LEU V 202 -32.48 -40.01 -25.51
C LEU V 202 -32.14 -39.79 -24.05
N ILE V 203 -31.90 -40.89 -23.32
CA ILE V 203 -31.67 -40.78 -21.88
C ILE V 203 -30.18 -40.57 -21.60
N PHE V 204 -29.90 -40.11 -20.39
CA PHE V 204 -28.56 -40.04 -19.84
C PHE V 204 -28.75 -40.21 -18.33
N ASP V 205 -27.75 -40.78 -17.69
CA ASP V 205 -27.85 -41.07 -16.29
C ASP V 205 -26.62 -40.60 -15.55
N ASN V 206 -26.83 -39.87 -14.46
CA ASN V 206 -25.73 -39.23 -13.79
C ASN V 206 -24.83 -40.20 -13.04
N GLU V 207 -25.27 -41.43 -12.78
CA GLU V 207 -24.38 -42.39 -12.21
C GLU V 207 -23.36 -42.86 -13.25
N ALA V 208 -23.84 -43.24 -14.42
CA ALA V 208 -22.94 -43.75 -15.49
C ALA V 208 -22.03 -42.67 -16.04
N LEU V 209 -22.51 -41.44 -16.05
CA LEU V 209 -21.70 -40.35 -16.50
C LEU V 209 -20.65 -39.94 -15.47
N PHE V 210 -20.81 -40.35 -14.21
CA PHE V 210 -19.72 -40.23 -13.28
C PHE V 210 -18.68 -41.29 -13.52
N ASP V 211 -19.11 -42.53 -13.74
CA ASP V 211 -18.16 -43.62 -13.95
C ASP V 211 -17.38 -43.52 -15.24
N LEU V 212 -17.98 -42.93 -16.25
CA LEU V 212 -17.33 -42.76 -17.53
C LEU V 212 -16.48 -41.52 -17.63
N ALA V 213 -16.40 -40.74 -16.56
CA ALA V 213 -15.41 -39.70 -16.45
C ALA V 213 -14.41 -39.96 -15.34
N HIS V 214 -14.72 -40.84 -14.41
CA HIS V 214 -13.80 -41.21 -13.34
C HIS V 214 -12.88 -42.33 -13.78
N ARG V 215 -13.46 -43.42 -14.28
CA ARG V 215 -12.68 -44.58 -14.69
C ARG V 215 -12.11 -44.43 -16.10
N LYS V 216 -12.75 -43.61 -16.92
CA LYS V 216 -12.39 -43.48 -18.34
C LYS V 216 -11.66 -42.19 -18.65
N TRP V 217 -12.15 -41.05 -18.15
CA TRP V 217 -11.43 -39.79 -18.27
C TRP V 217 -10.51 -39.51 -17.08
N ASN V 218 -10.21 -40.55 -16.30
CA ASN V 218 -9.21 -40.62 -15.23
C ASN V 218 -9.03 -39.37 -14.38
N ILE V 219 -10.13 -38.80 -13.94
CA ILE V 219 -10.12 -37.72 -12.97
C ILE V 219 -10.79 -38.20 -11.68
N GLU V 220 -10.51 -37.51 -10.60
CA GLU V 220 -10.99 -37.94 -9.28
C GLU V 220 -12.47 -37.61 -9.08
N SER V 221 -12.80 -36.32 -9.16
CA SER V 221 -14.17 -35.85 -8.98
C SER V 221 -14.69 -35.28 -10.32
N PRO V 222 -15.54 -36.05 -11.01
CA PRO V 222 -16.15 -35.53 -12.22
C PRO V 222 -17.24 -34.52 -11.90
N THR V 223 -16.98 -33.25 -12.21
CA THR V 223 -17.96 -32.21 -11.98
C THR V 223 -19.05 -32.25 -13.07
N VAL V 224 -20.01 -31.36 -12.92
CA VAL V 224 -21.08 -31.23 -13.89
C VAL V 224 -20.61 -30.44 -15.09
N ASP V 225 -19.40 -29.90 -15.02
CA ASP V 225 -18.75 -29.38 -16.21
C ASP V 225 -18.33 -30.54 -17.13
N ASP V 226 -18.06 -31.72 -16.56
CA ASP V 226 -17.66 -32.88 -17.33
C ASP V 226 -18.75 -33.91 -17.51
N LEU V 227 -19.80 -33.85 -16.73
CA LEU V 227 -21.00 -34.62 -17.11
C LEU V 227 -21.63 -34.00 -18.37
N ASN V 228 -21.68 -32.68 -18.43
CA ASN V 228 -22.24 -31.97 -19.56
C ASN V 228 -21.25 -31.85 -20.68
N LEU V 229 -20.18 -32.63 -20.68
CA LEU V 229 -19.27 -32.77 -21.81
C LEU V 229 -19.24 -34.20 -22.33
N LEU V 230 -19.46 -35.19 -21.49
CA LEU V 230 -19.74 -36.54 -21.96
C LEU V 230 -21.08 -36.59 -22.69
N ILE V 231 -22.10 -35.88 -22.19
CA ILE V 231 -23.36 -35.81 -22.86
C ILE V 231 -23.18 -35.00 -24.11
N THR V 232 -22.46 -33.90 -24.02
CA THR V 232 -22.31 -32.98 -25.12
C THR V 232 -21.64 -33.66 -26.29
N GLU V 233 -20.53 -34.32 -26.05
CA GLU V 233 -19.78 -35.00 -27.09
C GLU V 233 -20.57 -36.13 -27.73
N ALA V 234 -21.52 -36.68 -27.01
CA ALA V 234 -22.51 -37.56 -27.59
C ALA V 234 -23.60 -36.79 -28.34
N LEU V 235 -24.05 -35.66 -27.81
CA LEU V 235 -25.07 -34.86 -28.52
C LEU V 235 -24.46 -34.12 -29.69
N ALA V 236 -23.17 -33.80 -29.61
CA ALA V 236 -22.44 -33.31 -30.77
C ALA V 236 -21.91 -34.46 -31.61
N GLY V 237 -22.28 -35.67 -31.29
CA GLY V 237 -21.94 -36.81 -32.09
C GLY V 237 -23.12 -37.32 -32.87
N ILE V 238 -24.30 -37.35 -32.27
CA ILE V 238 -25.50 -37.77 -33.00
C ILE V 238 -25.95 -36.71 -33.96
N THR V 239 -25.47 -35.47 -33.80
CA THR V 239 -25.81 -34.38 -34.67
C THR V 239 -24.68 -34.00 -35.63
N ALA V 240 -23.68 -34.83 -35.74
CA ALA V 240 -22.68 -34.61 -36.75
C ALA V 240 -23.13 -35.08 -38.12
N SER V 241 -24.08 -36.01 -38.17
CA SER V 241 -24.68 -36.38 -39.43
C SER V 241 -25.66 -35.36 -39.93
N MET V 242 -26.15 -34.52 -39.02
CA MET V 242 -27.15 -33.50 -39.37
C MET V 242 -26.49 -32.24 -39.88
N ARG V 243 -25.26 -31.99 -39.46
CA ARG V 243 -24.59 -30.70 -39.62
C ARG V 243 -23.48 -30.68 -40.62
N PHE V 244 -23.11 -31.83 -41.16
CA PHE V 244 -21.94 -31.97 -41.99
C PHE V 244 -22.28 -32.60 -43.31
N SER V 245 -21.82 -31.99 -44.39
CA SER V 245 -22.01 -32.49 -45.74
C SER V 245 -20.63 -32.62 -46.36
N GLY V 246 -20.00 -33.76 -46.10
CA GLY V 246 -18.59 -33.93 -46.37
C GLY V 246 -18.26 -34.85 -47.52
N PHE V 247 -17.35 -35.78 -47.28
CA PHE V 247 -16.85 -36.68 -48.31
C PHE V 247 -17.84 -37.80 -48.60
N LEU V 248 -18.08 -38.64 -47.61
CA LEU V 248 -19.06 -39.74 -47.72
C LEU V 248 -19.93 -39.74 -46.49
N THR V 249 -20.33 -38.55 -46.07
CA THR V 249 -21.10 -38.39 -44.86
C THR V 249 -22.49 -38.94 -45.05
N VAL V 250 -22.84 -39.95 -44.27
CA VAL V 250 -24.19 -40.49 -44.26
C VAL V 250 -25.06 -39.50 -43.48
N GLU V 251 -25.77 -38.66 -44.23
CA GLU V 251 -26.49 -37.54 -43.65
C GLU V 251 -27.76 -38.04 -43.04
N ILE V 252 -27.72 -38.27 -41.73
CA ILE V 252 -28.84 -38.85 -41.00
C ILE V 252 -29.61 -37.71 -40.32
N THR V 253 -30.81 -37.44 -40.80
CA THR V 253 -31.73 -36.56 -40.13
C THR V 253 -32.28 -37.21 -38.88
N LEU V 254 -32.99 -36.45 -38.07
CA LEU V 254 -33.60 -37.01 -36.87
C LEU V 254 -34.63 -38.07 -37.29
N ARG V 255 -35.50 -37.75 -38.26
CA ARG V 255 -36.46 -38.72 -38.73
C ARG V 255 -35.79 -39.92 -39.36
N GLU V 256 -34.64 -39.64 -39.97
CA GLU V 256 -33.81 -40.68 -40.58
C GLU V 256 -33.11 -41.50 -39.52
N LEU V 257 -32.96 -40.92 -38.34
CA LEU V 257 -32.41 -41.63 -37.20
C LEU V 257 -33.46 -42.34 -36.47
N LEU V 258 -34.68 -41.83 -36.42
CA LEU V 258 -35.69 -42.47 -35.58
C LEU V 258 -36.52 -43.51 -36.31
N THR V 259 -36.53 -43.46 -37.65
CA THR V 259 -37.11 -44.55 -38.41
C THR V 259 -36.29 -45.81 -38.24
N ASN V 260 -35.00 -45.67 -38.04
CA ASN V 260 -34.12 -46.80 -37.74
C ASN V 260 -34.10 -47.19 -36.28
N LEU V 261 -34.66 -46.36 -35.39
CA LEU V 261 -34.48 -46.59 -33.99
C LEU V 261 -35.75 -46.57 -33.20
N VAL V 262 -36.89 -46.25 -33.78
CA VAL V 262 -38.13 -46.42 -33.03
C VAL V 262 -38.90 -47.51 -33.76
N PRO V 263 -38.86 -48.75 -33.26
CA PRO V 263 -39.53 -49.88 -33.87
C PRO V 263 -41.12 -49.75 -33.86
N GLN V 264 -41.73 -49.48 -32.72
CA GLN V 264 -43.19 -49.22 -32.67
C GLN V 264 -43.44 -48.15 -31.59
N PRO V 265 -44.54 -47.36 -31.71
CA PRO V 265 -44.60 -46.06 -31.03
C PRO V 265 -44.38 -45.94 -29.50
N SER V 266 -44.16 -47.07 -28.81
CA SER V 266 -43.93 -47.04 -27.39
C SER V 266 -42.55 -47.58 -27.02
N LEU V 267 -41.64 -47.64 -28.00
CA LEU V 267 -40.28 -48.19 -27.77
C LEU V 267 -39.21 -47.23 -28.28
N HIS V 268 -39.29 -45.99 -27.82
CA HIS V 268 -38.41 -44.97 -28.30
C HIS V 268 -37.61 -44.30 -27.25
N PHE V 269 -37.26 -45.03 -26.19
CA PHE V 269 -36.32 -44.53 -25.21
C PHE V 269 -34.97 -45.10 -25.57
N LEU V 270 -34.04 -44.25 -25.94
CA LEU V 270 -32.78 -44.68 -26.50
C LEU V 270 -31.70 -44.36 -25.46
N MET V 271 -30.78 -45.29 -25.31
CA MET V 271 -29.56 -45.03 -24.57
C MET V 271 -28.54 -44.41 -25.52
N CYS V 272 -27.33 -44.24 -25.01
CA CYS V 272 -26.25 -43.75 -25.83
C CYS V 272 -24.95 -44.17 -25.27
N ALA V 273 -23.94 -44.19 -26.11
CA ALA V 273 -22.56 -44.43 -25.69
C ALA V 273 -21.59 -43.74 -26.59
N PHE V 274 -20.38 -43.49 -26.08
CA PHE V 274 -19.37 -42.78 -26.83
C PHE V 274 -18.09 -43.53 -26.79
N ALA V 275 -17.34 -43.47 -27.90
CA ALA V 275 -16.00 -44.02 -28.00
C ALA V 275 -15.19 -43.07 -28.84
N PRO V 276 -13.90 -42.89 -28.52
CA PRO V 276 -13.15 -43.43 -27.40
C PRO V 276 -13.38 -42.57 -26.18
N LEU V 277 -13.37 -43.19 -25.02
CA LEU V 277 -13.37 -42.42 -23.80
C LEU V 277 -11.93 -42.17 -23.29
N THR V 278 -10.99 -42.04 -24.21
CA THR V 278 -9.64 -41.64 -23.92
C THR V 278 -9.63 -40.24 -23.32
N PRO V 279 -8.90 -40.04 -22.21
CA PRO V 279 -8.85 -38.70 -21.61
C PRO V 279 -8.13 -37.70 -22.51
N PRO V 280 -8.41 -36.38 -22.35
CA PRO V 280 -7.80 -35.39 -23.24
C PRO V 280 -6.31 -35.07 -23.04
N ASP V 281 -5.58 -35.93 -22.32
CA ASP V 281 -4.17 -35.71 -22.02
C ASP V 281 -3.21 -36.12 -23.16
N ARG V 282 -3.74 -36.25 -24.38
CA ARG V 282 -2.99 -36.67 -25.58
C ARG V 282 -2.33 -38.03 -25.37
N SER V 283 -3.18 -39.05 -25.25
CA SER V 283 -2.72 -40.44 -25.23
C SER V 283 -2.65 -40.94 -26.69
N LYS V 284 -1.64 -40.43 -27.40
CA LYS V 284 -1.59 -40.54 -28.86
C LYS V 284 -1.26 -41.97 -29.32
N PHE V 285 -0.34 -42.62 -28.63
CA PHE V 285 0.00 -43.99 -28.94
C PHE V 285 -1.00 -44.97 -28.35
N GLU V 286 -1.91 -44.50 -27.48
CA GLU V 286 -3.01 -45.32 -27.01
C GLU V 286 -4.34 -44.92 -27.64
N GLU V 287 -4.32 -44.23 -28.78
CA GLU V 287 -5.55 -43.93 -29.51
C GLU V 287 -6.11 -45.23 -30.11
N LEU V 288 -7.42 -45.39 -30.01
CA LEU V 288 -8.04 -46.69 -30.28
C LEU V 288 -8.44 -46.80 -31.74
N GLY V 289 -8.17 -47.97 -32.33
CA GLY V 289 -8.63 -48.30 -33.67
C GLY V 289 -10.11 -48.68 -33.66
N ILE V 290 -10.64 -48.86 -34.85
CA ILE V 290 -12.07 -49.11 -35.02
C ILE V 290 -12.45 -50.52 -34.58
N GLU V 291 -11.49 -51.44 -34.59
CA GLU V 291 -11.79 -52.79 -34.14
C GLU V 291 -11.95 -52.86 -32.63
N GLU V 292 -11.39 -51.89 -31.92
CA GLU V 292 -11.38 -51.88 -30.44
C GLU V 292 -12.20 -50.76 -29.79
N MET V 293 -12.57 -49.73 -30.56
CA MET V 293 -13.55 -48.79 -30.06
C MET V 293 -14.91 -49.47 -29.91
N ILE V 294 -15.25 -50.35 -30.84
CA ILE V 294 -16.51 -51.05 -30.81
C ILE V 294 -16.50 -52.09 -29.70
N LYS V 295 -15.32 -52.60 -29.36
CA LYS V 295 -15.16 -53.39 -28.15
C LYS V 295 -15.37 -52.55 -26.89
N SER V 296 -15.10 -51.24 -26.97
CA SER V 296 -15.34 -50.33 -25.84
C SER V 296 -16.66 -49.59 -25.91
N LEU V 297 -17.35 -49.68 -27.05
CA LEU V 297 -18.72 -49.16 -27.12
C LEU V 297 -19.63 -49.98 -26.24
N PHE V 298 -19.55 -51.29 -26.42
CA PHE V 298 -20.55 -52.18 -25.88
C PHE V 298 -20.21 -52.82 -24.53
N ASP V 299 -19.34 -52.18 -23.75
CA ASP V 299 -19.14 -52.62 -22.38
C ASP V 299 -20.35 -52.27 -21.54
N ASN V 300 -20.54 -53.00 -20.46
CA ASN V 300 -21.65 -52.73 -19.54
C ASN V 300 -21.49 -51.36 -18.87
N GLY V 301 -20.26 -51.04 -18.48
CA GLY V 301 -19.92 -49.72 -18.03
C GLY V 301 -19.33 -48.96 -19.19
N SER V 302 -20.12 -48.77 -20.25
CA SER V 302 -19.77 -47.84 -21.34
C SER V 302 -20.94 -47.02 -21.86
N VAL V 303 -22.18 -47.39 -21.55
CA VAL V 303 -23.30 -46.60 -21.96
C VAL V 303 -23.59 -45.54 -20.95
N PHE V 304 -24.32 -44.51 -21.38
CA PHE V 304 -24.65 -43.40 -20.51
C PHE V 304 -25.97 -43.70 -19.80
N ALA V 305 -26.03 -44.80 -19.08
CA ALA V 305 -27.29 -45.27 -18.49
C ALA V 305 -26.98 -46.11 -17.28
N ALA V 306 -27.91 -46.11 -16.33
CA ALA V 306 -27.73 -46.85 -15.10
C ALA V 306 -27.77 -48.35 -15.34
N CYS V 307 -28.52 -48.78 -16.37
CA CYS V 307 -28.70 -50.19 -16.63
C CYS V 307 -27.46 -50.83 -17.20
N SER V 308 -27.44 -52.16 -17.15
CA SER V 308 -26.38 -52.92 -17.78
C SER V 308 -26.84 -53.34 -19.18
N PRO V 309 -26.27 -52.75 -20.23
CA PRO V 309 -26.78 -52.97 -21.59
C PRO V 309 -26.64 -54.40 -22.14
N MET V 310 -25.51 -55.05 -21.94
CA MET V 310 -25.35 -56.40 -22.45
C MET V 310 -26.04 -57.44 -21.58
N GLU V 311 -26.58 -57.04 -20.43
CA GLU V 311 -27.42 -57.97 -19.67
C GLU V 311 -28.84 -58.03 -20.18
N GLY V 312 -29.19 -57.19 -21.15
CA GLY V 312 -30.51 -57.23 -21.79
C GLY V 312 -30.40 -57.10 -23.29
N ARG V 313 -31.55 -56.93 -23.94
CA ARG V 313 -31.66 -57.12 -25.39
C ARG V 313 -31.60 -55.82 -26.14
N PHE V 314 -30.57 -55.64 -26.97
CA PHE V 314 -30.47 -54.48 -27.88
C PHE V 314 -31.50 -54.62 -28.98
N LEU V 315 -32.48 -53.74 -28.97
CA LEU V 315 -33.57 -53.89 -29.87
C LEU V 315 -33.28 -53.23 -31.19
N SER V 316 -32.81 -52.00 -31.14
CA SER V 316 -32.43 -51.26 -32.35
C SER V 316 -31.15 -50.49 -32.01
N THR V 317 -30.17 -50.58 -32.89
CA THR V 317 -28.84 -50.05 -32.60
C THR V 317 -28.40 -49.13 -33.74
N ALA V 318 -27.73 -48.05 -33.42
CA ALA V 318 -27.28 -47.10 -34.44
C ALA V 318 -25.94 -46.58 -34.06
N VAL V 319 -24.91 -47.14 -34.68
CA VAL V 319 -23.55 -46.81 -34.36
C VAL V 319 -23.11 -45.73 -35.28
N LEU V 320 -22.90 -44.53 -34.75
CA LEU V 320 -22.58 -43.36 -35.55
C LEU V 320 -21.09 -43.09 -35.48
N TYR V 321 -20.34 -43.59 -36.46
CA TYR V 321 -18.92 -43.25 -36.58
C TYR V 321 -18.82 -41.79 -36.98
N ARG V 322 -17.76 -41.14 -36.55
CA ARG V 322 -17.57 -39.76 -36.84
C ARG V 322 -16.09 -39.44 -36.76
N GLY V 323 -15.49 -39.19 -37.91
CA GLY V 323 -14.07 -38.87 -37.99
C GLY V 323 -13.38 -39.50 -39.15
N ILE V 324 -12.06 -39.43 -39.12
CA ILE V 324 -11.23 -39.94 -40.20
C ILE V 324 -11.19 -41.46 -40.11
N MET V 325 -11.78 -42.12 -41.11
CA MET V 325 -11.73 -43.57 -41.22
C MET V 325 -10.84 -43.93 -42.38
N GLU V 326 -9.91 -44.86 -42.16
CA GLU V 326 -9.17 -45.48 -43.25
C GLU V 326 -9.82 -46.80 -43.70
N ASP V 327 -10.60 -47.41 -42.82
CA ASP V 327 -11.00 -48.81 -42.95
C ASP V 327 -12.51 -49.01 -43.01
N LYS V 328 -13.11 -48.91 -44.19
CA LYS V 328 -14.53 -49.25 -44.33
C LYS V 328 -14.89 -50.75 -44.21
N PRO V 329 -14.10 -51.69 -44.76
CA PRO V 329 -14.50 -53.10 -44.51
C PRO V 329 -14.07 -53.61 -43.15
N LEU V 330 -13.09 -52.99 -42.49
CA LEU V 330 -12.82 -53.31 -41.09
C LEU V 330 -13.89 -52.70 -40.19
N ALA V 331 -14.45 -51.58 -40.62
CA ALA V 331 -15.74 -51.15 -40.11
C ALA V 331 -16.81 -52.13 -40.56
N ASP V 332 -17.86 -52.23 -39.77
CA ASP V 332 -19.05 -53.05 -40.05
C ASP V 332 -18.81 -54.55 -39.91
N ALA V 333 -17.55 -54.97 -39.87
CA ALA V 333 -17.16 -56.35 -39.64
C ALA V 333 -16.78 -56.57 -38.19
N ALA V 334 -16.34 -55.52 -37.51
CA ALA V 334 -16.32 -55.53 -36.08
C ALA V 334 -17.76 -55.63 -35.54
N LEU V 335 -18.69 -54.95 -36.20
CA LEU V 335 -20.10 -55.07 -35.84
C LEU V 335 -20.66 -56.44 -36.22
N ALA V 336 -20.05 -57.12 -37.17
CA ALA V 336 -20.45 -58.48 -37.51
C ALA V 336 -20.13 -59.44 -36.38
N ALA V 337 -19.02 -59.20 -35.68
CA ALA V 337 -18.78 -59.91 -34.43
C ALA V 337 -19.78 -59.42 -33.36
N MET V 338 -20.09 -58.13 -33.39
CA MET V 338 -21.04 -57.59 -32.43
C MET V 338 -22.48 -57.95 -32.77
N ARG V 339 -22.76 -58.43 -33.96
CA ARG V 339 -24.06 -59.02 -34.23
C ARG V 339 -24.17 -60.36 -33.48
N GLU V 340 -23.05 -61.06 -33.30
CA GLU V 340 -23.01 -62.32 -32.58
C GLU V 340 -22.85 -62.15 -31.08
N LYS V 341 -22.02 -61.22 -30.65
CA LYS V 341 -21.77 -61.03 -29.22
C LYS V 341 -22.97 -60.45 -28.46
N LEU V 342 -23.59 -59.44 -29.04
CA LEU V 342 -24.57 -58.65 -28.34
C LEU V 342 -25.91 -59.32 -28.32
N PRO V 343 -26.68 -59.14 -27.24
CA PRO V 343 -28.05 -59.68 -27.26
C PRO V 343 -28.98 -58.85 -28.11
N LEU V 344 -29.29 -59.37 -29.30
CA LEU V 344 -30.20 -58.68 -30.20
C LEU V 344 -31.60 -59.25 -30.07
N THR V 345 -32.55 -58.65 -30.77
CA THR V 345 -33.93 -59.11 -30.69
C THR V 345 -34.39 -59.54 -32.06
N TYR V 346 -34.32 -60.84 -32.35
CA TYR V 346 -35.20 -61.37 -33.43
C TYR V 346 -36.63 -61.20 -32.91
N TRP V 347 -37.50 -60.76 -33.83
CA TRP V 347 -38.38 -59.59 -33.70
C TRP V 347 -37.78 -58.46 -34.54
N ILE V 348 -36.46 -58.53 -34.80
CA ILE V 348 -35.72 -57.72 -35.78
C ILE V 348 -34.56 -58.61 -36.23
N PRO V 349 -34.44 -58.82 -37.55
CA PRO V 349 -33.30 -59.60 -38.06
C PRO V 349 -31.97 -58.92 -37.90
N THR V 350 -31.93 -57.65 -38.29
CA THR V 350 -30.69 -56.89 -38.16
C THR V 350 -31.03 -55.43 -38.04
N ALA V 351 -30.23 -54.78 -37.17
CA ALA V 351 -30.39 -53.36 -36.91
C ALA V 351 -29.09 -52.81 -36.45
N PHE V 352 -28.35 -52.18 -37.36
CA PHE V 352 -27.21 -51.34 -37.05
C PHE V 352 -27.21 -50.21 -38.05
N LYS V 353 -27.86 -49.08 -37.74
CA LYS V 353 -27.83 -47.94 -38.63
C LYS V 353 -26.45 -47.23 -38.47
N ILE V 354 -25.63 -47.29 -39.51
CA ILE V 354 -24.24 -46.89 -39.37
C ILE V 354 -24.01 -45.59 -40.11
N GLY V 355 -23.78 -44.52 -39.33
CA GLY V 355 -23.41 -43.21 -39.84
C GLY V 355 -21.91 -43.07 -39.94
N TYR V 356 -21.46 -42.52 -41.04
CA TYR V 356 -20.11 -42.01 -41.15
C TYR V 356 -20.20 -40.49 -41.31
N VAL V 357 -19.28 -39.81 -40.66
CA VAL V 357 -19.07 -38.39 -40.83
C VAL V 357 -17.56 -38.18 -40.94
N GLU V 358 -17.11 -37.61 -42.04
CA GLU V 358 -15.68 -37.41 -42.20
C GLU V 358 -15.14 -36.28 -41.38
N GLN V 359 -16.01 -35.36 -40.96
CA GLN V 359 -15.57 -34.24 -40.14
C GLN V 359 -15.33 -34.74 -38.71
N PRO V 360 -14.08 -34.67 -38.22
CA PRO V 360 -13.80 -35.27 -36.95
C PRO V 360 -14.29 -34.45 -35.80
N GLY V 361 -14.32 -35.06 -34.63
CA GLY V 361 -14.71 -34.36 -33.40
C GLY V 361 -13.64 -33.37 -32.97
N ILE V 362 -13.97 -32.57 -31.97
CA ILE V 362 -13.02 -31.63 -31.42
C ILE V 362 -12.01 -32.39 -30.54
N SER V 363 -12.53 -33.14 -29.58
CA SER V 363 -11.68 -33.85 -28.65
C SER V 363 -11.05 -35.12 -29.24
N HIS V 364 -11.63 -35.65 -30.30
CA HIS V 364 -11.20 -36.94 -30.83
C HIS V 364 -11.09 -36.90 -32.33
N ARG V 365 -10.18 -37.73 -32.84
CA ARG V 365 -9.95 -37.82 -34.28
C ARG V 365 -10.83 -38.91 -34.88
N LYS V 366 -10.84 -40.08 -34.26
CA LYS V 366 -11.73 -41.17 -34.66
C LYS V 366 -12.71 -41.38 -33.54
N SER V 367 -13.88 -40.76 -33.62
CA SER V 367 -14.85 -40.87 -32.54
C SER V 367 -16.05 -41.67 -32.97
N MET V 368 -16.61 -42.43 -32.06
CA MET V 368 -17.74 -43.28 -32.32
C MET V 368 -18.84 -42.96 -31.33
N VAL V 369 -20.07 -42.93 -31.80
CA VAL V 369 -21.23 -42.71 -30.95
C VAL V 369 -22.21 -43.83 -31.19
N LEU V 370 -22.77 -44.34 -30.12
CA LEU V 370 -23.75 -45.39 -30.20
C LEU V 370 -25.15 -44.81 -29.83
N LEU V 371 -26.21 -45.39 -30.39
CA LEU V 371 -27.56 -45.19 -29.91
C LEU V 371 -28.26 -46.49 -29.89
N ALA V 372 -28.20 -47.19 -28.78
CA ALA V 372 -28.84 -48.48 -28.69
C ALA V 372 -30.21 -48.33 -28.03
N ASN V 373 -31.27 -48.54 -28.80
CA ASN V 373 -32.60 -48.67 -28.22
C ASN V 373 -32.69 -50.03 -27.48
N ASN V 374 -32.44 -50.01 -26.18
CA ASN V 374 -32.30 -51.22 -25.38
C ASN V 374 -33.59 -51.58 -24.71
N THR V 375 -33.76 -52.86 -24.40
CA THR V 375 -34.84 -53.29 -23.52
C THR V 375 -34.50 -53.07 -22.03
N GLU V 376 -33.25 -52.84 -21.73
CA GLU V 376 -32.87 -52.54 -20.36
C GLU V 376 -33.31 -51.18 -19.90
N ILE V 377 -33.78 -50.36 -20.81
CA ILE V 377 -34.16 -49.01 -20.46
C ILE V 377 -35.50 -49.02 -19.76
N ALA V 378 -36.20 -50.14 -19.76
CA ALA V 378 -37.30 -50.35 -18.81
C ALA V 378 -36.79 -50.69 -17.41
N ARG V 379 -35.59 -51.26 -17.31
CA ARG V 379 -35.03 -51.60 -16.00
C ARG V 379 -34.49 -50.37 -15.26
N VAL V 380 -34.15 -49.32 -16.00
CA VAL V 380 -33.95 -48.03 -15.36
C VAL V 380 -35.30 -47.50 -14.86
N LEU V 381 -36.30 -47.61 -15.70
CA LEU V 381 -37.63 -47.14 -15.39
C LEU V 381 -38.45 -48.12 -14.55
N ASP V 382 -37.93 -49.32 -14.31
CA ASP V 382 -38.49 -50.19 -13.29
C ASP V 382 -38.13 -49.67 -11.89
N ARG V 383 -36.93 -49.09 -11.76
CA ARG V 383 -36.54 -48.46 -10.51
C ARG V 383 -37.42 -47.24 -10.25
N ILE V 384 -37.67 -46.47 -11.29
CA ILE V 384 -38.46 -45.28 -11.15
C ILE V 384 -39.94 -45.65 -10.91
N CYS V 385 -40.40 -46.72 -11.52
CA CYS V 385 -41.74 -47.19 -11.25
C CYS V 385 -41.86 -47.74 -9.81
N HIS V 386 -40.79 -48.34 -9.28
CA HIS V 386 -40.84 -48.85 -7.93
C HIS V 386 -40.71 -47.73 -6.91
N ASN V 387 -39.79 -46.79 -7.17
CA ASN V 387 -39.63 -45.63 -6.27
C ASN V 387 -40.82 -44.69 -6.32
N PHE V 388 -41.66 -44.79 -7.35
CA PHE V 388 -42.90 -44.07 -7.35
C PHE V 388 -43.89 -44.71 -6.42
N ASP V 389 -43.92 -46.05 -6.40
CA ASP V 389 -44.95 -46.76 -5.66
C ASP V 389 -44.69 -46.72 -4.14
N LYS V 390 -43.42 -46.71 -3.76
CA LYS V 390 -43.11 -46.53 -2.36
C LYS V 390 -43.52 -45.10 -1.92
N LEU V 391 -43.47 -44.14 -2.84
CA LEU V 391 -43.95 -42.79 -2.59
C LEU V 391 -45.35 -42.59 -3.10
N TRP V 392 -46.13 -43.64 -3.21
CA TRP V 392 -47.57 -43.47 -3.48
C TRP V 392 -48.46 -44.35 -2.60
N GLN V 393 -47.93 -45.45 -2.05
CA GLN V 393 -48.61 -46.18 -0.99
C GLN V 393 -48.79 -45.33 0.28
N ARG V 394 -47.78 -44.53 0.59
CA ARG V 394 -47.87 -43.54 1.65
C ARG V 394 -48.66 -42.31 1.21
N LYS V 395 -48.84 -42.17 -0.11
CA LYS V 395 -49.29 -40.91 -0.77
C LYS V 395 -48.39 -39.78 -0.35
N ALA V 396 -47.16 -39.84 -0.88
CA ALA V 396 -46.07 -38.98 -0.45
C ALA V 396 -46.33 -37.54 -0.84
N PHE V 397 -45.29 -36.78 -0.95
CA PHE V 397 -45.09 -35.59 -0.18
C PHE V 397 -46.25 -34.94 0.56
N ALA V 398 -47.14 -34.36 -0.23
CA ALA V 398 -48.33 -33.65 0.26
C ALA V 398 -49.21 -33.23 -0.96
N ASN V 399 -50.07 -32.27 -0.65
CA ASN V 399 -50.78 -31.40 -1.58
C ASN V 399 -49.97 -30.69 -2.70
N TRP V 400 -48.63 -30.76 -2.70
CA TRP V 400 -47.75 -30.01 -3.60
C TRP V 400 -48.03 -30.21 -5.07
N TYR V 401 -48.32 -31.44 -5.44
CA TYR V 401 -48.84 -31.70 -6.81
C TYR V 401 -50.31 -31.44 -6.93
N LEU V 402 -51.03 -31.62 -5.85
CA LEU V 402 -52.47 -31.65 -5.91
C LEU V 402 -53.07 -30.25 -5.82
N ASN V 403 -52.39 -29.34 -5.13
CA ASN V 403 -52.91 -27.98 -5.00
C ASN V 403 -52.71 -27.13 -6.24
N GLU V 404 -51.75 -27.50 -7.08
CA GLU V 404 -51.46 -26.74 -8.29
C GLU V 404 -52.50 -26.98 -9.39
N GLY V 405 -53.23 -28.08 -9.34
CA GLY V 405 -54.26 -28.41 -10.31
C GLY V 405 -54.34 -29.87 -10.71
N MET V 406 -53.37 -30.67 -10.29
CA MET V 406 -53.43 -32.08 -10.59
C MET V 406 -54.37 -32.82 -9.65
N SER V 407 -54.77 -34.01 -10.07
CA SER V 407 -55.70 -34.86 -9.31
C SER V 407 -55.09 -36.21 -9.05
N GLU V 408 -55.59 -36.88 -8.03
CA GLU V 408 -55.17 -38.23 -7.66
C GLU V 408 -55.59 -39.23 -8.73
N GLU V 409 -56.65 -38.93 -9.47
CA GLU V 409 -57.03 -39.77 -10.61
C GLU V 409 -56.03 -39.63 -11.74
N GLN V 410 -55.52 -38.42 -11.94
CA GLN V 410 -54.56 -38.18 -13.02
C GLN V 410 -53.22 -38.84 -12.72
N ILE V 411 -52.78 -38.77 -11.47
CA ILE V 411 -51.48 -39.30 -11.08
C ILE V 411 -51.46 -40.82 -11.21
N ASN V 412 -52.57 -41.48 -10.92
CA ASN V 412 -52.67 -42.91 -11.11
C ASN V 412 -52.71 -43.30 -12.58
N VAL V 413 -53.16 -42.41 -13.45
CA VAL V 413 -53.09 -42.64 -14.89
C VAL V 413 -51.65 -42.61 -15.35
N LEU V 414 -50.88 -41.64 -14.86
CA LEU V 414 -49.52 -41.44 -15.35
C LEU V 414 -48.59 -42.50 -14.81
N ARG V 415 -48.91 -43.06 -13.63
CA ARG V 415 -48.21 -44.26 -13.16
C ARG V 415 -48.53 -45.45 -14.01
N ALA V 416 -49.78 -45.58 -14.42
CA ALA V 416 -50.15 -46.64 -15.36
C ALA V 416 -49.54 -46.37 -16.74
N SER V 417 -49.49 -45.12 -17.16
CA SER V 417 -48.89 -44.78 -18.42
C SER V 417 -47.37 -44.97 -18.41
N ALA V 418 -46.76 -44.94 -17.24
CA ALA V 418 -45.39 -45.41 -17.11
C ALA V 418 -45.32 -46.93 -16.89
N GLN V 419 -46.36 -47.53 -16.34
CA GLN V 419 -46.43 -48.97 -16.31
C GLN V 419 -46.68 -49.53 -17.70
N GLU V 420 -47.46 -48.83 -18.52
CA GLU V 420 -47.62 -49.19 -19.91
C GLU V 420 -46.32 -49.04 -20.68
N LEU V 421 -45.43 -48.17 -20.20
CA LEU V 421 -44.13 -47.98 -20.83
C LEU V 421 -43.17 -49.11 -20.45
N VAL V 422 -43.10 -49.46 -19.18
CA VAL V 422 -42.18 -50.46 -18.71
C VAL V 422 -42.58 -51.82 -19.25
N GLN V 423 -43.88 -52.10 -19.32
CA GLN V 423 -44.34 -53.36 -19.89
C GLN V 423 -44.12 -53.40 -21.39
N SER V 424 -44.01 -52.23 -22.02
CA SER V 424 -43.85 -52.18 -23.47
C SER V 424 -42.48 -52.65 -23.91
N TYR V 425 -41.50 -52.60 -23.03
CA TYR V 425 -40.25 -53.34 -23.25
C TYR V 425 -40.32 -54.76 -22.72
N GLN V 426 -41.14 -54.97 -21.69
CA GLN V 426 -41.34 -56.33 -21.20
C GLN V 426 -42.19 -57.13 -22.19
N VAL V 427 -43.05 -56.47 -22.95
CA VAL V 427 -43.65 -57.08 -24.12
C VAL V 427 -42.54 -57.39 -25.12
N ALA V 428 -41.63 -56.44 -25.33
CA ALA V 428 -40.63 -56.55 -26.37
C ALA V 428 -39.36 -57.26 -25.94
N GLU V 429 -39.29 -57.77 -24.72
CA GLU V 429 -38.11 -58.51 -24.31
C GLU V 429 -38.29 -59.99 -24.54
N GLU V 430 -39.34 -60.56 -23.93
CA GLU V 430 -39.60 -61.99 -24.06
C GLU V 430 -40.13 -62.36 -25.45
N SER V 431 -40.80 -61.44 -26.12
CA SER V 431 -41.16 -61.68 -27.51
C SER V 431 -39.95 -61.50 -28.42
N GLY V 432 -39.01 -60.67 -27.99
CA GLY V 432 -37.74 -60.51 -28.68
C GLY V 432 -36.66 -61.47 -28.26
N ALA V 433 -36.97 -62.34 -27.30
CA ALA V 433 -36.02 -63.33 -26.81
C ALA V 433 -35.90 -64.48 -27.81
N ARG W 2 -30.18 -43.81 -80.23
CA ARG W 2 -29.47 -44.69 -79.20
C ARG W 2 -28.73 -43.81 -78.22
N GLU W 3 -29.49 -43.04 -77.43
CA GLU W 3 -28.91 -42.05 -76.54
C GLU W 3 -29.51 -42.23 -75.20
N ILE W 4 -28.75 -42.74 -74.24
CA ILE W 4 -29.29 -43.29 -72.98
C ILE W 4 -29.37 -42.22 -71.93
N LEU W 5 -30.57 -42.00 -71.42
CA LEU W 5 -30.79 -41.09 -70.31
C LEU W 5 -30.30 -41.80 -69.04
N SER W 6 -29.94 -41.02 -68.05
CA SER W 6 -29.45 -41.58 -66.79
C SER W 6 -30.16 -40.87 -65.64
N ILE W 7 -30.44 -41.60 -64.60
CA ILE W 7 -31.11 -41.07 -63.44
C ILE W 7 -30.31 -41.56 -62.26
N HIS W 8 -30.05 -40.66 -61.33
CA HIS W 8 -29.23 -41.00 -60.19
C HIS W 8 -29.93 -40.63 -58.90
N VAL W 9 -30.80 -41.49 -58.43
CA VAL W 9 -31.62 -41.18 -57.31
C VAL W 9 -31.02 -41.73 -56.04
N GLY W 10 -31.12 -40.99 -54.96
CA GLY W 10 -30.63 -41.47 -53.67
C GLY W 10 -29.18 -41.14 -53.46
N GLN W 11 -28.73 -41.18 -52.21
CA GLN W 11 -27.32 -40.90 -51.89
C GLN W 11 -26.44 -41.95 -52.48
N CYS W 12 -26.89 -43.22 -52.49
CA CYS W 12 -26.12 -44.30 -53.13
C CYS W 12 -25.97 -44.11 -54.65
N GLY W 13 -27.01 -43.63 -55.30
CA GLY W 13 -26.94 -43.44 -56.72
C GLY W 13 -26.16 -42.22 -57.11
N ASN W 14 -26.31 -41.13 -56.37
CA ASN W 14 -25.61 -39.92 -56.71
C ASN W 14 -24.12 -40.07 -56.41
N GLN W 15 -23.74 -40.89 -55.44
CA GLN W 15 -22.34 -41.14 -55.19
C GLN W 15 -21.76 -42.00 -56.29
N ILE W 16 -22.57 -42.84 -56.93
CA ILE W 16 -22.12 -43.50 -58.15
C ILE W 16 -22.03 -42.48 -59.28
N ALA W 17 -22.90 -41.49 -59.30
CA ALA W 17 -22.87 -40.48 -60.35
C ALA W 17 -21.59 -39.65 -60.31
N ASP W 18 -21.04 -39.47 -59.11
CA ASP W 18 -19.75 -38.84 -59.02
C ASP W 18 -18.68 -39.77 -59.58
N SER W 19 -18.86 -41.08 -59.42
CA SER W 19 -17.93 -42.06 -60.02
C SER W 19 -18.20 -42.34 -61.48
N PHE W 20 -19.45 -42.34 -61.86
CA PHE W 20 -19.80 -42.68 -63.22
C PHE W 20 -19.52 -41.53 -64.18
N TRP W 21 -19.92 -40.34 -63.84
CA TRP W 21 -19.65 -39.22 -64.74
C TRP W 21 -18.23 -38.66 -64.64
N ARG W 22 -17.42 -39.22 -63.75
CA ARG W 22 -15.99 -39.03 -63.86
C ARG W 22 -15.34 -40.17 -64.62
N LEU W 23 -16.04 -41.27 -64.87
CA LEU W 23 -15.55 -42.33 -65.77
C LEU W 23 -16.14 -42.25 -67.15
N ALA W 24 -17.31 -41.67 -67.27
CA ALA W 24 -17.90 -41.45 -68.60
C ALA W 24 -17.13 -40.32 -69.30
N LEU W 25 -16.63 -39.34 -68.55
CA LEU W 25 -15.84 -38.28 -69.16
C LEU W 25 -14.46 -38.77 -69.53
N ARG W 26 -13.96 -39.79 -68.86
CA ARG W 26 -12.63 -40.30 -69.17
C ARG W 26 -12.70 -41.21 -70.40
N GLU W 27 -13.71 -42.06 -70.49
CA GLU W 27 -13.80 -42.99 -71.61
C GLU W 27 -14.13 -42.24 -72.90
N HIS W 28 -14.97 -41.22 -72.83
CA HIS W 28 -15.19 -40.34 -73.98
C HIS W 28 -14.10 -39.30 -74.15
N GLY W 29 -13.19 -39.18 -73.18
CA GLY W 29 -12.08 -38.26 -73.29
C GLY W 29 -12.51 -36.80 -73.19
N LEU W 30 -13.29 -36.45 -72.16
CA LEU W 30 -13.64 -35.07 -71.90
C LEU W 30 -13.06 -34.61 -70.57
N THR W 31 -12.91 -33.31 -70.43
CA THR W 31 -12.49 -32.75 -69.16
C THR W 31 -13.67 -32.68 -68.20
N GLU W 32 -13.37 -32.31 -66.97
CA GLU W 32 -14.36 -32.32 -65.90
C GLU W 32 -15.38 -31.20 -66.04
N ALA W 33 -15.05 -30.15 -66.77
CA ALA W 33 -15.97 -29.04 -66.96
C ALA W 33 -17.09 -29.37 -67.95
N GLY W 34 -16.87 -30.35 -68.81
CA GLY W 34 -17.87 -30.72 -69.79
C GLY W 34 -17.47 -30.50 -71.22
N THR W 35 -16.31 -29.91 -71.46
CA THR W 35 -15.85 -29.62 -72.81
C THR W 35 -14.89 -30.68 -73.30
N LEU W 36 -14.59 -30.64 -74.58
CA LEU W 36 -13.77 -31.66 -75.21
C LEU W 36 -12.31 -31.43 -74.81
N LYS W 37 -11.62 -32.52 -74.48
CA LYS W 37 -10.23 -32.44 -74.04
C LYS W 37 -9.34 -32.22 -75.26
N SER W 46 -15.90 -42.63 -81.49
CA SER W 46 -16.64 -42.56 -80.22
C SER W 46 -18.00 -41.86 -80.41
N ASN W 47 -19.05 -42.49 -79.89
CA ASN W 47 -20.38 -41.94 -79.98
C ASN W 47 -20.64 -41.19 -78.67
N MET W 48 -20.34 -39.91 -78.68
CA MET W 48 -20.53 -39.08 -77.47
C MET W 48 -21.98 -38.68 -77.22
N GLU W 49 -22.85 -38.97 -78.19
CA GLU W 49 -24.24 -38.59 -78.11
C GLU W 49 -25.02 -39.41 -77.12
N VAL W 50 -24.49 -40.55 -76.69
CA VAL W 50 -25.22 -41.47 -75.83
C VAL W 50 -25.48 -40.95 -74.44
N PHE W 51 -24.40 -40.60 -73.77
CA PHE W 51 -24.49 -40.05 -72.43
C PHE W 51 -24.61 -38.54 -72.38
N PHE W 52 -24.09 -37.85 -73.39
CA PHE W 52 -23.92 -36.44 -73.32
C PHE W 52 -24.82 -35.73 -74.33
N HIS W 53 -25.52 -34.70 -73.86
CA HIS W 53 -26.26 -33.81 -74.73
C HIS W 53 -25.33 -32.71 -75.24
N LYS W 54 -25.19 -32.63 -76.56
CA LYS W 54 -24.41 -31.60 -77.18
C LYS W 54 -25.11 -30.26 -77.11
N VAL W 55 -24.74 -29.45 -76.11
CA VAL W 55 -25.31 -28.11 -75.98
C VAL W 55 -24.67 -27.14 -76.97
N ARG W 56 -23.34 -27.07 -76.93
CA ARG W 56 -22.59 -26.22 -77.84
C ARG W 56 -21.57 -27.08 -78.57
N ASP W 57 -20.73 -26.43 -79.36
CA ASP W 57 -19.71 -27.12 -80.13
C ASP W 57 -18.67 -27.86 -79.27
N GLY W 58 -18.32 -27.29 -78.12
CA GLY W 58 -17.32 -27.89 -77.25
C GLY W 58 -17.92 -28.58 -76.05
N LYS W 59 -18.85 -27.93 -75.38
CA LYS W 59 -19.34 -28.41 -74.09
C LYS W 59 -20.40 -29.47 -74.26
N TYR W 60 -20.22 -30.59 -73.55
CA TYR W 60 -21.15 -31.70 -73.55
C TYR W 60 -21.73 -31.88 -72.16
N VAL W 61 -22.99 -31.50 -72.01
CA VAL W 61 -23.71 -31.68 -70.77
C VAL W 61 -24.27 -33.10 -70.77
N PRO W 62 -24.05 -33.85 -69.68
CA PRO W 62 -24.55 -35.22 -69.63
C PRO W 62 -26.04 -35.33 -69.51
N ARG W 63 -26.57 -36.46 -69.94
CA ARG W 63 -28.01 -36.77 -69.83
C ARG W 63 -28.28 -37.46 -68.50
N ALA W 64 -27.99 -36.76 -67.41
CA ALA W 64 -28.21 -37.25 -66.05
C ALA W 64 -29.13 -36.33 -65.32
N VAL W 65 -30.13 -36.86 -64.63
CA VAL W 65 -30.80 -36.15 -63.53
C VAL W 65 -30.12 -36.53 -62.22
N LEU W 66 -29.71 -35.58 -61.44
CA LEU W 66 -29.16 -35.89 -60.14
C LEU W 66 -30.28 -35.71 -59.13
N VAL W 67 -31.30 -36.52 -59.25
CA VAL W 67 -32.45 -36.46 -58.36
C VAL W 67 -32.07 -36.95 -56.96
N ASP W 68 -32.36 -36.16 -55.95
CA ASP W 68 -31.86 -36.39 -54.63
C ASP W 68 -32.66 -35.66 -53.58
N LEU W 69 -32.87 -36.32 -52.46
CA LEU W 69 -33.24 -35.69 -51.20
C LEU W 69 -32.03 -35.82 -50.28
N GLU W 70 -31.99 -35.05 -49.18
CA GLU W 70 -30.77 -34.74 -48.43
C GLU W 70 -29.74 -34.07 -49.35
N PRO W 71 -29.94 -32.82 -49.71
CA PRO W 71 -29.11 -32.17 -50.71
C PRO W 71 -27.71 -31.78 -50.25
N GLY W 72 -26.96 -32.73 -49.73
CA GLY W 72 -25.58 -32.48 -49.40
C GLY W 72 -24.68 -33.34 -50.24
N VAL W 73 -25.26 -34.30 -50.95
CA VAL W 73 -24.50 -35.21 -51.78
C VAL W 73 -24.05 -34.47 -53.04
N ILE W 74 -24.97 -33.69 -53.61
CA ILE W 74 -24.65 -32.92 -54.80
C ILE W 74 -23.84 -31.67 -54.41
N ALA W 75 -23.97 -31.25 -53.16
CA ALA W 75 -23.14 -30.17 -52.63
C ALA W 75 -21.68 -30.60 -52.59
N ARG W 76 -21.43 -31.90 -52.44
CA ARG W 76 -20.10 -32.43 -52.68
C ARG W 76 -19.80 -32.41 -54.19
N ILE W 77 -20.77 -32.76 -55.01
CA ILE W 77 -20.57 -32.85 -56.46
C ILE W 77 -20.40 -31.46 -57.06
N GLU W 78 -21.44 -30.65 -56.91
CA GLU W 78 -21.46 -29.30 -57.47
C GLU W 78 -20.83 -28.23 -56.58
N GLY W 79 -19.98 -28.63 -55.64
CA GLY W 79 -19.19 -27.67 -54.87
C GLY W 79 -17.74 -27.64 -55.27
N GLY W 80 -17.13 -28.83 -55.35
CA GLY W 80 -15.69 -28.96 -55.48
C GLY W 80 -15.13 -28.75 -56.88
N ASP W 81 -15.43 -29.69 -57.78
CA ASP W 81 -14.75 -29.76 -59.07
C ASP W 81 -15.68 -30.07 -60.25
N MET W 82 -16.97 -30.13 -60.01
CA MET W 82 -17.86 -30.69 -61.01
C MET W 82 -19.16 -29.91 -61.10
N SER W 83 -19.12 -28.64 -60.69
CA SER W 83 -20.29 -27.77 -60.73
C SER W 83 -20.59 -27.30 -62.15
N GLN W 84 -19.54 -27.15 -62.97
CA GLN W 84 -19.67 -26.68 -64.34
C GLN W 84 -20.19 -27.79 -65.26
N LEU W 85 -20.06 -29.04 -64.85
CA LEU W 85 -20.42 -30.20 -65.67
C LEU W 85 -21.92 -30.41 -65.79
N PHE W 86 -22.57 -30.63 -64.66
CA PHE W 86 -23.99 -30.93 -64.66
C PHE W 86 -24.79 -29.67 -64.90
N ASP W 87 -25.90 -29.83 -65.61
CA ASP W 87 -26.85 -28.73 -65.77
C ASP W 87 -27.76 -28.67 -64.54
N GLU W 88 -28.02 -27.47 -64.04
CA GLU W 88 -28.81 -27.37 -62.83
C GLU W 88 -30.33 -27.36 -63.13
N SER W 89 -30.71 -27.40 -64.39
CA SER W 89 -32.07 -27.81 -64.74
C SER W 89 -32.14 -29.32 -65.02
N SER W 90 -31.12 -30.05 -64.62
CA SER W 90 -31.10 -31.53 -64.65
C SER W 90 -30.84 -32.08 -63.24
N ILE W 91 -31.58 -31.61 -62.25
CA ILE W 91 -31.30 -31.92 -60.83
C ILE W 91 -32.59 -31.78 -60.05
N VAL W 92 -32.64 -32.29 -58.84
CA VAL W 92 -33.55 -31.81 -57.82
C VAL W 92 -32.92 -31.97 -56.44
N ARG W 93 -33.02 -30.94 -55.61
CA ARG W 93 -32.48 -30.92 -54.26
C ARG W 93 -33.61 -30.44 -53.36
N LYS W 94 -34.04 -31.29 -52.45
CA LYS W 94 -35.07 -30.91 -51.52
C LYS W 94 -34.89 -31.52 -50.15
N ILE W 95 -35.05 -30.70 -49.13
CA ILE W 95 -35.16 -31.16 -47.75
C ILE W 95 -36.68 -31.30 -47.43
N PRO W 96 -37.07 -32.28 -46.58
CA PRO W 96 -36.32 -33.33 -45.88
C PRO W 96 -35.82 -34.42 -46.79
N GLY W 97 -35.29 -35.47 -46.21
CA GLY W 97 -34.42 -36.33 -46.98
C GLY W 97 -34.82 -37.75 -47.23
N ALA W 98 -36.14 -38.03 -47.33
CA ALA W 98 -36.67 -39.39 -47.56
C ALA W 98 -36.07 -40.36 -46.56
N ALA W 99 -36.53 -40.17 -45.34
CA ALA W 99 -35.82 -40.41 -44.14
C ALA W 99 -35.43 -41.85 -43.89
N ASN W 100 -34.68 -42.48 -44.81
CA ASN W 100 -34.51 -43.93 -44.88
C ASN W 100 -35.78 -44.59 -44.62
N ASN W 101 -36.75 -44.26 -45.45
CA ASN W 101 -38.15 -44.62 -45.20
C ASN W 101 -38.78 -44.57 -46.56
N TRP W 102 -39.23 -45.73 -47.01
CA TRP W 102 -39.81 -45.86 -48.34
C TRP W 102 -41.03 -44.98 -48.52
N ALA W 103 -41.87 -44.90 -47.51
CA ALA W 103 -43.04 -44.12 -47.59
C ALA W 103 -42.77 -42.61 -47.62
N ARG W 104 -41.63 -42.17 -47.09
CA ARG W 104 -41.23 -40.80 -47.31
C ARG W 104 -40.79 -40.61 -48.76
N GLY W 105 -39.96 -41.51 -49.25
CA GLY W 105 -39.42 -41.41 -50.62
C GLY W 105 -40.39 -41.68 -51.72
N TYR W 106 -41.37 -42.54 -51.49
CA TYR W 106 -42.37 -42.87 -52.51
C TYR W 106 -43.60 -41.97 -52.43
N ASN W 107 -44.00 -41.59 -51.22
CA ASN W 107 -45.28 -40.96 -51.03
C ASN W 107 -45.16 -39.56 -50.45
N VAL W 108 -44.41 -39.38 -49.38
CA VAL W 108 -44.43 -38.10 -48.68
C VAL W 108 -43.56 -37.06 -49.38
N GLU W 109 -42.25 -37.32 -49.42
CA GLU W 109 -41.33 -36.42 -50.10
C GLU W 109 -41.04 -36.86 -51.52
N GLY W 110 -41.75 -37.87 -52.00
CA GLY W 110 -41.64 -38.31 -53.38
C GLY W 110 -42.60 -37.60 -54.29
N GLU W 111 -43.83 -37.45 -53.84
CA GLU W 111 -44.84 -36.74 -54.62
C GLU W 111 -44.58 -35.24 -54.69
N LYS W 112 -43.72 -34.70 -53.83
CA LYS W 112 -43.29 -33.33 -53.93
C LYS W 112 -42.36 -33.11 -55.11
N VAL W 113 -41.52 -34.09 -55.41
CA VAL W 113 -40.49 -33.94 -56.42
C VAL W 113 -40.80 -34.64 -57.74
N ILE W 114 -41.75 -35.55 -57.76
CA ILE W 114 -41.92 -36.39 -58.93
C ILE W 114 -42.49 -35.60 -60.12
N ASP W 115 -43.19 -34.52 -59.87
CA ASP W 115 -43.58 -33.65 -60.98
C ASP W 115 -42.37 -32.90 -61.52
N GLN W 116 -41.39 -32.61 -60.66
CA GLN W 116 -40.17 -31.97 -61.10
C GLN W 116 -39.21 -32.98 -61.71
N ILE W 117 -39.22 -34.22 -61.23
CA ILE W 117 -38.35 -35.25 -61.79
C ILE W 117 -38.75 -35.54 -63.25
N MET W 118 -40.02 -35.81 -63.45
CA MET W 118 -40.51 -36.17 -64.77
C MET W 118 -40.37 -35.03 -65.78
N ASN W 119 -40.66 -33.81 -65.36
CA ASN W 119 -40.53 -32.67 -66.26
C ASN W 119 -39.10 -32.24 -66.48
N VAL W 120 -38.14 -32.86 -65.82
CA VAL W 120 -36.72 -32.65 -66.09
C VAL W 120 -36.22 -33.80 -66.94
N ILE W 121 -36.77 -34.99 -66.72
CA ILE W 121 -36.57 -36.10 -67.66
C ILE W 121 -37.18 -35.73 -69.03
N ASP W 122 -38.40 -35.20 -69.04
CA ASP W 122 -39.06 -34.87 -70.28
C ASP W 122 -38.39 -33.70 -70.99
N SER W 123 -37.73 -32.83 -70.26
CA SER W 123 -36.92 -31.79 -70.88
C SER W 123 -35.57 -32.30 -71.31
N ALA W 124 -35.21 -33.53 -70.93
CA ALA W 124 -33.96 -34.16 -71.35
C ALA W 124 -34.14 -35.24 -72.39
N VAL W 125 -35.37 -35.68 -72.64
CA VAL W 125 -35.61 -36.71 -73.64
C VAL W 125 -36.35 -36.13 -74.83
N GLU W 126 -36.86 -34.91 -74.71
CA GLU W 126 -37.30 -34.16 -75.89
C GLU W 126 -36.15 -33.48 -76.60
N LYS W 127 -34.95 -33.51 -75.99
CA LYS W 127 -33.71 -33.18 -76.67
C LYS W 127 -33.09 -34.40 -77.37
N THR W 128 -33.91 -35.42 -77.65
CA THR W 128 -33.44 -36.72 -78.10
C THR W 128 -34.57 -37.25 -79.02
N LYS W 129 -34.40 -37.39 -80.35
CA LYS W 129 -33.20 -37.78 -81.17
C LYS W 129 -32.57 -39.08 -80.72
N GLY W 130 -33.40 -40.14 -80.66
CA GLY W 130 -32.91 -41.51 -80.42
C GLY W 130 -32.73 -41.90 -78.97
N LEU W 131 -33.82 -41.83 -78.20
CA LEU W 131 -33.79 -42.29 -76.81
C LEU W 131 -34.02 -43.78 -76.79
N GLN W 132 -33.18 -44.47 -76.03
CA GLN W 132 -33.28 -45.90 -75.96
C GLN W 132 -33.46 -46.42 -74.55
N GLY W 133 -32.73 -45.86 -73.59
CA GLY W 133 -32.69 -46.50 -72.30
C GLY W 133 -32.65 -45.54 -71.14
N PHE W 134 -32.65 -46.13 -69.94
CA PHE W 134 -32.52 -45.39 -68.69
C PHE W 134 -31.57 -46.12 -67.81
N LEU W 135 -30.36 -45.58 -67.58
CA LEU W 135 -29.45 -46.20 -66.63
C LEU W 135 -29.76 -45.52 -65.33
N MET W 136 -30.78 -46.03 -64.65
CA MET W 136 -31.22 -45.46 -63.42
C MET W 136 -30.45 -46.11 -62.29
N THR W 137 -29.69 -45.28 -61.58
CA THR W 137 -28.70 -45.77 -60.64
C THR W 137 -29.08 -45.43 -59.24
N HIS W 138 -29.25 -46.46 -58.40
CA HIS W 138 -29.61 -46.24 -57.02
C HIS W 138 -29.26 -47.42 -56.19
N SER W 139 -29.80 -47.46 -54.97
CA SER W 139 -29.79 -48.65 -54.14
C SER W 139 -31.18 -49.09 -53.85
N ILE W 140 -31.34 -50.32 -53.42
CA ILE W 140 -32.64 -50.79 -52.93
C ILE W 140 -32.59 -50.80 -51.43
N GLY W 141 -31.72 -49.99 -50.85
CA GLY W 141 -31.61 -50.07 -49.41
C GLY W 141 -32.23 -48.93 -48.66
N GLY W 142 -32.07 -47.71 -49.15
CA GLY W 142 -32.40 -46.56 -48.34
C GLY W 142 -33.85 -46.14 -48.46
N GLY W 143 -34.09 -44.85 -48.43
CA GLY W 143 -35.42 -44.30 -48.56
C GLY W 143 -35.55 -43.35 -49.71
N SER W 144 -34.45 -42.84 -50.19
CA SER W 144 -34.41 -41.99 -51.35
C SER W 144 -34.08 -42.79 -52.59
N GLY W 145 -33.09 -43.65 -52.51
CA GLY W 145 -32.75 -44.48 -53.67
C GLY W 145 -33.71 -45.59 -53.92
N SER W 146 -34.33 -46.06 -52.85
CA SER W 146 -35.26 -47.16 -52.95
C SER W 146 -36.72 -46.69 -52.90
N GLY W 147 -36.98 -45.59 -52.23
CA GLY W 147 -38.31 -45.07 -52.17
C GLY W 147 -38.64 -44.24 -53.39
N LEU W 148 -37.89 -43.20 -53.66
CA LEU W 148 -38.11 -42.40 -54.81
C LEU W 148 -37.63 -43.12 -56.04
N GLY W 149 -36.70 -44.04 -55.90
CA GLY W 149 -36.34 -44.93 -57.00
C GLY W 149 -37.44 -45.86 -57.40
N SER W 150 -38.24 -46.28 -56.46
CA SER W 150 -39.43 -47.05 -56.78
C SER W 150 -40.53 -46.17 -57.41
N LEU W 151 -40.54 -44.87 -57.15
CA LEU W 151 -41.56 -44.01 -57.66
C LEU W 151 -41.24 -43.59 -59.09
N ILE W 152 -39.97 -43.32 -59.39
CA ILE W 152 -39.53 -42.92 -60.72
C ILE W 152 -39.74 -44.08 -61.68
N LEU W 153 -39.44 -45.30 -61.27
CA LEU W 153 -39.67 -46.48 -62.11
C LEU W 153 -41.13 -46.66 -62.48
N GLU W 154 -42.07 -46.27 -61.61
CA GLU W 154 -43.44 -46.32 -61.98
C GLU W 154 -43.73 -45.25 -62.99
N ARG W 155 -43.37 -44.02 -62.68
CA ARG W 155 -43.78 -42.88 -63.52
C ARG W 155 -43.06 -42.86 -64.85
N LEU W 156 -41.88 -43.43 -64.92
CA LEU W 156 -41.13 -43.50 -66.16
C LEU W 156 -41.65 -44.61 -67.08
N ARG W 157 -42.05 -45.73 -66.53
CA ARG W 157 -42.69 -46.78 -67.32
C ARG W 157 -44.12 -46.37 -67.76
N GLN W 158 -44.82 -45.63 -66.90
CA GLN W 158 -46.12 -45.11 -67.27
C GLN W 158 -46.01 -44.03 -68.34
N ALA W 159 -44.86 -43.38 -68.45
CA ALA W 159 -44.62 -42.39 -69.50
C ALA W 159 -43.94 -42.96 -70.73
N TYR W 160 -43.08 -43.96 -70.56
CA TYR W 160 -42.32 -44.55 -71.69
C TYR W 160 -42.41 -46.07 -71.61
N PRO W 161 -43.54 -46.64 -72.02
CA PRO W 161 -43.74 -48.08 -71.81
C PRO W 161 -43.02 -48.92 -72.84
N LYS W 162 -42.36 -48.32 -73.81
CA LYS W 162 -41.69 -49.05 -74.86
C LYS W 162 -40.20 -48.73 -74.90
N LYS W 163 -39.62 -48.35 -73.76
CA LYS W 163 -38.20 -48.06 -73.65
C LYS W 163 -37.61 -48.82 -72.48
N ARG W 164 -36.40 -49.31 -72.68
CA ARG W 164 -35.77 -50.20 -71.70
C ARG W 164 -35.29 -49.44 -70.49
N ILE W 165 -35.74 -49.84 -69.31
CA ILE W 165 -35.35 -49.16 -68.10
C ILE W 165 -34.42 -49.99 -67.25
N PHE W 166 -33.12 -49.76 -67.32
CA PHE W 166 -32.17 -50.55 -66.57
C PHE W 166 -31.82 -49.95 -65.23
N THR W 167 -32.12 -50.71 -64.20
CA THR W 167 -31.93 -50.27 -62.84
C THR W 167 -30.62 -50.81 -62.34
N PHE W 168 -29.77 -49.93 -61.83
CA PHE W 168 -28.45 -50.36 -61.32
C PHE W 168 -28.44 -50.25 -59.83
N SER W 169 -29.00 -51.26 -59.18
CA SER W 169 -29.29 -51.20 -57.75
C SER W 169 -28.06 -51.55 -56.97
N VAL W 170 -28.12 -51.29 -55.66
CA VAL W 170 -27.11 -51.77 -54.74
C VAL W 170 -27.90 -52.40 -53.61
N VAL W 171 -27.75 -53.72 -53.49
CA VAL W 171 -28.51 -54.50 -52.53
C VAL W 171 -28.00 -54.18 -51.12
N PRO W 172 -28.87 -54.27 -50.09
CA PRO W 172 -28.37 -54.31 -48.73
C PRO W 172 -27.41 -55.45 -48.51
N SER W 173 -26.42 -55.19 -47.65
CA SER W 173 -25.37 -56.14 -47.43
C SER W 173 -25.92 -57.34 -46.64
N PRO W 174 -25.44 -58.55 -46.94
CA PRO W 174 -25.81 -59.70 -46.14
C PRO W 174 -25.00 -59.74 -44.84
N LEU W 175 -23.96 -58.92 -44.79
CA LEU W 175 -22.96 -58.92 -43.73
C LEU W 175 -23.56 -58.33 -42.47
N ILE W 176 -23.94 -57.05 -42.51
CA ILE W 176 -24.86 -56.48 -41.52
C ILE W 176 -25.84 -55.59 -42.27
N SER W 177 -26.69 -54.91 -41.49
CA SER W 177 -27.71 -54.07 -42.04
C SER W 177 -27.19 -52.88 -42.83
N ASP W 178 -26.58 -51.91 -42.13
CA ASP W 178 -26.30 -50.51 -42.57
C ASP W 178 -27.53 -49.58 -42.57
N SER W 179 -28.72 -50.17 -42.36
CA SER W 179 -29.95 -49.48 -42.06
C SER W 179 -30.93 -50.45 -41.44
N ALA W 180 -31.73 -49.95 -40.51
CA ALA W 180 -32.52 -50.82 -39.64
C ALA W 180 -33.74 -51.41 -40.39
N VAL W 181 -34.33 -50.57 -41.22
CA VAL W 181 -35.61 -50.82 -41.86
C VAL W 181 -35.29 -51.19 -43.30
N GLU W 182 -34.06 -51.58 -43.54
CA GLU W 182 -33.55 -51.83 -44.91
C GLU W 182 -34.12 -53.04 -45.64
N PRO W 183 -34.37 -54.19 -44.96
CA PRO W 183 -35.13 -55.25 -45.65
C PRO W 183 -36.60 -54.94 -45.97
N TYR W 184 -37.17 -53.93 -45.37
CA TYR W 184 -38.43 -53.43 -45.83
C TYR W 184 -38.24 -52.68 -47.12
N ASN W 185 -37.17 -51.89 -47.21
CA ASN W 185 -37.05 -50.96 -48.32
C ASN W 185 -36.65 -51.64 -49.62
N ALA W 186 -36.13 -52.86 -49.54
CA ALA W 186 -35.81 -53.63 -50.73
C ALA W 186 -37.07 -54.19 -51.35
N ILE W 187 -37.88 -54.84 -50.55
CA ILE W 187 -39.05 -55.57 -51.06
C ILE W 187 -40.10 -54.59 -51.53
N LEU W 188 -40.17 -53.41 -50.94
CA LEU W 188 -41.02 -52.35 -51.46
C LEU W 188 -40.47 -51.78 -52.79
N THR W 189 -39.17 -51.95 -53.05
CA THR W 189 -38.55 -51.48 -54.28
C THR W 189 -38.39 -52.57 -55.30
N LEU W 190 -37.98 -53.76 -54.86
CA LEU W 190 -37.86 -54.91 -55.76
C LEU W 190 -39.20 -55.34 -56.34
N GLN W 191 -40.30 -54.93 -55.75
CA GLN W 191 -41.57 -55.06 -56.38
C GLN W 191 -41.59 -54.21 -57.61
N ARG W 192 -41.33 -52.92 -57.44
CA ARG W 192 -41.53 -51.97 -58.54
C ARG W 192 -40.45 -52.08 -59.61
N ILE W 193 -39.31 -52.65 -59.26
CA ILE W 193 -38.31 -53.00 -60.28
C ILE W 193 -38.81 -54.19 -61.11
N LEU W 194 -39.36 -55.19 -60.43
CA LEU W 194 -39.93 -56.36 -61.08
C LEU W 194 -41.15 -56.02 -61.96
N ASP W 195 -41.87 -54.97 -61.61
CA ASP W 195 -43.04 -54.56 -62.35
C ASP W 195 -42.73 -53.64 -63.52
N ASN W 196 -41.69 -52.83 -63.41
CA ASN W 196 -41.45 -51.77 -64.39
C ASN W 196 -40.14 -51.91 -65.17
N ALA W 197 -39.03 -52.14 -64.46
CA ALA W 197 -37.72 -52.18 -65.11
C ALA W 197 -37.54 -53.45 -65.92
N ASP W 198 -36.95 -53.30 -67.11
CA ASP W 198 -36.76 -54.41 -68.02
C ASP W 198 -35.59 -55.29 -67.68
N GLY W 199 -34.64 -54.77 -66.90
CA GLY W 199 -33.55 -55.59 -66.38
C GLY W 199 -32.78 -54.84 -65.33
N ALA W 200 -32.57 -55.45 -64.16
CA ALA W 200 -31.86 -54.79 -63.09
C ALA W 200 -30.49 -55.44 -62.87
N VAL W 201 -29.51 -54.63 -62.55
CA VAL W 201 -28.21 -55.16 -62.12
C VAL W 201 -28.14 -55.01 -60.61
N LEU W 202 -28.20 -56.14 -59.90
CA LEU W 202 -28.10 -56.12 -58.46
C LEU W 202 -26.63 -56.19 -58.07
N LEU W 203 -26.17 -55.18 -57.32
CA LEU W 203 -24.81 -55.12 -56.82
C LEU W 203 -24.87 -55.13 -55.30
N ASP W 204 -23.78 -55.55 -54.70
CA ASP W 204 -23.74 -55.83 -53.29
C ASP W 204 -22.46 -55.26 -52.66
N ASN W 205 -22.66 -54.44 -51.62
CA ASN W 205 -21.53 -53.83 -50.97
C ASN W 205 -20.65 -54.78 -50.19
N GLU W 206 -21.11 -56.00 -49.90
CA GLU W 206 -20.20 -56.99 -49.36
C GLU W 206 -19.19 -57.47 -50.43
N ALA W 207 -19.69 -57.77 -51.62
CA ALA W 207 -18.82 -58.12 -52.73
C ALA W 207 -18.05 -56.90 -53.25
N LEU W 208 -18.65 -55.73 -53.20
CA LEU W 208 -17.93 -54.54 -53.61
C LEU W 208 -16.82 -54.18 -52.61
N PHE W 209 -16.95 -54.57 -51.34
CA PHE W 209 -15.85 -54.43 -50.43
C PHE W 209 -14.76 -55.41 -50.73
N ARG W 210 -15.10 -56.67 -50.92
CA ARG W 210 -14.09 -57.73 -51.11
C ARG W 210 -13.26 -57.60 -52.41
N ILE W 211 -13.95 -57.32 -53.50
CA ILE W 211 -13.29 -57.27 -54.80
C ILE W 211 -12.43 -56.02 -54.92
N ALA W 212 -12.85 -54.94 -54.27
CA ALA W 212 -12.03 -53.75 -54.16
C ALA W 212 -10.90 -53.92 -53.16
N LYS W 213 -11.08 -54.80 -52.18
CA LYS W 213 -10.03 -55.10 -51.22
C LYS W 213 -8.91 -55.88 -51.91
N ALA W 214 -9.27 -56.77 -52.82
CA ALA W 214 -8.28 -57.48 -53.63
C ALA W 214 -7.76 -56.62 -54.77
N LYS W 215 -8.49 -55.57 -55.16
CA LYS W 215 -8.02 -54.67 -56.20
C LYS W 215 -6.93 -53.76 -55.64
N LEU W 216 -7.29 -52.95 -54.66
CA LEU W 216 -6.39 -51.93 -54.16
C LEU W 216 -5.55 -52.47 -53.02
N ASN W 217 -4.35 -51.91 -52.89
CA ASN W 217 -3.53 -52.13 -51.70
C ASN W 217 -3.81 -51.00 -50.70
N ARG W 218 -5.10 -50.88 -50.39
CA ARG W 218 -5.66 -49.75 -49.65
C ARG W 218 -7.09 -50.14 -49.29
N SER W 219 -7.49 -49.86 -48.05
CA SER W 219 -8.82 -50.21 -47.59
C SER W 219 -9.85 -49.28 -48.25
N PRO W 220 -10.87 -49.87 -48.91
CA PRO W 220 -11.73 -49.08 -49.79
C PRO W 220 -12.66 -48.13 -49.07
N ASN W 221 -13.26 -47.25 -49.86
CA ASN W 221 -14.38 -46.44 -49.41
C ASN W 221 -15.41 -46.39 -50.53
N TYR W 222 -16.56 -45.83 -50.25
CA TYR W 222 -17.63 -45.87 -51.24
C TYR W 222 -17.35 -45.00 -52.44
N MET W 223 -16.24 -44.28 -52.53
CA MET W 223 -15.80 -43.79 -53.82
C MET W 223 -15.05 -44.88 -54.57
N ASP W 224 -14.23 -45.67 -53.88
CA ASP W 224 -13.51 -46.75 -54.53
C ASP W 224 -14.35 -47.93 -54.89
N LEU W 225 -15.40 -48.16 -54.12
CA LEU W 225 -16.38 -49.24 -54.46
C LEU W 225 -17.17 -48.90 -55.70
N ASN W 226 -17.49 -47.62 -55.91
CA ASN W 226 -18.35 -47.25 -57.00
C ASN W 226 -17.62 -47.31 -58.32
N ASN W 227 -16.30 -47.23 -58.32
CA ASN W 227 -15.55 -47.38 -59.57
C ASN W 227 -15.64 -48.80 -60.10
N ILE W 228 -15.94 -49.79 -59.27
CA ILE W 228 -16.31 -51.10 -59.81
C ILE W 228 -17.70 -51.00 -60.46
N ILE W 229 -18.62 -50.29 -59.81
CA ILE W 229 -19.96 -50.13 -60.33
C ILE W 229 -19.87 -49.26 -61.57
N ALA W 230 -19.18 -48.13 -61.49
CA ALA W 230 -19.17 -47.17 -62.56
C ALA W 230 -18.56 -47.72 -63.81
N LEU W 231 -17.74 -48.75 -63.73
CA LEU W 231 -17.31 -49.47 -64.94
C LEU W 231 -18.37 -50.42 -65.43
N ILE W 232 -19.01 -51.11 -64.53
CA ILE W 232 -20.12 -51.98 -64.90
C ILE W 232 -21.29 -51.13 -65.49
N VAL W 233 -21.62 -49.97 -64.93
CA VAL W 233 -22.61 -49.08 -65.49
C VAL W 233 -22.18 -48.65 -66.88
N SER W 234 -20.87 -48.43 -67.10
CA SER W 234 -20.35 -48.06 -68.41
C SER W 234 -20.19 -49.24 -69.36
N SER W 235 -19.73 -50.38 -68.88
CA SER W 235 -19.44 -51.51 -69.75
C SER W 235 -20.67 -52.16 -70.33
N VAL W 236 -21.80 -52.05 -69.62
CA VAL W 236 -23.08 -52.51 -70.15
C VAL W 236 -23.42 -51.71 -71.38
N THR W 237 -23.19 -50.40 -71.33
CA THR W 237 -23.57 -49.49 -72.40
C THR W 237 -22.36 -48.89 -73.06
N ALA W 238 -21.35 -49.71 -73.30
CA ALA W 238 -20.21 -49.33 -74.12
C ALA W 238 -20.08 -50.13 -75.36
N SER W 239 -20.89 -51.16 -75.54
CA SER W 239 -21.09 -51.70 -76.90
C SER W 239 -22.17 -50.92 -77.65
N LEU W 240 -22.80 -49.98 -76.97
CA LEU W 240 -23.80 -49.09 -77.51
C LEU W 240 -23.16 -47.78 -77.98
N ARG W 241 -22.01 -47.40 -77.44
CA ARG W 241 -21.34 -46.16 -77.77
C ARG W 241 -19.92 -46.32 -78.29
N PHE W 242 -19.24 -47.42 -77.98
CA PHE W 242 -17.97 -47.79 -78.62
C PHE W 242 -18.27 -49.06 -79.37
N PRO W 243 -18.68 -48.95 -80.64
CA PRO W 243 -19.41 -50.02 -81.30
C PRO W 243 -18.66 -51.34 -81.46
N GLY W 244 -17.54 -51.32 -82.17
CA GLY W 244 -16.78 -52.55 -82.38
C GLY W 244 -17.54 -53.59 -83.16
N LYS W 245 -17.32 -54.86 -82.82
CA LYS W 245 -18.05 -55.95 -83.48
C LYS W 245 -18.98 -56.59 -82.45
N LEU W 246 -19.99 -57.32 -82.94
CA LEU W 246 -21.10 -57.84 -82.11
C LEU W 246 -21.75 -56.73 -81.27
N ASN W 247 -22.39 -55.81 -81.99
CA ASN W 247 -22.97 -54.65 -81.36
C ASN W 247 -24.14 -55.09 -80.49
N THR W 248 -23.96 -54.97 -79.18
CA THR W 248 -24.98 -55.29 -78.22
C THR W 248 -25.58 -54.01 -77.66
N ASP W 249 -26.81 -53.73 -78.08
CA ASP W 249 -27.53 -52.61 -77.54
C ASP W 249 -28.25 -52.96 -76.26
N LEU W 250 -29.02 -52.05 -75.74
CA LEU W 250 -29.76 -52.29 -74.52
C LEU W 250 -30.96 -53.18 -74.74
N SER W 251 -31.44 -53.28 -75.97
CA SER W 251 -32.54 -54.18 -76.28
C SER W 251 -32.14 -55.66 -76.24
N GLU W 252 -30.84 -55.94 -76.35
CA GLU W 252 -30.33 -57.30 -76.29
C GLU W 252 -29.93 -57.72 -74.90
N PHE W 253 -30.09 -56.89 -73.90
CA PHE W 253 -29.89 -57.36 -72.54
C PHE W 253 -31.21 -57.79 -71.92
N VAL W 254 -32.30 -57.67 -72.67
CA VAL W 254 -33.61 -58.13 -72.22
C VAL W 254 -34.02 -59.40 -72.97
N THR W 255 -33.77 -59.43 -74.28
CA THR W 255 -34.13 -60.58 -75.05
C THR W 255 -33.18 -61.72 -74.78
N ASN W 256 -31.91 -61.45 -74.60
CA ASN W 256 -30.93 -62.53 -74.40
C ASN W 256 -30.79 -63.04 -72.98
N LEU W 257 -30.83 -62.13 -72.01
CA LEU W 257 -30.50 -62.47 -70.64
C LEU W 257 -31.69 -62.67 -69.78
N VAL W 258 -32.90 -62.37 -70.23
CA VAL W 258 -34.10 -62.49 -69.38
C VAL W 258 -35.02 -63.51 -70.00
N PRO W 259 -34.90 -64.79 -69.58
CA PRO W 259 -35.72 -65.82 -70.17
C PRO W 259 -37.22 -65.75 -69.85
N PHE W 260 -37.53 -65.72 -68.58
CA PHE W 260 -38.92 -65.64 -68.09
C PHE W 260 -39.27 -64.19 -67.78
N PRO W 261 -40.57 -63.84 -67.76
CA PRO W 261 -40.90 -62.43 -67.49
C PRO W 261 -40.61 -61.91 -66.08
N GLY W 262 -40.02 -62.71 -65.18
CA GLY W 262 -39.62 -62.22 -63.88
C GLY W 262 -38.13 -62.17 -63.64
N ASN W 263 -37.38 -63.03 -64.31
CA ASN W 263 -35.97 -63.22 -64.01
C ASN W 263 -35.08 -62.21 -64.72
N HIS W 264 -35.10 -60.96 -64.21
CA HIS W 264 -34.34 -59.90 -64.78
C HIS W 264 -33.51 -59.16 -63.78
N PHE W 265 -32.84 -59.89 -62.90
CA PHE W 265 -31.97 -59.30 -61.88
C PHE W 265 -30.57 -59.91 -62.12
N LEU W 266 -29.67 -59.10 -62.63
CA LEU W 266 -28.43 -59.55 -63.21
C LEU W 266 -27.25 -59.29 -62.28
N THR W 267 -26.33 -60.24 -62.27
CA THR W 267 -25.16 -60.16 -61.40
C THR W 267 -23.92 -59.91 -62.25
N ALA W 268 -23.39 -58.70 -62.18
CA ALA W 268 -22.35 -58.26 -63.09
C ALA W 268 -21.02 -58.21 -62.51
N SER W 269 -20.03 -58.82 -63.17
CA SER W 269 -18.63 -58.73 -62.80
C SER W 269 -17.86 -57.82 -63.66
N PHE W 270 -16.68 -57.44 -63.19
CA PHE W 270 -15.74 -56.74 -64.03
C PHE W 270 -14.41 -57.39 -63.91
N ALA W 271 -13.65 -57.33 -65.01
CA ALA W 271 -12.26 -57.78 -65.09
C ALA W 271 -11.55 -56.90 -66.09
N PRO W 272 -10.27 -56.58 -65.88
CA PRO W 272 -9.32 -57.02 -64.89
C PRO W 272 -9.39 -56.37 -63.51
N MET W 273 -9.43 -57.19 -62.46
CA MET W 273 -9.35 -56.72 -61.10
C MET W 273 -8.38 -57.59 -60.27
N GLN W 281 -1.45 -48.43 -67.73
CA GLN W 281 -2.62 -49.02 -68.37
C GLN W 281 -2.58 -50.55 -68.22
N VAL W 282 -3.60 -51.10 -67.55
CA VAL W 282 -3.59 -52.50 -67.16
C VAL W 282 -3.89 -53.38 -68.36
N ARG W 283 -2.90 -54.19 -68.74
CA ARG W 283 -3.07 -55.18 -69.82
C ARG W 283 -3.29 -56.55 -69.21
N THR W 284 -4.00 -57.38 -69.96
CA THR W 284 -4.27 -58.76 -69.54
C THR W 284 -4.28 -59.64 -70.79
N ASN W 285 -3.54 -60.73 -70.76
CA ASN W 285 -3.27 -61.52 -71.94
C ASN W 285 -4.48 -62.26 -72.49
N PHE W 286 -5.53 -62.41 -71.68
CA PHE W 286 -6.82 -62.95 -72.09
C PHE W 286 -6.84 -64.43 -72.52
N PRO W 287 -6.29 -65.33 -71.71
CA PRO W 287 -7.01 -66.58 -71.48
C PRO W 287 -7.47 -66.65 -70.05
N ASP W 288 -6.96 -65.71 -69.28
CA ASP W 288 -7.15 -65.63 -67.83
C ASP W 288 -8.14 -64.55 -67.44
N LEU W 289 -8.37 -63.58 -68.33
CA LEU W 289 -9.41 -62.57 -68.11
C LEU W 289 -10.76 -63.23 -68.17
N ALA W 290 -10.96 -64.19 -69.06
CA ALA W 290 -12.22 -64.96 -69.07
C ALA W 290 -12.35 -65.84 -67.84
N ARG W 291 -11.26 -66.28 -67.27
CA ARG W 291 -11.26 -66.95 -65.97
C ARG W 291 -11.39 -65.97 -64.82
N GLU W 292 -11.07 -64.70 -65.06
CA GLU W 292 -11.24 -63.63 -64.07
C GLU W 292 -12.62 -63.01 -64.16
N THR W 293 -13.17 -62.92 -65.37
CA THR W 293 -14.48 -62.40 -65.61
C THR W 293 -15.51 -63.32 -64.98
N PHE W 294 -15.42 -64.62 -65.24
CA PHE W 294 -16.37 -65.57 -64.68
C PHE W 294 -15.79 -66.30 -63.48
N ALA W 295 -14.99 -65.59 -62.68
CA ALA W 295 -14.65 -66.06 -61.34
C ALA W 295 -15.91 -65.92 -60.48
N GLN W 296 -16.15 -66.90 -59.60
CA GLN W 296 -17.30 -66.84 -58.74
C GLN W 296 -17.14 -65.74 -57.69
N ASP W 297 -15.91 -65.45 -57.32
CA ASP W 297 -15.61 -64.39 -56.36
C ASP W 297 -15.54 -63.02 -57.00
N ASN W 298 -15.52 -62.95 -58.32
CA ASN W 298 -15.53 -61.64 -59.00
C ASN W 298 -16.93 -61.13 -59.33
N PHE W 299 -17.95 -61.95 -59.20
CA PHE W 299 -19.31 -61.48 -59.39
C PHE W 299 -19.70 -60.63 -58.20
N THR W 300 -20.38 -59.55 -58.50
CA THR W 300 -20.62 -58.52 -57.55
C THR W 300 -22.00 -58.72 -56.96
N ALA W 301 -22.15 -59.83 -56.26
CA ALA W 301 -23.34 -60.14 -55.41
C ALA W 301 -23.01 -61.39 -54.59
N ALA W 302 -23.64 -61.53 -53.43
CA ALA W 302 -23.48 -62.74 -52.62
C ALA W 302 -24.48 -63.82 -53.05
N ILE W 303 -24.46 -64.14 -54.33
CA ILE W 303 -25.34 -65.14 -54.90
C ILE W 303 -24.94 -66.54 -54.45
N ASP W 304 -25.87 -67.46 -54.57
CA ASP W 304 -25.65 -68.84 -54.18
C ASP W 304 -24.92 -69.59 -55.29
N TRP W 305 -24.07 -70.52 -54.88
CA TRP W 305 -23.24 -71.27 -55.83
C TRP W 305 -23.34 -72.77 -55.71
N GLN W 306 -23.43 -73.28 -54.49
CA GLN W 306 -23.55 -74.71 -54.28
C GLN W 306 -24.96 -75.19 -54.59
N GLN W 307 -25.93 -74.26 -54.67
CA GLN W 307 -27.30 -74.60 -55.09
C GLN W 307 -27.75 -73.60 -56.14
N GLY W 308 -26.91 -73.39 -57.14
CA GLY W 308 -27.17 -72.35 -58.13
C GLY W 308 -26.63 -72.69 -59.50
N VAL W 309 -27.54 -72.76 -60.47
CA VAL W 309 -27.16 -72.92 -61.87
C VAL W 309 -27.65 -71.72 -62.63
N TYR W 310 -26.87 -71.32 -63.64
CA TYR W 310 -27.15 -70.05 -64.30
C TYR W 310 -28.39 -70.21 -65.15
N LEU W 311 -28.84 -69.08 -65.71
CA LEU W 311 -29.85 -69.12 -66.73
C LEU W 311 -29.12 -68.64 -68.02
N ALA W 312 -28.57 -67.44 -68.03
CA ALA W 312 -28.08 -66.79 -69.23
C ALA W 312 -27.00 -65.81 -68.83
N ALA W 313 -25.76 -66.10 -69.20
CA ALA W 313 -24.66 -65.23 -68.92
C ALA W 313 -24.36 -64.40 -70.14
N SER W 314 -23.64 -63.30 -69.91
CA SER W 314 -23.24 -62.39 -70.99
C SER W 314 -21.75 -62.18 -70.83
N ALA W 315 -21.12 -61.62 -71.85
CA ALA W 315 -19.73 -61.34 -71.80
C ALA W 315 -19.40 -60.20 -72.74
N LEU W 316 -19.25 -59.01 -72.18
CA LEU W 316 -18.90 -57.84 -72.97
C LEU W 316 -17.44 -57.54 -72.76
N PHE W 317 -16.61 -57.95 -73.72
CA PHE W 317 -15.18 -57.81 -73.64
C PHE W 317 -14.74 -56.62 -74.45
N ARG W 318 -14.22 -55.60 -73.79
CA ARG W 318 -13.94 -54.35 -74.42
C ARG W 318 -12.46 -54.13 -74.60
N GLY W 319 -12.09 -53.35 -75.59
CA GLY W 319 -10.70 -52.98 -75.77
C GLY W 319 -9.99 -53.86 -76.78
N ASP W 320 -8.77 -54.29 -76.44
CA ASP W 320 -7.96 -55.11 -77.33
C ASP W 320 -8.27 -56.57 -77.02
N VAL W 321 -9.48 -56.97 -77.37
CA VAL W 321 -9.94 -58.33 -77.26
C VAL W 321 -10.44 -58.72 -78.64
N LYS W 322 -9.70 -59.65 -79.25
CA LYS W 322 -10.06 -60.13 -80.58
C LYS W 322 -10.87 -61.40 -80.47
N ALA W 323 -11.83 -61.56 -81.39
CA ALA W 323 -12.96 -62.50 -81.22
C ALA W 323 -12.56 -63.96 -81.45
N LYS W 324 -11.36 -64.21 -81.92
CA LYS W 324 -10.92 -65.58 -82.14
C LYS W 324 -10.69 -66.28 -80.81
N ASP W 325 -10.37 -65.53 -79.75
CA ASP W 325 -9.97 -66.14 -78.50
C ASP W 325 -11.14 -66.74 -77.77
N VAL W 326 -12.34 -66.21 -77.97
CA VAL W 326 -13.50 -66.70 -77.22
C VAL W 326 -14.00 -68.08 -77.72
N ASP W 327 -13.60 -68.47 -78.91
CA ASP W 327 -13.84 -69.81 -79.37
C ASP W 327 -13.03 -70.84 -78.58
N GLU W 328 -11.92 -70.40 -77.99
CA GLU W 328 -11.08 -71.25 -77.17
C GLU W 328 -11.23 -70.92 -75.70
N ASN W 329 -11.48 -69.66 -75.36
CA ASN W 329 -11.58 -69.27 -73.96
C ASN W 329 -12.98 -69.43 -73.47
N MET W 330 -13.93 -68.82 -74.15
CA MET W 330 -15.28 -68.75 -73.62
C MET W 330 -16.01 -70.08 -73.77
N ALA W 331 -15.67 -70.86 -74.78
CA ALA W 331 -16.20 -72.22 -74.84
C ALA W 331 -15.63 -73.09 -73.73
N THR W 332 -14.42 -72.78 -73.27
CA THR W 332 -13.86 -73.45 -72.11
C THR W 332 -14.52 -72.95 -70.82
N ILE W 333 -14.87 -71.67 -70.77
CA ILE W 333 -15.51 -71.13 -69.60
C ILE W 333 -16.89 -71.70 -69.43
N ARG W 334 -17.70 -71.74 -70.48
CA ARG W 334 -19.07 -72.24 -70.42
C ARG W 334 -19.19 -73.73 -70.09
N LYS W 335 -18.15 -74.50 -70.35
CA LYS W 335 -18.08 -75.86 -69.81
C LYS W 335 -17.84 -75.85 -68.31
N SER W 336 -17.08 -74.86 -67.83
CA SER W 336 -16.82 -74.75 -66.40
C SER W 336 -18.03 -74.19 -65.63
N LEU W 337 -18.91 -73.48 -66.33
CA LEU W 337 -20.08 -72.90 -65.70
C LEU W 337 -21.15 -73.93 -65.49
N ASN W 338 -22.17 -73.54 -64.74
CA ASN W 338 -23.31 -74.43 -64.43
C ASN W 338 -24.56 -73.76 -64.93
N TYR W 339 -25.14 -74.25 -66.02
CA TYR W 339 -26.37 -73.67 -66.49
C TYR W 339 -27.55 -74.51 -66.11
N ALA W 340 -28.74 -74.00 -66.41
CA ALA W 340 -29.94 -74.80 -66.19
C ALA W 340 -29.97 -75.95 -67.19
N SER W 341 -30.83 -76.94 -66.94
CA SER W 341 -30.91 -78.09 -67.82
C SER W 341 -31.51 -77.74 -69.19
N TYR W 342 -32.33 -76.67 -69.22
CA TYR W 342 -32.97 -76.25 -70.44
C TYR W 342 -32.17 -75.22 -71.22
N MET W 343 -30.85 -75.14 -71.00
CA MET W 343 -29.96 -74.33 -71.83
C MET W 343 -29.02 -75.25 -72.59
N PRO W 344 -28.73 -74.93 -73.85
CA PRO W 344 -27.94 -75.83 -74.69
C PRO W 344 -26.47 -75.97 -74.27
N ALA W 345 -25.79 -76.89 -74.94
CA ALA W 345 -24.48 -77.37 -74.54
C ALA W 345 -23.37 -76.34 -74.59
N SER W 346 -23.17 -75.71 -75.75
CA SER W 346 -22.21 -74.62 -75.86
C SER W 346 -22.89 -73.25 -75.86
N GLY W 347 -24.22 -73.24 -76.02
CA GLY W 347 -24.98 -72.02 -75.99
C GLY W 347 -25.33 -71.58 -74.60
N GLY W 348 -26.08 -70.50 -74.55
CA GLY W 348 -26.54 -69.90 -73.33
C GLY W 348 -25.73 -68.70 -72.89
N LEU W 349 -24.61 -68.38 -73.58
CA LEU W 349 -23.79 -67.25 -73.24
C LEU W 349 -23.68 -66.33 -74.40
N LYS W 350 -24.32 -65.15 -74.35
CA LYS W 350 -24.18 -64.11 -75.42
C LYS W 350 -22.87 -63.40 -75.24
N LEU W 351 -22.39 -62.78 -76.31
CA LEU W 351 -21.11 -62.06 -76.24
C LEU W 351 -21.21 -60.72 -76.88
N GLY W 352 -20.18 -59.91 -76.68
CA GLY W 352 -20.10 -58.61 -77.33
C GLY W 352 -18.72 -58.05 -77.27
N TYR W 353 -18.46 -56.97 -77.98
CA TYR W 353 -17.13 -56.33 -77.97
C TYR W 353 -17.31 -54.82 -78.08
N ALA W 354 -16.31 -54.09 -77.61
CA ALA W 354 -16.15 -52.70 -77.92
C ALA W 354 -14.76 -52.50 -78.50
N GLU W 355 -14.62 -51.48 -79.31
CA GLU W 355 -13.36 -51.16 -79.93
C GLU W 355 -12.51 -50.20 -79.08
N THR W 356 -12.95 -49.88 -77.85
CA THR W 356 -12.22 -48.98 -76.99
C THR W 356 -12.41 -49.41 -75.54
N ALA W 357 -11.30 -49.63 -74.88
CA ALA W 357 -11.24 -50.00 -73.48
C ALA W 357 -11.56 -48.76 -72.64
N PRO W 358 -11.89 -48.96 -71.36
CA PRO W 358 -11.93 -47.82 -70.45
C PRO W 358 -10.56 -47.21 -70.22
N GLU W 359 -10.51 -45.91 -69.93
CA GLU W 359 -9.25 -45.23 -69.71
C GLU W 359 -8.63 -45.74 -68.41
N GLY W 360 -7.37 -46.12 -68.48
CA GLY W 360 -6.73 -46.83 -67.38
C GLY W 360 -6.57 -48.32 -67.61
N PHE W 361 -7.41 -48.88 -68.48
CA PHE W 361 -7.35 -50.31 -68.82
C PHE W 361 -7.12 -50.46 -70.31
N ALA W 362 -6.65 -51.63 -70.70
CA ALA W 362 -6.39 -51.92 -72.13
C ALA W 362 -7.23 -53.02 -72.68
N SER W 363 -7.77 -53.87 -71.83
CA SER W 363 -8.73 -54.89 -72.26
C SER W 363 -9.59 -55.22 -71.07
N SER W 364 -10.87 -54.85 -71.11
CA SER W 364 -11.76 -55.10 -70.01
C SER W 364 -12.76 -56.19 -70.31
N GLY W 365 -13.51 -56.56 -69.31
CA GLY W 365 -14.57 -57.54 -69.42
C GLY W 365 -15.72 -57.33 -68.48
N LEU W 366 -16.91 -57.72 -68.92
CA LEU W 366 -18.14 -57.57 -68.10
C LEU W 366 -18.88 -58.87 -68.24
N ALA W 367 -19.71 -59.18 -67.28
CA ALA W 367 -20.50 -60.39 -67.36
C ALA W 367 -21.82 -60.26 -66.65
N LEU W 368 -22.85 -59.87 -67.37
CA LEU W 368 -24.18 -59.87 -66.81
C LEU W 368 -24.61 -61.33 -66.78
N VAL W 369 -24.81 -61.86 -65.58
CA VAL W 369 -25.17 -63.23 -65.40
C VAL W 369 -26.53 -63.31 -64.72
N ASN W 370 -27.53 -63.80 -65.45
CA ASN W 370 -28.82 -64.13 -64.85
C ASN W 370 -28.76 -65.55 -64.28
N HIS W 371 -28.94 -65.65 -62.98
CA HIS W 371 -28.56 -66.85 -62.20
C HIS W 371 -29.63 -67.06 -61.11
N THR W 372 -29.87 -68.31 -60.80
CA THR W 372 -30.70 -68.68 -59.69
C THR W 372 -30.11 -68.24 -58.33
N GLY W 373 -28.82 -67.93 -58.29
CA GLY W 373 -28.26 -67.48 -57.06
C GLY W 373 -28.77 -66.13 -56.56
N ILE W 374 -29.31 -65.31 -57.46
CA ILE W 374 -29.80 -64.04 -57.06
C ILE W 374 -31.12 -64.16 -56.32
N ALA W 375 -31.74 -65.35 -56.39
CA ALA W 375 -32.86 -65.60 -55.51
C ALA W 375 -32.45 -65.81 -54.05
N ALA W 376 -31.19 -66.17 -53.81
CA ALA W 376 -30.69 -66.25 -52.44
C ALA W 376 -30.52 -64.85 -51.82
N VAL W 377 -30.22 -63.87 -52.67
CA VAL W 377 -30.36 -62.47 -52.28
C VAL W 377 -31.82 -62.16 -51.98
N PHE W 378 -32.73 -62.65 -52.83
CA PHE W 378 -34.17 -62.46 -52.60
C PHE W 378 -34.67 -63.24 -51.37
N GLU W 379 -34.18 -64.47 -51.19
CA GLU W 379 -34.57 -65.28 -50.07
C GLU W 379 -34.06 -64.70 -48.75
N ARG W 380 -32.88 -64.06 -48.78
CA ARG W 380 -32.39 -63.34 -47.59
C ARG W 380 -33.32 -62.15 -47.26
N LEU W 381 -33.65 -61.40 -48.28
CA LEU W 381 -34.46 -60.22 -48.09
C LEU W 381 -35.94 -60.55 -47.83
N ILE W 382 -36.32 -61.82 -47.93
CA ILE W 382 -37.65 -62.23 -47.51
C ILE W 382 -37.59 -62.85 -46.12
N ALA W 383 -36.52 -63.60 -45.84
CA ALA W 383 -36.34 -64.15 -44.51
C ALA W 383 -36.09 -63.06 -43.47
N GLN W 384 -35.48 -61.95 -43.90
CA GLN W 384 -35.46 -60.76 -43.04
C GLN W 384 -36.81 -60.09 -43.00
N PHE W 385 -37.54 -60.12 -44.10
CA PHE W 385 -38.87 -59.54 -44.13
C PHE W 385 -39.87 -60.38 -43.37
N ASP W 386 -39.63 -61.68 -43.26
CA ASP W 386 -40.59 -62.59 -42.65
C ASP W 386 -40.77 -62.32 -41.16
N ILE W 387 -39.67 -62.16 -40.44
CA ILE W 387 -39.75 -61.90 -39.02
C ILE W 387 -40.16 -60.45 -38.79
N MET W 388 -39.58 -59.55 -39.59
CA MET W 388 -39.65 -58.13 -39.33
C MET W 388 -41.01 -57.56 -39.69
N PHE W 389 -41.74 -58.16 -40.62
CA PHE W 389 -43.06 -57.63 -40.98
C PHE W 389 -44.19 -58.11 -40.08
N ASP W 390 -44.14 -59.38 -39.68
CA ASP W 390 -45.20 -59.95 -38.88
C ASP W 390 -45.24 -59.43 -37.45
N ASN W 391 -44.10 -58.92 -36.98
CA ASN W 391 -43.99 -58.36 -35.64
C ASN W 391 -44.01 -56.85 -35.65
N HIS W 392 -44.41 -56.25 -36.78
CA HIS W 392 -44.62 -54.78 -36.95
C HIS W 392 -43.36 -53.99 -36.64
N ALA W 393 -42.23 -54.55 -37.03
CA ALA W 393 -40.98 -54.21 -36.36
C ALA W 393 -40.40 -52.92 -36.78
N TYR W 394 -40.79 -52.39 -37.91
CA TYR W 394 -40.62 -50.95 -38.20
C TYR W 394 -41.78 -50.42 -39.02
N THR W 395 -42.93 -51.07 -38.93
CA THR W 395 -43.96 -50.90 -39.92
C THR W 395 -44.70 -49.58 -39.76
N HIS W 396 -44.77 -49.07 -38.53
CA HIS W 396 -45.58 -47.90 -38.31
C HIS W 396 -45.01 -46.63 -38.94
N TRP W 397 -43.73 -46.63 -39.30
CA TRP W 397 -43.16 -45.53 -40.08
C TRP W 397 -43.66 -45.50 -41.51
N TYR W 398 -44.12 -46.64 -42.01
CA TYR W 398 -44.81 -46.69 -43.31
C TYR W 398 -46.28 -46.40 -43.19
N GLU W 399 -46.88 -46.93 -42.12
CA GLU W 399 -48.31 -46.78 -41.91
C GLU W 399 -48.67 -45.34 -41.63
N ASN W 400 -47.85 -44.66 -40.83
CA ASN W 400 -48.07 -43.25 -40.53
C ASN W 400 -47.46 -42.32 -41.57
N ALA W 401 -47.11 -42.84 -42.74
CA ALA W 401 -46.64 -42.04 -43.86
C ALA W 401 -47.20 -42.51 -45.21
N GLY W 402 -48.32 -43.22 -45.19
CA GLY W 402 -49.09 -43.51 -46.40
C GLY W 402 -49.25 -44.97 -46.76
N VAL W 403 -48.25 -45.80 -46.42
CA VAL W 403 -48.16 -47.16 -46.95
C VAL W 403 -48.60 -48.18 -45.91
N SER W 404 -49.71 -48.87 -46.18
CA SER W 404 -50.27 -49.83 -45.23
C SER W 404 -49.61 -51.19 -45.34
N ARG W 405 -49.99 -52.08 -44.44
CA ARG W 405 -49.50 -53.46 -44.44
C ARG W 405 -50.06 -54.28 -45.59
N ASP W 406 -51.20 -53.87 -46.12
CA ASP W 406 -51.75 -54.52 -47.29
C ASP W 406 -50.87 -54.26 -48.50
N MET W 407 -50.39 -53.01 -48.61
CA MET W 407 -49.51 -52.59 -49.69
C MET W 407 -48.11 -53.18 -49.54
N MET W 408 -47.75 -53.60 -48.33
CA MET W 408 -46.42 -54.12 -48.03
C MET W 408 -46.35 -55.63 -48.05
N ALA W 409 -47.41 -56.31 -47.66
CA ALA W 409 -47.45 -57.76 -47.81
C ALA W 409 -47.60 -58.15 -49.28
N LYS W 410 -48.31 -57.33 -50.05
CA LYS W 410 -48.43 -57.53 -51.49
C LYS W 410 -47.08 -57.35 -52.19
N ALA W 411 -46.21 -56.52 -51.62
CA ALA W 411 -44.84 -56.40 -52.10
C ALA W 411 -44.08 -57.69 -51.82
N ARG W 412 -44.41 -58.39 -50.73
CA ARG W 412 -43.73 -59.63 -50.39
C ARG W 412 -44.19 -60.75 -51.27
N ASN W 413 -45.48 -60.77 -51.59
CA ASN W 413 -46.03 -61.89 -52.33
C ASN W 413 -45.57 -61.90 -53.79
N GLN W 414 -45.00 -60.81 -54.29
CA GLN W 414 -44.37 -60.82 -55.59
C GLN W 414 -42.93 -61.27 -55.50
N ILE W 415 -42.23 -60.87 -54.45
CA ILE W 415 -40.83 -61.25 -54.30
C ILE W 415 -40.71 -62.70 -53.81
N ALA W 416 -41.67 -63.17 -53.00
CA ALA W 416 -41.74 -64.58 -52.68
C ALA W 416 -42.09 -65.40 -53.91
N THR W 417 -42.86 -64.82 -54.83
CA THR W 417 -43.05 -65.42 -56.14
C THR W 417 -41.74 -65.34 -56.95
N LEU W 418 -41.06 -64.22 -56.87
CA LEU W 418 -39.82 -64.03 -57.61
C LEU W 418 -38.70 -64.91 -57.08
N ALA W 419 -38.63 -65.11 -55.79
CA ALA W 419 -37.65 -66.04 -55.23
C ALA W 419 -37.99 -67.48 -55.59
N GLN W 420 -39.26 -67.75 -55.88
CA GLN W 420 -39.67 -69.04 -56.38
C GLN W 420 -39.47 -69.15 -57.89
N SER W 421 -39.56 -68.03 -58.60
CA SER W 421 -39.41 -68.04 -60.06
C SER W 421 -38.01 -68.39 -60.52
N TYR W 422 -36.99 -68.20 -59.69
CA TYR W 422 -35.67 -68.76 -60.00
C TYR W 422 -35.57 -70.23 -59.60
N ARG W 423 -36.23 -70.62 -58.51
CA ARG W 423 -36.27 -72.03 -58.16
C ARG W 423 -37.15 -72.84 -59.10
N ASP W 424 -38.08 -72.18 -59.78
CA ASP W 424 -38.78 -72.80 -60.90
C ASP W 424 -37.94 -72.78 -62.17
N ALA W 425 -36.84 -72.02 -62.18
CA ALA W 425 -35.98 -71.89 -63.33
C ALA W 425 -34.67 -72.68 -63.17
N SER W 426 -34.75 -73.86 -62.56
CA SER W 426 -33.58 -74.71 -62.40
C SER W 426 -33.75 -76.04 -63.14
N ASP X 1 -40.10 -29.12 -88.06
CA ASP X 1 -40.06 -27.98 -89.01
C ASP X 1 -41.37 -27.16 -88.91
N THR X 2 -42.47 -27.86 -88.58
CA THR X 2 -43.84 -27.30 -88.31
C THR X 2 -43.88 -26.12 -87.32
N ALA X 3 -44.86 -25.20 -87.49
CA ALA X 3 -44.90 -23.93 -86.69
C ALA X 3 -45.05 -24.19 -85.19
N LEU X 4 -45.84 -25.21 -84.86
CA LEU X 4 -46.09 -25.61 -83.49
C LEU X 4 -44.84 -26.17 -82.84
N GLU X 5 -44.09 -27.02 -83.57
CA GLU X 5 -42.80 -27.55 -83.10
C GLU X 5 -41.77 -26.44 -82.79
N ARG X 6 -41.85 -25.35 -83.56
CA ARG X 6 -40.98 -24.16 -83.40
C ARG X 6 -41.35 -23.41 -82.12
N GLN X 7 -42.65 -23.17 -81.95
CA GLN X 7 -43.18 -22.57 -80.72
C GLN X 7 -42.81 -23.39 -79.46
N ILE X 8 -42.79 -24.71 -79.58
CA ILE X 8 -42.47 -25.59 -78.48
C ILE X 8 -40.99 -25.48 -78.14
N ALA X 9 -40.12 -25.42 -79.15
CA ALA X 9 -38.65 -25.37 -78.94
C ALA X 9 -38.30 -24.10 -78.17
N SER X 10 -38.91 -23.01 -78.61
CA SER X 10 -38.71 -21.69 -78.05
C SER X 10 -39.20 -21.64 -76.60
N ALA X 11 -40.43 -22.13 -76.38
CA ALA X 11 -41.06 -22.19 -75.06
C ALA X 11 -40.31 -23.12 -74.12
N SER X 12 -39.81 -24.25 -74.63
CA SER X 12 -38.98 -25.15 -73.83
C SER X 12 -37.69 -24.49 -73.39
N ARG X 13 -36.98 -23.81 -74.29
CA ARG X 13 -35.70 -23.13 -73.93
C ARG X 13 -35.98 -22.13 -72.84
N SER X 14 -37.03 -21.32 -73.06
CA SER X 14 -37.41 -20.29 -72.14
C SER X 14 -37.75 -20.87 -70.74
N VAL X 15 -38.38 -22.07 -70.72
CA VAL X 15 -38.70 -22.76 -69.45
C VAL X 15 -37.42 -23.26 -68.79
N GLU X 16 -36.57 -23.94 -69.55
CA GLU X 16 -35.25 -24.43 -69.11
C GLU X 16 -34.39 -23.32 -68.54
N GLU X 17 -34.40 -22.16 -69.18
CA GLU X 17 -33.75 -20.96 -68.64
C GLU X 17 -34.33 -20.57 -67.31
N ALA X 18 -35.65 -20.42 -67.20
CA ALA X 18 -36.27 -20.14 -65.89
C ALA X 18 -36.01 -21.24 -64.80
N ARG X 19 -35.91 -22.49 -65.22
CA ARG X 19 -35.57 -23.60 -64.29
C ARG X 19 -34.18 -23.39 -63.72
N ARG X 20 -33.17 -23.15 -64.57
CA ARG X 20 -31.76 -22.91 -64.20
C ARG X 20 -31.65 -21.70 -63.33
N LEU X 21 -32.28 -20.61 -63.74
CA LEU X 21 -32.38 -19.41 -62.89
C LEU X 21 -32.86 -19.74 -61.48
N ALA X 22 -33.85 -20.63 -61.35
CA ALA X 22 -34.44 -20.96 -60.05
C ALA X 22 -33.57 -22.00 -59.32
N TYR X 23 -32.69 -22.69 -60.05
CA TYR X 23 -31.61 -23.48 -59.46
C TYR X 23 -30.59 -22.56 -58.76
N HIS X 24 -30.07 -21.56 -59.50
CA HIS X 24 -29.13 -20.57 -58.95
C HIS X 24 -29.77 -19.68 -57.85
N ASP X 25 -31.03 -19.34 -58.03
CA ASP X 25 -31.73 -18.51 -57.08
C ASP X 25 -33.15 -19.09 -56.79
N PRO X 26 -33.28 -19.96 -55.74
CA PRO X 26 -34.56 -20.68 -55.53
C PRO X 26 -35.80 -19.80 -55.33
N ILE X 27 -35.64 -18.53 -54.99
CA ILE X 27 -36.76 -17.61 -54.81
C ILE X 27 -37.58 -17.22 -56.09
N ARG X 28 -37.01 -17.37 -57.29
CA ARG X 28 -37.59 -16.80 -58.57
C ARG X 28 -38.77 -17.62 -59.21
N VAL X 29 -39.65 -18.11 -58.36
CA VAL X 29 -40.62 -19.15 -58.69
C VAL X 29 -41.71 -18.60 -59.61
N GLY X 30 -42.13 -17.35 -59.29
CA GLY X 30 -43.17 -16.67 -60.08
C GLY X 30 -42.85 -16.67 -61.58
N ALA X 31 -41.60 -16.35 -61.94
CA ALA X 31 -41.20 -16.28 -63.35
C ALA X 31 -41.22 -17.67 -64.03
N LEU X 32 -40.86 -18.71 -63.25
CA LEU X 32 -40.90 -20.07 -63.75
C LEU X 32 -42.33 -20.43 -64.16
N VAL X 33 -43.29 -20.05 -63.31
CA VAL X 33 -44.72 -20.29 -63.52
C VAL X 33 -45.17 -19.68 -64.85
N GLU X 34 -44.81 -18.41 -65.06
CA GLU X 34 -45.16 -17.73 -66.29
C GLU X 34 -44.66 -18.40 -67.55
N GLN X 35 -43.40 -18.80 -67.54
CA GLN X 35 -42.81 -19.51 -68.66
C GLN X 35 -43.48 -20.85 -68.86
N ILE X 36 -43.75 -21.54 -67.75
CA ILE X 36 -44.45 -22.81 -67.78
C ILE X 36 -45.85 -22.65 -68.41
N SER X 37 -46.57 -21.58 -68.07
CA SER X 37 -47.93 -21.45 -68.60
C SER X 37 -47.95 -21.44 -70.14
N VAL X 38 -46.92 -20.84 -70.76
CA VAL X 38 -46.85 -20.75 -72.21
C VAL X 38 -46.57 -22.13 -72.82
N LEU X 39 -45.60 -22.85 -72.24
CA LEU X 39 -45.25 -24.17 -72.73
C LEU X 39 -46.45 -25.14 -72.47
N ALA X 40 -47.09 -25.06 -71.31
CA ALA X 40 -48.23 -25.93 -70.95
C ALA X 40 -49.36 -25.70 -71.95
N ASP X 41 -49.64 -24.43 -72.25
CA ASP X 41 -50.58 -24.11 -73.35
C ASP X 41 -50.30 -24.87 -74.66
N LEU X 42 -49.04 -24.96 -75.03
CA LEU X 42 -48.68 -25.53 -76.29
C LEU X 42 -48.84 -27.03 -76.23
N ARG X 43 -48.52 -27.62 -75.08
CA ARG X 43 -48.66 -29.05 -74.89
C ARG X 43 -50.13 -29.43 -74.92
N GLN X 44 -51.00 -28.55 -74.40
CA GLN X 44 -52.43 -28.77 -74.50
C GLN X 44 -52.92 -28.74 -75.93
N LYS X 45 -52.41 -27.79 -76.70
CA LYS X 45 -52.80 -27.61 -78.08
C LYS X 45 -52.45 -28.88 -78.83
N GLU X 46 -51.29 -29.50 -78.56
CA GLU X 46 -50.97 -30.76 -79.21
C GLU X 46 -51.57 -32.01 -78.54
N GLY X 47 -52.37 -31.78 -77.51
CA GLY X 47 -52.99 -32.87 -76.79
C GLY X 47 -52.18 -33.62 -75.76
N ASP X 48 -50.88 -33.28 -75.58
CA ASP X 48 -50.12 -33.86 -74.48
C ASP X 48 -50.48 -33.25 -73.07
N PHE X 49 -51.66 -33.61 -72.54
CA PHE X 49 -52.12 -33.07 -71.27
C PHE X 49 -51.32 -33.52 -70.05
N ARG X 50 -50.80 -34.76 -70.04
CA ARG X 50 -49.93 -35.24 -68.98
C ARG X 50 -48.64 -34.44 -68.90
N LYS X 51 -48.11 -33.96 -70.04
CA LYS X 51 -46.92 -33.12 -69.99
C LYS X 51 -47.24 -31.79 -69.39
N ALA X 52 -48.36 -31.22 -69.79
CA ALA X 52 -48.81 -29.96 -69.25
C ALA X 52 -49.00 -30.08 -67.73
N GLU X 53 -49.63 -31.18 -67.29
CA GLU X 53 -49.86 -31.41 -65.88
C GLU X 53 -48.55 -31.50 -65.11
N SER X 54 -47.59 -32.20 -65.69
CA SER X 54 -46.29 -32.33 -65.04
C SER X 54 -45.61 -30.98 -64.83
N LEU X 55 -45.70 -30.08 -65.81
CA LEU X 55 -45.12 -28.76 -65.71
C LEU X 55 -45.71 -27.98 -64.54
N TYR X 56 -47.04 -28.05 -64.41
CA TYR X 56 -47.68 -27.31 -63.34
C TYR X 56 -47.45 -27.91 -61.99
N ARG X 57 -47.29 -29.21 -61.94
CA ARG X 57 -46.95 -29.86 -60.69
C ARG X 57 -45.54 -29.46 -60.27
N GLU X 58 -44.65 -29.33 -61.25
CA GLU X 58 -43.30 -28.89 -60.95
C GLU X 58 -43.31 -27.48 -60.37
N ALA X 59 -44.05 -26.58 -61.03
CA ALA X 59 -44.24 -25.22 -60.52
C ALA X 59 -44.75 -25.23 -59.07
N LEU X 60 -45.71 -26.12 -58.83
CA LEU X 60 -46.33 -26.24 -57.53
C LEU X 60 -45.32 -26.70 -56.49
N PHE X 61 -44.50 -27.72 -56.80
CA PHE X 61 -43.51 -28.22 -55.86
C PHE X 61 -42.50 -27.13 -55.51
N ARG X 62 -42.01 -26.37 -56.52
CA ARG X 62 -41.15 -25.24 -56.22
C ARG X 62 -41.81 -24.21 -55.27
N ALA X 63 -43.08 -23.91 -55.50
CA ALA X 63 -43.80 -22.97 -54.66
C ALA X 63 -43.94 -23.52 -53.23
N GLN X 64 -44.20 -24.80 -53.14
CA GLN X 64 -44.33 -25.44 -51.86
C GLN X 64 -43.02 -25.45 -51.04
N GLU X 65 -41.89 -25.45 -51.70
CA GLU X 65 -40.59 -25.48 -51.02
C GLU X 65 -40.09 -24.09 -50.58
N LEU X 66 -40.76 -23.01 -50.97
CA LEU X 66 -40.35 -21.68 -50.48
C LEU X 66 -40.29 -21.61 -48.94
N ARG X 67 -39.23 -21.01 -48.39
CA ARG X 67 -39.17 -20.84 -46.93
C ARG X 67 -40.19 -19.87 -46.41
N LYS X 68 -40.48 -18.81 -47.18
CA LYS X 68 -41.65 -17.98 -46.90
C LYS X 68 -42.78 -18.42 -47.82
N GLN X 69 -43.82 -19.04 -47.24
CA GLN X 69 -44.96 -19.52 -48.01
C GLN X 69 -45.66 -18.39 -48.73
N ASP X 70 -45.91 -18.58 -50.03
CA ASP X 70 -46.62 -17.59 -50.83
C ASP X 70 -48.00 -18.14 -51.25
N PRO X 71 -49.01 -17.95 -50.40
CA PRO X 71 -50.31 -18.50 -50.72
C PRO X 71 -50.91 -17.98 -52.04
N ASP X 72 -50.68 -16.71 -52.35
CA ASP X 72 -51.19 -16.16 -53.60
C ASP X 72 -50.64 -16.92 -54.83
N LEU X 73 -49.37 -17.29 -54.77
CA LEU X 73 -48.74 -18.02 -55.84
C LEU X 73 -49.36 -19.43 -55.99
N LEU X 74 -49.60 -20.09 -54.85
CA LEU X 74 -50.16 -21.42 -54.81
C LEU X 74 -51.58 -21.40 -55.35
N THR X 75 -52.38 -20.43 -54.91
CA THR X 75 -53.72 -20.18 -55.42
C THR X 75 -53.70 -20.14 -56.97
N GLY X 76 -52.79 -19.36 -57.55
CA GLY X 76 -52.70 -19.21 -58.97
C GLY X 76 -52.29 -20.49 -59.67
N ILE X 77 -51.33 -21.21 -59.08
CA ILE X 77 -50.87 -22.46 -59.65
C ILE X 77 -52.03 -23.50 -59.68
N TYR X 78 -52.73 -23.64 -58.56
CA TYR X 78 -53.88 -24.54 -58.50
C TYR X 78 -54.93 -24.16 -59.54
N SER X 79 -55.11 -22.87 -59.79
CA SER X 79 -56.11 -22.45 -60.77
C SER X 79 -55.64 -22.76 -62.18
N LEU X 80 -54.32 -22.72 -62.43
CA LEU X 80 -53.83 -23.16 -63.73
C LEU X 80 -54.05 -24.68 -63.95
N LEU X 81 -53.90 -25.48 -62.91
CA LEU X 81 -54.15 -26.92 -63.00
C LEU X 81 -55.66 -27.14 -63.21
N ALA X 82 -56.47 -26.37 -62.50
CA ALA X 82 -57.92 -26.47 -62.62
C ALA X 82 -58.33 -26.21 -64.08
N HIS X 83 -57.80 -25.14 -64.66
CA HIS X 83 -58.11 -24.79 -66.05
C HIS X 83 -57.61 -25.87 -67.02
N LEU X 84 -56.43 -26.41 -66.72
CA LEU X 84 -55.90 -27.55 -67.50
C LEU X 84 -56.92 -28.72 -67.48
N TYR X 85 -57.35 -29.14 -66.28
CA TYR X 85 -58.37 -30.16 -66.14
C TYR X 85 -59.67 -29.86 -66.89
N ASP X 86 -60.08 -28.61 -66.83
CA ASP X 86 -61.25 -28.19 -67.56
C ASP X 86 -61.07 -28.39 -69.09
N ARG X 87 -59.98 -27.91 -69.67
CA ARG X 87 -59.77 -28.09 -71.11
C ARG X 87 -59.58 -29.55 -71.47
N TRP X 88 -59.08 -30.35 -70.53
CA TRP X 88 -58.86 -31.76 -70.75
C TRP X 88 -60.20 -32.48 -70.76
N GLY X 89 -61.25 -31.93 -70.14
CA GLY X 89 -62.59 -32.57 -70.11
C GLY X 89 -62.76 -33.36 -68.82
N ARG X 90 -61.90 -33.08 -67.82
CA ARG X 90 -61.98 -33.70 -66.51
C ARG X 90 -62.69 -32.74 -65.55
N MET X 91 -64.00 -32.63 -65.74
CA MET X 91 -64.79 -31.58 -65.12
C MET X 91 -64.81 -31.65 -63.62
N ASP X 92 -64.81 -32.86 -63.05
CA ASP X 92 -64.82 -32.92 -61.58
C ASP X 92 -63.53 -32.44 -60.97
N LYS X 93 -62.43 -32.72 -61.65
CA LYS X 93 -61.12 -32.42 -61.16
C LYS X 93 -60.90 -30.90 -61.25
N ALA X 94 -61.40 -30.29 -62.30
CA ALA X 94 -61.33 -28.85 -62.45
C ALA X 94 -62.01 -28.16 -61.29
N ALA X 95 -63.19 -28.64 -60.89
CA ALA X 95 -63.91 -28.06 -59.75
C ALA X 95 -63.11 -28.28 -58.47
N GLU X 96 -62.50 -29.45 -58.36
CA GLU X 96 -61.76 -29.79 -57.15
C GLU X 96 -60.53 -28.88 -56.95
N PHE X 97 -59.89 -28.53 -58.05
CA PHE X 97 -58.66 -27.77 -58.02
C PHE X 97 -58.89 -26.27 -57.85
N TYR X 98 -59.97 -25.75 -58.44
CA TYR X 98 -60.43 -24.39 -58.15
C TYR X 98 -60.79 -24.30 -56.66
N GLU X 99 -61.43 -25.33 -56.11
CA GLU X 99 -61.82 -25.32 -54.72
C GLU X 99 -60.61 -25.33 -53.78
N LEU X 100 -59.57 -26.06 -54.17
CA LEU X 100 -58.31 -26.04 -53.46
C LEU X 100 -57.70 -24.67 -53.48
N ALA X 101 -57.69 -24.01 -54.64
CA ALA X 101 -57.19 -22.65 -54.76
C ALA X 101 -57.91 -21.74 -53.80
N LEU X 102 -59.26 -21.85 -53.74
CA LEU X 102 -60.04 -20.98 -52.91
C LEU X 102 -59.79 -21.22 -51.45
N LYS X 103 -59.54 -22.48 -51.08
CA LYS X 103 -59.32 -22.81 -49.71
C LYS X 103 -57.99 -22.22 -49.20
N ILE X 104 -56.95 -22.23 -50.02
CA ILE X 104 -55.67 -21.63 -49.66
C ILE X 104 -55.82 -20.11 -49.44
N SER X 105 -56.45 -19.43 -50.39
CA SER X 105 -56.76 -18.04 -50.20
C SER X 105 -57.64 -17.71 -48.97
N ALA X 106 -58.68 -18.50 -48.70
CA ALA X 106 -59.56 -18.26 -47.56
C ALA X 106 -58.78 -18.39 -46.27
N GLU X 107 -57.83 -19.32 -46.18
CA GLU X 107 -57.06 -19.50 -44.96
C GLU X 107 -55.99 -18.43 -44.70
N ASN X 108 -55.60 -17.72 -45.75
CA ASN X 108 -54.62 -16.65 -45.59
C ASN X 108 -55.41 -15.34 -45.79
N GLY X 109 -54.84 -14.27 -46.31
CA GLY X 109 -55.66 -13.06 -46.36
C GLY X 109 -56.63 -12.91 -47.55
N LEU X 110 -56.65 -13.83 -48.51
CA LEU X 110 -56.78 -13.38 -49.89
C LEU X 110 -58.16 -13.48 -50.50
N GLU X 111 -59.14 -13.75 -49.64
CA GLU X 111 -60.56 -13.59 -49.87
C GLU X 111 -60.96 -12.58 -50.96
N GLU X 112 -60.47 -11.36 -50.88
CA GLU X 112 -60.92 -10.32 -51.81
C GLU X 112 -59.85 -9.95 -52.83
N SER X 113 -59.32 -10.97 -53.48
CA SER X 113 -58.26 -10.72 -54.47
C SER X 113 -58.73 -10.87 -55.92
N ASP X 114 -57.89 -10.41 -56.83
CA ASP X 114 -58.10 -10.53 -58.24
C ASP X 114 -58.25 -12.01 -58.68
N LYS X 115 -57.25 -12.82 -58.34
CA LYS X 115 -57.25 -14.26 -58.56
C LYS X 115 -58.51 -14.93 -58.01
N VAL X 116 -58.87 -14.60 -56.78
CA VAL X 116 -60.01 -15.27 -56.15
C VAL X 116 -61.33 -15.02 -56.83
N ALA X 117 -61.56 -13.78 -57.26
CA ALA X 117 -62.78 -13.45 -57.97
C ALA X 117 -62.82 -14.21 -59.30
N THR X 118 -61.65 -14.29 -59.97
CA THR X 118 -61.53 -15.05 -61.23
C THR X 118 -61.85 -16.53 -61.03
N ILE X 119 -61.23 -17.11 -60.01
CA ILE X 119 -61.47 -18.49 -59.68
C ILE X 119 -62.95 -18.74 -59.42
N LYS X 120 -63.60 -17.88 -58.65
CA LYS X 120 -65.01 -18.09 -58.31
C LYS X 120 -65.91 -18.05 -59.55
N ASN X 121 -65.58 -17.13 -60.47
CA ASN X 121 -66.26 -17.09 -61.76
C ASN X 121 -66.06 -18.42 -62.48
N ASN X 122 -64.80 -18.83 -62.69
CA ASN X 122 -64.53 -20.05 -63.43
C ASN X 122 -65.15 -21.28 -62.76
N LEU X 123 -65.09 -21.35 -61.43
CA LEU X 123 -65.70 -22.42 -60.69
C LEU X 123 -67.21 -22.43 -60.85
N ALA X 124 -67.83 -21.26 -60.79
CA ALA X 124 -69.27 -21.15 -61.01
C ALA X 124 -69.66 -21.76 -62.37
N MET X 125 -68.82 -21.54 -63.38
CA MET X 125 -69.11 -22.06 -64.69
C MET X 125 -69.06 -23.60 -64.74
N ILE X 126 -68.14 -24.18 -63.97
CA ILE X 126 -68.03 -25.62 -63.89
C ILE X 126 -69.30 -26.17 -63.17
N PHE X 127 -69.70 -25.51 -62.08
CA PHE X 127 -70.93 -25.89 -61.44
C PHE X 127 -72.17 -25.83 -62.33
N LYS X 128 -72.24 -24.80 -63.21
CA LYS X 128 -73.27 -24.81 -64.21
C LYS X 128 -73.24 -26.11 -65.04
N GLN X 129 -72.06 -26.53 -65.50
CA GLN X 129 -71.92 -27.75 -66.27
C GLN X 129 -72.28 -28.98 -65.44
N LEU X 130 -71.94 -28.95 -64.14
CA LEU X 130 -72.35 -30.01 -63.21
C LEU X 130 -73.83 -29.99 -62.88
N ARG X 131 -74.55 -29.02 -63.45
CA ARG X 131 -75.96 -28.82 -63.19
C ARG X 131 -76.21 -28.60 -61.70
N LYS X 132 -75.39 -27.78 -61.05
CA LYS X 132 -75.65 -27.32 -59.71
C LYS X 132 -75.87 -25.84 -59.68
N PHE X 133 -77.08 -25.43 -59.98
CA PHE X 133 -77.40 -24.03 -60.26
C PHE X 133 -77.15 -23.11 -59.07
N GLU X 134 -77.59 -23.52 -57.89
CA GLU X 134 -77.52 -22.72 -56.66
C GLU X 134 -76.06 -22.45 -56.31
N ARG X 135 -75.21 -23.48 -56.41
CA ARG X 135 -73.78 -23.29 -56.15
C ARG X 135 -73.15 -22.38 -57.18
N ALA X 136 -73.55 -22.51 -58.46
CA ALA X 136 -73.08 -21.61 -59.53
C ALA X 136 -73.49 -20.17 -59.28
N GLU X 137 -74.76 -19.97 -58.98
CA GLU X 137 -75.21 -18.60 -58.67
C GLU X 137 -74.41 -17.95 -57.51
N GLY X 138 -74.26 -18.68 -56.39
CA GLY X 138 -73.48 -18.23 -55.26
C GLY X 138 -72.10 -17.74 -55.64
N TYR X 139 -71.34 -18.57 -56.33
CA TYR X 139 -69.99 -18.16 -56.70
C TYR X 139 -69.97 -17.03 -57.68
N TYR X 140 -70.91 -17.01 -58.65
CA TYR X 140 -70.92 -15.90 -59.59
C TYR X 140 -71.16 -14.57 -58.82
N CYS X 141 -72.09 -14.56 -57.87
CA CYS X 141 -72.40 -13.36 -57.10
C CYS X 141 -71.20 -12.89 -56.32
N GLU X 142 -70.50 -13.83 -55.69
CA GLU X 142 -69.27 -13.48 -55.01
C GLU X 142 -68.21 -12.90 -55.94
N ALA X 143 -68.03 -13.51 -57.10
CA ALA X 143 -67.07 -12.97 -58.08
C ALA X 143 -67.48 -11.56 -58.49
N LEU X 144 -68.78 -11.39 -58.74
CA LEU X 144 -69.38 -10.08 -59.09
C LEU X 144 -69.11 -8.97 -58.04
N GLU X 145 -69.51 -9.18 -56.79
CA GLU X 145 -69.17 -8.26 -55.68
C GLU X 145 -67.67 -7.96 -55.60
N THR X 146 -66.82 -8.97 -55.65
CA THR X 146 -65.38 -8.71 -55.54
C THR X 146 -64.87 -7.85 -56.68
N PHE X 147 -65.26 -8.14 -57.90
CA PHE X 147 -64.86 -7.31 -59.02
C PHE X 147 -65.43 -5.89 -58.93
N GLN X 148 -66.65 -5.76 -58.42
CA GLN X 148 -67.24 -4.46 -58.16
C GLN X 148 -66.37 -3.65 -57.19
N ARG X 149 -65.95 -4.25 -56.08
CA ARG X 149 -65.08 -3.57 -55.12
C ARG X 149 -63.66 -3.35 -55.62
N LEU X 150 -63.18 -4.16 -56.55
CA LEU X 150 -61.80 -4.04 -57.00
C LEU X 150 -61.66 -3.11 -58.16
N ASP X 151 -62.51 -3.28 -59.16
CA ASP X 151 -62.53 -2.46 -60.38
C ASP X 151 -63.76 -1.58 -60.16
N GLY X 152 -64.02 -0.58 -61.00
CA GLY X 152 -65.31 0.13 -60.86
C GLY X 152 -66.46 -0.81 -61.21
N GLU X 153 -67.71 -0.39 -61.00
CA GLU X 153 -68.81 -1.02 -61.75
C GLU X 153 -68.56 -0.95 -63.26
N GLN X 154 -67.88 0.10 -63.71
CA GLN X 154 -67.60 0.25 -65.10
C GLN X 154 -66.31 -0.47 -65.44
N SER X 155 -66.36 -1.80 -65.57
CA SER X 155 -65.16 -2.56 -66.00
C SER X 155 -65.52 -3.81 -66.76
N ALA X 156 -64.58 -4.28 -67.57
CA ALA X 156 -64.76 -5.44 -68.40
C ALA X 156 -65.09 -6.71 -67.57
N ARG X 157 -64.37 -6.86 -66.44
CA ARG X 157 -64.54 -8.02 -65.58
C ARG X 157 -65.90 -8.09 -64.90
N VAL X 158 -66.41 -6.92 -64.48
CA VAL X 158 -67.78 -6.85 -63.96
C VAL X 158 -68.79 -7.25 -65.03
N ALA X 159 -68.61 -6.72 -66.25
CA ALA X 159 -69.56 -7.01 -67.30
C ALA X 159 -69.50 -8.50 -67.66
N SER X 160 -68.29 -9.08 -67.65
CA SER X 160 -68.15 -10.53 -67.91
C SER X 160 -68.93 -11.40 -66.90
N VAL X 161 -68.86 -11.05 -65.62
CA VAL X 161 -69.60 -11.82 -64.64
C VAL X 161 -71.10 -11.61 -64.82
N TYR X 162 -71.50 -10.38 -65.11
CA TYR X 162 -72.90 -10.13 -65.46
C TYR X 162 -73.38 -11.01 -66.59
N ASN X 163 -72.62 -11.00 -67.69
CA ASN X 163 -72.87 -11.88 -68.80
C ASN X 163 -73.03 -13.38 -68.38
N ASN X 164 -72.06 -13.88 -67.61
CA ASN X 164 -72.05 -15.29 -67.16
C ASN X 164 -73.25 -15.62 -66.30
N LEU X 165 -73.62 -14.71 -65.40
CA LEU X 165 -74.87 -14.88 -64.66
C LEU X 165 -76.10 -14.88 -65.57
N GLY X 166 -76.06 -14.02 -66.59
CA GLY X 166 -77.13 -13.91 -67.54
C GLY X 166 -77.38 -15.26 -68.19
N VAL X 167 -76.31 -15.88 -68.69
CA VAL X 167 -76.42 -17.17 -69.36
C VAL X 167 -76.88 -18.24 -68.37
N LEU X 168 -76.45 -18.13 -67.11
CA LEU X 168 -76.87 -19.08 -66.11
C LEU X 168 -78.37 -18.99 -65.89
N TYR X 169 -78.87 -17.76 -65.69
CA TYR X 169 -80.28 -17.57 -65.44
C TYR X 169 -81.07 -17.96 -66.65
N TYR X 170 -80.58 -17.57 -67.83
CA TYR X 170 -81.25 -17.95 -69.07
C TYR X 170 -81.37 -19.47 -69.22
N SER X 171 -80.28 -20.19 -68.97
CA SER X 171 -80.28 -21.65 -69.10
C SER X 171 -81.23 -22.33 -68.11
N HIS X 172 -81.47 -21.75 -66.92
CA HIS X 172 -82.48 -22.30 -66.00
C HIS X 172 -83.83 -21.66 -66.18
N MET X 173 -84.05 -21.05 -67.35
CA MET X 173 -85.26 -20.32 -67.71
C MET X 173 -85.80 -19.27 -66.68
N ASP X 174 -84.92 -18.70 -65.85
CA ASP X 174 -85.25 -17.44 -65.15
C ASP X 174 -84.99 -16.26 -66.08
N VAL X 175 -85.97 -15.99 -66.95
CA VAL X 175 -85.86 -15.01 -68.02
C VAL X 175 -85.72 -13.58 -67.47
N ASP X 176 -86.50 -13.24 -66.44
CA ASP X 176 -86.40 -11.92 -65.86
C ASP X 176 -85.03 -11.54 -65.38
N ARG X 177 -84.41 -12.43 -64.60
CA ARG X 177 -83.11 -12.13 -64.04
C ARG X 177 -82.05 -12.17 -65.11
N ALA X 178 -82.21 -13.04 -66.12
CA ALA X 178 -81.32 -13.08 -67.28
C ALA X 178 -81.27 -11.73 -67.97
N GLN X 179 -82.46 -11.16 -68.16
CA GLN X 179 -82.56 -9.85 -68.75
C GLN X 179 -81.80 -8.76 -68.00
N VAL X 180 -82.03 -8.69 -66.68
CA VAL X 180 -81.36 -7.69 -65.86
C VAL X 180 -79.83 -7.78 -66.02
N MET X 181 -79.32 -9.00 -65.82
CA MET X 181 -77.91 -9.30 -65.97
C MET X 181 -77.35 -8.88 -67.31
N HIS X 182 -78.00 -9.29 -68.41
CA HIS X 182 -77.46 -8.93 -69.73
C HIS X 182 -77.54 -7.45 -70.08
N GLU X 183 -78.55 -6.77 -69.53
CA GLU X 183 -78.67 -5.32 -69.72
C GLU X 183 -77.61 -4.59 -68.96
N ARG X 184 -77.42 -4.95 -67.68
CA ARG X 184 -76.26 -4.42 -66.90
C ARG X 184 -74.92 -4.64 -67.62
N ALA X 185 -74.76 -5.81 -68.24
CA ALA X 185 -73.57 -6.12 -69.04
C ALA X 185 -73.49 -5.20 -70.25
N LEU X 186 -74.63 -5.04 -70.96
CA LEU X 186 -74.71 -4.11 -72.12
C LEU X 186 -74.34 -2.68 -71.76
N ALA X 187 -75.01 -2.13 -70.75
CA ALA X 187 -74.71 -0.80 -70.18
C ALA X 187 -73.20 -0.56 -69.99
N ILE X 188 -72.52 -1.50 -69.33
CA ILE X 188 -71.08 -1.36 -69.10
C ILE X 188 -70.32 -1.47 -70.41
N ARG X 189 -70.65 -2.47 -71.21
CA ARG X 189 -69.82 -2.78 -72.37
C ARG X 189 -69.80 -1.71 -73.47
N GLN X 190 -70.91 -0.96 -73.57
CA GLN X 190 -71.00 0.20 -74.46
C GLN X 190 -70.02 1.31 -74.12
N ASN X 191 -69.83 1.55 -72.82
CA ASN X 191 -68.99 2.66 -72.30
C ASN X 191 -67.47 2.39 -72.29
N LEU X 192 -67.03 1.33 -72.96
CA LEU X 192 -65.66 0.85 -72.87
C LEU X 192 -65.20 0.41 -74.23
N HIS X 193 -64.56 1.33 -74.98
CA HIS X 193 -64.32 1.19 -76.43
C HIS X 193 -62.94 0.59 -76.85
N GLU X 194 -61.86 1.15 -76.31
CA GLU X 194 -60.50 0.73 -76.59
C GLU X 194 -60.19 -0.75 -76.34
N GLY X 195 -58.91 -1.07 -76.60
CA GLY X 195 -58.27 -2.35 -76.26
C GLY X 195 -58.48 -2.92 -74.86
N GLN X 196 -59.20 -2.20 -73.99
CA GLN X 196 -59.68 -2.74 -72.71
C GLN X 196 -60.91 -3.67 -72.85
N MET X 197 -61.46 -3.72 -74.06
CA MET X 197 -62.50 -4.68 -74.43
C MET X 197 -62.60 -4.79 -75.96
N ASP X 198 -62.55 -6.01 -76.46
CA ASP X 198 -62.73 -6.25 -77.88
C ASP X 198 -64.25 -6.16 -78.21
N PRO X 199 -64.57 -5.79 -79.47
CA PRO X 199 -65.99 -5.67 -79.82
C PRO X 199 -66.76 -7.01 -79.91
N ALA X 200 -66.08 -8.14 -80.14
CA ALA X 200 -66.77 -9.44 -80.17
C ALA X 200 -67.55 -9.79 -78.87
N ASP X 201 -67.06 -9.33 -77.70
CA ASP X 201 -67.83 -9.46 -76.43
C ASP X 201 -69.13 -8.67 -76.45
N LEU X 202 -69.08 -7.50 -77.09
CA LEU X 202 -70.29 -6.67 -77.21
C LEU X 202 -71.36 -7.38 -78.08
N SER X 203 -70.91 -8.05 -79.14
CA SER X 203 -71.78 -8.81 -80.01
C SER X 203 -72.42 -9.99 -79.27
N GLN X 204 -71.66 -10.65 -78.39
CA GLN X 204 -72.20 -11.75 -77.59
C GLN X 204 -73.33 -11.26 -76.69
N THR X 205 -73.15 -10.06 -76.12
CA THR X 205 -74.19 -9.51 -75.27
C THR X 205 -75.51 -9.31 -76.03
N PHE X 206 -75.42 -8.78 -77.26
CA PHE X 206 -76.60 -8.60 -78.09
C PHE X 206 -77.22 -9.93 -78.47
N ILE X 207 -76.39 -10.85 -78.93
CA ILE X 207 -76.79 -12.23 -79.16
C ILE X 207 -77.55 -12.80 -77.95
N ASN X 208 -76.99 -12.64 -76.74
CA ASN X 208 -77.60 -13.18 -75.53
C ASN X 208 -78.90 -12.46 -75.16
N LEU X 209 -78.89 -11.12 -75.26
CA LEU X 209 -80.10 -10.32 -75.12
C LEU X 209 -81.20 -10.75 -76.11
N GLY X 210 -80.78 -11.04 -77.35
CA GLY X 210 -81.70 -11.54 -78.36
C GLY X 210 -82.44 -12.77 -77.89
N ALA X 211 -81.70 -13.79 -77.43
CA ALA X 211 -82.36 -15.02 -76.92
C ALA X 211 -83.24 -14.76 -75.71
N VAL X 212 -82.87 -13.77 -74.89
CA VAL X 212 -83.62 -13.45 -73.67
C VAL X 212 -84.91 -12.74 -74.05
N TYR X 213 -84.80 -11.70 -74.88
CA TYR X 213 -85.99 -11.01 -75.34
C TYR X 213 -86.96 -11.94 -76.08
N LYS X 214 -86.42 -12.84 -76.90
CA LYS X 214 -87.25 -13.80 -77.62
C LYS X 214 -88.00 -14.72 -76.65
N ALA X 215 -87.29 -15.22 -75.63
CA ALA X 215 -87.90 -15.99 -74.52
C ALA X 215 -88.94 -15.17 -73.73
N ALA X 216 -88.73 -13.86 -73.65
CA ALA X 216 -89.68 -12.99 -72.97
C ALA X 216 -90.94 -12.65 -73.81
N GLY X 217 -90.99 -13.09 -75.07
CA GLY X 217 -92.06 -12.70 -76.02
C GLY X 217 -91.97 -11.28 -76.60
N ASP X 218 -90.78 -10.68 -76.57
CA ASP X 218 -90.55 -9.39 -77.21
C ASP X 218 -89.65 -9.57 -78.47
N PHE X 219 -90.29 -10.09 -79.51
CA PHE X 219 -89.60 -10.57 -80.71
C PHE X 219 -89.00 -9.44 -81.53
N GLN X 220 -89.58 -8.25 -81.34
CA GLN X 220 -89.16 -6.97 -81.89
C GLN X 220 -87.74 -6.64 -81.37
N LYS X 221 -87.59 -6.57 -80.04
CA LYS X 221 -86.35 -6.15 -79.39
C LYS X 221 -85.34 -7.23 -79.60
N ALA X 222 -85.83 -8.47 -79.67
CA ALA X 222 -85.01 -9.64 -80.01
C ALA X 222 -84.31 -9.45 -81.36
N GLU X 223 -85.09 -9.22 -82.42
CA GLU X 223 -84.48 -9.02 -83.74
C GLU X 223 -83.56 -7.80 -83.80
N ALA X 224 -83.95 -6.70 -83.13
CA ALA X 224 -83.11 -5.50 -83.04
C ALA X 224 -81.71 -5.83 -82.47
N CYS X 225 -81.67 -6.71 -81.46
CA CYS X 225 -80.41 -7.16 -80.85
C CYS X 225 -79.61 -8.04 -81.79
N VAL X 226 -80.26 -9.06 -82.34
CA VAL X 226 -79.64 -9.97 -83.32
C VAL X 226 -79.09 -9.18 -84.55
N ASP X 227 -79.81 -8.14 -84.96
CA ASP X 227 -79.34 -7.21 -85.98
C ASP X 227 -78.06 -6.50 -85.55
N ARG X 228 -78.06 -5.87 -84.36
CA ARG X 228 -76.89 -5.11 -83.95
C ARG X 228 -75.64 -5.97 -83.75
N ALA X 229 -75.84 -7.26 -83.46
CA ALA X 229 -74.73 -8.20 -83.32
C ALA X 229 -74.15 -8.51 -84.68
N LYS X 230 -75.04 -8.66 -85.66
CA LYS X 230 -74.64 -8.92 -87.04
C LYS X 230 -73.87 -7.74 -87.61
N ARG X 231 -74.35 -6.51 -87.35
CA ARG X 231 -73.66 -5.27 -87.73
C ARG X 231 -72.23 -5.21 -87.16
N ILE X 232 -72.07 -5.61 -85.89
CA ILE X 232 -70.78 -5.60 -85.21
C ILE X 232 -69.80 -6.63 -85.83
N ARG X 233 -70.25 -7.87 -85.92
CA ARG X 233 -69.46 -8.96 -86.51
C ARG X 233 -69.07 -8.69 -87.97
N ALA X 234 -69.95 -8.01 -88.70
CA ALA X 234 -69.63 -7.52 -90.05
C ALA X 234 -68.59 -6.39 -90.01
N ALA X 235 -68.79 -5.41 -89.13
CA ALA X 235 -67.91 -4.22 -89.03
C ALA X 235 -66.47 -4.48 -88.57
N MET X 236 -66.17 -5.70 -88.14
CA MET X 236 -64.79 -6.06 -87.75
C MET X 236 -64.00 -6.75 -88.86
N ASN X 237 -64.62 -6.85 -90.03
CA ASN X 237 -63.85 -7.02 -91.28
C ASN X 237 -63.21 -5.75 -91.92
N GLY X 238 -63.82 -4.59 -91.73
CA GLY X 238 -63.27 -3.34 -92.24
C GLY X 238 -63.44 -3.19 -93.73
PB GDP Y . -22.62 59.76 52.50
O1B GDP Y . -22.82 60.75 53.66
O2B GDP Y . -22.65 60.43 51.16
O3B GDP Y . -21.48 58.77 52.72
O3A GDP Y . -23.97 58.91 52.58
PA GDP Y . -24.31 57.64 51.60
O1A GDP Y . -23.37 56.46 51.84
O2A GDP Y . -24.20 58.29 50.25
O5' GDP Y . -25.80 57.07 52.01
C5' GDP Y . -26.90 57.45 51.22
C4' GDP Y . -27.84 56.33 50.89
O4' GDP Y . -27.18 55.10 50.60
C3' GDP Y . -28.76 56.03 52.05
O3' GDP Y . -30.12 56.42 51.70
C2' GDP Y . -28.75 54.51 52.24
O2' GDP Y . -30.08 53.97 52.16
C1' GDP Y . -27.91 53.97 51.11
N9 GDP Y . -26.95 52.94 51.52
C8 GDP Y . -26.09 53.08 52.53
N7 GDP Y . -25.32 51.97 52.69
C5 GDP Y . -25.67 51.14 51.71
C6 GDP Y . -25.20 49.81 51.27
O6 GDP Y . -24.28 49.23 51.87
N1 GDP Y . -25.80 49.28 50.19
C2 GDP Y . -26.81 49.92 49.55
N2 GDP Y . -27.37 49.30 48.48
N3 GDP Y . -27.27 51.15 49.91
C4 GDP Y . -26.74 51.79 50.96
PB GDP Z . -21.77 44.11 15.38
O1B GDP Z . -21.44 44.82 16.74
O2B GDP Z . -22.00 45.03 14.23
O3B GDP Z . -20.72 43.11 14.92
O3A GDP Z . -23.15 43.35 15.71
PA GDP Z . -23.62 42.18 14.74
O1A GDP Z . -22.75 40.95 15.04
O2A GDP Z . -23.62 42.76 13.30
O5' GDP Z . -25.12 41.72 15.18
C5' GDP Z . -26.07 41.78 14.13
C4' GDP Z . -27.08 40.63 14.11
O4' GDP Z . -26.44 39.43 13.75
C3' GDP Z . -27.70 40.43 15.47
O3' GDP Z . -29.06 40.87 15.39
C2' GDP Z . -27.59 38.93 15.74
O2' GDP Z . -28.91 38.35 15.90
C1' GDP Z . -26.98 38.34 14.51
N9 GDP Z . -25.90 37.39 14.79
C8 GDP Z . -24.97 37.49 15.76
N7 GDP Z . -24.04 36.50 15.68
C5 GDP Z . -24.40 35.72 14.64
C6 GDP Z . -23.89 34.52 14.01
O6 GDP Z . -22.87 33.98 14.43
N1 GDP Z . -24.58 34.02 12.98
C2 GDP Z . -25.70 34.60 12.50
N2 GDP Z . -26.32 34.04 11.44
N3 GDP Z . -26.24 35.72 13.03
C4 GDP Z . -25.64 36.32 14.08
PB GDP AA . 33.81 46.28 73.20
O1B GDP AA . 34.26 46.90 74.52
O2B GDP AA . 34.96 46.03 72.26
O3B GDP AA . 32.83 45.14 73.33
O3A GDP AA . 33.01 47.51 72.53
PA GDP AA . 32.26 47.42 71.09
O1A GDP AA . 31.08 46.46 71.11
O2A GDP AA . 33.39 47.03 70.18
O5' GDP AA . 31.56 48.91 70.80
C5' GDP AA . 32.24 49.78 69.94
C4' GDP AA . 31.35 50.47 68.95
O4' GDP AA . 30.34 49.62 68.41
C3' GDP AA . 30.61 51.63 69.58
O3' GDP AA . 31.11 52.88 69.04
C2' GDP AA . 29.15 51.50 69.17
O2' GDP AA . 28.69 52.69 68.50
C1' GDP AA . 29.11 50.33 68.21
N9 GDP AA . 28.00 49.41 68.45
C8 GDP AA . 27.71 48.87 69.63
N7 GDP AA . 26.64 48.05 69.56
C5 GDP AA . 26.26 48.03 68.28
C6 GDP AA . 25.22 47.31 67.51
O6 GDP AA . 24.44 46.53 68.07
N1 GDP AA . 25.17 47.55 66.19
C2 GDP AA . 26.02 48.41 65.59
N2 GDP AA . 25.89 48.59 64.25
N3 GDP AA . 27.01 49.09 66.24
C4 GDP AA . 27.16 48.93 67.57
PB GDP BA . 34.43 33.86 34.85
O1B GDP BA . 34.55 33.99 36.42
O2B GDP BA . 35.76 33.87 34.14
O3B GDP BA . 33.70 32.63 34.38
O3A GDP BA . 33.62 35.19 34.46
PA GDP BA . 32.94 35.24 33.01
O1A GDP BA . 31.69 34.35 33.05
O2A GDP BA . 34.05 34.93 31.98
O5' GDP BA . 32.34 36.75 32.80
C5' GDP BA . 32.82 37.39 31.63
C4' GDP BA . 31.80 38.23 30.87
O4' GDP BA . 30.84 37.38 30.28
C3' GDP BA . 31.06 39.14 31.80
O3' GDP BA . 31.51 40.49 31.52
C2' GDP BA . 29.58 38.95 31.50
O2' GDP BA . 29.00 40.19 31.03
C1' GDP BA . 29.52 37.97 30.37
N9 GDP BA . 28.55 36.90 30.56
C8 GDP BA . 28.24 36.28 31.71
N7 GDP BA . 27.36 35.27 31.52
C5 GDP BA . 27.07 35.24 30.22
C6 GDP BA . 26.23 34.45 29.34
O6 GDP BA . 25.56 33.53 29.79
N1 GDP BA . 26.19 34.78 28.04
C2 GDP BA . 26.92 35.79 27.52
N2 GDP BA . 26.83 36.04 26.20
N3 GDP BA . 27.73 36.58 28.27
C4 GDP BA . 27.84 36.35 29.60
PB GDP CA . 12.39 -3.91 102.06
O1B GDP CA . 12.42 -3.92 103.60
O2B GDP CA . 12.55 -5.29 101.49
O3B GDP CA . 11.29 -3.07 101.45
O3A GDP CA . 13.78 -3.18 101.72
PA GDP CA . 14.27 -2.84 100.21
O1A GDP CA . 13.38 -1.81 99.51
O2A GDP CA . 14.28 -4.21 99.59
O5' GDP CA . 15.74 -2.07 100.31
C5' GDP CA . 16.90 -2.84 100.10
C4' GDP CA . 17.93 -2.16 99.24
O4' GDP CA . 17.36 -1.44 98.14
C3' GDP CA . 18.71 -1.15 100.02
O3' GDP CA . 20.09 -1.62 100.17
C2' GDP CA . 18.76 0.14 99.19
O2' GDP CA . 20.11 0.53 98.92
C1' GDP CA . 18.08 -0.23 97.88
N9 GDP CA . 17.13 0.78 97.42
C8 GDP CA . 16.17 1.30 98.16
N7 GDP CA . 15.43 2.21 97.48
C5 GDP CA . 15.93 2.24 96.23
C6 GDP CA . 15.57 2.94 94.98
O6 GDP CA . 14.62 3.74 94.95
N1 GDP CA . 16.32 2.66 93.90
C2 GDP CA . 17.36 1.80 93.95
N2 GDP CA . 18.07 1.61 92.82
N3 GDP CA . 17.73 1.11 95.08
C4 GDP CA . 17.05 1.29 96.22
PB GDP DA . 16.53 -16.13 63.88
O1B GDP DA . 16.02 -15.81 65.32
O2B GDP DA . 16.85 -17.59 63.64
O3B GDP DA . 15.60 -15.72 62.77
O3A GDP DA . 17.90 -15.29 63.81
PA GDP DA . 18.53 -15.02 62.37
O1A GDP DA . 17.69 -13.93 61.70
O2A GDP DA . 18.67 -16.39 61.66
O5' GDP DA . 20.00 -14.33 62.58
C5' GDP DA . 21.06 -15.01 61.94
C4' GDP DA . 22.11 -14.12 61.31
O4' GDP DA . 21.57 -13.46 60.18
C3' GDP DA . 22.58 -13.06 62.26
O3' GDP DA . 23.93 -13.39 62.66
C2' GDP DA . 22.52 -11.75 61.49
O2' GDP DA . 23.84 -11.17 61.39
C1' GDP DA . 22.07 -12.12 60.10
N9 GDP DA . 21.02 -11.26 59.58
C8 GDP DA . 19.98 -10.74 60.25
N7 GDP DA . 19.12 -10.07 59.44
C5 GDP DA . 19.62 -10.14 58.20
C6 GDP DA . 19.26 -9.66 56.88
O6 GDP DA . 18.23 -9.02 56.73
N1 GDP DA . 20.07 -9.93 55.87
C2 GDP DA . 21.22 -10.64 56.01
N2 GDP DA . 21.98 -10.87 54.93
N3 GDP DA . 21.64 -11.12 57.21
C4 GDP DA . 20.90 -10.91 58.32
PB GDP EA . -41.84 2.01 61.25
O1B GDP EA . -42.46 2.39 62.61
O2B GDP EA . -42.87 1.54 60.27
O3B GDP EA . -40.84 3.03 60.72
O3A GDP EA . -41.01 0.71 61.64
PA GDP EA . -40.08 -0.12 60.57
O1A GDP EA . -38.89 0.68 60.09
O2A GDP EA . -41.10 -0.47 59.52
O5' GDP EA . -39.41 -1.41 61.39
C5' GDP EA . -40.01 -2.67 61.24
C4' GDP EA . -39.02 -3.79 61.04
O4' GDP EA . -37.94 -3.44 60.19
C3' GDP EA . -38.40 -4.22 62.34
O3' GDP EA . -38.87 -5.55 62.69
C2' GDP EA . -36.89 -4.31 62.11
O2' GDP EA . -36.40 -5.63 62.42
C1' GDP EA . -36.71 -4.04 60.63
N9 GDP EA . -35.61 -3.13 60.33
C8 GDP EA . -35.45 -1.94 60.90
N7 GDP EA . -34.35 -1.30 60.43
C5 GDP EA . -33.83 -2.09 59.50
C6 GDP EA . -32.68 -1.99 58.56
O6 GDP EA . -31.95 -0.98 58.56
N1 GDP EA . -32.48 -3.02 57.72
C2 GDP EA . -33.28 -4.11 57.73
N2 GDP EA . -33.00 -5.11 56.87
N3 GDP EA . -34.36 -4.25 58.57
C4 GDP EA . -34.66 -3.29 59.45
PB GDP FA . -37.67 -13.42 24.26
O1B GDP FA . -37.96 -12.51 25.49
O2B GDP FA . -38.89 -13.97 23.59
O3B GDP FA . -36.85 -12.76 23.18
O3A GDP FA . -36.84 -14.64 24.91
PA GDP FA . -36.01 -15.59 23.93
O1A GDP FA . -34.75 -14.82 23.51
O2A GDP FA . -36.99 -16.08 22.83
O5' GDP FA . -35.43 -16.85 24.80
C5' GDP FA . -35.79 -18.11 24.30
C4' GDP FA . -34.70 -19.18 24.37
O4' GDP FA . -33.66 -18.87 23.48
C3' GDP FA . -34.11 -19.24 25.75
O3' GDP FA . -34.56 -20.47 26.37
C2' GDP FA . -32.60 -19.21 25.56
O2' GDP FA . -32.01 -20.43 26.08
C1' GDP FA . -32.39 -19.19 24.07
N9 GDP FA . -31.41 -18.22 23.62
C8 GDP FA . -31.23 -16.97 24.12
N7 GDP FA . -30.29 -16.28 23.42
C5 GDP FA . -29.86 -17.09 22.45
C6 GDP FA . -28.89 -17.02 21.36
O6 GDP FA . -28.26 -15.98 21.18
N1 GDP FA . -28.71 -18.11 20.60
C2 GDP FA . -29.40 -19.25 20.80
N2 GDP FA . -29.17 -20.29 19.98
N3 GDP FA . -30.32 -19.40 21.79
C4 GDP FA . -30.59 -18.37 22.62
PB GDP GA . -21.59 31.56 -21.72
O1B GDP GA . -21.84 32.55 -20.57
O2B GDP GA . -21.72 32.22 -23.07
O3B GDP GA . -20.35 30.69 -21.53
O3A GDP GA . -22.86 30.60 -21.60
PA GDP GA . -23.10 29.30 -22.56
O1A GDP GA . -22.06 28.21 -22.35
O2A GDP GA . -23.10 29.94 -23.92
O5' GDP GA . -24.53 28.59 -22.10
C5' GDP GA . -25.68 28.87 -22.85
C4' GDP GA . -26.53 27.67 -23.14
O4' GDP GA . -25.77 26.51 -23.46
C3' GDP GA . -27.37 27.29 -21.96
O3' GDP GA . -28.77 27.56 -22.26
C2' GDP GA . -27.23 25.79 -21.75
O2' GDP GA . -28.51 25.14 -21.80
C1' GDP GA . -26.38 25.32 -22.92
N9 GDP GA . -25.32 24.38 -22.53
C8 GDP GA . -24.44 24.61 -21.55
N7 GDP GA . -23.58 23.58 -21.42
C5 GDP GA . -23.87 22.70 -22.37
C6 GDP GA . -23.29 21.42 -22.84
O6 GDP GA . -22.32 20.92 -22.26
N1 GDP GA . -23.89 20.83 -23.88
C2 GDP GA . -24.96 21.36 -24.50
N2 GDP GA . -25.50 20.69 -25.53
N3 GDP GA . -25.53 22.56 -24.12
C4 GDP GA . -25.02 23.25 -23.09
PB GDP HA . -20.55 15.80 -58.79
O1B GDP HA . -20.25 16.54 -57.46
O2B GDP HA . -20.90 16.69 -59.94
O3B GDP HA . -19.43 14.89 -59.28
O3A GDP HA . -21.84 14.92 -58.41
PA GDP HA . -22.24 13.70 -59.36
O1A GDP HA . -21.25 12.55 -59.09
O2A GDP HA . -22.34 14.28 -60.80
O5' GDP HA . -23.68 13.11 -58.87
C5' GDP HA . -24.66 13.08 -59.88
C4' GDP HA . -25.57 11.85 -59.87
O4' GDP HA . -24.83 10.71 -60.24
C3' GDP HA . -26.12 11.59 -58.49
O3' GDP HA . -27.53 11.91 -58.52
C2' GDP HA . -25.88 10.11 -58.21
O2' GDP HA . -27.12 9.43 -58.00
C1' GDP HA . -25.24 9.57 -59.47
N9 GDP HA . -24.08 8.73 -59.21
C8 GDP HA . -23.13 8.92 -58.28
N7 GDP HA . -22.12 8.01 -58.39
C5 GDP HA . -22.43 7.20 -59.40
C6 GDP HA . -21.84 6.05 -60.06
O6 GDP HA . -20.77 5.61 -59.66
N1 GDP HA . -22.52 5.48 -61.06
C2 GDP HA . -23.70 5.95 -61.51
N2 GDP HA . -24.30 5.32 -62.53
N3 GDP HA . -24.33 7.02 -60.95
C4 GDP HA . -23.74 7.67 -59.92
PB GDP IA . 36.48 23.37 -2.88
O1B GDP IA . 36.91 24.03 -1.56
O2B GDP IA . 37.62 23.22 -3.85
O3B GDP IA . 35.60 22.14 -2.70
O3A GDP IA . 35.56 24.52 -3.51
PA GDP IA . 34.76 24.34 -4.93
O1A GDP IA . 33.67 23.28 -4.86
O2A GDP IA . 35.89 24.05 -5.87
O5' GDP IA . 33.92 25.76 -5.20
C5' GDP IA . 34.49 26.69 -6.10
C4' GDP IA . 33.51 27.30 -7.06
O4' GDP IA . 32.56 26.36 -7.56
C3' GDP IA . 32.70 28.38 -6.41
O3' GDP IA . 33.06 29.66 -6.97
C2' GDP IA . 31.23 28.11 -6.77
O2' GDP IA . 30.65 29.25 -7.43
C1' GDP IA . 31.27 26.94 -7.72
N9 GDP IA . 30.25 25.92 -7.43
C8 GDP IA . 30.06 25.37 -6.25
N7 GDP IA . 29.06 24.46 -6.27
C5 GDP IA . 28.65 24.39 -7.54
C6 GDP IA . 27.65 23.58 -8.27
O6 GDP IA . 26.96 22.73 -7.68
N1 GDP IA . 27.53 23.80 -9.59
C2 GDP IA . 28.28 24.73 -10.23
N2 GDP IA . 28.09 24.89 -11.55
N3 GDP IA . 29.22 25.50 -9.60
C4 GDP IA . 29.44 25.37 -8.28
PB GDP JA . 36.95 10.78 -41.16
O1B GDP JA . 37.11 10.92 -39.61
O2B GDP JA . 38.25 10.91 -41.92
O3B GDP JA . 36.33 9.49 -41.61
O3A GDP JA . 36.01 12.02 -41.54
PA GDP JA . 35.28 12.02 -42.96
O1A GDP JA . 34.13 11.01 -42.87
O2A GDP JA . 36.39 11.79 -44.02
O5' GDP JA . 34.55 13.45 -43.16
C5' GDP JA . 34.93 14.13 -44.35
C4' GDP JA . 33.81 14.87 -45.07
O4' GDP JA . 32.91 13.93 -45.64
C3' GDP JA . 33.02 15.72 -44.12
O3' GDP JA . 33.33 17.10 -44.43
C2' GDP JA . 31.55 15.39 -44.38
O2' GDP JA . 30.85 16.57 -44.83
C1' GDP JA . 31.56 14.40 -45.51
N9 GDP JA . 30.69 13.25 -45.28
C8 GDP JA . 30.48 12.62 -44.12
N7 GDP JA . 29.68 11.52 -44.26
C5 GDP JA . 29.35 11.46 -45.56
C6 GDP JA . 28.55 10.59 -46.41
O6 GDP JA . 27.99 9.62 -45.93
N1 GDP JA . 28.44 10.90 -47.70
C2 GDP JA . 29.05 11.98 -48.25
N2 GDP JA . 28.90 12.21 -49.56
N3 GDP JA . 29.82 12.84 -47.53
C4 GDP JA . 30.00 12.63 -46.21
PB GDP KA . 20.64 -28.35 26.89
O1B GDP KA . 20.71 -28.34 28.42
O2B GDP KA . 20.89 -29.71 26.31
O3B GDP KA . 19.44 -27.61 26.31
O3A GDP KA . 21.94 -27.48 26.51
PA GDP KA . 22.35 -27.12 24.98
O1A GDP KA . 21.34 -26.18 24.30
O2A GDP KA . 22.47 -28.48 24.37
O5' GDP KA . 23.75 -26.22 25.03
C5' GDP KA . 24.96 -26.89 24.78
C4' GDP KA . 25.89 -26.12 23.88
O4' GDP KA . 25.23 -25.46 22.81
C3' GDP KA . 26.61 -25.04 24.63
O3' GDP KA . 28.03 -25.38 24.74
C2' GDP KA . 26.52 -23.77 23.79
O2' GDP KA . 27.82 -23.25 23.48
C1' GDP KA . 25.83 -24.20 22.52
N9 GDP KA . 24.78 -23.27 22.08
C8 GDP KA . 23.79 -22.84 22.85
N7 GDP KA . 22.96 -22.00 22.18
C5 GDP KA . 23.41 -21.95 20.93
C6 GDP KA . 22.95 -21.29 19.69
O6 GDP KA . 21.94 -20.58 19.68
N1 GDP KA . 23.69 -21.49 18.58
C2 GDP KA . 24.80 -22.26 18.60
N2 GDP KA . 25.49 -22.41 17.45
N3 GDP KA . 25.26 -22.91 19.71
C4 GDP KA . 24.61 -22.78 20.88
PB GDP LA . 24.60 -40.41 -11.35
O1B GDP LA . 24.11 -40.13 -9.89
O2B GDP LA . 25.04 -41.83 -11.60
O3B GDP LA . 23.59 -40.09 -12.44
O3A GDP LA . 25.88 -39.46 -11.47
PA GDP LA . 26.45 -39.14 -12.93
O1A GDP LA . 25.49 -38.13 -13.59
O2A GDP LA . 26.68 -40.50 -13.63
O5' GDP LA . 27.84 -38.32 -12.78
C5' GDP LA . 28.94 -38.90 -13.44
C4' GDP LA . 29.89 -37.93 -14.12
O4' GDP LA . 29.25 -37.33 -15.23
C3' GDP LA . 30.29 -36.82 -13.19
O3' GDP LA . 31.68 -37.03 -12.83
C2' GDP LA . 30.09 -35.53 -13.96
O2' GDP LA . 31.34 -34.83 -14.11
C1' GDP LA . 29.63 -35.94 -15.33
N9 GDP LA . 28.48 -35.19 -15.83
C8 GDP LA . 27.43 -34.77 -15.11
N7 GDP LA . 26.49 -34.17 -15.90
C5 GDP LA . 26.95 -34.21 -17.15
C6 GDP LA . 26.49 -33.78 -18.46
O6 GDP LA . 25.41 -33.23 -18.58
N1 GDP LA . 27.30 -33.97 -19.51
C2 GDP LA . 28.51 -34.57 -19.40
N2 GDP LA . 29.25 -34.74 -20.51
N3 GDP LA . 29.02 -35.01 -18.20
C4 GDP LA . 28.28 -34.86 -17.08
PB GDP MA . -35.22 -27.61 -12.10
O1B GDP MA . -35.84 -27.28 -10.73
O2B GDP MA . -36.25 -28.18 -13.05
O3B GDP MA . -34.34 -26.52 -12.67
O3A GDP MA . -34.26 -28.84 -11.74
PA GDP MA . -33.31 -29.58 -12.83
O1A GDP MA . -32.21 -28.68 -13.35
O2A GDP MA . -34.32 -30.03 -13.85
O5' GDP MA . -32.49 -30.80 -12.03
C5' GDP MA . -32.98 -32.11 -12.16
C4' GDP MA . -31.91 -33.14 -12.38
O4' GDP MA . -30.88 -32.70 -13.27
C3' GDP MA . -31.21 -33.50 -11.11
O3' GDP MA . -31.54 -34.86 -10.73
C2' GDP MA . -29.70 -33.46 -11.39
O2' GDP MA . -29.09 -34.71 -11.08
C1' GDP MA . -29.60 -33.18 -12.87
N9 GDP MA . -28.59 -32.18 -13.20
C8 GDP MA . -28.52 -30.97 -12.65
N7 GDP MA . -27.49 -30.24 -13.16
C5 GDP MA . -26.93 -30.99 -14.10
C6 GDP MA . -25.84 -30.79 -15.08
O6 GDP MA . -25.20 -29.73 -15.11
N1 GDP MA . -25.58 -31.81 -15.92
C2 GDP MA . -26.27 -32.97 -15.87
N2 GDP MA . -25.93 -33.94 -16.74
N3 GDP MA . -27.30 -33.20 -15.01
C4 GDP MA . -27.66 -32.26 -14.12
PB GDP NA . -30.90 -42.87 -49.15
O1B GDP NA . -31.23 -41.99 -47.91
O2B GDP NA . -32.08 -43.53 -49.78
O3B GDP NA . -30.17 -42.14 -50.27
O3A GDP NA . -29.95 -44.00 -48.52
PA GDP NA . -29.07 -44.88 -49.52
O1A GDP NA . -27.89 -44.01 -49.99
O2A GDP NA . -30.02 -45.46 -50.58
O5' GDP NA . -28.35 -46.08 -48.66
C5' GDP NA . -28.60 -47.37 -49.16
C4' GDP NA . -27.43 -48.33 -49.11
O4' GDP NA . -26.45 -47.94 -50.04
C3' GDP NA . -26.78 -48.33 -47.75
O3' GDP NA . -27.10 -49.60 -47.12
C2' GDP NA . -25.29 -48.17 -48.00
O2' GDP NA . -24.57 -49.32 -47.50
C1' GDP NA . -25.13 -48.15 -49.50
N9 GDP NA . -24.25 -47.08 -49.97
C8 GDP NA . -24.17 -45.83 -49.49
N7 GDP NA . -23.33 -45.05 -50.23
C5 GDP NA . -22.85 -45.83 -51.20
C6 GDP NA . -21.93 -45.68 -52.32
O6 GDP NA . -21.40 -44.60 -52.54
N1 GDP NA . -21.68 -46.75 -53.08
C2 GDP NA . -22.27 -47.96 -52.87
N2 GDP NA . -21.96 -48.97 -53.68
N3 GDP NA . -23.13 -48.18 -51.84
C4 GDP NA . -23.46 -47.18 -51.01
#